data_7VD5
#
_entry.id   7VD5
#
_cell.length_a   1.00
_cell.length_b   1.00
_cell.length_c   1.00
_cell.angle_alpha   90.00
_cell.angle_beta   90.00
_cell.angle_gamma   90.00
#
_symmetry.space_group_name_H-M   'P 1'
#
loop_
_entity.id
_entity.type
_entity.pdbx_description
1 polymer 'Photosystem II protein D1'
2 polymer 'Photosystem II CP47 reaction center protein'
3 polymer 'Photosystem II CP43 reaction center protein'
4 polymer 'Photosystem II D2 protein'
5 polymer 'Cytochrome b559 subunit alpha'
6 polymer 'Cytochrome b559 subunit beta'
7 polymer 'Photosystem II reaction center protein H'
8 polymer 'Photosystem II reaction center protein I'
9 polymer 'Photosystem II reaction center protein J'
10 polymer 'Photosystem II reaction center protein K'
11 polymer 'Photosystem II reaction center protein L'
12 polymer 'Photosystem II subunit'
13 polymer 'Extrinsic protein in photosystem II'
14 polymer 'Photosystem II reaction center protein T'
15 polymer 'Extrinsic protein in photosystem II'
16 polymer 'Cytochrome c-550'
17 polymer 'Photosystem II reaction center protein Ycf12'
18 polymer 'Photosystem II reaction center X protein'
19 polymer 'Photosystem II reaction center protein Z'
20 polymer 'Extrinsic protein in photosystem II'
21 polymer 'Photosystem II reaction center protein W'
22 polymer 'Unknown protein 0'
23 polymer 'Unknown protein 1'
24 polymer 'Chlorophyll a/b-binding protein'
25 polymer 'Fcpb2, Fucoxanthin chlorophyll a/c-binding protein'
26 polymer 'Chlorophyll a/b-binding protein'
27 polymer 'Chlorophyll a/b-binding protein'
28 polymer 'Chlorophyll a/b-binding protein'
29 polymer 'Fcpb3, Fucoxanthin chlorophyll a/c-binding protein'
30 polymer 'Fcpb4, Fucoxanthin chlorophyll a/c-binding protein'
31 polymer 'Chlorophyll a/b-binding protein'
32 polymer 'Fcpb5, Fucoxanthin chlorophyll a/c-binding protein'
33 polymer 'Fcpb6, Fucoxanthin chlorophyll a/c-binding protein'
34 polymer 'Fcpb7, Fucoxanthin chlorophyll a/c-binding protein'
35 non-polymer 'CA-MN4-O5 CLUSTER'
36 non-polymer 'FE (II) ION'
37 non-polymer 'CHLOROPHYLL A'
38 non-polymer 'PHEOPHYTIN A'
39 non-polymer BETA-CAROTENE
40 non-polymer 1,2-DI-O-ACYL-3-O-[6-DEOXY-6-SULFO-ALPHA-D-GLUCOPYRANOSYL]-SN-GLYCEROL
41 non-polymer 1,2-DISTEAROYL-MONOGALACTOSYL-DIGLYCERIDE
42 non-polymer 'BICARBONATE ION'
43 non-polymer 1,2-DIPALMITOYL-PHOSPHATIDYL-GLYCEROLE
44 non-polymer 'DIGALACTOSYL DIACYL GLYCEROL (DGDG)'
45 non-polymer 2,3-DIMETHYL-5-(3,7,11,15,19,23,27,31,35-NONAMETHYL-2,6,10,14,18,22,26,30,34-HEXATRIACONTANONAENYL-2,5-CYCLOHEXADIENE-1,4-DIONE-2,3-DIMETHYL-5-SOLANESYL-1,4-BENZOQUINONE
46 non-polymer 'PROTOPORPHYRIN IX CONTAINING FE'
47 non-polymer 'Chlorophyll c1'
48 non-polymer "(3S,3'S,5R,5'R,6S,6'R,8'R)-3,5'-dihydroxy-8-oxo-6',7'-didehydro-5,5',6,6',7,8-hexahydro-5,6-epoxy-beta,beta-caroten-3'- yl acetate"
49 non-polymer 'UNKNOWN LIGAND'
50 non-polymer "(3S,3'R,5R,6S,7cis)-7',8'-didehydro-5,6-dihydro-5,6-epoxy-beta,beta-carotene-3,3'-diol"
51 non-polymer DODECYL-ALPHA-D-MALTOSIDE
52 water water
#
loop_
_entity_poly.entity_id
_entity_poly.type
_entity_poly.pdbx_seq_one_letter_code
_entity_poly.pdbx_strand_id
1 'polypeptide(L)'
;VSLWERFCAWITSTENRLYIGWFGCLMFPTLLTATSCFIIAFIAAPPVDIDGIREPVAGSLLYGNNIISGAVVPSSNAIG
MHFYPIWEAASIDEWLYNGGPYQLIVLHFLLGVSAYMGREWELSYRLGMRPWIFVAFSAPVAAASAVFLVYPIGQGSFSD
GMPLGISGTFNFMLVFQAEHNILMHPFHMAGVAGVFGGSLFSAMHGSLVTSSLIRETTENESTNYGYKFGQEEETYNIVA
AHGYFGRLIFQYASFNNSRALHFFLALWPVVGIWITSMGISTMAFNLNGFNFNQSVVDSQGRVINTWADILNRANLGIEV
MHERNAHNFPLDLA
;
A,a
2 'polypeptide(L)'
;ALPWYRVHTVVLNDPGRLIAVHLMHTALVAGWAGSMALYELAVFDPSDPVLNPMWRQGMFVMPFMTRLGITDSWGGWSIT
GESVSNPGIWSFEGVALSHIILSGMCFLAAIWHWVYWDLELFRDPRTGEPALDLPKIFGIHLFLSGLLCFGFGAFHVTGL
FGPGIWVSDAYGITGKVQPVAPAWGADGFNPFNPGGIAAHHIAAGIFGIFAGIFHLTVRPPQRLYRALRMGNIETVLSSS
ISAVFFAAFVTSGTMWYGAAATPIELFGPTRYQWDSGYFQQEIERQVETSVSEGLSESQAWSRIPDKLAFYDYIGNNPAK
GGLFRAGPMNKGDGIAEAWLGHPIFRDKEGRELTVRRMPAFFETFPVILVDKDGIIRADIPFRRAESKYSIEQVGVTVDF
YGGKLNGQTFKDAPTVKKFARKAQLGEVFEFDRTSLESDGVFRSSPRGWYTYGHANFALLFFFGHLWHGGRTIFRDVFTG
IGAE
;
B,b
3 'polypeptide(L)'
;IAGRDIESTGFAWWSGNARLINVSGKLLGAHVAHAGLMVFWAGAMVLFEVSHFVPEKPTYEQGFILIQHLATLGYGIGPG
GEITSTVPYFAVGVIHLISSAILGFGGIYHSLLGPDTLEESFPFFGYDWRDKNKMTTILGIHLCLLGLGSFLLVIKAMYL
GGVYDTWAPGGGDVRYITTPTLNPIVIFGYVFRSPFGGDGWVVSVNNMEDVIGGHIWVGILCITGGIWHIFTKPFAWARR
AFVWSGEAYLSYSLAAISLMGFTAALYSWYNNTAYPSELYGPTGPEASQAQAFTFLVRDQRLGANVSSAQGPTGLGKYLM
RSPSGEIIFGGETMRFWDLRAPWVEPLRGPNGLDINKIKNDIQPWQERRAAEYMTHAPLGSLNSVGGVATEINSVNYVSP
RSWLCCSHFFLAFFFLVGHWWHSGRARAAAAGFEKGINRANEPVLSMRPID
;
C,c
4 'polypeptide(L)'
;RGLFDLVDDWLKKDRFVFVGWSGLLLFPTAYLAAGGWMTGTTFVTSWYTHGLASSYLEGCNFLTAAVSTPANSVGHSLLL
LWGPEAQGDFTRWCQIGGLWTFVALHGAFGLIGFCLRQFEIARLVGIRPYNAIAFSGPIAVFVSVFLLYPLGQASWFFAP
SFGVAAIFRFLLFLQGFHNWTLNPFHMMGVAGILGGALLCAIHGATVENTLFEDGDAANTFRAFTPTQSEETYSMVTANR
FWSQIFGVAFSNKRWLHFFMLFVPVTGLWTSSIGIVGLALNLRAYDFVSQELRAAEDPEFETFYTKNHLLDEGIRAWMAA
QDQPHENFVFPEEVLPRGNAL
;
D,d
5 'polypeptide(L)' RPFSDIITSVRYWIIHSITIPSLFVSGWLFISTGLAYDVFGTPRPNEYFTQDRQQVPLVNDRFSAKQELEDLTKG E,e
6 'polypeptide(L)' FRWLAIHGLAIPTVFFLGGITAMQFIQR F,f
7 'polypeptide(L)' ALRTRLGEILRPLNAEYGKVAPGWGTTPIMGIVMLAFLIFLVIILQIYNSSLIIENVDVDWANGIV H,h
8 'polypeptide(L)' MLTLKILVYTTVIFFVSLFIFGFLSSDPSRNPNRK I,i
9 'polypeptide(L)' RIPLWLVGLVGGLAVITMLSLFFYGSYSGLGSSL J,j
10 'polypeptide(L)' RLPEAYVVFSPIVDVLPIIPVFFLLLAFVWQAAIGFR K,k
11 'polypeptide(L)' MTGPNPNKQAVELNRTSLYWGLLLIFVLAVLFSSYFFN L,l
12 'polypeptide(L)' EVQFGAYLAVLLGTFLPALFLVNLFIQTEARKAGKAGGQDSD M,m
13 'polypeptide(L)'
;KSQINELSYLQVKGTGLANRCAEVVGEDSIKPKPGAKLVDMCIEPKAWAVEEEVGKAGKTEKKFVNSKVMTRQTYTLDAI
EGPITVDGGKITFNEKEGIDYAATTVQLPGGERVPFLFTVKDLVAKGNGDTFKPGFQMGGDFNTPSYRTGLFLDPKGRGG
TTGYDMAVALPALQLGEEGDAELFGENNKVFDITQGRIEMEVNKVNAEDSEIGGVFVATQLSDTDMGSKTPKKVLTKGIF
YAKVD
;
O,o
14 'polypeptide(L)' MEALVYTFLLIGTLMVIFFAVFFRETPRIL T,t
15 'polypeptide(L)'
;VIDYENIGYLGGSSIVDINNANVRAYLKMPGMYPTVAGKIVSHGPYSGVADLYKIPGLSSAEADVIKKYESRLTAKTPSP
DYVIDRINNGLYR
;
U,u
16 'polypeptide(L)'
;DLDEATRTVVVDNAGNTTVLTPEQVKRGKRLFNATCGACHVGGITKTNPNVGLDPEALSLATPRRDNISALVDYIKNPTT
YDGLESIAEVHPSIKSADIYPRMRSLTDEDLYSIAGHIMLSPKIASEKWGGGKIYY
;
V,v
17 'polypeptide(L)' MINWQVIGQLMSTAVIMLAGPAVIVLLALKKGNL Y,y
18 'polypeptide(L)' MTASLSNFIASLIAGGVVVGVIAIALIVISKSDRILR X,x
19 'polypeptide(L)' MITLLVALLVLISLGLVVTVPVALATPGEWEIAKGKFNRFFQIWVFLVIVIAAADGISS Z,z
20 'polypeptide(L)'
;SPRFSVFGLVGDGTSYSEGAAYGTDQADKLYSPYSVYSPEGEKSLYKPDNAEYLARKKAVLAETKNRLQKIPAYVDKKEW
FNVKDELTRYMYETRGAVRSLSSSVTQKEKAEVFFRALEDTYGAATLKKGDAVKASNDKAIAALDAFTATL
;
Q,q
21 'polypeptide(L)' TEGTNEWFGVDDLRLLAVLFLGHWAILSLWLGSYGDSNEDEDFFGEIDYSAR W,w
22 'polypeptide(L)'
;(UNK)(UNK)(UNK)(UNK)(UNK)(UNK)(UNK)(UNK)(UNK)(UNK)(UNK)(UNK)(UNK)(UNK)(UNK)(UNK)
(UNK)(UNK)(UNK)(UNK)(UNK)(UNK)(UNK)(UNK)(UNK)(UNK)(UNK)(UNK)(UNK)(UNK)(UNK)
;
0,5
23 'polypeptide(L)'
;(UNK)(UNK)(UNK)(UNK)(UNK)(UNK)(UNK)(UNK)(UNK)(UNK)(UNK)(UNK)(UNK)(UNK)(UNK)(UNK)
(UNK)(UNK)(UNK)(UNK)(UNK)(UNK)(UNK)(UNK)(UNK)(UNK)(UNK)(UNK)(UNK)(UNK)
;
1,6
24 'polypeptide(L)'
;SEIELGVTEPLGVYDPLGWLESEPEAFERRRAVERKHGRVAMAAVVGTIVHNNHIVFDGYLSPSNNLKFSDIPTGVDGIR
AIPTAGLAQILAFFALVELAWMPASKYDGDYGVGYFGTDIKDPEEKARKLNVELNNGRAAMMGIMGNMVAEVLTGQTMYE
QYASGHISPFGDGQGV
;
11,31
25 'polypeptide(L)'
;NELEIGATAPLGVYDPLGWLDGEPENFERRRAVERKHGRVAMAAVVGTIVHNNHITFDGYLSPSANLKFSDIPTGVDGIR
AIPTAGLLQILFFFALVELAWMPASKYDGDYGVGWFGSNIEDPEEKARKLNVELNNGRAAMMGIMGNMVTECITGQTMYE
QYAAGHFSP
;
12,32
26 'polypeptide(L)'
;SEIELGVTEPLGVYDPLGWLESEPEAFERRRAVERKHGRVAMAAVVGTIVHNNHIVFDGYLSPSNNLKFSDIPTGVDGIR
AIPTAGLAQILAFFALVELAWMPASKYDGDYGVGYFGTDIKDPEEKARKLNVELNNGRAAMMGIMGNMVAEVLTGQTMYE
QYASGHISP
;
13,33
27 'polypeptide(L)'
;SEIELGVTEPLGVYDPLGWLESEPEAFERRRAVERKHGRVAMAAVVGTIVHNNHIVFDGYLSPSNNLKFSDIPTGVDGIR
AIPTAGLAQILAFFALVELAWMPASKYDGDYGVGYFGTDIKDPEEKARKLNVELNNGRAAMMGIMGNMVAEVLTGQTMYE
QYASGHISPFGD
;
14,34
28 'polypeptide(L)'
;SEIELGVTEPLGVYDPLGWLESEPEAFERRRAVERKHGRVAMAAVVGTIVHNNHIVFDGYLSPSNNLKFSDIPTGVDGIR
AIPTAGLAQILAFFALVELAWMPASKYDGDYGVGYFGTDIKDPEEKARKLNVELNNGRAAMMGIMGNMVAEVLTGQTMYE
QYASGHISPF
;
15,35
29 'polypeptide(L)'
;ELEDGIGAVAPLGYFDPLGYIKDEETFIRYRAVERKHGRVAMMAMLGTFVHNNGWTFDGYLSPSQGLKFSDIDSGIGGLF
QVPPAGLAQIILLCGFVELAWWPASNLSGDYGVRLGTLNDWEEQPAKYYRQKNAELNNGRAAMMGILGTFTHEVITGQNF
AEQAAAGHFSPFGDGQGFF
;
16,36
30 'polypeptide(L)'
;SEIELGATEPLGVFDPLGWLETEPEAFERRRAVERKHGRVAMAAVVGTIVHNNHIVFDGYISPSNNLKFSDIPTGIDGIF
SVPTAGLAQIIAFLGFVELAWLPASQYDGDYGVGYFGNDILDPEEKARKLNAELNNGRAAMMGIMGNMVAEKITGQTMYE
QYAAGHFNPFNDGEGF
;
17,37
31 'polypeptide(L)'
;SEIELGVTEPLGVYDPLGWLESEPEAFERRRAVERKHGRVAMAAVVGTIVHNNHIVFDGYLSPSNNLKFSDIPTGVDGIR
AIPTAGLAQILAFFALVELAWMPASKYDGDYGVGYFGTDIKDPEEKARKLNVELNNGRAAMMGIMGNMVAEVLTGQTMYE
QYASGHIS
;
18,38
32 'polypeptide(L)'
;GASPSADAWANSIESKALPFARAPATLDGTMLGDFGFDPLGFSTVPVGPWFTGIEGRNGQIGNLNWYREAELIHGRIAQV
AVVGFIAPGLFGTLPGNEWTGVDAYSNLNPLEAFSQVPGLAILQIFLFMSYLEVRRINIIKEEGENYMPGDLRIGQGEGR
WNPFGLDYSPEAYEEKRLQELKHCRLAMIGVFGLWAQAQASGVGVTEQIGAALTTPDYYAKAGYFLP
;
19,39
33 'polypeptide(L)'
;EPLGLYDPLGWLDPEKDPASKFATFHANFERRRAVERKHGRIAMVAVVGMLFHNADIEFPGYLSGELGIRFSDVPNGMNG
LFSIPLAGLTQIVFAIGVMELAIWPASNYSGDYGTGYGRPFVPNVLEGDELKYKLDMEINQGRAAMMGIMGALVG
;
20,40
34 'polypeptide(L)'
;FENELGAQPPLGFFDPLGLVEDGNQAKFDRLRYVELKHGRISMLAVVGYLIEKAGIRLPGNISYDGTSFADIPDGFAALS
KIPDAGLFQLFAFIGFLEVFVMKDITGGEFVGDFRNGFIDFGWDSFDEETKLKKRAIELNQGRAAMMGILALMVHEKLGV
SL
;
21,41
#
# COMPACT_ATOMS: atom_id res chain seq x y z
N VAL A 1 49.41 -32.65 10.24
CA VAL A 1 48.77 -33.95 10.18
C VAL A 1 47.99 -34.17 11.48
N SER A 2 48.34 -33.41 12.52
CA SER A 2 47.59 -33.49 13.77
C SER A 2 46.27 -32.76 13.63
N LEU A 3 45.41 -32.94 14.64
CA LEU A 3 44.08 -32.35 14.59
C LEU A 3 44.15 -30.84 14.79
N TRP A 4 45.04 -30.38 15.66
CA TRP A 4 45.15 -28.94 15.91
C TRP A 4 45.76 -28.23 14.72
N GLU A 5 46.71 -28.87 14.04
CA GLU A 5 47.35 -28.23 12.89
C GLU A 5 46.39 -28.14 11.71
N ARG A 6 45.51 -29.12 11.56
CA ARG A 6 44.50 -29.03 10.52
C ARG A 6 43.44 -28.01 10.87
N PHE A 7 43.21 -27.77 12.16
CA PHE A 7 42.30 -26.70 12.56
C PHE A 7 42.95 -25.34 12.40
N CYS A 8 44.26 -25.26 12.68
CA CYS A 8 45.00 -24.02 12.47
C CYS A 8 45.09 -23.66 11.00
N ALA A 9 45.21 -24.66 10.13
CA ALA A 9 45.29 -24.40 8.71
C ALA A 9 43.97 -23.92 8.13
N TRP A 10 42.86 -24.31 8.75
CA TRP A 10 41.56 -23.85 8.29
C TRP A 10 41.24 -22.45 8.80
N ILE A 11 41.63 -22.17 10.05
CA ILE A 11 41.35 -20.89 10.67
C ILE A 11 42.11 -19.79 9.96
N THR A 12 43.37 -20.04 9.62
CA THR A 12 44.21 -19.06 8.95
C THR A 12 44.17 -19.18 7.44
N SER A 13 43.18 -19.89 6.90
CA SER A 13 43.10 -20.11 5.46
C SER A 13 42.61 -18.87 4.75
N THR A 14 43.30 -18.48 3.70
CA THR A 14 42.85 -17.38 2.85
C THR A 14 41.94 -17.84 1.73
N GLU A 15 41.48 -19.09 1.76
CA GLU A 15 40.56 -19.60 0.76
C GLU A 15 39.14 -19.70 1.28
N ASN A 16 38.90 -19.34 2.54
CA ASN A 16 37.54 -19.21 3.01
C ASN A 16 36.91 -17.95 2.41
N ARG A 17 35.57 -17.94 2.37
CA ARG A 17 34.86 -16.79 1.79
C ARG A 17 35.08 -15.55 2.63
N LEU A 18 34.93 -15.67 3.94
CA LEU A 18 35.37 -14.66 4.88
C LEU A 18 36.55 -15.20 5.64
N TYR A 19 37.58 -14.38 5.79
CA TYR A 19 38.72 -14.79 6.59
C TYR A 19 38.33 -14.84 8.05
N ILE A 20 38.70 -15.91 8.73
CA ILE A 20 38.36 -16.01 10.14
C ILE A 20 39.55 -15.57 10.96
N GLY A 21 40.64 -16.34 10.91
CA GLY A 21 41.81 -16.03 11.69
C GLY A 21 41.59 -16.19 13.19
N TRP A 22 42.64 -15.87 13.94
CA TRP A 22 42.54 -16.03 15.38
C TRP A 22 41.87 -14.85 16.04
N PHE A 23 41.89 -13.68 15.40
CA PHE A 23 41.08 -12.58 15.91
C PHE A 23 39.61 -12.79 15.62
N GLY A 24 39.28 -13.54 14.57
CA GLY A 24 37.91 -13.92 14.32
C GLY A 24 37.35 -14.90 15.32
N CYS A 25 38.22 -15.60 16.05
CA CYS A 25 37.76 -16.40 17.17
C CYS A 25 37.27 -15.54 18.32
N LEU A 26 37.69 -14.28 18.38
CA LEU A 26 37.08 -13.31 19.26
C LEU A 26 36.08 -12.40 18.55
N MET A 27 36.24 -12.17 17.25
CA MET A 27 35.39 -11.22 16.54
C MET A 27 34.02 -11.79 16.29
N PHE A 28 33.94 -12.98 15.69
CA PHE A 28 32.66 -13.57 15.34
C PHE A 28 31.77 -13.93 16.53
N PRO A 29 32.24 -14.49 17.65
CA PRO A 29 31.29 -14.72 18.75
C PRO A 29 30.86 -13.46 19.46
N THR A 30 31.72 -12.46 19.62
CA THR A 30 31.32 -11.26 20.35
C THR A 30 30.39 -10.38 19.52
N LEU A 31 30.66 -10.25 18.23
CA LEU A 31 29.84 -9.36 17.42
C LEU A 31 28.50 -9.99 17.07
N LEU A 32 28.44 -11.31 16.94
CA LEU A 32 27.14 -11.94 16.72
C LEU A 32 26.32 -11.98 18.01
N THR A 33 27.00 -11.99 19.16
CA THR A 33 26.29 -11.83 20.43
C THR A 33 25.70 -10.44 20.54
N ALA A 34 26.49 -9.42 20.22
CA ALA A 34 26.02 -8.05 20.31
C ALA A 34 24.99 -7.72 19.25
N THR A 35 25.08 -8.35 18.07
CA THR A 35 24.09 -8.12 17.03
C THR A 35 22.75 -8.76 17.40
N SER A 36 22.80 -9.97 17.96
CA SER A 36 21.59 -10.66 18.38
C SER A 36 20.90 -9.92 19.50
N CYS A 37 21.67 -9.41 20.46
CA CYS A 37 21.07 -8.69 21.57
C CYS A 37 20.60 -7.30 21.14
N PHE A 38 21.25 -6.69 20.15
CA PHE A 38 20.81 -5.36 19.73
C PHE A 38 19.50 -5.41 18.99
N ILE A 39 19.33 -6.39 18.10
CA ILE A 39 18.12 -6.49 17.29
C ILE A 39 16.92 -6.82 18.18
N ILE A 40 17.11 -7.70 19.16
CA ILE A 40 16.02 -8.05 20.06
C ILE A 40 15.69 -6.90 20.99
N ALA A 41 16.70 -6.18 21.49
CA ALA A 41 16.42 -5.06 22.38
C ALA A 41 15.88 -3.86 21.63
N PHE A 42 16.25 -3.66 20.37
CA PHE A 42 15.72 -2.53 19.63
C PHE A 42 14.27 -2.77 19.26
N ILE A 43 13.91 -4.00 18.94
CA ILE A 43 12.55 -4.30 18.54
C ILE A 43 11.64 -4.36 19.75
N ALA A 44 12.04 -5.10 20.77
CA ALA A 44 11.15 -5.43 21.88
C ALA A 44 11.98 -5.50 23.16
N ALA A 45 12.00 -4.43 23.94
CA ALA A 45 12.64 -4.41 25.22
C ALA A 45 11.84 -3.46 26.07
N PRO A 46 11.59 -3.78 27.34
CA PRO A 46 10.77 -2.94 28.19
C PRO A 46 11.52 -1.66 28.55
N PRO A 47 10.82 -0.63 29.04
CA PRO A 47 11.49 0.63 29.35
C PRO A 47 12.52 0.54 30.45
N VAL A 48 13.57 1.34 30.30
CA VAL A 48 14.76 1.28 31.13
C VAL A 48 14.80 2.53 32.00
N ASP A 49 14.98 2.34 33.30
CA ASP A 49 15.22 3.45 34.22
C ASP A 49 16.68 3.89 34.07
N ILE A 50 16.91 4.87 33.21
CA ILE A 50 18.29 5.23 32.88
C ILE A 50 18.90 6.12 33.96
N ASP A 51 18.15 7.09 34.47
CA ASP A 51 18.70 8.06 35.40
C ASP A 51 18.61 7.61 36.85
N GLY A 52 18.27 6.34 37.09
CA GLY A 52 18.27 5.79 38.43
C GLY A 52 17.17 6.29 39.33
N ILE A 53 16.24 7.08 38.81
CA ILE A 53 15.23 7.75 39.61
C ILE A 53 13.86 7.13 39.40
N ARG A 54 13.83 5.90 38.87
CA ARG A 54 12.63 5.09 38.68
C ARG A 54 11.66 5.76 37.70
N GLU A 55 12.23 6.44 36.71
CA GLU A 55 11.50 7.04 35.61
C GLU A 55 11.91 6.33 34.34
N PRO A 56 11.21 5.26 33.94
CA PRO A 56 11.73 4.42 32.85
C PRO A 56 11.48 5.03 31.48
N VAL A 57 12.51 4.95 30.64
CA VAL A 57 12.50 5.52 29.30
C VAL A 57 12.27 4.40 28.30
N ALA A 58 11.23 4.54 27.48
CA ALA A 58 10.95 3.54 26.45
C ALA A 58 11.92 3.71 25.29
N GLY A 59 12.39 2.58 24.77
CA GLY A 59 13.35 2.65 23.69
C GLY A 59 13.07 1.72 22.53
N SER A 60 12.13 0.80 22.67
CA SER A 60 11.93 -0.20 21.64
C SER A 60 10.70 0.10 20.80
N LEU A 61 10.63 -0.59 19.65
CA LEU A 61 9.56 -0.37 18.70
C LEU A 61 8.22 -0.86 19.21
N LEU A 62 8.22 -1.90 20.04
CA LEU A 62 6.95 -2.41 20.57
C LEU A 62 6.44 -1.61 21.75
N TYR A 63 7.21 -0.67 22.28
CA TYR A 63 6.74 0.22 23.31
C TYR A 63 6.49 1.62 22.78
N GLY A 64 6.28 1.75 21.48
CA GLY A 64 5.80 2.99 20.91
C GLY A 64 6.82 3.87 20.24
N ASN A 65 8.00 3.36 19.93
CA ASN A 65 9.03 4.14 19.27
C ASN A 65 8.96 3.95 17.76
N ASN A 66 9.71 4.78 17.05
CA ASN A 66 9.96 4.58 15.64
C ASN A 66 11.45 4.36 15.47
N ILE A 67 11.91 4.34 14.21
CA ILE A 67 13.31 4.09 13.92
C ILE A 67 14.17 5.22 14.47
N ILE A 68 13.69 6.45 14.38
CA ILE A 68 14.46 7.60 14.82
C ILE A 68 14.48 7.70 16.34
N SER A 69 13.34 7.53 16.97
CA SER A 69 13.26 7.69 18.41
C SER A 69 13.69 6.46 19.17
N GLY A 70 13.77 5.32 18.49
CA GLY A 70 14.09 4.08 19.17
C GLY A 70 15.56 4.00 19.55
N ALA A 71 15.82 3.33 20.67
CA ALA A 71 17.17 3.23 21.20
C ALA A 71 17.28 2.02 22.10
N VAL A 72 18.50 1.53 22.24
CA VAL A 72 18.84 0.69 23.38
C VAL A 72 19.34 1.65 24.46
N VAL A 73 18.55 1.80 25.51
CA VAL A 73 18.78 2.83 26.52
C VAL A 73 19.96 2.42 27.38
N PRO A 74 20.85 3.34 27.77
CA PRO A 74 21.97 2.99 28.66
C PRO A 74 21.51 2.51 30.02
N SER A 75 22.46 1.99 30.78
CA SER A 75 22.20 1.36 32.06
C SER A 75 21.74 2.39 33.09
N SER A 76 21.27 1.90 34.22
CA SER A 76 20.79 2.76 35.28
C SER A 76 21.93 3.55 35.90
N ASN A 77 21.61 4.77 36.32
CA ASN A 77 22.57 5.57 37.07
C ASN A 77 22.85 4.97 38.44
N ALA A 78 21.89 4.21 38.98
CA ALA A 78 22.10 3.51 40.24
C ALA A 78 23.15 2.41 40.11
N ILE A 79 23.29 1.83 38.92
CA ILE A 79 24.35 0.87 38.68
C ILE A 79 25.70 1.57 38.61
N GLY A 80 25.76 2.66 37.86
CA GLY A 80 27.01 3.38 37.69
C GLY A 80 27.96 2.63 36.79
N MET A 81 29.22 2.54 37.17
CA MET A 81 30.20 1.79 36.41
C MET A 81 30.28 0.34 36.86
N HIS A 82 29.31 -0.14 37.63
CA HIS A 82 29.33 -1.50 38.09
C HIS A 82 29.02 -2.47 36.97
N PHE A 83 29.67 -3.62 37.02
CA PHE A 83 29.45 -4.67 36.04
C PHE A 83 28.09 -5.30 36.30
N TYR A 84 27.23 -5.31 35.28
CA TYR A 84 25.88 -5.83 35.41
C TYR A 84 25.61 -6.90 34.35
N PRO A 85 26.14 -8.11 34.51
CA PRO A 85 25.76 -9.20 33.61
C PRO A 85 24.40 -9.75 34.02
N ILE A 86 23.91 -10.71 33.23
CA ILE A 86 22.59 -11.27 33.49
C ILE A 86 22.60 -12.07 34.79
N TRP A 87 23.68 -12.77 35.07
CA TRP A 87 23.74 -13.64 36.25
C TRP A 87 23.88 -12.86 37.55
N GLU A 88 24.04 -11.55 37.50
CA GLU A 88 24.06 -10.72 38.69
C GLU A 88 22.77 -9.93 38.87
N ALA A 89 21.65 -10.48 38.43
CA ALA A 89 20.44 -9.68 38.34
C ALA A 89 19.17 -10.31 38.85
N ALA A 90 19.21 -11.53 39.39
CA ALA A 90 18.13 -12.17 40.17
C ALA A 90 16.84 -12.46 39.42
N SER A 91 16.69 -11.95 38.20
CA SER A 91 15.64 -12.20 37.23
C SER A 91 16.01 -11.42 35.99
N ILE A 92 15.52 -11.85 34.83
CA ILE A 92 15.82 -11.13 33.60
C ILE A 92 15.01 -9.83 33.54
N ASP A 93 13.84 -9.79 34.16
CA ASP A 93 13.04 -8.56 34.22
C ASP A 93 13.74 -7.48 35.02
N GLU A 94 14.49 -7.85 36.06
CA GLU A 94 15.27 -6.86 36.79
C GLU A 94 16.44 -6.39 35.95
N TRP A 95 17.04 -7.30 35.18
CA TRP A 95 18.12 -6.96 34.27
C TRP A 95 17.63 -6.04 33.16
N LEU A 96 16.42 -6.28 32.67
CA LEU A 96 15.87 -5.44 31.61
C LEU A 96 15.42 -4.10 32.15
N TYR A 97 15.02 -4.04 33.41
CA TYR A 97 14.61 -2.77 34.01
C TYR A 97 15.79 -1.84 34.21
N ASN A 98 16.95 -2.39 34.53
CA ASN A 98 18.10 -1.58 34.92
C ASN A 98 19.06 -1.32 33.76
N GLY A 99 18.63 -1.54 32.53
CA GLY A 99 19.47 -1.22 31.40
C GLY A 99 20.59 -2.20 31.17
N GLY A 100 20.43 -3.42 31.67
CA GLY A 100 21.30 -4.53 31.39
C GLY A 100 21.71 -4.79 29.95
N PRO A 101 20.77 -4.77 28.98
CA PRO A 101 21.17 -4.99 27.57
C PRO A 101 22.18 -4.01 27.03
N TYR A 102 22.23 -2.78 27.54
CA TYR A 102 23.23 -1.83 27.07
C TYR A 102 24.63 -2.30 27.40
N GLN A 103 24.84 -2.80 28.61
CA GLN A 103 26.17 -3.25 29.01
C GLN A 103 26.58 -4.51 28.26
N LEU A 104 25.63 -5.38 27.95
CA LEU A 104 25.96 -6.58 27.19
C LEU A 104 26.35 -6.22 25.76
N ILE A 105 25.61 -5.31 25.12
CA ILE A 105 25.88 -4.98 23.73
C ILE A 105 27.18 -4.21 23.61
N VAL A 106 27.40 -3.21 24.47
CA VAL A 106 28.56 -2.33 24.39
C VAL A 106 29.85 -3.10 24.65
N LEU A 107 29.85 -3.96 25.65
CA LEU A 107 31.07 -4.70 25.95
C LEU A 107 31.37 -5.78 24.91
N HIS A 108 30.34 -6.37 24.32
CA HIS A 108 30.60 -7.31 23.24
C HIS A 108 30.93 -6.60 21.94
N PHE A 109 30.43 -5.39 21.75
CA PHE A 109 30.74 -4.63 20.54
C PHE A 109 32.17 -4.12 20.57
N LEU A 110 32.61 -3.64 21.73
CA LEU A 110 33.95 -3.06 21.81
C LEU A 110 35.02 -4.13 21.79
N LEU A 111 34.75 -5.29 22.36
CA LEU A 111 35.64 -6.43 22.19
C LEU A 111 35.66 -6.90 20.74
N GLY A 112 34.48 -6.94 20.12
CA GLY A 112 34.39 -7.44 18.78
C GLY A 112 34.92 -6.51 17.71
N VAL A 113 34.99 -5.21 18.01
CA VAL A 113 35.47 -4.30 16.99
C VAL A 113 36.96 -4.07 17.17
N SER A 114 37.49 -4.39 18.35
CA SER A 114 38.94 -4.49 18.51
C SER A 114 39.47 -5.75 17.86
N ALA A 115 38.68 -6.82 17.90
CA ALA A 115 39.06 -8.04 17.21
C ALA A 115 38.84 -7.93 15.71
N TYR A 116 37.92 -7.07 15.28
CA TYR A 116 37.81 -6.76 13.86
C TYR A 116 39.04 -6.02 13.38
N MET A 117 39.62 -5.19 14.24
CA MET A 117 40.84 -4.48 13.88
C MET A 117 42.01 -5.43 13.77
N GLY A 118 42.16 -6.35 14.71
CA GLY A 118 43.22 -7.33 14.63
C GLY A 118 43.03 -8.32 13.51
N ARG A 119 41.79 -8.57 13.11
CA ARG A 119 41.53 -9.39 11.94
C ARG A 119 41.98 -8.67 10.67
N GLU A 120 41.91 -7.34 10.65
CA GLU A 120 42.39 -6.60 9.51
C GLU A 120 43.91 -6.61 9.42
N TRP A 121 44.60 -6.64 10.56
CA TRP A 121 46.04 -6.91 10.50
C TRP A 121 46.29 -8.30 9.96
N GLU A 122 45.50 -9.28 10.39
CA GLU A 122 45.84 -10.68 10.22
C GLU A 122 45.72 -11.12 8.78
N LEU A 123 44.68 -10.69 8.09
CA LEU A 123 44.54 -11.03 6.68
C LEU A 123 45.61 -10.36 5.84
N SER A 124 46.00 -9.13 6.19
CA SER A 124 47.07 -8.45 5.48
C SER A 124 48.40 -9.19 5.62
N TYR A 125 48.61 -9.85 6.76
CA TYR A 125 49.81 -10.64 6.95
C TYR A 125 49.77 -11.92 6.13
N ARG A 126 48.60 -12.59 6.08
CA ARG A 126 48.50 -13.80 5.29
C ARG A 126 48.46 -13.53 3.80
N LEU A 127 48.17 -12.31 3.38
CA LEU A 127 48.16 -11.95 1.97
C LEU A 127 49.45 -11.31 1.52
N GLY A 128 50.41 -11.09 2.41
CA GLY A 128 51.63 -10.45 2.03
C GLY A 128 51.53 -8.96 1.81
N MET A 129 50.55 -8.31 2.43
CA MET A 129 50.38 -6.88 2.30
C MET A 129 51.18 -6.14 3.35
N ARG A 130 51.29 -4.84 3.15
CA ARG A 130 51.76 -3.97 4.19
C ARG A 130 50.67 -3.84 5.26
N PRO A 131 51.04 -3.63 6.51
CA PRO A 131 50.12 -3.99 7.59
C PRO A 131 49.05 -2.98 7.97
N TRP A 132 49.22 -1.69 7.67
CA TRP A 132 48.65 -0.63 8.47
C TRP A 132 47.26 -0.18 8.03
N ILE A 133 46.46 -1.06 7.43
CA ILE A 133 45.06 -0.72 7.20
C ILE A 133 44.33 -0.65 8.54
N PHE A 134 44.69 -1.51 9.48
CA PHE A 134 44.00 -1.57 10.76
C PHE A 134 44.39 -0.40 11.66
N VAL A 135 45.47 0.32 11.34
CA VAL A 135 45.78 1.55 12.05
C VAL A 135 44.80 2.64 11.63
N ALA A 136 44.36 2.63 10.38
CA ALA A 136 43.35 3.59 9.94
C ALA A 136 42.00 3.29 10.56
N PHE A 137 41.68 2.01 10.77
CA PHE A 137 40.45 1.63 11.43
C PHE A 137 40.49 1.89 12.93
N SER A 138 41.68 2.12 13.48
CA SER A 138 41.79 2.46 14.89
C SER A 138 41.18 3.82 15.21
N ALA A 139 41.00 4.68 14.22
CA ALA A 139 40.41 5.98 14.50
C ALA A 139 38.89 5.86 14.75
N PRO A 140 38.08 5.15 13.96
CA PRO A 140 36.69 4.95 14.42
C PRO A 140 36.54 3.99 15.59
N VAL A 141 37.53 3.14 15.86
CA VAL A 141 37.45 2.27 17.03
C VAL A 141 37.69 3.07 18.31
N ALA A 142 38.64 4.01 18.27
CA ALA A 142 38.88 4.90 19.39
C ALA A 142 37.69 5.80 19.65
N ALA A 143 36.97 6.18 18.61
CA ALA A 143 35.79 7.01 18.77
C ALA A 143 34.64 6.23 19.39
N ALA A 144 34.49 4.97 19.00
CA ALA A 144 33.46 4.14 19.57
C ALA A 144 33.78 3.80 21.02
N SER A 145 35.04 3.60 21.34
CA SER A 145 35.40 3.31 22.72
C SER A 145 35.35 4.55 23.60
N ALA A 146 35.46 5.74 23.02
CA ALA A 146 35.36 6.96 23.81
C ALA A 146 33.93 7.21 24.26
N VAL A 147 32.97 7.08 23.36
CA VAL A 147 31.60 7.44 23.71
C VAL A 147 30.86 6.29 24.41
N PHE A 148 31.36 5.07 24.32
CA PHE A 148 30.70 3.94 24.95
C PHE A 148 31.39 3.45 26.21
N LEU A 149 32.70 3.61 26.31
CA LEU A 149 33.44 3.12 27.46
C LEU A 149 34.14 4.23 28.23
N VAL A 150 34.94 5.06 27.56
CA VAL A 150 35.82 5.99 28.24
C VAL A 150 35.03 7.12 28.91
N TYR A 151 34.06 7.68 28.20
CA TYR A 151 33.22 8.70 28.78
C TYR A 151 32.34 8.16 29.92
N PRO A 152 31.80 6.92 29.87
CA PRO A 152 31.26 6.36 31.12
C PRO A 152 32.26 6.21 32.24
N ILE A 153 33.52 5.88 31.96
CA ILE A 153 34.51 5.67 33.01
C ILE A 153 34.83 6.98 33.72
N GLY A 154 34.99 8.05 32.96
CA GLY A 154 35.31 9.33 33.57
C GLY A 154 34.14 9.94 34.32
N GLN A 155 32.93 9.80 33.78
CA GLN A 155 31.76 10.28 34.47
C GLN A 155 31.26 9.31 35.52
N GLY A 156 31.76 8.09 35.53
CA GLY A 156 31.44 7.15 36.58
C GLY A 156 30.13 6.43 36.45
N SER A 157 29.57 6.34 35.23
CA SER A 157 28.31 5.65 35.04
C SER A 157 28.14 5.31 33.56
N PHE A 158 27.67 4.10 33.30
CA PHE A 158 27.26 3.71 31.96
C PHE A 158 26.00 4.44 31.50
N SER A 159 25.26 5.09 32.40
CA SER A 159 24.13 5.91 32.03
C SER A 159 24.53 7.11 31.20
N ASP A 160 25.77 7.56 31.32
CA ASP A 160 26.27 8.66 30.50
C ASP A 160 26.91 8.19 29.21
N GLY A 161 26.88 6.90 28.92
CA GLY A 161 27.30 6.43 27.62
C GLY A 161 26.31 6.83 26.54
N MET A 162 26.77 6.79 25.31
CA MET A 162 25.92 7.19 24.21
C MET A 162 24.86 6.13 23.97
N PRO A 163 23.59 6.49 23.91
CA PRO A 163 22.53 5.52 23.67
C PRO A 163 22.61 4.94 22.26
N LEU A 164 22.24 3.67 22.15
CA LEU A 164 22.27 2.98 20.87
C LEU A 164 20.99 3.27 20.10
N GLY A 165 20.89 4.51 19.65
CA GLY A 165 19.72 4.98 18.93
C GLY A 165 20.04 6.28 18.25
N ILE A 166 19.14 6.66 17.35
CA ILE A 166 19.35 7.87 16.56
C ILE A 166 19.07 9.11 17.38
N SER A 167 17.91 9.17 18.03
CA SER A 167 17.59 10.32 18.88
C SER A 167 18.34 10.30 20.19
N GLY A 168 18.76 9.12 20.66
CA GLY A 168 19.61 9.08 21.82
C GLY A 168 20.98 9.63 21.55
N THR A 169 21.45 9.50 20.31
CA THR A 169 22.71 10.09 19.90
C THR A 169 22.65 11.61 19.95
N PHE A 170 21.54 12.21 19.52
CA PHE A 170 21.42 13.66 19.56
C PHE A 170 21.26 14.15 20.98
N ASN A 171 20.64 13.34 21.85
CA ASN A 171 20.59 13.67 23.27
C ASN A 171 21.97 13.63 23.90
N PHE A 172 22.79 12.69 23.45
CA PHE A 172 24.17 12.60 23.93
C PHE A 172 24.97 13.82 23.49
N MET A 173 24.74 14.31 22.27
CA MET A 173 25.51 15.43 21.75
C MET A 173 25.19 16.72 22.46
N LEU A 174 23.92 16.96 22.74
CA LEU A 174 23.50 18.24 23.29
C LEU A 174 23.90 18.38 24.75
N VAL A 175 23.76 17.31 25.52
CA VAL A 175 24.15 17.32 26.92
C VAL A 175 25.66 17.45 27.06
N PHE A 176 26.39 16.85 26.13
CA PHE A 176 27.85 16.98 26.10
C PHE A 176 28.28 18.40 25.82
N GLN A 177 27.53 19.12 24.98
CA GLN A 177 27.86 20.51 24.70
C GLN A 177 27.57 21.40 25.91
N ALA A 178 26.51 21.11 26.63
CA ALA A 178 26.17 21.91 27.80
C ALA A 178 27.14 21.69 28.94
N GLU A 179 27.65 20.48 29.08
CA GLU A 179 28.49 20.14 30.21
C GLU A 179 29.97 20.25 29.93
N HIS A 180 30.37 20.28 28.67
CA HIS A 180 31.79 20.26 28.34
C HIS A 180 32.21 21.28 27.30
N ASN A 181 31.27 21.92 26.60
CA ASN A 181 31.53 22.91 25.56
C ASN A 181 32.45 22.36 24.48
N ILE A 182 31.99 21.28 23.85
CA ILE A 182 32.83 20.52 22.93
C ILE A 182 33.11 21.31 21.66
N LEU A 183 32.18 22.20 21.28
CA LEU A 183 32.38 23.04 20.10
C LEU A 183 33.57 23.98 20.27
N MET A 184 33.79 24.47 21.48
CA MET A 184 34.94 25.29 21.79
C MET A 184 36.17 24.48 22.18
N HIS A 185 36.12 23.19 22.04
CA HIS A 185 37.31 22.38 22.26
C HIS A 185 38.06 22.24 20.95
N PRO A 186 39.38 22.49 20.92
CA PRO A 186 40.13 22.40 19.66
C PRO A 186 40.28 20.99 19.16
N PHE A 187 40.01 19.99 19.98
CA PHE A 187 40.11 18.62 19.50
C PHE A 187 38.89 18.23 18.70
N HIS A 188 37.72 18.79 19.03
CA HIS A 188 36.57 18.65 18.14
C HIS A 188 36.75 19.48 16.89
N MET A 189 37.44 20.61 16.99
CA MET A 189 37.72 21.43 15.82
C MET A 189 38.63 20.71 14.84
N ALA A 190 39.62 19.98 15.36
CA ALA A 190 40.47 19.18 14.49
C ALA A 190 39.71 18.00 13.92
N GLY A 191 38.73 17.48 14.66
CA GLY A 191 37.91 16.42 14.12
C GLY A 191 36.98 16.89 13.01
N VAL A 192 36.47 18.11 13.14
CA VAL A 192 35.63 18.66 12.08
C VAL A 192 36.46 18.96 10.85
N ALA A 193 37.69 19.46 11.05
CA ALA A 193 38.62 19.58 9.95
C ALA A 193 39.02 18.22 9.39
N GLY A 194 38.95 17.18 10.21
CA GLY A 194 39.21 15.84 9.71
C GLY A 194 38.10 15.32 8.81
N VAL A 195 36.85 15.57 9.16
CA VAL A 195 35.76 15.04 8.34
C VAL A 195 35.34 16.01 7.25
N PHE A 196 35.48 17.32 7.45
CA PHE A 196 35.25 18.25 6.34
C PHE A 196 36.37 18.16 5.33
N GLY A 197 37.61 18.11 5.80
CA GLY A 197 38.73 17.95 4.90
C GLY A 197 38.73 16.59 4.24
N GLY A 198 38.40 15.55 4.99
CA GLY A 198 38.39 14.21 4.44
C GLY A 198 37.35 14.00 3.35
N SER A 199 36.17 14.59 3.53
CA SER A 199 35.19 14.51 2.47
C SER A 199 35.48 15.50 1.35
N LEU A 200 36.22 16.58 1.63
CA LEU A 200 36.75 17.42 0.57
C LEU A 200 37.76 16.66 -0.27
N PHE A 201 38.73 16.00 0.39
CA PHE A 201 39.78 15.33 -0.34
C PHE A 201 39.27 14.08 -1.04
N SER A 202 38.23 13.45 -0.51
CA SER A 202 37.58 12.35 -1.20
C SER A 202 36.90 12.83 -2.48
N ALA A 203 36.18 13.95 -2.39
CA ALA A 203 35.54 14.51 -3.57
C ALA A 203 36.57 15.12 -4.52
N MET A 204 37.70 15.59 -3.99
CA MET A 204 38.74 16.13 -4.85
C MET A 204 39.45 15.03 -5.60
N HIS A 205 39.91 13.99 -4.90
CA HIS A 205 40.64 12.90 -5.54
C HIS A 205 39.72 12.10 -6.45
N GLY A 206 38.46 11.95 -6.07
CA GLY A 206 37.51 11.28 -6.92
C GLY A 206 37.15 12.06 -8.16
N SER A 207 37.24 13.38 -8.09
CA SER A 207 36.98 14.19 -9.28
C SER A 207 38.10 14.08 -10.29
N LEU A 208 39.34 14.17 -9.81
CA LEU A 208 40.47 14.29 -10.72
C LEU A 208 40.79 12.98 -11.41
N VAL A 209 40.45 11.85 -10.78
CA VAL A 209 40.59 10.57 -11.46
C VAL A 209 39.50 10.41 -12.50
N THR A 210 38.26 10.75 -12.15
CA THR A 210 37.14 10.66 -13.08
C THR A 210 37.26 11.68 -14.20
N SER A 211 37.90 12.81 -13.95
CA SER A 211 38.10 13.81 -15.00
C SER A 211 39.09 13.35 -16.04
N SER A 212 40.06 12.53 -15.65
CA SER A 212 41.20 12.23 -16.52
C SER A 212 41.21 10.77 -16.96
N LEU A 213 40.04 10.14 -17.03
CA LEU A 213 39.94 8.77 -17.52
C LEU A 213 40.24 8.70 -19.01
N ILE A 214 40.85 7.61 -19.41
CA ILE A 214 41.26 7.42 -20.79
C ILE A 214 40.12 6.77 -21.56
N ARG A 215 39.96 7.15 -22.83
CA ARG A 215 38.94 6.62 -23.71
C ARG A 215 39.05 5.11 -23.89
N GLU A 216 38.10 4.38 -23.33
CA GLU A 216 38.02 2.95 -23.53
C GLU A 216 36.59 2.49 -23.79
N THR A 217 35.64 3.42 -23.86
CA THR A 217 34.22 3.08 -23.97
C THR A 217 33.56 3.96 -25.02
N THR A 218 32.33 3.60 -25.36
CA THR A 218 31.51 4.39 -26.26
C THR A 218 30.47 5.16 -25.45
N GLU A 219 29.69 5.99 -26.14
CA GLU A 219 28.66 6.79 -25.49
C GLU A 219 27.50 5.95 -24.96
N ASN A 220 27.33 4.74 -25.50
CA ASN A 220 26.23 3.90 -25.05
C ASN A 220 26.57 3.16 -23.76
N GLU A 221 27.74 2.54 -23.69
CA GLU A 221 28.06 1.81 -22.47
C GLU A 221 28.53 2.76 -21.37
N SER A 222 28.52 2.25 -20.15
CA SER A 222 28.97 2.98 -18.99
C SER A 222 30.47 3.26 -19.06
N THR A 223 30.89 4.35 -18.42
CA THR A 223 32.30 4.71 -18.42
C THR A 223 33.13 3.76 -17.57
N ASN A 224 32.51 3.14 -16.56
CA ASN A 224 33.19 2.21 -15.68
C ASN A 224 33.56 0.90 -16.36
N TYR A 225 33.05 0.63 -17.55
CA TYR A 225 33.44 -0.55 -18.30
C TYR A 225 34.74 -0.36 -19.06
N GLY A 226 35.35 0.82 -18.96
CA GLY A 226 36.69 1.01 -19.47
C GLY A 226 37.78 0.47 -18.59
N TYR A 227 37.45 0.05 -17.38
CA TYR A 227 38.39 -0.61 -16.49
C TYR A 227 38.09 -2.10 -16.47
N LYS A 228 39.12 -2.90 -16.63
CA LYS A 228 39.03 -4.34 -16.48
C LYS A 228 39.71 -4.74 -15.17
N PHE A 229 39.04 -5.58 -14.40
CA PHE A 229 39.61 -6.03 -13.14
C PHE A 229 40.79 -6.94 -13.39
N GLY A 230 41.94 -6.59 -12.84
CA GLY A 230 43.15 -7.32 -13.07
C GLY A 230 44.06 -6.77 -14.14
N GLN A 231 43.72 -5.62 -14.71
CA GLN A 231 44.57 -5.01 -15.72
C GLN A 231 45.81 -4.41 -15.09
N GLU A 232 46.88 -4.32 -15.86
CA GLU A 232 48.13 -3.79 -15.37
C GLU A 232 48.32 -2.31 -15.66
N GLU A 233 47.65 -1.80 -16.70
CA GLU A 233 47.88 -0.43 -17.11
C GLU A 233 47.08 0.54 -16.26
N GLU A 234 47.56 1.77 -16.19
CA GLU A 234 46.85 2.83 -15.51
C GLU A 234 45.59 3.19 -16.27
N THR A 235 44.52 3.47 -15.54
CA THR A 235 43.21 3.74 -16.15
C THR A 235 42.92 5.22 -16.28
N TYR A 236 43.80 6.10 -15.79
CA TYR A 236 43.57 7.52 -15.92
C TYR A 236 44.89 8.25 -16.08
N ASN A 237 44.85 9.39 -16.75
CA ASN A 237 46.03 10.20 -17.02
C ASN A 237 46.33 11.04 -15.78
N ILE A 238 47.28 10.59 -14.96
CA ILE A 238 47.61 11.35 -13.76
C ILE A 238 48.44 12.60 -14.07
N VAL A 239 49.07 12.66 -15.25
CA VAL A 239 49.73 13.89 -15.66
C VAL A 239 48.68 14.96 -15.98
N ALA A 240 47.59 14.56 -16.62
CA ALA A 240 46.52 15.50 -16.96
C ALA A 240 45.78 15.96 -15.72
N ALA A 241 45.64 15.10 -14.71
CA ALA A 241 45.02 15.53 -13.47
C ALA A 241 45.93 16.43 -12.66
N HIS A 242 47.23 16.19 -12.70
CA HIS A 242 48.18 17.06 -12.01
C HIS A 242 48.31 18.41 -12.72
N GLY A 243 48.26 18.40 -14.05
CA GLY A 243 48.25 19.65 -14.80
C GLY A 243 46.99 20.46 -14.64
N TYR A 244 45.87 19.81 -14.32
CA TYR A 244 44.64 20.53 -14.03
C TYR A 244 44.70 21.17 -12.65
N PHE A 245 44.99 20.37 -11.62
CA PHE A 245 44.99 20.88 -10.26
C PHE A 245 46.17 21.80 -10.01
N GLY A 246 47.27 21.63 -10.76
CA GLY A 246 48.36 22.57 -10.72
C GLY A 246 48.04 23.90 -11.35
N ARG A 247 47.05 23.96 -12.23
CA ARG A 247 46.60 25.25 -12.74
C ARG A 247 45.40 25.78 -11.99
N LEU A 248 44.70 24.92 -11.24
CA LEU A 248 43.55 25.38 -10.48
C LEU A 248 43.95 26.24 -9.31
N ILE A 249 45.01 25.86 -8.59
CA ILE A 249 45.44 26.67 -7.47
C ILE A 249 46.77 27.34 -7.83
N PHE A 250 47.82 26.52 -7.91
CA PHE A 250 49.15 26.83 -8.42
C PHE A 250 49.94 25.53 -8.36
N GLN A 251 51.06 25.52 -9.09
CA GLN A 251 51.71 24.27 -9.46
C GLN A 251 52.33 23.57 -8.25
N TYR A 252 52.87 24.33 -7.32
CA TYR A 252 53.60 23.76 -6.19
C TYR A 252 52.69 23.16 -5.12
N ALA A 253 51.37 23.30 -5.26
CA ALA A 253 50.42 22.86 -4.24
C ALA A 253 49.73 21.56 -4.62
N SER A 254 50.29 20.79 -5.54
CA SER A 254 49.64 19.59 -6.05
C SER A 254 50.60 18.41 -5.94
N PHE A 255 50.04 17.24 -5.61
CA PHE A 255 50.82 16.01 -5.50
C PHE A 255 51.05 15.45 -6.89
N ASN A 256 52.31 15.32 -7.30
CA ASN A 256 52.58 14.53 -8.49
C ASN A 256 52.81 13.07 -8.13
N ASN A 257 53.24 12.81 -6.89
CA ASN A 257 53.41 11.45 -6.39
C ASN A 257 52.05 10.92 -5.96
N SER A 258 51.63 9.84 -6.61
CA SER A 258 50.38 9.19 -6.23
C SER A 258 50.48 8.45 -4.92
N ARG A 259 51.68 8.03 -4.55
CA ARG A 259 51.86 7.37 -3.26
C ARG A 259 51.82 8.38 -2.13
N ALA A 260 52.37 9.57 -2.35
CA ALA A 260 52.27 10.62 -1.35
C ALA A 260 50.86 11.17 -1.26
N LEU A 261 50.13 11.16 -2.37
CA LEU A 261 48.76 11.66 -2.38
C LEU A 261 47.83 10.73 -1.62
N HIS A 262 47.93 9.43 -1.88
CA HIS A 262 47.10 8.48 -1.17
C HIS A 262 47.50 8.34 0.29
N PHE A 263 48.75 8.63 0.63
CA PHE A 263 49.08 8.69 2.04
C PHE A 263 48.42 9.89 2.71
N PHE A 264 48.33 11.01 2.00
CA PHE A 264 47.66 12.17 2.56
C PHE A 264 46.16 11.94 2.69
N LEU A 265 45.58 11.12 1.82
CA LEU A 265 44.17 10.76 1.95
C LEU A 265 43.94 9.88 3.16
N ALA A 266 44.91 9.07 3.54
CA ALA A 266 44.76 8.26 4.73
C ALA A 266 45.00 9.05 5.99
N LEU A 267 45.95 9.98 5.98
CA LEU A 267 46.41 10.60 7.22
C LEU A 267 45.43 11.64 7.73
N TRP A 268 44.85 12.45 6.83
CA TRP A 268 44.05 13.60 7.26
C TRP A 268 42.79 13.22 8.04
N PRO A 269 41.92 12.27 7.60
CA PRO A 269 40.78 11.95 8.45
C PRO A 269 41.14 11.11 9.65
N VAL A 270 42.18 10.28 9.55
CA VAL A 270 42.51 9.38 10.64
C VAL A 270 43.12 10.14 11.81
N VAL A 271 44.04 11.07 11.53
CA VAL A 271 44.60 11.90 12.58
C VAL A 271 43.54 12.84 13.13
N GLY A 272 42.63 13.32 12.28
CA GLY A 272 41.54 14.15 12.76
C GLY A 272 40.57 13.42 13.65
N ILE A 273 40.30 12.15 13.34
CA ILE A 273 39.39 11.38 14.20
C ILE A 273 40.12 10.89 15.44
N TRP A 274 41.44 10.65 15.36
CA TRP A 274 42.23 10.33 16.54
C TRP A 274 42.21 11.46 17.56
N ILE A 275 42.29 12.69 17.07
CA ILE A 275 42.37 13.84 17.96
C ILE A 275 41.01 14.11 18.60
N THR A 276 39.93 14.00 17.82
CA THR A 276 38.61 14.20 18.41
C THR A 276 38.18 13.02 19.28
N SER A 277 38.80 11.85 19.11
CA SER A 277 38.57 10.75 20.04
C SER A 277 39.26 11.02 21.36
N MET A 278 40.39 11.70 21.32
CA MET A 278 41.06 12.18 22.52
C MET A 278 40.54 13.52 22.98
N GLY A 279 39.46 14.01 22.38
CA GLY A 279 38.75 15.12 22.95
C GLY A 279 37.65 14.59 23.84
N ILE A 280 36.93 13.58 23.34
CA ILE A 280 35.89 12.90 24.12
C ILE A 280 36.52 12.21 25.31
N SER A 281 37.70 11.63 25.12
CA SER A 281 38.35 10.91 26.21
C SER A 281 38.93 11.85 27.24
N THR A 282 39.23 13.09 26.87
CA THR A 282 39.69 14.05 27.87
C THR A 282 38.57 14.93 28.40
N MET A 283 37.47 15.05 27.69
CA MET A 283 36.30 15.65 28.33
C MET A 283 35.57 14.66 29.20
N ALA A 284 35.95 13.38 29.14
CA ALA A 284 35.47 12.39 30.11
C ALA A 284 35.90 12.75 31.52
N PHE A 285 37.08 13.34 31.67
CA PHE A 285 37.59 13.77 32.96
C PHE A 285 37.46 15.27 33.15
N ASN A 286 36.50 15.87 32.43
CA ASN A 286 36.06 17.24 32.61
C ASN A 286 37.17 18.26 32.40
N LEU A 287 38.04 17.98 31.45
CA LEU A 287 38.92 19.02 30.91
C LEU A 287 38.21 19.57 29.70
N ASN A 288 37.43 20.61 29.92
CA ASN A 288 36.41 21.03 28.98
C ASN A 288 37.00 21.93 27.90
N GLY A 289 36.17 22.31 26.93
CA GLY A 289 36.57 23.25 25.91
C GLY A 289 36.71 24.65 26.47
N PHE A 290 37.16 25.55 25.60
CA PHE A 290 37.52 26.92 26.00
C PHE A 290 36.33 27.68 26.58
N ASN A 291 36.57 28.34 27.71
CA ASN A 291 35.55 29.15 28.37
C ASN A 291 35.94 30.61 28.24
N PHE A 292 35.26 31.33 27.35
CA PHE A 292 35.47 32.75 27.16
C PHE A 292 34.26 33.56 27.63
N ASN A 293 33.54 33.07 28.63
CA ASN A 293 32.39 33.78 29.14
C ASN A 293 32.84 34.95 30.00
N GLN A 294 32.33 36.13 29.68
CA GLN A 294 32.62 37.40 30.37
C GLN A 294 34.12 37.71 30.34
N SER A 295 34.74 37.47 29.19
CA SER A 295 36.16 37.75 29.06
C SER A 295 36.43 39.11 28.43
N VAL A 296 35.50 39.63 27.66
CA VAL A 296 35.62 40.98 27.11
C VAL A 296 34.91 41.94 28.07
N VAL A 297 35.67 42.88 28.61
CA VAL A 297 35.22 43.77 29.67
C VAL A 297 35.62 45.19 29.29
N ASP A 298 34.70 46.14 29.43
CA ASP A 298 34.99 47.52 29.05
C ASP A 298 35.70 48.25 30.19
N SER A 299 35.83 49.57 30.06
CA SER A 299 36.62 50.36 30.99
C SER A 299 35.98 50.47 32.36
N GLN A 300 34.66 50.59 32.41
CA GLN A 300 33.95 50.65 33.68
C GLN A 300 33.95 49.30 34.39
N GLY A 301 34.14 48.21 33.66
CA GLY A 301 34.13 46.89 34.24
C GLY A 301 32.98 46.03 33.79
N ARG A 302 32.04 46.57 33.01
CA ARG A 302 30.88 45.82 32.61
C ARG A 302 31.24 44.78 31.56
N VAL A 303 30.46 43.71 31.53
CA VAL A 303 30.73 42.61 30.60
C VAL A 303 30.12 42.96 29.25
N ILE A 304 30.94 42.97 28.22
CA ILE A 304 30.46 43.02 26.84
C ILE A 304 30.38 41.59 26.34
N ASN A 305 29.21 41.20 25.84
CA ASN A 305 29.04 39.84 25.38
C ASN A 305 29.76 39.63 24.06
N THR A 306 30.10 38.38 23.79
CA THR A 306 30.65 37.96 22.52
C THR A 306 29.80 36.84 21.96
N TRP A 307 30.25 36.24 20.86
CA TRP A 307 29.56 35.08 20.34
C TRP A 307 29.73 33.87 21.23
N ALA A 308 30.80 33.83 22.03
CA ALA A 308 30.95 32.76 23.01
C ALA A 308 29.94 32.87 24.13
N ASP A 309 29.51 34.09 24.44
CA ASP A 309 28.49 34.30 25.47
C ASP A 309 27.10 33.93 24.97
N ILE A 310 26.82 34.12 23.69
CA ILE A 310 25.55 33.69 23.14
C ILE A 310 25.53 32.17 23.00
N LEU A 311 26.69 31.58 22.70
CA LEU A 311 26.85 30.14 22.76
C LEU A 311 26.66 29.63 24.18
N ASN A 312 27.05 30.42 25.17
CA ASN A 312 26.89 30.04 26.56
C ASN A 312 25.43 30.06 26.99
N ARG A 313 24.62 30.95 26.40
CA ARG A 313 23.20 30.99 26.73
C ARG A 313 22.47 29.77 26.21
N ALA A 314 22.97 29.19 25.11
CA ALA A 314 22.39 27.94 24.62
C ALA A 314 22.88 26.75 25.43
N ASN A 315 24.11 26.81 25.96
CA ASN A 315 24.58 25.77 26.86
C ASN A 315 23.79 25.79 28.17
N LEU A 316 23.43 26.98 28.64
CA LEU A 316 22.65 27.10 29.86
C LEU A 316 21.25 26.55 29.69
N GLY A 317 20.69 26.64 28.50
CA GLY A 317 19.35 26.13 28.28
C GLY A 317 19.28 24.62 28.24
N ILE A 318 20.34 23.98 27.75
CA ILE A 318 20.37 22.52 27.77
C ILE A 318 20.59 22.01 29.19
N GLU A 319 21.48 22.65 29.94
CA GLU A 319 21.90 22.06 31.20
C GLU A 319 20.89 22.25 32.31
N VAL A 320 20.06 23.30 32.25
CA VAL A 320 18.98 23.42 33.23
C VAL A 320 17.80 22.54 32.90
N MET A 321 17.75 21.96 31.70
CA MET A 321 16.63 21.13 31.31
C MET A 321 16.99 19.66 31.15
N HIS A 322 18.28 19.31 31.09
CA HIS A 322 18.67 17.92 30.94
C HIS A 322 18.57 17.21 32.28
N GLU A 323 18.06 15.98 32.23
CA GLU A 323 17.86 15.10 33.39
C GLU A 323 17.11 15.81 34.51
N ARG A 324 15.92 16.31 34.16
CA ARG A 324 15.28 17.39 34.90
C ARG A 324 14.84 16.99 36.30
N ASN A 325 14.72 15.70 36.58
CA ASN A 325 14.37 15.23 37.90
C ASN A 325 15.54 14.60 38.62
N ALA A 326 16.69 14.47 37.95
CA ALA A 326 17.81 13.71 38.51
C ALA A 326 18.64 14.53 39.48
N HIS A 327 18.53 15.84 39.48
CA HIS A 327 19.42 16.68 40.27
C HIS A 327 18.73 17.18 41.52
N ASN A 328 19.47 17.16 42.62
CA ASN A 328 19.00 17.65 43.90
C ASN A 328 19.80 18.82 44.43
N PHE A 329 20.96 19.10 43.85
CA PHE A 329 21.95 20.02 44.38
C PHE A 329 22.42 20.92 43.25
N PRO A 330 22.87 22.15 43.55
CA PRO A 330 22.99 23.17 42.49
C PRO A 330 24.12 22.98 41.49
N LEU A 331 24.99 21.99 41.63
CA LEU A 331 26.05 21.78 40.65
C LEU A 331 25.93 20.37 40.07
N ASP A 332 25.94 20.28 38.75
CA ASP A 332 26.02 18.99 38.07
C ASP A 332 27.48 18.58 38.05
N LEU A 333 27.92 17.95 39.14
CA LEU A 333 29.26 17.39 39.19
C LEU A 333 29.32 15.99 38.61
N ALA A 334 28.19 15.47 38.15
CA ALA A 334 28.13 14.26 37.36
C ALA A 334 27.23 14.53 36.16
N ALA B 1 23.99 -1.19 -24.39
CA ALA B 1 24.29 -1.38 -22.98
C ALA B 1 24.27 -0.03 -22.27
N LEU B 2 23.16 0.67 -22.38
CA LEU B 2 23.04 1.95 -21.71
C LEU B 2 22.86 1.74 -20.21
N PRO B 3 23.49 2.56 -19.38
CA PRO B 3 23.15 2.57 -17.96
C PRO B 3 21.75 3.14 -17.76
N TRP B 4 21.21 2.92 -16.56
CA TRP B 4 19.83 3.31 -16.29
C TRP B 4 19.63 4.81 -16.36
N TYR B 5 20.66 5.58 -16.03
CA TYR B 5 20.57 7.04 -16.02
C TYR B 5 20.83 7.64 -17.39
N ARG B 6 21.01 6.82 -18.42
CA ARG B 6 21.22 7.31 -19.78
C ARG B 6 20.21 6.76 -20.75
N VAL B 7 19.10 6.20 -20.25
CA VAL B 7 18.18 5.49 -21.14
C VAL B 7 17.42 6.45 -22.03
N HIS B 8 17.22 7.69 -21.60
CA HIS B 8 16.42 8.60 -22.38
C HIS B 8 17.24 9.34 -23.42
N THR B 9 18.55 9.11 -23.48
CA THR B 9 19.38 9.69 -24.53
C THR B 9 19.20 9.05 -25.89
N VAL B 10 18.30 8.06 -26.04
CA VAL B 10 18.04 7.49 -27.36
C VAL B 10 17.17 8.39 -28.22
N VAL B 11 16.59 9.44 -27.67
CA VAL B 11 15.84 10.40 -28.47
C VAL B 11 16.63 11.70 -28.62
N LEU B 12 17.93 11.66 -28.37
CA LEU B 12 18.75 12.85 -28.47
C LEU B 12 18.96 13.24 -29.93
N ASN B 13 19.11 12.26 -30.81
CA ASN B 13 19.23 12.50 -32.24
C ASN B 13 18.09 11.85 -33.03
N ASP B 14 16.88 11.96 -32.49
CA ASP B 14 15.68 11.41 -33.10
C ASP B 14 14.60 12.45 -32.88
N PRO B 15 14.49 13.45 -33.77
CA PRO B 15 13.57 14.56 -33.53
C PRO B 15 12.10 14.18 -33.56
N GLY B 16 11.74 13.07 -34.20
CA GLY B 16 10.36 12.63 -34.16
C GLY B 16 9.98 12.05 -32.82
N ARG B 17 10.89 11.29 -32.22
CA ARG B 17 10.62 10.71 -30.93
C ARG B 17 10.96 11.64 -29.78
N LEU B 18 11.68 12.72 -30.03
CA LEU B 18 11.79 13.77 -29.03
C LEU B 18 10.48 14.53 -28.89
N ILE B 19 9.78 14.75 -30.00
CA ILE B 19 8.46 15.36 -29.95
C ILE B 19 7.48 14.44 -29.25
N ALA B 20 7.58 13.14 -29.52
CA ALA B 20 6.71 12.16 -28.88
C ALA B 20 6.97 12.04 -27.39
N VAL B 21 8.22 12.24 -26.97
CA VAL B 21 8.53 12.09 -25.57
C VAL B 21 8.17 13.36 -24.81
N HIS B 22 8.07 14.48 -25.51
CA HIS B 22 7.62 15.74 -24.93
C HIS B 22 6.12 15.84 -24.92
N LEU B 23 5.46 15.17 -25.85
CA LEU B 23 4.00 15.10 -25.84
C LEU B 23 3.51 14.20 -24.73
N MET B 24 4.31 13.23 -24.33
CA MET B 24 3.92 12.37 -23.23
C MET B 24 4.16 13.03 -21.88
N HIS B 25 5.22 13.83 -21.75
CA HIS B 25 5.34 14.66 -20.56
C HIS B 25 4.21 15.67 -20.47
N THR B 26 3.81 16.22 -21.62
CA THR B 26 2.70 17.16 -21.66
C THR B 26 1.38 16.48 -21.31
N ALA B 27 1.21 15.23 -21.74
CA ALA B 27 0.02 14.47 -21.39
C ALA B 27 -0.02 14.16 -19.90
N LEU B 28 1.13 13.89 -19.30
CA LEU B 28 1.16 13.56 -17.87
C LEU B 28 0.97 14.79 -17.01
N VAL B 29 1.49 15.94 -17.46
CA VAL B 29 1.36 17.17 -16.69
C VAL B 29 -0.08 17.68 -16.75
N ALA B 30 -0.67 17.68 -17.94
CA ALA B 30 -2.06 18.09 -18.07
C ALA B 30 -3.00 17.09 -17.42
N GLY B 31 -2.65 15.82 -17.44
CA GLY B 31 -3.43 14.82 -16.74
C GLY B 31 -3.33 14.94 -15.24
N TRP B 32 -2.17 15.39 -14.75
CA TRP B 32 -2.07 15.72 -13.33
C TRP B 32 -2.95 16.90 -12.99
N ALA B 33 -2.92 17.94 -13.81
CA ALA B 33 -3.67 19.16 -13.52
C ALA B 33 -5.16 18.94 -13.56
N GLY B 34 -5.64 18.07 -14.45
CA GLY B 34 -7.05 17.76 -14.49
C GLY B 34 -7.49 16.91 -13.32
N SER B 35 -6.66 15.96 -12.92
CA SER B 35 -7.05 15.04 -11.87
C SER B 35 -6.74 15.58 -10.48
N MET B 36 -5.78 16.48 -10.34
CA MET B 36 -5.58 17.16 -9.07
C MET B 36 -6.72 18.12 -8.79
N ALA B 37 -7.24 18.77 -9.82
CA ALA B 37 -8.36 19.67 -9.64
C ALA B 37 -9.64 18.90 -9.36
N LEU B 38 -9.80 17.72 -9.94
CA LEU B 38 -10.97 16.90 -9.66
C LEU B 38 -10.93 16.35 -8.25
N TYR B 39 -9.73 15.98 -7.78
CA TYR B 39 -9.58 15.56 -6.39
C TYR B 39 -9.86 16.70 -5.44
N GLU B 40 -9.38 17.90 -5.78
CA GLU B 40 -9.58 19.04 -4.92
C GLU B 40 -11.03 19.49 -4.88
N LEU B 41 -11.76 19.30 -5.97
CA LEU B 41 -13.19 19.60 -5.95
C LEU B 41 -13.97 18.58 -5.15
N ALA B 42 -13.50 17.36 -5.06
CA ALA B 42 -14.17 16.33 -4.28
C ALA B 42 -14.02 16.55 -2.78
N VAL B 43 -13.01 17.28 -2.34
CA VAL B 43 -12.79 17.51 -0.92
C VAL B 43 -12.95 18.97 -0.52
N PHE B 44 -13.22 19.88 -1.47
CA PHE B 44 -13.42 21.27 -1.11
C PHE B 44 -14.77 21.47 -0.44
N ASP B 45 -14.82 22.38 0.52
CA ASP B 45 -16.05 22.72 1.21
C ASP B 45 -16.39 24.18 0.93
N PRO B 46 -17.27 24.44 -0.03
CA PRO B 46 -17.55 25.83 -0.40
C PRO B 46 -18.67 26.48 0.37
N SER B 47 -18.74 26.30 1.69
CA SER B 47 -19.89 26.81 2.41
C SER B 47 -19.56 28.06 3.21
N ASP B 48 -18.36 28.15 3.75
CA ASP B 48 -17.91 29.31 4.51
C ASP B 48 -16.67 29.87 3.84
N PRO B 49 -16.80 30.77 2.87
CA PRO B 49 -15.60 31.39 2.29
C PRO B 49 -14.89 32.34 3.24
N VAL B 50 -15.54 32.79 4.31
CA VAL B 50 -14.92 33.74 5.22
C VAL B 50 -13.93 33.02 6.14
N LEU B 51 -14.40 32.06 6.92
CA LEU B 51 -13.57 31.41 7.91
C LEU B 51 -13.08 30.04 7.48
N ASN B 52 -13.49 29.55 6.33
CA ASN B 52 -12.89 28.36 5.74
C ASN B 52 -12.58 28.60 4.26
N PRO B 53 -11.61 29.46 3.94
CA PRO B 53 -11.29 29.71 2.54
C PRO B 53 -10.48 28.55 1.95
N MET B 54 -10.10 28.71 0.69
CA MET B 54 -9.45 27.62 -0.04
C MET B 54 -8.04 27.34 0.47
N TRP B 55 -7.39 28.31 1.09
CA TRP B 55 -6.05 28.07 1.58
C TRP B 55 -6.03 27.46 2.98
N ARG B 56 -7.17 27.38 3.64
CA ARG B 56 -7.26 26.62 4.87
C ARG B 56 -7.53 25.15 4.61
N GLN B 57 -7.97 24.80 3.41
CA GLN B 57 -8.35 23.45 3.06
C GLN B 57 -7.30 22.75 2.22
N GLY B 58 -6.10 23.32 2.10
CA GLY B 58 -5.03 22.66 1.41
C GLY B 58 -5.18 22.62 -0.08
N MET B 59 -5.98 23.50 -0.66
CA MET B 59 -6.16 23.54 -2.10
C MET B 59 -4.92 24.11 -2.75
N PHE B 60 -4.35 23.37 -3.69
CA PHE B 60 -3.11 23.79 -4.32
C PHE B 60 -3.33 24.36 -5.72
N VAL B 61 -4.08 23.68 -6.57
CA VAL B 61 -4.31 24.20 -7.91
C VAL B 61 -5.53 25.09 -8.00
N MET B 62 -6.46 24.97 -7.05
CA MET B 62 -7.61 25.87 -6.97
C MET B 62 -7.28 27.36 -6.86
N PRO B 63 -6.23 27.83 -6.14
CA PRO B 63 -5.92 29.27 -6.21
C PRO B 63 -5.39 29.72 -7.55
N PHE B 64 -4.80 28.83 -8.34
CA PHE B 64 -4.29 29.23 -9.64
C PHE B 64 -5.38 29.32 -10.69
N MET B 65 -6.45 28.56 -10.52
CA MET B 65 -7.62 28.74 -11.36
C MET B 65 -8.35 30.03 -11.04
N THR B 66 -8.43 30.37 -9.75
CA THR B 66 -9.14 31.56 -9.32
C THR B 66 -8.36 32.83 -9.59
N ARG B 67 -7.03 32.74 -9.61
CA ARG B 67 -6.18 33.89 -9.89
C ARG B 67 -6.44 34.48 -11.26
N LEU B 68 -6.77 33.63 -12.22
CA LEU B 68 -6.97 34.06 -13.59
C LEU B 68 -8.42 34.13 -14.02
N GLY B 69 -9.36 33.82 -13.14
CA GLY B 69 -10.73 34.12 -13.49
C GLY B 69 -11.80 33.10 -13.15
N ILE B 70 -11.42 31.87 -12.85
CA ILE B 70 -12.40 30.81 -12.60
C ILE B 70 -12.89 30.96 -11.17
N THR B 71 -14.13 31.39 -11.00
CA THR B 71 -14.70 31.52 -9.68
C THR B 71 -15.83 30.55 -9.40
N ASP B 72 -16.55 30.12 -10.42
CA ASP B 72 -17.77 29.35 -10.25
C ASP B 72 -17.50 27.88 -10.44
N SER B 73 -18.42 27.07 -9.96
CA SER B 73 -18.42 25.64 -10.21
C SER B 73 -19.75 25.25 -10.80
N TRP B 74 -19.82 24.02 -11.30
CA TRP B 74 -21.08 23.49 -11.80
C TRP B 74 -22.08 23.25 -10.68
N GLY B 75 -21.61 23.05 -9.45
CA GLY B 75 -22.46 22.88 -8.30
C GLY B 75 -23.21 24.12 -7.86
N GLY B 76 -23.00 25.26 -8.51
CA GLY B 76 -23.79 26.44 -8.26
C GLY B 76 -23.14 27.45 -7.35
N TRP B 77 -22.00 27.13 -6.75
CA TRP B 77 -21.34 28.05 -5.85
C TRP B 77 -20.19 28.75 -6.54
N SER B 78 -19.75 29.85 -5.92
CA SER B 78 -18.52 30.53 -6.26
C SER B 78 -17.66 30.62 -5.01
N ILE B 79 -16.40 31.01 -5.17
CA ILE B 79 -15.61 31.24 -3.96
C ILE B 79 -15.83 32.63 -3.41
N THR B 80 -16.45 33.52 -4.16
CA THR B 80 -16.84 34.83 -3.67
C THR B 80 -18.14 34.81 -2.90
N GLY B 81 -18.78 33.65 -2.75
CA GLY B 81 -20.09 33.54 -2.15
C GLY B 81 -21.25 33.84 -3.07
N GLU B 82 -21.00 34.44 -4.22
CA GLU B 82 -22.05 34.79 -5.17
C GLU B 82 -22.61 33.52 -5.82
N SER B 83 -23.87 33.23 -5.54
CA SER B 83 -24.51 32.08 -6.18
C SER B 83 -24.71 32.34 -7.67
N VAL B 84 -24.47 31.32 -8.47
CA VAL B 84 -24.40 31.49 -9.92
C VAL B 84 -25.42 30.56 -10.57
N SER B 85 -26.05 31.07 -11.64
CA SER B 85 -27.04 30.31 -12.39
C SER B 85 -26.40 29.26 -13.29
N ASN B 86 -25.54 29.68 -14.20
CA ASN B 86 -24.92 28.75 -15.16
C ASN B 86 -23.56 29.31 -15.54
N PRO B 87 -22.48 28.73 -15.03
CA PRO B 87 -21.14 29.23 -15.37
C PRO B 87 -20.70 28.87 -16.77
N GLY B 88 -21.33 27.91 -17.42
CA GLY B 88 -20.91 27.48 -18.73
C GLY B 88 -19.80 26.46 -18.68
N ILE B 89 -18.85 26.59 -19.60
CA ILE B 89 -17.80 25.58 -19.73
C ILE B 89 -16.75 25.77 -18.65
N TRP B 90 -16.31 27.00 -18.43
CA TRP B 90 -15.12 27.23 -17.60
C TRP B 90 -15.52 27.44 -16.14
N SER B 91 -16.03 26.37 -15.56
CA SER B 91 -16.14 26.24 -14.13
C SER B 91 -14.87 25.58 -13.62
N PHE B 92 -14.83 25.24 -12.33
CA PHE B 92 -13.71 24.46 -11.84
C PHE B 92 -13.72 23.05 -12.42
N GLU B 93 -14.91 22.48 -12.59
CA GLU B 93 -15.02 21.12 -13.10
C GLU B 93 -14.75 21.06 -14.59
N GLY B 94 -15.21 22.06 -15.34
CA GLY B 94 -15.01 22.06 -16.77
C GLY B 94 -13.59 22.37 -17.18
N VAL B 95 -12.86 23.09 -16.34
CA VAL B 95 -11.45 23.31 -16.58
C VAL B 95 -10.65 22.05 -16.27
N ALA B 96 -11.05 21.33 -15.23
CA ALA B 96 -10.39 20.07 -14.90
C ALA B 96 -10.67 19.01 -15.96
N LEU B 97 -11.88 18.97 -16.49
CA LEU B 97 -12.19 18.01 -17.52
C LEU B 97 -11.54 18.35 -18.85
N SER B 98 -11.29 19.62 -19.10
CA SER B 98 -10.60 19.98 -20.33
C SER B 98 -9.11 19.68 -20.26
N HIS B 99 -8.51 19.75 -19.07
CA HIS B 99 -7.12 19.33 -18.92
C HIS B 99 -6.99 17.82 -19.04
N ILE B 100 -8.05 17.08 -18.70
CA ILE B 100 -8.05 15.63 -18.85
C ILE B 100 -8.18 15.25 -20.32
N ILE B 101 -9.04 15.96 -21.05
CA ILE B 101 -9.23 15.69 -22.47
C ILE B 101 -7.99 16.07 -23.27
N LEU B 102 -7.37 17.19 -22.90
CA LEU B 102 -6.10 17.59 -23.49
C LEU B 102 -4.99 16.60 -23.20
N SER B 103 -5.05 15.96 -22.03
CA SER B 103 -4.09 14.91 -21.69
C SER B 103 -4.24 13.70 -22.59
N GLY B 104 -5.47 13.27 -22.84
CA GLY B 104 -5.68 12.13 -23.70
C GLY B 104 -5.38 12.41 -25.16
N MET B 105 -5.55 13.66 -25.59
CA MET B 105 -5.22 14.02 -26.96
C MET B 105 -3.72 14.13 -27.17
N CYS B 106 -2.99 14.64 -26.17
CA CYS B 106 -1.54 14.68 -26.25
C CYS B 106 -0.95 13.29 -26.12
N PHE B 107 -1.68 12.39 -25.47
CA PHE B 107 -1.24 11.00 -25.35
C PHE B 107 -1.34 10.27 -26.68
N LEU B 108 -2.45 10.48 -27.39
CA LEU B 108 -2.60 9.86 -28.71
C LEU B 108 -1.66 10.47 -29.72
N ALA B 109 -1.37 11.76 -29.60
CA ALA B 109 -0.40 12.40 -30.48
C ALA B 109 1.01 11.91 -30.20
N ALA B 110 1.31 11.57 -28.94
CA ALA B 110 2.61 11.03 -28.60
C ALA B 110 2.81 9.65 -29.18
N ILE B 111 1.74 8.85 -29.26
CA ILE B 111 1.82 7.54 -29.87
C ILE B 111 2.08 7.66 -31.36
N TRP B 112 1.43 8.62 -32.02
CA TRP B 112 1.62 8.81 -33.45
C TRP B 112 3.03 9.29 -33.76
N HIS B 113 3.52 10.25 -33.00
CA HIS B 113 4.85 10.79 -33.28
C HIS B 113 5.95 9.80 -32.89
N TRP B 114 5.66 8.85 -32.00
CA TRP B 114 6.62 7.78 -31.71
C TRP B 114 6.63 6.75 -32.82
N VAL B 115 5.45 6.39 -33.30
CA VAL B 115 5.33 5.38 -34.34
C VAL B 115 5.82 5.93 -35.67
N TYR B 116 5.40 7.14 -36.01
CA TYR B 116 5.81 7.79 -37.25
C TYR B 116 6.97 8.76 -36.96
N TRP B 117 8.09 8.17 -36.59
CA TRP B 117 9.25 8.96 -36.22
C TRP B 117 10.01 9.47 -37.44
N ASP B 118 9.94 8.77 -38.57
CA ASP B 118 10.81 9.03 -39.70
C ASP B 118 10.13 9.93 -40.73
N LEU B 119 9.88 11.15 -40.30
CA LEU B 119 9.30 12.14 -41.20
C LEU B 119 10.41 12.89 -41.92
N GLU B 120 10.11 13.29 -43.15
CA GLU B 120 11.08 13.98 -43.99
C GLU B 120 11.43 15.35 -43.44
N LEU B 121 10.50 15.95 -42.67
CA LEU B 121 10.71 17.26 -42.07
C LEU B 121 11.89 17.28 -41.11
N PHE B 122 12.19 16.17 -40.44
CA PHE B 122 13.27 16.13 -39.48
C PHE B 122 14.62 15.86 -40.13
N ARG B 123 14.66 15.60 -41.43
CA ARG B 123 15.91 15.34 -42.12
C ARG B 123 16.54 16.65 -42.57
N ASP B 124 17.86 16.68 -42.55
CA ASP B 124 18.61 17.80 -43.11
C ASP B 124 18.68 17.63 -44.62
N PRO B 125 18.20 18.58 -45.42
CA PRO B 125 18.28 18.44 -46.88
C PRO B 125 19.69 18.55 -47.44
N ARG B 126 20.65 19.07 -46.67
CA ARG B 126 22.03 19.11 -47.11
C ARG B 126 22.76 17.79 -46.92
N THR B 127 22.41 17.02 -45.88
CA THR B 127 23.15 15.81 -45.53
C THR B 127 22.30 14.54 -45.47
N GLY B 128 21.00 14.66 -45.24
CA GLY B 128 20.16 13.48 -45.06
C GLY B 128 20.13 12.95 -43.65
N GLU B 129 20.88 13.54 -42.74
CA GLU B 129 20.90 13.13 -41.34
C GLU B 129 19.81 13.85 -40.57
N PRO B 130 19.33 13.27 -39.46
CA PRO B 130 18.29 13.95 -38.67
C PRO B 130 18.85 15.18 -37.97
N ALA B 131 18.37 16.35 -38.37
CA ALA B 131 18.87 17.60 -37.83
C ALA B 131 17.71 18.53 -37.51
N LEU B 132 17.89 19.30 -36.45
CA LEU B 132 16.96 20.35 -36.08
C LEU B 132 17.69 21.69 -36.18
N ASP B 133 17.09 22.63 -36.88
CA ASP B 133 17.66 23.97 -36.99
C ASP B 133 17.24 24.77 -35.76
N LEU B 134 17.96 24.52 -34.68
CA LEU B 134 17.66 25.17 -33.40
C LEU B 134 17.73 26.70 -33.39
N PRO B 135 18.52 27.39 -34.21
CA PRO B 135 18.33 28.85 -34.29
C PRO B 135 16.99 29.29 -34.85
N LYS B 136 16.48 28.63 -35.89
CA LYS B 136 15.19 29.06 -36.41
C LYS B 136 14.02 28.52 -35.61
N ILE B 137 14.16 27.32 -35.03
CA ILE B 137 13.14 26.78 -34.14
C ILE B 137 12.98 27.67 -32.92
N PHE B 138 14.08 28.27 -32.45
CA PHE B 138 13.98 29.25 -31.38
C PHE B 138 13.24 30.49 -31.84
N GLY B 139 13.50 30.95 -33.07
CA GLY B 139 12.81 32.12 -33.59
C GLY B 139 11.33 31.91 -33.77
N ILE B 140 10.93 30.69 -34.13
CA ILE B 140 9.52 30.37 -34.21
C ILE B 140 8.89 30.38 -32.83
N HIS B 141 9.51 29.66 -31.89
CA HIS B 141 8.89 29.48 -30.58
C HIS B 141 8.98 30.74 -29.73
N LEU B 142 9.95 31.62 -30.00
CA LEU B 142 9.98 32.90 -29.30
C LEU B 142 8.90 33.82 -29.82
N PHE B 143 8.62 33.75 -31.12
CA PHE B 143 7.59 34.58 -31.71
C PHE B 143 6.19 34.17 -31.24
N LEU B 144 5.96 32.87 -31.09
CA LEU B 144 4.70 32.42 -30.52
C LEU B 144 4.60 32.73 -29.04
N SER B 145 5.74 32.72 -28.33
CA SER B 145 5.73 33.11 -26.93
C SER B 145 5.37 34.58 -26.76
N GLY B 146 5.82 35.42 -27.69
CA GLY B 146 5.46 36.82 -27.64
C GLY B 146 3.99 37.06 -27.93
N LEU B 147 3.42 36.30 -28.87
CA LEU B 147 2.00 36.42 -29.17
C LEU B 147 1.15 35.92 -28.02
N LEU B 148 1.60 34.90 -27.31
CA LEU B 148 0.86 34.42 -26.16
C LEU B 148 1.05 35.30 -24.95
N CYS B 149 2.23 35.89 -24.79
CA CYS B 149 2.46 36.83 -23.69
C CYS B 149 1.68 38.11 -23.91
N PHE B 150 1.71 38.64 -25.14
CA PHE B 150 0.98 39.86 -25.44
C PHE B 150 -0.52 39.63 -25.38
N GLY B 151 -0.99 38.52 -25.93
CA GLY B 151 -2.41 38.25 -25.93
C GLY B 151 -2.97 37.99 -24.55
N PHE B 152 -2.19 37.37 -23.68
CA PHE B 152 -2.62 37.20 -22.31
C PHE B 152 -2.68 38.55 -21.58
N GLY B 153 -1.73 39.42 -21.84
CA GLY B 153 -1.75 40.72 -21.21
C GLY B 153 -2.81 41.64 -21.78
N ALA B 154 -2.91 41.68 -23.11
CA ALA B 154 -3.80 42.65 -23.74
C ALA B 154 -5.26 42.24 -23.67
N PHE B 155 -5.56 40.95 -23.74
CA PHE B 155 -6.94 40.50 -23.81
C PHE B 155 -7.43 39.87 -22.52
N HIS B 156 -6.67 38.95 -21.93
CA HIS B 156 -7.14 38.29 -20.73
C HIS B 156 -7.04 39.22 -19.52
N VAL B 157 -5.88 39.85 -19.32
CA VAL B 157 -5.67 40.58 -18.06
C VAL B 157 -6.36 41.93 -18.09
N THR B 158 -6.24 42.68 -19.18
CA THR B 158 -6.92 43.97 -19.24
C THR B 158 -8.42 43.84 -19.44
N GLY B 159 -8.90 42.65 -19.73
CA GLY B 159 -10.33 42.43 -19.84
C GLY B 159 -10.91 42.98 -21.11
N LEU B 160 -10.06 43.25 -22.11
CA LEU B 160 -10.55 43.52 -23.45
C LEU B 160 -11.39 42.35 -23.94
N PHE B 161 -10.76 41.19 -24.09
CA PHE B 161 -11.46 39.95 -24.36
C PHE B 161 -11.12 38.97 -23.26
N GLY B 162 -11.33 39.34 -22.01
CA GLY B 162 -11.03 38.42 -20.95
C GLY B 162 -11.69 38.76 -19.64
N PRO B 163 -11.54 37.88 -18.67
CA PRO B 163 -12.18 38.09 -17.37
C PRO B 163 -11.40 39.01 -16.45
N GLY B 164 -10.13 39.22 -16.76
CA GLY B 164 -9.24 39.87 -15.82
C GLY B 164 -8.58 38.88 -14.89
N ILE B 165 -7.97 39.41 -13.84
CA ILE B 165 -7.33 38.60 -12.84
C ILE B 165 -7.90 38.94 -11.47
N TRP B 166 -7.53 38.16 -10.47
CA TRP B 166 -7.96 38.41 -9.10
C TRP B 166 -7.25 39.63 -8.56
N VAL B 167 -8.01 40.61 -8.09
CA VAL B 167 -7.47 41.71 -7.33
C VAL B 167 -8.18 41.75 -5.99
N SER B 168 -7.55 42.43 -5.04
CA SER B 168 -8.09 42.51 -3.70
C SER B 168 -7.78 43.88 -3.14
N ASP B 169 -8.37 44.17 -2.00
CA ASP B 169 -7.97 45.33 -1.21
C ASP B 169 -6.67 45.03 -0.48
N ALA B 170 -6.22 45.97 0.34
CA ALA B 170 -4.93 45.81 1.00
C ALA B 170 -4.95 44.80 2.14
N TYR B 171 -6.13 44.35 2.56
CA TYR B 171 -6.23 43.47 3.72
C TYR B 171 -6.98 42.18 3.41
N GLY B 172 -7.24 41.90 2.14
CA GLY B 172 -7.78 40.61 1.74
C GLY B 172 -9.21 40.35 2.18
N ILE B 173 -10.01 41.40 2.31
CA ILE B 173 -11.37 41.24 2.78
C ILE B 173 -12.28 41.02 1.59
N THR B 174 -12.31 41.99 0.69
CA THR B 174 -13.14 41.94 -0.51
C THR B 174 -12.23 41.75 -1.71
N GLY B 175 -12.30 40.60 -2.35
CA GLY B 175 -11.53 40.35 -3.55
C GLY B 175 -12.43 39.78 -4.64
N LYS B 176 -12.04 40.04 -5.87
CA LYS B 176 -12.80 39.61 -7.01
C LYS B 176 -11.88 39.50 -8.21
N VAL B 177 -12.37 38.81 -9.23
CA VAL B 177 -11.74 38.85 -10.54
C VAL B 177 -12.31 40.04 -11.29
N GLN B 178 -11.44 40.89 -11.82
CA GLN B 178 -11.91 42.01 -12.61
C GLN B 178 -10.84 42.36 -13.62
N PRO B 179 -11.19 43.06 -14.71
CA PRO B 179 -10.18 43.58 -15.61
C PRO B 179 -9.26 44.59 -14.94
N VAL B 180 -8.00 44.58 -15.34
CA VAL B 180 -6.96 45.37 -14.70
C VAL B 180 -6.31 46.24 -15.76
N ALA B 181 -6.39 47.56 -15.58
CA ALA B 181 -5.74 48.47 -16.51
C ALA B 181 -4.23 48.43 -16.30
N PRO B 182 -3.44 48.49 -17.37
CA PRO B 182 -1.99 48.44 -17.21
C PRO B 182 -1.44 49.74 -16.63
N ALA B 183 -0.37 49.59 -15.86
CA ALA B 183 0.30 50.71 -15.21
C ALA B 183 1.66 50.90 -15.90
N TRP B 184 1.78 51.96 -16.68
CA TRP B 184 2.93 52.13 -17.54
C TRP B 184 4.06 52.91 -16.91
N GLY B 185 3.85 53.51 -15.74
CA GLY B 185 4.88 54.31 -15.10
C GLY B 185 5.88 53.48 -14.35
N ALA B 186 6.49 54.09 -13.33
CA ALA B 186 7.38 53.34 -12.47
C ALA B 186 6.62 52.45 -11.49
N ASP B 187 5.34 52.72 -11.25
CA ASP B 187 4.56 51.88 -10.36
C ASP B 187 4.13 50.58 -11.00
N GLY B 188 4.38 50.39 -12.30
CA GLY B 188 4.22 49.08 -12.87
C GLY B 188 5.26 48.08 -12.41
N PHE B 189 6.35 48.54 -11.81
CA PHE B 189 7.36 47.66 -11.24
C PHE B 189 7.19 47.49 -9.75
N ASN B 190 6.23 48.16 -9.16
CA ASN B 190 5.75 47.79 -7.84
C ASN B 190 5.05 46.46 -7.97
N PRO B 191 5.55 45.40 -7.33
CA PRO B 191 4.98 44.06 -7.55
C PRO B 191 3.64 43.85 -6.88
N PHE B 192 3.22 44.74 -6.01
CA PHE B 192 1.89 44.67 -5.44
C PHE B 192 0.86 45.43 -6.27
N ASN B 193 1.30 46.14 -7.29
CA ASN B 193 0.40 46.77 -8.23
C ASN B 193 -0.05 45.73 -9.24
N PRO B 194 -1.35 45.43 -9.32
CA PRO B 194 -1.81 44.46 -10.32
C PRO B 194 -1.73 44.98 -11.74
N GLY B 195 -1.68 46.30 -11.94
CA GLY B 195 -1.51 46.86 -13.25
C GLY B 195 -0.15 46.62 -13.85
N GLY B 196 0.83 46.27 -13.03
CA GLY B 196 2.13 45.90 -13.56
C GLY B 196 2.12 44.57 -14.26
N ILE B 197 1.18 43.69 -13.90
CA ILE B 197 1.06 42.39 -14.56
C ILE B 197 0.56 42.56 -15.98
N ALA B 198 -0.42 43.44 -16.19
CA ALA B 198 -0.89 43.75 -17.52
C ALA B 198 0.17 44.47 -18.33
N ALA B 199 0.84 45.44 -17.73
CA ALA B 199 1.84 46.22 -18.45
C ALA B 199 3.08 45.40 -18.76
N HIS B 200 3.41 44.42 -17.93
CA HIS B 200 4.53 43.54 -18.24
C HIS B 200 4.23 42.69 -19.45
N HIS B 201 3.10 41.99 -19.44
CA HIS B 201 2.82 41.03 -20.48
C HIS B 201 2.51 41.68 -21.81
N ILE B 202 2.11 42.95 -21.82
CA ILE B 202 1.99 43.67 -23.07
C ILE B 202 3.36 44.07 -23.61
N ALA B 203 4.21 44.63 -22.73
CA ALA B 203 5.51 45.12 -23.18
C ALA B 203 6.47 43.97 -23.45
N ALA B 204 6.54 42.99 -22.54
CA ALA B 204 7.39 41.84 -22.80
C ALA B 204 6.82 40.97 -23.90
N GLY B 205 5.52 41.00 -24.13
CA GLY B 205 4.95 40.28 -25.25
C GLY B 205 5.32 40.92 -26.58
N ILE B 206 5.41 42.24 -26.62
CA ILE B 206 5.86 42.94 -27.81
C ILE B 206 7.34 42.69 -28.05
N PHE B 207 8.12 42.63 -26.97
CA PHE B 207 9.53 42.31 -27.06
C PHE B 207 9.74 40.90 -27.58
N GLY B 208 8.91 39.95 -27.13
CA GLY B 208 9.03 38.60 -27.61
C GLY B 208 8.54 38.40 -29.02
N ILE B 209 7.65 39.26 -29.49
CA ILE B 209 7.21 39.17 -30.87
C ILE B 209 8.33 39.60 -31.80
N PHE B 210 8.94 40.74 -31.53
CA PHE B 210 9.89 41.32 -32.48
C PHE B 210 11.31 40.83 -32.28
N ALA B 211 11.66 40.30 -31.11
CA ALA B 211 12.85 39.47 -31.04
C ALA B 211 12.61 38.14 -31.72
N GLY B 212 11.38 37.65 -31.67
CA GLY B 212 11.02 36.49 -32.47
C GLY B 212 11.09 36.76 -33.95
N ILE B 213 10.79 37.99 -34.37
CA ILE B 213 10.98 38.38 -35.76
C ILE B 213 12.45 38.40 -36.10
N PHE B 214 13.28 38.95 -35.21
CA PHE B 214 14.72 38.99 -35.42
C PHE B 214 15.31 37.59 -35.49
N HIS B 215 14.95 36.74 -34.55
CA HIS B 215 15.51 35.40 -34.47
C HIS B 215 14.97 34.48 -35.56
N LEU B 216 13.93 34.91 -36.28
CA LEU B 216 13.45 34.18 -37.44
C LEU B 216 14.19 34.50 -38.71
N THR B 217 14.86 35.65 -38.79
CA THR B 217 15.42 36.13 -40.04
C THR B 217 16.94 36.18 -40.07
N VAL B 218 17.58 36.28 -38.91
CA VAL B 218 19.01 36.51 -38.84
C VAL B 218 19.69 35.25 -38.35
N ARG B 219 20.64 34.75 -39.13
CA ARG B 219 21.40 33.58 -38.74
C ARG B 219 22.39 33.97 -37.64
N PRO B 220 22.78 33.02 -36.79
CA PRO B 220 23.72 33.33 -35.72
C PRO B 220 25.10 33.63 -36.27
N PRO B 221 25.92 34.37 -35.53
CA PRO B 221 27.32 34.56 -35.91
C PRO B 221 28.07 33.24 -35.90
N GLN B 222 29.11 33.17 -36.73
CA GLN B 222 29.92 31.97 -36.79
C GLN B 222 30.66 31.74 -35.49
N ARG B 223 31.08 32.81 -34.83
CA ARG B 223 31.76 32.69 -33.55
C ARG B 223 30.82 32.21 -32.46
N LEU B 224 29.58 32.73 -32.44
CA LEU B 224 28.63 32.33 -31.41
C LEU B 224 28.07 30.95 -31.65
N TYR B 225 27.96 30.54 -32.91
CA TYR B 225 27.51 29.19 -33.22
C TYR B 225 28.49 28.15 -32.72
N ARG B 226 29.80 28.43 -32.87
CA ARG B 226 30.79 27.47 -32.43
C ARG B 226 31.01 27.54 -30.92
N ALA B 227 30.95 28.73 -30.34
CA ALA B 227 31.20 28.88 -28.92
C ALA B 227 30.07 28.29 -28.09
N LEU B 228 28.83 28.57 -28.47
CA LEU B 228 27.70 28.09 -27.71
C LEU B 228 27.20 26.74 -28.18
N ARG B 229 27.86 26.14 -29.17
CA ARG B 229 27.58 24.79 -29.68
C ARG B 229 26.14 24.65 -30.14
N MET B 230 25.75 25.52 -31.06
CA MET B 230 24.36 25.62 -31.45
C MET B 230 23.91 24.50 -32.38
N GLY B 231 24.80 23.61 -32.80
CA GLY B 231 24.38 22.39 -33.46
C GLY B 231 24.03 21.28 -32.51
N ASN B 232 24.39 21.43 -31.23
CA ASN B 232 24.12 20.43 -30.22
C ASN B 232 22.84 20.80 -29.49
N ILE B 233 21.90 19.85 -29.43
CA ILE B 233 20.63 20.14 -28.78
C ILE B 233 20.79 20.21 -27.26
N GLU B 234 21.87 19.66 -26.71
CA GLU B 234 22.08 19.78 -25.28
C GLU B 234 22.54 21.17 -24.85
N THR B 235 22.92 22.05 -25.78
CA THR B 235 23.15 23.44 -25.37
C THR B 235 21.84 24.13 -25.08
N VAL B 236 20.75 23.66 -25.68
CA VAL B 236 19.47 24.26 -25.43
C VAL B 236 18.93 23.78 -24.11
N LEU B 237 19.20 22.52 -23.77
CA LEU B 237 18.76 21.96 -22.51
C LEU B 237 19.47 22.63 -21.34
N SER B 238 20.73 22.99 -21.53
CA SER B 238 21.48 23.66 -20.48
C SER B 238 20.94 25.06 -20.21
N SER B 239 20.68 25.82 -21.26
CA SER B 239 20.22 27.18 -21.07
C SER B 239 18.74 27.25 -20.74
N SER B 240 17.95 26.26 -21.15
CA SER B 240 16.55 26.24 -20.74
C SER B 240 16.42 25.86 -19.28
N ILE B 241 17.27 24.97 -18.80
CA ILE B 241 17.26 24.61 -17.39
C ILE B 241 17.68 25.79 -16.55
N SER B 242 18.62 26.60 -17.05
CA SER B 242 19.04 27.80 -16.37
C SER B 242 17.92 28.84 -16.36
N ALA B 243 17.18 28.96 -17.44
CA ALA B 243 16.07 29.90 -17.49
C ALA B 243 14.90 29.48 -16.63
N VAL B 244 14.82 28.21 -16.28
CA VAL B 244 13.66 27.68 -15.58
C VAL B 244 13.94 27.61 -14.07
N PHE B 245 15.21 27.43 -13.67
CA PHE B 245 15.45 27.59 -12.24
C PHE B 245 15.52 29.06 -11.86
N PHE B 246 15.91 29.93 -12.79
CA PHE B 246 15.82 31.37 -12.55
C PHE B 246 14.39 31.76 -12.29
N ALA B 247 13.48 31.24 -13.11
CA ALA B 247 12.08 31.59 -12.98
C ALA B 247 11.46 30.96 -11.74
N ALA B 248 11.94 29.80 -11.32
CA ALA B 248 11.38 29.17 -10.13
C ALA B 248 11.90 29.81 -8.85
N PHE B 249 13.05 30.46 -8.88
CA PHE B 249 13.48 31.26 -7.74
C PHE B 249 12.65 32.53 -7.63
N VAL B 250 12.20 33.06 -8.76
CA VAL B 250 11.38 34.26 -8.78
C VAL B 250 9.99 33.96 -8.25
N THR B 251 9.39 32.86 -8.71
CA THR B 251 8.07 32.48 -8.24
C THR B 251 8.09 32.08 -6.77
N SER B 252 9.19 31.53 -6.28
CA SER B 252 9.31 31.27 -4.86
C SER B 252 9.47 32.54 -4.07
N GLY B 253 10.11 33.55 -4.65
CA GLY B 253 10.25 34.83 -3.98
C GLY B 253 8.94 35.57 -3.87
N THR B 254 8.23 35.72 -5.00
CA THR B 254 6.99 36.48 -4.98
C THR B 254 5.87 35.75 -4.25
N MET B 255 5.95 34.43 -4.14
CA MET B 255 4.99 33.73 -3.31
C MET B 255 5.27 33.96 -1.82
N TRP B 256 6.54 33.88 -1.43
CA TRP B 256 6.87 33.95 -0.02
C TRP B 256 6.81 35.39 0.50
N TYR B 257 7.23 36.35 -0.29
CA TYR B 257 7.18 37.74 0.14
C TYR B 257 5.85 38.38 -0.12
N GLY B 258 5.09 37.86 -1.08
CA GLY B 258 3.83 38.45 -1.44
C GLY B 258 3.96 39.32 -2.67
N ALA B 259 2.92 39.29 -3.51
CA ALA B 259 2.85 40.13 -4.69
C ALA B 259 1.38 40.28 -5.05
N ALA B 260 1.11 41.09 -6.07
CA ALA B 260 -0.23 41.13 -6.63
C ALA B 260 -0.59 39.83 -7.33
N ALA B 261 0.41 39.09 -7.79
CA ALA B 261 0.21 37.77 -8.38
C ALA B 261 -0.02 36.68 -7.35
N THR B 262 0.13 36.97 -6.06
CA THR B 262 -0.09 35.99 -5.00
C THR B 262 -0.98 36.62 -3.93
N PRO B 263 -2.29 36.66 -4.15
CA PRO B 263 -3.19 37.33 -3.20
C PRO B 263 -3.46 36.48 -1.99
N ILE B 264 -3.69 37.15 -0.85
CA ILE B 264 -3.84 36.43 0.40
C ILE B 264 -5.21 35.81 0.58
N GLU B 265 -6.18 36.13 -0.27
CA GLU B 265 -7.44 35.40 -0.23
C GLU B 265 -7.38 34.08 -0.95
N LEU B 266 -6.36 33.88 -1.78
CA LEU B 266 -6.18 32.61 -2.48
C LEU B 266 -5.07 31.77 -1.90
N PHE B 267 -4.00 32.38 -1.40
CA PHE B 267 -2.87 31.63 -0.90
C PHE B 267 -2.68 31.76 0.59
N GLY B 268 -3.37 32.67 1.24
CA GLY B 268 -3.20 32.89 2.64
C GLY B 268 -2.26 34.04 2.90
N PRO B 269 -2.17 34.48 4.15
CA PRO B 269 -1.25 35.56 4.49
C PRO B 269 0.19 35.09 4.42
N THR B 270 1.10 36.05 4.40
CA THR B 270 2.52 35.73 4.41
C THR B 270 3.04 35.70 5.83
N ARG B 271 4.27 35.23 5.99
CA ARG B 271 4.89 35.23 7.31
C ARG B 271 5.27 36.64 7.77
N TYR B 272 5.36 37.58 6.84
CA TYR B 272 5.80 38.92 7.15
C TYR B 272 4.65 39.81 7.58
N GLN B 273 3.42 39.40 7.30
CA GLN B 273 2.27 40.12 7.82
C GLN B 273 2.06 39.84 9.30
N TRP B 274 2.49 38.68 9.78
CA TRP B 274 2.43 38.39 11.20
C TRP B 274 3.57 39.05 11.96
N ASP B 275 4.76 39.08 11.36
CA ASP B 275 5.91 39.67 12.02
C ASP B 275 5.75 41.18 12.18
N SER B 276 5.32 41.86 11.12
CA SER B 276 5.16 43.30 11.18
C SER B 276 3.89 43.72 11.91
N GLY B 277 3.02 42.79 12.29
CA GLY B 277 1.76 43.14 12.89
C GLY B 277 0.83 43.81 11.92
N TYR B 278 0.76 43.31 10.69
CA TYR B 278 0.10 44.02 9.60
C TYR B 278 -1.40 44.05 9.79
N PHE B 279 -2.01 42.91 10.10
CA PHE B 279 -3.43 42.87 10.35
C PHE B 279 -3.79 43.37 11.74
N GLN B 280 -2.87 43.28 12.69
CA GLN B 280 -3.14 43.77 14.02
C GLN B 280 -3.20 45.29 14.05
N GLN B 281 -2.34 45.95 13.28
CA GLN B 281 -2.33 47.40 13.24
C GLN B 281 -3.57 47.94 12.54
N GLU B 282 -4.03 47.25 11.51
CA GLU B 282 -5.23 47.68 10.81
C GLU B 282 -6.48 47.45 11.65
N ILE B 283 -6.49 46.36 12.42
CA ILE B 283 -7.60 46.08 13.33
C ILE B 283 -7.68 47.15 14.42
N GLU B 284 -6.53 47.60 14.91
CA GLU B 284 -6.51 48.72 15.84
C GLU B 284 -6.97 50.01 15.16
N ARG B 285 -6.50 50.25 13.94
CA ARG B 285 -6.82 51.49 13.24
C ARG B 285 -8.29 51.59 12.90
N GLN B 286 -8.95 50.47 12.65
CA GLN B 286 -10.39 50.49 12.44
C GLN B 286 -11.13 50.70 13.75
N VAL B 287 -10.62 50.17 14.85
CA VAL B 287 -11.26 50.32 16.14
C VAL B 287 -11.15 51.75 16.64
N GLU B 288 -10.02 52.40 16.40
CA GLU B 288 -9.80 53.75 16.94
C GLU B 288 -10.59 54.80 16.16
N THR B 289 -10.85 54.57 14.88
CA THR B 289 -11.75 55.47 14.18
C THR B 289 -13.20 55.23 14.57
N SER B 290 -13.53 54.02 15.03
CA SER B 290 -14.89 53.77 15.48
C SER B 290 -15.15 54.34 16.87
N VAL B 291 -14.16 54.31 17.77
CA VAL B 291 -14.33 54.99 19.04
C VAL B 291 -14.16 56.50 18.90
N SER B 292 -13.62 56.96 17.77
CA SER B 292 -13.60 58.39 17.52
C SER B 292 -14.98 58.90 17.13
N GLU B 293 -15.76 58.10 16.41
CA GLU B 293 -17.10 58.51 16.03
C GLU B 293 -18.16 58.04 17.02
N GLY B 294 -17.88 58.25 18.31
CA GLY B 294 -18.87 58.08 19.36
C GLY B 294 -19.40 56.67 19.59
N LEU B 295 -18.59 55.65 19.33
CA LEU B 295 -18.98 54.29 19.66
C LEU B 295 -18.19 53.83 20.87
N SER B 296 -18.75 52.84 21.56
CA SER B 296 -18.09 52.26 22.72
C SER B 296 -16.95 51.35 22.28
N GLU B 297 -16.31 50.72 23.26
CA GLU B 297 -15.32 49.70 22.94
C GLU B 297 -16.01 48.45 22.38
N SER B 298 -17.15 48.07 22.96
CA SER B 298 -17.85 46.88 22.50
C SER B 298 -18.46 47.07 21.11
N GLN B 299 -18.86 48.30 20.77
CA GLN B 299 -19.43 48.54 19.45
C GLN B 299 -18.36 48.67 18.39
N ALA B 300 -17.19 49.19 18.77
CA ALA B 300 -16.08 49.30 17.83
C ALA B 300 -15.57 47.92 17.44
N TRP B 301 -15.37 47.05 18.43
CA TRP B 301 -14.81 45.74 18.16
C TRP B 301 -15.81 44.81 17.48
N SER B 302 -17.11 45.09 17.60
CA SER B 302 -18.09 44.31 16.87
C SER B 302 -18.17 44.70 15.40
N ARG B 303 -17.60 45.84 15.02
CA ARG B 303 -17.52 46.24 13.64
C ARG B 303 -16.38 45.57 12.89
N ILE B 304 -15.44 44.94 13.60
CA ILE B 304 -14.32 44.27 12.95
C ILE B 304 -14.83 43.01 12.24
N PRO B 305 -14.57 42.85 10.95
CA PRO B 305 -14.99 41.62 10.27
C PRO B 305 -14.20 40.43 10.76
N ASP B 306 -14.85 39.27 10.80
CA ASP B 306 -14.17 38.06 11.26
C ASP B 306 -13.13 37.59 10.26
N LYS B 307 -13.27 37.97 8.98
CA LYS B 307 -12.23 37.67 8.01
C LYS B 307 -10.96 38.45 8.31
N LEU B 308 -11.09 39.66 8.83
CA LEU B 308 -9.93 40.45 9.19
C LEU B 308 -9.28 39.92 10.46
N ALA B 309 -10.09 39.46 11.41
CA ALA B 309 -9.53 38.89 12.64
C ALA B 309 -8.92 37.53 12.40
N PHE B 310 -9.37 36.81 11.37
CA PHE B 310 -8.83 35.49 11.09
C PHE B 310 -7.43 35.57 10.52
N TYR B 311 -7.11 36.62 9.78
CA TYR B 311 -5.76 36.81 9.29
C TYR B 311 -4.77 37.11 10.41
N ASP B 312 -5.25 37.67 11.51
CA ASP B 312 -4.40 38.04 12.64
C ASP B 312 -4.33 36.93 13.68
N TYR B 313 -3.98 35.73 13.22
CA TYR B 313 -3.93 34.56 14.06
C TYR B 313 -2.79 33.70 13.55
N ILE B 314 -1.95 33.20 14.46
CA ILE B 314 -0.69 32.57 14.09
C ILE B 314 -0.87 31.21 13.44
N GLY B 315 -2.05 30.61 13.52
CA GLY B 315 -2.24 29.36 12.80
C GLY B 315 -2.39 29.54 11.31
N ASN B 316 -2.63 30.75 10.85
CA ASN B 316 -2.66 31.06 9.43
C ASN B 316 -1.31 31.55 8.92
N ASN B 317 -0.31 31.62 9.78
CA ASN B 317 1.05 31.91 9.36
C ASN B 317 1.60 30.72 8.57
N PRO B 318 2.14 30.94 7.37
CA PRO B 318 2.71 29.81 6.61
C PRO B 318 4.03 29.32 7.18
N ALA B 319 4.67 30.10 8.05
CA ALA B 319 5.91 29.69 8.70
C ALA B 319 5.68 29.05 10.06
N LYS B 320 4.53 28.41 10.26
CA LYS B 320 4.22 27.75 11.51
C LYS B 320 3.98 26.26 11.35
N GLY B 321 4.18 25.70 10.16
CA GLY B 321 3.91 24.31 9.92
C GLY B 321 5.11 23.42 10.13
N GLY B 322 5.04 22.24 9.55
CA GLY B 322 6.13 21.30 9.60
C GLY B 322 6.24 20.56 8.28
N LEU B 323 7.43 20.02 8.05
CA LEU B 323 7.73 19.35 6.79
C LEU B 323 6.89 18.09 6.60
N PHE B 324 6.55 17.41 7.69
CA PHE B 324 5.83 16.16 7.61
C PHE B 324 4.48 16.23 8.30
N ARG B 325 4.08 17.39 8.79
CA ARG B 325 2.71 17.63 9.19
C ARG B 325 1.89 17.76 7.93
N ALA B 326 1.26 16.66 7.52
CA ALA B 326 0.65 16.55 6.22
C ALA B 326 -0.79 17.04 6.23
N GLY B 327 -1.19 17.65 5.13
CA GLY B 327 -2.58 17.94 4.90
C GLY B 327 -2.95 19.41 4.98
N PRO B 328 -4.25 19.68 5.03
CA PRO B 328 -4.72 21.06 5.12
C PRO B 328 -4.39 21.69 6.47
N MET B 329 -4.55 23.01 6.52
CA MET B 329 -4.44 23.73 7.79
C MET B 329 -5.58 23.38 8.73
N ASN B 330 -6.73 22.97 8.20
CA ASN B 330 -7.82 22.53 9.06
C ASN B 330 -7.49 21.25 9.80
N LYS B 331 -6.56 20.45 9.27
CA LYS B 331 -6.11 19.26 9.95
C LYS B 331 -5.32 19.57 11.21
N GLY B 332 -4.79 20.79 11.33
CA GLY B 332 -4.09 21.15 12.53
C GLY B 332 -4.92 21.60 13.70
N ASP B 333 -5.58 22.74 13.58
CA ASP B 333 -6.31 23.34 14.68
C ASP B 333 -7.80 23.11 14.61
N GLY B 334 -8.30 22.62 13.49
CA GLY B 334 -9.71 22.45 13.27
C GLY B 334 -10.23 23.41 12.21
N ILE B 335 -11.51 23.31 11.94
CA ILE B 335 -12.17 24.23 11.03
C ILE B 335 -12.70 25.39 11.84
N ALA B 336 -12.32 26.61 11.44
CA ALA B 336 -12.70 27.80 12.18
C ALA B 336 -14.19 28.07 12.07
N GLU B 337 -14.80 28.41 13.20
CA GLU B 337 -16.24 28.57 13.28
C GLU B 337 -16.67 29.96 13.69
N ALA B 338 -16.07 30.54 14.72
CA ALA B 338 -16.52 31.84 15.20
C ALA B 338 -15.38 32.54 15.89
N TRP B 339 -15.35 33.87 15.74
CA TRP B 339 -14.41 34.69 16.47
C TRP B 339 -14.92 34.87 17.89
N LEU B 340 -14.05 34.59 18.86
CA LEU B 340 -14.45 34.71 20.26
C LEU B 340 -14.50 36.15 20.73
N GLY B 341 -13.90 37.06 19.98
CA GLY B 341 -13.79 38.44 20.39
C GLY B 341 -12.38 38.81 20.79
N HIS B 342 -12.21 40.09 21.05
CA HIS B 342 -10.89 40.59 21.40
C HIS B 342 -10.78 40.67 22.91
N PRO B 343 -9.89 39.91 23.54
CA PRO B 343 -9.70 40.05 24.98
C PRO B 343 -8.90 41.30 25.32
N ILE B 344 -9.32 41.98 26.38
CA ILE B 344 -8.56 43.08 26.96
C ILE B 344 -8.26 42.71 28.39
N PHE B 345 -6.99 42.59 28.72
CA PHE B 345 -6.56 42.18 30.04
C PHE B 345 -6.25 43.41 30.88
N ARG B 346 -6.84 43.47 32.06
CA ARG B 346 -6.58 44.53 33.01
C ARG B 346 -6.30 43.93 34.37
N ASP B 347 -5.36 44.51 35.08
CA ASP B 347 -5.16 44.17 36.48
C ASP B 347 -5.99 45.12 37.36
N LYS B 348 -5.71 45.09 38.66
CA LYS B 348 -6.59 45.71 39.65
C LYS B 348 -6.62 47.23 39.56
N GLU B 349 -5.50 47.86 39.23
CA GLU B 349 -5.49 49.31 39.08
C GLU B 349 -6.17 49.79 37.80
N GLY B 350 -6.22 48.99 36.74
CA GLY B 350 -7.06 49.26 35.61
C GLY B 350 -6.38 49.49 34.29
N ARG B 351 -5.06 49.58 34.20
CA ARG B 351 -4.47 49.82 32.89
C ARG B 351 -4.42 48.52 32.10
N GLU B 352 -4.49 48.66 30.78
CA GLU B 352 -4.62 47.51 29.89
C GLU B 352 -3.30 46.78 29.76
N LEU B 353 -3.34 45.46 29.96
CA LEU B 353 -2.22 44.59 29.69
C LEU B 353 -2.46 43.85 28.39
N THR B 354 -1.40 43.61 27.65
CA THR B 354 -1.47 42.82 26.42
C THR B 354 -0.53 41.64 26.51
N VAL B 355 -0.99 40.49 26.04
CA VAL B 355 -0.16 39.30 26.00
C VAL B 355 0.82 39.45 24.84
N ARG B 356 2.10 39.24 25.14
CA ARG B 356 3.13 39.26 24.11
C ARG B 356 2.93 38.09 23.16
N ARG B 357 2.81 38.39 21.87
CA ARG B 357 2.46 37.37 20.90
C ARG B 357 3.65 36.47 20.61
N MET B 358 3.34 35.24 20.23
CA MET B 358 4.37 34.27 19.93
C MET B 358 5.02 34.62 18.59
N PRO B 359 6.34 34.73 18.53
CA PRO B 359 7.00 34.88 17.24
C PRO B 359 7.01 33.57 16.48
N ALA B 360 7.22 33.65 15.17
CA ALA B 360 7.12 32.47 14.32
C ALA B 360 8.29 31.51 14.48
N PHE B 361 9.40 31.92 15.12
CA PHE B 361 10.48 30.98 15.41
C PHE B 361 10.07 29.95 16.45
N PHE B 362 9.18 30.32 17.35
CA PHE B 362 9.02 29.61 18.60
C PHE B 362 7.90 28.59 18.47
N GLU B 363 8.21 27.32 18.72
CA GLU B 363 7.16 26.33 18.85
C GLU B 363 6.41 26.53 20.16
N THR B 364 7.14 26.76 21.24
CA THR B 364 6.57 27.11 22.53
C THR B 364 7.04 28.50 22.92
N PHE B 365 6.22 29.17 23.73
CA PHE B 365 6.53 30.53 24.13
C PHE B 365 5.92 30.79 25.49
N PRO B 366 6.62 31.49 26.39
CA PRO B 366 6.06 31.77 27.71
C PRO B 366 4.96 32.82 27.64
N VAL B 367 3.93 32.60 28.44
CA VAL B 367 2.78 33.51 28.47
C VAL B 367 3.14 34.69 29.37
N ILE B 368 3.17 35.88 28.79
CA ILE B 368 3.68 37.08 29.45
C ILE B 368 2.79 38.25 29.09
N LEU B 369 2.37 39.01 30.11
CA LEU B 369 1.52 40.18 29.93
C LEU B 369 2.34 41.44 30.20
N VAL B 370 2.35 42.35 29.24
CA VAL B 370 3.06 43.60 29.39
C VAL B 370 2.06 44.75 29.29
N ASP B 371 2.46 45.90 29.82
CA ASP B 371 1.64 47.09 29.68
C ASP B 371 2.06 47.84 28.41
N LYS B 372 1.62 49.09 28.29
CA LYS B 372 1.95 49.89 27.11
C LYS B 372 3.42 50.25 27.03
N ASP B 373 4.15 50.19 28.14
CA ASP B 373 5.57 50.48 28.16
C ASP B 373 6.42 49.23 27.97
N GLY B 374 5.79 48.07 27.78
CA GLY B 374 6.52 46.83 27.66
C GLY B 374 7.03 46.24 28.96
N ILE B 375 6.73 46.87 30.08
CA ILE B 375 7.16 46.37 31.39
C ILE B 375 6.33 45.15 31.74
N ILE B 376 6.98 44.12 32.29
CA ILE B 376 6.29 42.90 32.69
C ILE B 376 5.40 43.20 33.87
N ARG B 377 4.12 42.88 33.75
CA ARG B 377 3.19 43.03 34.86
C ARG B 377 2.61 41.72 35.34
N ALA B 378 2.43 40.75 34.46
CA ALA B 378 1.89 39.46 34.85
C ALA B 378 2.42 38.40 33.91
N ASP B 379 2.44 37.16 34.38
CA ASP B 379 2.79 36.03 33.54
C ASP B 379 2.18 34.76 34.11
N ILE B 380 2.51 33.63 33.48
CA ILE B 380 2.19 32.31 33.98
C ILE B 380 3.50 31.63 34.34
N PRO B 381 3.84 31.48 35.62
CA PRO B 381 5.19 31.04 35.99
C PRO B 381 5.39 29.55 35.81
N PHE B 382 6.58 29.20 35.30
CA PHE B 382 7.03 27.82 35.31
C PHE B 382 7.22 27.32 36.73
N ARG B 383 8.14 27.95 37.46
CA ARG B 383 8.31 27.69 38.88
C ARG B 383 7.41 28.63 39.67
N ARG B 384 6.66 28.06 40.61
CA ARG B 384 5.61 28.79 41.30
C ARG B 384 6.00 29.31 42.67
N ALA B 385 7.22 29.00 43.14
CA ALA B 385 7.53 29.21 44.56
C ALA B 385 7.81 30.67 44.89
N GLU B 386 8.88 31.25 44.34
CA GLU B 386 9.16 32.66 44.56
C GLU B 386 8.65 33.51 43.40
N SER B 387 7.52 33.10 42.84
CA SER B 387 6.88 33.84 41.76
C SER B 387 6.30 35.14 42.28
N LYS B 388 6.51 36.22 41.53
CA LYS B 388 5.99 37.52 41.94
C LYS B 388 5.08 38.19 40.92
N TYR B 389 5.04 37.71 39.69
CA TYR B 389 4.18 38.28 38.65
C TYR B 389 3.14 37.28 38.20
N SER B 390 2.70 36.41 39.10
CA SER B 390 1.65 35.49 38.72
C SER B 390 0.31 36.22 38.63
N ILE B 391 -0.63 35.63 37.90
CA ILE B 391 -1.92 36.28 37.67
C ILE B 391 -2.76 36.28 38.94
N GLU B 392 -2.54 35.31 39.84
CA GLU B 392 -3.23 35.34 41.12
C GLU B 392 -2.76 36.47 42.02
N GLN B 393 -1.49 36.86 41.94
CA GLN B 393 -1.01 37.98 42.74
C GLN B 393 -1.51 39.31 42.19
N VAL B 394 -1.26 39.54 40.90
CA VAL B 394 -1.57 40.82 40.27
C VAL B 394 -3.07 41.02 40.12
N GLY B 395 -3.85 39.95 40.03
CA GLY B 395 -5.28 40.08 39.94
C GLY B 395 -5.73 40.57 38.58
N VAL B 396 -5.33 39.86 37.55
CA VAL B 396 -5.65 40.25 36.18
C VAL B 396 -7.06 39.77 35.85
N THR B 397 -7.88 40.66 35.31
CA THR B 397 -9.17 40.32 34.77
C THR B 397 -9.15 40.54 33.26
N VAL B 398 -10.05 39.86 32.57
CA VAL B 398 -10.11 39.95 31.12
C VAL B 398 -11.52 40.32 30.70
N ASP B 399 -11.63 41.34 29.86
CA ASP B 399 -12.88 41.75 29.24
C ASP B 399 -12.79 41.45 27.76
N PHE B 400 -13.84 40.86 27.21
CA PHE B 400 -13.88 40.62 25.78
C PHE B 400 -14.71 41.71 25.11
N TYR B 401 -14.44 41.93 23.83
CA TYR B 401 -15.10 42.95 23.05
C TYR B 401 -15.26 42.44 21.63
N GLY B 402 -16.47 42.49 21.12
CA GLY B 402 -16.76 41.91 19.83
C GLY B 402 -16.84 40.39 19.91
N GLY B 403 -17.07 39.78 18.76
CA GLY B 403 -17.08 38.33 18.70
C GLY B 403 -18.30 37.73 19.37
N LYS B 404 -18.14 36.50 19.86
CA LYS B 404 -19.23 35.77 20.47
C LYS B 404 -19.24 35.88 21.99
N LEU B 405 -18.18 36.43 22.58
CA LEU B 405 -18.13 36.66 24.03
C LEU B 405 -18.22 38.14 24.34
N ASN B 406 -19.09 38.86 23.61
CA ASN B 406 -18.92 40.30 23.40
C ASN B 406 -19.06 41.11 24.68
N GLY B 407 -20.12 40.90 25.43
CA GLY B 407 -20.11 41.50 26.75
C GLY B 407 -19.97 40.45 27.82
N GLN B 408 -18.74 40.25 28.30
CA GLN B 408 -18.44 39.16 29.22
C GLN B 408 -17.13 39.47 29.92
N THR B 409 -17.16 39.37 31.24
CA THR B 409 -16.00 39.66 32.08
C THR B 409 -15.63 38.41 32.84
N PHE B 410 -14.34 38.11 32.89
CA PHE B 410 -13.81 36.99 33.66
C PHE B 410 -12.81 37.53 34.65
N LYS B 411 -13.02 37.24 35.93
CA LYS B 411 -12.17 37.77 36.99
C LYS B 411 -11.43 36.70 37.77
N ASP B 412 -11.91 35.46 37.77
CA ASP B 412 -11.20 34.40 38.48
C ASP B 412 -9.97 33.99 37.68
N ALA B 413 -8.84 33.91 38.38
CA ALA B 413 -7.57 33.60 37.74
C ALA B 413 -7.46 32.26 37.01
N PRO B 414 -8.23 31.20 37.31
CA PRO B 414 -8.19 30.03 36.41
C PRO B 414 -8.62 30.31 34.98
N THR B 415 -9.71 31.04 34.76
CA THR B 415 -10.14 31.29 33.39
C THR B 415 -9.41 32.46 32.75
N VAL B 416 -8.82 33.36 33.53
CA VAL B 416 -7.98 34.40 32.96
C VAL B 416 -6.70 33.79 32.42
N LYS B 417 -6.17 32.78 33.11
CA LYS B 417 -4.98 32.08 32.63
C LYS B 417 -5.29 31.25 31.40
N LYS B 418 -6.50 30.75 31.27
CA LYS B 418 -6.87 30.02 30.06
C LYS B 418 -6.98 30.93 28.86
N PHE B 419 -7.41 32.18 29.07
CA PHE B 419 -7.52 33.13 27.97
C PHE B 419 -6.21 33.81 27.66
N ALA B 420 -5.27 33.87 28.61
CA ALA B 420 -3.96 34.43 28.31
C ALA B 420 -3.14 33.48 27.46
N ARG B 421 -3.40 32.18 27.56
CA ARG B 421 -2.65 31.21 26.76
C ARG B 421 -3.06 31.26 25.30
N LYS B 422 -4.33 31.52 25.03
CA LYS B 422 -4.77 31.61 23.64
C LYS B 422 -4.62 33.00 23.06
N ALA B 423 -4.38 34.02 23.88
CA ALA B 423 -4.19 35.37 23.37
C ALA B 423 -2.79 35.60 22.82
N GLN B 424 -1.84 34.72 23.11
CA GLN B 424 -0.52 34.84 22.53
C GLN B 424 -0.44 34.26 21.13
N LEU B 425 -1.51 33.63 20.66
CA LEU B 425 -1.63 33.16 19.29
C LEU B 425 -2.40 34.14 18.41
N GLY B 426 -2.60 35.36 18.89
CA GLY B 426 -3.34 36.36 18.12
C GLY B 426 -4.81 36.37 18.46
N GLU B 427 -5.65 36.61 17.45
CA GLU B 427 -7.09 36.63 17.68
C GLU B 427 -7.61 35.21 17.88
N VAL B 428 -8.48 35.05 18.87
CA VAL B 428 -8.91 33.75 19.34
C VAL B 428 -10.18 33.35 18.60
N PHE B 429 -10.19 32.15 18.05
CA PHE B 429 -11.33 31.64 17.31
C PHE B 429 -11.78 30.32 17.90
N GLU B 430 -13.06 30.03 17.75
CA GLU B 430 -13.62 28.74 18.11
C GLU B 430 -13.46 27.82 16.91
N PHE B 431 -12.89 26.64 17.14
CA PHE B 431 -12.62 25.69 16.07
C PHE B 431 -13.44 24.43 16.25
N ASP B 432 -13.53 23.68 15.17
CA ASP B 432 -14.17 22.37 15.15
C ASP B 432 -13.07 21.35 14.86
N ARG B 433 -12.54 20.71 15.90
CA ARG B 433 -11.44 19.78 15.75
C ARG B 433 -11.89 18.33 15.70
N THR B 434 -13.16 18.08 15.37
CA THR B 434 -13.68 16.74 15.26
C THR B 434 -14.09 16.33 13.86
N SER B 435 -14.22 17.27 12.92
CA SER B 435 -14.56 16.87 11.56
C SER B 435 -13.37 16.22 10.87
N LEU B 436 -12.20 16.85 10.94
CA LEU B 436 -10.99 16.29 10.38
C LEU B 436 -10.18 15.51 11.39
N GLU B 437 -10.67 15.42 12.64
CA GLU B 437 -9.98 14.82 13.78
C GLU B 437 -8.59 15.45 13.96
N SER B 438 -8.60 16.74 14.23
CA SER B 438 -7.39 17.55 14.21
C SER B 438 -6.48 17.22 15.38
N ASP B 439 -5.17 17.22 15.12
CA ASP B 439 -4.21 16.76 16.11
C ASP B 439 -3.76 17.85 17.08
N GLY B 440 -3.64 19.08 16.61
CA GLY B 440 -3.30 20.16 17.51
C GLY B 440 -1.97 20.82 17.22
N VAL B 441 -1.40 20.57 16.05
CA VAL B 441 -0.16 21.19 15.63
C VAL B 441 -0.38 21.86 14.29
N PHE B 442 0.15 23.07 14.14
CA PHE B 442 -0.15 23.90 12.98
C PHE B 442 0.46 23.33 11.70
N ARG B 443 -0.29 23.42 10.61
CA ARG B 443 0.23 23.11 9.29
C ARG B 443 0.59 24.37 8.53
N SER B 444 1.26 24.18 7.41
CA SER B 444 1.62 25.28 6.54
C SER B 444 0.52 25.51 5.50
N SER B 445 0.53 26.71 4.95
CA SER B 445 -0.43 27.12 3.95
C SER B 445 0.04 26.64 2.58
N PRO B 446 -0.81 26.71 1.55
CA PRO B 446 -0.32 26.49 0.18
C PRO B 446 0.74 27.48 -0.27
N ARG B 447 0.77 28.67 0.31
CA ARG B 447 1.85 29.61 0.03
C ARG B 447 3.18 29.07 0.54
N GLY B 448 3.18 28.46 1.72
CA GLY B 448 4.39 27.86 2.24
C GLY B 448 4.79 26.61 1.49
N TRP B 449 3.83 25.84 1.01
CA TRP B 449 4.16 24.61 0.31
C TRP B 449 4.71 24.89 -1.08
N TYR B 450 4.16 25.89 -1.77
CA TYR B 450 4.66 26.28 -3.08
C TYR B 450 6.12 26.69 -3.01
N THR B 451 6.46 27.50 -2.01
CA THR B 451 7.83 27.97 -1.86
C THR B 451 8.77 26.83 -1.50
N TYR B 452 8.28 25.82 -0.79
CA TYR B 452 9.11 24.67 -0.49
C TYR B 452 9.46 23.89 -1.74
N GLY B 453 8.46 23.56 -2.55
CA GLY B 453 8.70 22.76 -3.73
C GLY B 453 9.54 23.49 -4.75
N HIS B 454 9.19 24.74 -5.02
CA HIS B 454 9.81 25.43 -6.14
C HIS B 454 11.16 26.04 -5.79
N ALA B 455 11.48 26.26 -4.52
CA ALA B 455 12.84 26.63 -4.19
C ALA B 455 13.75 25.42 -4.03
N ASN B 456 13.19 24.25 -3.75
CA ASN B 456 13.99 23.04 -3.77
C ASN B 456 14.15 22.48 -5.17
N PHE B 457 13.14 22.66 -6.01
CA PHE B 457 13.29 22.28 -7.41
C PHE B 457 14.29 23.18 -8.11
N ALA B 458 14.28 24.48 -7.80
CA ALA B 458 15.21 25.41 -8.44
C ALA B 458 16.64 25.13 -8.02
N LEU B 459 16.86 24.67 -6.79
CA LEU B 459 18.19 24.30 -6.36
C LEU B 459 18.67 23.04 -7.07
N LEU B 460 17.81 22.03 -7.17
CA LEU B 460 18.15 20.82 -7.90
C LEU B 460 18.32 21.08 -9.38
N PHE B 461 17.60 22.05 -9.93
CA PHE B 461 17.76 22.37 -11.32
C PHE B 461 19.02 23.18 -11.59
N PHE B 462 19.59 23.80 -10.57
CA PHE B 462 20.87 24.45 -10.77
C PHE B 462 21.97 23.43 -11.03
N PHE B 463 21.89 22.26 -10.38
CA PHE B 463 22.84 21.19 -10.68
C PHE B 463 22.65 20.67 -12.09
N GLY B 464 21.41 20.60 -12.56
CA GLY B 464 21.16 20.17 -13.93
C GLY B 464 21.67 21.14 -14.96
N HIS B 465 21.74 22.42 -14.61
CA HIS B 465 22.36 23.39 -15.50
C HIS B 465 23.87 23.17 -15.58
N LEU B 466 24.49 22.86 -14.45
CA LEU B 466 25.93 22.62 -14.43
C LEU B 466 26.27 21.31 -15.13
N TRP B 467 25.43 20.29 -14.95
CA TRP B 467 25.69 19.01 -15.58
C TRP B 467 25.51 19.09 -17.08
N HIS B 468 24.36 19.56 -17.53
CA HIS B 468 24.09 19.57 -18.96
C HIS B 468 24.86 20.66 -19.69
N GLY B 469 25.30 21.70 -18.97
CA GLY B 469 26.18 22.68 -19.58
C GLY B 469 27.58 22.18 -19.72
N GLY B 470 28.08 21.49 -18.69
CA GLY B 470 29.36 20.83 -18.80
C GLY B 470 29.34 19.69 -19.80
N ARG B 471 28.19 19.07 -20.00
CA ARG B 471 28.11 18.02 -21.00
C ARG B 471 28.07 18.58 -22.42
N THR B 472 27.72 19.85 -22.58
CA THR B 472 27.67 20.44 -23.91
C THR B 472 29.06 20.88 -24.37
N ILE B 473 29.74 21.65 -23.52
CA ILE B 473 31.03 22.22 -23.87
C ILE B 473 32.08 21.12 -24.01
N PHE B 474 31.96 20.07 -23.23
CA PHE B 474 32.98 19.04 -23.13
C PHE B 474 32.56 17.77 -23.86
N ARG B 475 31.73 17.91 -24.89
CA ARG B 475 31.09 16.77 -25.54
C ARG B 475 32.09 15.82 -26.19
N ASP B 476 33.21 16.36 -26.67
CA ASP B 476 34.21 15.54 -27.33
C ASP B 476 35.08 14.73 -26.38
N VAL B 477 34.91 14.84 -25.06
CA VAL B 477 35.73 14.06 -24.15
C VAL B 477 34.91 13.32 -23.10
N PHE B 478 33.62 13.08 -23.36
CA PHE B 478 32.83 12.42 -22.33
C PHE B 478 32.86 10.91 -22.38
N THR B 479 33.56 10.31 -23.34
CA THR B 479 33.91 8.91 -23.24
C THR B 479 35.30 8.71 -22.66
N GLY B 480 35.91 9.78 -22.16
CA GLY B 480 37.28 9.78 -21.73
C GLY B 480 38.13 10.70 -22.58
N ILE B 481 39.38 10.83 -22.18
CA ILE B 481 40.33 11.68 -22.89
C ILE B 481 41.34 10.80 -23.59
N GLY B 482 42.05 11.39 -24.53
CA GLY B 482 43.12 10.69 -25.22
C GLY B 482 44.40 10.74 -24.41
N ALA B 483 45.16 9.65 -24.48
CA ALA B 483 46.46 9.60 -23.84
C ALA B 483 47.54 10.28 -24.66
N GLU B 484 47.22 10.78 -25.85
CA GLU B 484 48.17 11.49 -26.69
C GLU B 484 47.60 12.84 -27.10
N ILE C 1 79.08 10.56 5.55
CA ILE C 1 77.70 10.48 5.97
C ILE C 1 77.12 9.09 5.71
N ALA C 2 77.96 8.07 5.86
CA ALA C 2 77.51 6.69 5.69
C ALA C 2 76.58 6.31 6.84
N GLY C 3 75.39 5.85 6.49
CA GLY C 3 74.38 5.56 7.48
C GLY C 3 73.60 6.75 7.95
N ARG C 4 73.74 7.90 7.31
CA ARG C 4 73.12 9.13 7.78
C ARG C 4 72.36 9.85 6.66
N ASP C 5 72.10 9.16 5.55
CA ASP C 5 71.29 9.70 4.48
C ASP C 5 70.38 8.61 3.97
N ILE C 6 69.45 8.98 3.08
CA ILE C 6 68.47 8.01 2.60
C ILE C 6 69.08 7.02 1.61
N GLU C 7 70.18 7.38 0.97
CA GLU C 7 70.79 6.50 -0.02
C GLU C 7 71.53 5.33 0.63
N SER C 8 71.98 5.47 1.87
CA SER C 8 72.64 4.36 2.55
C SER C 8 71.71 3.58 3.46
N THR C 9 70.63 4.19 3.93
CA THR C 9 69.76 3.56 4.90
C THR C 9 68.41 3.15 4.34
N GLY C 10 67.91 3.88 3.35
CA GLY C 10 66.57 3.65 2.87
C GLY C 10 65.50 4.34 3.68
N PHE C 11 65.87 5.09 4.71
CA PHE C 11 64.95 5.81 5.55
C PHE C 11 65.10 7.29 5.30
N ALA C 12 63.96 7.99 5.23
CA ALA C 12 63.97 9.43 5.06
C ALA C 12 64.33 10.10 6.37
N TRP C 13 64.41 11.43 6.34
CA TRP C 13 64.77 12.17 7.55
C TRP C 13 63.68 12.11 8.60
N TRP C 14 62.43 11.99 8.19
CA TRP C 14 61.35 12.00 9.17
C TRP C 14 61.21 10.66 9.86
N SER C 15 61.56 9.57 9.21
CA SER C 15 61.83 8.31 9.91
C SER C 15 63.31 8.10 10.12
N GLY C 16 63.96 9.09 10.73
CA GLY C 16 65.40 9.12 10.73
C GLY C 16 66.04 8.41 11.90
N ASN C 17 65.30 8.25 12.98
CA ASN C 17 65.80 7.46 14.09
C ASN C 17 65.69 5.97 13.82
N ALA C 18 65.01 5.58 12.76
CA ALA C 18 65.01 4.20 12.28
C ALA C 18 66.33 3.79 11.67
N ARG C 19 67.23 4.74 11.41
CA ARG C 19 68.60 4.41 11.03
C ARG C 19 69.43 3.91 12.21
N LEU C 20 68.91 4.03 13.43
CA LEU C 20 69.63 3.62 14.62
C LEU C 20 69.31 2.20 15.04
N ILE C 21 68.54 1.47 14.24
CA ILE C 21 68.07 0.15 14.66
C ILE C 21 69.22 -0.84 14.78
N ASN C 22 70.18 -0.77 13.86
CA ASN C 22 71.25 -1.75 13.83
C ASN C 22 72.62 -1.18 14.19
N VAL C 23 72.69 0.05 14.67
CA VAL C 23 73.92 0.61 15.23
C VAL C 23 73.72 0.80 16.73
N SER C 24 74.31 -0.11 17.51
CA SER C 24 74.00 -0.23 18.91
C SER C 24 74.63 0.85 19.78
N GLY C 25 75.76 1.41 19.36
CA GLY C 25 76.41 2.42 20.16
C GLY C 25 75.71 3.76 20.06
N LYS C 26 75.28 4.11 18.85
CA LYS C 26 74.50 5.33 18.68
C LYS C 26 73.11 5.17 19.27
N LEU C 27 72.54 3.98 19.20
CA LEU C 27 71.25 3.73 19.82
C LEU C 27 71.32 3.81 21.33
N LEU C 28 72.47 3.45 21.90
CA LEU C 28 72.71 3.65 23.32
C LEU C 28 72.69 5.13 23.65
N GLY C 29 73.35 5.94 22.83
CA GLY C 29 73.43 7.37 23.08
C GLY C 29 72.11 8.09 22.91
N ALA C 30 71.23 7.58 22.05
CA ALA C 30 69.89 8.13 21.93
C ALA C 30 69.09 7.90 23.19
N HIS C 31 69.30 6.78 23.86
CA HIS C 31 68.48 6.43 24.99
C HIS C 31 68.94 7.11 26.27
N VAL C 32 70.23 7.36 26.42
CA VAL C 32 70.70 8.03 27.62
C VAL C 32 70.55 9.55 27.47
N ALA C 33 70.56 10.06 26.24
CA ALA C 33 70.23 11.47 26.04
C ALA C 33 68.74 11.73 26.26
N HIS C 34 67.88 10.79 25.87
CA HIS C 34 66.47 10.94 26.19
C HIS C 34 66.22 10.72 27.67
N ALA C 35 67.00 9.84 28.29
CA ALA C 35 66.94 9.71 29.74
C ALA C 35 67.37 11.01 30.40
N GLY C 36 68.35 11.70 29.82
CA GLY C 36 68.74 13.00 30.33
C GLY C 36 67.66 14.04 30.20
N LEU C 37 66.79 13.92 29.19
CA LEU C 37 65.70 14.87 29.02
C LEU C 37 64.63 14.69 30.08
N MET C 38 64.29 13.45 30.41
CA MET C 38 63.27 13.21 31.42
C MET C 38 63.74 13.60 32.81
N VAL C 39 65.04 13.40 33.10
CA VAL C 39 65.58 13.82 34.38
C VAL C 39 65.72 15.34 34.41
N PHE C 40 65.98 15.95 33.26
CA PHE C 40 65.98 17.40 33.14
C PHE C 40 64.63 17.98 33.49
N TRP C 41 63.57 17.42 32.89
CA TRP C 41 62.23 17.96 33.13
C TRP C 41 61.81 17.75 34.56
N ALA C 42 62.18 16.62 35.17
CA ALA C 42 61.87 16.38 36.56
C ALA C 42 62.54 17.40 37.46
N GLY C 43 63.78 17.77 37.14
CA GLY C 43 64.44 18.82 37.90
C GLY C 43 63.86 20.18 37.63
N ALA C 44 63.67 20.51 36.34
CA ALA C 44 63.27 21.85 35.96
C ALA C 44 61.82 22.15 36.33
N MET C 45 60.94 21.17 36.21
CA MET C 45 59.53 21.44 36.46
C MET C 45 59.26 21.62 37.95
N VAL C 46 59.93 20.85 38.80
CA VAL C 46 59.65 20.98 40.22
C VAL C 46 60.37 22.19 40.80
N LEU C 47 61.41 22.69 40.14
CA LEU C 47 61.98 23.97 40.54
C LEU C 47 61.08 25.12 40.16
N PHE C 48 60.43 25.00 38.99
CA PHE C 48 59.37 25.92 38.59
C PHE C 48 58.24 25.91 39.60
N GLU C 49 57.85 24.74 40.08
CA GLU C 49 56.76 24.64 41.04
C GLU C 49 57.16 25.12 42.42
N VAL C 50 58.43 24.94 42.80
CA VAL C 50 58.91 25.51 44.06
C VAL C 50 58.95 27.03 43.97
N SER C 51 59.41 27.56 42.84
CA SER C 51 59.51 28.99 42.64
C SER C 51 58.15 29.67 42.60
N HIS C 52 57.14 29.02 42.03
CA HIS C 52 55.81 29.59 41.93
C HIS C 52 54.93 29.22 43.11
N PHE C 53 55.49 28.61 44.15
CA PHE C 53 54.70 28.16 45.29
C PHE C 53 54.32 29.32 46.19
N VAL C 54 53.08 29.32 46.64
CA VAL C 54 52.61 30.27 47.64
C VAL C 54 52.03 29.47 48.80
N PRO C 55 52.20 29.91 50.05
CA PRO C 55 51.69 29.11 51.18
C PRO C 55 50.21 29.25 51.42
N GLU C 56 49.56 30.27 50.85
CA GLU C 56 48.16 30.52 51.14
C GLU C 56 47.23 29.57 50.41
N LYS C 57 47.64 29.08 49.35
CA LYS C 57 46.76 28.19 48.60
C LYS C 57 47.15 26.74 48.84
N PRO C 58 46.22 25.81 48.71
CA PRO C 58 46.59 24.40 48.68
C PRO C 58 47.38 24.08 47.42
N THR C 59 48.10 22.97 47.48
CA THR C 59 48.99 22.62 46.38
C THR C 59 48.25 22.13 45.14
N TYR C 60 46.98 21.78 45.26
CA TYR C 60 46.20 21.46 44.08
C TYR C 60 45.59 22.68 43.42
N GLU C 61 45.58 23.82 44.11
CA GLU C 61 45.08 25.05 43.52
C GLU C 61 46.14 25.84 42.79
N GLN C 62 47.39 25.38 42.82
CA GLN C 62 48.49 26.11 42.23
C GLN C 62 48.97 25.50 40.93
N GLY C 63 48.29 24.49 40.43
CA GLY C 63 48.65 23.88 39.17
C GLY C 63 49.90 23.03 39.25
N PHE C 64 50.08 22.33 40.36
CA PHE C 64 51.28 21.53 40.57
C PHE C 64 50.96 20.06 40.36
N ILE C 65 51.93 19.33 39.85
CA ILE C 65 51.81 17.88 39.74
C ILE C 65 52.98 17.13 40.34
N LEU C 66 54.12 17.77 40.57
CA LEU C 66 55.32 17.07 40.98
C LEU C 66 55.60 17.16 42.46
N ILE C 67 55.27 18.29 43.11
CA ILE C 67 55.54 18.36 44.53
C ILE C 67 54.54 17.55 45.33
N GLN C 68 53.41 17.18 44.73
CA GLN C 68 52.49 16.28 45.40
C GLN C 68 52.96 14.85 45.34
N HIS C 69 53.80 14.51 44.37
CA HIS C 69 54.44 13.20 44.37
C HIS C 69 55.50 13.11 45.45
N LEU C 70 56.19 14.21 45.73
CA LEU C 70 57.17 14.23 46.79
C LEU C 70 56.52 14.35 48.16
N ALA C 71 55.37 15.02 48.24
CA ALA C 71 54.65 15.10 49.50
C ALA C 71 54.02 13.77 49.88
N THR C 72 53.62 12.98 48.90
CA THR C 72 53.13 11.64 49.19
C THR C 72 54.26 10.74 49.69
N LEU C 73 55.49 11.00 49.22
CA LEU C 73 56.65 10.31 49.76
C LEU C 73 56.99 10.73 51.17
N GLY C 74 56.49 11.88 51.62
CA GLY C 74 56.66 12.29 52.99
C GLY C 74 57.53 13.50 53.22
N TYR C 75 57.96 14.19 52.16
CA TYR C 75 58.81 15.36 52.30
C TYR C 75 57.99 16.61 52.44
N GLY C 76 58.38 17.46 53.39
CA GLY C 76 57.82 18.79 53.55
C GLY C 76 56.35 18.89 53.86
N ILE C 77 55.75 17.79 54.29
CA ILE C 77 54.30 17.68 54.43
C ILE C 77 53.97 17.48 55.90
N GLY C 78 52.88 18.11 56.35
CA GLY C 78 52.44 18.03 57.71
C GLY C 78 51.08 17.37 57.84
N PRO C 79 50.41 17.58 58.97
CA PRO C 79 49.11 16.93 59.18
C PRO C 79 48.02 17.54 58.31
N GLY C 80 47.24 16.67 57.69
CA GLY C 80 46.10 17.10 56.91
C GLY C 80 46.43 17.71 55.57
N GLY C 81 47.65 17.55 55.08
CA GLY C 81 48.05 18.15 53.82
C GLY C 81 48.76 19.47 53.94
N GLU C 82 49.14 19.87 55.14
CA GLU C 82 49.93 21.08 55.36
C GLU C 82 51.30 20.91 54.72
N ILE C 83 51.67 21.79 53.80
CA ILE C 83 53.02 21.79 53.27
C ILE C 83 53.84 22.77 54.09
N THR C 84 54.93 22.29 54.66
CA THR C 84 55.65 23.04 55.68
C THR C 84 56.92 23.71 55.17
N SER C 85 57.71 23.05 54.32
CA SER C 85 59.07 23.50 54.08
C SER C 85 59.33 23.97 52.65
N THR C 86 59.09 23.11 51.65
CA THR C 86 59.47 23.22 50.23
C THR C 86 60.98 23.27 49.98
N VAL C 87 61.79 23.17 51.01
CA VAL C 87 63.24 22.96 50.85
C VAL C 87 63.56 21.52 50.45
N PRO C 88 62.87 20.47 50.93
CA PRO C 88 63.09 19.16 50.31
C PRO C 88 62.63 19.06 48.87
N TYR C 89 61.62 19.81 48.45
CA TYR C 89 61.21 19.77 47.06
C TYR C 89 62.22 20.48 46.17
N PHE C 90 62.86 21.52 46.71
CA PHE C 90 63.91 22.21 45.98
C PHE C 90 65.11 21.30 45.77
N ALA C 91 65.44 20.48 46.77
CA ALA C 91 66.64 19.67 46.69
C ALA C 91 66.50 18.56 45.66
N VAL C 92 65.33 17.90 45.63
CA VAL C 92 65.04 16.84 44.68
C VAL C 92 65.20 17.33 43.24
N GLY C 93 64.78 18.56 42.99
CA GLY C 93 64.93 19.12 41.66
C GLY C 93 66.35 19.48 41.31
N VAL C 94 67.16 19.85 42.31
CA VAL C 94 68.56 20.17 42.02
C VAL C 94 69.34 18.90 41.72
N ILE C 95 69.05 17.80 42.43
CA ILE C 95 69.71 16.53 42.11
C ILE C 95 69.30 16.05 40.73
N HIS C 96 68.01 16.12 40.41
CA HIS C 96 67.56 15.74 39.08
C HIS C 96 68.04 16.72 38.00
N LEU C 97 68.25 17.99 38.31
CA LEU C 97 68.76 18.89 37.28
C LEU C 97 70.26 18.76 37.07
N ILE C 98 71.03 18.51 38.13
CA ILE C 98 72.47 18.33 37.99
C ILE C 98 72.77 17.01 37.30
N SER C 99 72.00 15.97 37.61
CA SER C 99 72.24 14.66 37.03
C SER C 99 71.92 14.58 35.55
N SER C 100 71.08 15.49 35.05
CA SER C 100 70.77 15.48 33.64
C SER C 100 71.92 15.98 32.79
N ALA C 101 72.86 16.72 33.38
CA ALA C 101 74.05 17.11 32.65
C ALA C 101 75.01 15.94 32.47
N ILE C 102 75.01 15.01 33.43
CA ILE C 102 75.84 13.81 33.29
C ILE C 102 75.22 12.86 32.29
N LEU C 103 73.92 12.65 32.38
CA LEU C 103 73.21 11.86 31.38
C LEU C 103 73.17 12.55 30.04
N GLY C 104 73.17 13.88 30.03
CA GLY C 104 73.20 14.60 28.77
C GLY C 104 74.56 14.59 28.12
N PHE C 105 75.62 14.46 28.91
CA PHE C 105 76.95 14.33 28.32
C PHE C 105 77.14 12.94 27.74
N GLY C 106 76.80 11.91 28.50
CA GLY C 106 76.91 10.55 28.02
C GLY C 106 75.97 10.23 26.89
N GLY C 107 74.89 10.99 26.76
CA GLY C 107 74.05 10.93 25.60
C GLY C 107 74.77 11.40 24.37
N ILE C 108 75.29 12.63 24.41
CA ILE C 108 75.98 13.17 23.24
C ILE C 108 77.38 12.62 23.07
N TYR C 109 77.94 11.96 24.08
CA TYR C 109 79.18 11.23 23.86
C TYR C 109 78.93 10.01 22.99
N HIS C 110 78.04 9.12 23.44
CA HIS C 110 77.77 7.89 22.73
C HIS C 110 77.05 8.11 21.41
N SER C 111 76.43 9.28 21.22
CA SER C 111 75.73 9.56 19.97
C SER C 111 76.64 10.15 18.91
N LEU C 112 77.55 11.03 19.28
CA LEU C 112 78.37 11.76 18.32
C LEU C 112 79.80 11.28 18.23
N LEU C 113 80.36 10.73 19.30
CA LEU C 113 81.78 10.43 19.32
C LEU C 113 82.08 8.97 19.62
N GLY C 114 81.29 8.29 20.44
CA GLY C 114 81.55 6.91 20.80
C GLY C 114 81.40 5.96 19.63
N PRO C 115 81.74 4.70 19.84
CA PRO C 115 81.69 3.72 18.75
C PRO C 115 80.24 3.45 18.33
N ASP C 116 80.03 3.38 17.02
CA ASP C 116 78.67 3.29 16.51
C ASP C 116 78.07 1.91 16.75
N THR C 117 78.90 0.88 16.76
CA THR C 117 78.47 -0.46 17.14
C THR C 117 79.32 -0.93 18.29
N LEU C 118 78.69 -1.54 19.28
CA LEU C 118 79.40 -2.01 20.47
C LEU C 118 79.88 -3.45 20.35
N GLU C 119 79.51 -4.15 19.27
CA GLU C 119 79.72 -5.60 19.21
C GLU C 119 81.18 -5.96 19.03
N GLU C 120 81.97 -5.09 18.41
CA GLU C 120 83.33 -5.46 18.05
C GLU C 120 84.28 -5.28 19.22
N SER C 121 84.16 -4.17 19.95
CA SER C 121 85.13 -3.83 20.98
C SER C 121 84.59 -3.86 22.40
N PHE C 122 83.28 -3.98 22.58
CA PHE C 122 82.67 -4.07 23.91
C PHE C 122 81.68 -5.22 23.91
N PRO C 123 82.17 -6.46 23.99
CA PRO C 123 81.29 -7.63 23.78
C PRO C 123 80.28 -7.85 24.89
N PHE C 124 80.50 -7.30 26.07
CA PHE C 124 79.50 -7.39 27.12
C PHE C 124 78.30 -6.51 26.80
N PHE C 125 78.55 -5.37 26.16
CA PHE C 125 77.48 -4.43 25.86
C PHE C 125 76.95 -4.57 24.44
N GLY C 126 77.68 -5.26 23.56
CA GLY C 126 77.19 -5.47 22.22
C GLY C 126 76.06 -6.48 22.20
N TYR C 127 75.23 -6.39 21.16
CA TYR C 127 74.10 -7.28 21.04
C TYR C 127 73.67 -7.33 19.59
N ASP C 128 73.23 -8.49 19.16
CA ASP C 128 72.36 -8.61 18.00
C ASP C 128 70.94 -8.68 18.51
N TRP C 129 70.00 -8.15 17.73
CA TRP C 129 68.60 -8.21 18.14
C TRP C 129 68.08 -9.64 18.11
N ARG C 130 68.63 -10.48 17.24
CA ARG C 130 68.18 -11.86 17.11
C ARG C 130 68.80 -12.78 18.16
N ASP C 131 69.72 -12.30 18.97
CA ASP C 131 70.31 -13.10 20.04
C ASP C 131 69.32 -13.15 21.18
N LYS C 132 68.59 -14.26 21.28
CA LYS C 132 67.56 -14.40 22.29
C LYS C 132 68.14 -14.54 23.68
N ASN C 133 69.37 -15.06 23.82
CA ASN C 133 69.98 -15.18 25.13
C ASN C 133 70.48 -13.84 25.64
N LYS C 134 71.05 -13.02 24.76
CA LYS C 134 71.56 -11.72 25.17
C LYS C 134 70.41 -10.77 25.50
N MET C 135 69.31 -10.86 24.75
CA MET C 135 68.20 -9.95 24.97
C MET C 135 67.46 -10.24 26.28
N THR C 136 67.41 -11.50 26.70
CA THR C 136 66.87 -11.80 28.01
C THR C 136 67.81 -11.40 29.14
N THR C 137 69.10 -11.23 28.86
CA THR C 137 70.02 -10.75 29.88
C THR C 137 69.82 -9.26 30.14
N ILE C 138 69.63 -8.48 29.08
CA ILE C 138 69.36 -7.05 29.25
C ILE C 138 68.01 -6.86 29.93
N LEU C 139 67.03 -7.69 29.58
CA LEU C 139 65.73 -7.65 30.24
C LEU C 139 65.85 -8.05 31.69
N GLY C 140 66.72 -9.01 31.99
CA GLY C 140 66.86 -9.47 33.36
C GLY C 140 67.60 -8.51 34.24
N ILE C 141 68.62 -7.84 33.68
CA ILE C 141 69.39 -6.86 34.44
C ILE C 141 68.51 -5.67 34.81
N HIS C 142 67.74 -5.20 33.84
CA HIS C 142 66.86 -4.06 34.08
C HIS C 142 65.62 -4.46 34.89
N LEU C 143 65.32 -5.75 34.99
CA LEU C 143 64.25 -6.19 35.88
C LEU C 143 64.70 -6.17 37.33
N CYS C 144 65.96 -6.50 37.60
CA CYS C 144 66.46 -6.44 38.97
C CYS C 144 66.54 -5.02 39.48
N LEU C 145 66.80 -4.06 38.60
CA LEU C 145 66.84 -2.66 39.01
C LEU C 145 65.45 -2.14 39.30
N LEU C 146 64.44 -2.63 38.59
CA LEU C 146 63.07 -2.26 38.92
C LEU C 146 62.64 -2.91 40.23
N GLY C 147 63.16 -4.08 40.54
CA GLY C 147 62.89 -4.67 41.83
C GLY C 147 63.60 -3.94 42.95
N LEU C 148 64.81 -3.44 42.68
CA LEU C 148 65.53 -2.65 43.67
C LEU C 148 64.87 -1.30 43.89
N GLY C 149 64.32 -0.71 42.83
CA GLY C 149 63.62 0.54 42.98
C GLY C 149 62.29 0.40 43.68
N SER C 150 61.64 -0.76 43.52
CA SER C 150 60.40 -1.00 44.24
C SER C 150 60.67 -1.25 45.72
N PHE C 151 61.85 -1.75 46.05
CA PHE C 151 62.25 -1.90 47.44
C PHE C 151 62.70 -0.60 48.06
N LEU C 152 63.07 0.40 47.25
CA LEU C 152 63.41 1.71 47.78
C LEU C 152 62.18 2.40 48.36
N LEU C 153 61.03 2.23 47.72
CA LEU C 153 59.79 2.77 48.27
C LEU C 153 59.42 2.05 49.56
N VAL C 154 59.70 0.76 49.64
CA VAL C 154 59.48 0.00 50.86
C VAL C 154 60.42 0.46 51.96
N ILE C 155 61.68 0.73 51.61
CA ILE C 155 62.64 1.23 52.58
C ILE C 155 62.27 2.64 53.03
N LYS C 156 61.79 3.47 52.10
CA LYS C 156 61.34 4.82 52.43
C LYS C 156 60.15 4.79 53.37
N ALA C 157 59.21 3.87 53.16
CA ALA C 157 58.00 3.84 53.95
C ALA C 157 58.17 3.15 55.29
N MET C 158 59.08 2.18 55.39
CA MET C 158 59.24 1.44 56.62
C MET C 158 60.37 1.93 57.49
N TYR C 159 61.42 2.51 56.92
CA TYR C 159 62.61 2.86 57.70
C TYR C 159 63.03 4.31 57.56
N LEU C 160 62.99 4.89 56.37
CA LEU C 160 63.51 6.24 56.15
C LEU C 160 62.38 7.26 56.07
N GLY C 161 61.81 7.57 57.23
CA GLY C 161 60.87 8.66 57.36
C GLY C 161 59.41 8.28 57.22
N GLY C 162 59.10 7.26 56.43
CA GLY C 162 57.72 6.91 56.19
C GLY C 162 57.15 7.68 55.03
N VAL C 163 55.89 7.38 54.73
CA VAL C 163 55.17 8.04 53.66
C VAL C 163 53.93 8.70 54.23
N TYR C 164 53.37 9.62 53.47
CA TYR C 164 52.14 10.27 53.87
C TYR C 164 50.98 9.29 53.76
N ASP C 165 50.31 9.06 54.88
CA ASP C 165 49.13 8.20 54.93
C ASP C 165 47.93 9.10 55.20
N THR C 166 47.07 9.26 54.20
CA THR C 166 45.85 10.05 54.35
C THR C 166 44.81 9.35 55.19
N TRP C 167 45.02 8.08 55.52
CA TRP C 167 44.10 7.27 56.31
C TRP C 167 44.53 7.17 57.75
N ALA C 168 45.52 7.95 58.17
CA ALA C 168 46.16 7.75 59.45
C ALA C 168 45.21 8.17 60.57
N PRO C 169 45.24 7.46 61.71
CA PRO C 169 44.46 7.92 62.86
C PRO C 169 45.07 9.19 63.42
N GLY C 170 44.21 10.08 63.88
CA GLY C 170 44.69 11.36 64.32
C GLY C 170 44.68 12.42 63.24
N GLY C 171 44.33 12.06 62.01
CA GLY C 171 44.48 12.96 60.89
C GLY C 171 45.48 12.37 59.91
N GLY C 172 45.42 12.77 58.64
CA GLY C 172 46.38 12.27 57.68
C GLY C 172 47.74 12.86 57.93
N ASP C 173 48.77 12.02 57.91
CA ASP C 173 50.11 12.47 58.27
C ASP C 173 51.14 11.50 57.71
N VAL C 174 52.41 11.87 57.84
CA VAL C 174 53.51 10.96 57.55
C VAL C 174 53.56 9.88 58.61
N ARG C 175 53.73 8.65 58.19
CA ARG C 175 53.60 7.51 59.08
C ARG C 175 54.53 6.42 58.61
N TYR C 176 55.26 5.81 59.54
CA TYR C 176 55.98 4.60 59.22
C TYR C 176 55.01 3.46 59.01
N ILE C 177 55.11 2.78 57.88
CA ILE C 177 54.27 1.63 57.60
C ILE C 177 54.95 0.42 58.24
N THR C 178 54.44 -0.01 59.38
CA THR C 178 55.15 -1.02 60.16
C THR C 178 54.73 -2.42 59.78
N THR C 179 53.46 -2.61 59.41
CA THR C 179 52.93 -3.93 59.10
C THR C 179 52.36 -3.90 57.68
N PRO C 180 53.21 -4.04 56.66
CA PRO C 180 52.68 -4.11 55.29
C PRO C 180 51.98 -5.44 55.06
N THR C 181 50.97 -5.40 54.21
CA THR C 181 50.16 -6.59 53.95
C THR C 181 50.91 -7.50 52.99
N LEU C 182 51.33 -8.65 53.48
CA LEU C 182 52.10 -9.59 52.68
C LEU C 182 51.28 -10.77 52.21
N ASN C 183 50.01 -10.84 52.56
CA ASN C 183 49.15 -11.95 52.18
C ASN C 183 48.90 -11.93 50.68
N PRO C 184 49.27 -12.98 49.94
CA PRO C 184 49.13 -12.93 48.49
C PRO C 184 47.69 -13.00 48.01
N ILE C 185 46.75 -13.46 48.83
CA ILE C 185 45.35 -13.42 48.42
C ILE C 185 44.84 -11.99 48.45
N VAL C 186 45.32 -11.19 49.41
CA VAL C 186 44.96 -9.78 49.43
C VAL C 186 45.67 -9.03 48.32
N ILE C 187 46.97 -9.29 48.16
CA ILE C 187 47.79 -8.49 47.25
C ILE C 187 47.44 -8.80 45.80
N PHE C 188 47.37 -10.07 45.44
CA PHE C 188 46.98 -10.43 44.09
C PHE C 188 45.48 -10.42 43.90
N GLY C 189 44.73 -10.20 44.97
CA GLY C 189 43.31 -9.92 44.84
C GLY C 189 43.02 -8.59 44.21
N TYR C 190 43.99 -7.69 44.17
CA TYR C 190 43.86 -6.49 43.37
C TYR C 190 44.16 -6.78 41.90
N VAL C 191 45.07 -7.70 41.63
CA VAL C 191 45.46 -7.93 40.25
C VAL C 191 44.42 -8.77 39.51
N PHE C 192 43.68 -9.62 40.21
CA PHE C 192 42.76 -10.54 39.55
C PHE C 192 41.30 -10.21 39.80
N ARG C 193 41.01 -9.02 40.31
CA ARG C 193 39.63 -8.62 40.46
C ARG C 193 39.15 -7.92 39.20
N SER C 194 37.86 -7.64 39.17
CA SER C 194 37.22 -6.99 38.03
C SER C 194 37.71 -5.54 37.91
N PRO C 195 37.76 -5.00 36.69
CA PRO C 195 38.06 -3.58 36.53
C PRO C 195 36.88 -2.65 36.73
N PHE C 196 35.68 -3.17 36.97
CA PHE C 196 34.48 -2.36 36.90
C PHE C 196 34.17 -1.72 38.24
N GLY C 197 32.98 -1.14 38.35
CA GLY C 197 32.63 -0.37 39.54
C GLY C 197 32.46 -1.26 40.75
N GLY C 198 32.90 -0.75 41.89
CA GLY C 198 32.95 -1.50 43.14
C GLY C 198 34.21 -2.32 43.27
N ASP C 199 34.71 -2.86 42.16
CA ASP C 199 35.93 -3.65 42.15
C ASP C 199 37.15 -2.79 41.83
N GLY C 200 37.18 -2.19 40.64
CA GLY C 200 38.16 -1.17 40.30
C GLY C 200 39.61 -1.60 40.29
N TRP C 201 40.00 -2.40 39.30
CA TRP C 201 40.97 -3.49 39.37
C TRP C 201 42.16 -3.28 40.30
N VAL C 202 43.06 -2.39 39.91
CA VAL C 202 44.28 -2.17 40.68
C VAL C 202 44.29 -0.78 41.28
N VAL C 203 43.36 0.08 40.87
CA VAL C 203 43.20 1.42 41.38
C VAL C 203 42.60 1.42 42.76
N SER C 204 41.84 0.39 43.11
CA SER C 204 41.09 0.37 44.35
C SER C 204 41.91 -0.02 45.56
N VAL C 205 43.23 0.09 45.53
CA VAL C 205 44.02 -0.11 46.74
C VAL C 205 43.77 1.08 47.67
N ASN C 206 43.31 0.78 48.88
CA ASN C 206 42.71 1.79 49.73
C ASN C 206 43.45 2.06 51.02
N ASN C 207 44.57 1.41 51.28
CA ASN C 207 45.36 1.70 52.45
C ASN C 207 46.83 1.54 52.10
N MET C 208 47.68 2.19 52.89
CA MET C 208 49.10 2.19 52.60
C MET C 208 49.78 0.88 52.95
N GLU C 209 49.14 0.05 53.77
CA GLU C 209 49.72 -1.26 54.06
C GLU C 209 49.58 -2.20 52.88
N ASP C 210 48.58 -2.00 52.04
CA ASP C 210 48.49 -2.76 50.80
C ASP C 210 49.37 -2.17 49.71
N VAL C 211 49.66 -0.88 49.77
CA VAL C 211 50.55 -0.26 48.80
C VAL C 211 51.97 -0.74 49.00
N ILE C 212 52.43 -0.75 50.26
CA ILE C 212 53.81 -1.08 50.54
C ILE C 212 54.02 -2.58 50.49
N GLY C 213 53.02 -3.35 50.91
CA GLY C 213 53.07 -4.79 50.73
C GLY C 213 53.00 -5.22 49.29
N GLY C 214 52.39 -4.41 48.43
CA GLY C 214 52.41 -4.71 47.01
C GLY C 214 53.77 -4.45 46.40
N HIS C 215 54.45 -3.41 46.87
CA HIS C 215 55.79 -3.10 46.34
C HIS C 215 56.84 -4.04 46.89
N ILE C 216 56.56 -4.75 47.98
CA ILE C 216 57.43 -5.85 48.40
C ILE C 216 57.31 -7.00 47.41
N TRP C 217 56.08 -7.36 47.06
CA TRP C 217 55.83 -8.43 46.11
C TRP C 217 56.34 -8.08 44.73
N VAL C 218 56.18 -6.83 44.30
CA VAL C 218 56.71 -6.39 43.02
C VAL C 218 58.23 -6.38 43.06
N GLY C 219 58.81 -5.98 44.20
CA GLY C 219 60.25 -6.11 44.37
C GLY C 219 60.72 -7.54 44.39
N ILE C 220 59.92 -8.44 44.96
CA ILE C 220 60.28 -9.85 44.97
C ILE C 220 60.16 -10.44 43.57
N LEU C 221 59.06 -10.15 42.87
CA LEU C 221 58.81 -10.74 41.56
C LEU C 221 59.81 -10.24 40.52
N CYS C 222 60.11 -8.94 40.53
CA CYS C 222 61.03 -8.39 39.54
C CYS C 222 62.46 -8.87 39.76
N ILE C 223 62.83 -9.13 41.01
CA ILE C 223 64.18 -9.62 41.27
C ILE C 223 64.27 -11.11 40.94
N THR C 224 63.26 -11.90 41.30
CA THR C 224 63.30 -13.31 40.94
C THR C 224 63.03 -13.50 39.45
N GLY C 225 62.35 -12.55 38.83
CA GLY C 225 62.18 -12.58 37.40
C GLY C 225 63.36 -12.03 36.64
N GLY C 226 64.13 -11.17 37.28
CA GLY C 226 65.35 -10.69 36.66
C GLY C 226 66.43 -11.75 36.65
N ILE C 227 66.60 -12.45 37.77
CA ILE C 227 67.54 -13.56 37.84
C ILE C 227 67.10 -14.70 36.92
N TRP C 228 65.79 -14.89 36.79
CA TRP C 228 65.28 -15.91 35.87
C TRP C 228 65.64 -15.58 34.43
N HIS C 229 65.49 -14.33 34.02
CA HIS C 229 65.76 -14.02 32.63
C HIS C 229 67.25 -13.85 32.35
N ILE C 230 68.06 -13.56 33.38
CA ILE C 230 69.50 -13.55 33.22
C ILE C 230 70.03 -14.96 33.00
N PHE C 231 69.47 -15.93 33.73
CA PHE C 231 70.00 -17.27 33.77
C PHE C 231 69.55 -18.11 32.60
N THR C 232 68.35 -17.86 32.10
CA THR C 232 67.72 -18.77 31.15
C THR C 232 67.64 -18.14 29.76
N LYS C 233 67.11 -18.93 28.85
CA LYS C 233 66.87 -18.68 27.45
C LYS C 233 65.38 -18.92 27.23
N PRO C 234 64.75 -18.20 26.30
CA PRO C 234 63.30 -18.37 26.09
C PRO C 234 62.93 -19.78 25.67
N PHE C 235 61.83 -20.27 26.22
CA PHE C 235 61.31 -21.60 25.95
C PHE C 235 60.86 -21.71 24.50
N ALA C 236 60.65 -22.96 24.07
CA ALA C 236 60.32 -23.23 22.67
C ALA C 236 58.96 -22.66 22.29
N TRP C 237 58.02 -22.58 23.23
CA TRP C 237 56.76 -21.94 22.91
C TRP C 237 56.90 -20.44 22.80
N ALA C 238 57.84 -19.85 23.54
CA ALA C 238 58.10 -18.43 23.41
C ALA C 238 58.81 -18.11 22.10
N ARG C 239 59.70 -19.00 21.66
CA ARG C 239 60.44 -18.75 20.44
C ARG C 239 59.58 -18.91 19.20
N ARG C 240 58.51 -19.68 19.28
CA ARG C 240 57.60 -19.81 18.15
C ARG C 240 56.64 -18.65 18.05
N ALA C 241 56.41 -17.93 19.14
CA ALA C 241 55.32 -16.96 19.20
C ALA C 241 55.75 -15.54 18.96
N PHE C 242 56.99 -15.19 19.22
CA PHE C 242 57.42 -13.81 19.12
C PHE C 242 58.22 -13.58 17.85
N VAL C 243 58.37 -12.32 17.51
CA VAL C 243 59.28 -11.87 16.48
C VAL C 243 60.53 -11.35 17.18
N TRP C 244 61.69 -11.85 16.77
CA TRP C 244 62.93 -11.53 17.45
C TRP C 244 63.68 -10.49 16.63
N SER C 245 63.22 -9.26 16.73
CA SER C 245 63.82 -8.12 16.07
C SER C 245 63.71 -6.91 16.99
N GLY C 246 64.45 -5.87 16.66
CA GLY C 246 64.48 -4.68 17.50
C GLY C 246 63.18 -3.91 17.49
N GLU C 247 62.53 -3.82 16.33
CA GLU C 247 61.26 -3.13 16.26
C GLU C 247 60.15 -3.94 16.91
N ALA C 248 60.29 -5.26 16.95
CA ALA C 248 59.30 -6.07 17.64
C ALA C 248 59.38 -5.87 19.13
N TYR C 249 60.58 -5.74 19.67
CA TYR C 249 60.72 -5.53 21.11
C TYR C 249 60.23 -4.15 21.49
N LEU C 250 60.35 -3.19 20.58
CA LEU C 250 59.80 -1.86 20.81
C LEU C 250 58.29 -1.93 20.91
N SER C 251 57.65 -2.68 20.03
CA SER C 251 56.20 -2.73 20.02
C SER C 251 55.64 -3.53 21.18
N TYR C 252 56.44 -4.39 21.79
CA TYR C 252 56.00 -5.07 23.00
C TYR C 252 55.99 -4.12 24.17
N SER C 253 56.98 -3.24 24.24
CA SER C 253 57.02 -2.23 25.29
C SER C 253 55.97 -1.16 25.06
N LEU C 254 55.65 -0.87 23.80
CA LEU C 254 54.64 0.15 23.51
C LEU C 254 53.27 -0.30 23.95
N ALA C 255 52.98 -1.59 23.82
CA ALA C 255 51.73 -2.13 24.31
C ALA C 255 51.71 -2.15 25.83
N ALA C 256 52.84 -2.45 26.46
CA ALA C 256 52.88 -2.53 27.90
C ALA C 256 52.84 -1.15 28.54
N ILE C 257 53.54 -0.18 27.96
CA ILE C 257 53.56 1.15 28.52
C ILE C 257 52.26 1.90 28.22
N SER C 258 51.49 1.44 27.23
CA SER C 258 50.18 2.01 27.01
C SER C 258 49.19 1.52 28.03
N LEU C 259 49.31 0.26 28.44
CA LEU C 259 48.46 -0.28 29.48
C LEU C 259 48.76 0.36 30.83
N MET C 260 50.04 0.69 31.08
CA MET C 260 50.39 1.38 32.30
C MET C 260 49.92 2.84 32.28
N GLY C 261 49.91 3.46 31.11
CA GLY C 261 49.48 4.84 31.03
C GLY C 261 47.99 5.02 31.25
N PHE C 262 47.19 4.07 30.76
CA PHE C 262 45.76 4.07 31.07
C PHE C 262 45.52 3.81 32.54
N THR C 263 46.38 3.02 33.17
CA THR C 263 46.23 2.68 34.56
C THR C 263 46.62 3.85 35.46
N ALA C 264 47.69 4.54 35.12
CA ALA C 264 48.12 5.69 35.92
C ALA C 264 47.14 6.85 35.80
N ALA C 265 46.45 6.95 34.67
CA ALA C 265 45.44 7.98 34.50
C ALA C 265 44.28 7.73 35.46
N LEU C 266 43.80 6.50 35.53
CA LEU C 266 42.67 6.20 36.41
C LEU C 266 43.07 6.11 37.87
N TYR C 267 44.35 5.91 38.17
CA TYR C 267 44.89 6.19 39.49
C TYR C 267 44.63 7.63 39.89
N SER C 268 44.99 8.56 39.01
CA SER C 268 44.81 9.98 39.28
C SER C 268 43.35 10.34 39.43
N TRP C 269 42.48 9.69 38.68
CA TRP C 269 41.08 10.07 38.69
C TRP C 269 40.31 9.48 39.85
N TYR C 270 40.66 8.28 40.30
CA TYR C 270 39.83 7.54 41.24
C TYR C 270 40.46 7.33 42.60
N ASN C 271 41.76 7.09 42.66
CA ASN C 271 42.41 6.72 43.90
C ASN C 271 42.70 7.96 44.73
N ASN C 272 42.34 7.92 46.01
CA ASN C 272 42.69 8.99 46.95
C ASN C 272 43.55 8.47 48.09
N THR C 273 44.21 7.33 47.91
CA THR C 273 45.14 6.80 48.89
C THR C 273 46.58 7.08 48.50
N ALA C 274 47.00 6.62 47.33
CA ALA C 274 48.29 6.98 46.78
C ALA C 274 48.28 8.37 46.17
N TYR C 275 47.10 8.93 45.94
CA TYR C 275 46.94 10.30 45.45
C TYR C 275 46.04 11.03 46.43
N PRO C 276 46.56 11.47 47.58
CA PRO C 276 45.70 12.03 48.63
C PRO C 276 45.03 13.32 48.20
N SER C 277 43.78 13.48 48.61
CA SER C 277 42.96 14.59 48.13
C SER C 277 43.37 15.91 48.74
N GLU C 278 44.15 15.90 49.83
CA GLU C 278 44.72 17.13 50.33
C GLU C 278 45.83 17.65 49.46
N LEU C 279 46.36 16.81 48.57
CA LEU C 279 47.43 17.18 47.66
C LEU C 279 46.97 17.34 46.23
N TYR C 280 46.09 16.46 45.76
CA TYR C 280 45.67 16.45 44.38
C TYR C 280 44.28 17.04 44.18
N GLY C 281 43.62 17.46 45.24
CA GLY C 281 42.24 17.84 45.16
C GLY C 281 41.36 16.63 45.25
N PRO C 282 40.05 16.85 45.39
CA PRO C 282 39.13 15.72 45.46
C PRO C 282 39.03 14.99 44.13
N THR C 283 38.69 13.72 44.21
CA THR C 283 38.41 13.00 43.00
C THR C 283 37.04 13.42 42.46
N GLY C 284 36.77 13.01 41.23
CA GLY C 284 35.46 13.12 40.63
C GLY C 284 34.33 12.56 41.47
N PRO C 285 34.45 11.31 41.91
CA PRO C 285 33.49 10.80 42.90
C PRO C 285 33.49 11.56 44.22
N GLU C 286 34.64 12.05 44.67
CA GLU C 286 34.72 12.66 46.00
C GLU C 286 34.03 14.00 46.05
N ALA C 287 34.08 14.76 44.96
CA ALA C 287 33.57 16.11 44.98
C ALA C 287 32.05 16.15 44.93
N SER C 288 31.42 15.15 44.32
CA SER C 288 29.96 15.18 44.27
C SER C 288 29.34 14.61 45.52
N GLN C 289 30.05 13.70 46.20
CA GLN C 289 29.62 13.29 47.53
C GLN C 289 29.82 14.40 48.54
N ALA C 290 30.83 15.26 48.33
CA ALA C 290 31.03 16.41 49.20
C ALA C 290 29.92 17.42 49.05
N GLN C 291 29.29 17.47 47.89
CA GLN C 291 28.16 18.36 47.70
C GLN C 291 26.91 17.83 48.39
N ALA C 292 26.66 16.53 48.25
CA ALA C 292 25.51 15.92 48.92
C ALA C 292 25.68 15.91 50.43
N PHE C 293 26.93 15.88 50.91
CA PHE C 293 27.18 16.01 52.33
C PHE C 293 26.98 17.43 52.82
N THR C 294 27.31 18.43 52.00
CA THR C 294 27.23 19.82 52.40
C THR C 294 25.78 20.26 52.59
N PHE C 295 24.92 19.91 51.65
CA PHE C 295 23.53 20.30 51.75
C PHE C 295 22.73 19.39 52.66
N LEU C 296 23.28 18.24 53.05
CA LEU C 296 22.71 17.49 54.16
C LEU C 296 22.94 18.22 55.47
N VAL C 297 24.17 18.74 55.65
CA VAL C 297 24.50 19.48 56.86
C VAL C 297 23.79 20.84 56.88
N ARG C 298 23.62 21.45 55.71
CA ARG C 298 22.93 22.73 55.60
C ARG C 298 21.47 22.60 56.02
N ASP C 299 20.82 21.54 55.57
CA ASP C 299 19.40 21.38 55.80
C ASP C 299 19.06 20.72 57.13
N GLN C 300 19.99 19.95 57.70
CA GLN C 300 19.77 19.40 59.03
C GLN C 300 19.85 20.47 60.10
N ARG C 301 20.64 21.52 59.87
CA ARG C 301 20.66 22.65 60.79
C ARG C 301 19.36 23.43 60.76
N LEU C 302 18.67 23.43 59.61
CA LEU C 302 17.36 24.04 59.49
C LEU C 302 16.24 23.16 60.03
N GLY C 303 16.56 22.01 60.59
CA GLY C 303 15.59 21.17 61.22
C GLY C 303 14.98 20.09 60.35
N ALA C 304 15.53 19.85 59.16
CA ALA C 304 15.06 18.74 58.36
C ALA C 304 15.52 17.43 58.98
N ASN C 305 14.60 16.49 59.06
CA ASN C 305 14.95 15.11 59.39
C ASN C 305 15.40 14.47 58.09
N VAL C 306 16.71 14.46 57.86
CA VAL C 306 17.24 14.18 56.53
C VAL C 306 17.12 12.73 56.11
N SER C 307 16.84 11.82 57.03
CA SER C 307 16.69 10.43 56.66
C SER C 307 15.31 10.14 56.07
N SER C 308 14.33 11.00 56.32
CA SER C 308 12.97 10.80 55.84
C SER C 308 12.58 11.80 54.76
N ALA C 309 13.50 12.64 54.31
CA ALA C 309 13.17 13.73 53.39
C ALA C 309 13.06 13.17 51.99
N GLN C 310 11.85 13.18 51.44
CA GLN C 310 11.60 12.62 50.11
C GLN C 310 12.04 13.59 49.05
N GLY C 311 12.68 13.07 48.01
CA GLY C 311 13.07 13.88 46.89
C GLY C 311 11.92 14.10 45.93
N PRO C 312 12.23 14.75 44.80
CA PRO C 312 11.17 14.97 43.80
C PRO C 312 10.69 13.71 43.13
N THR C 313 11.56 12.73 42.95
CA THR C 313 11.23 11.49 42.28
C THR C 313 10.66 10.44 43.21
N GLY C 314 10.75 10.64 44.52
CA GLY C 314 10.35 9.66 45.49
C GLY C 314 11.49 8.92 46.15
N LEU C 315 12.71 9.10 45.66
CA LEU C 315 13.87 8.55 46.33
C LEU C 315 14.33 9.51 47.43
N GLY C 316 15.40 9.13 48.12
CA GLY C 316 15.92 9.97 49.18
C GLY C 316 16.57 11.23 48.63
N LYS C 317 16.20 12.38 49.17
CA LYS C 317 16.85 13.62 48.78
C LYS C 317 18.28 13.67 49.27
N TYR C 318 18.53 13.23 50.49
CA TYR C 318 19.86 13.20 51.06
C TYR C 318 20.39 11.78 51.24
N LEU C 319 19.60 10.90 51.82
CA LEU C 319 20.02 9.54 52.10
C LEU C 319 19.12 8.57 51.36
N MET C 320 19.70 7.78 50.48
CA MET C 320 18.97 6.72 49.82
C MET C 320 19.73 5.41 50.02
N ARG C 321 19.36 4.38 49.29
CA ARG C 321 19.95 3.07 49.47
C ARG C 321 20.58 2.62 48.16
N SER C 322 21.78 2.04 48.25
CA SER C 322 22.48 1.56 47.07
C SER C 322 21.80 0.29 46.56
N PRO C 323 22.08 -0.14 45.32
CA PRO C 323 21.52 -1.41 44.84
C PRO C 323 21.99 -2.65 45.59
N SER C 324 23.01 -2.54 46.43
CA SER C 324 23.40 -3.60 47.33
C SER C 324 22.81 -3.42 48.73
N GLY C 325 22.29 -2.25 49.05
CA GLY C 325 21.58 -2.04 50.30
C GLY C 325 22.21 -1.07 51.26
N GLU C 326 23.34 -0.46 50.93
CA GLU C 326 24.02 0.41 51.86
C GLU C 326 23.40 1.80 51.84
N ILE C 327 23.43 2.46 52.99
CA ILE C 327 22.89 3.81 53.11
C ILE C 327 23.91 4.78 52.49
N ILE C 328 23.50 5.44 51.42
CA ILE C 328 24.39 6.23 50.60
C ILE C 328 23.80 7.63 50.46
N PHE C 329 24.54 8.51 49.81
CA PHE C 329 24.05 9.85 49.56
C PHE C 329 23.12 9.86 48.35
N GLY C 330 22.07 10.67 48.44
CA GLY C 330 21.06 10.72 47.39
C GLY C 330 21.36 11.74 46.31
N GLY C 331 20.58 11.65 45.25
CA GLY C 331 20.77 12.50 44.10
C GLY C 331 21.45 11.77 42.97
N GLU C 332 22.09 12.54 42.10
CA GLU C 332 22.81 11.94 40.99
C GLU C 332 24.09 11.27 41.46
N THR C 333 24.57 11.60 42.66
CA THR C 333 25.76 11.01 43.24
C THR C 333 25.56 9.58 43.74
N MET C 334 24.40 8.98 43.51
CA MET C 334 24.19 7.57 43.80
C MET C 334 25.07 6.65 42.95
N ARG C 335 25.59 7.15 41.82
CA ARG C 335 26.55 6.39 41.05
C ARG C 335 27.89 6.27 41.76
N PHE C 336 28.27 7.29 42.53
CA PHE C 336 29.53 7.27 43.27
C PHE C 336 29.32 6.79 44.68
N TRP C 337 28.62 5.70 44.86
CA TRP C 337 28.38 5.22 46.21
C TRP C 337 29.53 4.38 46.73
N ASP C 338 30.44 3.98 45.85
CA ASP C 338 31.65 3.27 46.23
C ASP C 338 32.74 4.19 46.76
N LEU C 339 32.46 5.49 46.89
CA LEU C 339 33.47 6.42 47.36
C LEU C 339 33.79 6.19 48.83
N ARG C 340 35.09 6.06 49.11
CA ARG C 340 35.61 5.84 50.44
C ARG C 340 36.66 6.91 50.73
N ALA C 341 36.24 8.16 50.78
CA ALA C 341 37.11 9.26 51.17
C ALA C 341 37.39 9.25 52.68
N PRO C 342 38.52 9.81 53.13
CA PRO C 342 38.84 9.77 54.56
C PRO C 342 38.02 10.72 55.44
N TRP C 343 37.29 11.66 54.86
CA TRP C 343 36.46 12.56 55.64
C TRP C 343 35.02 12.08 55.75
N VAL C 344 34.68 10.99 55.09
CA VAL C 344 33.33 10.43 55.17
C VAL C 344 33.33 9.05 55.81
N GLU C 345 34.44 8.32 55.77
CA GLU C 345 34.58 7.07 56.52
C GLU C 345 34.40 7.18 58.05
N PRO C 346 34.66 8.31 58.73
CA PRO C 346 34.22 8.40 60.14
C PRO C 346 32.73 8.32 60.39
N LEU C 347 31.88 8.39 59.36
CA LEU C 347 30.44 8.31 59.53
C LEU C 347 29.87 7.01 58.97
N ARG C 348 30.69 6.02 58.72
CA ARG C 348 30.21 4.77 58.16
C ARG C 348 30.21 3.65 59.18
N GLY C 349 29.09 2.93 59.22
CA GLY C 349 29.03 1.67 59.90
C GLY C 349 29.08 0.56 58.88
N PRO C 350 28.69 -0.65 59.28
CA PRO C 350 28.62 -1.73 58.30
C PRO C 350 27.47 -1.58 57.32
N ASN C 351 26.42 -0.87 57.68
CA ASN C 351 25.27 -0.68 56.81
C ASN C 351 25.41 0.50 55.87
N GLY C 352 26.60 1.08 55.75
CA GLY C 352 26.74 2.31 55.02
C GLY C 352 26.88 3.48 55.96
N LEU C 353 26.35 4.63 55.60
CA LEU C 353 26.42 5.81 56.46
C LEU C 353 25.54 5.61 57.69
N ASP C 354 26.09 5.93 58.86
CA ASP C 354 25.37 5.72 60.10
C ASP C 354 24.48 6.93 60.36
N ILE C 355 23.22 6.67 60.69
CA ILE C 355 22.24 7.77 60.72
C ILE C 355 22.38 8.60 61.99
N ASN C 356 22.66 7.98 63.13
CA ASN C 356 22.81 8.77 64.35
C ASN C 356 24.11 9.56 64.33
N LYS C 357 25.16 9.00 63.74
CA LYS C 357 26.41 9.74 63.60
C LYS C 357 26.29 10.91 62.66
N ILE C 358 25.40 10.82 61.67
CA ILE C 358 25.08 11.96 60.84
C ILE C 358 24.21 12.95 61.60
N LYS C 359 23.28 12.45 62.41
CA LYS C 359 22.41 13.32 63.19
C LYS C 359 23.16 14.03 64.31
N ASN C 360 24.16 13.39 64.90
CA ASN C 360 24.72 13.89 66.14
C ASN C 360 26.17 14.32 66.02
N ASP C 361 27.04 13.48 65.48
CA ASP C 361 28.48 13.75 65.56
C ASP C 361 29.03 13.94 64.15
N ILE C 362 28.85 15.14 63.61
CA ILE C 362 29.48 15.56 62.37
C ILE C 362 30.41 16.71 62.75
N GLN C 363 31.59 16.55 62.45
CA GLN C 363 32.58 17.47 62.99
C GLN C 363 32.77 18.66 62.05
N PRO C 364 33.17 19.82 62.61
CA PRO C 364 33.38 21.00 61.76
C PRO C 364 34.52 20.86 60.76
N TRP C 365 35.51 20.02 61.00
CA TRP C 365 36.53 19.80 59.98
C TRP C 365 35.96 19.06 58.78
N GLN C 366 34.95 18.22 59.01
CA GLN C 366 34.31 17.51 57.91
C GLN C 366 33.48 18.45 57.05
N GLU C 367 32.81 19.41 57.68
CA GLU C 367 32.06 20.39 56.93
C GLU C 367 32.97 21.33 56.17
N ARG C 368 34.16 21.61 56.70
CA ARG C 368 35.12 22.39 55.94
C ARG C 368 35.69 21.59 54.78
N ARG C 369 36.05 20.33 55.04
CA ARG C 369 36.67 19.48 54.04
C ARG C 369 35.73 19.22 52.87
N ALA C 370 34.44 19.03 53.16
CA ALA C 370 33.47 18.86 52.09
C ALA C 370 33.19 20.16 51.37
N ALA C 371 33.40 21.30 52.04
CA ALA C 371 33.12 22.58 51.40
C ALA C 371 34.16 22.94 50.36
N GLU C 372 35.46 22.77 50.67
CA GLU C 372 36.43 23.07 49.62
C GLU C 372 36.47 21.98 48.55
N TYR C 373 36.06 20.75 48.88
CA TYR C 373 36.02 19.73 47.86
C TYR C 373 34.83 19.92 46.94
N MET C 374 33.76 20.53 47.44
CA MET C 374 32.62 20.84 46.58
C MET C 374 32.96 21.96 45.61
N THR C 375 33.74 22.92 46.06
CA THR C 375 34.07 24.09 45.25
C THR C 375 35.36 23.92 44.46
N HIS C 376 36.08 22.83 44.65
CA HIS C 376 37.25 22.54 43.82
C HIS C 376 37.09 21.18 43.19
N ALA C 377 35.91 20.95 42.64
CA ALA C 377 35.63 19.73 41.89
C ALA C 377 36.52 19.68 40.66
N PRO C 378 36.92 18.49 40.23
CA PRO C 378 37.69 18.39 38.99
C PRO C 378 36.84 18.65 37.76
N LEU C 379 36.48 19.91 37.57
CA LEU C 379 35.73 20.37 36.41
C LEU C 379 36.33 21.71 36.01
N GLY C 380 36.80 21.82 34.78
CA GLY C 380 37.41 23.05 34.35
C GLY C 380 37.65 23.07 32.86
N SER C 381 38.09 24.21 32.35
CA SER C 381 38.24 24.43 30.92
C SER C 381 39.72 24.32 30.54
N LEU C 382 40.01 24.39 29.25
CA LEU C 382 41.40 24.37 28.82
C LEU C 382 42.15 25.62 29.19
N ASN C 383 41.47 26.77 29.20
CA ASN C 383 42.11 27.98 29.68
C ASN C 383 42.05 28.13 31.20
N SER C 384 41.73 27.05 31.91
CA SER C 384 41.72 26.98 33.37
C SER C 384 40.74 27.97 33.98
N VAL C 385 39.49 27.84 33.57
CA VAL C 385 38.37 28.47 34.24
C VAL C 385 37.67 27.38 35.05
N GLY C 386 37.55 27.59 36.34
CA GLY C 386 37.01 26.57 37.20
C GLY C 386 35.50 26.46 37.10
N GLY C 387 35.01 25.25 37.27
CA GLY C 387 33.59 25.00 37.28
C GLY C 387 33.12 24.33 36.02
N VAL C 388 31.79 24.32 35.88
CA VAL C 388 31.12 23.72 34.74
C VAL C 388 31.36 24.56 33.50
N ALA C 389 30.99 24.03 32.33
CA ALA C 389 31.22 24.74 31.07
C ALA C 389 30.37 26.00 30.93
N THR C 390 29.35 26.18 31.77
CA THR C 390 28.53 27.37 31.75
C THR C 390 28.98 28.42 32.78
N GLU C 391 30.11 28.20 33.45
CA GLU C 391 30.58 29.13 34.46
C GLU C 391 31.25 30.34 33.83
N ILE C 392 31.29 31.44 34.58
CA ILE C 392 31.93 32.67 34.16
C ILE C 392 33.41 32.67 34.54
N ASN C 393 34.17 33.60 33.98
CA ASN C 393 35.61 33.70 34.20
C ASN C 393 35.91 34.49 35.46
N SER C 394 35.94 33.81 36.58
CA SER C 394 36.53 34.41 37.78
C SER C 394 37.52 33.49 38.48
N VAL C 395 37.26 32.20 38.48
CA VAL C 395 38.09 31.24 39.19
C VAL C 395 39.09 30.65 38.22
N ASN C 396 40.36 30.66 38.62
CA ASN C 396 41.45 30.13 37.82
C ASN C 396 41.86 28.81 38.45
N TYR C 397 41.26 27.71 37.96
CA TYR C 397 41.48 26.41 38.56
C TYR C 397 41.11 25.30 37.59
N VAL C 398 42.03 24.35 37.40
CA VAL C 398 41.72 23.01 36.92
C VAL C 398 42.46 22.05 37.83
N SER C 399 41.78 21.00 38.25
CA SER C 399 42.33 20.02 39.18
C SER C 399 43.57 19.35 38.60
N PRO C 400 44.58 19.07 39.42
CA PRO C 400 45.71 18.26 38.96
C PRO C 400 45.32 16.85 38.57
N ARG C 401 44.28 16.31 39.19
CA ARG C 401 43.74 15.01 38.79
C ARG C 401 43.22 15.06 37.36
N SER C 402 42.62 16.17 36.97
CA SER C 402 42.13 16.29 35.62
C SER C 402 43.27 16.52 34.64
N TRP C 403 44.34 17.18 35.07
CA TRP C 403 45.50 17.32 34.18
C TRP C 403 46.23 16.00 34.02
N LEU C 404 46.40 15.26 35.13
CA LEU C 404 47.16 14.02 35.08
C LEU C 404 46.41 12.94 34.34
N CYS C 405 45.09 12.88 34.50
CA CYS C 405 44.33 11.82 33.86
C CYS C 405 44.18 12.07 32.37
N CYS C 406 43.93 13.31 31.98
CA CYS C 406 43.68 13.61 30.57
C CYS C 406 44.93 13.53 29.74
N SER C 407 46.06 13.99 30.27
CA SER C 407 47.31 13.92 29.53
C SER C 407 47.76 12.48 29.34
N HIS C 408 47.66 11.67 30.39
CA HIS C 408 48.12 10.30 30.27
C HIS C 408 47.09 9.39 29.62
N PHE C 409 45.84 9.81 29.51
CA PHE C 409 44.92 9.06 28.65
C PHE C 409 45.17 9.39 27.19
N PHE C 410 45.53 10.63 26.91
CA PHE C 410 45.98 11.02 25.58
C PHE C 410 47.22 10.26 25.17
N LEU C 411 48.19 10.15 26.09
CA LEU C 411 49.45 9.52 25.73
C LEU C 411 49.33 8.02 25.63
N ALA C 412 48.50 7.41 26.48
CA ALA C 412 48.38 5.95 26.45
C ALA C 412 47.64 5.47 25.23
N PHE C 413 46.75 6.28 24.67
CA PHE C 413 46.11 5.88 23.43
C PHE C 413 47.08 5.91 22.27
N PHE C 414 47.86 6.98 22.16
CA PHE C 414 48.77 7.10 21.04
C PHE C 414 49.92 6.13 21.15
N PHE C 415 50.24 5.67 22.36
CA PHE C 415 51.25 4.64 22.50
C PHE C 415 50.69 3.26 22.19
N LEU C 416 49.37 3.11 22.24
CA LEU C 416 48.74 1.92 21.71
C LEU C 416 48.68 1.97 20.19
N VAL C 417 48.57 3.16 19.61
CA VAL C 417 48.73 3.32 18.17
C VAL C 417 50.15 2.99 17.76
N GLY C 418 51.12 3.36 18.57
CA GLY C 418 52.50 2.97 18.33
C GLY C 418 52.74 1.48 18.42
N HIS C 419 52.01 0.80 19.32
CA HIS C 419 52.05 -0.65 19.35
C HIS C 419 51.51 -1.23 18.05
N TRP C 420 50.43 -0.66 17.53
CA TRP C 420 49.85 -1.17 16.31
C TRP C 420 50.72 -0.87 15.11
N TRP C 421 51.37 0.29 15.10
CA TRP C 421 52.29 0.61 14.02
C TRP C 421 53.49 -0.31 14.03
N HIS C 422 54.17 -0.39 15.17
CA HIS C 422 55.47 -1.05 15.20
C HIS C 422 55.34 -2.57 15.23
N SER C 423 54.22 -3.11 15.72
CA SER C 423 54.07 -4.56 15.69
C SER C 423 53.60 -5.04 14.34
N GLY C 424 52.78 -4.25 13.65
CA GLY C 424 52.46 -4.56 12.28
C GLY C 424 53.69 -4.48 11.38
N ARG C 425 54.55 -3.50 11.63
CA ARG C 425 55.72 -3.34 10.79
C ARG C 425 56.77 -4.41 11.05
N ALA C 426 57.01 -4.72 12.32
CA ALA C 426 58.03 -5.70 12.66
C ALA C 426 57.62 -7.10 12.23
N ARG C 427 56.33 -7.39 12.26
CA ARG C 427 55.86 -8.67 11.77
C ARG C 427 55.99 -8.75 10.25
N ALA C 428 55.80 -7.64 9.55
CA ALA C 428 55.92 -7.64 8.09
C ALA C 428 57.36 -7.50 7.64
N ALA C 429 58.20 -6.81 8.42
CA ALA C 429 59.61 -6.73 8.05
C ALA C 429 60.33 -8.04 8.31
N ALA C 430 59.88 -8.82 9.30
CA ALA C 430 60.47 -10.12 9.54
C ALA C 430 60.08 -11.11 8.45
N ALA C 431 58.83 -11.06 8.00
CA ALA C 431 58.40 -11.91 6.91
C ALA C 431 58.89 -11.40 5.56
N GLY C 432 59.23 -10.12 5.45
CA GLY C 432 59.88 -9.60 4.27
C GLY C 432 58.99 -9.01 3.22
N PHE C 433 57.89 -8.36 3.58
CA PHE C 433 57.09 -7.63 2.60
C PHE C 433 56.63 -6.29 3.15
N GLU C 434 57.48 -5.63 3.93
CA GLU C 434 57.15 -4.31 4.43
C GLU C 434 57.41 -3.21 3.42
N LYS C 435 58.14 -3.49 2.35
CA LYS C 435 58.38 -2.52 1.30
C LYS C 435 57.38 -2.61 0.16
N GLY C 436 56.45 -3.55 0.23
CA GLY C 436 55.43 -3.70 -0.79
C GLY C 436 55.37 -5.11 -1.30
N ILE C 437 54.50 -5.30 -2.27
CA ILE C 437 54.23 -6.60 -2.86
C ILE C 437 55.21 -6.85 -4.00
N ASN C 438 55.79 -8.04 -4.03
CA ASN C 438 56.63 -8.45 -5.14
C ASN C 438 55.81 -8.60 -6.41
N ARG C 439 56.20 -7.89 -7.47
CA ARG C 439 55.48 -7.99 -8.74
C ARG C 439 55.69 -9.34 -9.41
N ALA C 440 56.83 -9.98 -9.16
CA ALA C 440 57.13 -11.25 -9.80
C ALA C 440 56.25 -12.36 -9.26
N ASN C 441 56.16 -12.49 -7.95
CA ASN C 441 55.30 -13.50 -7.33
C ASN C 441 54.39 -12.82 -6.32
N GLU C 442 53.28 -12.31 -6.80
CA GLU C 442 52.26 -11.76 -5.91
C GLU C 442 51.50 -12.89 -5.25
N PRO C 443 51.32 -12.85 -3.93
CA PRO C 443 50.75 -14.02 -3.22
C PRO C 443 49.28 -14.29 -3.54
N VAL C 444 48.50 -13.26 -3.85
CA VAL C 444 47.09 -13.45 -4.12
C VAL C 444 46.88 -14.14 -5.46
N LEU C 445 47.79 -13.91 -6.41
CA LEU C 445 47.68 -14.53 -7.72
C LEU C 445 47.85 -16.04 -7.66
N SER C 446 48.67 -16.55 -6.75
CA SER C 446 48.81 -17.99 -6.56
C SER C 446 47.89 -18.50 -5.46
N MET C 447 46.62 -18.13 -5.53
CA MET C 447 45.60 -18.57 -4.59
C MET C 447 44.38 -18.99 -5.40
N ARG C 448 43.46 -19.69 -4.74
CA ARG C 448 42.26 -20.14 -5.42
C ARG C 448 41.35 -18.95 -5.70
N PRO C 449 40.51 -19.04 -6.73
CA PRO C 449 39.46 -18.05 -6.92
C PRO C 449 38.53 -18.01 -5.73
N ILE C 450 38.17 -16.80 -5.32
CA ILE C 450 37.77 -16.62 -3.93
C ILE C 450 36.24 -16.72 -3.78
N ASP C 451 35.51 -16.51 -4.88
CA ASP C 451 34.03 -16.48 -4.95
C ASP C 451 33.50 -15.31 -4.11
N ARG D 1 44.79 37.73 -33.71
CA ARG D 1 44.41 38.63 -34.79
C ARG D 1 43.37 39.65 -34.31
N GLY D 2 42.16 39.19 -34.07
CA GLY D 2 41.12 40.06 -33.54
C GLY D 2 41.40 40.49 -32.12
N LEU D 3 40.75 41.58 -31.72
CA LEU D 3 40.96 42.14 -30.39
C LEU D 3 40.44 41.21 -29.30
N PHE D 4 39.34 40.49 -29.58
CA PHE D 4 38.91 39.46 -28.64
C PHE D 4 39.93 38.33 -28.56
N ASP D 5 40.55 37.99 -29.68
CA ASP D 5 41.49 36.88 -29.69
C ASP D 5 42.81 37.23 -29.03
N LEU D 6 43.21 38.50 -29.05
CA LEU D 6 44.42 38.90 -28.34
C LEU D 6 44.22 38.88 -26.84
N VAL D 7 43.02 39.23 -26.38
CA VAL D 7 42.72 39.20 -24.96
C VAL D 7 42.51 37.76 -24.50
N ASP D 8 41.87 36.94 -25.33
CA ASP D 8 41.71 35.53 -25.03
C ASP D 8 43.05 34.80 -25.02
N ASP D 9 44.02 35.25 -25.83
CA ASP D 9 45.35 34.67 -25.77
C ASP D 9 46.09 35.09 -24.52
N TRP D 10 45.89 36.32 -24.07
CA TRP D 10 46.61 36.80 -22.90
C TRP D 10 46.05 36.24 -21.61
N LEU D 11 44.73 36.08 -21.53
CA LEU D 11 44.12 35.57 -20.31
C LEU D 11 44.40 34.10 -20.10
N LYS D 12 44.53 33.33 -21.18
CA LYS D 12 44.77 31.90 -21.10
C LYS D 12 46.25 31.56 -21.21
N LYS D 13 47.13 32.54 -21.05
CA LYS D 13 48.55 32.31 -21.12
C LYS D 13 49.01 31.51 -19.91
N ASP D 14 49.91 30.56 -20.14
CA ASP D 14 50.38 29.71 -19.06
C ASP D 14 51.40 30.48 -18.23
N ARG D 15 51.00 30.88 -17.03
CA ARG D 15 51.84 31.67 -16.15
C ARG D 15 51.73 31.07 -14.75
N PHE D 16 52.21 31.80 -13.74
CA PHE D 16 52.28 31.25 -12.39
C PHE D 16 50.90 31.03 -11.80
N VAL D 17 50.01 32.02 -11.91
CA VAL D 17 48.63 31.89 -11.51
C VAL D 17 47.78 32.05 -12.76
N PHE D 18 47.04 31.00 -13.10
CA PHE D 18 46.16 31.07 -14.27
C PHE D 18 45.03 32.06 -14.02
N VAL D 19 44.77 32.92 -14.99
CA VAL D 19 43.73 33.92 -14.85
C VAL D 19 42.47 33.44 -15.58
N GLY D 20 42.55 33.36 -16.89
CA GLY D 20 41.39 32.99 -17.69
C GLY D 20 40.34 34.09 -17.73
N TRP D 21 39.28 33.81 -18.49
CA TRP D 21 38.14 34.71 -18.52
C TRP D 21 37.38 34.69 -17.19
N SER D 22 37.40 33.55 -16.50
CA SER D 22 36.74 33.42 -15.22
C SER D 22 37.46 34.15 -14.11
N GLY D 23 38.75 34.47 -14.29
CA GLY D 23 39.48 35.23 -13.31
C GLY D 23 39.10 36.69 -13.26
N LEU D 24 38.43 37.19 -14.30
CA LEU D 24 37.90 38.54 -14.26
C LEU D 24 36.76 38.68 -13.27
N LEU D 25 36.07 37.59 -12.96
CA LEU D 25 35.06 37.56 -11.92
C LEU D 25 35.60 37.03 -10.59
N LEU D 26 36.43 35.98 -10.63
CA LEU D 26 36.83 35.31 -9.41
C LEU D 26 37.82 36.15 -8.60
N PHE D 27 38.87 36.65 -9.24
CA PHE D 27 39.92 37.36 -8.54
C PHE D 27 39.51 38.70 -7.92
N PRO D 28 38.59 39.51 -8.50
CA PRO D 28 38.07 40.63 -7.71
C PRO D 28 37.18 40.18 -6.56
N THR D 29 36.22 39.29 -6.82
CA THR D 29 35.19 39.02 -5.82
C THR D 29 35.70 38.18 -4.66
N ALA D 30 36.60 37.22 -4.94
CA ALA D 30 37.11 36.40 -3.86
C ALA D 30 38.11 37.16 -3.01
N TYR D 31 38.80 38.13 -3.60
CA TYR D 31 39.72 38.96 -2.83
C TYR D 31 38.96 39.89 -1.89
N LEU D 32 37.84 40.43 -2.34
CA LEU D 32 37.06 41.31 -1.47
C LEU D 32 36.29 40.52 -0.42
N ALA D 33 35.92 39.28 -0.72
CA ALA D 33 35.23 38.48 0.28
C ALA D 33 36.19 38.03 1.38
N ALA D 34 37.39 37.60 1.01
CA ALA D 34 38.38 37.22 2.00
C ALA D 34 38.91 38.44 2.73
N GLY D 35 39.19 39.51 1.99
CA GLY D 35 39.70 40.71 2.61
C GLY D 35 38.66 41.45 3.42
N GLY D 36 37.40 41.35 3.03
CA GLY D 36 36.34 41.90 3.84
C GLY D 36 36.12 41.14 5.13
N TRP D 37 36.38 39.83 5.11
CA TRP D 37 36.25 39.05 6.32
C TRP D 37 37.38 39.33 7.28
N MET D 38 38.59 39.54 6.77
CA MET D 38 39.71 39.91 7.63
C MET D 38 39.54 41.30 8.19
N THR D 39 38.93 42.21 7.43
CA THR D 39 38.70 43.56 7.90
C THR D 39 37.65 43.58 9.01
N GLY D 40 36.62 42.73 8.87
CA GLY D 40 35.56 42.74 9.85
C GLY D 40 35.95 42.07 11.15
N THR D 41 36.68 40.96 11.06
CA THR D 41 37.09 40.24 12.27
C THR D 41 38.24 40.94 12.99
N THR D 42 38.88 41.93 12.38
CA THR D 42 39.94 42.67 13.03
C THR D 42 39.47 44.00 13.61
N PHE D 43 38.58 44.69 12.91
CA PHE D 43 38.29 46.08 13.24
C PHE D 43 36.83 46.36 13.54
N VAL D 44 35.91 45.63 12.95
CA VAL D 44 34.51 46.05 12.91
C VAL D 44 33.72 45.36 14.00
N THR D 45 32.95 46.14 14.75
CA THR D 45 32.20 45.67 15.89
C THR D 45 30.83 45.12 15.48
N SER D 46 30.17 44.52 16.45
CA SER D 46 28.77 44.10 16.33
C SER D 46 27.94 44.74 17.42
N TRP D 47 28.39 45.88 17.91
CA TRP D 47 27.80 46.49 19.09
C TRP D 47 26.45 47.12 18.78
N TYR D 48 26.22 47.50 17.54
CA TYR D 48 24.96 48.13 17.17
C TYR D 48 24.01 47.21 16.45
N THR D 49 24.48 46.07 15.97
CA THR D 49 23.62 45.09 15.33
C THR D 49 23.19 44.00 16.29
N HIS D 50 24.12 43.47 17.06
CA HIS D 50 23.84 42.38 17.98
C HIS D 50 24.08 42.73 19.43
N GLY D 51 24.81 43.80 19.71
CA GLY D 51 25.26 44.05 21.05
C GLY D 51 26.42 43.19 21.47
N LEU D 52 27.34 42.91 20.56
CA LEU D 52 28.46 42.02 20.83
C LEU D 52 29.76 42.70 20.47
N ALA D 53 30.83 42.23 21.09
CA ALA D 53 32.18 42.48 20.61
C ALA D 53 32.54 41.36 19.65
N SER D 54 33.04 41.71 18.47
CA SER D 54 33.33 40.66 17.50
C SER D 54 34.60 40.92 16.70
N SER D 55 35.49 41.78 17.16
CA SER D 55 36.71 42.07 16.44
C SER D 55 37.88 41.95 17.38
N TYR D 56 39.08 41.89 16.81
CA TYR D 56 40.28 41.86 17.63
C TYR D 56 40.55 43.19 18.32
N LEU D 57 40.02 44.31 17.80
CA LEU D 57 40.11 45.58 18.51
C LEU D 57 39.37 45.57 19.83
N GLU D 58 38.37 44.74 19.98
CA GLU D 58 37.57 44.70 21.20
C GLU D 58 37.99 43.62 22.17
N GLY D 59 38.97 42.80 21.80
CA GLY D 59 39.45 41.76 22.68
C GLY D 59 39.04 40.36 22.30
N CYS D 60 38.39 40.17 21.16
CA CYS D 60 38.07 38.83 20.72
C CYS D 60 39.31 38.11 20.25
N ASN D 61 39.32 36.80 20.40
CA ASN D 61 40.38 36.00 19.82
C ASN D 61 39.89 35.47 18.47
N PHE D 62 40.63 34.54 17.89
CA PHE D 62 40.25 33.97 16.60
C PHE D 62 38.95 33.18 16.68
N LEU D 63 38.68 32.57 17.83
CA LEU D 63 37.48 31.76 17.95
C LEU D 63 36.23 32.61 18.09
N THR D 64 36.32 33.77 18.74
CA THR D 64 35.12 34.55 19.04
C THR D 64 34.95 35.78 18.15
N ALA D 65 35.85 36.02 17.20
CA ALA D 65 35.69 37.14 16.28
C ALA D 65 34.85 36.72 15.10
N ALA D 66 34.03 37.66 14.61
CA ALA D 66 33.12 37.36 13.51
C ALA D 66 32.85 38.61 12.70
N VAL D 67 32.39 38.40 11.47
CA VAL D 67 31.70 39.42 10.71
C VAL D 67 30.22 39.13 10.92
N SER D 68 29.57 39.94 11.75
CA SER D 68 28.22 39.58 12.13
C SER D 68 27.21 40.07 11.11
N THR D 69 26.06 39.42 11.12
CA THR D 69 24.94 39.76 10.26
C THR D 69 24.43 41.17 10.57
N PRO D 70 23.71 41.79 9.62
CA PRO D 70 23.14 43.11 9.89
C PRO D 70 22.06 43.07 10.97
N ALA D 71 21.63 44.26 11.35
CA ALA D 71 20.55 44.40 12.32
C ALA D 71 19.26 43.85 11.74
N ASN D 72 18.36 43.43 12.63
CA ASN D 72 17.09 42.87 12.19
C ASN D 72 16.20 43.94 11.56
N SER D 73 16.42 45.21 11.91
CA SER D 73 15.58 46.29 11.41
C SER D 73 15.74 46.50 9.91
N VAL D 74 16.93 46.25 9.36
CA VAL D 74 17.13 46.48 7.93
C VAL D 74 16.54 45.38 7.07
N GLY D 75 16.06 44.29 7.66
CA GLY D 75 15.31 43.31 6.89
C GLY D 75 16.21 42.49 6.00
N HIS D 76 15.79 42.31 4.75
CA HIS D 76 16.62 41.69 3.73
C HIS D 76 17.23 42.72 2.81
N SER D 77 17.59 43.88 3.34
CA SER D 77 18.23 44.91 2.52
C SER D 77 19.57 44.41 2.00
N LEU D 78 19.91 44.85 0.79
CA LEU D 78 21.19 44.52 0.22
C LEU D 78 22.32 45.22 0.94
N LEU D 79 22.00 46.33 1.62
CA LEU D 79 22.94 47.15 2.39
C LEU D 79 24.11 47.58 1.54
N LEU D 80 23.80 48.12 0.37
CA LEU D 80 24.81 48.75 -0.45
C LEU D 80 25.36 49.96 0.27
N LEU D 81 26.64 50.23 0.03
CA LEU D 81 27.32 51.34 0.69
C LEU D 81 26.69 52.67 0.30
N TRP D 82 26.30 52.81 -0.95
CA TRP D 82 25.56 53.96 -1.44
C TRP D 82 24.06 53.86 -1.19
N GLY D 83 23.58 52.78 -0.60
CA GLY D 83 22.17 52.52 -0.50
C GLY D 83 21.49 53.41 0.53
N PRO D 84 20.17 53.26 0.65
CA PRO D 84 19.38 54.20 1.47
C PRO D 84 19.53 54.02 2.97
N GLU D 85 20.33 53.07 3.44
CA GLU D 85 20.59 52.91 4.87
C GLU D 85 21.91 53.52 5.30
N ALA D 86 22.98 53.31 4.54
CA ALA D 86 24.28 53.87 4.87
C ALA D 86 24.52 55.21 4.20
N GLN D 87 24.02 55.37 2.96
CA GLN D 87 24.07 56.62 2.18
C GLN D 87 25.49 57.12 1.98
N GLY D 88 26.39 56.19 1.64
CA GLY D 88 27.76 56.54 1.35
C GLY D 88 28.69 56.56 2.54
N ASP D 89 28.16 56.65 3.75
CA ASP D 89 28.98 56.72 4.95
C ASP D 89 29.57 55.35 5.24
N PHE D 90 30.89 55.24 5.16
CA PHE D 90 31.54 53.95 5.34
C PHE D 90 31.47 53.50 6.80
N THR D 91 31.59 54.44 7.73
CA THR D 91 31.57 54.10 9.14
C THR D 91 30.20 53.60 9.57
N ARG D 92 29.14 54.27 9.12
CA ARG D 92 27.79 53.83 9.42
C ARG D 92 27.44 52.54 8.70
N TRP D 93 28.07 52.30 7.54
CA TRP D 93 27.87 51.05 6.82
C TRP D 93 28.43 49.86 7.58
N CYS D 94 29.60 50.02 8.18
CA CYS D 94 30.17 48.93 8.97
C CYS D 94 29.42 48.70 10.26
N GLN D 95 28.75 49.73 10.79
CA GLN D 95 28.06 49.58 12.06
C GLN D 95 26.68 48.96 11.90
N ILE D 96 26.05 49.09 10.73
CA ILE D 96 24.75 48.43 10.52
C ILE D 96 24.90 47.03 9.98
N GLY D 97 26.11 46.51 9.85
CA GLY D 97 26.32 45.19 9.32
C GLY D 97 26.48 45.13 7.82
N GLY D 98 26.96 46.20 7.19
CA GLY D 98 27.08 46.20 5.74
C GLY D 98 28.19 45.31 5.25
N LEU D 99 29.21 45.05 6.06
CA LEU D 99 30.26 44.14 5.67
C LEU D 99 29.79 42.70 5.59
N TRP D 100 28.71 42.34 6.28
CA TRP D 100 28.20 40.99 6.14
C TRP D 100 27.67 40.76 4.73
N THR D 101 26.83 41.66 4.24
CA THR D 101 26.32 41.54 2.89
C THR D 101 27.41 41.79 1.86
N PHE D 102 28.44 42.54 2.21
CA PHE D 102 29.59 42.67 1.33
C PHE D 102 30.30 41.33 1.16
N VAL D 103 30.56 40.65 2.27
CA VAL D 103 31.28 39.37 2.22
C VAL D 103 30.39 38.29 1.61
N ALA D 104 29.10 38.30 1.93
CA ALA D 104 28.22 37.25 1.45
C ALA D 104 27.91 37.39 -0.04
N LEU D 105 27.81 38.62 -0.54
CA LEU D 105 27.51 38.77 -1.96
C LEU D 105 28.76 38.66 -2.82
N HIS D 106 29.88 39.25 -2.39
CA HIS D 106 31.11 39.05 -3.13
C HIS D 106 31.65 37.64 -2.95
N GLY D 107 31.29 36.96 -1.86
CA GLY D 107 31.63 35.56 -1.72
C GLY D 107 30.77 34.65 -2.56
N ALA D 108 29.52 35.06 -2.82
CA ALA D 108 28.67 34.28 -3.70
C ALA D 108 29.16 34.34 -5.14
N PHE D 109 29.62 35.50 -5.57
CA PHE D 109 30.16 35.61 -6.92
C PHE D 109 31.58 35.08 -7.02
N GLY D 110 32.27 34.93 -5.89
CA GLY D 110 33.54 34.24 -5.92
C GLY D 110 33.37 32.75 -6.13
N LEU D 111 32.32 32.17 -5.57
CA LEU D 111 32.07 30.75 -5.77
C LEU D 111 31.57 30.47 -7.17
N ILE D 112 30.80 31.39 -7.76
CA ILE D 112 30.47 31.31 -9.17
C ILE D 112 31.75 31.39 -10.01
N GLY D 113 32.61 32.35 -9.67
CA GLY D 113 33.83 32.52 -10.43
C GLY D 113 34.83 31.40 -10.25
N PHE D 114 34.80 30.73 -9.11
CA PHE D 114 35.70 29.59 -8.93
C PHE D 114 35.20 28.37 -9.66
N CYS D 115 33.88 28.16 -9.70
CA CYS D 115 33.35 27.03 -10.45
C CYS D 115 33.46 27.26 -11.94
N LEU D 116 33.39 28.51 -12.39
CA LEU D 116 33.67 28.83 -13.79
C LEU D 116 35.14 28.62 -14.11
N ARG D 117 36.01 28.83 -13.13
CA ARG D 117 37.44 28.55 -13.31
C ARG D 117 37.68 27.07 -13.51
N GLN D 118 36.94 26.22 -12.79
CA GLN D 118 37.08 24.79 -12.96
C GLN D 118 36.57 24.32 -14.31
N PHE D 119 35.55 24.97 -14.85
CA PHE D 119 35.10 24.66 -16.20
C PHE D 119 36.12 25.14 -17.22
N GLU D 120 36.74 26.29 -16.98
CA GLU D 120 37.62 26.86 -17.98
C GLU D 120 38.94 26.11 -18.07
N ILE D 121 39.50 25.69 -16.93
CA ILE D 121 40.78 25.01 -16.95
C ILE D 121 40.63 23.60 -17.51
N ALA D 122 39.52 22.95 -17.20
CA ALA D 122 39.27 21.60 -17.73
C ALA D 122 39.07 21.63 -19.24
N ARG D 123 38.57 22.74 -19.78
CA ARG D 123 38.42 22.84 -21.23
C ARG D 123 39.76 23.10 -21.91
N LEU D 124 40.71 23.73 -21.22
CA LEU D 124 42.01 23.96 -21.81
C LEU D 124 42.95 22.77 -21.65
N VAL D 125 42.91 22.12 -20.48
CA VAL D 125 43.71 20.93 -20.26
C VAL D 125 43.14 19.77 -21.08
N GLY D 126 41.84 19.76 -21.30
CA GLY D 126 41.24 18.77 -22.17
C GLY D 126 40.73 17.57 -21.42
N ILE D 127 40.15 17.78 -20.25
CA ILE D 127 39.64 16.70 -19.41
C ILE D 127 38.16 16.93 -19.19
N ARG D 128 37.57 16.09 -18.48
CA ARG D 128 36.14 16.15 -18.20
C ARG D 128 35.88 17.05 -16.99
N PRO D 129 34.74 17.76 -16.92
CA PRO D 129 34.54 18.77 -15.88
C PRO D 129 33.90 18.23 -14.59
N TYR D 130 34.45 17.14 -14.07
CA TYR D 130 33.85 16.56 -12.87
C TYR D 130 34.21 17.30 -11.60
N ASN D 131 35.31 18.04 -11.60
CA ASN D 131 35.64 18.82 -10.41
C ASN D 131 34.73 20.01 -10.24
N ALA D 132 34.23 20.56 -11.35
CA ALA D 132 33.24 21.63 -11.26
C ALA D 132 31.89 21.08 -10.81
N ILE D 133 31.59 19.85 -11.17
CA ILE D 133 30.36 19.20 -10.73
C ILE D 133 30.44 18.92 -9.24
N ALA D 134 31.61 18.53 -8.75
CA ALA D 134 31.76 18.25 -7.33
C ALA D 134 31.75 19.52 -6.49
N PHE D 135 32.14 20.64 -7.06
CA PHE D 135 32.09 21.91 -6.34
C PHE D 135 30.68 22.47 -6.25
N SER D 136 29.72 21.91 -6.96
CA SER D 136 28.32 22.30 -6.81
C SER D 136 27.79 21.94 -5.43
N GLY D 137 28.37 20.94 -4.78
CA GLY D 137 28.09 20.63 -3.40
C GLY D 137 28.36 21.77 -2.44
N PRO D 138 29.60 22.27 -2.39
CA PRO D 138 29.87 23.48 -1.58
C PRO D 138 29.11 24.71 -2.02
N ILE D 139 28.76 24.83 -3.29
CA ILE D 139 27.98 25.97 -3.73
C ILE D 139 26.55 25.86 -3.23
N ALA D 140 25.97 24.66 -3.29
CA ALA D 140 24.62 24.45 -2.78
C ALA D 140 24.55 24.63 -1.28
N VAL D 141 25.64 24.39 -0.56
CA VAL D 141 25.64 24.63 0.87
C VAL D 141 25.63 26.13 1.16
N PHE D 142 26.48 26.88 0.47
CA PHE D 142 26.59 28.31 0.73
C PHE D 142 25.33 29.06 0.30
N VAL D 143 24.75 28.68 -0.83
CA VAL D 143 23.57 29.35 -1.33
C VAL D 143 22.39 29.11 -0.40
N SER D 144 22.22 27.87 0.04
CA SER D 144 21.07 27.51 0.83
C SER D 144 21.18 27.94 2.29
N VAL D 145 22.38 28.07 2.83
CA VAL D 145 22.57 28.42 4.24
C VAL D 145 22.75 29.92 4.42
N PHE D 146 23.62 30.52 3.63
CA PHE D 146 23.94 31.94 3.82
C PHE D 146 23.03 32.87 3.05
N LEU D 147 22.39 32.41 1.98
CA LEU D 147 21.46 33.24 1.23
C LEU D 147 20.02 32.79 1.40
N LEU D 148 19.72 31.53 1.09
CA LEU D 148 18.32 31.10 1.04
C LEU D 148 17.71 30.97 2.42
N TYR D 149 18.49 30.60 3.43
CA TYR D 149 17.93 30.48 4.76
C TYR D 149 17.53 31.82 5.37
N PRO D 150 18.36 32.89 5.36
CA PRO D 150 17.85 34.16 5.88
C PRO D 150 16.80 34.81 5.00
N LEU D 151 16.72 34.46 3.72
CA LEU D 151 15.71 35.06 2.87
C LEU D 151 14.33 34.52 3.17
N GLY D 152 14.24 33.28 3.65
CA GLY D 152 12.97 32.76 4.11
C GLY D 152 12.63 33.18 5.52
N GLN D 153 13.59 33.68 6.26
CA GLN D 153 13.37 34.13 7.63
C GLN D 153 13.04 35.62 7.59
N ALA D 154 13.12 36.29 8.74
CA ALA D 154 12.68 37.68 8.82
C ALA D 154 13.67 38.65 8.21
N SER D 155 14.97 38.36 8.30
CA SER D 155 15.99 39.32 7.91
C SER D 155 17.29 38.57 7.69
N TRP D 156 18.33 39.32 7.32
CA TRP D 156 19.69 38.77 7.28
C TRP D 156 20.23 38.44 8.65
N PHE D 157 19.60 38.94 9.72
CA PHE D 157 20.07 38.74 11.09
C PHE D 157 20.18 37.27 11.46
N PHE D 158 19.29 36.44 10.94
CA PHE D 158 19.24 35.04 11.33
C PHE D 158 20.12 34.15 10.46
N ALA D 159 20.87 34.74 9.55
CA ALA D 159 21.88 34.02 8.81
C ALA D 159 23.06 33.67 9.71
N PRO D 160 23.93 32.75 9.30
CA PRO D 160 25.16 32.56 10.06
C PRO D 160 26.09 33.74 9.87
N SER D 161 26.67 34.18 10.98
CA SER D 161 27.71 35.18 10.89
C SER D 161 29.03 34.51 10.55
N PHE D 162 29.94 35.29 9.97
CA PHE D 162 31.18 34.75 9.43
C PHE D 162 32.26 34.71 10.50
N GLY D 163 32.07 33.81 11.47
CA GLY D 163 33.03 33.63 12.53
C GLY D 163 33.01 32.21 13.03
N VAL D 164 33.95 31.90 13.93
CA VAL D 164 34.07 30.54 14.41
C VAL D 164 33.01 30.23 15.47
N ALA D 165 32.94 31.06 16.52
CA ALA D 165 31.91 30.86 17.53
C ALA D 165 30.56 31.35 17.07
N ALA D 166 30.53 32.25 16.08
CA ALA D 166 29.26 32.68 15.52
C ALA D 166 28.60 31.58 14.72
N ILE D 167 29.41 30.75 14.06
CA ILE D 167 28.90 29.56 13.41
C ILE D 167 28.42 28.55 14.44
N PHE D 168 29.10 28.48 15.59
CA PHE D 168 28.70 27.58 16.67
C PHE D 168 27.36 27.97 17.25
N ARG D 169 27.06 29.28 17.30
CA ARG D 169 25.73 29.73 17.67
C ARG D 169 24.69 29.26 16.67
N PHE D 170 25.02 29.34 15.38
CA PHE D 170 24.08 28.94 14.34
C PHE D 170 23.77 27.45 14.39
N LEU D 171 24.72 26.64 14.84
CA LEU D 171 24.46 25.21 15.01
C LEU D 171 23.45 24.98 16.12
N LEU D 172 23.58 25.69 17.24
CA LEU D 172 22.71 25.48 18.38
C LEU D 172 21.41 26.25 18.29
N PHE D 173 21.39 27.35 17.52
CA PHE D 173 20.13 28.01 17.22
C PHE D 173 19.21 27.10 16.43
N LEU D 174 19.77 26.37 15.47
CA LEU D 174 18.93 25.54 14.63
C LEU D 174 18.60 24.20 15.27
N GLN D 175 19.25 23.83 16.36
CA GLN D 175 18.74 22.71 17.13
C GLN D 175 17.56 23.14 17.99
N GLY D 176 17.70 24.26 18.69
CA GLY D 176 16.67 24.68 19.62
C GLY D 176 15.41 25.13 18.92
N PHE D 177 15.55 25.86 17.81
CA PHE D 177 14.40 26.44 17.16
C PHE D 177 13.86 25.59 16.02
N HIS D 178 14.66 24.72 15.43
CA HIS D 178 14.22 23.97 14.26
C HIS D 178 14.30 22.46 14.41
N ASN D 179 15.00 21.94 15.42
CA ASN D 179 15.26 20.52 15.63
C ASN D 179 15.93 19.90 14.40
N TRP D 180 17.08 20.48 14.06
CA TRP D 180 17.70 20.20 12.77
C TRP D 180 18.38 18.84 12.73
N THR D 181 18.79 18.31 13.88
CA THR D 181 19.28 16.93 13.92
C THR D 181 18.20 15.93 13.57
N LEU D 182 16.96 16.22 13.92
CA LEU D 182 15.88 15.29 13.63
C LEU D 182 15.53 15.30 12.15
N ASN D 183 15.95 16.30 11.41
CA ASN D 183 15.63 16.40 10.00
C ASN D 183 16.31 15.28 9.21
N PRO D 184 15.58 14.52 8.39
CA PRO D 184 16.21 13.44 7.63
C PRO D 184 17.11 13.92 6.52
N PHE D 185 17.06 15.20 6.17
CA PHE D 185 17.97 15.71 5.16
C PHE D 185 19.32 16.08 5.76
N HIS D 186 19.36 16.50 7.02
CA HIS D 186 20.64 16.62 7.70
C HIS D 186 21.26 15.26 7.93
N MET D 187 20.42 14.26 8.20
CA MET D 187 20.91 12.91 8.44
C MET D 187 21.57 12.32 7.21
N MET D 188 21.00 12.58 6.03
CA MET D 188 21.64 12.19 4.79
C MET D 188 22.90 12.99 4.54
N GLY D 189 22.97 14.21 5.07
CA GLY D 189 24.19 14.98 4.96
C GLY D 189 25.29 14.47 5.86
N VAL D 190 24.94 14.03 7.07
CA VAL D 190 25.93 13.46 7.98
C VAL D 190 26.46 12.15 7.42
N ALA D 191 25.61 11.37 6.79
CA ALA D 191 26.04 10.12 6.18
C ALA D 191 26.97 10.35 5.00
N GLY D 192 26.78 11.42 4.24
CA GLY D 192 27.65 11.70 3.13
C GLY D 192 28.99 12.28 3.54
N ILE D 193 29.03 13.01 4.65
CA ILE D 193 30.26 13.64 5.08
C ILE D 193 31.12 12.66 5.86
N LEU D 194 30.50 11.92 6.78
CA LEU D 194 31.22 10.85 7.45
C LEU D 194 31.54 9.70 6.51
N GLY D 195 30.68 9.47 5.51
CA GLY D 195 30.99 8.48 4.50
C GLY D 195 32.09 8.93 3.58
N GLY D 196 32.25 10.22 3.39
CA GLY D 196 33.31 10.75 2.57
C GLY D 196 34.64 10.72 3.27
N ALA D 197 34.63 11.01 4.57
CA ALA D 197 35.86 10.91 5.35
C ALA D 197 36.26 9.46 5.55
N LEU D 198 35.29 8.55 5.61
CA LEU D 198 35.60 7.12 5.63
C LEU D 198 36.23 6.67 4.33
N LEU D 199 35.67 7.13 3.19
CA LEU D 199 36.18 6.72 1.90
C LEU D 199 37.55 7.30 1.63
N CYS D 200 37.81 8.49 2.17
CA CYS D 200 39.15 9.07 2.11
C CYS D 200 40.16 8.23 2.87
N ALA D 201 39.79 7.76 4.06
CA ALA D 201 40.73 7.02 4.90
C ALA D 201 40.93 5.59 4.41
N ILE D 202 39.87 4.94 3.94
CA ILE D 202 39.99 3.55 3.49
C ILE D 202 40.77 3.48 2.19
N HIS D 203 40.41 4.31 1.22
CA HIS D 203 41.11 4.29 -0.05
C HIS D 203 42.54 4.77 0.09
N GLY D 204 42.77 5.72 0.98
CA GLY D 204 44.11 6.17 1.23
C GLY D 204 44.99 5.09 1.85
N ALA D 205 44.43 4.32 2.77
CA ALA D 205 45.22 3.32 3.46
C ALA D 205 45.28 2.01 2.67
N THR D 206 44.30 1.72 1.83
CA THR D 206 44.33 0.50 1.04
C THR D 206 45.38 0.58 -0.05
N VAL D 207 45.48 1.73 -0.71
CA VAL D 207 46.51 1.95 -1.72
C VAL D 207 47.88 1.89 -1.07
N GLU D 208 48.02 2.52 0.09
CA GLU D 208 49.30 2.61 0.76
C GLU D 208 49.75 1.29 1.36
N ASN D 209 48.86 0.33 1.52
CA ASN D 209 49.21 -0.97 2.06
C ASN D 209 49.09 -2.10 1.06
N THR D 210 48.77 -1.79 -0.19
CA THR D 210 48.84 -2.77 -1.26
C THR D 210 49.81 -2.32 -2.34
N LEU D 211 50.78 -1.50 -1.96
CA LEU D 211 51.78 -0.99 -2.88
C LEU D 211 52.65 -2.13 -3.40
N PHE D 212 53.19 -1.93 -4.59
CA PHE D 212 54.14 -2.87 -5.16
C PHE D 212 55.54 -2.51 -4.72
N GLU D 213 56.38 -3.53 -4.55
CA GLU D 213 57.80 -3.31 -4.31
C GLU D 213 58.41 -2.79 -5.60
N ASP D 214 58.65 -1.49 -5.66
CA ASP D 214 59.23 -0.87 -6.84
C ASP D 214 60.56 -0.20 -6.52
N GLY D 215 61.08 -0.39 -5.32
CA GLY D 215 62.38 0.13 -4.94
C GLY D 215 62.95 -0.74 -3.85
N ASP D 216 64.18 -0.41 -3.44
CA ASP D 216 64.83 -1.11 -2.35
C ASP D 216 64.77 -0.35 -1.05
N ALA D 217 64.35 0.91 -1.08
CA ALA D 217 64.25 1.70 0.13
C ALA D 217 63.03 1.30 0.93
N ALA D 218 63.16 1.35 2.27
CA ALA D 218 62.01 1.18 3.13
C ALA D 218 61.06 2.36 3.02
N ASN D 219 61.56 3.51 2.61
CA ASN D 219 60.73 4.66 2.25
C ASN D 219 60.12 4.40 0.88
N THR D 220 58.84 4.10 0.86
CA THR D 220 58.16 3.71 -0.37
C THR D 220 57.69 4.89 -1.20
N PHE D 221 57.91 6.12 -0.75
CA PHE D 221 57.46 7.27 -1.53
C PHE D 221 58.35 7.52 -2.73
N ARG D 222 59.61 7.07 -2.68
CA ARG D 222 60.52 7.32 -3.79
C ARG D 222 60.24 6.41 -4.98
N ALA D 223 59.53 5.30 -4.79
CA ALA D 223 59.36 4.32 -5.85
C ALA D 223 58.11 4.58 -6.68
N PHE D 224 57.95 5.81 -7.14
CA PHE D 224 56.85 6.14 -8.03
C PHE D 224 57.32 7.19 -9.02
N THR D 225 56.96 7.00 -10.26
CA THR D 225 57.20 7.95 -11.33
C THR D 225 55.87 8.54 -11.77
N PRO D 226 55.75 9.87 -11.88
CA PRO D 226 54.45 10.45 -12.29
C PRO D 226 54.06 10.14 -13.72
N THR D 227 54.98 9.66 -14.56
CA THR D 227 54.66 9.34 -15.94
C THR D 227 54.61 7.83 -16.20
N GLN D 228 54.67 7.01 -15.15
CA GLN D 228 54.67 5.58 -15.34
C GLN D 228 53.29 5.09 -15.77
N SER D 229 53.26 3.94 -16.43
CA SER D 229 52.01 3.37 -16.90
C SER D 229 51.50 2.23 -16.05
N GLU D 230 52.39 1.59 -15.30
CA GLU D 230 51.98 0.51 -14.42
C GLU D 230 51.24 1.07 -13.20
N GLU D 231 50.28 0.30 -12.71
CA GLU D 231 49.64 0.66 -11.46
C GLU D 231 50.63 0.50 -10.31
N THR D 232 50.61 1.45 -9.39
CA THR D 232 51.56 1.44 -8.31
C THR D 232 51.11 0.57 -7.14
N TYR D 233 49.87 0.10 -7.16
CA TYR D 233 49.37 -0.76 -6.10
C TYR D 233 48.54 -1.87 -6.69
N SER D 234 48.42 -2.96 -5.94
CA SER D 234 47.77 -4.17 -6.41
C SER D 234 46.27 -4.08 -6.15
N MET D 235 45.50 -3.91 -7.21
CA MET D 235 44.05 -3.89 -7.09
C MET D 235 43.49 -5.27 -6.79
N VAL D 236 44.13 -6.32 -7.32
CA VAL D 236 43.67 -7.68 -7.09
C VAL D 236 43.87 -8.08 -5.64
N THR D 237 44.99 -7.66 -5.04
CA THR D 237 45.22 -7.92 -3.63
C THR D 237 44.31 -7.06 -2.76
N ALA D 238 44.06 -5.83 -3.17
CA ALA D 238 43.17 -4.95 -2.41
C ALA D 238 41.73 -5.43 -2.47
N ASN D 239 41.31 -5.98 -3.60
CA ASN D 239 39.98 -6.55 -3.70
C ASN D 239 39.88 -7.84 -2.88
N ARG D 240 40.96 -8.61 -2.86
CA ARG D 240 41.00 -9.85 -2.09
C ARG D 240 40.93 -9.59 -0.60
N PHE D 241 41.59 -8.52 -0.15
CA PHE D 241 41.60 -8.18 1.27
C PHE D 241 40.20 -7.80 1.75
N TRP D 242 39.54 -6.89 1.06
CA TRP D 242 38.28 -6.39 1.55
C TRP D 242 37.13 -7.36 1.31
N SER D 243 37.26 -8.27 0.35
CA SER D 243 36.25 -9.29 0.16
C SER D 243 36.24 -10.29 1.31
N GLN D 244 37.37 -10.50 1.96
CA GLN D 244 37.41 -11.41 3.08
C GLN D 244 37.27 -10.71 4.42
N ILE D 245 37.63 -9.43 4.50
CA ILE D 245 37.43 -8.70 5.74
C ILE D 245 35.99 -8.25 5.86
N PHE D 246 35.49 -7.57 4.84
CA PHE D 246 34.22 -6.88 4.88
C PHE D 246 33.12 -7.62 4.13
N GLY D 247 33.47 -8.60 3.31
CA GLY D 247 32.50 -9.32 2.52
C GLY D 247 32.32 -8.75 1.13
N VAL D 248 32.57 -7.47 0.96
CA VAL D 248 32.30 -6.74 -0.27
C VAL D 248 33.49 -5.83 -0.54
N ALA D 249 33.95 -5.81 -1.79
CA ALA D 249 35.09 -5.00 -2.17
C ALA D 249 34.83 -4.33 -3.50
N PHE D 250 35.55 -3.24 -3.75
CA PHE D 250 35.54 -2.63 -5.06
C PHE D 250 36.33 -3.49 -6.04
N SER D 251 35.79 -3.63 -7.24
CA SER D 251 36.48 -4.31 -8.31
C SER D 251 36.83 -3.39 -9.46
N ASN D 252 36.25 -2.19 -9.50
CA ASN D 252 36.42 -1.24 -10.59
C ASN D 252 37.05 0.02 -10.01
N LYS D 253 38.22 0.40 -10.53
CA LYS D 253 38.84 1.65 -10.08
C LYS D 253 38.07 2.87 -10.55
N ARG D 254 37.39 2.78 -11.68
CA ARG D 254 36.59 3.89 -12.15
C ARG D 254 35.36 4.07 -11.29
N TRP D 255 34.70 2.98 -10.91
CA TRP D 255 33.55 3.08 -10.04
C TRP D 255 33.93 3.47 -8.63
N LEU D 256 35.13 3.07 -8.18
CA LEU D 256 35.64 3.45 -6.88
C LEU D 256 35.82 4.95 -6.78
N HIS D 257 36.47 5.56 -7.76
CA HIS D 257 36.75 6.97 -7.69
C HIS D 257 35.55 7.81 -8.03
N PHE D 258 34.57 7.30 -8.78
CA PHE D 258 33.34 8.04 -8.91
C PHE D 258 32.56 8.04 -7.59
N PHE D 259 32.63 6.93 -6.86
CA PHE D 259 31.96 6.82 -5.58
C PHE D 259 32.57 7.75 -4.55
N MET D 260 33.87 8.01 -4.64
CA MET D 260 34.49 8.99 -3.75
C MET D 260 34.03 10.40 -4.08
N LEU D 261 33.64 10.65 -5.32
CA LEU D 261 33.01 11.91 -5.69
C LEU D 261 31.57 11.94 -5.22
N PHE D 262 30.86 10.84 -5.39
CA PHE D 262 29.40 10.84 -5.28
C PHE D 262 28.94 11.03 -3.84
N VAL D 263 29.63 10.40 -2.89
CA VAL D 263 29.13 10.37 -1.51
C VAL D 263 29.16 11.73 -0.81
N PRO D 264 30.26 12.49 -0.78
CA PRO D 264 30.18 13.78 -0.08
C PRO D 264 29.39 14.83 -0.82
N VAL D 265 29.30 14.75 -2.14
CA VAL D 265 28.55 15.75 -2.90
C VAL D 265 27.05 15.52 -2.72
N THR D 266 26.62 14.26 -2.69
CA THR D 266 25.24 13.95 -2.37
C THR D 266 24.88 14.38 -0.95
N GLY D 267 25.83 14.23 -0.02
CA GLY D 267 25.59 14.68 1.33
C GLY D 267 25.42 16.19 1.44
N LEU D 268 26.16 16.94 0.64
CA LEU D 268 26.00 18.39 0.67
C LEU D 268 24.74 18.81 -0.06
N TRP D 269 24.29 18.04 -1.04
CA TRP D 269 23.09 18.40 -1.76
C TRP D 269 21.82 18.00 -1.01
N THR D 270 21.84 16.89 -0.28
CA THR D 270 20.67 16.52 0.49
C THR D 270 20.50 17.38 1.71
N SER D 271 21.60 17.77 2.35
CA SER D 271 21.49 18.68 3.49
C SER D 271 21.13 20.09 3.06
N SER D 272 21.40 20.47 1.82
CA SER D 272 20.96 21.77 1.32
C SER D 272 19.47 21.80 1.08
N ILE D 273 18.86 20.64 0.84
CA ILE D 273 17.44 20.60 0.59
C ILE D 273 16.66 20.82 1.89
N GLY D 274 17.12 20.23 2.98
CA GLY D 274 16.43 20.40 4.24
C GLY D 274 16.64 21.75 4.89
N ILE D 275 17.71 22.44 4.54
CA ILE D 275 17.92 23.76 5.08
C ILE D 275 17.14 24.80 4.28
N VAL D 276 16.76 24.48 3.04
CA VAL D 276 15.78 25.28 2.32
C VAL D 276 14.41 25.11 2.97
N GLY D 277 14.12 23.93 3.50
CA GLY D 277 12.89 23.73 4.24
C GLY D 277 12.86 24.47 5.57
N LEU D 278 14.00 24.61 6.23
CA LEU D 278 14.06 25.38 7.48
C LEU D 278 13.94 26.87 7.24
N ALA D 279 14.21 27.33 6.02
CA ALA D 279 14.01 28.73 5.70
C ALA D 279 12.55 29.12 5.82
N LEU D 280 11.64 28.20 5.51
CA LEU D 280 10.22 28.44 5.59
C LEU D 280 9.61 27.88 6.86
N ASN D 281 10.44 27.47 7.81
CA ASN D 281 10.06 26.75 9.03
C ASN D 281 9.27 25.49 8.72
N LEU D 282 9.57 24.85 7.59
CA LEU D 282 8.99 23.54 7.29
C LEU D 282 9.98 22.53 7.84
N ARG D 283 9.93 22.39 9.14
CA ARG D 283 10.91 21.64 9.90
C ARG D 283 10.36 20.28 10.29
N ALA D 284 11.26 19.33 10.48
CA ALA D 284 10.92 18.07 11.13
C ALA D 284 11.04 18.26 12.65
N TYR D 285 10.04 18.89 13.22
CA TYR D 285 10.09 19.18 14.65
C TYR D 285 9.54 18.05 15.49
N ASP D 286 8.28 17.70 15.30
CA ASP D 286 7.61 16.76 16.17
C ASP D 286 7.13 15.53 15.43
N PHE D 287 7.27 14.39 16.09
CA PHE D 287 6.48 13.20 15.78
C PHE D 287 5.19 13.34 16.57
N VAL D 288 4.09 13.61 15.87
CA VAL D 288 2.85 14.00 16.56
C VAL D 288 2.25 12.83 17.31
N SER D 289 2.42 11.61 16.81
CA SER D 289 1.87 10.45 17.50
C SER D 289 2.58 10.19 18.81
N GLN D 290 3.86 10.54 18.92
CA GLN D 290 4.53 10.45 20.20
C GLN D 290 4.21 11.65 21.08
N GLU D 291 3.99 12.82 20.46
CA GLU D 291 3.58 13.98 21.24
C GLU D 291 2.16 13.83 21.77
N LEU D 292 1.29 13.18 21.00
CA LEU D 292 -0.08 12.97 21.48
C LEU D 292 -0.12 11.91 22.55
N ARG D 293 0.73 10.89 22.46
CA ARG D 293 0.75 9.85 23.46
C ARG D 293 1.35 10.36 24.76
N ALA D 294 2.45 11.12 24.68
CA ALA D 294 3.06 11.67 25.87
C ALA D 294 2.23 12.76 26.52
N ALA D 295 1.31 13.36 25.78
CA ALA D 295 0.41 14.33 26.37
C ALA D 295 -0.61 13.67 27.29
N GLU D 296 -1.17 12.53 26.89
CA GLU D 296 -2.19 11.86 27.67
C GLU D 296 -1.66 10.73 28.55
N ASP D 297 -0.36 10.44 28.49
CA ASP D 297 0.24 9.38 29.30
C ASP D 297 1.53 9.91 29.91
N PRO D 298 1.50 10.41 31.14
CA PRO D 298 2.70 11.04 31.70
C PRO D 298 3.69 10.09 32.36
N GLU D 299 3.92 8.93 31.76
CA GLU D 299 5.16 8.19 31.94
C GLU D 299 5.82 7.79 30.65
N PHE D 300 5.15 7.97 29.52
CA PHE D 300 5.74 7.67 28.23
C PHE D 300 6.87 8.64 27.96
N GLU D 301 8.10 8.18 28.13
CA GLU D 301 9.29 8.97 27.88
C GLU D 301 10.17 8.22 26.91
N THR D 302 10.61 8.91 25.87
CA THR D 302 11.61 8.40 24.97
C THR D 302 12.78 9.36 24.96
N PHE D 303 13.85 9.01 24.25
CA PHE D 303 14.92 9.96 24.01
C PHE D 303 14.47 11.06 23.07
N TYR D 304 13.38 10.82 22.35
CA TYR D 304 12.77 11.85 21.53
C TYR D 304 12.18 12.97 22.37
N THR D 305 11.37 12.62 23.36
CA THR D 305 10.72 13.65 24.18
C THR D 305 11.69 14.33 25.10
N LYS D 306 12.80 13.66 25.45
CA LYS D 306 13.84 14.30 26.23
C LYS D 306 14.56 15.38 25.43
N ASN D 307 14.61 15.23 24.10
CA ASN D 307 15.25 16.24 23.28
C ASN D 307 14.39 17.48 23.09
N HIS D 308 13.07 17.35 23.24
CA HIS D 308 12.22 18.52 23.14
C HIS D 308 12.34 19.40 24.37
N LEU D 309 12.62 18.82 25.53
CA LEU D 309 12.84 19.63 26.72
C LEU D 309 14.16 20.37 26.65
N LEU D 310 15.14 19.81 25.94
CA LEU D 310 16.38 20.53 25.72
C LEU D 310 16.17 21.72 24.79
N ASP D 311 15.29 21.57 23.80
CA ASP D 311 15.02 22.65 22.85
C ASP D 311 14.24 23.77 23.52
N GLU D 312 13.30 23.45 24.40
CA GLU D 312 12.58 24.49 25.12
C GLU D 312 13.47 25.21 26.11
N GLY D 313 14.55 24.57 26.56
CA GLY D 313 15.54 25.28 27.34
C GLY D 313 16.36 26.22 26.50
N ILE D 314 16.74 25.79 25.29
CA ILE D 314 17.54 26.62 24.39
C ILE D 314 16.75 27.85 23.97
N ARG D 315 15.48 27.66 23.60
CA ARG D 315 14.68 28.74 23.07
C ARG D 315 14.30 29.77 24.11
N ALA D 316 14.35 29.44 25.39
CA ALA D 316 14.02 30.40 26.42
C ALA D 316 15.23 31.09 27.00
N TRP D 317 16.36 30.38 27.10
CA TRP D 317 17.52 30.93 27.77
C TRP D 317 18.44 31.70 26.84
N MET D 318 18.33 31.50 25.54
CA MET D 318 19.17 32.26 24.62
C MET D 318 18.44 33.37 23.89
N ALA D 319 17.10 33.39 23.91
CA ALA D 319 16.34 34.26 23.01
C ALA D 319 16.44 35.72 23.39
N ALA D 320 16.59 36.05 24.66
CA ALA D 320 16.73 37.45 25.05
C ALA D 320 18.06 38.01 24.61
N GLN D 321 19.11 37.20 24.66
CA GLN D 321 20.44 37.65 24.26
C GLN D 321 20.68 37.49 22.77
N ASP D 322 20.12 36.46 22.13
CA ASP D 322 20.39 36.23 20.72
C ASP D 322 19.48 37.04 19.81
N GLN D 323 18.31 37.45 20.28
CA GLN D 323 17.44 38.36 19.54
C GLN D 323 17.22 39.61 20.38
N PRO D 324 18.23 40.49 20.48
CA PRO D 324 18.11 41.64 21.38
C PRO D 324 17.21 42.74 20.84
N HIS D 325 16.96 42.78 19.53
CA HIS D 325 16.03 43.73 18.95
C HIS D 325 14.61 43.47 19.39
N GLU D 326 14.31 42.23 19.76
CA GLU D 326 12.95 41.84 20.07
C GLU D 326 12.54 42.26 21.47
N ASN D 327 13.51 42.62 22.32
CA ASN D 327 13.30 43.06 23.71
C ASN D 327 12.55 42.00 24.52
N PHE D 328 13.03 40.77 24.43
CA PHE D 328 12.48 39.67 25.20
C PHE D 328 12.84 39.86 26.66
N VAL D 329 11.85 40.11 27.50
CA VAL D 329 12.10 40.16 28.93
C VAL D 329 11.43 38.95 29.57
N PHE D 330 12.21 37.95 29.83
CA PHE D 330 11.64 36.81 30.54
C PHE D 330 11.99 36.92 32.01
N PRO D 331 11.00 36.94 32.90
CA PRO D 331 11.30 36.79 34.32
C PRO D 331 11.79 35.38 34.62
N GLU D 332 12.48 35.24 35.76
CA GLU D 332 13.04 33.96 36.14
C GLU D 332 11.98 32.91 36.42
N GLU D 333 10.79 33.33 36.79
CA GLU D 333 9.69 32.41 37.06
C GLU D 333 9.13 31.74 35.81
N VAL D 334 9.34 32.30 34.62
CA VAL D 334 8.82 31.66 33.41
C VAL D 334 9.89 30.88 32.67
N LEU D 335 11.14 30.98 33.07
CA LEU D 335 12.19 30.21 32.41
C LEU D 335 12.07 28.75 32.82
N PRO D 336 11.97 27.82 31.86
CA PRO D 336 11.90 26.40 32.21
C PRO D 336 13.22 25.90 32.77
N ARG D 337 13.17 25.38 33.99
CA ARG D 337 14.31 24.73 34.61
C ARG D 337 13.89 23.36 35.09
N GLY D 338 14.85 22.45 35.16
CA GLY D 338 14.69 21.26 35.95
C GLY D 338 14.89 21.59 37.42
N ASN D 339 14.79 20.57 38.25
CA ASN D 339 15.04 20.76 39.66
C ASN D 339 16.52 20.98 39.90
N ALA D 340 16.83 21.96 40.77
CA ALA D 340 18.15 22.26 41.32
C ALA D 340 19.16 22.76 40.29
N LEU D 341 18.76 22.97 39.05
CA LEU D 341 19.66 23.54 38.07
C LEU D 341 18.95 24.66 37.34
N ARG E 1 61.09 33.57 -13.06
CA ARG E 1 62.06 33.35 -11.99
C ARG E 1 61.51 32.43 -10.92
N PRO E 2 62.32 31.48 -10.45
CA PRO E 2 61.87 30.60 -9.36
C PRO E 2 61.70 31.34 -8.05
N PHE E 3 61.02 30.67 -7.11
CA PHE E 3 60.64 31.33 -5.86
C PHE E 3 61.76 31.34 -4.84
N SER E 4 62.32 30.16 -4.52
CA SER E 4 63.24 30.04 -3.41
C SER E 4 64.59 30.69 -3.69
N ASP E 5 64.92 30.92 -4.96
CA ASP E 5 66.12 31.65 -5.31
C ASP E 5 65.93 33.16 -5.21
N ILE E 6 64.68 33.63 -5.10
CA ILE E 6 64.45 35.04 -4.83
C ILE E 6 64.69 35.37 -3.36
N ILE E 7 64.03 34.64 -2.46
CA ILE E 7 64.07 34.96 -1.04
C ILE E 7 65.40 34.64 -0.39
N THR E 8 66.28 33.91 -1.07
CA THR E 8 67.64 33.71 -0.61
C THR E 8 68.63 34.71 -1.19
N SER E 9 68.24 35.47 -2.20
CA SER E 9 69.12 36.52 -2.70
C SER E 9 69.15 37.68 -1.73
N VAL E 10 70.31 38.34 -1.66
CA VAL E 10 70.46 39.43 -0.70
C VAL E 10 69.80 40.71 -1.20
N ARG E 11 69.54 40.84 -2.51
CA ARG E 11 68.83 42.00 -3.02
C ARG E 11 67.39 42.02 -2.54
N TYR E 12 66.77 40.84 -2.40
CA TYR E 12 65.44 40.74 -1.84
C TYR E 12 65.40 41.23 -0.41
N TRP E 13 66.43 40.91 0.37
CA TRP E 13 66.46 41.30 1.77
C TRP E 13 66.99 42.71 1.97
N ILE E 14 67.54 43.34 0.94
CA ILE E 14 67.84 44.76 1.04
C ILE E 14 66.55 45.57 0.91
N ILE E 15 65.68 45.18 -0.03
CA ILE E 15 64.42 45.88 -0.21
C ILE E 15 63.50 45.64 0.97
N HIS E 16 63.36 44.39 1.39
CA HIS E 16 62.32 44.00 2.33
C HIS E 16 62.75 44.10 3.78
N SER E 17 63.97 44.57 4.05
CA SER E 17 64.31 44.94 5.42
C SER E 17 63.86 46.35 5.75
N ILE E 18 63.44 47.12 4.76
CA ILE E 18 62.87 48.44 4.98
C ILE E 18 61.36 48.44 4.81
N THR E 19 60.84 47.79 3.77
CA THR E 19 59.43 47.83 3.46
C THR E 19 58.59 47.02 4.44
N ILE E 20 59.07 45.85 4.85
CA ILE E 20 58.31 45.03 5.79
C ILE E 20 58.24 45.63 7.20
N PRO E 21 59.34 46.14 7.80
CA PRO E 21 59.16 46.82 9.09
C PRO E 21 58.44 48.15 8.99
N SER E 22 58.43 48.81 7.83
CA SER E 22 57.69 50.06 7.74
C SER E 22 56.19 49.82 7.66
N LEU E 23 55.78 48.69 7.07
CA LEU E 23 54.37 48.34 7.05
C LEU E 23 53.90 47.79 8.38
N PHE E 24 54.77 47.07 9.09
CA PHE E 24 54.43 46.57 10.42
C PHE E 24 54.30 47.73 11.39
N VAL E 25 55.14 48.75 11.27
CA VAL E 25 55.03 49.92 12.13
C VAL E 25 53.78 50.72 11.77
N SER E 26 53.49 50.84 10.48
CA SER E 26 52.32 51.60 10.04
C SER E 26 51.02 50.91 10.44
N GLY E 27 51.02 49.58 10.53
CA GLY E 27 49.87 48.90 11.09
C GLY E 27 49.78 49.11 12.59
N TRP E 28 50.92 49.19 13.26
CA TRP E 28 50.95 49.48 14.70
C TRP E 28 50.46 50.90 14.98
N LEU E 29 50.82 51.85 14.11
CA LEU E 29 50.38 53.22 14.33
C LEU E 29 48.94 53.43 13.97
N PHE E 30 48.36 52.56 13.15
CA PHE E 30 46.93 52.60 12.85
C PHE E 30 46.10 52.32 14.09
N ILE E 31 46.65 51.56 15.03
CA ILE E 31 45.99 51.24 16.28
C ILE E 31 46.41 52.20 17.39
N SER E 32 47.70 52.56 17.43
CA SER E 32 48.23 53.36 18.52
C SER E 32 47.70 54.78 18.51
N THR E 33 47.49 55.35 17.33
CA THR E 33 46.91 56.68 17.23
C THR E 33 45.40 56.68 17.36
N GLY E 34 44.78 55.50 17.48
CA GLY E 34 43.34 55.44 17.60
C GLY E 34 42.60 55.72 16.32
N LEU E 35 43.27 55.61 15.18
CA LEU E 35 42.62 55.91 13.91
C LEU E 35 41.64 54.81 13.51
N ALA E 36 41.91 53.57 13.90
CA ALA E 36 41.06 52.45 13.48
C ALA E 36 39.70 52.49 14.17
N TYR E 37 39.60 53.15 15.32
CA TYR E 37 38.30 53.31 15.94
C TYR E 37 37.45 54.32 15.18
N ASP E 38 38.07 55.34 14.61
CA ASP E 38 37.33 56.39 13.93
C ASP E 38 36.98 55.99 12.50
N VAL E 39 37.78 55.13 11.88
CA VAL E 39 37.49 54.70 10.52
C VAL E 39 36.32 53.73 10.50
N PHE E 40 36.32 52.76 11.40
CA PHE E 40 35.36 51.68 11.37
C PHE E 40 34.21 51.85 12.34
N GLY E 41 34.27 52.83 13.23
CA GLY E 41 33.20 53.03 14.19
C GLY E 41 33.19 52.06 15.33
N THR E 42 34.30 51.36 15.56
CA THR E 42 34.40 50.44 16.67
C THR E 42 34.47 51.24 17.97
N PRO E 43 33.73 50.83 19.01
CA PRO E 43 33.85 51.50 20.30
C PRO E 43 35.19 51.23 20.94
N ARG E 44 35.82 52.30 21.43
CA ARG E 44 36.90 52.20 22.40
C ARG E 44 36.34 51.59 23.69
N PRO E 45 37.21 51.06 24.57
CA PRO E 45 36.72 50.50 25.84
C PRO E 45 35.99 51.49 26.74
N ASN E 46 36.24 52.80 26.59
CA ASN E 46 35.49 53.83 27.28
C ASN E 46 34.03 53.92 26.85
N GLU E 47 33.71 53.61 25.60
CA GLU E 47 32.50 54.11 24.98
C GLU E 47 31.61 53.00 24.46
N TYR E 48 31.46 51.92 25.22
CA TYR E 48 30.36 51.01 24.95
C TYR E 48 29.07 51.57 25.51
N PHE E 49 29.14 52.12 26.70
CA PHE E 49 28.03 52.81 27.33
C PHE E 49 28.48 54.21 27.67
N THR E 50 27.56 55.15 27.56
CA THR E 50 27.83 56.53 27.89
C THR E 50 27.05 56.90 29.14
N GLN E 51 27.15 58.17 29.54
CA GLN E 51 26.46 58.61 30.74
C GLN E 51 24.96 58.68 30.52
N ASP E 52 24.52 59.02 29.32
CA ASP E 52 23.09 59.03 29.02
C ASP E 52 22.57 57.63 28.71
N ARG E 53 23.34 56.84 27.95
CA ARG E 53 22.89 55.52 27.51
C ARG E 53 23.61 54.45 28.33
N GLN E 54 22.90 53.81 29.24
CA GLN E 54 23.41 52.67 29.98
C GLN E 54 22.94 51.36 29.37
N GLN E 55 22.33 51.40 28.20
CA GLN E 55 21.80 50.22 27.55
C GLN E 55 22.59 49.90 26.29
N VAL E 56 22.32 48.75 25.73
CA VAL E 56 22.96 48.30 24.50
C VAL E 56 22.30 48.99 23.32
N PRO E 57 23.05 49.71 22.49
CA PRO E 57 22.42 50.51 21.43
C PRO E 57 22.08 49.64 20.22
N LEU E 58 20.82 49.61 19.85
CA LEU E 58 20.42 48.89 18.66
C LEU E 58 19.74 49.82 17.68
N VAL E 59 19.91 49.52 16.41
CA VAL E 59 19.25 50.24 15.35
C VAL E 59 17.88 49.62 15.12
N ASN E 60 16.82 50.41 15.27
CA ASN E 60 15.47 49.90 15.10
C ASN E 60 14.76 50.49 13.89
N ASP E 61 15.46 51.20 13.02
CA ASP E 61 14.86 51.77 11.83
C ASP E 61 15.79 51.56 10.65
N ARG E 62 15.21 51.26 9.49
CA ARG E 62 16.00 50.92 8.32
C ARG E 62 16.48 52.18 7.60
N PHE E 63 15.58 53.12 7.37
CA PHE E 63 15.90 54.25 6.50
C PHE E 63 16.42 55.46 7.25
N SER E 64 16.25 55.51 8.57
CA SER E 64 16.95 56.48 9.40
C SER E 64 18.03 55.82 10.22
N ALA E 65 18.62 54.74 9.70
CA ALA E 65 19.67 54.01 10.41
C ALA E 65 20.93 54.85 10.52
N LYS E 66 21.20 55.70 9.53
CA LYS E 66 22.37 56.55 9.58
C LYS E 66 22.21 57.63 10.64
N GLN E 67 20.99 58.15 10.78
CA GLN E 67 20.75 59.23 11.73
C GLN E 67 20.54 58.72 13.14
N GLU E 68 19.96 57.52 13.28
CA GLU E 68 19.85 56.90 14.59
C GLU E 68 21.20 56.51 15.15
N LEU E 69 22.13 56.09 14.30
CA LEU E 69 23.48 55.78 14.75
C LEU E 69 24.26 57.01 15.14
N GLU E 70 23.96 58.15 14.50
CA GLU E 70 24.62 59.40 14.88
C GLU E 70 24.18 59.88 16.25
N ASP E 71 22.96 59.57 16.65
CA ASP E 71 22.51 59.94 17.99
C ASP E 71 23.04 58.98 19.04
N LEU E 72 23.29 57.72 18.67
CA LEU E 72 23.86 56.76 19.61
C LEU E 72 25.36 56.90 19.76
N THR E 73 26.03 57.63 18.86
CA THR E 73 27.48 57.79 18.91
C THR E 73 27.90 59.23 19.16
N LYS E 74 27.00 60.05 19.70
CA LYS E 74 27.36 61.44 19.99
C LYS E 74 28.12 61.60 21.30
N GLY E 75 27.98 60.67 22.23
CA GLY E 75 28.67 60.78 23.51
C GLY E 75 29.89 59.90 23.61
N PHE F 1 54.56 40.65 -14.95
CA PHE F 1 55.25 40.64 -13.66
C PHE F 1 54.29 40.25 -12.52
N ARG F 2 54.78 39.33 -11.68
CA ARG F 2 53.99 38.68 -10.65
C ARG F 2 54.05 39.42 -9.31
N TRP F 3 54.32 40.72 -9.33
CA TRP F 3 54.50 41.46 -8.09
C TRP F 3 53.16 41.68 -7.39
N LEU F 4 52.22 42.33 -8.06
CA LEU F 4 50.98 42.76 -7.42
C LEU F 4 49.97 41.65 -7.24
N ALA F 5 50.32 40.39 -7.48
CA ALA F 5 49.46 39.29 -7.09
C ALA F 5 49.85 38.73 -5.74
N ILE F 6 51.13 38.68 -5.43
CA ILE F 6 51.56 38.27 -4.10
C ILE F 6 51.58 39.46 -3.14
N HIS F 7 51.74 40.68 -3.65
CA HIS F 7 51.74 41.84 -2.78
C HIS F 7 50.34 42.33 -2.46
N GLY F 8 49.34 41.90 -3.20
CA GLY F 8 47.96 42.16 -2.80
C GLY F 8 47.55 41.39 -1.56
N LEU F 9 48.23 40.29 -1.26
CA LEU F 9 48.03 39.54 -0.04
C LEU F 9 49.03 39.90 1.06
N ALA F 10 50.29 40.11 0.71
CA ALA F 10 51.35 40.26 1.68
C ALA F 10 51.38 41.64 2.33
N ILE F 11 51.10 42.69 1.58
CA ILE F 11 51.08 44.05 2.13
C ILE F 11 49.94 44.26 3.12
N PRO F 12 48.68 43.86 2.87
CA PRO F 12 47.69 44.00 3.94
C PRO F 12 47.91 43.05 5.10
N THR F 13 48.56 41.90 4.88
CA THR F 13 48.82 40.97 5.96
C THR F 13 49.79 41.54 6.99
N VAL F 14 50.89 42.15 6.52
CA VAL F 14 51.85 42.75 7.43
C VAL F 14 51.28 43.99 8.09
N PHE F 15 50.44 44.73 7.38
CA PHE F 15 49.74 45.86 7.99
C PHE F 15 48.77 45.41 9.06
N PHE F 16 48.01 44.34 8.78
CA PHE F 16 47.06 43.83 9.76
C PHE F 16 47.78 43.20 10.94
N LEU F 17 48.89 42.51 10.70
CA LEU F 17 49.62 41.86 11.78
C LEU F 17 50.31 42.87 12.67
N GLY F 18 50.71 44.02 12.11
CA GLY F 18 51.21 45.09 12.94
C GLY F 18 50.14 45.71 13.80
N GLY F 19 48.90 45.67 13.33
CA GLY F 19 47.79 46.19 14.10
C GLY F 19 47.35 45.26 15.20
N ILE F 20 47.30 43.97 14.89
CA ILE F 20 46.89 42.97 15.87
C ILE F 20 47.94 42.82 16.97
N THR F 21 49.22 43.02 16.62
CA THR F 21 50.27 43.00 17.64
C THR F 21 50.17 44.21 18.56
N ALA F 22 49.76 45.36 18.03
CA ALA F 22 49.54 46.52 18.87
C ALA F 22 48.30 46.36 19.74
N MET F 23 47.36 45.51 19.32
CA MET F 23 46.13 45.32 20.08
C MET F 23 46.35 44.52 21.35
N GLN F 24 47.44 43.77 21.44
CA GLN F 24 47.70 42.97 22.64
C GLN F 24 48.07 43.83 23.83
N PHE F 25 48.51 45.06 23.61
CA PHE F 25 48.91 45.95 24.67
C PHE F 25 47.87 47.00 24.98
N ILE F 26 46.74 47.00 24.29
CA ILE F 26 45.61 47.84 24.66
C ILE F 26 44.99 47.26 25.91
N GLN F 27 44.82 48.09 26.93
CA GLN F 27 44.05 47.68 28.09
C GLN F 27 42.76 48.49 28.14
N ARG F 28 41.84 48.02 28.97
CA ARG F 28 40.55 48.66 29.11
C ARG F 28 40.71 49.99 29.85
N ALA G 1 11.95 10.65 -43.90
CA ALA G 1 11.76 9.89 -45.12
C ALA G 1 10.32 10.00 -45.61
N LEU G 2 9.37 10.00 -44.68
CA LEU G 2 7.96 10.08 -45.01
C LEU G 2 7.59 11.54 -45.24
N ARG G 3 7.13 11.83 -46.45
CA ARG G 3 6.66 13.17 -46.79
C ARG G 3 5.17 13.27 -46.47
N THR G 4 4.82 14.19 -45.59
CA THR G 4 3.43 14.41 -45.23
C THR G 4 3.00 15.80 -45.71
N ARG G 5 1.68 16.03 -45.65
CA ARG G 5 1.14 17.30 -46.13
C ARG G 5 1.53 18.45 -45.22
N LEU G 6 1.45 18.23 -43.91
CA LEU G 6 1.93 19.24 -42.97
C LEU G 6 3.44 19.34 -42.99
N GLY G 7 4.13 18.24 -43.27
CA GLY G 7 5.57 18.27 -43.36
C GLY G 7 6.11 19.05 -44.52
N GLU G 8 5.32 19.22 -45.59
CA GLU G 8 5.77 20.03 -46.71
C GLU G 8 5.51 21.51 -46.47
N ILE G 9 4.53 21.84 -45.65
CA ILE G 9 4.31 23.22 -45.28
C ILE G 9 5.43 23.71 -44.37
N LEU G 10 5.83 22.89 -43.41
CA LEU G 10 6.84 23.27 -42.44
C LEU G 10 8.25 23.00 -42.91
N ARG G 11 8.42 22.41 -44.09
CA ARG G 11 9.74 22.05 -44.59
C ARG G 11 10.72 23.22 -44.79
N PRO G 12 10.35 24.40 -45.30
CA PRO G 12 11.35 25.48 -45.37
C PRO G 12 11.80 26.01 -44.02
N LEU G 13 11.02 25.81 -42.96
CA LEU G 13 11.41 26.29 -41.65
C LEU G 13 12.53 25.46 -41.04
N ASN G 14 12.72 24.23 -41.49
CA ASN G 14 13.84 23.42 -41.06
C ASN G 14 14.87 23.24 -42.17
N ALA G 15 14.81 24.07 -43.21
CA ALA G 15 15.64 23.82 -44.38
C ALA G 15 17.08 24.29 -44.18
N GLU G 16 17.26 25.47 -43.60
CA GLU G 16 18.58 25.86 -43.16
C GLU G 16 19.00 24.99 -41.99
N TYR G 17 20.31 24.76 -41.88
CA TYR G 17 20.90 24.10 -40.72
C TYR G 17 22.39 24.37 -40.73
N GLY G 18 22.90 24.97 -39.66
CA GLY G 18 24.29 25.36 -39.66
C GLY G 18 24.62 26.55 -40.52
N LYS G 19 23.62 27.26 -41.03
CA LYS G 19 23.85 28.50 -41.75
C LYS G 19 24.17 29.59 -40.74
N VAL G 20 25.34 30.20 -40.87
CA VAL G 20 25.78 31.19 -39.91
C VAL G 20 26.04 32.51 -40.64
N ALA G 21 25.87 33.58 -39.91
CA ALA G 21 26.42 34.84 -40.35
C ALA G 21 27.93 34.84 -40.10
N PRO G 22 28.73 35.41 -41.01
CA PRO G 22 30.18 35.28 -40.88
C PRO G 22 30.73 36.19 -39.79
N GLY G 23 31.78 35.70 -39.13
CA GLY G 23 32.52 36.50 -38.17
C GLY G 23 31.79 36.73 -36.87
N TRP G 24 31.83 37.97 -36.38
CA TRP G 24 31.22 38.30 -35.11
C TRP G 24 29.76 38.71 -35.23
N GLY G 25 29.33 39.16 -36.41
CA GLY G 25 27.91 39.31 -36.68
C GLY G 25 27.25 40.40 -35.85
N THR G 26 26.20 40.01 -35.14
CA THR G 26 25.43 40.91 -34.31
C THR G 26 25.73 40.73 -32.82
N THR G 27 26.89 40.15 -32.49
CA THR G 27 27.28 40.01 -31.09
C THR G 27 27.51 41.34 -30.35
N PRO G 28 28.04 42.42 -30.96
CA PRO G 28 28.05 43.69 -30.21
C PRO G 28 26.68 44.22 -29.87
N ILE G 29 25.67 44.00 -30.71
CA ILE G 29 24.32 44.46 -30.38
C ILE G 29 23.72 43.58 -29.30
N MET G 30 24.04 42.29 -29.32
CA MET G 30 23.52 41.35 -28.34
C MET G 30 24.04 41.63 -26.94
N GLY G 31 25.31 42.04 -26.84
CA GLY G 31 25.88 42.35 -25.55
C GLY G 31 25.33 43.64 -24.95
N ILE G 32 24.89 44.56 -25.79
CA ILE G 32 24.28 45.79 -25.30
C ILE G 32 22.87 45.53 -24.80
N VAL G 33 22.14 44.66 -25.49
CA VAL G 33 20.80 44.26 -25.04
C VAL G 33 20.89 43.46 -23.75
N MET G 34 21.90 42.59 -23.64
CA MET G 34 22.13 41.83 -22.41
C MET G 34 22.55 42.74 -21.27
N LEU G 35 23.31 43.79 -21.55
CA LEU G 35 23.73 44.70 -20.49
C LEU G 35 22.57 45.54 -19.98
N ALA G 36 21.69 45.99 -20.88
CA ALA G 36 20.51 46.74 -20.46
C ALA G 36 19.53 45.85 -19.72
N PHE G 37 19.48 44.58 -20.06
CA PHE G 37 18.65 43.63 -19.33
C PHE G 37 19.19 43.37 -17.94
N LEU G 38 20.51 43.39 -17.78
CA LEU G 38 21.11 43.24 -16.47
C LEU G 38 20.82 44.44 -15.59
N ILE G 39 20.89 45.64 -16.17
CA ILE G 39 20.57 46.86 -15.43
C ILE G 39 19.10 46.88 -15.07
N PHE G 40 18.24 46.40 -15.96
CA PHE G 40 16.80 46.36 -15.72
C PHE G 40 16.46 45.42 -14.56
N LEU G 41 17.14 44.29 -14.48
CA LEU G 41 16.88 43.35 -13.40
C LEU G 41 17.44 43.87 -12.08
N VAL G 42 18.51 44.65 -12.12
CA VAL G 42 19.04 45.26 -10.91
C VAL G 42 18.12 46.38 -10.42
N ILE G 43 17.43 47.06 -11.36
CA ILE G 43 16.46 48.09 -10.98
C ILE G 43 15.28 47.48 -10.23
N ILE G 44 14.64 46.47 -10.82
CA ILE G 44 13.44 45.91 -10.21
C ILE G 44 13.76 45.04 -9.02
N LEU G 45 15.01 44.57 -8.89
CA LEU G 45 15.41 43.94 -7.65
C LEU G 45 15.47 44.96 -6.53
N GLN G 46 16.11 46.10 -6.77
CA GLN G 46 16.31 47.10 -5.73
C GLN G 46 15.05 47.88 -5.40
N ILE G 47 14.08 47.95 -6.31
CA ILE G 47 12.79 48.54 -5.97
C ILE G 47 12.08 47.66 -4.96
N TYR G 48 11.99 46.38 -5.25
CA TYR G 48 11.32 45.40 -4.40
C TYR G 48 12.08 45.15 -3.11
N ASN G 49 13.40 45.31 -3.15
CA ASN G 49 14.24 45.31 -1.95
C ASN G 49 14.12 46.57 -1.12
N SER G 50 13.53 47.62 -1.68
CA SER G 50 13.51 48.99 -1.14
C SER G 50 14.91 49.56 -0.95
N SER G 51 15.88 49.09 -1.74
CA SER G 51 17.15 49.77 -1.89
C SER G 51 17.08 50.87 -2.95
N LEU G 52 16.05 50.84 -3.78
CA LEU G 52 15.76 51.88 -4.75
C LEU G 52 14.38 52.41 -4.42
N ILE G 53 14.31 53.67 -4.01
CA ILE G 53 13.05 54.30 -3.63
C ILE G 53 12.69 55.33 -4.69
N ILE G 54 11.57 55.11 -5.34
CA ILE G 54 11.06 55.97 -6.40
C ILE G 54 9.80 56.65 -5.86
N GLU G 55 9.56 57.88 -6.31
CA GLU G 55 8.37 58.62 -5.92
C GLU G 55 7.12 57.92 -6.44
N ASN G 56 6.10 57.84 -5.56
CA ASN G 56 4.80 57.23 -5.82
C ASN G 56 4.92 55.75 -6.17
N VAL G 57 5.97 55.09 -5.70
CA VAL G 57 6.10 53.64 -5.81
C VAL G 57 6.26 53.12 -4.38
N ASP G 58 5.15 52.76 -3.76
CA ASP G 58 5.14 52.27 -2.38
C ASP G 58 5.05 50.75 -2.42
N VAL G 59 6.18 50.09 -2.15
CA VAL G 59 6.22 48.64 -2.19
C VAL G 59 5.60 48.09 -0.91
N ASP G 60 4.30 47.85 -0.96
CA ASP G 60 3.47 47.43 0.15
C ASP G 60 2.16 46.98 -0.48
N TRP G 61 1.41 46.14 0.24
CA TRP G 61 0.11 45.67 -0.21
C TRP G 61 -0.83 46.82 -0.53
N ALA G 62 -1.34 46.81 -1.75
CA ALA G 62 -2.07 47.93 -2.30
C ALA G 62 -3.54 47.58 -2.46
N ASN G 63 -4.34 48.61 -2.68
CA ASN G 63 -5.77 48.45 -2.90
C ASN G 63 -6.02 48.34 -4.40
N GLY G 64 -6.07 47.12 -4.91
CA GLY G 64 -6.68 46.89 -6.20
C GLY G 64 -8.17 47.20 -6.12
N ILE G 65 -8.70 47.73 -7.23
CA ILE G 65 -10.05 48.29 -7.25
C ILE G 65 -11.06 47.17 -7.03
N VAL G 66 -11.81 47.27 -5.94
CA VAL G 66 -12.88 46.30 -5.66
C VAL G 66 -14.18 47.04 -5.41
N MET H 1 20.98 -17.74 35.83
CA MET H 1 21.71 -17.19 36.97
C MET H 1 22.46 -18.29 37.69
N LEU H 2 23.79 -18.27 37.48
CA LEU H 2 24.84 -19.16 37.95
C LEU H 2 24.84 -20.50 37.21
N THR H 3 23.78 -20.80 36.46
CA THR H 3 23.88 -21.82 35.43
C THR H 3 24.28 -21.15 34.13
N LEU H 4 23.74 -19.97 33.88
CA LEU H 4 24.19 -19.13 32.78
C LEU H 4 25.63 -18.68 32.97
N LYS H 5 26.05 -18.46 34.22
CA LYS H 5 27.41 -18.03 34.46
C LYS H 5 28.41 -19.14 34.16
N ILE H 6 28.05 -20.40 34.40
CA ILE H 6 28.89 -21.52 34.01
C ILE H 6 28.99 -21.60 32.50
N LEU H 7 27.88 -21.39 31.80
CA LEU H 7 27.85 -21.50 30.35
C LEU H 7 28.67 -20.39 29.70
N VAL H 8 28.59 -19.16 30.22
CA VAL H 8 29.33 -18.06 29.61
C VAL H 8 30.82 -18.19 29.92
N TYR H 9 31.16 -18.61 31.14
CA TYR H 9 32.56 -18.82 31.50
C TYR H 9 33.18 -19.95 30.69
N THR H 10 32.40 -20.98 30.41
CA THR H 10 32.88 -22.06 29.54
C THR H 10 33.04 -21.57 28.12
N THR H 11 32.15 -20.70 27.68
CA THR H 11 32.21 -20.19 26.32
C THR H 11 33.35 -19.20 26.15
N VAL H 12 33.56 -18.33 27.12
CA VAL H 12 34.61 -17.32 27.01
C VAL H 12 35.98 -17.94 27.07
N ILE H 13 36.19 -18.89 28.00
CA ILE H 13 37.48 -19.55 28.09
C ILE H 13 37.72 -20.48 26.92
N PHE H 14 36.68 -20.88 26.20
CA PHE H 14 36.89 -21.67 24.99
C PHE H 14 37.47 -20.80 23.87
N PHE H 15 36.85 -19.65 23.62
CA PHE H 15 37.27 -18.81 22.51
C PHE H 15 38.55 -18.05 22.82
N VAL H 16 38.79 -17.71 24.09
CA VAL H 16 40.02 -17.04 24.46
C VAL H 16 41.20 -17.99 24.35
N SER H 17 41.00 -19.26 24.73
CA SER H 17 42.09 -20.22 24.61
C SER H 17 42.34 -20.60 23.15
N LEU H 18 41.32 -20.54 22.30
CA LEU H 18 41.56 -20.69 20.87
C LEU H 18 42.39 -19.55 20.33
N PHE H 19 42.13 -18.34 20.82
CA PHE H 19 42.91 -17.18 20.45
C PHE H 19 44.34 -17.29 20.96
N ILE H 20 44.51 -17.78 22.20
CA ILE H 20 45.83 -17.84 22.81
C ILE H 20 46.69 -18.89 22.15
N PHE H 21 46.20 -20.13 22.10
CA PHE H 21 47.01 -21.20 21.56
C PHE H 21 47.07 -21.17 20.05
N GLY H 22 46.18 -20.42 19.40
CA GLY H 22 46.31 -20.21 17.98
C GLY H 22 47.44 -19.27 17.63
N PHE H 23 47.61 -18.21 18.42
CA PHE H 23 48.73 -17.30 18.18
C PHE H 23 50.03 -17.85 18.74
N LEU H 24 49.98 -18.89 19.56
CA LEU H 24 51.15 -19.64 19.94
C LEU H 24 51.50 -20.74 18.96
N SER H 25 50.65 -20.97 17.95
CA SER H 25 50.84 -22.07 17.01
C SER H 25 51.74 -21.70 15.85
N SER H 26 52.91 -21.15 16.17
CA SER H 26 53.93 -20.70 15.21
C SER H 26 53.35 -19.75 14.18
N ASP H 27 52.65 -18.75 14.68
CA ASP H 27 51.90 -17.82 13.85
C ASP H 27 52.71 -16.83 13.00
N PRO H 28 53.91 -16.34 13.41
CA PRO H 28 54.71 -15.58 12.44
C PRO H 28 55.07 -16.35 11.18
N SER H 29 55.26 -17.67 11.27
CA SER H 29 55.62 -18.45 10.11
C SER H 29 54.48 -18.63 9.11
N ARG H 30 53.25 -18.29 9.47
CA ARG H 30 52.11 -18.40 8.57
C ARG H 30 51.97 -17.13 7.74
N ASN H 31 52.94 -16.94 6.86
CA ASN H 31 52.98 -15.82 5.93
C ASN H 31 53.29 -16.39 4.56
N PRO H 32 52.89 -15.70 3.49
CA PRO H 32 53.04 -16.30 2.15
C PRO H 32 54.46 -16.32 1.62
N ASN H 33 55.44 -15.74 2.31
CA ASN H 33 56.81 -15.79 1.81
C ASN H 33 57.40 -17.19 1.99
N ARG H 34 57.49 -17.65 3.23
CA ARG H 34 57.93 -19.00 3.50
C ARG H 34 57.01 -19.61 4.56
N LYS H 35 56.61 -20.86 4.32
CA LYS H 35 55.85 -21.70 5.26
C LYS H 35 54.51 -21.11 5.64
N ARG I 1 73.62 35.69 -1.23
CA ARG I 1 73.16 34.32 -1.04
C ARG I 1 73.09 33.95 0.43
N ILE I 2 71.92 33.51 0.87
CA ILE I 2 71.66 33.14 2.26
C ILE I 2 71.23 31.67 2.25
N PRO I 3 71.65 30.86 3.23
CA PRO I 3 71.13 29.49 3.30
C PRO I 3 69.64 29.47 3.60
N LEU I 4 68.94 28.55 2.93
CA LEU I 4 67.49 28.51 3.00
C LEU I 4 66.99 28.09 4.38
N TRP I 5 67.77 27.29 5.09
CA TRP I 5 67.41 26.93 6.46
C TRP I 5 67.61 28.08 7.42
N LEU I 6 68.48 29.03 7.10
CA LEU I 6 68.65 30.20 7.95
C LEU I 6 67.46 31.15 7.82
N VAL I 7 66.85 31.20 6.64
CA VAL I 7 65.65 32.01 6.47
C VAL I 7 64.47 31.38 7.20
N GLY I 8 64.32 30.07 7.10
CA GLY I 8 63.30 29.36 7.84
C GLY I 8 63.52 29.35 9.33
N LEU I 9 64.75 29.57 9.78
CA LEU I 9 65.02 29.69 11.21
C LEU I 9 64.45 31.00 11.75
N VAL I 10 64.92 32.14 11.21
CA VAL I 10 64.47 33.42 11.70
C VAL I 10 63.04 33.72 11.25
N GLY I 11 62.56 33.06 10.20
CA GLY I 11 61.16 33.18 9.85
C GLY I 11 60.28 32.43 10.83
N GLY I 12 60.70 31.24 11.25
CA GLY I 12 59.96 30.51 12.27
C GLY I 12 60.11 31.10 13.65
N LEU I 13 61.23 31.78 13.91
CA LEU I 13 61.37 32.48 15.17
C LEU I 13 60.49 33.73 15.23
N ALA I 14 60.17 34.31 14.07
CA ALA I 14 59.25 35.44 14.05
C ALA I 14 57.81 34.98 14.25
N VAL I 15 57.47 33.83 13.69
CA VAL I 15 56.12 33.27 13.85
C VAL I 15 55.90 32.81 15.28
N ILE I 16 56.94 32.24 15.90
CA ILE I 16 56.86 31.83 17.30
C ILE I 16 56.71 33.06 18.20
N THR I 17 57.45 34.12 17.91
CA THR I 17 57.38 35.34 18.71
C THR I 17 56.03 36.02 18.59
N MET I 18 55.46 36.04 17.38
CA MET I 18 54.19 36.71 17.18
C MET I 18 53.04 35.93 17.77
N LEU I 19 53.09 34.59 17.67
CA LEU I 19 52.06 33.79 18.31
C LEU I 19 52.22 33.74 19.82
N SER I 20 53.43 33.98 20.33
CA SER I 20 53.59 34.14 21.76
C SER I 20 52.99 35.45 22.24
N LEU I 21 53.03 36.48 21.40
CA LEU I 21 52.40 37.74 21.77
C LEU I 21 50.89 37.65 21.70
N PHE I 22 50.37 36.82 20.79
CA PHE I 22 48.93 36.65 20.70
C PHE I 22 48.41 35.85 21.88
N PHE I 23 49.21 34.91 22.38
CA PHE I 23 48.82 34.15 23.55
C PHE I 23 49.09 34.90 24.84
N TYR I 24 50.07 35.79 24.84
CA TYR I 24 50.22 36.69 25.97
C TYR I 24 49.05 37.66 26.05
N GLY I 25 48.59 38.16 24.90
CA GLY I 25 47.49 39.10 24.87
C GLY I 25 46.15 38.49 25.21
N SER I 26 46.07 37.17 25.23
CA SER I 26 44.89 36.52 25.78
C SER I 26 44.87 36.53 27.29
N TYR I 27 46.01 36.78 27.93
CA TYR I 27 46.08 36.84 29.39
C TYR I 27 46.26 38.25 29.91
N SER I 28 46.29 39.25 29.05
CA SER I 28 46.56 40.62 29.46
C SER I 28 45.80 41.57 28.56
N GLY I 29 45.38 42.70 29.12
CA GLY I 29 44.73 43.71 28.31
C GLY I 29 43.30 43.34 27.99
N LEU I 30 42.89 43.61 26.76
CA LEU I 30 41.52 43.36 26.35
C LEU I 30 41.29 41.88 26.11
N GLY I 31 40.10 41.41 26.47
CA GLY I 31 39.76 40.02 26.28
C GLY I 31 40.42 39.08 27.25
N SER I 32 40.94 39.61 28.35
CA SER I 32 41.67 38.81 29.34
C SER I 32 40.86 38.54 30.59
N SER I 33 39.60 39.02 30.64
CA SER I 33 38.70 38.90 31.79
C SER I 33 39.28 39.51 33.07
N LEU I 34 40.15 40.50 32.93
CA LEU I 34 40.81 41.08 34.09
C LEU I 34 40.30 42.49 34.36
N ARG J 1 58.01 29.72 46.60
CA ARG J 1 59.16 30.58 46.33
C ARG J 1 60.46 29.80 46.50
N LEU J 2 61.48 30.18 45.74
CA LEU J 2 62.79 29.59 45.89
C LEU J 2 63.42 30.00 47.21
N PRO J 3 64.39 29.24 47.72
CA PRO J 3 65.15 29.70 48.89
C PRO J 3 65.89 30.99 48.59
N GLU J 4 66.09 31.79 49.64
CA GLU J 4 66.47 33.20 49.54
C GLU J 4 67.79 33.41 48.80
N ALA J 5 68.73 32.46 48.88
CA ALA J 5 69.95 32.55 48.11
C ALA J 5 69.75 32.34 46.62
N TYR J 6 68.58 31.88 46.20
CA TYR J 6 68.36 31.53 44.81
C TYR J 6 67.20 32.25 44.15
N VAL J 7 66.57 33.22 44.81
CA VAL J 7 65.44 33.92 44.19
C VAL J 7 65.87 34.91 43.12
N VAL J 8 67.17 35.17 42.99
CA VAL J 8 67.65 35.99 41.88
C VAL J 8 67.44 35.26 40.56
N PHE J 9 67.60 33.95 40.57
CA PHE J 9 67.50 33.13 39.37
C PHE J 9 66.10 32.68 39.07
N SER J 10 65.11 33.26 39.75
CA SER J 10 63.72 32.91 39.49
C SER J 10 63.22 33.18 38.06
N PRO J 11 63.66 34.21 37.31
CA PRO J 11 63.25 34.26 35.90
C PRO J 11 63.88 33.19 35.03
N ILE J 12 65.08 32.71 35.38
CA ILE J 12 65.72 31.65 34.60
C ILE J 12 64.95 30.34 34.77
N VAL J 13 64.48 30.08 35.99
CA VAL J 13 63.75 28.86 36.31
C VAL J 13 62.40 28.82 35.58
N ASP J 14 61.85 29.99 35.25
CA ASP J 14 60.60 30.07 34.51
C ASP J 14 60.71 29.56 33.08
N VAL J 15 61.90 29.57 32.50
CA VAL J 15 62.09 29.06 31.13
C VAL J 15 62.65 27.66 31.09
N LEU J 16 63.14 27.13 32.21
CA LEU J 16 63.77 25.82 32.20
C LEU J 16 62.88 24.64 31.80
N PRO J 17 61.59 24.54 32.18
CA PRO J 17 60.80 23.40 31.68
C PRO J 17 60.53 23.44 30.18
N ILE J 18 60.60 24.61 29.54
CA ILE J 18 60.32 24.71 28.11
C ILE J 18 61.46 24.16 27.26
N ILE J 19 62.63 23.95 27.88
CA ILE J 19 63.81 23.53 27.13
C ILE J 19 63.67 22.17 26.45
N PRO J 20 62.99 21.16 27.02
CA PRO J 20 62.68 19.96 26.20
C PRO J 20 61.86 20.22 24.94
N VAL J 21 60.98 21.21 24.91
CA VAL J 21 60.31 21.51 23.64
C VAL J 21 61.31 22.08 22.63
N PHE J 22 62.29 22.83 23.11
CA PHE J 22 63.32 23.37 22.23
C PHE J 22 64.26 22.30 21.70
N PHE J 23 64.33 21.13 22.34
CA PHE J 23 65.16 20.05 21.82
C PHE J 23 64.49 19.35 20.65
N LEU J 24 63.18 19.21 20.67
CA LEU J 24 62.46 18.65 19.53
C LEU J 24 62.54 19.59 18.34
N LEU J 25 62.47 20.91 18.57
CA LEU J 25 62.64 21.87 17.50
C LEU J 25 64.07 21.90 16.98
N LEU J 26 65.04 21.54 17.82
CA LEU J 26 66.43 21.56 17.42
C LEU J 26 66.74 20.47 16.40
N ALA J 27 66.05 19.35 16.48
CA ALA J 27 66.27 18.27 15.52
C ALA J 27 65.77 18.66 14.14
N PHE J 28 64.79 19.55 14.05
CA PHE J 28 64.31 20.01 12.77
C PHE J 28 65.20 21.10 12.19
N VAL J 29 65.83 21.91 13.03
CA VAL J 29 66.81 22.88 12.56
C VAL J 29 68.04 22.17 12.02
N TRP J 30 68.49 21.14 12.72
CA TRP J 30 69.67 20.41 12.31
C TRP J 30 69.41 19.63 11.03
N GLN J 31 68.19 19.11 10.85
CA GLN J 31 67.86 18.45 9.61
C GLN J 31 67.72 19.44 8.47
N ALA J 32 67.27 20.65 8.75
CA ALA J 32 67.18 21.65 7.70
C ALA J 32 68.54 22.22 7.35
N ALA J 33 69.45 22.32 8.33
CA ALA J 33 70.77 22.85 8.06
C ALA J 33 71.60 21.88 7.25
N ILE J 34 71.38 20.58 7.42
CA ILE J 34 72.04 19.60 6.57
C ILE J 34 71.28 19.39 5.28
N GLY J 35 70.11 20.01 5.12
CA GLY J 35 69.35 19.92 3.90
C GLY J 35 68.45 18.73 3.80
N PHE J 36 68.07 18.13 4.93
CA PHE J 36 67.32 16.87 5.01
C PHE J 36 67.99 15.75 4.24
N ARG J 37 69.32 15.73 4.25
CA ARG J 37 70.09 14.66 3.64
C ARG J 37 71.31 14.33 4.51
N MET K 1 3.16 2.75 -39.45
CA MET K 1 4.50 2.62 -38.89
C MET K 1 5.55 2.96 -39.93
N THR K 2 6.51 3.79 -39.55
CA THR K 2 7.69 4.06 -40.36
C THR K 2 8.70 2.93 -40.11
N GLY K 3 9.96 3.15 -40.51
CA GLY K 3 10.93 2.09 -40.47
C GLY K 3 11.33 1.68 -39.05
N PRO K 4 12.14 0.64 -38.95
CA PRO K 4 12.70 0.28 -37.63
C PRO K 4 13.70 1.32 -37.18
N ASN K 5 13.59 1.71 -35.92
CA ASN K 5 14.36 2.83 -35.40
C ASN K 5 15.82 2.43 -35.19
N PRO K 6 16.77 3.17 -35.75
CA PRO K 6 18.18 2.83 -35.57
C PRO K 6 18.76 3.32 -34.26
N ASN K 7 18.01 4.05 -33.45
CA ASN K 7 18.49 4.57 -32.18
C ASN K 7 18.23 3.64 -31.02
N LYS K 8 17.71 2.44 -31.29
CA LYS K 8 17.29 1.54 -30.22
C LYS K 8 18.52 0.93 -29.56
N GLN K 9 18.62 1.07 -28.25
CA GLN K 9 19.76 0.57 -27.49
C GLN K 9 19.29 -0.42 -26.43
N ALA K 10 20.25 -1.17 -25.92
CA ALA K 10 20.00 -2.08 -24.80
C ALA K 10 20.25 -1.36 -23.49
N VAL K 11 19.58 -1.82 -22.44
CA VAL K 11 19.72 -1.28 -21.10
C VAL K 11 20.32 -2.35 -20.21
N GLU K 12 21.25 -1.94 -19.37
CA GLU K 12 21.92 -2.85 -18.46
C GLU K 12 21.69 -2.39 -17.02
N LEU K 13 21.69 -3.38 -16.12
CA LEU K 13 21.81 -3.12 -14.69
C LEU K 13 22.48 -4.36 -14.14
N ASN K 14 23.77 -4.25 -13.79
CA ASN K 14 24.46 -5.42 -13.29
C ASN K 14 24.05 -5.70 -11.84
N ARG K 15 24.60 -6.77 -11.27
CA ARG K 15 24.17 -7.21 -9.95
C ARG K 15 24.62 -6.27 -8.85
N THR K 16 25.76 -5.61 -9.04
CA THR K 16 26.23 -4.60 -8.11
C THR K 16 25.28 -3.41 -8.05
N SER K 17 24.83 -2.96 -9.21
CA SER K 17 23.92 -1.82 -9.26
C SER K 17 22.54 -2.19 -8.71
N LEU K 18 22.15 -3.45 -8.84
CA LEU K 18 20.90 -3.90 -8.23
C LEU K 18 21.00 -3.87 -6.71
N TYR K 19 22.11 -4.36 -6.16
CA TYR K 19 22.30 -4.33 -4.71
C TYR K 19 22.44 -2.92 -4.19
N TRP K 20 23.06 -2.03 -4.97
CA TRP K 20 23.18 -0.64 -4.53
C TRP K 20 21.84 0.06 -4.56
N GLY K 21 21.00 -0.26 -5.54
CA GLY K 21 19.70 0.37 -5.60
C GLY K 21 18.69 -0.23 -4.66
N LEU K 22 18.78 -1.53 -4.42
CA LEU K 22 17.92 -2.15 -3.41
C LEU K 22 18.28 -1.64 -2.02
N LEU K 23 19.57 -1.42 -1.77
CA LEU K 23 19.97 -0.87 -0.49
C LEU K 23 19.52 0.57 -0.34
N LEU K 24 19.60 1.35 -1.42
CA LEU K 24 19.23 2.75 -1.37
C LEU K 24 17.74 2.93 -1.10
N ILE K 25 16.91 2.12 -1.73
CA ILE K 25 15.47 2.26 -1.59
C ILE K 25 15.01 1.77 -0.23
N PHE K 26 15.63 0.72 0.28
CA PHE K 26 15.26 0.20 1.60
C PHE K 26 15.72 1.14 2.70
N VAL K 27 16.88 1.77 2.54
CA VAL K 27 17.40 2.66 3.58
C VAL K 27 16.65 3.99 3.56
N LEU K 28 16.30 4.49 2.38
CA LEU K 28 15.44 5.64 2.28
C LEU K 28 14.06 5.36 2.83
N ALA K 29 13.58 4.12 2.67
CA ALA K 29 12.31 3.75 3.29
C ALA K 29 12.45 3.63 4.80
N VAL K 30 13.58 3.13 5.29
CA VAL K 30 13.83 3.08 6.73
C VAL K 30 13.91 4.47 7.31
N LEU K 31 14.59 5.38 6.61
CA LEU K 31 14.80 6.73 7.10
C LEU K 31 13.52 7.54 7.11
N PHE K 32 12.77 7.52 6.02
CA PHE K 32 11.64 8.41 5.86
C PHE K 32 10.33 7.86 6.41
N SER K 33 10.30 6.60 6.88
CA SER K 33 9.04 6.04 7.35
C SER K 33 8.56 6.70 8.64
N SER K 34 9.49 7.00 9.55
CA SER K 34 9.13 7.60 10.83
C SER K 34 8.55 9.00 10.64
N TYR K 35 8.97 9.69 9.58
CA TYR K 35 8.47 11.02 9.30
C TYR K 35 7.15 10.98 8.59
N PHE K 36 6.97 10.02 7.69
CA PHE K 36 5.68 9.88 7.01
C PHE K 36 4.61 9.42 7.98
N PHE K 37 4.95 8.50 8.87
CA PHE K 37 3.99 8.05 9.86
C PHE K 37 3.69 9.13 10.89
N ASN K 38 4.68 10.00 11.13
CA ASN K 38 4.58 11.14 12.04
C ASN K 38 4.18 10.73 13.45
N GLU L 1 -1.62 8.00 17.33
CA GLU L 1 -2.17 7.54 16.06
C GLU L 1 -1.40 8.14 14.89
N VAL L 2 -1.01 7.28 13.95
CA VAL L 2 -0.18 7.67 12.84
C VAL L 2 -1.06 7.94 11.63
N GLN L 3 -0.47 8.57 10.61
CA GLN L 3 -1.20 8.88 9.39
C GLN L 3 -1.36 7.63 8.54
N PHE L 4 -2.60 7.34 8.15
CA PHE L 4 -2.90 6.09 7.47
C PHE L 4 -2.44 6.05 6.03
N GLY L 5 -2.24 7.20 5.40
CA GLY L 5 -1.70 7.21 4.06
C GLY L 5 -0.22 6.92 3.98
N ALA L 6 0.46 6.93 5.13
CA ALA L 6 1.88 6.62 5.17
C ALA L 6 2.17 5.15 4.98
N TYR L 7 1.21 4.27 5.27
CA TYR L 7 1.39 2.86 4.96
C TYR L 7 1.47 2.66 3.45
N LEU L 8 0.69 3.42 2.70
CA LEU L 8 0.78 3.36 1.25
C LEU L 8 2.05 4.02 0.75
N ALA L 9 2.45 5.13 1.38
CA ALA L 9 3.62 5.87 0.91
C ALA L 9 4.90 5.10 1.16
N VAL L 10 4.98 4.36 2.26
CA VAL L 10 6.18 3.61 2.57
C VAL L 10 6.23 2.32 1.75
N LEU L 11 5.12 1.57 1.72
CA LEU L 11 5.16 0.26 1.10
C LEU L 11 5.14 0.33 -0.42
N LEU L 12 4.38 1.25 -1.02
CA LEU L 12 4.51 1.44 -2.46
C LEU L 12 5.76 2.22 -2.81
N GLY L 13 6.24 3.08 -1.91
CA GLY L 13 7.50 3.74 -2.12
C GLY L 13 8.70 2.85 -1.97
N THR L 14 8.53 1.69 -1.33
CA THR L 14 9.58 0.69 -1.29
C THR L 14 9.45 -0.27 -2.47
N PHE L 15 8.27 -0.88 -2.61
CA PHE L 15 8.12 -2.05 -3.48
C PHE L 15 8.20 -1.68 -4.95
N LEU L 16 7.51 -0.62 -5.36
CA LEU L 16 7.49 -0.23 -6.77
C LEU L 16 8.86 0.23 -7.29
N PRO L 17 9.66 1.05 -6.58
CA PRO L 17 11.02 1.29 -7.07
C PRO L 17 11.95 0.11 -6.91
N ALA L 18 11.72 -0.79 -5.95
CA ALA L 18 12.55 -1.97 -5.84
C ALA L 18 12.25 -2.96 -6.94
N LEU L 19 10.97 -3.15 -7.27
CA LEU L 19 10.61 -4.06 -8.34
C LEU L 19 10.96 -3.50 -9.72
N PHE L 20 11.14 -2.19 -9.82
CA PHE L 20 11.65 -1.62 -11.06
C PHE L 20 13.10 -2.00 -11.28
N LEU L 21 13.90 -2.00 -10.21
CA LEU L 21 15.30 -2.36 -10.34
C LEU L 21 15.50 -3.86 -10.48
N VAL L 22 14.63 -4.64 -9.86
CA VAL L 22 14.66 -6.09 -10.07
C VAL L 22 14.28 -6.41 -11.51
N ASN L 23 13.36 -5.63 -12.07
CA ASN L 23 13.01 -5.75 -13.49
C ASN L 23 14.19 -5.45 -14.39
N LEU L 24 14.95 -4.41 -14.08
CA LEU L 24 16.06 -3.99 -14.93
C LEU L 24 17.21 -4.98 -14.86
N PHE L 25 17.45 -5.55 -13.69
CA PHE L 25 18.53 -6.51 -13.54
C PHE L 25 18.21 -7.82 -14.23
N ILE L 26 16.95 -8.25 -14.17
CA ILE L 26 16.57 -9.55 -14.71
C ILE L 26 16.60 -9.53 -16.23
N GLN L 27 16.15 -8.44 -16.84
CA GLN L 27 16.22 -8.33 -18.29
C GLN L 27 17.65 -8.12 -18.77
N THR L 28 18.54 -7.63 -17.91
CA THR L 28 19.95 -7.56 -18.27
C THR L 28 20.56 -8.95 -18.34
N GLU L 29 20.20 -9.81 -17.38
CA GLU L 29 20.72 -11.16 -17.38
C GLU L 29 20.06 -12.03 -18.45
N ALA L 30 18.80 -11.75 -18.77
CA ALA L 30 18.13 -12.49 -19.83
C ALA L 30 18.65 -12.10 -21.20
N ARG L 31 19.06 -10.84 -21.37
CA ARG L 31 19.65 -10.41 -22.62
C ARG L 31 21.04 -11.01 -22.80
N LYS L 32 21.77 -11.19 -21.70
CA LYS L 32 23.06 -11.84 -21.79
C LYS L 32 22.91 -13.33 -22.05
N ALA L 33 21.85 -13.94 -21.53
CA ALA L 33 21.61 -15.35 -21.76
C ALA L 33 21.15 -15.63 -23.17
N GLY L 34 20.40 -14.70 -23.78
CA GLY L 34 20.00 -14.88 -25.15
C GLY L 34 21.16 -14.72 -26.12
N LYS L 35 22.06 -13.78 -25.83
CA LYS L 35 23.23 -13.60 -26.67
C LYS L 35 24.28 -14.70 -26.47
N ALA L 36 24.24 -15.41 -25.34
CA ALA L 36 25.21 -16.46 -25.11
C ALA L 36 25.01 -17.65 -26.04
N GLY L 37 23.76 -17.95 -26.39
CA GLY L 37 23.48 -18.87 -27.46
C GLY L 37 23.22 -20.30 -27.08
N GLY L 38 23.24 -20.65 -25.80
CA GLY L 38 23.05 -22.04 -25.44
C GLY L 38 22.09 -22.29 -24.30
N GLN L 39 20.99 -23.01 -24.59
CA GLN L 39 20.09 -23.67 -23.64
C GLN L 39 19.22 -22.69 -22.84
N ASP L 40 19.53 -21.39 -22.92
CA ASP L 40 18.81 -20.34 -22.22
C ASP L 40 18.41 -19.23 -23.17
N SER L 41 18.56 -19.44 -24.47
CA SER L 41 18.32 -18.38 -25.42
C SER L 41 16.96 -18.52 -26.07
N ASP L 42 16.70 -19.69 -26.68
CA ASP L 42 15.40 -20.11 -27.20
C ASP L 42 14.79 -19.16 -28.22
N LYS M 1 22.05 -6.62 65.35
CA LYS M 1 22.68 -7.85 65.81
C LYS M 1 24.11 -7.54 66.21
N SER M 2 24.64 -8.34 67.13
CA SER M 2 26.04 -8.21 67.49
C SER M 2 26.95 -8.69 66.39
N GLN M 3 26.49 -9.62 65.56
CA GLN M 3 27.30 -10.16 64.47
C GLN M 3 27.58 -9.12 63.39
N ILE M 4 26.57 -8.32 63.07
CA ILE M 4 26.73 -7.34 62.00
C ILE M 4 27.65 -6.21 62.43
N ASN M 5 27.61 -5.85 63.72
CA ASN M 5 28.49 -4.81 64.23
C ASN M 5 29.94 -5.26 64.35
N GLU M 6 30.20 -6.56 64.27
CA GLU M 6 31.58 -7.04 64.25
C GLU M 6 32.27 -6.79 62.93
N LEU M 7 31.52 -6.53 61.87
CA LEU M 7 32.11 -6.45 60.55
C LEU M 7 32.53 -5.02 60.22
N SER M 8 33.46 -4.91 59.29
CA SER M 8 33.84 -3.62 58.71
C SER M 8 32.79 -3.19 57.71
N TYR M 9 32.93 -1.95 57.24
CA TYR M 9 32.12 -1.53 56.10
C TYR M 9 32.56 -2.25 54.84
N LEU M 10 33.85 -2.51 54.70
CA LEU M 10 34.37 -3.16 53.51
C LEU M 10 34.01 -4.63 53.44
N GLN M 11 33.71 -5.27 54.57
CA GLN M 11 33.26 -6.65 54.54
C GLN M 11 31.80 -6.78 54.18
N VAL M 12 31.00 -5.75 54.42
CA VAL M 12 29.57 -5.84 54.17
C VAL M 12 29.22 -5.36 52.77
N LYS M 13 29.96 -4.41 52.21
CA LYS M 13 29.52 -3.72 51.00
C LYS M 13 29.62 -4.63 49.78
N GLY M 14 28.56 -4.61 48.98
CA GLY M 14 28.41 -5.52 47.87
C GLY M 14 27.70 -6.82 48.19
N THR M 15 27.71 -7.23 49.46
CA THR M 15 27.22 -8.56 49.82
C THR M 15 25.71 -8.65 49.95
N GLY M 16 25.04 -7.53 50.16
CA GLY M 16 23.60 -7.56 50.39
C GLY M 16 23.18 -7.72 51.83
N LEU M 17 24.15 -7.76 52.76
CA LEU M 17 23.81 -7.84 54.18
C LEU M 17 23.18 -6.56 54.68
N ALA M 18 23.51 -5.42 54.08
CA ALA M 18 23.04 -4.13 54.56
C ALA M 18 21.55 -3.91 54.29
N ASN M 19 20.92 -4.74 53.48
CA ASN M 19 19.48 -4.69 53.26
C ASN M 19 18.71 -5.68 54.11
N ARG M 20 19.37 -6.36 55.04
CA ARG M 20 18.74 -7.37 55.85
C ARG M 20 18.46 -6.85 57.25
N CYS M 21 17.42 -7.40 57.89
CA CYS M 21 17.19 -7.13 59.30
C CYS M 21 18.01 -8.07 60.17
N ALA M 22 18.28 -7.62 61.38
CA ALA M 22 18.88 -8.47 62.39
C ALA M 22 17.88 -9.49 62.90
N GLU M 23 18.35 -10.69 63.17
CA GLU M 23 17.54 -11.72 63.81
C GLU M 23 17.74 -11.64 65.31
N VAL M 24 16.67 -11.82 66.05
CA VAL M 24 16.69 -11.77 67.51
C VAL M 24 16.73 -13.21 68.01
N VAL M 25 17.49 -13.45 69.09
CA VAL M 25 17.61 -14.77 69.68
C VAL M 25 16.95 -14.78 71.03
N GLY M 26 15.98 -15.68 71.21
CA GLY M 26 15.41 -15.94 72.51
C GLY M 26 13.95 -15.53 72.64
N GLU M 27 13.30 -16.14 73.62
CA GLU M 27 11.95 -15.79 74.04
C GLU M 27 12.01 -15.24 75.45
N ASP M 28 11.90 -13.92 75.59
CA ASP M 28 11.91 -13.27 76.88
C ASP M 28 10.79 -12.25 76.90
N SER M 29 10.84 -11.33 77.86
CA SER M 29 9.85 -10.27 77.95
C SER M 29 10.54 -8.97 78.33
N ILE M 30 10.11 -7.88 77.70
CA ILE M 30 10.56 -6.54 78.04
C ILE M 30 9.33 -5.72 78.41
N LYS M 31 9.39 -5.07 79.57
CA LYS M 31 8.34 -4.16 79.98
C LYS M 31 8.83 -2.73 79.76
N PRO M 32 8.23 -1.99 78.84
CA PRO M 32 8.74 -0.65 78.52
C PRO M 32 8.47 0.35 79.63
N LYS M 33 9.47 1.22 79.84
CA LYS M 33 9.44 2.26 80.85
C LYS M 33 8.57 3.41 80.36
N PRO M 34 8.28 4.41 81.21
CA PRO M 34 7.59 5.60 80.71
C PRO M 34 8.38 6.42 79.69
N GLY M 35 9.71 6.35 79.72
CA GLY M 35 10.49 7.06 78.72
C GLY M 35 11.03 6.16 77.63
N ALA M 36 10.36 5.03 77.40
CA ALA M 36 10.88 4.03 76.47
C ALA M 36 10.70 4.48 75.02
N LYS M 37 11.54 3.94 74.14
CA LYS M 37 11.63 4.42 72.78
C LYS M 37 12.27 3.34 71.92
N LEU M 38 11.54 2.88 70.90
CA LEU M 38 12.16 2.08 69.85
C LEU M 38 13.10 2.97 69.07
N VAL M 39 14.25 2.44 68.64
CA VAL M 39 15.35 3.27 68.14
C VAL M 39 15.78 2.88 66.73
N ASP M 40 16.03 1.59 66.49
CA ASP M 40 16.58 1.23 65.19
C ASP M 40 15.71 0.15 64.55
N MET M 41 14.41 0.42 64.49
CA MET M 41 13.46 -0.50 63.91
C MET M 41 13.74 -0.73 62.43
N CYS M 42 14.16 -1.95 62.10
CA CYS M 42 14.33 -2.41 60.74
C CYS M 42 13.04 -3.10 60.32
N ILE M 43 12.58 -2.83 59.10
CA ILE M 43 11.41 -3.49 58.55
C ILE M 43 11.77 -3.97 57.16
N GLU M 44 11.90 -5.28 56.99
CA GLU M 44 12.31 -5.85 55.72
C GLU M 44 11.18 -6.61 55.08
N PRO M 45 10.69 -6.20 53.93
CA PRO M 45 9.71 -7.02 53.21
C PRO M 45 10.41 -8.20 52.55
N LYS M 46 9.73 -9.34 52.56
CA LYS M 46 10.24 -10.54 51.92
C LYS M 46 9.29 -11.12 50.89
N ALA M 47 8.08 -10.58 50.78
CA ALA M 47 7.10 -11.04 49.80
C ALA M 47 6.29 -9.83 49.36
N TRP M 48 5.90 -9.83 48.09
CA TRP M 48 5.15 -8.73 47.52
C TRP M 48 4.00 -9.30 46.70
N ALA M 49 2.81 -8.74 46.90
CA ALA M 49 1.63 -9.21 46.18
C ALA M 49 0.77 -8.01 45.84
N VAL M 50 0.34 -7.94 44.58
CA VAL M 50 -0.48 -6.86 44.08
C VAL M 50 -1.84 -7.45 43.73
N GLU M 51 -2.91 -6.76 44.11
CA GLU M 51 -4.25 -7.26 43.89
C GLU M 51 -4.68 -7.02 42.45
N GLU M 52 -5.19 -8.07 41.81
CA GLU M 52 -5.59 -8.01 40.42
C GLU M 52 -6.63 -9.10 40.18
N GLU M 53 -7.61 -8.79 39.32
CA GLU M 53 -8.56 -9.79 38.86
C GLU M 53 -7.85 -10.84 38.03
N VAL M 54 -7.97 -12.11 38.40
CA VAL M 54 -7.34 -13.20 37.68
C VAL M 54 -8.41 -14.19 37.22
N GLY M 55 -8.12 -14.85 36.11
CA GLY M 55 -8.98 -15.90 35.60
C GLY M 55 -8.60 -17.31 36.02
N LYS M 56 -8.75 -17.63 37.29
CA LYS M 56 -8.60 -19.02 37.69
C LYS M 56 -9.85 -19.80 37.31
N ALA M 57 -9.80 -21.12 37.53
CA ALA M 57 -10.24 -22.15 36.57
C ALA M 57 -11.44 -21.74 35.71
N GLY M 58 -12.49 -21.21 36.32
CA GLY M 58 -13.61 -20.75 35.52
C GLY M 58 -14.20 -19.40 35.91
N LYS M 59 -13.68 -18.77 36.95
CA LYS M 59 -14.26 -17.54 37.47
C LYS M 59 -13.19 -16.47 37.62
N THR M 60 -13.58 -15.31 38.16
CA THR M 60 -12.79 -14.10 38.12
C THR M 60 -12.78 -13.47 39.52
N GLU M 61 -12.31 -14.23 40.50
CA GLU M 61 -12.12 -13.68 41.84
C GLU M 61 -10.95 -12.71 41.88
N LYS M 62 -10.91 -11.89 42.92
CA LYS M 62 -9.80 -10.99 43.17
C LYS M 62 -8.70 -11.69 43.96
N LYS M 63 -7.48 -11.63 43.46
CA LYS M 63 -6.36 -12.34 44.06
C LYS M 63 -5.19 -11.39 44.21
N PHE M 64 -4.46 -11.53 45.31
CA PHE M 64 -3.17 -10.87 45.44
C PHE M 64 -2.14 -11.71 44.71
N VAL M 65 -1.63 -11.19 43.61
CA VAL M 65 -0.73 -11.92 42.73
C VAL M 65 0.71 -11.60 43.11
N ASN M 66 1.51 -12.64 43.31
CA ASN M 66 2.91 -12.45 43.69
C ASN M 66 3.70 -11.80 42.57
N SER M 67 4.49 -10.79 42.92
CA SER M 67 5.20 -9.99 41.95
C SER M 67 6.68 -9.94 42.27
N LYS M 68 7.49 -9.68 41.25
CA LYS M 68 8.94 -9.71 41.36
C LYS M 68 9.47 -8.29 41.47
N VAL M 69 10.40 -8.10 42.39
CA VAL M 69 11.01 -6.79 42.62
C VAL M 69 12.07 -6.53 41.56
N MET M 70 12.04 -5.34 40.98
CA MET M 70 13.04 -4.95 40.00
C MET M 70 13.96 -3.83 40.45
N THR M 71 13.61 -3.13 41.53
CA THR M 71 14.54 -2.21 42.16
C THR M 71 15.28 -2.96 43.25
N ARG M 72 16.55 -3.25 43.02
CA ARG M 72 17.18 -4.49 43.43
C ARG M 72 17.18 -4.81 44.92
N GLN M 73 17.93 -4.07 45.73
CA GLN M 73 17.99 -4.34 47.17
C GLN M 73 17.93 -3.03 47.92
N THR M 74 16.95 -2.20 47.57
CA THR M 74 16.80 -0.89 48.16
C THR M 74 15.50 -0.76 48.96
N TYR M 75 14.90 -1.88 49.35
CA TYR M 75 13.51 -1.85 49.82
C TYR M 75 13.34 -1.86 51.33
N THR M 76 14.38 -2.11 52.09
CA THR M 76 14.23 -2.33 53.53
C THR M 76 14.29 -1.01 54.28
N LEU M 77 13.30 -0.78 55.14
CA LEU M 77 13.31 0.39 56.01
C LEU M 77 14.19 0.10 57.22
N ASP M 78 14.81 1.16 57.75
CA ASP M 78 15.76 0.98 58.85
C ASP M 78 15.87 2.29 59.60
N ALA M 79 16.41 2.20 60.83
CA ALA M 79 16.68 3.32 61.73
C ALA M 79 15.41 4.07 62.11
N ILE M 80 14.29 3.37 62.12
CA ILE M 80 13.01 3.94 62.48
C ILE M 80 12.96 4.08 63.99
N GLU M 81 12.73 5.29 64.48
CA GLU M 81 12.58 5.47 65.90
C GLU M 81 11.31 6.23 66.25
N GLY M 82 11.01 6.26 67.54
CA GLY M 82 9.81 6.90 68.04
C GLY M 82 9.45 6.38 69.41
N PRO M 83 8.76 7.19 70.20
CA PRO M 83 8.47 6.80 71.59
C PRO M 83 7.45 5.69 71.68
N ILE M 84 7.55 4.92 72.75
CA ILE M 84 6.61 3.85 73.05
C ILE M 84 5.73 4.36 74.18
N THR M 85 4.49 4.68 73.87
CA THR M 85 3.59 5.24 74.86
C THR M 85 2.81 4.14 75.56
N VAL M 86 2.86 4.12 76.89
CA VAL M 86 2.11 3.14 77.66
C VAL M 86 0.78 3.74 78.05
N ASP M 87 -0.31 3.21 77.49
CA ASP M 87 -1.64 3.64 77.87
C ASP M 87 -2.07 2.96 79.17
N GLY M 88 -3.37 3.03 79.45
CA GLY M 88 -3.92 2.30 80.59
C GLY M 88 -3.70 0.80 80.46
N GLY M 89 -4.24 0.20 79.41
CA GLY M 89 -4.06 -1.22 79.24
C GLY M 89 -3.01 -1.59 78.21
N LYS M 90 -2.98 -0.84 77.11
CA LYS M 90 -2.27 -1.24 75.92
C LYS M 90 -0.99 -0.43 75.76
N ILE M 91 -0.09 -0.94 74.93
CA ILE M 91 1.17 -0.27 74.62
C ILE M 91 1.15 0.16 73.16
N THR M 92 1.49 1.42 72.92
CA THR M 92 1.41 2.00 71.59
C THR M 92 2.76 2.55 71.16
N PHE M 93 2.94 2.64 69.85
CA PHE M 93 4.20 3.12 69.28
C PHE M 93 3.89 4.14 68.20
N ASN M 94 4.51 5.30 68.31
CA ASN M 94 4.39 6.40 67.36
C ASN M 94 5.74 6.64 66.72
N GLU M 95 5.89 6.26 65.46
CA GLU M 95 7.17 6.45 64.79
C GLU M 95 7.34 7.90 64.41
N LYS M 96 8.57 8.40 64.52
CA LYS M 96 8.84 9.80 64.26
C LYS M 96 9.83 10.00 63.12
N GLU M 97 11.02 9.40 63.20
CA GLU M 97 12.11 9.71 62.29
C GLU M 97 12.61 8.42 61.64
N GLY M 98 13.65 8.56 60.84
CA GLY M 98 14.32 7.43 60.24
C GLY M 98 13.97 7.27 58.77
N ILE M 99 14.56 6.24 58.18
CA ILE M 99 14.28 5.94 56.78
C ILE M 99 13.02 5.08 56.74
N ASP M 100 11.88 5.76 56.78
CA ASP M 100 10.58 5.11 56.93
C ASP M 100 9.83 5.05 55.61
N TYR M 101 10.56 5.07 54.50
CA TYR M 101 9.96 4.92 53.19
C TYR M 101 11.02 4.36 52.26
N ALA M 102 10.58 3.53 51.33
CA ALA M 102 11.46 2.98 50.32
C ALA M 102 10.66 2.82 49.04
N ALA M 103 11.09 3.48 47.98
CA ALA M 103 10.42 3.32 46.70
C ALA M 103 10.77 1.97 46.10
N THR M 104 9.75 1.17 45.83
CA THR M 104 9.91 -0.17 45.30
C THR M 104 9.06 -0.28 44.06
N THR M 105 9.58 -0.95 43.04
CA THR M 105 8.82 -1.30 41.85
C THR M 105 8.75 -2.80 41.74
N VAL M 106 7.54 -3.34 41.66
CA VAL M 106 7.33 -4.75 41.39
C VAL M 106 6.73 -4.89 40.01
N GLN M 107 6.93 -6.06 39.41
CA GLN M 107 6.38 -6.36 38.10
C GLN M 107 5.36 -7.47 38.20
N LEU M 108 4.20 -7.24 37.65
CA LEU M 108 3.12 -8.20 37.58
C LEU M 108 3.29 -9.12 36.39
N PRO M 109 2.66 -10.30 36.41
CA PRO M 109 2.60 -11.12 35.20
C PRO M 109 1.85 -10.42 34.09
N GLY M 110 2.53 -10.27 32.95
CA GLY M 110 2.06 -9.45 31.86
C GLY M 110 2.98 -8.29 31.54
N GLY M 111 3.96 -8.02 32.40
CA GLY M 111 4.88 -6.92 32.21
C GLY M 111 4.48 -5.63 32.89
N GLU M 112 3.37 -5.63 33.63
CA GLU M 112 2.88 -4.42 34.27
C GLU M 112 3.76 -4.11 35.48
N ARG M 113 4.36 -2.92 35.48
CA ARG M 113 5.24 -2.49 36.56
C ARG M 113 4.45 -1.62 37.52
N VAL M 114 4.53 -1.97 38.80
CA VAL M 114 3.75 -1.32 39.85
C VAL M 114 4.72 -0.68 40.83
N PRO M 115 5.02 0.61 40.66
CA PRO M 115 5.82 1.31 41.66
C PRO M 115 4.97 1.69 42.85
N PHE M 116 5.57 1.63 44.04
CA PHE M 116 4.87 2.00 45.25
C PHE M 116 5.88 2.43 46.30
N LEU M 117 5.48 3.40 47.11
CA LEU M 117 6.29 3.85 48.23
C LEU M 117 5.97 2.98 49.43
N PHE M 118 6.81 1.98 49.68
CA PHE M 118 6.65 1.15 50.87
C PHE M 118 7.04 1.97 52.09
N THR M 119 6.09 2.22 52.98
CA THR M 119 6.34 3.21 54.01
C THR M 119 5.67 2.80 55.31
N VAL M 120 6.13 3.41 56.41
CA VAL M 120 5.45 3.39 57.70
C VAL M 120 5.34 4.80 58.23
N LYS M 121 5.25 5.79 57.35
CA LYS M 121 5.23 7.19 57.76
C LYS M 121 3.99 7.52 58.56
N ASP M 122 4.19 8.16 59.72
CA ASP M 122 3.15 8.53 60.68
C ASP M 122 2.38 7.30 61.16
N LEU M 123 3.11 6.25 61.49
CA LEU M 123 2.48 5.04 62.03
C LEU M 123 2.19 5.24 63.51
N VAL M 124 0.93 5.08 63.88
CA VAL M 124 0.53 4.92 65.27
C VAL M 124 0.02 3.50 65.42
N ALA M 125 0.77 2.70 66.17
CA ALA M 125 0.58 1.26 66.18
C ALA M 125 0.20 0.80 67.59
N LYS M 126 -1.02 0.28 67.72
CA LYS M 126 -1.57 -0.15 68.99
C LYS M 126 -1.24 -1.61 69.23
N GLY M 127 -0.86 -1.92 70.45
CA GLY M 127 -0.50 -3.28 70.82
C GLY M 127 -1.54 -3.92 71.71
N ASN M 128 -1.38 -5.21 71.95
CA ASN M 128 -2.21 -5.91 72.92
C ASN M 128 -1.36 -6.30 74.14
N GLY M 129 -1.67 -5.74 75.29
CA GLY M 129 -0.89 -6.00 76.47
C GLY M 129 0.01 -4.83 76.81
N ASP M 130 0.94 -5.08 77.73
CA ASP M 130 1.76 -4.01 78.27
C ASP M 130 3.25 -4.31 78.15
N THR M 131 3.61 -5.56 77.90
CA THR M 131 5.00 -5.96 77.71
C THR M 131 5.18 -6.56 76.33
N PHE M 132 6.41 -6.52 75.84
CA PHE M 132 6.75 -7.18 74.58
C PHE M 132 6.95 -8.67 74.83
N LYS M 133 6.15 -9.48 74.19
CA LYS M 133 6.10 -10.92 74.41
C LYS M 133 6.30 -11.64 73.09
N PRO M 134 6.65 -12.92 73.12
CA PRO M 134 6.64 -13.72 71.88
C PRO M 134 5.26 -13.97 71.27
N GLY M 135 4.18 -13.49 71.87
CA GLY M 135 2.89 -13.47 71.22
C GLY M 135 2.32 -12.08 71.05
N PHE M 136 3.12 -11.04 71.25
CA PHE M 136 2.64 -9.67 71.21
C PHE M 136 2.32 -9.24 69.79
N GLN M 137 1.25 -8.45 69.64
CA GLN M 137 0.75 -8.02 68.34
C GLN M 137 0.60 -6.52 68.33
N MET M 138 1.36 -5.85 67.47
CA MET M 138 1.26 -4.41 67.32
C MET M 138 0.79 -4.09 65.90
N GLY M 139 -0.04 -3.08 65.77
CA GLY M 139 -0.58 -2.76 64.46
C GLY M 139 -1.29 -1.44 64.46
N GLY M 140 -1.33 -0.81 63.29
CA GLY M 140 -2.00 0.46 63.16
C GLY M 140 -1.89 0.99 61.75
N ASP M 141 -2.50 2.14 61.55
CA ASP M 141 -2.51 2.79 60.26
C ASP M 141 -1.32 3.72 60.11
N PHE M 142 -0.88 3.91 58.86
CA PHE M 142 0.14 4.89 58.55
C PHE M 142 -0.32 5.70 57.34
N ASN M 143 0.41 6.77 57.05
CA ASN M 143 0.10 7.65 55.94
C ASN M 143 1.08 7.37 54.81
N THR M 144 0.54 7.05 53.64
CA THR M 144 1.35 6.89 52.45
C THR M 144 1.38 8.21 51.69
N PRO M 145 2.51 8.90 51.63
CA PRO M 145 2.59 10.10 50.78
C PRO M 145 2.62 9.70 49.32
N SER M 146 2.44 10.70 48.46
CA SER M 146 2.45 10.43 47.04
C SER M 146 3.85 10.05 46.59
N TYR M 147 3.90 9.14 45.62
CA TYR M 147 5.16 8.58 45.16
C TYR M 147 6.04 9.63 44.49
N ARG M 148 5.42 10.56 43.76
CA ARG M 148 6.12 11.71 43.22
C ARG M 148 5.73 12.96 44.00
N THR M 149 6.73 13.79 44.29
CA THR M 149 6.50 15.09 44.91
C THR M 149 5.98 16.06 43.84
N GLY M 150 5.50 17.23 44.28
CA GLY M 150 5.06 18.26 43.37
C GLY M 150 6.16 18.90 42.54
N LEU M 151 7.43 18.68 42.89
CA LEU M 151 8.54 19.14 42.09
C LEU M 151 8.85 18.23 40.92
N PHE M 152 8.23 17.06 40.84
CA PHE M 152 8.49 16.11 39.79
C PHE M 152 7.89 16.58 38.48
N LEU M 153 8.71 16.66 37.45
CA LEU M 153 8.24 16.98 36.11
C LEU M 153 7.97 15.70 35.34
N ASP M 154 6.89 15.70 34.57
CA ASP M 154 6.54 14.57 33.73
C ASP M 154 7.37 14.66 32.44
N PRO M 155 7.28 13.68 31.53
CA PRO M 155 7.98 13.82 30.24
C PRO M 155 7.66 15.06 29.41
N LYS M 156 6.49 15.67 29.58
CA LYS M 156 6.17 16.90 28.87
C LYS M 156 6.47 18.15 29.67
N GLY M 157 7.07 18.03 30.85
CA GLY M 157 7.43 19.19 31.62
C GLY M 157 6.33 19.74 32.50
N ARG M 158 5.39 18.91 32.91
CA ARG M 158 4.30 19.32 33.79
C ARG M 158 4.48 18.70 35.16
N GLY M 159 4.22 19.48 36.21
CA GLY M 159 4.25 18.97 37.55
C GLY M 159 3.25 19.68 38.44
N GLY M 160 3.32 19.44 39.75
CA GLY M 160 2.37 20.03 40.66
C GLY M 160 2.70 21.46 41.06
N THR M 161 3.87 21.65 41.67
CA THR M 161 4.31 22.95 42.13
C THR M 161 5.28 23.61 41.17
N THR M 162 5.56 22.97 40.05
CA THR M 162 6.44 23.54 39.05
C THR M 162 6.00 22.97 37.70
N GLY M 163 6.48 23.57 36.63
CA GLY M 163 6.23 23.02 35.33
C GLY M 163 5.19 23.79 34.54
N TYR M 164 4.95 23.29 33.33
CA TYR M 164 3.83 23.78 32.54
C TYR M 164 2.53 23.26 33.09
N ASP M 165 1.45 23.99 32.83
CA ASP M 165 0.11 23.57 33.19
C ASP M 165 -0.71 23.25 31.96
N MET M 166 -0.06 23.11 30.81
CA MET M 166 -0.70 22.82 29.55
C MET M 166 0.14 21.79 28.81
N ALA M 167 -0.50 21.05 27.91
CA ALA M 167 0.24 20.21 26.98
C ALA M 167 0.88 21.14 25.96
N VAL M 168 2.15 21.48 26.17
CA VAL M 168 2.74 22.59 25.45
C VAL M 168 3.15 22.22 24.05
N ALA M 169 3.19 20.93 23.72
CA ALA M 169 3.50 20.48 22.37
C ALA M 169 2.29 20.49 21.46
N LEU M 170 1.08 20.71 21.99
CA LEU M 170 -0.13 20.82 21.20
C LEU M 170 -0.76 22.18 21.44
N PRO M 171 -0.19 23.24 20.85
CA PRO M 171 -0.66 24.59 21.16
C PRO M 171 -2.02 24.91 20.57
N ALA M 172 -2.46 24.20 19.55
CA ALA M 172 -3.77 24.43 18.98
C ALA M 172 -4.89 23.81 19.78
N LEU M 173 -4.57 23.08 20.85
CA LEU M 173 -5.61 22.58 21.75
C LEU M 173 -6.11 23.67 22.68
N GLN M 174 -5.36 24.76 22.85
CA GLN M 174 -5.80 25.90 23.64
C GLN M 174 -6.69 26.82 22.81
N LEU M 175 -7.72 26.30 22.16
CA LEU M 175 -8.50 27.09 21.21
C LEU M 175 -9.97 26.76 21.35
N GLY M 176 -10.79 27.79 21.25
CA GLY M 176 -12.19 27.68 21.61
C GLY M 176 -12.38 27.92 23.09
N GLU M 177 -13.61 27.72 23.52
CA GLU M 177 -13.97 28.00 24.91
C GLU M 177 -13.71 26.80 25.79
N GLU M 178 -13.70 25.60 25.21
CA GLU M 178 -13.44 24.39 25.96
C GLU M 178 -11.97 24.20 26.27
N GLY M 179 -11.08 24.68 25.38
CA GLY M 179 -9.65 24.62 25.63
C GLY M 179 -9.12 23.21 25.66
N ASP M 180 -8.29 22.93 26.65
CA ASP M 180 -7.68 21.62 26.87
C ASP M 180 -8.36 20.87 28.02
N ALA M 181 -9.68 21.00 28.13
CA ALA M 181 -10.44 20.36 29.20
C ALA M 181 -10.45 18.84 29.09
N GLU M 182 -10.26 18.28 27.88
CA GLU M 182 -10.13 16.84 27.74
C GLU M 182 -8.81 16.33 28.32
N LEU M 183 -7.80 17.20 28.41
CA LEU M 183 -6.51 16.87 28.99
C LEU M 183 -6.34 17.42 30.40
N PHE M 184 -7.43 17.54 31.16
CA PHE M 184 -7.33 18.16 32.47
C PHE M 184 -6.66 17.24 33.47
N GLY M 185 -7.02 15.95 33.47
CA GLY M 185 -6.47 15.01 34.43
C GLY M 185 -5.00 14.75 34.28
N GLU M 186 -4.45 14.95 33.09
CA GLU M 186 -3.01 14.84 32.88
C GLU M 186 -2.28 16.15 33.13
N ASN M 187 -2.97 17.28 32.97
CA ASN M 187 -2.36 18.57 33.25
C ASN M 187 -2.48 18.96 34.72
N ASN M 188 -3.43 18.38 35.45
CA ASN M 188 -3.63 18.69 36.86
C ASN M 188 -2.92 17.62 37.68
N LYS M 189 -1.74 17.94 38.18
CA LYS M 189 -0.97 17.01 39.00
C LYS M 189 -1.36 17.20 40.46
N VAL M 190 -1.91 16.16 41.07
CA VAL M 190 -2.50 16.25 42.41
C VAL M 190 -1.68 15.39 43.37
N PHE M 191 -1.24 15.99 44.46
CA PHE M 191 -0.56 15.28 45.54
C PHE M 191 -1.61 14.57 46.39
N ASP M 192 -1.60 13.25 46.38
CA ASP M 192 -2.57 12.45 47.13
C ASP M 192 -1.88 11.68 48.24
N ILE M 193 -2.51 11.67 49.41
CA ILE M 193 -2.02 10.94 50.57
C ILE M 193 -3.05 9.87 50.90
N THR M 194 -2.64 8.62 50.84
CA THR M 194 -3.51 7.50 51.14
C THR M 194 -3.08 6.82 52.43
N GLN M 195 -3.86 5.85 52.86
CA GLN M 195 -3.65 5.16 54.12
C GLN M 195 -3.21 3.72 53.87
N GLY M 196 -2.29 3.26 54.72
CA GLY M 196 -1.92 1.87 54.73
C GLY M 196 -2.10 1.30 56.12
N ARG M 197 -1.99 -0.02 56.21
CA ARG M 197 -2.26 -0.73 57.45
C ARG M 197 -1.21 -1.84 57.61
N ILE M 198 -0.44 -1.77 58.70
CA ILE M 198 0.58 -2.77 58.99
C ILE M 198 0.17 -3.49 60.27
N GLU M 199 0.43 -4.81 60.31
CA GLU M 199 0.15 -5.63 61.48
C GLU M 199 1.43 -6.38 61.83
N MET M 200 2.18 -5.87 62.80
CA MET M 200 3.38 -6.53 63.27
C MET M 200 3.02 -7.58 64.31
N GLU M 201 3.95 -8.50 64.55
CA GLU M 201 3.71 -9.59 65.48
C GLU M 201 5.05 -10.07 66.00
N VAL M 202 5.35 -9.74 67.26
CA VAL M 202 6.60 -10.16 67.87
C VAL M 202 6.56 -11.64 68.15
N ASN M 203 7.64 -12.34 67.82
CA ASN M 203 7.78 -13.73 68.24
C ASN M 203 9.11 -14.04 68.89
N LYS M 204 10.09 -13.15 68.84
CA LYS M 204 11.38 -13.38 69.48
C LYS M 204 11.80 -12.12 70.22
N VAL M 205 12.12 -12.27 71.50
CA VAL M 205 12.49 -11.15 72.37
C VAL M 205 13.80 -11.50 73.07
N ASN M 206 14.78 -10.62 72.94
CA ASN M 206 16.05 -10.74 73.67
C ASN M 206 16.08 -9.66 74.74
N ALA M 207 16.04 -10.07 76.00
CA ALA M 207 15.95 -9.11 77.09
C ALA M 207 17.29 -8.51 77.47
N GLU M 208 18.39 -9.24 77.28
CA GLU M 208 19.69 -8.69 77.63
C GLU M 208 20.16 -7.65 76.61
N ASP M 209 19.69 -7.74 75.37
CA ASP M 209 20.00 -6.76 74.36
C ASP M 209 18.88 -5.74 74.21
N SER M 210 17.75 -5.96 74.90
CA SER M 210 16.53 -5.15 74.80
C SER M 210 16.03 -5.08 73.36
N GLU M 211 16.07 -6.22 72.67
CA GLU M 211 15.76 -6.29 71.26
C GLU M 211 14.55 -7.19 71.04
N ILE M 212 13.59 -6.71 70.24
CA ILE M 212 12.46 -7.50 69.81
C ILE M 212 12.57 -7.74 68.32
N GLY M 213 11.80 -8.70 67.83
CA GLY M 213 11.81 -9.01 66.42
C GLY M 213 10.76 -10.03 66.08
N GLY M 214 10.10 -9.86 64.96
CA GLY M 214 9.08 -10.80 64.53
C GLY M 214 8.73 -10.61 63.10
N VAL M 215 7.48 -10.88 62.76
CA VAL M 215 7.00 -10.78 61.40
C VAL M 215 5.98 -9.65 61.32
N PHE M 216 5.68 -9.25 60.10
CA PHE M 216 4.63 -8.27 59.85
C PHE M 216 3.87 -8.66 58.60
N VAL M 217 2.76 -7.95 58.38
CA VAL M 217 2.04 -7.96 57.12
C VAL M 217 1.45 -6.58 56.91
N ALA M 218 1.67 -6.01 55.74
CA ALA M 218 1.23 -4.65 55.47
C ALA M 218 0.55 -4.58 54.12
N THR M 219 -0.44 -3.71 54.03
CA THR M 219 -1.14 -3.43 52.79
C THR M 219 -1.21 -1.93 52.60
N GLN M 220 -1.04 -1.49 51.36
CA GLN M 220 -1.11 -0.08 51.02
C GLN M 220 -1.45 0.03 49.54
N LEU M 221 -1.64 1.25 49.09
CA LEU M 221 -1.92 1.53 47.69
C LEU M 221 -0.64 1.96 46.98
N SER M 222 -0.62 1.80 45.66
CA SER M 222 0.58 2.05 44.88
C SER M 222 0.59 3.48 44.36
N ASP M 223 1.51 3.77 43.45
CA ASP M 223 1.63 5.08 42.85
C ASP M 223 0.42 5.41 41.98
N THR M 224 -0.12 6.61 42.18
CA THR M 224 -1.21 7.13 41.36
C THR M 224 -0.69 7.97 40.20
N ASP M 225 0.61 8.31 40.21
CA ASP M 225 1.28 9.19 39.25
C ASP M 225 0.57 10.54 39.18
N MET M 226 0.55 11.21 40.33
CA MET M 226 -0.06 12.52 40.53
C MET M 226 -1.53 12.53 40.12
N GLY M 227 -2.24 11.46 40.45
CA GLY M 227 -3.66 11.38 40.17
C GLY M 227 -4.00 11.08 38.74
N SER M 228 -3.13 10.40 38.00
CA SER M 228 -3.40 10.10 36.60
C SER M 228 -3.81 8.65 36.36
N LYS M 229 -3.50 7.76 37.29
CA LYS M 229 -3.91 6.36 37.16
C LYS M 229 -4.53 5.89 38.47
N THR M 230 -5.31 4.83 38.38
CA THR M 230 -5.94 4.31 39.59
C THR M 230 -4.94 3.41 40.30
N PRO M 231 -4.74 3.58 41.60
CA PRO M 231 -3.71 2.81 42.30
C PRO M 231 -4.18 1.40 42.62
N LYS M 232 -3.19 0.51 42.76
CA LYS M 232 -3.44 -0.88 43.06
C LYS M 232 -3.06 -1.18 44.50
N LYS M 233 -3.72 -2.18 45.07
CA LYS M 233 -3.46 -2.57 46.46
C LYS M 233 -2.28 -3.52 46.50
N VAL M 234 -1.29 -3.20 47.32
CA VAL M 234 -0.05 -3.95 47.39
C VAL M 234 0.07 -4.57 48.77
N LEU M 235 0.09 -5.89 48.84
CA LEU M 235 0.24 -6.62 50.08
C LEU M 235 1.68 -7.07 50.22
N THR M 236 2.28 -6.77 51.37
CA THR M 236 3.66 -7.14 51.61
C THR M 236 3.79 -7.83 52.96
N LYS M 237 4.72 -8.77 53.03
CA LYS M 237 5.01 -9.52 54.24
C LYS M 237 6.51 -9.52 54.47
N GLY M 238 6.91 -9.77 55.70
CA GLY M 238 8.34 -9.89 55.96
C GLY M 238 8.65 -9.90 57.43
N ILE M 239 9.89 -9.52 57.75
CA ILE M 239 10.46 -9.63 59.07
C ILE M 239 10.75 -8.22 59.58
N PHE M 240 10.59 -8.01 60.88
CA PHE M 240 11.07 -6.78 61.47
C PHE M 240 11.98 -7.09 62.65
N TYR M 241 12.67 -6.05 63.09
CA TYR M 241 13.55 -6.07 64.25
C TYR M 241 13.45 -4.70 64.88
N ALA M 242 13.58 -4.63 66.20
CA ALA M 242 13.69 -3.34 66.87
C ALA M 242 14.44 -3.52 68.18
N LYS M 243 14.93 -2.41 68.71
CA LYS M 243 15.52 -2.36 70.04
C LYS M 243 14.69 -1.42 70.89
N VAL M 244 14.50 -1.78 72.16
CA VAL M 244 13.40 -1.25 72.95
C VAL M 244 13.85 -0.11 73.86
N ASP M 245 15.11 -0.14 74.27
CA ASP M 245 15.69 0.67 75.37
C ASP M 245 14.92 0.42 76.67
N MET N 1 1.02 -1.01 15.09
CA MET N 1 0.86 -1.61 13.77
C MET N 1 1.92 -1.11 12.82
N GLU N 2 2.41 0.11 13.06
CA GLU N 2 3.51 0.63 12.25
C GLU N 2 4.84 0.01 12.64
N ALA N 3 4.94 -0.59 13.82
CA ALA N 3 6.12 -1.35 14.18
C ALA N 3 6.26 -2.62 13.36
N LEU N 4 5.17 -3.12 12.78
CA LEU N 4 5.28 -4.17 11.78
C LEU N 4 5.98 -3.68 10.53
N VAL N 5 5.71 -2.43 10.13
CA VAL N 5 6.38 -1.85 8.97
C VAL N 5 7.84 -1.55 9.29
N TYR N 6 8.11 -1.08 10.50
CA TYR N 6 9.48 -0.78 10.91
C TYR N 6 10.33 -2.03 10.99
N THR N 7 9.76 -3.13 11.49
CA THR N 7 10.50 -4.38 11.56
C THR N 7 10.76 -4.95 10.18
N PHE N 8 9.75 -4.90 9.30
CA PHE N 8 9.88 -5.45 7.96
C PHE N 8 10.90 -4.68 7.13
N LEU N 9 11.01 -3.37 7.34
CA LEU N 9 11.97 -2.59 6.59
C LEU N 9 13.40 -2.87 7.04
N LEU N 10 13.59 -3.07 8.34
CA LEU N 10 14.93 -3.34 8.86
C LEU N 10 15.38 -4.76 8.53
N ILE N 11 14.48 -5.73 8.69
CA ILE N 11 14.80 -7.11 8.35
C ILE N 11 14.95 -7.25 6.84
N GLY N 12 14.16 -6.50 6.07
CA GLY N 12 14.32 -6.50 4.64
C GLY N 12 15.61 -5.86 4.18
N THR N 13 16.10 -4.87 4.93
CA THR N 13 17.39 -4.26 4.60
C THR N 13 18.53 -5.22 4.87
N LEU N 14 18.44 -5.99 5.96
CA LEU N 14 19.49 -6.95 6.28
C LEU N 14 19.49 -8.13 5.33
N MET N 15 18.35 -8.44 4.72
CA MET N 15 18.31 -9.51 3.73
C MET N 15 18.98 -9.08 2.45
N VAL N 16 18.90 -7.79 2.10
CA VAL N 16 19.62 -7.27 0.95
C VAL N 16 21.13 -7.33 1.19
N ILE N 17 21.55 -7.04 2.43
CA ILE N 17 22.97 -7.08 2.79
C ILE N 17 23.49 -8.52 2.74
N PHE N 18 22.65 -9.48 3.12
CA PHE N 18 23.03 -10.89 3.02
C PHE N 18 23.26 -11.30 1.57
N PHE N 19 22.34 -10.92 0.68
CA PHE N 19 22.48 -11.30 -0.72
C PHE N 19 23.57 -10.50 -1.40
N ALA N 20 23.87 -9.30 -0.92
CA ALA N 20 24.93 -8.52 -1.53
C ALA N 20 26.30 -9.09 -1.19
N VAL N 21 26.42 -9.81 -0.08
CA VAL N 21 27.70 -10.37 0.34
C VAL N 21 27.89 -11.77 -0.22
N PHE N 22 26.92 -12.64 -0.03
CA PHE N 22 27.08 -14.05 -0.35
C PHE N 22 26.58 -14.43 -1.73
N PHE N 23 25.83 -13.55 -2.39
CA PHE N 23 25.40 -13.77 -3.75
C PHE N 23 25.92 -12.66 -4.64
N ARG N 24 27.12 -12.17 -4.33
CA ARG N 24 27.71 -11.11 -5.10
C ARG N 24 28.20 -11.62 -6.45
N GLU N 25 28.32 -10.70 -7.38
CA GLU N 25 28.98 -11.00 -8.64
C GLU N 25 30.47 -11.07 -8.38
N THR N 26 31.06 -12.24 -8.59
CA THR N 26 32.45 -12.45 -8.28
C THR N 26 33.34 -11.70 -9.27
N PRO N 27 34.29 -10.90 -8.80
CA PRO N 27 35.20 -10.22 -9.73
C PRO N 27 36.16 -11.20 -10.38
N ARG N 28 36.19 -11.18 -11.70
CA ARG N 28 36.95 -12.16 -12.45
C ARG N 28 37.88 -11.45 -13.42
N ILE N 29 39.07 -11.99 -13.56
CA ILE N 29 40.06 -11.50 -14.49
C ILE N 29 39.91 -12.29 -15.79
N LEU N 30 40.04 -11.59 -16.92
CA LEU N 30 39.99 -12.14 -18.28
C LEU N 30 38.67 -12.85 -18.58
N VAL O 1 -1.36 20.68 40.59
CA VAL O 1 -2.48 21.61 40.50
C VAL O 1 -2.15 22.68 39.48
N ILE O 2 -3.05 22.87 38.51
CA ILE O 2 -2.87 23.91 37.50
C ILE O 2 -3.01 25.28 38.13
N ASP O 3 -4.11 25.53 38.84
CA ASP O 3 -4.44 26.85 39.33
C ASP O 3 -4.48 26.77 40.86
N TYR O 4 -3.34 27.05 41.47
CA TYR O 4 -3.20 27.05 42.91
C TYR O 4 -3.33 28.49 43.38
N GLU O 5 -4.44 28.80 44.04
CA GLU O 5 -4.56 30.06 44.74
C GLU O 5 -3.63 30.06 45.96
N ASN O 6 -3.48 31.24 46.56
CA ASN O 6 -2.47 31.54 47.57
C ASN O 6 -1.06 31.27 47.07
N ILE O 7 -0.84 31.53 45.77
CA ILE O 7 0.48 31.38 45.18
C ILE O 7 1.33 32.61 45.47
N GLY O 8 0.71 33.73 45.82
CA GLY O 8 1.49 34.91 46.19
C GLY O 8 2.10 34.78 47.55
N TYR O 9 1.43 34.10 48.46
CA TYR O 9 1.89 33.96 49.83
C TYR O 9 3.05 32.98 49.98
N LEU O 10 3.46 32.32 48.89
CA LEU O 10 4.63 31.46 48.95
C LEU O 10 5.90 32.29 49.01
N GLY O 11 6.22 33.04 47.97
CA GLY O 11 7.47 33.77 48.04
C GLY O 11 7.50 35.21 47.57
N GLY O 12 6.46 35.68 46.91
CA GLY O 12 6.57 36.91 46.15
C GLY O 12 5.78 38.11 46.63
N SER O 13 4.71 37.89 47.40
CA SER O 13 3.76 38.95 47.71
C SER O 13 4.20 39.85 48.86
N SER O 14 5.35 39.56 49.48
CA SER O 14 5.80 40.20 50.74
C SER O 14 4.78 40.06 51.85
N ILE O 15 3.99 38.98 51.82
CA ILE O 15 3.23 38.44 52.94
C ILE O 15 3.39 36.94 52.77
N VAL O 16 3.97 36.27 53.76
CA VAL O 16 4.44 34.90 53.60
C VAL O 16 3.50 33.95 54.31
N ASP O 17 3.00 32.96 53.58
CA ASP O 17 2.24 31.88 54.18
C ASP O 17 3.14 31.06 55.11
N ILE O 18 2.63 30.77 56.29
CA ILE O 18 3.40 30.03 57.29
C ILE O 18 3.37 28.53 57.01
N ASN O 19 2.27 28.04 56.46
CA ASN O 19 2.11 26.60 56.25
C ASN O 19 2.77 26.10 54.97
N ASN O 20 2.96 26.94 53.96
CA ASN O 20 3.33 26.45 52.65
C ASN O 20 4.61 27.02 52.08
N ALA O 21 5.16 28.08 52.65
CA ALA O 21 6.31 28.72 52.03
C ALA O 21 7.60 27.98 52.35
N ASN O 22 8.55 28.09 51.44
CA ASN O 22 9.89 27.58 51.65
C ASN O 22 10.62 28.45 52.67
N VAL O 23 11.74 27.92 53.17
CA VAL O 23 12.54 28.65 54.16
C VAL O 23 13.22 29.87 53.54
N ARG O 24 13.30 29.95 52.22
CA ARG O 24 13.88 31.13 51.59
C ARG O 24 12.94 32.33 51.61
N ALA O 25 11.65 32.11 51.88
CA ALA O 25 10.71 33.20 51.96
C ALA O 25 10.92 34.07 53.19
N TYR O 26 11.57 33.52 54.21
CA TYR O 26 11.86 34.26 55.43
C TYR O 26 13.22 34.95 55.36
N LEU O 27 13.90 34.86 54.22
CA LEU O 27 15.12 35.63 54.04
C LEU O 27 14.85 37.11 53.84
N LYS O 28 13.62 37.48 53.49
CA LYS O 28 13.23 38.86 53.37
C LYS O 28 12.95 39.53 54.71
N MET O 29 12.87 38.75 55.78
CA MET O 29 12.64 39.29 57.11
C MET O 29 13.91 39.15 57.93
N PRO O 30 14.58 40.24 58.29
CA PRO O 30 15.83 40.14 59.03
C PRO O 30 15.62 39.60 60.44
N GLY O 31 16.50 38.68 60.85
CA GLY O 31 16.43 38.05 62.13
C GLY O 31 15.81 36.67 62.12
N MET O 32 15.10 36.32 61.06
CA MET O 32 14.39 35.05 61.02
C MET O 32 15.24 33.93 60.45
N TYR O 33 15.99 34.19 59.41
CA TYR O 33 16.85 33.16 58.86
C TYR O 33 18.18 33.16 59.60
N PRO O 34 18.69 31.99 60.01
CA PRO O 34 18.12 30.66 59.77
C PRO O 34 17.39 30.00 60.94
N THR O 35 17.63 30.41 62.19
CA THR O 35 17.18 29.58 63.30
C THR O 35 15.70 29.74 63.60
N VAL O 36 15.12 30.93 63.37
CA VAL O 36 13.70 31.08 63.60
C VAL O 36 12.91 30.56 62.40
N ALA O 37 13.42 30.81 61.20
CA ALA O 37 12.82 30.27 60.00
C ALA O 37 12.91 28.75 59.95
N GLY O 38 13.97 28.18 60.52
CA GLY O 38 14.08 26.74 60.59
C GLY O 38 13.05 26.09 61.50
N LYS O 39 12.62 26.81 62.54
CA LYS O 39 11.65 26.23 63.46
C LYS O 39 10.22 26.34 62.94
N ILE O 40 9.92 27.39 62.17
CA ILE O 40 8.61 27.50 61.54
C ILE O 40 8.44 26.41 60.49
N VAL O 41 9.48 26.20 59.69
CA VAL O 41 9.40 25.31 58.55
C VAL O 41 9.41 23.84 58.98
N SER O 42 10.11 23.51 60.07
CA SER O 42 10.27 22.11 60.43
C SER O 42 9.09 21.58 61.24
N HIS O 43 8.21 22.43 61.73
CA HIS O 43 7.12 21.97 62.57
C HIS O 43 5.80 22.02 61.83
N GLY O 44 4.78 21.44 62.46
CA GLY O 44 3.58 21.00 61.78
C GLY O 44 2.62 22.09 61.38
N PRO O 45 1.36 21.71 61.10
CA PRO O 45 0.39 22.69 60.60
C PRO O 45 -0.04 23.66 61.69
N TYR O 46 -0.21 24.92 61.30
CA TYR O 46 -0.63 25.98 62.19
C TYR O 46 -1.97 26.52 61.74
N SER O 47 -2.90 26.69 62.67
CA SER O 47 -4.18 27.29 62.32
C SER O 47 -4.04 28.79 62.10
N GLY O 48 -3.28 29.47 62.94
CA GLY O 48 -2.99 30.87 62.75
C GLY O 48 -1.53 31.13 63.04
N VAL O 49 -1.16 32.41 62.97
CA VAL O 49 0.20 32.81 63.30
C VAL O 49 0.43 32.76 64.81
N ALA O 50 -0.65 32.80 65.60
CA ALA O 50 -0.53 32.66 67.05
C ALA O 50 -0.06 31.28 67.49
N ASP O 51 -0.22 30.26 66.64
CA ASP O 51 0.31 28.94 66.95
C ASP O 51 1.82 28.83 66.74
N LEU O 52 2.46 29.86 66.19
CA LEU O 52 3.91 29.85 66.07
C LEU O 52 4.56 29.99 67.44
N TYR O 53 3.90 30.62 68.39
CA TYR O 53 4.46 30.74 69.73
C TYR O 53 4.34 29.47 70.54
N LYS O 54 3.59 28.48 70.05
CA LYS O 54 3.50 27.17 70.68
C LYS O 54 4.52 26.18 70.13
N ILE O 55 5.51 26.66 69.39
CA ILE O 55 6.56 25.77 68.90
C ILE O 55 7.44 25.34 70.07
N PRO O 56 7.62 24.05 70.32
CA PRO O 56 8.52 23.61 71.38
C PRO O 56 9.97 23.93 71.04
N GLY O 57 10.59 24.72 71.90
CA GLY O 57 11.98 25.09 71.71
C GLY O 57 12.19 26.50 71.22
N LEU O 58 11.25 27.39 71.54
CA LEU O 58 11.40 28.81 71.23
C LEU O 58 12.01 29.54 72.43
N SER O 59 12.55 30.71 72.17
CA SER O 59 12.96 31.62 73.22
C SER O 59 12.04 32.82 73.23
N SER O 60 12.32 33.77 74.12
CA SER O 60 11.66 35.06 74.04
C SER O 60 12.27 35.93 72.96
N ALA O 61 13.55 35.73 72.66
CA ALA O 61 14.17 36.45 71.56
C ALA O 61 13.65 35.97 70.22
N GLU O 62 13.46 34.66 70.07
CA GLU O 62 12.87 34.12 68.85
C GLU O 62 11.38 34.43 68.74
N ALA O 63 10.73 34.73 69.86
CA ALA O 63 9.34 35.15 69.79
C ALA O 63 9.22 36.62 69.40
N ASP O 64 10.14 37.47 69.86
CA ASP O 64 10.06 38.89 69.58
C ASP O 64 10.40 39.20 68.13
N VAL O 65 11.22 38.37 67.50
CA VAL O 65 11.48 38.56 66.08
C VAL O 65 10.27 38.08 65.26
N ILE O 66 9.47 37.17 65.81
CA ILE O 66 8.25 36.76 65.13
C ILE O 66 7.20 37.86 65.23
N LYS O 67 7.09 38.52 66.39
CA LYS O 67 6.11 39.59 66.55
C LYS O 67 6.47 40.84 65.76
N LYS O 68 7.71 40.96 65.29
CA LYS O 68 8.05 42.06 64.38
C LYS O 68 7.36 41.88 63.04
N TYR O 69 7.32 40.65 62.53
CA TYR O 69 6.78 40.40 61.20
C TYR O 69 5.47 39.63 61.24
N GLU O 70 4.73 39.68 62.35
CA GLU O 70 3.41 39.06 62.37
C GLU O 70 2.41 39.82 61.51
N SER O 71 2.72 41.07 61.16
CA SER O 71 2.02 41.75 60.08
C SER O 71 2.22 41.05 58.74
N ARG O 72 3.33 40.35 58.57
CA ARG O 72 3.73 39.81 57.29
C ARG O 72 3.50 38.30 57.20
N LEU O 73 3.12 37.64 58.30
CA LEU O 73 2.88 36.21 58.28
C LEU O 73 1.39 35.94 58.18
N THR O 74 1.06 34.82 57.55
CA THR O 74 -0.33 34.38 57.44
C THR O 74 -0.34 32.86 57.37
N ALA O 75 -1.49 32.28 57.68
CA ALA O 75 -1.66 30.83 57.67
C ALA O 75 -2.81 30.49 56.74
N LYS O 76 -2.52 29.72 55.70
CA LYS O 76 -3.52 29.24 54.76
C LYS O 76 -3.67 27.73 54.95
N THR O 77 -4.47 27.12 54.10
CA THR O 77 -4.60 25.67 54.13
C THR O 77 -3.30 25.03 53.67
N PRO O 78 -2.72 24.11 54.43
CA PRO O 78 -1.47 23.47 54.00
C PRO O 78 -1.66 22.54 52.82
N SER O 79 -1.16 22.95 51.66
CA SER O 79 -1.16 22.09 50.49
C SER O 79 0.00 21.12 50.60
N PRO O 80 -0.25 19.81 50.51
CA PRO O 80 0.80 18.82 50.85
C PRO O 80 1.97 18.79 49.89
N ASP O 81 1.80 19.25 48.65
CA ASP O 81 2.94 19.33 47.74
C ASP O 81 3.84 20.52 48.02
N TYR O 82 3.41 21.47 48.83
CA TYR O 82 4.27 22.55 49.28
C TYR O 82 4.79 22.34 50.68
N VAL O 83 4.12 21.52 51.48
CA VAL O 83 4.56 21.26 52.85
C VAL O 83 5.82 20.40 52.87
N ILE O 84 5.91 19.46 51.93
CA ILE O 84 7.06 18.56 51.91
C ILE O 84 8.31 19.30 51.42
N ASP O 85 8.14 20.30 50.56
CA ASP O 85 9.25 21.09 50.03
C ASP O 85 9.42 22.39 50.78
N ARG O 86 9.50 22.36 52.11
CA ARG O 86 9.65 23.61 52.86
C ARG O 86 11.09 23.88 53.29
N ILE O 87 11.85 22.83 53.60
CA ILE O 87 13.28 22.98 53.84
C ILE O 87 14.00 23.30 52.54
N ASN O 88 13.80 22.44 51.54
CA ASN O 88 14.56 22.50 50.29
C ASN O 88 13.60 22.21 49.15
N ASN O 89 13.26 23.25 48.38
CA ASN O 89 12.39 23.08 47.23
C ASN O 89 13.16 22.98 45.93
N GLY O 90 14.48 22.82 46.00
CA GLY O 90 15.28 22.71 44.80
C GLY O 90 15.55 24.03 44.12
N LEU O 91 15.50 25.14 44.84
CA LEU O 91 15.80 26.44 44.29
C LEU O 91 17.07 26.98 44.92
N TYR O 92 18.02 27.35 44.07
CA TYR O 92 19.31 27.88 44.48
C TYR O 92 19.65 29.05 43.58
N ARG O 93 20.01 30.18 44.18
CA ARG O 93 20.35 31.36 43.41
C ARG O 93 21.73 31.21 42.78
N ASP P 1 36.35 54.72 32.13
CA ASP P 1 34.92 54.91 32.37
C ASP P 1 34.64 54.52 33.81
N LEU P 2 35.68 54.06 34.52
CA LEU P 2 35.62 53.95 35.98
C LEU P 2 35.94 55.31 36.59
N ASP P 3 34.93 56.16 36.60
CA ASP P 3 35.00 57.49 37.19
C ASP P 3 35.00 57.40 38.71
N GLU P 4 35.07 58.56 39.36
CA GLU P 4 34.94 58.58 40.81
C GLU P 4 33.51 58.27 41.26
N ALA P 5 32.52 58.49 40.41
CA ALA P 5 31.12 58.33 40.82
C ALA P 5 30.73 56.86 40.96
N THR P 6 31.19 56.01 40.05
CA THR P 6 30.92 54.59 40.20
C THR P 6 31.78 53.96 41.28
N ARG P 7 32.98 54.49 41.51
CA ARG P 7 33.87 54.00 42.55
C ARG P 7 33.54 54.53 43.94
N THR P 8 32.38 55.17 44.11
CA THR P 8 31.98 55.75 45.38
C THR P 8 31.08 54.75 46.09
N VAL P 9 31.55 54.19 47.21
CA VAL P 9 30.85 53.13 47.90
C VAL P 9 30.63 53.50 49.36
N VAL P 10 29.52 53.01 49.93
CA VAL P 10 29.19 53.24 51.33
C VAL P 10 30.21 52.54 52.21
N VAL P 11 30.76 53.28 53.18
CA VAL P 11 31.93 52.79 53.90
C VAL P 11 31.55 52.30 55.30
N ASP P 12 30.45 52.80 55.88
CA ASP P 12 30.12 52.44 57.24
C ASP P 12 28.61 52.40 57.41
N ASN P 13 28.18 52.04 58.63
CA ASN P 13 26.76 51.88 58.92
C ASN P 13 26.03 53.21 58.98
N ALA P 14 26.73 54.31 59.26
CA ALA P 14 26.07 55.60 59.36
C ALA P 14 25.69 56.15 57.99
N GLY P 15 26.24 55.58 56.92
CA GLY P 15 25.93 56.01 55.57
C GLY P 15 26.98 56.87 54.90
N ASN P 16 28.14 57.05 55.52
CA ASN P 16 29.19 57.83 54.90
C ASN P 16 29.78 57.05 53.73
N THR P 17 30.40 57.78 52.82
CA THR P 17 30.74 57.24 51.52
C THR P 17 32.19 57.58 51.21
N THR P 18 32.88 56.65 50.54
CA THR P 18 34.27 56.86 50.17
C THR P 18 34.49 56.42 48.73
N VAL P 19 35.55 56.93 48.13
CA VAL P 19 35.95 56.57 46.77
C VAL P 19 37.10 55.58 46.84
N LEU P 20 36.96 54.47 46.12
CA LEU P 20 38.03 53.51 46.02
C LEU P 20 39.04 54.00 45.01
N THR P 21 40.32 53.96 45.38
CA THR P 21 41.37 54.30 44.43
C THR P 21 41.47 53.19 43.41
N PRO P 22 42.02 53.47 42.22
CA PRO P 22 42.20 52.41 41.22
C PRO P 22 43.11 51.26 41.66
N GLU P 23 43.99 51.48 42.64
CA GLU P 23 44.69 50.35 43.23
C GLU P 23 43.78 49.47 44.07
N GLN P 24 42.83 50.07 44.78
CA GLN P 24 41.86 49.29 45.58
C GLN P 24 41.00 48.42 44.69
N VAL P 25 40.67 48.91 43.50
CA VAL P 25 39.76 48.19 42.61
C VAL P 25 40.46 47.00 41.98
N LYS P 26 41.68 47.22 41.48
CA LYS P 26 42.40 46.16 40.78
C LYS P 26 42.88 45.08 41.75
N ARG P 27 43.41 45.50 42.88
CA ARG P 27 43.88 44.54 43.87
C ARG P 27 42.73 43.86 44.58
N GLY P 28 41.59 44.53 44.70
CA GLY P 28 40.44 43.93 45.34
C GLY P 28 39.81 42.82 44.53
N LYS P 29 39.83 42.95 43.20
CA LYS P 29 39.33 41.89 42.35
C LYS P 29 40.26 40.68 42.36
N ARG P 30 41.56 40.92 42.40
CA ARG P 30 42.55 39.84 42.43
C ARG P 30 42.46 39.05 43.72
N LEU P 31 42.35 39.74 44.85
CA LEU P 31 42.32 39.06 46.14
C LEU P 31 41.01 38.35 46.37
N PHE P 32 39.90 38.92 45.89
CA PHE P 32 38.61 38.26 46.04
C PHE P 32 38.53 36.99 45.23
N ASN P 33 39.05 37.01 44.01
CA ASN P 33 38.99 35.83 43.15
C ASN P 33 39.89 34.72 43.67
N ALA P 34 41.01 35.08 44.28
CA ALA P 34 41.89 34.07 44.84
C ALA P 34 41.35 33.53 46.16
N THR P 35 40.97 34.41 47.07
CA THR P 35 40.64 33.99 48.43
C THR P 35 39.20 33.53 48.57
N CYS P 36 38.27 34.25 47.94
CA CYS P 36 36.85 34.05 48.18
C CYS P 36 36.11 33.53 46.96
N GLY P 37 36.71 33.60 45.78
CA GLY P 37 35.99 33.38 44.55
C GLY P 37 35.58 31.96 44.27
N ALA P 38 36.19 30.96 44.93
CA ALA P 38 35.77 29.59 44.70
C ALA P 38 34.38 29.33 45.25
N CYS P 39 34.02 29.97 46.34
CA CYS P 39 32.67 29.89 46.87
C CYS P 39 31.78 31.06 46.47
N HIS P 40 32.38 32.20 46.14
CA HIS P 40 31.62 33.43 45.92
C HIS P 40 31.81 33.97 44.51
N VAL P 41 31.78 33.09 43.51
CA VAL P 41 31.94 33.54 42.13
C VAL P 41 30.68 34.24 41.67
N GLY P 42 30.83 35.46 41.17
CA GLY P 42 29.70 36.23 40.68
C GLY P 42 28.74 36.74 41.74
N GLY P 43 29.10 36.64 43.02
CA GLY P 43 28.25 37.13 44.08
C GLY P 43 27.29 36.13 44.68
N ILE P 44 27.21 34.92 44.12
CA ILE P 44 26.40 33.87 44.72
C ILE P 44 27.23 33.20 45.80
N THR P 45 26.63 32.35 46.60
CA THR P 45 27.37 31.45 47.47
C THR P 45 27.11 30.03 46.98
N LYS P 46 28.18 29.29 46.68
CA LYS P 46 28.00 27.96 46.13
C LYS P 46 27.55 26.96 47.18
N THR P 47 28.07 27.08 48.40
CA THR P 47 27.81 26.09 49.43
C THR P 47 26.58 26.41 50.28
N ASN P 48 26.04 27.62 50.17
CA ASN P 48 24.75 27.95 50.79
C ASN P 48 24.13 29.05 49.97
N PRO P 49 23.40 28.70 48.89
CA PRO P 49 22.88 29.70 47.97
C PRO P 49 21.75 30.57 48.51
N ASN P 50 21.28 30.32 49.73
CA ASN P 50 20.31 31.23 50.32
C ASN P 50 20.96 32.53 50.76
N VAL P 51 22.26 32.53 51.02
CA VAL P 51 22.96 33.66 51.61
C VAL P 51 23.97 34.14 50.58
N GLY P 52 23.57 35.08 49.71
CA GLY P 52 24.43 35.56 48.66
C GLY P 52 25.16 36.84 49.04
N LEU P 53 25.89 37.39 48.07
CA LEU P 53 26.63 38.62 48.25
C LEU P 53 26.01 39.80 47.51
N ASP P 54 24.82 39.63 46.95
CA ASP P 54 24.12 40.75 46.35
C ASP P 54 23.71 41.74 47.44
N PRO P 55 23.58 43.04 47.10
CA PRO P 55 23.34 44.04 48.15
C PRO P 55 21.98 43.96 48.80
N GLU P 56 21.01 43.25 48.21
CA GLU P 56 19.75 43.04 48.91
C GLU P 56 19.91 42.02 50.02
N ALA P 57 20.64 40.94 49.77
CA ALA P 57 20.88 39.95 50.81
C ALA P 57 21.81 40.48 51.89
N LEU P 58 22.72 41.39 51.54
CA LEU P 58 23.54 42.04 52.54
C LEU P 58 22.75 43.06 53.35
N SER P 59 21.67 43.58 52.79
CA SER P 59 20.81 44.52 53.49
C SER P 59 20.00 43.84 54.58
N LEU P 60 19.74 42.54 54.45
CA LEU P 60 18.82 41.86 55.33
C LEU P 60 19.51 40.99 56.36
N ALA P 61 20.83 41.04 56.44
CA ALA P 61 21.52 40.44 57.57
C ALA P 61 21.32 41.31 58.81
N THR P 62 21.35 40.69 59.99
CA THR P 62 20.93 41.41 61.19
C THR P 62 22.02 42.38 61.64
N PRO P 63 23.32 42.04 61.64
CA PRO P 63 24.26 43.14 61.43
C PRO P 63 24.27 43.44 59.94
N ARG P 64 23.83 44.63 59.57
CA ARG P 64 23.63 44.97 58.18
C ARG P 64 24.98 45.08 57.47
N ARG P 65 25.18 44.26 56.44
CA ARG P 65 26.47 44.11 55.79
C ARG P 65 26.56 44.86 54.46
N ASP P 66 26.00 46.08 54.38
CA ASP P 66 26.07 46.87 53.15
C ASP P 66 27.18 47.92 53.19
N ASN P 67 28.21 47.69 53.99
CA ASN P 67 29.23 48.70 54.19
C ASN P 67 30.60 48.08 53.97
N ILE P 68 31.59 48.93 53.76
CA ILE P 68 32.96 48.44 53.78
C ILE P 68 33.34 47.97 55.17
N SER P 69 32.94 48.72 56.20
CA SER P 69 33.30 48.38 57.56
C SER P 69 32.56 47.15 58.05
N ALA P 70 31.31 46.97 57.63
CA ALA P 70 30.55 45.81 58.05
C ALA P 70 30.97 44.55 57.32
N LEU P 71 31.46 44.69 56.09
CA LEU P 71 31.98 43.52 55.38
C LEU P 71 33.33 43.11 55.95
N VAL P 72 34.16 44.08 56.30
CA VAL P 72 35.45 43.79 56.93
C VAL P 72 35.26 43.17 58.30
N ASP P 73 34.23 43.61 59.03
CA ASP P 73 33.90 42.99 60.32
C ASP P 73 33.43 41.55 60.15
N TYR P 74 32.77 41.23 59.04
CA TYR P 74 32.40 39.84 58.77
C TYR P 74 33.63 38.98 58.50
N ILE P 75 34.61 39.52 57.78
CA ILE P 75 35.81 38.75 57.49
C ILE P 75 36.64 38.56 58.75
N LYS P 76 36.66 39.54 59.64
CA LYS P 76 37.34 39.34 60.90
C LYS P 76 36.52 38.52 61.89
N ASN P 77 35.19 38.50 61.74
CA ASN P 77 34.33 37.84 62.71
C ASN P 77 32.99 37.47 62.07
N PRO P 78 32.88 36.28 61.49
CA PRO P 78 31.65 35.94 60.76
C PRO P 78 30.60 35.29 61.64
N THR P 79 29.36 35.66 61.40
CA THR P 79 28.21 35.17 62.14
C THR P 79 27.22 34.54 61.17
N THR P 80 26.09 34.08 61.73
CA THR P 80 24.99 33.61 60.91
C THR P 80 24.28 34.79 60.28
N TYR P 81 23.25 34.49 59.48
CA TYR P 81 22.53 35.54 58.76
C TYR P 81 21.75 36.44 59.71
N ASP P 82 21.32 35.92 60.84
CA ASP P 82 20.72 36.72 61.90
C ASP P 82 21.72 37.12 62.97
N GLY P 83 23.01 36.80 62.77
CA GLY P 83 24.05 37.24 63.66
C GLY P 83 24.05 36.64 65.05
N LEU P 84 23.44 35.47 65.24
CA LEU P 84 23.25 34.99 66.60
C LEU P 84 24.34 34.02 67.06
N GLU P 85 24.81 33.12 66.21
CA GLU P 85 26.00 32.36 66.53
C GLU P 85 27.11 32.62 65.52
N SER P 86 28.33 32.42 65.98
CA SER P 86 29.52 32.55 65.15
C SER P 86 29.68 31.34 64.26
N ILE P 87 30.10 31.57 63.03
CA ILE P 87 30.36 30.48 62.10
C ILE P 87 31.82 30.55 61.67
N ALA P 88 32.68 31.03 62.56
CA ALA P 88 34.09 31.19 62.22
C ALA P 88 34.77 29.86 61.96
N GLU P 89 34.30 28.79 62.57
CA GLU P 89 34.93 27.50 62.35
C GLU P 89 34.55 26.88 61.00
N VAL P 90 33.58 27.44 60.30
CA VAL P 90 33.21 26.91 58.97
C VAL P 90 33.28 27.99 57.91
N HIS P 91 33.64 29.21 58.28
CA HIS P 91 33.87 30.24 57.29
C HIS P 91 35.29 30.77 57.41
N PRO P 92 35.96 31.08 56.29
CA PRO P 92 37.31 31.65 56.37
C PRO P 92 37.30 33.01 57.03
N SER P 93 38.15 33.19 58.02
CA SER P 93 38.14 34.40 58.81
C SER P 93 39.49 34.62 59.44
N ILE P 94 39.69 35.83 59.96
CA ILE P 94 40.84 36.10 60.79
C ILE P 94 40.70 35.41 62.13
N LYS P 95 39.46 35.21 62.58
CA LYS P 95 39.22 34.53 63.85
C LYS P 95 39.57 33.05 63.76
N SER P 96 39.22 32.40 62.66
CA SER P 96 39.81 31.11 62.37
C SER P 96 40.85 31.18 61.26
N ALA P 97 41.93 31.91 61.46
CA ALA P 97 42.99 31.89 60.46
C ALA P 97 44.04 30.84 60.75
N ASP P 98 44.02 30.24 61.94
CA ASP P 98 44.83 29.05 62.18
C ASP P 98 44.25 27.84 61.46
N ILE P 99 42.94 27.86 61.24
CA ILE P 99 42.27 26.79 60.52
C ILE P 99 42.44 26.97 59.02
N TYR P 100 42.22 28.18 58.53
CA TYR P 100 42.31 28.52 57.13
C TYR P 100 43.63 29.22 56.86
N PRO P 101 44.62 28.54 56.26
CA PRO P 101 45.90 29.22 56.01
C PRO P 101 45.85 30.23 54.89
N ARG P 102 44.75 30.33 54.16
CA ARG P 102 44.61 31.37 53.14
C ARG P 102 44.41 32.75 53.73
N MET P 103 43.92 32.84 54.96
CA MET P 103 43.71 34.12 55.62
C MET P 103 44.90 34.58 56.43
N ARG P 104 46.02 33.86 56.37
CA ARG P 104 47.12 34.12 57.28
C ARG P 104 47.95 35.33 56.89
N SER P 105 48.05 35.66 55.61
CA SER P 105 48.77 36.85 55.18
C SER P 105 47.74 37.77 54.54
N LEU P 106 47.02 38.51 55.37
CA LEU P 106 46.01 39.44 54.88
C LEU P 106 46.00 40.63 55.82
N THR P 107 46.32 41.80 55.30
CA THR P 107 46.28 43.01 56.09
C THR P 107 44.85 43.54 56.16
N ASP P 108 44.67 44.60 56.93
CA ASP P 108 43.37 45.26 56.94
C ASP P 108 43.15 46.07 55.67
N GLU P 109 44.22 46.45 54.98
CA GLU P 109 44.09 47.08 53.68
C GLU P 109 43.64 46.08 52.62
N ASP P 110 44.05 44.82 52.77
CA ASP P 110 43.59 43.78 51.85
C ASP P 110 42.11 43.48 52.07
N LEU P 111 41.66 43.47 53.33
CA LEU P 111 40.26 43.26 53.60
C LEU P 111 39.42 44.44 53.15
N TYR P 112 40.00 45.65 53.20
CA TYR P 112 39.33 46.83 52.67
C TYR P 112 39.14 46.72 51.16
N SER P 113 40.13 46.16 50.46
CA SER P 113 40.02 46.02 49.01
C SER P 113 39.05 44.90 48.64
N ILE P 114 39.01 43.84 49.44
CA ILE P 114 38.08 42.75 49.18
C ILE P 114 36.66 43.19 49.47
N ALA P 115 36.46 43.93 50.56
CA ALA P 115 35.16 44.52 50.83
C ALA P 115 34.81 45.60 49.81
N GLY P 116 35.83 46.24 49.24
CA GLY P 116 35.59 47.18 48.15
C GLY P 116 35.07 46.50 46.91
N HIS P 117 35.59 45.32 46.59
CA HIS P 117 35.14 44.59 45.42
C HIS P 117 33.71 44.08 45.58
N ILE P 118 33.33 43.69 46.79
CA ILE P 118 31.95 43.27 47.04
C ILE P 118 31.00 44.45 46.95
N MET P 119 31.45 45.64 47.34
CA MET P 119 30.58 46.80 47.27
C MET P 119 30.55 47.42 45.88
N LEU P 120 31.64 47.35 45.13
CA LEU P 120 31.70 48.01 43.83
C LEU P 120 30.99 47.21 42.75
N SER P 121 31.09 45.88 42.82
CA SER P 121 30.51 45.00 41.81
C SER P 121 29.00 45.16 41.52
N PRO P 122 28.11 45.45 42.48
CA PRO P 122 26.73 45.73 42.07
C PRO P 122 26.56 47.06 41.38
N LYS P 123 27.47 48.01 41.58
CA LYS P 123 27.38 49.27 40.86
C LYS P 123 27.76 49.09 39.40
N ILE P 124 28.59 48.09 39.11
CA ILE P 124 29.00 47.84 37.73
C ILE P 124 28.02 46.90 37.05
N ALA P 125 27.89 45.69 37.57
CA ALA P 125 26.94 44.70 37.08
C ALA P 125 25.83 44.59 38.11
N SER P 126 24.66 45.13 37.79
CA SER P 126 23.61 45.29 38.79
C SER P 126 22.97 43.96 39.15
N GLU P 127 22.31 43.32 38.19
CA GLU P 127 21.63 42.07 38.43
C GLU P 127 22.51 40.86 38.21
N LYS P 128 23.69 41.04 37.62
CA LYS P 128 24.60 39.92 37.41
C LYS P 128 25.31 39.54 38.70
N TRP P 129 25.54 40.49 39.59
CA TRP P 129 26.23 40.19 40.84
C TRP P 129 25.25 39.57 41.81
N GLY P 130 25.47 38.30 42.13
CA GLY P 130 24.53 37.58 42.97
C GLY P 130 23.29 37.12 42.25
N GLY P 131 23.31 37.12 40.92
CA GLY P 131 22.12 36.76 40.17
C GLY P 131 22.15 35.32 39.67
N GLY P 132 23.32 34.71 39.68
CA GLY P 132 23.41 33.33 39.26
C GLY P 132 23.39 33.18 37.76
N LYS P 133 23.05 31.97 37.33
CA LYS P 133 23.19 31.56 35.93
C LYS P 133 22.14 32.17 35.01
N ILE P 134 21.12 32.84 35.55
CA ILE P 134 20.12 33.46 34.70
C ILE P 134 20.71 34.66 33.96
N TYR P 135 21.67 35.34 34.57
CA TYR P 135 22.26 36.53 33.98
C TYR P 135 23.67 36.29 33.44
N TYR P 136 24.01 35.03 33.18
CA TYR P 136 25.32 34.71 32.63
C TYR P 136 25.38 35.06 31.15
N MET Q 1 61.48 50.08 40.32
CA MET Q 1 60.26 49.40 39.91
C MET Q 1 60.23 49.34 38.38
N ILE Q 2 61.15 48.56 37.81
CA ILE Q 2 61.40 48.59 36.37
C ILE Q 2 60.96 47.24 35.82
N ASN Q 3 60.21 46.48 36.64
CA ASN Q 3 59.66 45.16 36.32
C ASN Q 3 60.69 44.19 35.77
N TRP Q 4 61.65 43.80 36.61
CA TRP Q 4 62.74 42.95 36.16
C TRP Q 4 62.33 41.50 35.97
N GLN Q 5 61.08 41.14 36.28
CA GLN Q 5 60.64 39.76 36.08
C GLN Q 5 60.40 39.46 34.61
N VAL Q 6 59.68 40.34 33.91
CA VAL Q 6 59.48 40.13 32.48
C VAL Q 6 60.75 40.47 31.71
N ILE Q 7 61.57 41.36 32.24
CA ILE Q 7 62.87 41.60 31.63
C ILE Q 7 63.75 40.37 31.81
N GLY Q 8 63.75 39.80 33.01
CA GLY Q 8 64.51 38.60 33.27
C GLY Q 8 64.00 37.38 32.52
N GLN Q 9 62.68 37.26 32.37
CA GLN Q 9 62.12 36.09 31.70
C GLN Q 9 62.35 36.14 30.19
N LEU Q 10 62.16 37.30 29.57
CA LEU Q 10 62.31 37.36 28.12
C LEU Q 10 63.76 37.38 27.69
N MET Q 11 64.66 37.90 28.52
CA MET Q 11 66.08 37.79 28.18
C MET Q 11 66.57 36.37 28.37
N SER Q 12 66.18 35.71 29.45
CA SER Q 12 66.60 34.33 29.66
C SER Q 12 65.93 33.37 28.70
N THR Q 13 64.76 33.72 28.17
CA THR Q 13 64.20 32.96 27.07
C THR Q 13 65.03 33.13 25.82
N ALA Q 14 65.45 34.37 25.54
CA ALA Q 14 66.20 34.68 24.33
C ALA Q 14 67.61 34.13 24.36
N VAL Q 15 68.27 34.11 25.51
CA VAL Q 15 69.58 33.50 25.60
C VAL Q 15 69.51 31.99 25.42
N ILE Q 16 68.47 31.36 25.96
CA ILE Q 16 68.40 29.90 25.95
C ILE Q 16 68.05 29.39 24.55
N MET Q 17 67.02 29.95 23.92
CA MET Q 17 66.63 29.45 22.61
C MET Q 17 67.42 30.11 21.47
N LEU Q 18 68.52 30.79 21.78
CA LEU Q 18 69.54 31.05 20.78
C LEU Q 18 70.74 30.14 20.95
N ALA Q 19 70.93 29.55 22.13
CA ALA Q 19 72.07 28.69 22.40
C ALA Q 19 72.01 27.39 21.62
N GLY Q 20 70.82 26.92 21.28
CA GLY Q 20 70.67 25.74 20.47
C GLY Q 20 71.01 25.94 19.02
N PRO Q 21 70.38 26.92 18.34
CA PRO Q 21 70.82 27.28 16.99
C PRO Q 21 72.26 27.80 16.92
N ALA Q 22 72.84 28.29 18.01
CA ALA Q 22 74.24 28.67 17.98
C ALA Q 22 75.15 27.46 17.83
N VAL Q 23 74.74 26.30 18.34
CA VAL Q 23 75.52 25.09 18.19
C VAL Q 23 75.53 24.64 16.73
N ILE Q 24 74.39 24.73 16.07
CA ILE Q 24 74.28 24.24 14.70
C ILE Q 24 74.87 25.24 13.71
N VAL Q 25 74.79 26.54 14.01
CA VAL Q 25 75.42 27.55 13.16
C VAL Q 25 76.94 27.43 13.25
N LEU Q 26 77.46 27.22 14.47
CA LEU Q 26 78.90 27.05 14.64
C LEU Q 26 79.40 25.77 14.01
N LEU Q 27 78.61 24.71 14.05
CA LEU Q 27 79.02 23.47 13.41
C LEU Q 27 78.94 23.57 11.90
N ALA Q 28 78.04 24.40 11.37
CA ALA Q 28 78.00 24.64 9.93
C ALA Q 28 79.17 25.50 9.47
N LEU Q 29 79.64 26.42 10.31
CA LEU Q 29 80.81 27.22 9.95
C LEU Q 29 82.09 26.41 10.10
N LYS Q 30 82.16 25.53 11.10
CA LYS Q 30 83.32 24.68 11.30
C LYS Q 30 83.32 23.47 10.36
N LYS Q 31 82.24 23.27 9.59
CA LYS Q 31 82.07 22.13 8.68
C LYS Q 31 82.19 20.80 9.41
N GLY Q 32 81.60 20.73 10.60
CA GLY Q 32 81.69 19.55 11.43
C GLY Q 32 80.75 18.45 10.99
N ASN Q 33 80.86 17.33 11.71
CA ASN Q 33 80.05 16.14 11.46
C ASN Q 33 78.64 16.40 11.97
N LEU Q 34 77.85 17.06 11.13
CA LEU Q 34 76.45 17.30 11.44
C LEU Q 34 75.58 16.09 11.09
N MET R 1 16.61 61.73 -9.53
CA MET R 1 15.34 62.28 -9.08
C MET R 1 15.25 62.27 -7.56
N THR R 2 15.27 61.09 -6.95
CA THR R 2 15.40 60.97 -5.51
C THR R 2 16.85 60.68 -5.16
N ALA R 3 17.15 60.75 -3.86
CA ALA R 3 18.49 60.42 -3.39
C ALA R 3 18.81 58.95 -3.59
N SER R 4 17.81 58.09 -3.49
CA SER R 4 18.00 56.68 -3.72
C SER R 4 18.17 56.37 -5.21
N LEU R 5 17.55 57.15 -6.07
CA LEU R 5 17.69 56.94 -7.51
C LEU R 5 18.98 57.54 -8.04
N SER R 6 19.40 58.69 -7.49
CA SER R 6 20.65 59.29 -7.93
C SER R 6 21.85 58.48 -7.44
N ASN R 7 21.74 57.83 -6.29
CA ASN R 7 22.79 56.94 -5.83
C ASN R 7 22.85 55.67 -6.65
N PHE R 8 21.70 55.24 -7.20
CA PHE R 8 21.70 54.04 -8.02
C PHE R 8 22.37 54.28 -9.36
N ILE R 9 22.09 55.43 -9.97
CA ILE R 9 22.72 55.78 -11.25
C ILE R 9 24.22 56.01 -11.06
N ALA R 10 24.61 56.55 -9.90
CA ALA R 10 26.03 56.72 -9.60
C ALA R 10 26.75 55.39 -9.45
N SER R 11 26.03 54.34 -9.06
CA SER R 11 26.64 53.03 -8.93
C SER R 11 26.78 52.31 -10.26
N LEU R 12 25.88 52.59 -11.21
CA LEU R 12 26.06 52.08 -12.57
C LEU R 12 27.26 52.71 -13.24
N ILE R 13 27.51 53.99 -12.94
CA ILE R 13 28.70 54.65 -13.47
C ILE R 13 29.95 54.11 -12.80
N ALA R 14 29.93 54.03 -11.46
CA ALA R 14 31.06 53.49 -10.72
C ALA R 14 31.26 52.01 -11.01
N GLY R 15 30.18 51.27 -11.27
CA GLY R 15 30.32 49.91 -11.72
C GLY R 15 30.90 49.82 -13.12
N GLY R 16 30.50 50.75 -13.99
CA GLY R 16 31.08 50.81 -15.32
C GLY R 16 32.50 51.32 -15.36
N VAL R 17 32.92 52.05 -14.33
CA VAL R 17 34.30 52.51 -14.26
C VAL R 17 35.22 51.35 -13.92
N VAL R 18 34.88 50.58 -12.89
CA VAL R 18 35.74 49.47 -12.49
C VAL R 18 35.65 48.32 -13.48
N VAL R 19 34.60 48.25 -14.29
CA VAL R 19 34.62 47.37 -15.46
C VAL R 19 35.47 47.99 -16.55
N GLY R 20 35.42 49.31 -16.68
CA GLY R 20 36.18 49.98 -17.72
C GLY R 20 37.68 49.98 -17.47
N VAL R 21 38.09 50.33 -16.25
CA VAL R 21 39.52 50.42 -15.96
C VAL R 21 40.19 49.07 -15.88
N ILE R 22 39.43 47.99 -15.71
CA ILE R 22 40.00 46.66 -15.88
C ILE R 22 40.10 46.32 -17.36
N ALA R 23 39.09 46.68 -18.14
CA ALA R 23 39.06 46.34 -19.56
C ALA R 23 40.09 47.15 -20.34
N ILE R 24 40.26 48.42 -20.01
CA ILE R 24 41.25 49.25 -20.69
C ILE R 24 42.66 48.76 -20.37
N ALA R 25 42.91 48.41 -19.10
CA ALA R 25 44.18 47.83 -18.72
C ALA R 25 44.40 46.45 -19.31
N LEU R 26 43.32 45.74 -19.64
CA LEU R 26 43.42 44.43 -20.28
C LEU R 26 43.66 44.52 -21.79
N ILE R 27 43.18 45.59 -22.43
CA ILE R 27 43.50 45.80 -23.84
C ILE R 27 44.97 46.18 -24.00
N VAL R 28 45.47 47.11 -23.19
CA VAL R 28 46.82 47.61 -23.37
C VAL R 28 47.88 46.61 -22.91
N ILE R 29 47.54 45.64 -22.07
CA ILE R 29 48.50 44.61 -21.71
C ILE R 29 48.45 43.44 -22.68
N SER R 30 47.36 43.30 -23.45
CA SER R 30 47.30 42.29 -24.49
C SER R 30 47.98 42.74 -25.77
N LYS R 31 48.26 44.04 -25.90
CA LYS R 31 49.03 44.54 -27.04
C LYS R 31 50.51 44.59 -26.73
N SER R 32 50.87 44.76 -25.45
CA SER R 32 52.27 44.86 -25.08
C SER R 32 52.89 43.48 -24.88
N ASP R 33 52.16 42.57 -24.24
CA ASP R 33 52.64 41.22 -23.97
C ASP R 33 52.04 40.23 -24.96
N ARG R 34 51.91 40.64 -26.21
CA ARG R 34 51.39 39.76 -27.26
C ARG R 34 52.36 38.61 -27.53
N ILE R 35 51.82 37.53 -28.09
CA ILE R 35 52.57 36.31 -28.31
C ILE R 35 53.32 36.42 -29.63
N LEU R 36 54.64 36.22 -29.57
CA LEU R 36 55.46 36.27 -30.78
C LEU R 36 55.15 35.07 -31.67
N ARG R 37 55.53 35.20 -32.93
CA ARG R 37 54.97 34.35 -33.98
C ARG R 37 55.99 33.33 -34.46
N MET S 1 77.16 34.53 48.99
CA MET S 1 78.25 33.76 48.42
C MET S 1 77.71 32.62 47.57
N ILE S 2 76.59 32.04 48.01
CA ILE S 2 75.94 31.00 47.22
C ILE S 2 75.40 31.58 45.92
N THR S 3 74.84 32.78 45.98
CA THR S 3 74.32 33.44 44.79
C THR S 3 75.44 33.80 43.82
N LEU S 4 76.64 34.08 44.32
CA LEU S 4 77.77 34.31 43.43
C LEU S 4 78.22 33.02 42.76
N LEU S 5 78.19 31.91 43.50
CA LEU S 5 78.70 30.64 42.96
C LEU S 5 77.73 30.00 41.98
N VAL S 6 76.42 30.13 42.21
CA VAL S 6 75.44 29.59 41.28
C VAL S 6 75.46 30.40 39.99
N ALA S 7 75.62 31.71 40.09
CA ALA S 7 75.74 32.56 38.90
C ALA S 7 77.00 32.23 38.10
N LEU S 8 78.05 31.77 38.76
CA LEU S 8 79.21 31.28 38.04
C LEU S 8 78.94 29.92 37.41
N LEU S 9 78.19 29.06 38.11
CA LEU S 9 77.84 27.75 37.58
C LEU S 9 76.91 27.85 36.38
N VAL S 10 76.04 28.87 36.37
CA VAL S 10 75.16 29.10 35.23
C VAL S 10 75.97 29.56 34.01
N LEU S 11 76.99 30.39 34.24
CA LEU S 11 77.79 30.89 33.13
C LEU S 11 78.72 29.82 32.57
N ILE S 12 79.26 28.98 33.44
CA ILE S 12 80.11 27.88 32.97
C ILE S 12 79.26 26.86 32.22
N SER S 13 78.05 26.59 32.70
CA SER S 13 77.16 25.67 32.01
C SER S 13 76.71 26.23 30.67
N LEU S 14 76.51 27.54 30.57
CA LEU S 14 76.13 28.12 29.29
C LEU S 14 77.29 28.11 28.31
N GLY S 15 78.52 28.22 28.80
CA GLY S 15 79.66 28.06 27.92
C GLY S 15 79.85 26.62 27.48
N LEU S 16 79.55 25.66 28.35
CA LEU S 16 79.68 24.26 27.99
C LEU S 16 78.52 23.75 27.16
N VAL S 17 77.35 24.40 27.21
CA VAL S 17 76.24 24.00 26.35
C VAL S 17 76.54 24.30 24.88
N VAL S 18 77.27 25.39 24.60
CA VAL S 18 77.52 25.77 23.21
C VAL S 18 78.91 25.44 22.71
N THR S 19 79.74 24.78 23.52
CA THR S 19 81.09 24.42 23.07
C THR S 19 81.37 22.93 23.11
N VAL S 20 80.78 22.19 24.06
CA VAL S 20 80.92 20.73 24.10
C VAL S 20 80.39 20.03 22.83
N PRO S 21 79.15 20.31 22.34
CA PRO S 21 78.74 19.62 21.12
C PRO S 21 79.44 20.10 19.87
N VAL S 22 79.97 21.31 19.88
CA VAL S 22 80.82 21.73 18.76
C VAL S 22 82.13 20.97 18.79
N ALA S 23 82.69 20.74 19.97
CA ALA S 23 83.95 20.01 20.07
C ALA S 23 83.76 18.53 19.77
N LEU S 24 82.58 17.97 20.04
CA LEU S 24 82.36 16.56 19.78
C LEU S 24 81.99 16.30 18.32
N ALA S 25 81.38 17.27 17.64
CA ALA S 25 80.86 17.03 16.30
C ALA S 25 81.69 17.66 15.20
N THR S 26 82.81 18.27 15.50
CA THR S 26 83.82 18.44 14.46
C THR S 26 84.79 17.28 14.59
N PRO S 27 85.14 16.59 13.51
CA PRO S 27 85.64 15.21 13.63
C PRO S 27 87.08 15.05 14.10
N GLY S 28 87.71 16.08 14.67
CA GLY S 28 89.00 15.88 15.28
C GLY S 28 89.25 16.62 16.58
N GLU S 29 88.32 17.49 16.97
CA GLU S 29 88.63 18.46 18.01
C GLU S 29 88.53 17.90 19.41
N TRP S 30 87.81 16.80 19.63
CA TRP S 30 87.66 16.32 21.00
C TRP S 30 88.94 15.67 21.51
N GLU S 31 89.64 14.92 20.67
CA GLU S 31 90.86 14.28 21.15
C GLU S 31 92.02 15.27 21.24
N ILE S 32 91.93 16.41 20.53
CA ILE S 32 92.97 17.41 20.69
C ILE S 32 92.59 18.42 21.79
N ALA S 33 91.31 18.53 22.10
CA ALA S 33 90.84 19.40 23.18
C ALA S 33 89.87 18.60 24.03
N LYS S 34 90.41 17.81 24.96
CA LYS S 34 89.62 17.27 26.05
C LYS S 34 90.27 17.47 27.41
N GLY S 35 91.58 17.75 27.45
CA GLY S 35 92.17 18.22 28.68
C GLY S 35 91.62 19.57 29.07
N LYS S 36 91.36 20.43 28.08
CA LYS S 36 90.71 21.71 28.36
C LYS S 36 89.25 21.52 28.72
N PHE S 37 88.60 20.50 28.15
CA PHE S 37 87.18 20.30 28.45
C PHE S 37 86.98 19.47 29.71
N ASN S 38 87.93 18.61 30.06
CA ASN S 38 87.83 17.96 31.36
C ASN S 38 88.13 18.93 32.48
N ARG S 39 88.99 19.93 32.24
CA ARG S 39 89.23 20.96 33.24
C ARG S 39 87.97 21.75 33.54
N PHE S 40 87.19 22.07 32.49
CA PHE S 40 85.93 22.76 32.71
C PHE S 40 84.88 21.84 33.32
N PHE S 41 84.98 20.53 33.06
CA PHE S 41 84.07 19.60 33.70
C PHE S 41 84.34 19.51 35.19
N GLN S 42 85.61 19.61 35.59
CA GLN S 42 85.94 19.49 37.00
C GLN S 42 85.62 20.76 37.76
N ILE S 43 85.81 21.93 37.13
CA ILE S 43 85.37 23.17 37.74
C ILE S 43 83.85 23.17 37.86
N TRP S 44 83.16 22.56 36.89
CA TRP S 44 81.71 22.41 36.96
C TRP S 44 81.30 21.51 38.11
N VAL S 45 81.96 20.36 38.25
CA VAL S 45 81.60 19.41 39.30
C VAL S 45 82.03 19.94 40.67
N PHE S 46 83.17 20.63 40.74
CA PHE S 46 83.60 21.21 42.00
C PHE S 46 82.72 22.36 42.43
N LEU S 47 82.13 23.08 41.47
CA LEU S 47 81.20 24.15 41.84
C LEU S 47 79.93 23.61 42.47
N VAL S 48 79.46 22.46 42.02
CA VAL S 48 78.25 21.87 42.58
C VAL S 48 78.49 21.45 44.04
N ILE S 49 79.68 20.93 44.33
CA ILE S 49 79.99 20.48 45.68
C ILE S 49 80.19 21.66 46.62
N VAL S 50 80.80 22.73 46.12
CA VAL S 50 80.99 23.93 46.94
C VAL S 50 79.66 24.62 47.19
N ILE S 51 78.75 24.58 46.23
CA ILE S 51 77.40 25.11 46.45
C ILE S 51 76.64 24.22 47.44
N ALA S 52 76.77 22.89 47.29
CA ALA S 52 76.14 21.96 48.23
C ALA S 52 76.72 22.08 49.62
N ALA S 53 78.00 22.43 49.73
CA ALA S 53 78.59 22.68 51.04
C ALA S 53 78.05 23.97 51.63
N ALA S 54 78.01 25.03 50.83
CA ALA S 54 77.56 26.33 51.33
C ALA S 54 76.07 26.34 51.61
N ASP S 55 75.29 25.54 50.88
CA ASP S 55 73.87 25.47 51.15
C ASP S 55 73.58 24.71 52.44
N GLY S 56 74.31 23.61 52.67
CA GLY S 56 74.09 22.84 53.87
C GLY S 56 74.66 23.49 55.12
N ILE S 57 75.74 24.25 54.98
CA ILE S 57 76.29 24.96 56.12
C ILE S 57 75.36 26.08 56.54
N SER S 58 74.79 26.81 55.57
CA SER S 58 73.88 27.90 55.88
C SER S 58 72.52 27.44 56.36
N SER S 59 72.22 26.15 56.29
CA SER S 59 70.93 25.64 56.76
C SER S 59 71.04 25.12 58.18
N SER T 1 43.12 57.84 21.33
CA SER T 1 44.34 57.06 21.50
C SER T 1 44.24 56.16 22.73
N PRO T 2 44.36 54.86 22.54
CA PRO T 2 44.07 53.93 23.63
C PRO T 2 45.18 53.84 24.65
N ARG T 3 44.81 53.34 25.84
CA ARG T 3 45.77 53.06 26.89
C ARG T 3 46.69 51.93 26.49
N PHE T 4 47.99 52.15 26.60
CA PHE T 4 48.97 51.12 26.29
C PHE T 4 49.74 50.72 27.53
N SER T 5 50.07 49.43 27.60
CA SER T 5 51.05 48.93 28.57
C SER T 5 51.77 47.76 27.92
N VAL T 6 52.90 48.04 27.29
CA VAL T 6 53.91 47.01 27.13
C VAL T 6 54.38 46.64 28.54
N PHE T 7 54.65 45.35 28.74
CA PHE T 7 54.31 44.55 29.92
C PHE T 7 54.27 45.29 31.24
N GLY T 8 55.35 45.97 31.60
CA GLY T 8 55.25 46.98 32.64
C GLY T 8 56.09 48.18 32.28
N LEU T 9 56.83 48.06 31.19
CA LEU T 9 57.94 48.97 30.94
C LEU T 9 57.50 50.23 30.20
N VAL T 10 56.66 50.08 29.20
CA VAL T 10 56.23 51.19 28.36
C VAL T 10 54.73 51.36 28.56
N GLY T 11 54.33 52.55 29.00
CA GLY T 11 52.92 52.85 29.14
C GLY T 11 52.45 52.93 30.58
N ASP T 12 51.16 52.66 30.78
CA ASP T 12 50.56 52.86 32.10
C ASP T 12 51.01 51.80 33.10
N GLY T 13 50.65 50.55 32.84
CA GLY T 13 51.06 49.47 33.72
C GLY T 13 50.15 49.24 34.90
N THR T 14 49.73 50.31 35.57
CA THR T 14 48.87 50.23 36.75
C THR T 14 47.40 50.38 36.32
N SER T 15 47.02 49.55 35.36
CA SER T 15 45.68 49.54 34.81
C SER T 15 45.01 48.22 35.17
N TYR T 16 43.67 48.22 35.12
CA TYR T 16 42.90 47.13 35.71
C TYR T 16 43.02 45.81 34.96
N SER T 17 43.52 45.81 33.73
CA SER T 17 43.61 44.57 32.98
C SER T 17 45.03 44.21 32.58
N GLU T 18 46.03 44.88 33.14
CA GLU T 18 47.42 44.50 32.87
C GLU T 18 47.75 43.25 33.68
N GLY T 19 48.18 42.19 32.99
CA GLY T 19 48.38 40.91 33.61
C GLY T 19 49.81 40.59 33.97
N ALA T 20 50.78 41.22 33.30
CA ALA T 20 52.18 40.95 33.52
C ALA T 20 52.86 42.01 34.39
N ALA T 21 52.07 42.85 35.06
CA ALA T 21 52.60 43.71 36.10
C ALA T 21 52.70 42.84 37.34
N TYR T 22 53.93 42.41 37.67
CA TYR T 22 54.09 41.39 38.68
C TYR T 22 53.92 41.96 40.08
N GLY T 23 54.60 43.07 40.38
CA GLY T 23 54.37 43.75 41.64
C GLY T 23 54.35 45.24 41.44
N THR T 24 54.47 45.67 40.19
CA THR T 24 54.64 47.08 39.88
C THR T 24 53.36 47.88 40.01
N ASP T 25 52.21 47.22 40.07
CA ASP T 25 50.94 47.93 40.21
C ASP T 25 50.68 48.37 41.63
N GLN T 26 51.03 47.55 42.61
CA GLN T 26 50.76 47.85 44.01
C GLN T 26 52.02 48.36 44.70
N ALA T 27 51.80 49.04 45.84
CA ALA T 27 52.88 49.64 46.59
C ALA T 27 53.58 48.65 47.52
N ASP T 28 52.82 47.86 48.27
CA ASP T 28 53.40 46.95 49.24
C ASP T 28 54.05 45.76 48.55
N LYS T 29 55.13 45.27 49.16
CA LYS T 29 55.88 44.17 48.59
C LYS T 29 55.10 42.87 48.66
N LEU T 30 55.18 42.09 47.59
CA LEU T 30 54.52 40.80 47.54
C LEU T 30 55.43 39.71 48.08
N TYR T 31 54.83 38.54 48.32
CA TYR T 31 55.60 37.38 48.77
C TYR T 31 56.53 36.91 47.68
N SER T 32 56.04 36.87 46.45
CA SER T 32 56.82 36.51 45.28
C SER T 32 56.24 37.28 44.11
N PRO T 33 56.93 37.33 42.97
CA PRO T 33 56.28 37.87 41.77
C PRO T 33 55.05 37.10 41.34
N TYR T 34 55.01 35.80 41.60
CA TYR T 34 53.93 34.93 41.19
C TYR T 34 52.79 34.87 42.20
N SER T 35 52.67 35.87 43.06
CA SER T 35 51.69 35.85 44.14
C SER T 35 50.81 37.08 44.06
N VAL T 36 49.64 36.98 44.67
CA VAL T 36 48.80 38.15 44.95
C VAL T 36 48.84 38.54 46.40
N TYR T 37 49.58 37.84 47.25
CA TYR T 37 49.60 38.07 48.67
C TYR T 37 50.89 38.72 49.11
N SER T 38 50.80 39.55 50.13
CA SER T 38 51.95 40.09 50.83
C SER T 38 52.50 39.03 51.78
N PRO T 39 53.77 39.17 52.23
CA PRO T 39 54.33 38.14 53.11
C PRO T 39 53.72 38.03 54.50
N GLU T 40 54.29 37.14 55.31
CA GLU T 40 53.79 36.73 56.62
C GLU T 40 54.50 37.49 57.74
N GLY T 41 54.83 38.75 57.51
CA GLY T 41 55.44 39.58 58.53
C GLY T 41 54.41 40.16 59.47
N GLU T 42 54.80 41.26 60.11
CA GLU T 42 53.80 42.08 60.77
C GLU T 42 53.05 42.90 59.72
N LYS T 43 52.04 43.64 60.18
CA LYS T 43 50.90 44.26 59.49
C LYS T 43 49.88 43.24 59.05
N SER T 44 50.17 41.95 59.16
CA SER T 44 49.19 40.91 58.92
C SER T 44 48.26 40.80 60.11
N LEU T 45 47.00 40.54 59.83
CA LEU T 45 46.01 40.47 60.89
C LEU T 45 46.04 39.16 61.65
N TYR T 46 46.61 38.11 61.08
CA TYR T 46 46.75 36.84 61.76
C TYR T 46 47.95 36.89 62.70
N LYS T 47 47.70 36.77 63.99
CA LYS T 47 48.76 36.70 64.97
C LYS T 47 48.83 35.29 65.53
N PRO T 48 49.88 34.52 65.23
CA PRO T 48 49.94 33.13 65.71
C PRO T 48 50.16 33.01 67.21
N ASP T 49 50.52 34.10 67.89
CA ASP T 49 50.72 34.10 69.34
C ASP T 49 49.42 34.21 70.12
N ASN T 50 48.29 34.33 69.44
CA ASN T 50 47.09 34.84 70.09
C ASN T 50 46.44 33.76 70.95
N ALA T 51 45.68 34.23 71.93
CA ALA T 51 45.14 33.32 72.97
C ALA T 51 44.01 32.46 72.45
N GLU T 52 43.22 32.95 71.50
CA GLU T 52 42.13 32.12 70.99
C GLU T 52 42.62 31.02 70.08
N TYR T 53 43.85 31.12 69.57
CA TYR T 53 44.40 30.03 68.78
C TYR T 53 44.96 28.94 69.67
N LEU T 54 45.62 29.33 70.76
CA LEU T 54 46.16 28.35 71.69
C LEU T 54 45.04 27.62 72.43
N ALA T 55 43.98 28.33 72.78
CA ALA T 55 42.86 27.73 73.49
C ALA T 55 42.09 26.75 72.62
N ARG T 56 42.08 26.96 71.31
CA ARG T 56 41.44 26.02 70.39
C ARG T 56 42.24 24.72 70.31
N LYS T 57 43.57 24.81 70.35
CA LYS T 57 44.40 23.61 70.34
C LYS T 57 44.32 22.86 71.66
N LYS T 58 44.24 23.58 72.78
CA LYS T 58 44.12 22.91 74.07
C LYS T 58 42.76 22.24 74.23
N ALA T 59 41.72 22.81 73.61
CA ALA T 59 40.40 22.20 73.68
C ALA T 59 40.33 20.94 72.82
N VAL T 60 41.15 20.88 71.77
CA VAL T 60 41.25 19.65 70.99
C VAL T 60 41.94 18.56 71.81
N LEU T 61 43.00 18.92 72.52
CA LEU T 61 43.75 17.96 73.33
C LEU T 61 42.94 17.44 74.50
N ALA T 62 42.05 18.25 75.06
CA ALA T 62 41.24 17.80 76.19
C ALA T 62 40.11 16.88 75.75
N GLU T 63 39.43 17.23 74.66
CA GLU T 63 38.36 16.39 74.15
C GLU T 63 38.89 15.13 73.47
N THR T 64 40.16 15.13 73.06
CA THR T 64 40.78 13.92 72.52
C THR T 64 40.82 12.81 73.55
N LYS T 65 41.17 13.14 74.79
CA LYS T 65 41.19 12.16 75.86
C LYS T 65 39.78 11.65 76.20
N ASN T 66 38.77 12.48 76.01
CA ASN T 66 37.39 12.02 76.20
C ASN T 66 36.98 11.04 75.12
N ARG T 67 37.39 11.28 73.88
CA ARG T 67 37.11 10.34 72.81
C ARG T 67 37.99 9.10 72.90
N LEU T 68 39.22 9.26 73.39
CA LEU T 68 40.14 8.15 73.52
C LEU T 68 39.73 7.20 74.64
N GLN T 69 38.90 7.65 75.58
CA GLN T 69 38.50 6.86 76.73
C GLN T 69 37.25 6.05 76.49
N LYS T 70 36.45 6.38 75.48
CA LYS T 70 35.30 5.57 75.10
C LYS T 70 35.66 4.52 74.07
N ILE T 71 36.95 4.35 73.77
CA ILE T 71 37.39 3.23 72.94
C ILE T 71 37.10 1.86 73.54
N PRO T 72 37.46 1.55 74.81
CA PRO T 72 37.21 0.18 75.30
C PRO T 72 35.75 -0.18 75.48
N ALA T 73 34.84 0.80 75.49
CA ALA T 73 33.42 0.50 75.50
C ALA T 73 32.96 -0.07 74.16
N TYR T 74 33.70 0.18 73.07
CA TYR T 74 33.47 -0.49 71.81
C TYR T 74 34.16 -1.84 71.73
N VAL T 75 35.09 -2.11 72.65
CA VAL T 75 35.87 -3.34 72.59
C VAL T 75 35.37 -4.40 73.59
N ASP T 76 34.58 -4.01 74.59
CA ASP T 76 33.79 -5.05 75.24
C ASP T 76 32.56 -5.43 74.43
N LYS T 77 32.11 -4.55 73.55
CA LYS T 77 31.30 -4.94 72.40
C LYS T 77 32.27 -5.31 71.30
N LYS T 78 31.82 -5.48 70.07
CA LYS T 78 32.83 -5.72 69.03
C LYS T 78 32.61 -4.78 67.87
N GLU T 79 32.35 -3.52 68.17
CA GLU T 79 32.11 -2.51 67.14
C GLU T 79 33.45 -1.96 66.71
N TRP T 80 34.15 -2.73 65.88
CA TRP T 80 35.46 -2.33 65.38
C TRP T 80 35.40 -1.12 64.47
N PHE T 81 34.28 -0.91 63.79
CA PHE T 81 34.10 0.31 63.02
C PHE T 81 34.02 1.53 63.91
N ASN T 82 33.48 1.38 65.12
CA ASN T 82 33.38 2.50 66.04
C ASN T 82 34.72 2.89 66.62
N VAL T 83 35.65 1.94 66.72
CA VAL T 83 37.00 2.26 67.17
C VAL T 83 37.73 3.04 66.10
N LYS T 84 37.64 2.59 64.85
CA LYS T 84 38.32 3.26 63.75
C LYS T 84 37.70 4.61 63.43
N ASP T 85 36.38 4.74 63.61
CA ASP T 85 35.73 6.02 63.39
C ASP T 85 36.02 7.02 64.51
N GLU T 86 36.15 6.56 65.75
CA GLU T 86 36.46 7.46 66.85
C GLU T 86 37.84 8.07 66.71
N LEU T 87 38.81 7.29 66.23
CA LEU T 87 40.15 7.79 66.00
C LEU T 87 40.26 8.75 64.83
N THR T 88 39.21 8.90 64.03
CA THR T 88 39.25 9.76 62.87
C THR T 88 38.15 10.81 62.81
N ARG T 89 37.10 10.72 63.62
CA ARG T 89 36.02 11.69 63.48
C ARG T 89 36.35 13.00 64.19
N TYR T 90 36.42 12.96 65.52
CA TYR T 90 36.88 14.15 66.21
C TYR T 90 38.39 14.25 66.18
N MET T 91 39.07 13.11 66.23
CA MET T 91 40.50 13.10 66.46
C MET T 91 41.32 13.49 65.24
N TYR T 92 40.67 13.81 64.11
CA TYR T 92 41.38 14.28 62.93
C TYR T 92 42.15 15.57 63.20
N GLU T 93 41.66 16.40 64.11
CA GLU T 93 42.32 17.64 64.46
C GLU T 93 43.39 17.46 65.52
N THR T 94 43.69 16.23 65.93
CA THR T 94 44.63 16.04 67.04
C THR T 94 46.08 16.18 66.59
N ARG T 95 46.45 15.58 65.45
CA ARG T 95 47.81 15.70 64.95
C ARG T 95 48.15 17.13 64.56
N GLY T 96 47.16 17.88 64.07
CA GLY T 96 47.39 19.28 63.78
C GLY T 96 47.59 20.12 65.02
N ALA T 97 46.92 19.76 66.11
CA ALA T 97 47.03 20.50 67.34
C ALA T 97 48.21 20.05 68.19
N VAL T 98 48.63 18.80 68.07
CA VAL T 98 49.75 18.32 68.86
C VAL T 98 51.07 18.83 68.30
N ARG T 99 51.24 18.77 66.98
CA ARG T 99 52.47 19.25 66.37
C ARG T 99 52.57 20.77 66.43
N SER T 100 51.43 21.47 66.54
CA SER T 100 51.48 22.90 66.73
C SER T 100 51.92 23.28 68.14
N LEU T 101 51.64 22.44 69.13
CA LEU T 101 52.06 22.69 70.50
C LEU T 101 53.41 22.08 70.83
N SER T 102 53.98 21.27 69.94
CA SER T 102 55.29 20.66 70.18
C SER T 102 56.35 21.59 69.62
N SER T 103 56.99 22.35 70.51
CA SER T 103 58.04 23.30 70.12
C SER T 103 59.42 22.78 70.47
N SER T 104 59.61 22.31 71.70
CA SER T 104 60.90 21.81 72.13
C SER T 104 61.17 20.43 71.53
N VAL T 105 62.43 20.00 71.65
CA VAL T 105 62.83 18.73 71.04
C VAL T 105 62.33 17.54 71.83
N THR T 106 62.09 17.69 73.14
CA THR T 106 61.50 16.60 73.90
C THR T 106 59.99 16.54 73.72
N GLN T 107 59.37 17.66 73.34
CA GLN T 107 57.94 17.65 73.01
C GLN T 107 57.68 16.85 71.76
N LYS T 108 58.58 16.92 70.78
CA LYS T 108 58.35 16.23 69.51
C LYS T 108 58.50 14.73 69.66
N GLU T 109 59.48 14.27 70.44
CA GLU T 109 59.63 12.85 70.65
C GLU T 109 58.60 12.30 71.61
N LYS T 110 58.06 13.12 72.50
CA LYS T 110 56.94 12.70 73.33
C LYS T 110 55.62 12.72 72.58
N ALA T 111 55.56 13.42 71.45
CA ALA T 111 54.38 13.48 70.61
C ALA T 111 54.29 12.31 69.65
N GLU T 112 55.43 11.88 69.12
CA GLU T 112 55.41 10.75 68.21
C GLU T 112 55.10 9.45 68.93
N VAL T 113 55.45 9.36 70.21
CA VAL T 113 55.08 8.19 71.01
C VAL T 113 53.57 8.09 71.13
N PHE T 114 52.89 9.23 71.29
CA PHE T 114 51.44 9.24 71.22
C PHE T 114 50.94 8.91 69.83
N PHE T 115 51.68 9.29 68.79
CA PHE T 115 51.25 8.99 67.44
C PHE T 115 51.43 7.52 67.11
N ARG T 116 52.53 6.91 67.57
CA ARG T 116 52.77 5.50 67.33
C ARG T 116 51.71 4.64 68.02
N ALA T 117 51.32 5.01 69.24
CA ALA T 117 50.30 4.26 69.94
C ALA T 117 48.92 4.48 69.33
N LEU T 118 48.71 5.62 68.69
CA LEU T 118 47.45 5.88 68.01
C LEU T 118 47.31 5.03 66.77
N GLU T 119 48.43 4.77 66.08
CA GLU T 119 48.41 3.91 64.92
C GLU T 119 48.38 2.43 65.28
N ASP T 120 48.87 2.09 66.46
CA ASP T 120 48.73 0.73 66.96
C ASP T 120 47.28 0.43 67.33
N THR T 121 46.55 1.44 67.83
CA THR T 121 45.14 1.27 68.13
C THR T 121 44.34 1.06 66.85
N TYR T 122 44.70 1.80 65.80
CA TYR T 122 43.98 1.71 64.53
C TYR T 122 44.28 0.41 63.83
N GLY T 123 45.56 0.01 63.78
CA GLY T 123 45.94 -1.21 63.11
C GLY T 123 45.42 -2.46 63.78
N ALA T 124 45.29 -2.43 65.10
CA ALA T 124 44.67 -3.55 65.79
C ALA T 124 43.16 -3.56 65.61
N ALA T 125 42.55 -2.43 65.28
CA ALA T 125 41.12 -2.41 65.05
C ALA T 125 40.74 -2.95 63.68
N THR T 126 41.59 -2.73 62.67
CA THR T 126 41.37 -3.38 61.37
C THR T 126 41.57 -4.88 61.47
N LEU T 127 42.54 -5.30 62.27
CA LEU T 127 42.82 -6.72 62.46
C LEU T 127 41.89 -7.37 63.47
N LYS T 128 41.04 -6.58 64.13
CA LYS T 128 40.03 -7.04 65.10
C LYS T 128 40.65 -7.80 66.26
N LYS T 129 41.82 -7.35 66.70
CA LYS T 129 42.49 -7.92 67.86
C LYS T 129 42.00 -7.15 69.08
N GLY T 130 41.23 -7.84 69.94
CA GLY T 130 40.53 -7.15 71.01
C GLY T 130 41.46 -6.67 72.12
N ASP T 131 42.36 -7.53 72.56
CA ASP T 131 43.28 -7.15 73.62
C ASP T 131 44.30 -6.14 73.14
N ALA T 132 44.64 -6.16 71.86
CA ALA T 132 45.66 -5.26 71.33
C ALA T 132 45.15 -3.85 71.13
N VAL T 133 43.83 -3.67 70.96
CA VAL T 133 43.29 -2.31 70.91
C VAL T 133 43.37 -1.65 72.28
N LYS T 134 42.94 -2.37 73.32
CA LYS T 134 42.95 -1.84 74.67
C LYS T 134 44.37 -1.66 75.19
N ALA T 135 45.29 -2.55 74.82
CA ALA T 135 46.68 -2.40 75.24
C ALA T 135 47.34 -1.23 74.51
N SER T 136 46.79 -0.85 73.36
CA SER T 136 47.28 0.33 72.67
C SER T 136 46.52 1.57 73.08
N ASN T 137 45.27 1.41 73.51
CA ASN T 137 44.47 2.57 73.90
C ASN T 137 44.93 3.15 75.23
N ASP T 138 45.36 2.30 76.16
CA ASP T 138 45.93 2.85 77.39
C ASP T 138 47.29 3.47 77.15
N LYS T 139 48.08 2.92 76.23
CA LYS T 139 49.34 3.55 75.86
C LYS T 139 49.12 4.85 75.11
N ALA T 140 48.04 4.97 74.35
CA ALA T 140 47.72 6.22 73.69
C ALA T 140 47.28 7.27 74.69
N ILE T 141 46.52 6.86 75.71
CA ILE T 141 46.10 7.80 76.74
C ILE T 141 47.29 8.20 77.60
N ALA T 142 48.10 7.22 78.03
CA ALA T 142 49.23 7.50 78.92
C ALA T 142 50.31 8.33 78.24
N ALA T 143 50.42 8.25 76.92
CA ALA T 143 51.30 9.15 76.19
C ALA T 143 50.63 10.48 75.89
N LEU T 144 49.31 10.54 75.94
CA LEU T 144 48.63 11.82 75.74
C LEU T 144 48.77 12.71 76.97
N ASP T 145 48.61 12.15 78.17
CA ASP T 145 48.77 12.97 79.38
C ASP T 145 50.22 13.38 79.58
N ALA T 146 51.16 12.55 79.16
CA ALA T 146 52.58 12.91 79.25
C ALA T 146 52.91 14.09 78.35
N PHE T 147 52.22 14.22 77.22
CA PHE T 147 52.42 15.38 76.36
C PHE T 147 51.77 16.63 76.95
N THR T 148 50.55 16.49 77.48
CA THR T 148 49.85 17.63 78.04
C THR T 148 50.42 18.06 79.39
N ALA T 149 51.07 17.15 80.13
CA ALA T 149 51.68 17.54 81.39
C ALA T 149 52.94 18.37 81.20
N THR T 150 53.52 18.40 80.00
CA THR T 150 54.64 19.28 79.76
C THR T 150 54.14 20.72 79.73
N LEU T 151 53.35 21.05 78.70
CA LEU T 151 52.57 22.29 78.60
C LEU T 151 51.66 22.22 77.37
N THR U 1 26.27 -11.10 43.91
CA THR U 1 27.18 -10.11 44.44
C THR U 1 28.23 -9.76 43.40
N GLU U 2 28.18 -8.52 42.90
CA GLU U 2 29.06 -8.12 41.80
C GLU U 2 30.11 -7.10 42.19
N GLY U 3 29.93 -6.38 43.30
CA GLY U 3 30.93 -5.42 43.70
C GLY U 3 31.96 -5.99 44.66
N THR U 4 31.89 -7.30 44.89
CA THR U 4 32.83 -7.97 45.78
C THR U 4 34.05 -8.41 44.99
N ASN U 5 35.16 -8.56 45.70
CA ASN U 5 36.47 -8.63 45.04
C ASN U 5 36.92 -10.08 44.88
N GLU U 6 36.34 -10.74 43.89
CA GLU U 6 36.61 -12.13 43.62
C GLU U 6 37.59 -12.28 42.46
N TRP U 7 38.44 -13.30 42.55
CA TRP U 7 39.44 -13.55 41.52
C TRP U 7 38.75 -14.07 40.28
N PHE U 8 38.80 -13.30 39.19
CA PHE U 8 38.17 -13.61 37.90
C PHE U 8 36.66 -13.78 38.02
N GLY U 9 36.05 -13.16 39.02
CA GLY U 9 34.63 -13.35 39.25
C GLY U 9 34.24 -14.71 39.76
N VAL U 10 35.21 -15.51 40.21
CA VAL U 10 34.94 -16.86 40.69
C VAL U 10 34.39 -16.72 42.11
N ASP U 11 33.08 -16.88 42.25
CA ASP U 11 32.45 -16.98 43.56
C ASP U 11 31.98 -18.38 43.88
N ASP U 12 31.83 -19.23 42.87
CA ASP U 12 31.56 -20.64 43.07
C ASP U 12 32.67 -21.44 42.42
N LEU U 13 32.97 -22.62 42.97
CA LEU U 13 34.02 -23.46 42.42
C LEU U 13 33.60 -24.18 41.14
N ARG U 14 32.34 -24.07 40.71
CA ARG U 14 31.97 -24.50 39.38
C ARG U 14 32.71 -23.70 38.32
N LEU U 15 32.83 -22.39 38.55
CA LEU U 15 33.43 -21.52 37.55
C LEU U 15 34.93 -21.74 37.46
N LEU U 16 35.56 -22.11 38.56
CA LEU U 16 36.97 -22.44 38.53
C LEU U 16 37.20 -23.73 37.77
N ALA U 17 36.27 -24.67 37.86
CA ALA U 17 36.42 -25.96 37.17
C ALA U 17 36.31 -25.79 35.66
N VAL U 18 35.37 -24.98 35.19
CA VAL U 18 35.22 -24.81 33.76
C VAL U 18 36.29 -23.91 33.16
N LEU U 19 36.95 -23.08 33.97
CA LEU U 19 38.07 -22.30 33.48
C LEU U 19 39.26 -23.20 33.22
N PHE U 20 39.54 -24.12 34.14
CA PHE U 20 40.63 -25.08 33.96
C PHE U 20 40.33 -26.01 32.80
N LEU U 21 39.12 -26.59 32.80
CA LEU U 21 38.78 -27.60 31.80
C LEU U 21 38.67 -27.01 30.41
N GLY U 22 38.30 -25.74 30.30
CA GLY U 22 38.24 -25.10 29.01
C GLY U 22 39.63 -24.78 28.50
N HIS U 23 40.49 -24.29 29.38
CA HIS U 23 41.83 -23.92 28.96
C HIS U 23 42.73 -25.13 28.74
N TRP U 24 42.53 -26.21 29.50
CA TRP U 24 43.31 -27.41 29.30
C TRP U 24 42.87 -28.19 28.07
N ALA U 25 41.67 -27.96 27.57
CA ALA U 25 41.19 -28.71 26.42
C ALA U 25 41.86 -28.25 25.14
N ILE U 26 41.99 -26.92 24.96
CA ILE U 26 42.67 -26.41 23.78
C ILE U 26 44.17 -26.59 23.94
N LEU U 27 44.66 -26.59 25.18
CA LEU U 27 46.05 -26.92 25.47
C LEU U 27 46.39 -28.34 25.03
N SER U 28 45.49 -29.27 25.25
CA SER U 28 45.74 -30.66 24.90
C SER U 28 45.73 -30.86 23.39
N LEU U 29 44.90 -30.11 22.68
CA LEU U 29 44.96 -30.10 21.23
C LEU U 29 46.26 -29.47 20.75
N TRP U 30 46.62 -28.34 21.34
CA TRP U 30 47.84 -27.63 20.99
C TRP U 30 49.10 -28.44 21.32
N LEU U 31 49.04 -29.26 22.36
CA LEU U 31 50.14 -30.18 22.65
C LEU U 31 50.20 -31.34 21.66
N GLY U 32 49.14 -31.56 20.89
CA GLY U 32 49.20 -32.54 19.82
C GLY U 32 50.08 -32.13 18.66
N SER U 33 50.38 -30.84 18.55
CA SER U 33 51.29 -30.33 17.52
C SER U 33 52.62 -29.85 18.08
N TYR U 34 52.64 -29.39 19.33
CA TYR U 34 53.83 -28.76 19.89
C TYR U 34 54.36 -29.44 21.13
N GLY U 35 53.66 -30.43 21.65
CA GLY U 35 54.33 -31.46 22.41
C GLY U 35 55.13 -32.32 21.46
N ASP U 36 56.08 -33.06 22.05
CA ASP U 36 57.12 -33.80 21.31
C ASP U 36 57.91 -32.86 20.39
N SER U 37 58.18 -31.65 20.87
CA SER U 37 58.99 -30.68 20.14
C SER U 37 60.27 -30.44 20.92
N ASN U 38 61.39 -30.43 20.21
CA ASN U 38 62.69 -30.42 20.86
C ASN U 38 62.98 -29.03 21.42
N GLU U 39 63.48 -29.01 22.66
CA GLU U 39 63.71 -27.77 23.38
C GLU U 39 65.01 -27.10 22.97
N ASP U 40 66.00 -27.87 22.52
CA ASP U 40 67.33 -27.35 22.22
C ASP U 40 67.49 -26.94 20.76
N GLU U 41 66.41 -26.95 19.98
CA GLU U 41 66.49 -26.53 18.58
C GLU U 41 66.23 -25.02 18.52
N ASP U 42 67.28 -24.27 18.27
CA ASP U 42 67.23 -22.82 18.19
C ASP U 42 67.30 -22.37 16.75
N PHE U 43 67.40 -21.05 16.55
CA PHE U 43 67.50 -20.43 15.24
C PHE U 43 68.04 -19.03 15.45
N PHE U 44 68.65 -18.47 14.40
CA PHE U 44 69.17 -17.11 14.48
C PHE U 44 68.51 -16.21 13.44
N GLY U 45 67.18 -16.26 13.38
CA GLY U 45 66.42 -15.30 12.61
C GLY U 45 65.48 -14.54 13.52
N GLU U 46 64.68 -13.71 12.89
CA GLU U 46 63.62 -13.02 13.61
C GLU U 46 62.36 -13.86 13.72
N ILE U 47 62.38 -15.05 13.14
CA ILE U 47 61.18 -15.83 12.90
C ILE U 47 61.63 -17.26 12.59
N ASP U 48 60.89 -18.24 13.11
CA ASP U 48 61.27 -19.63 12.93
C ASP U 48 60.24 -20.38 12.10
N TYR U 49 60.73 -21.24 11.22
CA TYR U 49 59.88 -21.99 10.31
C TYR U 49 60.11 -23.48 10.53
N SER U 50 60.07 -23.91 11.79
CA SER U 50 60.57 -25.21 12.21
C SER U 50 59.85 -26.42 11.60
N ALA U 51 58.58 -26.62 11.96
CA ALA U 51 57.88 -27.84 11.57
C ALA U 51 56.37 -27.62 11.76
N ARG U 52 55.60 -28.69 11.67
CA ARG U 52 54.18 -28.65 11.92
C ARG U 52 53.76 -29.72 12.90
N UNK V 1 -18.35 34.04 -16.14
CA UNK V 1 -19.06 33.59 -14.94
C UNK V 1 -20.49 33.22 -15.28
N UNK V 2 -21.00 33.74 -16.39
CA UNK V 2 -22.27 33.29 -16.95
C UNK V 2 -21.98 32.46 -18.19
N UNK V 3 -22.94 31.61 -18.55
CA UNK V 3 -22.80 30.82 -19.76
C UNK V 3 -22.86 31.68 -21.00
N UNK V 4 -23.66 32.75 -20.96
CA UNK V 4 -23.81 33.66 -22.10
C UNK V 4 -22.87 34.85 -21.94
N UNK V 5 -21.58 34.53 -21.98
CA UNK V 5 -20.56 35.53 -21.70
C UNK V 5 -19.38 35.30 -22.63
N UNK V 6 -18.78 36.41 -23.09
CA UNK V 6 -17.60 36.42 -23.95
C UNK V 6 -17.81 35.61 -25.22
N UNK V 7 -18.90 35.91 -25.93
CA UNK V 7 -19.31 35.27 -27.19
C UNK V 7 -19.51 33.77 -26.99
N UNK V 8 -20.59 33.47 -26.25
CA UNK V 8 -20.76 32.35 -25.33
C UNK V 8 -20.18 31.01 -25.74
N UNK V 9 -20.74 30.39 -26.77
CA UNK V 9 -20.23 29.13 -27.28
C UNK V 9 -19.67 29.28 -28.67
N UNK V 10 -19.51 30.52 -29.15
CA UNK V 10 -19.05 30.74 -30.52
C UNK V 10 -17.58 30.35 -30.66
N UNK V 11 -16.70 31.01 -29.95
CA UNK V 11 -15.29 30.74 -30.10
C UNK V 11 -14.81 29.53 -29.32
N UNK V 12 -15.70 28.84 -28.60
CA UNK V 12 -15.34 27.62 -27.92
C UNK V 12 -15.78 26.36 -28.64
N UNK V 13 -16.85 26.44 -29.45
CA UNK V 13 -17.31 25.29 -30.23
C UNK V 13 -16.94 25.39 -31.70
N UNK V 14 -17.12 26.57 -32.32
CA UNK V 14 -16.78 26.71 -33.73
C UNK V 14 -15.28 26.80 -33.95
N UNK V 15 -14.49 27.03 -32.91
CA UNK V 15 -13.05 27.02 -33.07
C UNK V 15 -12.43 25.66 -32.79
N UNK V 16 -13.07 24.85 -31.94
CA UNK V 16 -12.65 23.46 -31.83
C UNK V 16 -13.06 22.67 -33.06
N UNK V 17 -14.15 23.08 -33.72
CA UNK V 17 -14.50 22.48 -35.00
C UNK V 17 -13.61 23.00 -36.11
N UNK V 18 -13.09 24.23 -35.98
CA UNK V 18 -12.15 24.74 -36.96
C UNK V 18 -10.78 24.11 -36.80
N UNK V 19 -10.40 23.74 -35.58
CA UNK V 19 -9.16 23.00 -35.39
C UNK V 19 -9.28 21.58 -35.85
N UNK V 20 -10.47 20.98 -35.73
CA UNK V 20 -10.68 19.62 -36.22
C UNK V 20 -10.70 19.60 -37.74
N UNK V 21 -11.15 20.68 -38.38
CA UNK V 21 -11.14 20.75 -39.84
C UNK V 21 -9.73 20.95 -40.37
N UNK V 22 -8.86 21.63 -39.62
CA UNK V 22 -7.49 21.81 -40.06
C UNK V 22 -6.71 20.51 -39.96
N UNK V 23 -6.96 19.71 -38.92
CA UNK V 23 -6.29 18.43 -38.81
C UNK V 23 -6.81 17.44 -39.83
N UNK V 24 -8.09 17.56 -40.20
CA UNK V 24 -8.63 16.72 -41.25
C UNK V 24 -8.29 17.23 -42.64
N UNK V 25 -7.90 18.49 -42.78
CA UNK V 25 -7.38 18.94 -44.07
C UNK V 25 -5.95 18.48 -44.26
N UNK V 26 -5.14 18.53 -43.21
CA UNK V 26 -3.73 18.16 -43.32
C UNK V 26 -3.52 16.66 -43.33
N UNK V 27 -4.46 15.89 -42.81
CA UNK V 27 -4.46 14.43 -42.92
C UNK V 27 -5.85 14.06 -43.42
N UNK V 28 -6.02 14.01 -44.73
CA UNK V 28 -7.34 13.87 -45.31
C UNK V 28 -7.90 12.48 -45.06
N UNK V 29 -9.12 12.43 -44.51
CA UNK V 29 -9.83 11.18 -44.30
C UNK V 29 -10.41 10.60 -45.58
N UNK V 30 -10.22 11.25 -46.72
CA UNK V 30 -10.63 10.71 -47.99
C UNK V 30 -9.52 9.81 -48.53
N UNK V 31 -9.87 8.55 -48.81
CA UNK V 31 -8.92 7.64 -49.41
C UNK V 31 -9.34 7.30 -50.83
N UNK W 1 10.46 38.53 -41.85
CA UNK W 1 9.72 37.51 -41.11
C UNK W 1 8.82 36.74 -42.05
N UNK W 2 9.13 35.47 -42.25
CA UNK W 2 8.42 34.66 -43.22
C UNK W 2 8.12 33.29 -42.64
N UNK W 3 6.85 32.89 -42.76
CA UNK W 3 6.47 31.48 -42.72
C UNK W 3 5.63 31.29 -43.98
N UNK W 4 6.32 31.12 -45.11
CA UNK W 4 5.76 31.07 -46.46
C UNK W 4 4.87 32.28 -46.77
N UNK W 5 5.23 33.44 -46.24
CA UNK W 5 4.43 34.63 -46.45
C UNK W 5 5.33 35.85 -46.47
N UNK W 6 4.93 36.85 -47.25
CA UNK W 6 5.70 38.08 -47.39
C UNK W 6 5.61 38.91 -46.11
N UNK W 7 6.49 39.91 -46.01
CA UNK W 7 6.58 40.72 -44.80
C UNK W 7 5.34 41.57 -44.58
N UNK W 8 4.65 41.94 -45.65
CA UNK W 8 3.38 42.62 -45.50
C UNK W 8 2.26 41.65 -45.15
N UNK W 9 2.25 40.48 -45.77
CA UNK W 9 1.20 39.51 -45.52
C UNK W 9 1.40 38.74 -44.23
N UNK W 10 2.61 38.68 -43.69
CA UNK W 10 2.80 38.06 -42.39
C UNK W 10 2.32 38.96 -41.27
N UNK W 11 2.56 40.26 -41.40
CA UNK W 11 2.07 41.21 -40.40
C UNK W 11 0.54 41.28 -40.41
N UNK W 12 -0.07 41.12 -41.59
CA UNK W 12 -1.53 41.21 -41.67
C UNK W 12 -2.21 39.99 -41.10
N UNK W 13 -1.57 38.82 -41.15
CA UNK W 13 -2.19 37.61 -40.63
C UNK W 13 -2.25 37.64 -39.11
N UNK W 14 -1.18 38.07 -38.46
CA UNK W 14 -1.17 38.13 -37.02
C UNK W 14 -1.98 39.31 -36.50
N UNK W 15 -2.09 40.38 -37.28
CA UNK W 15 -2.95 41.49 -36.88
C UNK W 15 -4.42 41.21 -37.10
N UNK W 16 -4.76 40.30 -38.02
CA UNK W 16 -6.15 39.92 -38.20
C UNK W 16 -6.62 38.96 -37.10
N UNK W 17 -5.72 38.15 -36.56
CA UNK W 17 -6.07 37.29 -35.45
C UNK W 17 -6.32 38.09 -34.18
N UNK W 18 -5.50 39.11 -33.93
CA UNK W 18 -5.71 39.97 -32.79
C UNK W 18 -6.88 40.93 -33.00
N UNK W 19 -7.35 41.08 -34.22
CA UNK W 19 -8.52 41.90 -34.51
C UNK W 19 -9.81 41.15 -34.32
N UNK W 20 -9.85 39.87 -34.69
CA UNK W 20 -11.00 39.04 -34.40
C UNK W 20 -11.16 38.85 -32.90
N UNK W 21 -10.05 38.76 -32.19
CA UNK W 21 -10.11 38.73 -30.73
C UNK W 21 -10.52 40.07 -30.16
N UNK W 22 -10.28 41.16 -30.87
CA UNK W 22 -10.70 42.49 -30.40
C UNK W 22 -12.11 42.85 -30.82
N UNK W 23 -12.62 42.26 -31.90
CA UNK W 23 -14.00 42.50 -32.29
C UNK W 23 -14.96 41.77 -31.36
N UNK W 24 -14.71 40.49 -31.10
CA UNK W 24 -15.54 39.74 -30.17
C UNK W 24 -15.32 40.19 -28.73
N UNK W 25 -14.19 40.85 -28.46
CA UNK W 25 -13.95 41.50 -27.18
C UNK W 25 -15.01 42.53 -26.87
N UNK W 26 -15.04 43.58 -27.68
CA UNK W 26 -15.82 44.75 -27.35
C UNK W 26 -17.28 44.60 -27.71
N UNK W 27 -17.62 43.62 -28.54
CA UNK W 27 -19.02 43.34 -28.81
C UNK W 27 -19.62 42.50 -27.69
N UNK W 28 -19.06 41.33 -27.43
CA UNK W 28 -19.62 40.39 -26.48
C UNK W 28 -18.64 40.22 -25.33
N UNK W 29 -18.91 40.89 -24.22
CA UNK W 29 -18.02 40.89 -23.06
C UNK W 29 -18.76 40.32 -21.85
N UNK W 30 -18.12 40.44 -20.69
CA UNK W 30 -18.73 40.04 -19.42
C UNK W 30 -18.19 40.87 -18.27
N VAL X 1 -13.10 9.43 -57.95
CA VAL X 1 -12.29 10.63 -58.12
C VAL X 1 -13.01 11.80 -57.45
N SER X 2 -14.31 11.66 -57.23
CA SER X 2 -15.05 12.68 -56.52
C SER X 2 -14.76 12.62 -55.03
N LEU X 3 -15.22 13.64 -54.32
CA LEU X 3 -14.95 13.71 -52.89
C LEU X 3 -15.74 12.68 -52.11
N TRP X 4 -16.99 12.44 -52.53
CA TRP X 4 -17.82 11.47 -51.83
C TRP X 4 -17.35 10.05 -52.07
N GLU X 5 -16.85 9.77 -53.28
CA GLU X 5 -16.38 8.43 -53.59
C GLU X 5 -15.08 8.12 -52.85
N ARG X 6 -14.23 9.12 -52.66
CA ARG X 6 -13.03 8.91 -51.87
C ARG X 6 -13.36 8.77 -50.39
N PHE X 7 -14.45 9.38 -49.94
CA PHE X 7 -14.89 9.17 -48.57
C PHE X 7 -15.56 7.82 -48.41
N CYS X 8 -16.30 7.37 -49.43
CA CYS X 8 -16.90 6.04 -49.40
C CYS X 8 -15.84 4.96 -49.44
N ALA X 9 -14.75 5.18 -50.16
CA ALA X 9 -13.69 4.19 -50.23
C ALA X 9 -12.94 4.07 -48.93
N TRP X 10 -12.89 5.14 -48.14
CA TRP X 10 -12.21 5.09 -46.85
C TRP X 10 -13.10 4.46 -45.79
N ILE X 11 -14.39 4.76 -45.84
CA ILE X 11 -15.34 4.26 -44.85
C ILE X 11 -15.47 2.74 -44.97
N THR X 12 -15.55 2.23 -46.19
CA THR X 12 -15.68 0.81 -46.44
C THR X 12 -14.35 0.11 -46.63
N SER X 13 -13.25 0.75 -46.24
CA SER X 13 -11.93 0.18 -46.44
C SER X 13 -11.66 -0.92 -45.42
N THR X 14 -11.18 -2.06 -45.90
CA THR X 14 -10.76 -3.13 -45.03
C THR X 14 -9.31 -3.03 -44.62
N GLU X 15 -8.66 -1.91 -44.90
CA GLU X 15 -7.28 -1.68 -44.51
C GLU X 15 -7.16 -0.75 -43.32
N ASN X 16 -8.27 -0.25 -42.79
CA ASN X 16 -8.23 0.46 -41.53
C ASN X 16 -8.01 -0.54 -40.39
N ARG X 17 -7.50 -0.02 -39.27
CA ARG X 17 -7.24 -0.89 -38.12
C ARG X 17 -8.52 -1.45 -37.54
N LEU X 18 -9.51 -0.60 -37.35
CA LEU X 18 -10.87 -1.02 -37.08
C LEU X 18 -11.71 -0.70 -38.29
N TYR X 19 -12.55 -1.64 -38.69
CA TYR X 19 -13.46 -1.37 -39.80
C TYR X 19 -14.52 -0.39 -39.34
N ILE X 20 -14.79 0.61 -40.16
CA ILE X 20 -15.81 1.58 -39.79
C ILE X 20 -17.11 1.20 -40.48
N GLY X 21 -17.15 1.30 -41.80
CA GLY X 21 -18.35 1.02 -42.54
C GLY X 21 -19.46 2.03 -42.28
N TRP X 22 -20.59 1.78 -42.92
CA TRP X 22 -21.71 2.69 -42.77
C TRP X 22 -22.50 2.45 -41.50
N PHE X 23 -22.45 1.25 -40.96
CA PHE X 23 -23.03 1.03 -39.65
C PHE X 23 -22.17 1.62 -38.55
N GLY X 24 -20.86 1.75 -38.79
CA GLY X 24 -20.00 2.46 -37.86
C GLY X 24 -20.24 3.95 -37.82
N CYS X 25 -20.87 4.51 -38.85
CA CYS X 25 -21.32 5.89 -38.79
C CYS X 25 -22.46 6.06 -37.80
N LEU X 26 -23.17 4.99 -37.47
CA LEU X 26 -24.10 4.99 -36.35
C LEU X 26 -23.51 4.35 -35.10
N MET X 27 -22.58 3.42 -35.23
CA MET X 27 -22.06 2.68 -34.09
C MET X 27 -21.11 3.53 -33.26
N PHE X 28 -20.10 4.11 -33.90
CA PHE X 28 -19.10 4.89 -33.18
C PHE X 28 -19.63 6.16 -32.50
N PRO X 29 -20.52 6.98 -33.08
CA PRO X 29 -21.00 8.12 -32.30
C PRO X 29 -21.96 7.76 -31.18
N THR X 30 -22.81 6.75 -31.35
CA THR X 30 -23.76 6.42 -30.30
C THR X 30 -23.09 5.70 -29.14
N LEU X 31 -22.16 4.80 -29.42
CA LEU X 31 -21.54 4.04 -28.34
C LEU X 31 -20.51 4.86 -27.59
N LEU X 32 -19.84 5.80 -28.26
CA LEU X 32 -18.94 6.68 -27.53
C LEU X 32 -19.70 7.73 -26.75
N THR X 33 -20.90 8.08 -27.19
CA THR X 33 -21.78 8.92 -26.39
C THR X 33 -22.23 8.20 -25.13
N ALA X 34 -22.65 6.94 -25.29
CA ALA X 34 -23.13 6.18 -24.14
C ALA X 34 -21.99 5.78 -23.22
N THR X 35 -20.79 5.58 -23.75
CA THR X 35 -19.64 5.26 -22.89
C THR X 35 -19.21 6.47 -22.08
N SER X 36 -19.20 7.64 -22.71
CA SER X 36 -18.82 8.88 -22.02
C SER X 36 -19.83 9.21 -20.94
N CYS X 37 -21.12 9.04 -21.23
CA CYS X 37 -22.12 9.34 -20.21
C CYS X 37 -22.16 8.28 -19.12
N PHE X 38 -21.81 7.04 -19.43
CA PHE X 38 -21.84 6.00 -18.41
C PHE X 38 -20.73 6.18 -17.40
N ILE X 39 -19.52 6.50 -17.88
CA ILE X 39 -18.37 6.63 -17.00
C ILE X 39 -18.54 7.83 -16.08
N ILE X 40 -19.08 8.93 -16.60
CA ILE X 40 -19.29 10.12 -15.80
C ILE X 40 -20.42 9.89 -14.80
N ALA X 41 -21.50 9.23 -15.22
CA ALA X 41 -22.60 8.98 -14.29
C ALA X 41 -22.27 7.93 -13.27
N PHE X 42 -21.43 6.95 -13.61
CA PHE X 42 -21.08 5.94 -12.63
C PHE X 42 -20.14 6.50 -11.58
N ILE X 43 -19.24 7.39 -11.98
CA ILE X 43 -18.30 7.94 -11.03
C ILE X 43 -18.95 9.01 -10.17
N ALA X 44 -19.66 9.94 -10.80
CA ALA X 44 -20.13 11.15 -10.12
C ALA X 44 -21.46 11.55 -10.73
N ALA X 45 -22.56 11.16 -10.09
CA ALA X 45 -23.88 11.58 -10.49
C ALA X 45 -24.69 11.66 -9.21
N PRO X 46 -25.53 12.67 -9.06
CA PRO X 46 -26.30 12.83 -7.84
C PRO X 46 -27.39 11.79 -7.73
N PRO X 47 -27.97 11.58 -6.55
CA PRO X 47 -28.99 10.53 -6.40
C PRO X 47 -30.24 10.77 -7.21
N VAL X 48 -30.83 9.67 -7.67
CA VAL X 48 -31.92 9.67 -8.62
C VAL X 48 -33.18 9.19 -7.90
N ASP X 49 -34.25 9.96 -8.01
CA ASP X 49 -35.57 9.54 -7.53
C ASP X 49 -36.14 8.54 -8.53
N ILE X 50 -35.91 7.25 -8.30
CA ILE X 50 -36.29 6.25 -9.28
C ILE X 50 -37.77 5.92 -9.20
N ASP X 51 -38.32 5.78 -8.01
CA ASP X 51 -39.69 5.35 -7.86
C ASP X 51 -40.70 6.49 -7.88
N GLY X 52 -40.25 7.69 -8.25
CA GLY X 52 -41.15 8.82 -8.40
C GLY X 52 -41.71 9.38 -7.12
N ILE X 53 -41.26 8.89 -5.98
CA ILE X 53 -41.84 9.24 -4.69
C ILE X 53 -40.92 10.15 -3.90
N ARG X 54 -39.96 10.78 -4.58
CA ARG X 54 -39.03 11.77 -4.03
C ARG X 54 -38.15 11.14 -2.96
N GLU X 55 -37.80 9.88 -3.18
CA GLU X 55 -36.86 9.14 -2.34
C GLU X 55 -35.64 8.82 -3.20
N PRO X 56 -34.62 9.67 -3.23
CA PRO X 56 -33.55 9.51 -4.22
C PRO X 56 -32.56 8.42 -3.83
N VAL X 57 -32.20 7.61 -4.82
CA VAL X 57 -31.30 6.48 -4.63
C VAL X 57 -29.93 6.86 -5.14
N ALA X 58 -28.92 6.74 -4.29
CA ALA X 58 -27.55 7.05 -4.69
C ALA X 58 -27.00 5.91 -5.53
N GLY X 59 -26.27 6.26 -6.58
CA GLY X 59 -25.74 5.25 -7.46
C GLY X 59 -24.28 5.42 -7.83
N SER X 60 -23.68 6.56 -7.51
CA SER X 60 -22.34 6.83 -7.99
C SER X 60 -21.31 6.67 -6.89
N LEU X 61 -20.05 6.59 -7.32
CA LEU X 61 -18.95 6.35 -6.39
C LEU X 61 -18.70 7.53 -5.48
N LEU X 62 -18.96 8.75 -5.95
CA LEU X 62 -18.74 9.92 -5.12
C LEU X 62 -19.87 10.17 -4.13
N TYR X 63 -20.98 9.45 -4.24
CA TYR X 63 -22.05 9.54 -3.25
C TYR X 63 -22.08 8.31 -2.35
N GLY X 64 -20.96 7.60 -2.22
CA GLY X 64 -20.81 6.59 -1.22
C GLY X 64 -20.99 5.15 -1.67
N ASN X 65 -20.94 4.88 -2.97
CA ASN X 65 -21.08 3.54 -3.48
C ASN X 65 -19.72 2.90 -3.68
N ASN X 66 -19.73 1.60 -3.93
CA ASN X 66 -18.55 0.88 -4.38
C ASN X 66 -18.85 0.34 -5.78
N ILE X 67 -17.96 -0.49 -6.30
CA ILE X 67 -18.13 -1.04 -7.64
C ILE X 67 -19.36 -1.94 -7.70
N ILE X 68 -19.61 -2.69 -6.64
CA ILE X 68 -20.73 -3.62 -6.64
C ILE X 68 -22.04 -2.88 -6.44
N SER X 69 -22.09 -1.97 -5.50
CA SER X 69 -23.33 -1.28 -5.20
C SER X 69 -23.62 -0.13 -6.15
N GLY X 70 -22.61 0.32 -6.90
CA GLY X 70 -22.80 1.46 -7.76
C GLY X 70 -23.62 1.13 -9.01
N ALA X 71 -24.37 2.12 -9.47
CA ALA X 71 -25.27 1.92 -10.60
C ALA X 71 -25.57 3.26 -11.25
N VAL X 72 -25.93 3.20 -12.52
CA VAL X 72 -26.67 4.29 -13.14
C VAL X 72 -28.13 3.95 -12.93
N VAL X 73 -28.79 4.73 -12.08
CA VAL X 73 -30.15 4.41 -11.63
C VAL X 73 -31.13 4.69 -12.75
N PRO X 74 -32.15 3.86 -12.96
CA PRO X 74 -33.16 4.14 -13.99
C PRO X 74 -33.94 5.42 -13.72
N SER X 75 -34.70 5.81 -14.74
CA SER X 75 -35.43 7.07 -14.72
C SER X 75 -36.54 7.05 -13.68
N SER X 76 -37.12 8.21 -13.44
CA SER X 76 -38.18 8.34 -12.46
C SER X 76 -39.43 7.62 -12.93
N ASN X 77 -40.18 7.08 -11.97
CA ASN X 77 -41.48 6.50 -12.26
C ASN X 77 -42.48 7.56 -12.68
N ALA X 78 -42.28 8.80 -12.24
CA ALA X 78 -43.13 9.91 -12.66
C ALA X 78 -42.95 10.22 -14.14
N ILE X 79 -41.76 9.95 -14.69
CA ILE X 79 -41.56 10.11 -16.12
C ILE X 79 -42.27 9.00 -16.88
N GLY X 80 -42.11 7.77 -16.42
CA GLY X 80 -42.72 6.64 -17.11
C GLY X 80 -41.99 6.32 -18.38
N MET X 81 -42.74 6.09 -19.46
CA MET X 81 -42.15 5.83 -20.75
C MET X 81 -41.95 7.11 -21.56
N HIS X 82 -42.05 8.26 -20.92
CA HIS X 82 -41.90 9.52 -21.62
C HIS X 82 -40.44 9.75 -22.00
N PHE X 83 -40.25 10.36 -23.15
CA PHE X 83 -38.93 10.71 -23.63
C PHE X 83 -38.38 11.87 -22.80
N TYR X 84 -37.22 11.68 -22.18
CA TYR X 84 -36.62 12.68 -21.32
C TYR X 84 -35.20 13.02 -21.77
N PRO X 85 -35.04 13.78 -22.84
CA PRO X 85 -33.71 14.26 -23.20
C PRO X 85 -33.33 15.44 -22.32
N ILE X 86 -32.10 15.93 -22.50
CA ILE X 86 -31.61 17.03 -21.67
C ILE X 86 -32.38 18.31 -21.96
N TRP X 87 -32.71 18.54 -23.23
CA TRP X 87 -33.37 19.78 -23.62
C TRP X 87 -34.83 19.85 -23.19
N GLU X 88 -35.38 18.78 -22.62
CA GLU X 88 -36.73 18.80 -22.07
C GLU X 88 -36.73 18.84 -20.55
N ALA X 89 -35.74 19.47 -19.95
CA ALA X 89 -35.56 19.31 -18.52
C ALA X 89 -35.25 20.58 -17.73
N ALA X 90 -35.22 21.76 -18.37
CA ALA X 90 -35.24 23.07 -17.73
C ALA X 90 -34.01 23.43 -16.88
N SER X 91 -33.15 22.45 -16.61
CA SER X 91 -31.86 22.55 -15.95
C SER X 91 -31.26 21.15 -15.98
N ILE X 92 -29.94 21.05 -15.91
CA ILE X 92 -29.31 19.73 -15.90
C ILE X 92 -29.50 19.07 -14.54
N ASP X 93 -29.61 19.86 -13.47
CA ASP X 93 -29.88 19.31 -12.14
C ASP X 93 -31.25 18.65 -12.05
N GLU X 94 -32.24 19.18 -12.78
CA GLU X 94 -33.52 18.51 -12.83
C GLU X 94 -33.44 17.23 -13.66
N TRP X 95 -32.64 17.26 -14.71
CA TRP X 95 -32.41 16.07 -15.53
C TRP X 95 -31.66 15.00 -14.75
N LEU X 96 -30.72 15.41 -13.90
CA LEU X 96 -29.98 14.45 -13.10
C LEU X 96 -30.82 13.93 -11.95
N TYR X 97 -31.76 14.72 -11.45
CA TYR X 97 -32.63 14.27 -10.37
C TYR X 97 -33.60 13.20 -10.84
N ASN X 98 -34.07 13.31 -12.08
CA ASN X 98 -35.14 12.45 -12.57
C ASN X 98 -34.63 11.25 -13.34
N GLY X 99 -33.35 10.93 -13.24
CA GLY X 99 -32.83 9.74 -13.89
C GLY X 99 -32.65 9.89 -15.36
N GLY X 100 -32.50 11.12 -15.83
CA GLY X 100 -32.13 11.44 -17.19
C GLY X 100 -30.97 10.69 -17.81
N PRO X 101 -29.83 10.54 -17.11
CA PRO X 101 -28.70 9.79 -17.71
C PRO X 101 -29.00 8.36 -18.09
N TYR X 102 -29.96 7.70 -17.42
CA TYR X 102 -30.31 6.34 -17.80
C TYR X 102 -30.91 6.29 -19.19
N GLN X 103 -31.80 7.23 -19.51
CA GLN X 103 -32.43 7.23 -20.83
C GLN X 103 -31.43 7.59 -21.92
N LEU X 104 -30.47 8.45 -21.62
CA LEU X 104 -29.46 8.80 -22.61
C LEU X 104 -28.55 7.61 -22.90
N ILE X 105 -28.13 6.90 -21.85
CA ILE X 105 -27.19 5.80 -22.05
C ILE X 105 -27.87 4.63 -22.73
N VAL X 106 -29.08 4.27 -22.29
CA VAL X 106 -29.79 3.10 -22.81
C VAL X 106 -30.17 3.28 -24.27
N LEU X 107 -30.65 4.46 -24.64
CA LEU X 107 -31.04 4.67 -26.02
C LEU X 107 -29.85 4.79 -26.95
N HIS X 108 -28.73 5.32 -26.48
CA HIS X 108 -27.53 5.34 -27.31
C HIS X 108 -26.85 3.97 -27.33
N PHE X 109 -27.01 3.18 -26.27
CA PHE X 109 -26.41 1.85 -26.26
C PHE X 109 -27.17 0.91 -27.17
N LEU X 110 -28.49 0.99 -27.17
CA LEU X 110 -29.28 0.06 -27.97
C LEU X 110 -29.21 0.40 -29.45
N LEU X 111 -29.12 1.69 -29.78
CA LEU X 111 -28.84 2.06 -31.17
C LEU X 111 -27.44 1.63 -31.56
N GLY X 112 -26.48 1.80 -30.67
CA GLY X 112 -25.11 1.49 -31.00
C GLY X 112 -24.80 0.01 -31.05
N VAL X 113 -25.59 -0.81 -30.38
CA VAL X 113 -25.28 -2.23 -30.40
C VAL X 113 -26.06 -2.91 -31.51
N SER X 114 -27.12 -2.26 -32.01
CA SER X 114 -27.74 -2.69 -33.25
C SER X 114 -26.87 -2.32 -34.44
N ALA X 115 -26.18 -1.18 -34.36
CA ALA X 115 -25.24 -0.81 -35.40
C ALA X 115 -23.95 -1.60 -35.30
N TYR X 116 -23.60 -2.09 -34.11
CA TYR X 116 -22.50 -3.04 -33.99
C TYR X 116 -22.85 -4.35 -34.69
N MET X 117 -24.11 -4.74 -34.63
CA MET X 117 -24.54 -5.96 -35.30
C MET X 117 -24.49 -5.79 -36.81
N GLY X 118 -24.96 -4.65 -37.34
CA GLY X 118 -24.87 -4.42 -38.76
C GLY X 118 -23.45 -4.21 -39.25
N ARG X 119 -22.58 -3.71 -38.38
CA ARG X 119 -21.17 -3.64 -38.71
C ARG X 119 -20.56 -5.03 -38.84
N GLU X 120 -21.07 -5.99 -38.07
CA GLU X 120 -20.58 -7.37 -38.19
C GLU X 120 -21.05 -8.01 -39.47
N TRP X 121 -22.24 -7.66 -39.97
CA TRP X 121 -22.60 -8.08 -41.31
C TRP X 121 -21.68 -7.45 -42.33
N GLU X 122 -21.35 -6.17 -42.14
CA GLU X 122 -20.76 -5.36 -43.20
C GLU X 122 -19.33 -5.77 -43.48
N LEU X 123 -18.54 -6.03 -42.44
CA LEU X 123 -17.18 -6.47 -42.65
C LEU X 123 -17.14 -7.86 -43.28
N SER X 124 -18.08 -8.73 -42.91
CA SER X 124 -18.13 -10.05 -43.52
C SER X 124 -18.44 -9.97 -45.01
N TYR X 125 -19.19 -8.97 -45.42
CA TYR X 125 -19.47 -8.76 -46.83
C TYR X 125 -18.24 -8.24 -47.57
N ARG X 126 -17.52 -7.30 -46.96
CA ARG X 126 -16.32 -6.78 -47.60
C ARG X 126 -15.16 -7.77 -47.57
N LEU X 127 -15.20 -8.78 -46.71
CA LEU X 127 -14.17 -9.79 -46.64
C LEU X 127 -14.51 -11.04 -47.44
N GLY X 128 -15.70 -11.11 -48.03
CA GLY X 128 -16.09 -12.28 -48.76
C GLY X 128 -16.46 -13.46 -47.89
N MET X 129 -16.90 -13.21 -46.66
CA MET X 129 -17.31 -14.28 -45.77
C MET X 129 -18.78 -14.59 -45.94
N ARG X 130 -19.19 -15.69 -45.35
CA ARG X 130 -20.59 -15.98 -45.17
C ARG X 130 -21.13 -15.05 -44.08
N PRO X 131 -22.41 -14.68 -44.16
CA PRO X 131 -22.83 -13.46 -43.47
C PRO X 131 -23.18 -13.57 -41.99
N TRP X 132 -23.51 -14.75 -41.49
CA TRP X 132 -24.41 -14.88 -40.34
C TRP X 132 -23.72 -14.89 -38.99
N ILE X 133 -22.57 -14.23 -38.85
CA ILE X 133 -22.01 -14.02 -37.51
C ILE X 133 -22.90 -13.07 -36.72
N PHE X 134 -23.45 -12.06 -37.39
CA PHE X 134 -24.27 -11.07 -36.72
C PHE X 134 -25.64 -11.60 -36.32
N VAL X 135 -26.06 -12.74 -36.88
CA VAL X 135 -27.27 -13.40 -36.40
C VAL X 135 -27.00 -14.04 -35.04
N ALA X 136 -25.78 -14.52 -34.81
CA ALA X 136 -25.45 -15.04 -33.49
C ALA X 136 -25.36 -13.94 -32.46
N PHE X 137 -24.90 -12.75 -32.86
CA PHE X 137 -24.84 -11.62 -31.95
C PHE X 137 -26.22 -11.03 -31.70
N SER X 138 -27.21 -11.38 -32.52
CA SER X 138 -28.57 -10.92 -32.28
C SER X 138 -29.18 -11.51 -31.01
N ALA X 139 -28.64 -12.60 -30.50
CA ALA X 139 -29.18 -13.16 -29.28
C ALA X 139 -28.80 -12.33 -28.06
N PRO X 140 -27.55 -11.89 -27.83
CA PRO X 140 -27.33 -10.93 -26.73
C PRO X 140 -27.88 -9.54 -27.00
N VAL X 141 -28.13 -9.17 -28.26
CA VAL X 141 -28.73 -7.88 -28.54
C VAL X 141 -30.20 -7.88 -28.18
N ALA X 142 -30.89 -8.98 -28.48
CA ALA X 142 -32.29 -9.13 -28.09
C ALA X 142 -32.44 -9.17 -26.58
N ALA X 143 -31.45 -9.72 -25.88
CA ALA X 143 -31.52 -9.76 -24.44
C ALA X 143 -31.30 -8.40 -23.83
N ALA X 144 -30.39 -7.61 -24.41
CA ALA X 144 -30.17 -6.26 -23.92
C ALA X 144 -31.35 -5.36 -24.22
N SER X 145 -32.00 -5.56 -25.36
CA SER X 145 -33.16 -4.76 -25.69
C SER X 145 -34.40 -5.19 -24.89
N ALA X 146 -34.43 -6.42 -24.40
CA ALA X 146 -35.55 -6.85 -23.59
C ALA X 146 -35.53 -6.21 -22.22
N VAL X 147 -34.36 -6.21 -21.56
CA VAL X 147 -34.31 -5.71 -20.19
C VAL X 147 -34.16 -4.21 -20.11
N PHE X 148 -33.77 -3.55 -21.20
CA PHE X 148 -33.59 -2.10 -21.19
C PHE X 148 -34.69 -1.35 -21.90
N LEU X 149 -35.32 -1.95 -22.90
CA LEU X 149 -36.36 -1.27 -23.66
C LEU X 149 -37.71 -1.96 -23.59
N VAL X 150 -37.77 -3.27 -23.87
CA VAL X 150 -39.04 -3.95 -24.04
C VAL X 150 -39.77 -4.10 -22.71
N TYR X 151 -39.06 -4.50 -21.67
CA TYR X 151 -39.67 -4.60 -20.36
C TYR X 151 -40.07 -3.24 -19.79
N PRO X 152 -39.34 -2.13 -20.02
CA PRO X 152 -39.95 -0.83 -19.74
C PRO X 152 -41.20 -0.51 -20.54
N ILE X 153 -41.28 -0.94 -21.80
CA ILE X 153 -42.44 -0.62 -22.63
C ILE X 153 -43.68 -1.33 -22.12
N GLY X 154 -43.54 -2.61 -21.77
CA GLY X 154 -44.69 -3.36 -21.29
C GLY X 154 -45.14 -2.92 -19.91
N GLN X 155 -44.19 -2.63 -19.02
CA GLN X 155 -44.54 -2.12 -17.71
C GLN X 155 -44.85 -0.64 -17.71
N GLY X 156 -44.54 0.07 -18.79
CA GLY X 156 -44.93 1.45 -18.91
C GLY X 156 -44.03 2.44 -18.21
N SER X 157 -42.79 2.08 -17.91
CA SER X 157 -41.88 3.00 -17.25
C SER X 157 -40.45 2.54 -17.44
N PHE X 158 -39.56 3.50 -17.71
CA PHE X 158 -38.14 3.22 -17.70
C PHE X 158 -37.59 2.95 -16.31
N SER X 159 -38.35 3.26 -15.26
CA SER X 159 -37.95 2.92 -13.90
C SER X 159 -37.90 1.41 -13.67
N ASP X 160 -38.62 0.63 -14.47
CA ASP X 160 -38.57 -0.81 -14.37
C ASP X 160 -37.54 -1.43 -15.30
N GLY X 161 -36.75 -0.61 -16.00
CA GLY X 161 -35.62 -1.14 -16.73
C GLY X 161 -34.52 -1.60 -15.79
N MET X 162 -33.63 -2.42 -16.32
CA MET X 162 -32.57 -2.96 -15.50
C MET X 162 -31.55 -1.87 -15.22
N PRO X 163 -31.19 -1.65 -13.96
CA PRO X 163 -30.21 -0.63 -13.62
C PRO X 163 -28.83 -0.98 -14.14
N LEU X 164 -28.08 0.04 -14.51
CA LEU X 164 -26.73 -0.15 -15.05
C LEU X 164 -25.74 -0.25 -13.88
N GLY X 165 -25.83 -1.38 -13.19
CA GLY X 165 -25.00 -1.63 -12.03
C GLY X 165 -25.07 -3.08 -11.67
N ILE X 166 -24.16 -3.48 -10.80
CA ILE X 166 -24.06 -4.88 -10.41
C ILE X 166 -25.15 -5.24 -9.42
N SER X 167 -25.30 -4.47 -8.35
CA SER X 167 -26.36 -4.73 -7.39
C SER X 167 -27.73 -4.32 -7.89
N GLY X 168 -27.79 -3.37 -8.83
CA GLY X 168 -29.06 -3.06 -9.45
C GLY X 168 -29.55 -4.18 -10.33
N THR X 169 -28.63 -4.94 -10.91
CA THR X 169 -28.99 -6.10 -11.70
C THR X 169 -29.63 -7.18 -10.83
N PHE X 170 -29.11 -7.40 -9.63
CA PHE X 170 -29.70 -8.39 -8.74
C PHE X 170 -31.02 -7.93 -8.20
N ASN X 171 -31.20 -6.62 -8.04
CA ASN X 171 -32.50 -6.08 -7.66
C ASN X 171 -33.50 -6.28 -8.78
N PHE X 172 -33.05 -6.16 -10.02
CA PHE X 172 -33.90 -6.40 -11.17
C PHE X 172 -34.33 -7.86 -11.24
N MET X 173 -33.43 -8.78 -10.90
CA MET X 173 -33.73 -10.21 -11.02
C MET X 173 -34.73 -10.65 -9.97
N LEU X 174 -34.60 -10.15 -8.74
CA LEU X 174 -35.43 -10.63 -7.65
C LEU X 174 -36.86 -10.12 -7.77
N VAL X 175 -37.02 -8.86 -8.14
CA VAL X 175 -38.34 -8.27 -8.32
C VAL X 175 -39.05 -8.91 -9.51
N PHE X 176 -38.29 -9.27 -10.54
CA PHE X 176 -38.84 -9.96 -11.69
C PHE X 176 -39.35 -11.35 -11.32
N GLN X 177 -38.67 -12.02 -10.40
CA GLN X 177 -39.12 -13.33 -9.95
C GLN X 177 -40.40 -13.23 -9.12
N ALA X 178 -40.50 -12.19 -8.30
CA ALA X 178 -41.68 -12.03 -7.47
C ALA X 178 -42.90 -11.65 -8.29
N GLU X 179 -42.70 -10.88 -9.35
CA GLU X 179 -43.81 -10.36 -10.13
C GLU X 179 -44.16 -11.21 -11.33
N HIS X 180 -43.26 -12.07 -11.79
CA HIS X 180 -43.49 -12.80 -13.01
C HIS X 180 -43.19 -14.29 -12.92
N ASN X 181 -42.52 -14.74 -11.87
CA ASN X 181 -42.15 -16.15 -11.65
C ASN X 181 -41.35 -16.69 -12.83
N ILE X 182 -40.22 -16.03 -13.09
CA ILE X 182 -39.44 -16.32 -14.29
C ILE X 182 -38.80 -17.69 -14.23
N LEU X 183 -38.51 -18.18 -13.02
CA LEU X 183 -37.93 -19.51 -12.85
C LEU X 183 -38.90 -20.59 -13.33
N MET X 184 -40.18 -20.40 -13.13
CA MET X 184 -41.19 -21.32 -13.62
C MET X 184 -41.64 -21.01 -15.05
N HIS X 185 -40.98 -20.10 -15.71
CA HIS X 185 -41.25 -19.88 -17.12
C HIS X 185 -40.37 -20.79 -17.96
N PRO X 186 -40.93 -21.52 -18.93
CA PRO X 186 -40.10 -22.43 -19.74
C PRO X 186 -39.16 -21.72 -20.67
N PHE X 187 -39.34 -20.43 -20.90
CA PHE X 187 -38.43 -19.71 -21.76
C PHE X 187 -37.14 -19.37 -21.02
N HIS X 188 -37.23 -19.12 -19.71
CA HIS X 188 -36.01 -19.02 -18.91
C HIS X 188 -35.37 -20.38 -18.74
N MET X 189 -36.17 -21.44 -18.71
CA MET X 189 -35.61 -22.79 -18.62
C MET X 189 -34.84 -23.16 -19.87
N ALA X 190 -35.33 -22.75 -21.04
CA ALA X 190 -34.58 -22.97 -22.27
C ALA X 190 -33.34 -22.08 -22.32
N GLY X 191 -33.40 -20.91 -21.70
CA GLY X 191 -32.21 -20.08 -21.63
C GLY X 191 -31.15 -20.65 -20.72
N VAL X 192 -31.57 -21.27 -19.62
CA VAL X 192 -30.60 -21.90 -18.72
C VAL X 192 -29.99 -23.12 -19.39
N ALA X 193 -30.81 -23.88 -20.13
CA ALA X 193 -30.27 -24.94 -20.97
C ALA X 193 -29.39 -24.39 -22.09
N GLY X 194 -29.63 -23.15 -22.50
CA GLY X 194 -28.75 -22.54 -23.49
C GLY X 194 -27.38 -22.19 -22.93
N VAL X 195 -27.33 -21.68 -21.71
CA VAL X 195 -26.03 -21.29 -21.16
C VAL X 195 -25.36 -22.41 -20.39
N PHE X 196 -26.11 -23.33 -19.79
CA PHE X 196 -25.48 -24.51 -19.21
C PHE X 196 -25.00 -25.45 -20.30
N GLY X 197 -25.83 -25.66 -21.31
CA GLY X 197 -25.40 -26.49 -22.44
C GLY X 197 -24.30 -25.84 -23.23
N GLY X 198 -24.38 -24.52 -23.43
CA GLY X 198 -23.38 -23.83 -24.21
C GLY X 198 -22.01 -23.83 -23.55
N SER X 199 -21.96 -23.69 -22.24
CA SER X 199 -20.69 -23.81 -21.56
C SER X 199 -20.26 -25.26 -21.39
N LEU X 200 -21.20 -26.19 -21.40
CA LEU X 200 -20.85 -27.61 -21.49
C LEU X 200 -20.21 -27.90 -22.84
N PHE X 201 -20.82 -27.46 -23.93
CA PHE X 201 -20.32 -27.78 -25.26
C PHE X 201 -19.04 -27.03 -25.57
N SER X 202 -18.86 -25.85 -24.97
CA SER X 202 -17.60 -25.14 -25.08
C SER X 202 -16.48 -25.91 -24.39
N ALA X 203 -16.75 -26.39 -23.17
CA ALA X 203 -15.75 -27.19 -22.47
C ALA X 203 -15.58 -28.56 -23.09
N MET X 204 -16.62 -29.08 -23.73
CA MET X 204 -16.50 -30.37 -24.41
C MET X 204 -15.67 -30.25 -25.67
N HIS X 205 -16.02 -29.29 -26.53
CA HIS X 205 -15.29 -29.12 -27.79
C HIS X 205 -13.87 -28.65 -27.54
N GLY X 206 -13.67 -27.81 -26.53
CA GLY X 206 -12.35 -27.38 -26.18
C GLY X 206 -11.49 -28.49 -25.58
N SER X 207 -12.12 -29.47 -24.95
CA SER X 207 -11.36 -30.59 -24.41
C SER X 207 -10.88 -31.51 -25.52
N LEU X 208 -11.75 -31.83 -26.47
CA LEU X 208 -11.45 -32.86 -27.44
C LEU X 208 -10.45 -32.39 -28.47
N VAL X 209 -10.40 -31.08 -28.72
CA VAL X 209 -9.37 -30.55 -29.60
C VAL X 209 -8.02 -30.56 -28.88
N THR X 210 -8.01 -30.10 -27.62
CA THR X 210 -6.79 -30.09 -26.83
C THR X 210 -6.31 -31.48 -26.49
N SER X 211 -7.22 -32.45 -26.40
CA SER X 211 -6.82 -33.83 -26.14
C SER X 211 -6.11 -34.45 -27.32
N SER X 212 -6.45 -34.04 -28.54
CA SER X 212 -6.01 -34.74 -29.73
C SER X 212 -5.05 -33.90 -30.57
N LEU X 213 -4.32 -33.00 -29.93
CA LEU X 213 -3.31 -32.21 -30.63
C LEU X 213 -2.14 -33.08 -31.08
N ILE X 214 -1.58 -32.73 -32.21
CA ILE X 214 -0.50 -33.50 -32.79
C ILE X 214 0.83 -32.97 -32.26
N ARG X 215 1.80 -33.87 -32.06
CA ARG X 215 3.12 -33.52 -31.57
C ARG X 215 3.85 -32.55 -32.49
N GLU X 216 4.01 -31.32 -32.03
CA GLU X 216 4.80 -30.34 -32.75
C GLU X 216 5.72 -29.56 -31.82
N THR X 217 5.75 -29.89 -30.53
CA THR X 217 6.49 -29.13 -29.53
C THR X 217 7.25 -30.07 -28.63
N THR X 218 8.13 -29.48 -27.81
CA THR X 218 8.85 -30.22 -26.80
C THR X 218 8.23 -29.92 -25.43
N GLU X 219 8.77 -30.59 -24.40
CA GLU X 219 8.26 -30.42 -23.05
C GLU X 219 8.58 -29.04 -22.47
N ASN X 220 9.58 -28.36 -23.03
CA ASN X 220 9.95 -27.05 -22.51
C ASN X 220 9.05 -25.95 -23.07
N GLU X 221 8.81 -25.94 -24.37
CA GLU X 221 7.98 -24.87 -24.90
C GLU X 221 6.50 -25.17 -24.68
N SER X 222 5.68 -24.14 -24.82
CA SER X 222 4.24 -24.25 -24.68
C SER X 222 3.66 -25.10 -25.80
N THR X 223 2.52 -25.73 -25.51
CA THR X 223 1.88 -26.58 -26.50
C THR X 223 1.23 -25.75 -27.60
N ASN X 224 0.88 -24.50 -27.32
CA ASN X 224 0.27 -23.61 -28.30
C ASN X 224 1.24 -23.17 -29.39
N TYR X 225 2.53 -23.40 -29.22
CA TYR X 225 3.50 -23.08 -30.25
C TYR X 225 3.59 -24.16 -31.32
N GLY X 226 2.80 -25.23 -31.20
CA GLY X 226 2.67 -26.19 -32.26
C GLY X 226 1.76 -25.77 -33.39
N TYR X 227 1.03 -24.67 -33.21
CA TYR X 227 0.22 -24.09 -34.25
C TYR X 227 0.91 -22.85 -34.80
N LYS X 228 1.00 -22.77 -36.11
CA LYS X 228 1.50 -21.58 -36.79
C LYS X 228 0.32 -20.87 -37.44
N PHE X 229 0.25 -19.56 -37.25
CA PHE X 229 -0.83 -18.77 -37.84
C PHE X 229 -0.67 -18.73 -39.35
N GLY X 230 -1.70 -19.16 -40.06
CA GLY X 230 -1.64 -19.23 -41.50
C GLY X 230 -1.29 -20.59 -42.06
N GLN X 231 -1.16 -21.61 -41.23
CA GLN X 231 -0.86 -22.93 -41.72
C GLN X 231 -2.10 -23.55 -42.36
N GLU X 232 -1.86 -24.47 -43.30
CA GLU X 232 -2.95 -25.12 -44.02
C GLU X 232 -3.37 -26.43 -43.40
N GLU X 233 -2.48 -27.10 -42.68
CA GLU X 233 -2.77 -28.43 -42.17
C GLU X 233 -3.59 -28.34 -40.90
N GLU X 234 -4.33 -29.42 -40.64
CA GLU X 234 -5.08 -29.56 -39.41
C GLU X 234 -4.12 -29.71 -38.22
N THR X 235 -4.46 -29.09 -37.10
CA THR X 235 -3.59 -29.09 -35.94
C THR X 235 -3.98 -30.13 -34.90
N TYR X 236 -5.07 -30.88 -35.13
CA TYR X 236 -5.45 -31.90 -34.18
C TYR X 236 -6.10 -33.07 -34.92
N ASN X 237 -5.98 -34.25 -34.33
CA ASN X 237 -6.51 -35.48 -34.92
C ASN X 237 -8.00 -35.56 -34.60
N ILE X 238 -8.85 -35.18 -35.56
CA ILE X 238 -10.29 -35.22 -35.30
C ILE X 238 -10.83 -36.65 -35.37
N VAL X 239 -10.10 -37.59 -35.97
CA VAL X 239 -10.50 -38.99 -35.90
C VAL X 239 -10.29 -39.52 -34.49
N ALA X 240 -9.19 -39.12 -33.86
CA ALA X 240 -8.91 -39.56 -32.50
C ALA X 240 -9.87 -38.93 -31.49
N ALA X 241 -10.32 -37.71 -31.74
CA ALA X 241 -11.30 -37.09 -30.86
C ALA X 241 -12.68 -37.70 -31.06
N HIS X 242 -13.01 -38.09 -32.30
CA HIS X 242 -14.29 -38.75 -32.55
C HIS X 242 -14.30 -40.16 -32.00
N GLY X 243 -13.16 -40.86 -32.09
CA GLY X 243 -13.04 -42.18 -31.51
C GLY X 243 -13.04 -42.17 -30.00
N TYR X 244 -12.64 -41.07 -29.38
CA TYR X 244 -12.73 -40.95 -27.93
C TYR X 244 -14.17 -40.71 -27.49
N PHE X 245 -14.81 -39.68 -28.05
CA PHE X 245 -16.16 -39.32 -27.65
C PHE X 245 -17.17 -40.37 -28.12
N GLY X 246 -16.87 -41.08 -29.20
CA GLY X 246 -17.70 -42.20 -29.61
C GLY X 246 -17.59 -43.40 -28.70
N ARG X 247 -16.51 -43.50 -27.93
CA ARG X 247 -16.45 -44.54 -26.92
C ARG X 247 -16.86 -44.04 -25.55
N LEU X 248 -16.89 -42.73 -25.34
CA LEU X 248 -17.29 -42.18 -24.05
C LEU X 248 -18.78 -42.37 -23.81
N ILE X 249 -19.60 -42.11 -24.82
CA ILE X 249 -21.04 -42.29 -24.65
C ILE X 249 -21.48 -43.52 -25.43
N PHE X 250 -21.47 -43.39 -26.75
CA PHE X 250 -21.63 -44.44 -27.77
C PHE X 250 -21.44 -43.78 -29.11
N GLN X 251 -21.23 -44.61 -30.14
CA GLN X 251 -20.65 -44.14 -31.39
C GLN X 251 -21.60 -43.23 -32.17
N TYR X 252 -22.89 -43.52 -32.11
CA TYR X 252 -23.87 -42.78 -32.91
C TYR X 252 -24.18 -41.40 -32.36
N ALA X 253 -23.65 -41.04 -31.19
CA ALA X 253 -23.97 -39.77 -30.54
C ALA X 253 -22.88 -38.74 -30.68
N SER X 254 -22.00 -38.90 -31.67
CA SER X 254 -20.86 -38.01 -31.81
C SER X 254 -20.81 -37.47 -33.23
N PHE X 255 -20.42 -36.20 -33.37
CA PHE X 255 -20.28 -35.55 -34.67
C PHE X 255 -18.96 -35.97 -35.30
N ASN X 256 -19.02 -36.62 -36.46
CA ASN X 256 -17.79 -36.77 -37.24
C ASN X 256 -17.59 -35.60 -38.18
N ASN X 257 -18.68 -34.93 -38.55
CA ASN X 257 -18.62 -33.72 -39.36
C ASN X 257 -18.26 -32.54 -38.48
N SER X 258 -17.11 -31.91 -38.76
CA SER X 258 -16.72 -30.73 -38.01
C SER X 258 -17.55 -29.52 -38.37
N ARG X 259 -18.13 -29.49 -39.57
CA ARG X 259 -19.00 -28.39 -39.93
C ARG X 259 -20.35 -28.50 -39.24
N ALA X 260 -20.85 -29.73 -39.09
CA ALA X 260 -22.08 -29.93 -38.35
C ALA X 260 -21.87 -29.72 -36.86
N LEU X 261 -20.66 -30.00 -36.37
CA LEU X 261 -20.38 -29.82 -34.96
C LEU X 261 -20.30 -28.35 -34.60
N HIS X 262 -19.58 -27.57 -35.40
CA HIS X 262 -19.49 -26.14 -35.14
C HIS X 262 -20.79 -25.42 -35.40
N PHE X 263 -21.65 -25.97 -36.26
CA PHE X 263 -22.98 -25.39 -36.37
C PHE X 263 -23.79 -25.65 -35.11
N PHE X 264 -23.63 -26.82 -34.50
CA PHE X 264 -24.32 -27.10 -33.26
C PHE X 264 -23.79 -26.26 -32.11
N LEU X 265 -22.51 -25.88 -32.15
CA LEU X 265 -21.97 -24.97 -31.15
C LEU X 265 -22.54 -23.57 -31.30
N ALA X 266 -22.88 -23.17 -32.51
CA ALA X 266 -23.50 -21.86 -32.70
C ALA X 266 -24.97 -21.88 -32.35
N LEU X 267 -25.68 -22.96 -32.64
CA LEU X 267 -27.13 -22.93 -32.58
C LEU X 267 -27.63 -23.04 -31.14
N TRP X 268 -26.99 -23.88 -30.32
CA TRP X 268 -27.54 -24.17 -29.00
C TRP X 268 -27.59 -22.96 -28.06
N PRO X 269 -26.51 -22.14 -27.88
CA PRO X 269 -26.67 -20.98 -27.00
C PRO X 269 -27.48 -19.86 -27.65
N VAL X 270 -27.43 -19.74 -28.97
CA VAL X 270 -28.09 -18.61 -29.63
C VAL X 270 -29.60 -18.80 -29.61
N VAL X 271 -30.08 -20.01 -29.90
CA VAL X 271 -31.50 -20.28 -29.82
C VAL X 271 -31.97 -20.25 -28.38
N GLY X 272 -31.12 -20.69 -27.45
CA GLY X 272 -31.47 -20.62 -26.03
C GLY X 272 -31.56 -19.19 -25.52
N ILE X 273 -30.69 -18.31 -26.00
CA ILE X 273 -30.76 -16.92 -25.57
C ILE X 273 -31.87 -16.17 -26.32
N TRP X 274 -32.18 -16.59 -27.55
CA TRP X 274 -33.32 -16.03 -28.28
C TRP X 274 -34.63 -16.33 -27.55
N ILE X 275 -34.75 -17.53 -27.01
CA ILE X 275 -36.00 -17.93 -26.37
C ILE X 275 -36.15 -17.23 -25.03
N THR X 276 -35.07 -17.13 -24.25
CA THR X 276 -35.17 -16.42 -22.99
C THR X 276 -35.25 -14.92 -23.17
N SER X 277 -34.86 -14.39 -24.33
CA SER X 277 -35.11 -12.99 -24.62
C SER X 277 -36.57 -12.75 -24.94
N MET X 278 -37.23 -13.74 -25.51
CA MET X 278 -38.66 -13.73 -25.71
C MET X 278 -39.41 -14.26 -24.49
N GLY X 279 -38.72 -14.50 -23.39
CA GLY X 279 -39.40 -14.72 -22.14
C GLY X 279 -39.52 -13.40 -21.42
N ILE X 280 -38.43 -12.64 -21.40
CA ILE X 280 -38.44 -11.30 -20.82
C ILE X 280 -39.37 -10.39 -21.60
N SER X 281 -39.40 -10.55 -22.92
CA SER X 281 -40.25 -9.71 -23.74
C SER X 281 -41.72 -10.09 -23.61
N THR X 282 -42.02 -11.32 -23.24
CA THR X 282 -43.42 -11.68 -23.01
C THR X 282 -43.81 -11.60 -21.54
N MET X 283 -42.87 -11.62 -20.62
CA MET X 283 -43.22 -11.25 -19.27
C MET X 283 -43.29 -9.74 -19.09
N ALA X 284 -42.86 -8.97 -20.10
CA ALA X 284 -43.09 -7.54 -20.13
C ALA X 284 -44.58 -7.22 -20.17
N PHE X 285 -45.37 -8.05 -20.82
CA PHE X 285 -46.81 -7.88 -20.88
C PHE X 285 -47.53 -8.85 -19.96
N ASN X 286 -46.84 -9.28 -18.91
CA ASN X 286 -47.37 -10.03 -17.77
C ASN X 286 -48.02 -11.34 -18.19
N LEU X 287 -47.42 -12.00 -19.17
CA LEU X 287 -47.72 -13.41 -19.41
C LEU X 287 -46.67 -14.18 -18.63
N ASN X 288 -47.00 -14.52 -17.39
CA ASN X 288 -46.01 -14.92 -16.41
C ASN X 288 -45.68 -16.39 -16.54
N GLY X 289 -44.73 -16.85 -15.73
CA GLY X 289 -44.40 -18.26 -15.66
C GLY X 289 -45.49 -19.05 -14.98
N PHE X 290 -45.29 -20.37 -14.95
CA PHE X 290 -46.32 -21.31 -14.49
C PHE X 290 -46.69 -21.08 -13.02
N ASN X 291 -47.99 -21.07 -12.75
CA ASN X 291 -48.51 -20.89 -11.41
C ASN X 291 -49.13 -22.20 -10.96
N PHE X 292 -48.43 -22.92 -10.09
CA PHE X 292 -48.93 -24.16 -9.52
C PHE X 292 -49.21 -24.02 -8.03
N ASN X 293 -49.59 -22.84 -7.59
CA ASN X 293 -49.90 -22.61 -6.19
C ASN X 293 -51.25 -23.19 -5.86
N GLN X 294 -51.28 -24.04 -4.82
CA GLN X 294 -52.48 -24.72 -4.33
C GLN X 294 -53.12 -25.57 -5.42
N SER X 295 -52.30 -26.27 -6.18
CA SER X 295 -52.81 -27.13 -7.23
C SER X 295 -52.94 -28.58 -6.80
N VAL X 296 -52.17 -29.01 -5.81
CA VAL X 296 -52.31 -30.33 -5.24
C VAL X 296 -53.24 -30.24 -4.05
N VAL X 297 -54.36 -30.97 -4.12
CA VAL X 297 -55.44 -30.86 -3.16
C VAL X 297 -55.85 -32.28 -2.78
N ASP X 298 -56.03 -32.54 -1.48
CA ASP X 298 -56.37 -33.88 -1.02
C ASP X 298 -57.88 -34.10 -1.11
N SER X 299 -58.36 -35.20 -0.52
CA SER X 299 -59.75 -35.60 -0.67
C SER X 299 -60.71 -34.68 0.06
N GLN X 300 -60.32 -34.22 1.25
CA GLN X 300 -61.15 -33.28 1.99
C GLN X 300 -61.20 -31.90 1.34
N GLY X 301 -60.21 -31.57 0.53
CA GLY X 301 -60.14 -30.28 -0.12
C GLY X 301 -59.01 -29.41 0.34
N ARG X 302 -58.24 -29.85 1.33
CA ARG X 302 -57.17 -29.04 1.88
C ARG X 302 -56.00 -28.98 0.91
N VAL X 303 -55.25 -27.89 0.98
CA VAL X 303 -54.12 -27.69 0.08
C VAL X 303 -52.92 -28.42 0.64
N ILE X 304 -52.35 -29.31 -0.15
CA ILE X 304 -51.04 -29.88 0.14
C ILE X 304 -50.00 -29.06 -0.60
N ASN X 305 -49.01 -28.57 0.11
CA ASN X 305 -48.01 -27.74 -0.53
C ASN X 305 -47.07 -28.58 -1.37
N THR X 306 -46.46 -27.94 -2.35
CA THR X 306 -45.43 -28.55 -3.17
C THR X 306 -44.20 -27.67 -3.10
N TRP X 307 -43.19 -28.00 -3.91
CA TRP X 307 -42.03 -27.13 -4.00
C TRP X 307 -42.33 -25.83 -4.72
N ALA X 308 -43.38 -25.81 -5.56
CA ALA X 308 -43.82 -24.56 -6.16
C ALA X 308 -44.44 -23.63 -5.13
N ASP X 309 -45.05 -24.19 -4.08
CA ASP X 309 -45.61 -23.37 -3.03
C ASP X 309 -44.55 -22.79 -2.10
N ILE X 310 -43.45 -23.52 -1.89
CA ILE X 310 -42.35 -22.97 -1.11
C ILE X 310 -41.61 -21.92 -1.92
N LEU X 311 -41.55 -22.12 -3.24
CA LEU X 311 -41.05 -21.08 -4.14
C LEU X 311 -41.97 -19.86 -4.11
N ASN X 312 -43.26 -20.08 -3.92
CA ASN X 312 -44.22 -18.99 -3.85
C ASN X 312 -44.05 -18.18 -2.57
N ARG X 313 -43.64 -18.82 -1.48
CA ARG X 313 -43.41 -18.09 -0.23
C ARG X 313 -42.21 -17.18 -0.32
N ALA X 314 -41.24 -17.53 -1.15
CA ALA X 314 -40.11 -16.64 -1.39
C ALA X 314 -40.47 -15.53 -2.36
N ASN X 315 -41.38 -15.79 -3.30
CA ASN X 315 -41.89 -14.73 -4.16
C ASN X 315 -42.71 -13.73 -3.37
N LEU X 316 -43.46 -14.21 -2.37
CA LEU X 316 -44.25 -13.32 -1.54
C LEU X 316 -43.38 -12.42 -0.67
N GLY X 317 -42.20 -12.90 -0.27
CA GLY X 317 -41.34 -12.10 0.55
C GLY X 317 -40.67 -10.98 -0.20
N ILE X 318 -40.37 -11.20 -1.48
CA ILE X 318 -39.80 -10.13 -2.28
C ILE X 318 -40.85 -9.07 -2.60
N GLU X 319 -42.07 -9.51 -2.93
CA GLU X 319 -43.05 -8.57 -3.47
C GLU X 319 -43.69 -7.70 -2.40
N VAL X 320 -43.76 -8.17 -1.15
CA VAL X 320 -44.25 -7.30 -0.08
C VAL X 320 -43.19 -6.34 0.40
N MET X 321 -41.93 -6.54 0.01
CA MET X 321 -40.85 -5.67 0.45
C MET X 321 -40.25 -4.82 -0.65
N HIS X 322 -40.52 -5.11 -1.91
CA HIS X 322 -39.97 -4.33 -2.99
C HIS X 322 -40.76 -3.05 -3.16
N GLU X 323 -40.04 -1.95 -3.41
CA GLU X 323 -40.57 -0.60 -3.60
C GLU X 323 -41.54 -0.22 -2.47
N ARG X 324 -41.02 -0.30 -1.24
CA ARG X 324 -41.85 -0.44 -0.05
C ARG X 324 -42.70 0.79 0.25
N ASN X 325 -42.36 1.95 -0.31
CA ASN X 325 -43.16 3.14 -0.13
C ASN X 325 -43.92 3.52 -1.39
N ALA X 326 -43.72 2.79 -2.48
CA ALA X 326 -44.29 3.19 -3.76
C ALA X 326 -45.74 2.77 -3.93
N HIS X 327 -46.23 1.84 -3.13
CA HIS X 327 -47.55 1.27 -3.36
C HIS X 327 -48.56 1.86 -2.38
N ASN X 328 -49.74 2.16 -2.90
CA ASN X 328 -50.84 2.68 -2.12
C ASN X 328 -52.05 1.78 -2.11
N PHE X 329 -52.09 0.79 -2.99
CA PHE X 329 -53.27 -0.02 -3.27
C PHE X 329 -52.86 -1.49 -3.31
N PRO X 330 -53.79 -2.41 -2.98
CA PRO X 330 -53.36 -3.78 -2.65
C PRO X 330 -52.85 -4.64 -3.79
N LEU X 331 -52.88 -4.19 -5.04
CA LEU X 331 -52.35 -4.98 -6.15
C LEU X 331 -51.25 -4.21 -6.86
N ASP X 332 -50.11 -4.86 -7.05
CA ASP X 332 -49.04 -4.29 -7.87
C ASP X 332 -49.39 -4.59 -9.31
N LEU X 333 -50.19 -3.73 -9.91
CA LEU X 333 -50.50 -3.83 -11.33
C LEU X 333 -49.47 -3.13 -12.19
N ALA X 334 -48.46 -2.54 -11.57
CA ALA X 334 -47.27 -2.03 -12.25
C ALA X 334 -46.06 -2.52 -11.46
N ALA Y 1 12.36 -21.87 -23.13
CA ALA Y 1 11.15 -21.09 -23.33
C ALA Y 1 10.02 -21.70 -22.53
N LEU Y 2 10.22 -21.83 -21.24
CA LEU Y 2 9.18 -22.37 -20.38
C LEU Y 2 8.07 -21.34 -20.19
N PRO Y 3 6.81 -21.76 -20.21
CA PRO Y 3 5.74 -20.87 -19.77
C PRO Y 3 5.85 -20.62 -18.27
N TRP Y 4 5.12 -19.60 -17.82
CA TRP Y 4 5.24 -19.17 -16.42
C TRP Y 4 4.75 -20.24 -15.46
N TYR Y 5 3.79 -21.05 -15.87
CA TYR Y 5 3.22 -22.09 -15.03
C TYR Y 5 4.03 -23.38 -15.06
N ARG Y 6 5.16 -23.40 -15.76
CA ARG Y 6 6.02 -24.57 -15.81
C ARG Y 6 7.43 -24.27 -15.34
N VAL Y 7 7.64 -23.15 -14.66
CA VAL Y 7 8.99 -22.72 -14.35
C VAL Y 7 9.63 -23.60 -13.30
N HIS Y 8 8.84 -24.21 -12.44
CA HIS Y 8 9.42 -24.97 -11.35
C HIS Y 8 9.68 -26.41 -11.75
N THR Y 9 9.36 -26.81 -12.97
CA THR Y 9 9.69 -28.13 -13.46
C THR Y 9 11.16 -28.30 -13.79
N VAL Y 10 12.02 -27.31 -13.59
CA VAL Y 10 13.45 -27.48 -13.80
C VAL Y 10 14.13 -28.26 -12.69
N VAL Y 11 13.44 -28.51 -11.58
CA VAL Y 11 13.98 -29.34 -10.52
C VAL Y 11 13.30 -30.70 -10.50
N LEU Y 12 12.63 -31.06 -11.60
CA LEU Y 12 11.94 -32.34 -11.66
C LEU Y 12 12.92 -33.49 -11.78
N ASN Y 13 14.01 -33.28 -12.50
CA ASN Y 13 15.07 -34.29 -12.63
C ASN Y 13 16.39 -33.77 -12.09
N ASP Y 14 16.34 -33.06 -10.97
CA ASP Y 14 17.50 -32.50 -10.31
C ASP Y 14 17.29 -32.72 -8.83
N PRO Y 15 17.67 -33.89 -8.30
CA PRO Y 15 17.34 -34.21 -6.91
C PRO Y 15 18.05 -33.35 -5.88
N GLY Y 16 19.17 -32.73 -6.23
CA GLY Y 16 19.82 -31.82 -5.30
C GLY Y 16 19.06 -30.52 -5.16
N ARG Y 17 18.55 -30.00 -6.27
CA ARG Y 17 17.80 -28.76 -6.22
C ARG Y 17 16.34 -28.97 -5.88
N LEU Y 18 15.85 -30.21 -5.94
CA LEU Y 18 14.53 -30.50 -5.38
C LEU Y 18 14.58 -30.44 -3.86
N ILE Y 19 15.67 -30.92 -3.27
CA ILE Y 19 15.87 -30.81 -1.82
C ILE Y 19 16.00 -29.36 -1.42
N ALA Y 20 16.72 -28.58 -2.23
CA ALA Y 20 16.91 -27.16 -1.96
C ALA Y 20 15.61 -26.38 -2.09
N VAL Y 21 14.72 -26.81 -2.98
CA VAL Y 21 13.50 -26.08 -3.18
C VAL Y 21 12.48 -26.46 -2.13
N HIS Y 22 12.63 -27.62 -1.51
CA HIS Y 22 11.79 -28.06 -0.42
C HIS Y 22 12.28 -27.52 0.91
N LEU Y 23 13.58 -27.26 1.00
CA LEU Y 23 14.12 -26.61 2.19
C LEU Y 23 13.74 -25.15 2.24
N MET Y 24 13.51 -24.54 1.09
CA MET Y 24 13.09 -23.16 1.07
C MET Y 24 11.61 -23.02 1.36
N HIS Y 25 10.77 -23.97 0.92
CA HIS Y 25 9.39 -24.00 1.37
C HIS Y 25 9.33 -24.24 2.87
N THR Y 26 10.20 -25.10 3.38
CA THR Y 26 10.25 -25.37 4.81
C THR Y 26 10.71 -24.15 5.59
N ALA Y 27 11.64 -23.38 5.02
CA ALA Y 27 12.09 -22.15 5.66
C ALA Y 27 10.98 -21.09 5.68
N LEU Y 28 10.17 -21.04 4.63
CA LEU Y 28 9.12 -20.05 4.57
C LEU Y 28 7.95 -20.43 5.48
N VAL Y 29 7.66 -21.72 5.60
CA VAL Y 29 6.57 -22.17 6.44
C VAL Y 29 6.93 -22.00 7.92
N ALA Y 30 8.14 -22.40 8.30
CA ALA Y 30 8.58 -22.20 9.67
C ALA Y 30 8.78 -20.73 9.99
N GLY Y 31 9.19 -19.94 9.01
CA GLY Y 31 9.30 -18.52 9.22
C GLY Y 31 7.95 -17.85 9.35
N TRP Y 32 6.94 -18.38 8.66
CA TRP Y 32 5.59 -17.90 8.89
C TRP Y 32 5.13 -18.23 10.30
N ALA Y 33 5.38 -19.47 10.74
CA ALA Y 33 4.90 -19.91 12.05
C ALA Y 33 5.57 -19.16 13.19
N GLY Y 34 6.84 -18.80 13.03
CA GLY Y 34 7.50 -18.02 14.06
C GLY Y 34 7.03 -16.58 14.09
N SER Y 35 6.80 -15.99 12.92
CA SER Y 35 6.43 -14.60 12.86
C SER Y 35 4.93 -14.38 13.03
N MET Y 36 4.09 -15.37 12.71
CA MET Y 36 2.68 -15.26 13.04
C MET Y 36 2.47 -15.36 14.54
N ALA Y 37 3.25 -16.19 15.21
CA ALA Y 37 3.13 -16.30 16.66
C ALA Y 37 3.68 -15.07 17.36
N LEU Y 38 4.71 -14.44 16.79
CA LEU Y 38 5.22 -13.21 17.38
C LEU Y 38 4.25 -12.06 17.18
N TYR Y 39 3.58 -12.01 16.03
CA TYR Y 39 2.54 -11.02 15.82
C TYR Y 39 1.37 -11.25 16.76
N GLU Y 40 0.99 -12.50 16.97
CA GLU Y 40 -0.13 -12.82 17.83
C GLU Y 40 0.18 -12.54 19.28
N LEU Y 41 1.43 -12.68 19.69
CA LEU Y 41 1.81 -12.32 21.05
C LEU Y 41 1.84 -10.82 21.26
N ALA Y 42 2.10 -10.05 20.20
CA ALA Y 42 2.10 -8.61 20.31
C ALA Y 42 0.71 -8.02 20.46
N VAL Y 43 -0.33 -8.74 20.03
CA VAL Y 43 -1.69 -8.24 20.12
C VAL Y 43 -2.56 -9.04 21.07
N PHE Y 44 -2.05 -10.11 21.68
CA PHE Y 44 -2.85 -10.87 22.63
C PHE Y 44 -3.00 -10.12 23.94
N ASP Y 45 -4.16 -10.25 24.56
CA ASP Y 45 -4.43 -9.64 25.85
C ASP Y 45 -4.66 -10.73 26.87
N PRO Y 46 -3.66 -11.08 27.65
CA PRO Y 46 -3.82 -12.20 28.60
C PRO Y 46 -4.33 -11.81 29.96
N SER Y 47 -5.32 -10.94 30.06
CA SER Y 47 -5.72 -10.47 31.37
C SER Y 47 -7.03 -11.09 31.85
N ASP Y 48 -7.96 -11.35 30.94
CA ASP Y 48 -9.23 -12.00 31.26
C ASP Y 48 -9.34 -13.27 30.44
N PRO Y 49 -8.85 -14.40 30.93
CA PRO Y 49 -9.05 -15.66 30.21
C PRO Y 49 -10.48 -16.14 30.20
N VAL Y 50 -11.33 -15.63 31.09
CA VAL Y 50 -12.70 -16.10 31.16
C VAL Y 50 -13.54 -15.48 30.05
N LEU Y 51 -13.64 -14.16 30.02
CA LEU Y 51 -14.50 -13.48 29.07
C LEU Y 51 -13.76 -12.90 27.89
N ASN Y 52 -12.44 -12.98 27.85
CA ASN Y 52 -11.67 -12.67 26.65
C ASN Y 52 -10.65 -13.76 26.38
N PRO Y 53 -11.07 -14.96 25.99
CA PRO Y 53 -10.12 -16.03 25.70
C PRO Y 53 -9.45 -15.81 24.35
N MET Y 54 -8.59 -16.76 23.99
CA MET Y 54 -7.78 -16.61 22.79
C MET Y 54 -8.59 -16.69 21.50
N TRP Y 55 -9.74 -17.34 21.54
CA TRP Y 55 -10.54 -17.45 20.33
C TRP Y 55 -11.46 -16.26 20.13
N ARG Y 56 -11.58 -15.38 21.11
CA ARG Y 56 -12.26 -14.12 20.91
C ARG Y 56 -11.35 -13.06 20.33
N GLN Y 57 -10.04 -13.28 20.40
CA GLN Y 57 -9.06 -12.30 19.95
C GLN Y 57 -8.44 -12.66 18.61
N GLY Y 58 -9.02 -13.63 17.90
CA GLY Y 58 -8.54 -13.95 16.57
C GLY Y 58 -7.22 -14.65 16.52
N MET Y 59 -6.82 -15.30 17.61
CA MET Y 59 -5.56 -16.02 17.64
C MET Y 59 -5.70 -17.29 16.83
N PHE Y 60 -4.81 -17.48 15.86
CA PHE Y 60 -4.89 -18.64 14.98
C PHE Y 60 -3.89 -19.71 15.33
N VAL Y 61 -2.62 -19.36 15.52
CA VAL Y 61 -1.63 -20.37 15.85
C VAL Y 61 -1.48 -20.58 17.35
N MET Y 62 -1.88 -19.61 18.15
CA MET Y 62 -1.91 -19.77 19.61
C MET Y 62 -2.74 -20.95 20.13
N PRO Y 63 -3.90 -21.34 19.58
CA PRO Y 63 -4.54 -22.56 20.07
C PRO Y 63 -3.80 -23.83 19.73
N PHE Y 64 -2.98 -23.83 18.69
CA PHE Y 64 -2.25 -25.04 18.34
C PHE Y 64 -1.01 -25.22 19.18
N MET Y 65 -0.46 -24.13 19.71
CA MET Y 65 0.60 -24.24 20.69
C MET Y 65 0.06 -24.72 22.03
N THR Y 66 -1.13 -24.26 22.41
CA THR Y 66 -1.71 -24.63 23.68
C THR Y 66 -2.28 -26.03 23.68
N ARG Y 67 -2.71 -26.51 22.51
CA ARG Y 67 -3.26 -27.85 22.39
C ARG Y 67 -2.25 -28.92 22.77
N LEU Y 68 -0.97 -28.67 22.51
CA LEU Y 68 0.06 -29.65 22.76
C LEU Y 68 0.91 -29.33 23.97
N GLY Y 69 0.64 -28.25 24.68
CA GLY Y 69 1.30 -28.10 25.97
C GLY Y 69 1.83 -26.74 26.35
N ILE Y 70 1.94 -25.81 25.41
CA ILE Y 70 2.52 -24.51 25.70
C ILE Y 70 1.43 -23.66 26.32
N THR Y 71 1.56 -23.37 27.61
CA THR Y 71 0.61 -22.53 28.30
C THR Y 71 1.19 -21.21 28.75
N ASP Y 72 2.48 -21.15 29.03
CA ASP Y 72 3.08 -19.99 29.67
C ASP Y 72 3.75 -19.11 28.62
N SER Y 73 4.00 -17.87 29.02
CA SER Y 73 4.80 -16.96 28.23
C SER Y 73 5.94 -16.45 29.08
N TRP Y 74 6.89 -15.76 28.43
CA TRP Y 74 7.97 -15.13 29.17
C TRP Y 74 7.50 -13.95 29.98
N GLY Y 75 6.38 -13.34 29.61
CA GLY Y 75 5.79 -12.25 30.35
C GLY Y 75 5.18 -12.62 31.68
N GLY Y 76 5.19 -13.90 32.06
CA GLY Y 76 4.78 -14.33 33.36
C GLY Y 76 3.36 -14.85 33.46
N TRP Y 77 2.58 -14.75 32.39
CA TRP Y 77 1.21 -15.22 32.41
C TRP Y 77 1.09 -16.58 31.75
N SER Y 78 -0.03 -17.23 32.02
CA SER Y 78 -0.48 -18.42 31.32
C SER Y 78 -1.87 -18.16 30.78
N ILE Y 79 -2.35 -19.06 29.91
CA ILE Y 79 -3.74 -18.89 29.49
C ILE Y 79 -4.69 -19.54 30.47
N THR Y 80 -4.19 -20.34 31.40
CA THR Y 80 -5.01 -20.90 32.46
C THR Y 80 -5.18 -19.94 33.64
N GLY Y 81 -4.59 -18.75 33.56
CA GLY Y 81 -4.58 -17.81 34.66
C GLY Y 81 -3.52 -18.05 35.71
N GLU Y 82 -2.88 -19.22 35.70
CA GLU Y 82 -1.86 -19.56 36.67
C GLU Y 82 -0.60 -18.74 36.40
N SER Y 83 -0.25 -17.86 37.33
CA SER Y 83 0.98 -17.09 37.20
C SER Y 83 2.19 -18.00 37.35
N VAL Y 84 3.20 -17.79 36.52
CA VAL Y 84 4.32 -18.70 36.40
C VAL Y 84 5.62 -17.96 36.71
N SER Y 85 6.53 -18.65 37.39
CA SER Y 85 7.82 -18.09 37.75
C SER Y 85 8.78 -18.05 36.56
N ASN Y 86 9.07 -19.19 35.96
CA ASN Y 86 10.02 -19.28 34.85
C ASN Y 86 9.62 -20.45 33.97
N PRO Y 87 9.03 -20.19 32.80
CA PRO Y 87 8.64 -21.27 31.91
C PRO Y 87 9.80 -21.94 31.21
N GLY Y 88 10.96 -21.31 31.16
CA GLY Y 88 12.08 -21.87 30.45
C GLY Y 88 12.06 -21.54 28.97
N ILE Y 89 12.45 -22.51 28.15
CA ILE Y 89 12.58 -22.26 26.72
C ILE Y 89 11.22 -22.25 26.04
N TRP Y 90 10.37 -23.22 26.36
CA TRP Y 90 9.15 -23.42 25.57
C TRP Y 90 7.99 -22.63 26.15
N SER Y 91 8.12 -21.33 26.07
CA SER Y 91 7.02 -20.42 26.25
C SER Y 91 6.40 -20.18 24.88
N PHE Y 92 5.45 -19.25 24.80
CA PHE Y 92 4.95 -18.86 23.48
C PHE Y 92 6.02 -18.13 22.68
N GLU Y 93 6.83 -17.32 23.36
CA GLU Y 93 7.85 -16.53 22.67
C GLU Y 93 9.03 -17.39 22.27
N GLY Y 94 9.41 -18.36 23.11
CA GLY Y 94 10.54 -19.21 22.79
C GLY Y 94 10.24 -20.23 21.72
N VAL Y 95 8.98 -20.60 21.58
CA VAL Y 95 8.58 -21.47 20.48
C VAL Y 95 8.55 -20.69 19.18
N ALA Y 96 8.11 -19.44 19.23
CA ALA Y 96 8.12 -18.59 18.05
C ALA Y 96 9.54 -18.27 17.60
N LEU Y 97 10.44 -18.04 18.56
CA LEU Y 97 11.81 -17.74 18.19
C LEU Y 97 12.54 -18.97 17.69
N SER Y 98 12.15 -20.16 18.13
CA SER Y 98 12.78 -21.36 17.62
C SER Y 98 12.30 -21.70 16.22
N HIS Y 99 11.06 -21.35 15.87
CA HIS Y 99 10.61 -21.53 14.50
C HIS Y 99 11.27 -20.52 13.58
N ILE Y 100 11.67 -19.37 14.10
CA ILE Y 100 12.40 -18.37 13.31
C ILE Y 100 13.83 -18.83 13.07
N ILE Y 101 14.47 -19.39 14.09
CA ILE Y 101 15.84 -19.88 13.97
C ILE Y 101 15.90 -21.09 13.05
N LEU Y 102 14.91 -21.97 13.16
CA LEU Y 102 14.78 -23.10 12.25
C LEU Y 102 14.54 -22.66 10.82
N SER Y 103 13.85 -21.53 10.65
CA SER Y 103 13.64 -20.97 9.32
C SER Y 103 14.94 -20.49 8.70
N GLY Y 104 15.78 -19.81 9.48
CA GLY Y 104 17.05 -19.34 8.95
C GLY Y 104 18.03 -20.46 8.71
N MET Y 105 17.95 -21.54 9.48
CA MET Y 105 18.83 -22.68 9.26
C MET Y 105 18.42 -23.47 8.03
N CYS Y 106 17.11 -23.62 7.79
CA CYS Y 106 16.65 -24.27 6.59
C CYS Y 106 16.89 -23.42 5.37
N PHE Y 107 16.97 -22.10 5.56
CA PHE Y 107 17.27 -21.19 4.47
C PHE Y 107 18.73 -21.31 4.03
N LEU Y 108 19.65 -21.40 4.99
CA LEU Y 108 21.05 -21.59 4.66
C LEU Y 108 21.32 -22.97 4.08
N ALA Y 109 20.58 -23.98 4.54
CA ALA Y 109 20.69 -25.31 3.99
C ALA Y 109 20.16 -25.37 2.57
N ALA Y 110 19.14 -24.57 2.26
CA ALA Y 110 18.62 -24.52 0.91
C ALA Y 110 19.59 -23.87 -0.05
N ILE Y 111 20.36 -22.90 0.42
CA ILE Y 111 21.39 -22.28 -0.41
C ILE Y 111 22.49 -23.28 -0.72
N TRP Y 112 22.87 -24.08 0.28
CA TRP Y 112 23.93 -25.06 0.07
C TRP Y 112 23.49 -26.16 -0.88
N HIS Y 113 22.28 -26.67 -0.71
CA HIS Y 113 21.82 -27.74 -1.57
C HIS Y 113 21.50 -27.26 -2.98
N TRP Y 114 21.24 -25.96 -3.15
CA TRP Y 114 21.10 -25.40 -4.49
C TRP Y 114 22.44 -25.23 -5.17
N VAL Y 115 23.42 -24.75 -4.42
CA VAL Y 115 24.74 -24.50 -4.97
C VAL Y 115 25.47 -25.82 -5.21
N TYR Y 116 25.40 -26.73 -4.25
CA TYR Y 116 26.03 -28.04 -4.39
C TYR Y 116 24.98 -29.07 -4.80
N TRP Y 117 24.50 -28.90 -6.02
CA TRP Y 117 23.45 -29.76 -6.54
C TRP Y 117 23.98 -31.09 -7.03
N ASP Y 118 25.24 -31.15 -7.45
CA ASP Y 118 25.77 -32.30 -8.17
C ASP Y 118 26.50 -33.24 -7.21
N LEU Y 119 25.75 -33.81 -6.31
CA LEU Y 119 26.30 -34.79 -5.39
C LEU Y 119 26.20 -36.18 -5.99
N GLU Y 120 27.18 -37.02 -5.65
CA GLU Y 120 27.25 -38.37 -6.20
C GLU Y 120 26.10 -39.24 -5.69
N LEU Y 121 25.54 -38.89 -4.52
CA LEU Y 121 24.43 -39.62 -3.93
C LEU Y 121 23.18 -39.60 -4.82
N PHE Y 122 22.98 -38.54 -5.58
CA PHE Y 122 21.80 -38.44 -6.43
C PHE Y 122 21.96 -39.13 -7.77
N ARG Y 123 23.14 -39.65 -8.08
CA ARG Y 123 23.38 -40.35 -9.32
C ARG Y 123 23.00 -41.81 -9.21
N ASP Y 124 22.49 -42.35 -10.29
CA ASP Y 124 22.23 -43.79 -10.38
C ASP Y 124 23.54 -44.50 -10.70
N PRO Y 125 23.99 -45.43 -9.86
CA PRO Y 125 25.24 -46.14 -10.15
C PRO Y 125 25.16 -47.10 -11.33
N ARG Y 126 23.96 -47.46 -11.78
CA ARG Y 126 23.81 -48.29 -12.97
C ARG Y 126 23.93 -47.50 -14.27
N THR Y 127 23.50 -46.23 -14.28
CA THR Y 127 23.44 -45.45 -15.51
C THR Y 127 24.21 -44.14 -15.46
N GLY Y 128 24.44 -43.56 -14.29
CA GLY Y 128 25.07 -42.26 -14.18
C GLY Y 128 24.12 -41.09 -14.30
N GLU Y 129 22.84 -41.35 -14.52
CA GLU Y 129 21.84 -40.31 -14.63
C GLU Y 129 21.28 -39.99 -13.24
N PRO Y 130 20.76 -38.77 -13.03
CA PRO Y 130 20.20 -38.43 -11.72
C PRO Y 130 18.90 -39.18 -11.47
N ALA Y 131 18.94 -40.07 -10.49
CA ALA Y 131 17.80 -40.91 -10.18
C ALA Y 131 17.56 -40.95 -8.68
N LEU Y 132 16.30 -41.04 -8.30
CA LEU Y 132 15.88 -41.23 -6.92
C LEU Y 132 15.17 -42.57 -6.85
N ASP Y 133 15.58 -43.41 -5.90
CA ASP Y 133 14.92 -44.69 -5.68
C ASP Y 133 13.71 -44.46 -4.79
N LEU Y 134 12.64 -43.98 -5.40
CA LEU Y 134 11.42 -43.66 -4.67
C LEU Y 134 10.76 -44.81 -3.91
N PRO Y 135 10.88 -46.09 -4.29
CA PRO Y 135 10.42 -47.13 -3.37
C PRO Y 135 11.19 -47.20 -2.07
N LYS Y 136 12.51 -47.07 -2.10
CA LYS Y 136 13.24 -47.15 -0.83
C LYS Y 136 13.21 -45.84 -0.06
N ILE Y 137 13.16 -44.70 -0.75
CA ILE Y 137 13.01 -43.41 -0.10
C ILE Y 137 11.68 -43.35 0.64
N PHE Y 138 10.65 -43.99 0.09
CA PHE Y 138 9.39 -44.10 0.79
C PHE Y 138 9.53 -44.97 2.03
N GLY Y 139 10.27 -46.07 1.93
CA GLY Y 139 10.47 -46.93 3.08
C GLY Y 139 11.25 -46.28 4.19
N ILE Y 140 12.20 -45.41 3.85
CA ILE Y 140 12.91 -44.64 4.85
C ILE Y 140 11.98 -43.65 5.52
N HIS Y 141 11.25 -42.87 4.72
CA HIS Y 141 10.45 -41.79 5.28
C HIS Y 141 9.19 -42.30 5.96
N LEU Y 142 8.70 -43.48 5.58
CA LEU Y 142 7.59 -44.08 6.30
C LEU Y 142 8.04 -44.59 7.66
N PHE Y 143 9.25 -45.13 7.73
CA PHE Y 143 9.79 -45.64 8.98
C PHE Y 143 10.06 -44.52 9.96
N LEU Y 144 10.55 -43.37 9.49
CA LEU Y 144 10.72 -42.23 10.36
C LEU Y 144 9.38 -41.64 10.77
N SER Y 145 8.39 -41.70 9.88
CA SER Y 145 7.05 -41.24 10.22
C SER Y 145 6.44 -42.09 11.34
N GLY Y 146 6.72 -43.39 11.32
CA GLY Y 146 6.23 -44.26 12.37
C GLY Y 146 6.90 -43.99 13.70
N LEU Y 147 8.20 -43.70 13.68
CA LEU Y 147 8.92 -43.37 14.90
C LEU Y 147 8.47 -42.04 15.48
N LEU Y 148 8.13 -41.09 14.62
CA LEU Y 148 7.63 -39.81 15.10
C LEU Y 148 6.18 -39.90 15.53
N CYS Y 149 5.37 -40.73 14.87
CA CYS Y 149 3.99 -40.93 15.29
C CYS Y 149 3.92 -41.68 16.61
N PHE Y 150 4.73 -42.75 16.73
CA PHE Y 150 4.76 -43.51 17.97
C PHE Y 150 5.33 -42.70 19.11
N GLY Y 151 6.42 -41.98 18.86
CA GLY Y 151 7.05 -41.21 19.92
C GLY Y 151 6.20 -40.05 20.38
N PHE Y 152 5.43 -39.44 19.49
CA PHE Y 152 4.51 -38.40 19.89
C PHE Y 152 3.39 -38.98 20.74
N GLY Y 153 2.88 -40.16 20.37
CA GLY Y 153 1.83 -40.78 21.15
C GLY Y 153 2.33 -41.33 22.47
N ALA Y 154 3.46 -42.04 22.46
CA ALA Y 154 3.91 -42.73 23.65
C ALA Y 154 4.55 -41.79 24.66
N PHE Y 155 5.24 -40.75 24.21
CA PHE Y 155 5.98 -39.90 25.13
C PHE Y 155 5.33 -38.55 25.34
N HIS Y 156 4.95 -37.86 24.27
CA HIS Y 156 4.37 -36.53 24.44
C HIS Y 156 2.95 -36.61 24.97
N VAL Y 157 2.09 -37.43 24.35
CA VAL Y 157 0.67 -37.39 24.69
C VAL Y 157 0.38 -38.13 25.99
N THR Y 158 0.96 -39.33 26.17
CA THR Y 158 0.72 -40.03 27.43
C THR Y 158 1.48 -39.43 28.59
N GLY Y 159 2.39 -38.51 28.34
CA GLY Y 159 3.08 -37.83 29.42
C GLY Y 159 4.14 -38.68 30.06
N LEU Y 160 4.56 -39.75 29.40
CA LEU Y 160 5.75 -40.48 29.81
C LEU Y 160 6.93 -39.54 29.84
N PHE Y 161 7.31 -39.02 28.69
CA PHE Y 161 8.30 -37.96 28.58
C PHE Y 161 7.65 -36.78 27.88
N GLY Y 162 6.52 -36.31 28.38
CA GLY Y 162 5.92 -35.17 27.75
C GLY Y 162 4.91 -34.45 28.61
N PRO Y 163 4.41 -33.34 28.12
CA PRO Y 163 3.46 -32.55 28.91
C PRO Y 163 2.04 -33.05 28.83
N GLY Y 164 1.74 -33.88 27.84
CA GLY Y 164 0.37 -34.22 27.54
C GLY Y 164 -0.24 -33.26 26.55
N ILE Y 165 -1.55 -33.34 26.43
CA ILE Y 165 -2.30 -32.45 25.55
C ILE Y 165 -3.38 -31.76 26.37
N TRP Y 166 -4.03 -30.78 25.73
CA TRP Y 166 -5.12 -30.07 26.37
C TRP Y 166 -6.34 -30.97 26.47
N VAL Y 167 -6.85 -31.13 27.69
CA VAL Y 167 -8.14 -31.75 27.89
C VAL Y 167 -9.02 -30.78 28.64
N SER Y 168 -10.32 -31.02 28.58
CA SER Y 168 -11.29 -30.15 29.21
C SER Y 168 -12.43 -30.99 29.73
N ASP Y 169 -13.29 -30.35 30.50
CA ASP Y 169 -14.57 -30.95 30.86
C ASP Y 169 -15.53 -30.86 29.68
N ALA Y 170 -16.76 -31.31 29.89
CA ALA Y 170 -17.71 -31.36 28.78
C ALA Y 170 -18.24 -29.99 28.38
N TYR Y 171 -17.99 -28.95 29.17
CA TYR Y 171 -18.56 -27.63 28.90
C TYR Y 171 -17.51 -26.54 28.83
N GLY Y 172 -16.24 -26.91 28.75
CA GLY Y 172 -15.18 -25.95 28.49
C GLY Y 172 -14.93 -24.95 29.59
N ILE Y 173 -15.18 -25.33 30.84
CA ILE Y 173 -15.01 -24.40 31.95
C ILE Y 173 -13.58 -24.51 32.47
N THR Y 174 -13.22 -25.70 32.92
CA THR Y 174 -11.90 -25.96 33.46
C THR Y 174 -11.15 -26.85 32.48
N GLY Y 175 -10.12 -26.31 31.86
CA GLY Y 175 -9.28 -27.06 30.96
C GLY Y 175 -7.82 -26.86 31.30
N LYS Y 176 -7.03 -27.89 30.98
CA LYS Y 176 -5.61 -27.86 31.29
C LYS Y 176 -4.90 -28.80 30.33
N VAL Y 177 -3.59 -28.64 30.27
CA VAL Y 177 -2.74 -29.62 29.64
C VAL Y 177 -2.39 -30.67 30.67
N GLN Y 178 -2.61 -31.93 30.33
CA GLN Y 178 -2.23 -33.00 31.25
C GLN Y 178 -1.92 -34.24 30.43
N PRO Y 179 -1.17 -35.20 31.00
CA PRO Y 179 -0.99 -36.49 30.32
C PRO Y 179 -2.29 -37.23 30.16
N VAL Y 180 -2.41 -37.95 29.06
CA VAL Y 180 -3.63 -38.62 28.67
C VAL Y 180 -3.34 -40.10 28.48
N ALA Y 181 -4.00 -40.94 29.27
CA ALA Y 181 -3.83 -42.37 29.11
C ALA Y 181 -4.53 -42.85 27.85
N PRO Y 182 -3.94 -43.79 27.11
CA PRO Y 182 -4.58 -44.25 25.88
C PRO Y 182 -5.79 -45.13 26.15
N ALA Y 183 -6.77 -45.04 25.27
CA ALA Y 183 -8.01 -45.78 25.36
C ALA Y 183 -8.00 -46.84 24.26
N TRP Y 184 -7.83 -48.11 24.64
CA TRP Y 184 -7.59 -49.16 23.68
C TRP Y 184 -8.85 -49.86 23.21
N GLY Y 185 -10.00 -49.60 23.82
CA GLY Y 185 -11.23 -50.25 23.44
C GLY Y 185 -11.88 -49.65 22.23
N ALA Y 186 -13.20 -49.79 22.14
CA ALA Y 186 -13.94 -49.13 21.08
C ALA Y 186 -14.12 -47.65 21.36
N ASP Y 187 -13.97 -47.21 22.59
CA ASP Y 187 -14.10 -45.79 22.90
C ASP Y 187 -12.86 -44.99 22.51
N GLY Y 188 -11.79 -45.64 22.06
CA GLY Y 188 -10.73 -44.91 21.43
C GLY Y 188 -11.07 -44.35 20.07
N PHE Y 189 -12.16 -44.81 19.46
CA PHE Y 189 -12.64 -44.27 18.20
C PHE Y 189 -13.75 -43.27 18.40
N ASN Y 190 -14.18 -43.07 19.64
CA ASN Y 190 -14.97 -41.89 19.97
C ASN Y 190 -14.06 -40.68 19.84
N PRO Y 191 -14.34 -39.76 18.92
CA PRO Y 191 -13.41 -38.65 18.67
C PRO Y 191 -13.39 -37.59 19.74
N PHE Y 192 -14.34 -37.62 20.67
CA PHE Y 192 -14.30 -36.73 21.80
C PHE Y 192 -13.56 -37.31 22.98
N ASN Y 193 -13.15 -38.57 22.89
CA ASN Y 193 -12.29 -39.18 23.88
C ASN Y 193 -10.85 -38.75 23.61
N PRO Y 194 -10.20 -38.05 24.54
CA PRO Y 194 -8.80 -37.69 24.30
C PRO Y 194 -7.85 -38.85 24.37
N GLY Y 195 -8.25 -39.96 25.01
CA GLY Y 195 -7.43 -41.16 25.03
C GLY Y 195 -7.32 -41.85 23.70
N GLY Y 196 -8.22 -41.55 22.77
CA GLY Y 196 -8.09 -42.09 21.43
C GLY Y 196 -6.95 -41.46 20.65
N ILE Y 197 -6.57 -40.24 21.01
CA ILE Y 197 -5.44 -39.59 20.35
C ILE Y 197 -4.13 -40.28 20.72
N ALA Y 198 -3.96 -40.64 21.99
CA ALA Y 198 -2.79 -41.39 22.41
C ALA Y 198 -2.79 -42.79 21.83
N ALA Y 199 -3.94 -43.45 21.84
CA ALA Y 199 -4.02 -44.82 21.34
C ALA Y 199 -3.87 -44.89 19.84
N HIS Y 200 -4.29 -43.84 19.12
CA HIS Y 200 -4.08 -43.82 17.68
C HIS Y 200 -2.60 -43.72 17.35
N HIS Y 201 -1.92 -42.74 17.93
CA HIS Y 201 -0.55 -42.46 17.55
C HIS Y 201 0.41 -43.54 18.03
N ILE Y 202 0.04 -44.32 19.04
CA ILE Y 202 0.85 -45.48 19.40
C ILE Y 202 0.63 -46.60 18.40
N ALA Y 203 -0.63 -46.90 18.07
CA ALA Y 203 -0.93 -48.02 17.20
C ALA Y 203 -0.58 -47.72 15.75
N ALA Y 204 -0.97 -46.54 15.26
CA ALA Y 204 -0.58 -46.15 13.91
C ALA Y 204 0.91 -45.87 13.81
N GLY Y 205 1.55 -45.50 14.90
CA GLY Y 205 2.99 -45.33 14.88
C GLY Y 205 3.72 -46.66 14.77
N ILE Y 206 3.17 -47.69 15.39
CA ILE Y 206 3.73 -49.03 15.27
C ILE Y 206 3.48 -49.58 13.87
N PHE Y 207 2.32 -49.27 13.31
CA PHE Y 207 2.03 -49.67 11.92
C PHE Y 207 2.96 -48.97 10.95
N GLY Y 208 3.27 -47.70 11.18
CA GLY Y 208 4.19 -46.99 10.32
C GLY Y 208 5.62 -47.41 10.48
N ILE Y 209 5.99 -47.94 11.64
CA ILE Y 209 7.35 -48.44 11.82
C ILE Y 209 7.55 -49.71 11.02
N PHE Y 210 6.63 -50.65 11.14
CA PHE Y 210 6.84 -51.97 10.56
C PHE Y 210 6.37 -52.07 9.11
N ALA Y 211 5.47 -51.20 8.66
CA ALA Y 211 5.33 -51.03 7.23
C ALA Y 211 6.52 -50.32 6.65
N GLY Y 212 7.14 -49.43 7.42
CA GLY Y 212 8.40 -48.85 7.03
C GLY Y 212 9.51 -49.87 6.97
N ILE Y 213 9.46 -50.88 7.84
CA ILE Y 213 10.40 -52.00 7.74
C ILE Y 213 10.14 -52.78 6.47
N PHE Y 214 8.88 -53.06 6.16
CA PHE Y 214 8.52 -53.79 4.95
C PHE Y 214 8.94 -53.02 3.71
N HIS Y 215 8.62 -51.73 3.65
CA HIS Y 215 8.91 -50.94 2.47
C HIS Y 215 10.39 -50.62 2.33
N LEU Y 216 11.20 -50.89 3.35
CA LEU Y 216 12.64 -50.78 3.26
C LEU Y 216 13.31 -52.01 2.68
N THR Y 217 12.66 -53.17 2.72
CA THR Y 217 13.30 -54.42 2.37
C THR Y 217 12.76 -55.09 1.13
N VAL Y 218 11.52 -54.81 0.75
CA VAL Y 218 10.85 -55.52 -0.32
C VAL Y 218 10.70 -54.60 -1.51
N ARG Y 219 11.23 -55.03 -2.65
CA ARG Y 219 11.10 -54.27 -3.88
C ARG Y 219 9.67 -54.36 -4.39
N PRO Y 220 9.20 -53.36 -5.14
CA PRO Y 220 7.84 -53.40 -5.66
C PRO Y 220 7.68 -54.48 -6.71
N PRO Y 221 6.46 -54.96 -6.92
CA PRO Y 221 6.21 -55.87 -8.04
C PRO Y 221 6.46 -55.19 -9.37
N GLN Y 222 6.80 -56.01 -10.36
CA GLN Y 222 7.06 -55.48 -11.70
C GLN Y 222 5.79 -54.90 -12.31
N ARG Y 223 4.65 -55.52 -12.02
CA ARG Y 223 3.38 -55.02 -12.53
C ARG Y 223 3.01 -53.70 -11.88
N LEU Y 224 3.23 -53.57 -10.57
CA LEU Y 224 2.86 -52.34 -9.88
C LEU Y 224 3.83 -51.22 -10.16
N TYR Y 225 5.09 -51.55 -10.42
CA TYR Y 225 6.07 -50.53 -10.79
C TYR Y 225 5.72 -49.89 -12.12
N ARG Y 226 5.27 -50.70 -13.07
CA ARG Y 226 4.92 -50.16 -14.38
C ARG Y 226 3.55 -49.49 -14.38
N ALA Y 227 2.60 -50.05 -13.63
CA ALA Y 227 1.26 -49.49 -13.62
C ALA Y 227 1.21 -48.15 -12.90
N LEU Y 228 1.86 -48.07 -11.75
CA LEU Y 228 1.84 -46.84 -10.97
C LEU Y 228 2.95 -45.89 -11.33
N ARG Y 229 3.80 -46.25 -12.30
CA ARG Y 229 4.87 -45.39 -12.84
C ARG Y 229 5.85 -44.96 -11.74
N MET Y 230 6.39 -45.95 -11.05
CA MET Y 230 7.19 -45.66 -9.86
C MET Y 230 8.59 -45.13 -10.17
N GLY Y 231 8.98 -45.08 -11.45
CA GLY Y 231 10.19 -44.36 -11.80
C GLY Y 231 9.97 -42.88 -12.01
N ASN Y 232 8.72 -42.45 -12.10
CA ASN Y 232 8.36 -41.06 -12.31
C ASN Y 232 8.06 -40.42 -10.97
N ILE Y 233 8.74 -39.30 -10.67
CA ILE Y 233 8.53 -38.65 -9.39
C ILE Y 233 7.18 -37.96 -9.32
N GLU Y 234 6.54 -37.69 -10.47
CA GLU Y 234 5.22 -37.10 -10.44
C GLU Y 234 4.13 -38.09 -10.03
N THR Y 235 4.41 -39.39 -9.98
CA THR Y 235 3.42 -40.29 -9.40
C THR Y 235 3.36 -40.13 -7.90
N VAL Y 236 4.45 -39.65 -7.30
CA VAL Y 236 4.46 -39.44 -5.87
C VAL Y 236 3.75 -38.16 -5.54
N LEU Y 237 3.89 -37.16 -6.41
CA LEU Y 237 3.20 -35.89 -6.21
C LEU Y 237 1.70 -36.04 -6.33
N SER Y 238 1.25 -36.92 -7.21
CA SER Y 238 -0.17 -37.16 -7.37
C SER Y 238 -0.78 -37.82 -6.16
N SER Y 239 -0.11 -38.85 -5.63
CA SER Y 239 -0.66 -39.57 -4.51
C SER Y 239 -0.44 -38.85 -3.20
N SER Y 240 0.59 -38.02 -3.09
CA SER Y 240 0.77 -37.22 -1.89
C SER Y 240 -0.24 -36.10 -1.83
N ILE Y 241 -0.59 -35.53 -2.99
CA ILE Y 241 -1.63 -34.50 -3.02
C ILE Y 241 -2.96 -35.10 -2.64
N SER Y 242 -3.21 -36.34 -3.07
CA SER Y 242 -4.43 -37.03 -2.70
C SER Y 242 -4.47 -37.35 -1.21
N ALA Y 243 -3.33 -37.72 -0.64
CA ALA Y 243 -3.27 -38.00 0.80
C ALA Y 243 -3.41 -36.74 1.64
N VAL Y 244 -3.15 -35.58 1.06
CA VAL Y 244 -3.11 -34.34 1.83
C VAL Y 244 -4.43 -33.60 1.70
N PHE Y 245 -5.17 -33.76 0.58
CA PHE Y 245 -6.51 -33.22 0.61
C PHE Y 245 -7.46 -34.12 1.38
N PHE Y 246 -7.18 -35.43 1.41
CA PHE Y 246 -7.93 -36.34 2.28
C PHE Y 246 -7.80 -35.90 3.73
N ALA Y 247 -6.58 -35.58 4.13
CA ALA Y 247 -6.32 -35.20 5.50
C ALA Y 247 -6.87 -33.83 5.82
N ALA Y 248 -6.92 -32.93 4.84
CA ALA Y 248 -7.47 -31.61 5.09
C ALA Y 248 -8.99 -31.60 5.13
N PHE Y 249 -9.64 -32.57 4.50
CA PHE Y 249 -11.07 -32.71 4.69
C PHE Y 249 -11.39 -33.27 6.06
N VAL Y 250 -10.49 -34.08 6.61
CA VAL Y 250 -10.69 -34.65 7.94
C VAL Y 250 -10.49 -33.58 9.00
N THR Y 251 -9.44 -32.76 8.86
CA THR Y 251 -9.21 -31.70 9.83
C THR Y 251 -10.28 -30.62 9.75
N SER Y 252 -10.86 -30.40 8.58
CA SER Y 252 -11.99 -29.48 8.48
C SER Y 252 -13.23 -30.08 9.11
N GLY Y 253 -13.38 -31.40 9.05
CA GLY Y 253 -14.52 -32.03 9.68
C GLY Y 253 -14.44 -32.00 11.19
N THR Y 254 -13.31 -32.42 11.75
CA THR Y 254 -13.19 -32.47 13.19
C THR Y 254 -13.09 -31.10 13.82
N MET Y 255 -12.67 -30.08 13.07
CA MET Y 255 -12.74 -28.73 13.58
C MET Y 255 -14.17 -28.22 13.61
N TRP Y 256 -14.93 -28.47 12.56
CA TRP Y 256 -16.26 -27.91 12.45
C TRP Y 256 -17.27 -28.65 13.31
N TYR Y 257 -17.15 -29.97 13.40
CA TYR Y 257 -18.05 -30.74 14.22
C TYR Y 257 -17.61 -30.82 15.66
N GLY Y 258 -16.33 -30.65 15.92
CA GLY Y 258 -15.82 -30.77 17.26
C GLY Y 258 -15.18 -32.11 17.49
N ALA Y 259 -14.11 -32.13 18.27
CA ALA Y 259 -13.43 -33.35 18.65
C ALA Y 259 -12.66 -33.06 19.92
N ALA Y 260 -12.03 -34.10 20.48
CA ALA Y 260 -11.09 -33.88 21.57
C ALA Y 260 -9.85 -33.15 21.11
N ALA Y 261 -9.51 -33.25 19.82
CA ALA Y 261 -8.41 -32.51 19.24
C ALA Y 261 -8.75 -31.05 18.95
N THR Y 262 -10.01 -30.64 19.11
CA THR Y 262 -10.42 -29.26 18.89
C THR Y 262 -11.25 -28.79 20.08
N PRO Y 263 -10.60 -28.41 21.17
CA PRO Y 263 -11.35 -28.03 22.38
C PRO Y 263 -11.92 -26.64 22.28
N ILE Y 264 -13.06 -26.44 22.93
CA ILE Y 264 -13.77 -25.17 22.81
C ILE Y 264 -13.17 -24.05 23.65
N GLU Y 265 -12.23 -24.35 24.55
CA GLU Y 265 -11.52 -23.29 25.23
C GLU Y 265 -10.38 -22.72 24.39
N LEU Y 266 -9.97 -23.43 23.35
CA LEU Y 266 -8.94 -22.94 22.46
C LEU Y 266 -9.48 -22.45 21.13
N PHE Y 267 -10.53 -23.07 20.61
CA PHE Y 267 -11.05 -22.70 19.30
C PHE Y 267 -12.44 -22.08 19.36
N GLY Y 268 -13.10 -22.12 20.51
CA GLY Y 268 -14.43 -21.61 20.61
C GLY Y 268 -15.46 -22.70 20.46
N PRO Y 269 -16.72 -22.39 20.75
CA PRO Y 269 -17.76 -23.39 20.58
C PRO Y 269 -18.04 -23.65 19.11
N THR Y 270 -18.75 -24.75 18.86
CA THR Y 270 -19.13 -25.07 17.50
C THR Y 270 -20.51 -24.50 17.20
N ARG Y 271 -20.90 -24.57 15.92
CA ARG Y 271 -22.22 -24.11 15.54
C ARG Y 271 -23.31 -25.06 16.02
N TYR Y 272 -22.95 -26.30 16.36
CA TYR Y 272 -23.92 -27.30 16.74
C TYR Y 272 -24.23 -27.26 18.21
N GLN Y 273 -23.38 -26.62 19.00
CA GLN Y 273 -23.70 -26.41 20.40
C GLN Y 273 -24.74 -25.32 20.58
N TRP Y 274 -24.82 -24.38 19.64
CA TRP Y 274 -25.88 -23.37 19.70
C TRP Y 274 -27.20 -23.92 19.16
N ASP Y 275 -27.13 -24.74 18.11
CA ASP Y 275 -28.35 -25.31 17.53
C ASP Y 275 -29.04 -26.26 18.49
N SER Y 276 -28.28 -27.16 19.09
CA SER Y 276 -28.86 -28.12 20.01
C SER Y 276 -29.19 -27.53 21.37
N GLY Y 277 -28.80 -26.29 21.64
CA GLY Y 277 -29.00 -25.71 22.96
C GLY Y 277 -28.12 -26.36 24.00
N TYR Y 278 -26.87 -26.61 23.66
CA TYR Y 278 -26.00 -27.46 24.48
C TYR Y 278 -25.63 -26.77 25.78
N PHE Y 279 -25.21 -25.52 25.70
CA PHE Y 279 -24.88 -24.78 26.91
C PHE Y 279 -26.12 -24.25 27.62
N GLN Y 280 -27.22 -24.04 26.89
CA GLN Y 280 -28.44 -23.59 27.52
C GLN Y 280 -29.06 -24.68 28.38
N GLN Y 281 -29.00 -25.93 27.92
CA GLN Y 281 -29.56 -27.04 28.69
C GLN Y 281 -28.75 -27.30 29.95
N GLU Y 282 -27.43 -27.17 29.87
CA GLU Y 282 -26.59 -27.36 31.04
C GLU Y 282 -26.75 -26.23 32.04
N ILE Y 283 -26.95 -25.01 31.55
CA ILE Y 283 -27.19 -23.87 32.43
C ILE Y 283 -28.51 -24.05 33.17
N GLU Y 284 -29.53 -24.57 32.49
CA GLU Y 284 -30.78 -24.92 33.17
C GLU Y 284 -30.57 -26.05 34.17
N ARG Y 285 -29.81 -27.07 33.78
CA ARG Y 285 -29.61 -28.24 34.63
C ARG Y 285 -28.83 -27.90 35.90
N GLN Y 286 -27.93 -26.93 35.82
CA GLN Y 286 -27.24 -26.48 37.03
C GLN Y 286 -28.16 -25.63 37.90
N VAL Y 287 -29.05 -24.87 37.29
CA VAL Y 287 -29.96 -24.01 38.04
C VAL Y 287 -31.00 -24.86 38.78
N GLU Y 288 -31.49 -25.92 38.13
CA GLU Y 288 -32.57 -26.72 38.73
C GLU Y 288 -32.07 -27.60 39.86
N THR Y 289 -30.80 -28.01 39.83
CA THR Y 289 -30.25 -28.67 41.01
C THR Y 289 -29.96 -27.70 42.14
N SER Y 290 -29.73 -26.43 41.82
CA SER Y 290 -29.52 -25.45 42.87
C SER Y 290 -30.82 -25.03 43.53
N VAL Y 291 -31.91 -24.92 42.77
CA VAL Y 291 -33.20 -24.67 43.41
C VAL Y 291 -33.75 -25.93 44.06
N SER Y 292 -33.20 -27.11 43.73
CA SER Y 292 -33.58 -28.31 44.45
C SER Y 292 -32.97 -28.33 45.84
N GLU Y 293 -31.76 -27.81 45.99
CA GLU Y 293 -31.11 -27.77 47.30
C GLU Y 293 -31.37 -26.46 48.04
N GLY Y 294 -32.64 -26.04 48.05
CA GLY Y 294 -33.09 -24.95 48.90
C GLY Y 294 -32.52 -23.58 48.61
N LEU Y 295 -32.17 -23.29 47.37
CA LEU Y 295 -31.75 -21.95 47.00
C LEU Y 295 -32.86 -21.27 46.21
N SER Y 296 -32.83 -19.94 46.23
CA SER Y 296 -33.81 -19.15 45.49
C SER Y 296 -33.48 -19.18 44.00
N GLU Y 297 -34.28 -18.46 43.22
CA GLU Y 297 -33.94 -18.26 41.81
C GLU Y 297 -32.72 -17.36 41.67
N SER Y 298 -32.63 -16.31 42.48
CA SER Y 298 -31.51 -15.40 42.39
C SER Y 298 -30.21 -16.03 42.86
N GLN Y 299 -30.27 -16.95 43.82
CA GLN Y 299 -29.07 -17.61 44.30
C GLN Y 299 -28.62 -18.72 43.36
N ALA Y 300 -29.56 -19.37 42.68
CA ALA Y 300 -29.22 -20.40 41.72
C ALA Y 300 -28.52 -19.80 40.52
N TRP Y 301 -29.07 -18.71 39.99
CA TRP Y 301 -28.50 -18.10 38.79
C TRP Y 301 -27.20 -17.37 39.06
N SER Y 302 -26.94 -16.99 40.32
CA SER Y 302 -25.66 -16.41 40.66
C SER Y 302 -24.55 -17.45 40.78
N ARG Y 303 -24.92 -18.73 40.87
CA ARG Y 303 -23.94 -19.80 40.87
C ARG Y 303 -23.45 -20.17 39.48
N ILE Y 304 -24.12 -19.70 38.44
CA ILE Y 304 -23.71 -20.00 37.06
C ILE Y 304 -22.43 -19.24 36.75
N PRO Y 305 -21.36 -19.91 36.31
CA PRO Y 305 -20.15 -19.19 35.95
C PRO Y 305 -20.35 -18.39 34.68
N ASP Y 306 -19.67 -17.24 34.63
CA ASP Y 306 -19.81 -16.38 33.46
C ASP Y 306 -19.15 -16.99 32.23
N LYS Y 307 -18.19 -17.88 32.42
CA LYS Y 307 -17.62 -18.62 31.29
C LYS Y 307 -18.65 -19.54 30.67
N LEU Y 308 -19.54 -20.10 31.48
CA LEU Y 308 -20.59 -20.97 30.96
C LEU Y 308 -21.67 -20.16 30.26
N ALA Y 309 -21.98 -18.98 30.79
CA ALA Y 309 -22.98 -18.13 30.15
C ALA Y 309 -22.44 -17.49 28.87
N PHE Y 310 -21.12 -17.33 28.78
CA PHE Y 310 -20.54 -16.72 27.59
C PHE Y 310 -20.60 -17.65 26.39
N TYR Y 311 -20.53 -18.96 26.61
CA TYR Y 311 -20.68 -19.90 25.53
C TYR Y 311 -22.10 -19.93 24.98
N ASP Y 312 -23.08 -19.57 25.78
CA ASP Y 312 -24.48 -19.58 25.38
C ASP Y 312 -24.92 -18.23 24.83
N TYR Y 313 -24.17 -17.74 23.86
CA TYR Y 313 -24.41 -16.42 23.28
C TYR Y 313 -24.05 -16.51 21.81
N ILE Y 314 -24.92 -16.01 20.94
CA ILE Y 314 -24.80 -16.25 19.50
C ILE Y 314 -23.63 -15.52 18.85
N GLY Y 315 -23.02 -14.55 19.53
CA GLY Y 315 -21.84 -13.93 18.96
C GLY Y 315 -20.61 -14.79 19.03
N ASN Y 316 -20.64 -15.86 19.83
CA ASN Y 316 -19.58 -16.84 19.87
C ASN Y 316 -19.82 -18.01 18.95
N ASN Y 317 -20.93 -18.01 18.23
CA ASN Y 317 -21.18 -19.01 17.21
C ASN Y 317 -20.24 -18.77 16.03
N PRO Y 318 -19.51 -19.79 15.57
CA PRO Y 318 -18.63 -19.58 14.41
C PRO Y 318 -19.38 -19.45 13.10
N ALA Y 319 -20.66 -19.82 13.07
CA ALA Y 319 -21.48 -19.67 11.87
C ALA Y 319 -22.27 -18.38 11.86
N LYS Y 320 -21.77 -17.34 12.51
CA LYS Y 320 -22.43 -16.04 12.54
C LYS Y 320 -21.60 -14.93 11.93
N GLY Y 321 -20.46 -15.23 11.35
CA GLY Y 321 -19.58 -14.23 10.81
C GLY Y 321 -19.82 -13.95 9.35
N GLY Y 322 -18.83 -13.35 8.71
CA GLY Y 322 -18.88 -13.07 7.30
C GLY Y 322 -17.52 -13.28 6.68
N LEU Y 323 -17.53 -13.48 5.37
CA LEU Y 323 -16.31 -13.78 4.64
C LEU Y 323 -15.33 -12.61 4.65
N PHE Y 324 -15.85 -11.39 4.69
CA PHE Y 324 -15.01 -10.21 4.62
C PHE Y 324 -15.13 -9.34 5.86
N ARG Y 325 -15.87 -9.79 6.86
CA ARG Y 325 -15.80 -9.19 8.18
C ARG Y 325 -14.50 -9.62 8.81
N ALA Y 326 -13.49 -8.78 8.71
CA ALA Y 326 -12.13 -9.15 9.02
C ALA Y 326 -11.82 -8.92 10.50
N GLY Y 327 -11.00 -9.80 11.06
CA GLY Y 327 -10.42 -9.58 12.36
C GLY Y 327 -10.96 -10.46 13.46
N PRO Y 328 -10.65 -10.12 14.69
CA PRO Y 328 -11.12 -10.90 15.84
C PRO Y 328 -12.62 -10.78 16.04
N MET Y 329 -13.15 -11.66 16.87
CA MET Y 329 -14.54 -11.56 17.29
C MET Y 329 -14.79 -10.34 18.17
N ASN Y 330 -13.76 -9.84 18.85
CA ASN Y 330 -13.90 -8.61 19.63
C ASN Y 330 -14.12 -7.41 18.74
N LYS Y 331 -13.68 -7.48 17.48
CA LYS Y 331 -13.93 -6.41 16.53
C LYS Y 331 -15.40 -6.30 16.16
N GLY Y 332 -16.19 -7.34 16.38
CA GLY Y 332 -17.59 -7.26 16.10
C GLY Y 332 -18.47 -6.62 17.16
N ASP Y 333 -18.59 -7.26 18.31
CA ASP Y 333 -19.49 -6.83 19.35
C ASP Y 333 -18.79 -6.08 20.48
N GLY Y 334 -17.47 -6.11 20.52
CA GLY Y 334 -16.72 -5.54 21.61
C GLY Y 334 -16.03 -6.61 22.43
N ILE Y 335 -15.31 -6.16 23.43
CA ILE Y 335 -14.68 -7.05 24.39
C ILE Y 335 -15.65 -7.27 25.54
N ALA Y 336 -15.94 -8.54 25.82
CA ALA Y 336 -16.92 -8.87 26.85
C ALA Y 336 -16.39 -8.52 28.23
N GLU Y 337 -17.26 -7.92 29.04
CA GLU Y 337 -16.87 -7.42 30.35
C GLU Y 337 -17.63 -8.06 31.49
N ALA Y 338 -18.95 -8.18 31.40
CA ALA Y 338 -19.72 -8.70 32.51
C ALA Y 338 -21.01 -9.32 32.01
N TRP Y 339 -21.42 -10.39 32.67
CA TRP Y 339 -22.71 -10.98 32.39
C TRP Y 339 -23.79 -10.16 33.05
N LEU Y 340 -24.81 -9.78 32.28
CA LEU Y 340 -25.88 -8.96 32.83
C LEU Y 340 -26.85 -9.76 33.68
N GLY Y 341 -26.81 -11.08 33.59
CA GLY Y 341 -27.76 -11.92 34.28
C GLY Y 341 -28.75 -12.54 33.33
N HIS Y 342 -29.56 -13.43 33.88
CA HIS Y 342 -30.53 -14.13 33.08
C HIS Y 342 -31.87 -13.43 33.19
N PRO Y 343 -32.40 -12.90 32.10
CA PRO Y 343 -33.74 -12.31 32.15
C PRO Y 343 -34.81 -13.37 32.18
N ILE Y 344 -35.84 -13.13 33.00
CA ILE Y 344 -37.04 -13.95 33.01
C ILE Y 344 -38.20 -13.03 32.72
N PHE Y 345 -38.88 -13.29 31.61
CA PHE Y 345 -39.98 -12.45 31.16
C PHE Y 345 -41.29 -13.03 31.64
N ARG Y 346 -42.10 -12.20 32.30
CA ARG Y 346 -43.42 -12.58 32.74
C ARG Y 346 -44.42 -11.52 32.33
N ASP Y 347 -45.59 -11.95 31.91
CA ASP Y 347 -46.71 -11.04 31.71
C ASP Y 347 -47.52 -10.93 32.99
N LYS Y 348 -48.71 -10.32 32.87
CA LYS Y 348 -49.47 -9.89 34.05
C LYS Y 348 -50.00 -11.06 34.87
N GLU Y 349 -50.39 -12.16 34.23
CA GLU Y 349 -50.86 -13.31 34.98
C GLU Y 349 -49.74 -14.07 35.69
N GLY Y 350 -48.51 -14.03 35.18
CA GLY Y 350 -47.37 -14.49 35.93
C GLY Y 350 -46.60 -15.66 35.35
N ARG Y 351 -47.04 -16.31 34.26
CA ARG Y 351 -46.26 -17.42 33.77
C ARG Y 351 -45.06 -16.90 32.96
N GLU Y 352 -43.99 -17.69 32.96
CA GLU Y 352 -42.74 -17.26 32.37
C GLU Y 352 -42.80 -17.32 30.85
N LEU Y 353 -42.42 -16.22 30.21
CA LEU Y 353 -42.24 -16.18 28.77
C LEU Y 353 -40.75 -16.22 28.44
N THR Y 354 -40.41 -16.87 27.34
CA THR Y 354 -39.04 -16.92 26.88
C THR Y 354 -38.98 -16.38 25.46
N VAL Y 355 -37.94 -15.60 25.19
CA VAL Y 355 -37.73 -15.07 23.84
C VAL Y 355 -37.17 -16.20 22.98
N ARG Y 356 -37.79 -16.41 21.83
CA ARG Y 356 -37.32 -17.39 20.87
C ARG Y 356 -35.96 -16.95 20.33
N ARG Y 357 -34.96 -17.81 20.44
CA ARG Y 357 -33.61 -17.44 20.10
C ARG Y 357 -33.42 -17.39 18.59
N MET Y 358 -32.48 -16.57 18.16
CA MET Y 358 -32.20 -16.44 16.74
C MET Y 358 -31.47 -17.67 16.24
N PRO Y 359 -31.94 -18.32 15.19
CA PRO Y 359 -31.15 -19.39 14.59
C PRO Y 359 -29.99 -18.82 13.80
N ALA Y 360 -29.00 -19.67 13.53
CA ALA Y 360 -27.77 -19.22 12.90
C ALA Y 360 -27.93 -18.89 11.42
N PHE Y 361 -29.03 -19.30 10.78
CA PHE Y 361 -29.28 -18.90 9.41
C PHE Y 361 -29.59 -17.42 9.30
N PHE Y 362 -30.17 -16.84 10.33
CA PHE Y 362 -30.88 -15.58 10.23
C PHE Y 362 -29.93 -14.44 10.60
N GLU Y 363 -29.74 -13.50 9.68
CA GLU Y 363 -29.06 -12.27 10.06
C GLU Y 363 -29.97 -11.40 10.91
N THR Y 364 -31.24 -11.29 10.55
CA THR Y 364 -32.25 -10.63 11.34
C THR Y 364 -33.32 -11.63 11.72
N PHE Y 365 -33.98 -11.38 12.85
CA PHE Y 365 -34.98 -12.29 13.36
C PHE Y 365 -36.01 -11.50 14.14
N PRO Y 366 -37.30 -11.83 14.02
CA PRO Y 366 -38.31 -11.10 14.78
C PRO Y 366 -38.30 -11.47 16.25
N VAL Y 367 -38.50 -10.46 17.09
CA VAL Y 367 -38.50 -10.65 18.54
C VAL Y 367 -39.86 -11.18 18.96
N ILE Y 368 -39.87 -12.39 19.51
CA ILE Y 368 -41.09 -13.14 19.78
C ILE Y 368 -40.96 -13.83 21.12
N LEU Y 369 -41.96 -13.68 21.98
CA LEU Y 369 -41.99 -14.29 23.30
C LEU Y 369 -43.02 -15.41 23.31
N VAL Y 370 -42.59 -16.61 23.69
CA VAL Y 370 -43.49 -17.75 23.77
C VAL Y 370 -43.52 -18.24 25.21
N ASP Y 371 -44.56 -18.98 25.55
CA ASP Y 371 -44.65 -19.60 26.86
C ASP Y 371 -44.04 -21.00 26.77
N LYS Y 372 -44.28 -21.82 27.80
CA LYS Y 372 -43.75 -23.17 27.83
C LYS Y 372 -44.36 -24.08 26.78
N ASP Y 373 -45.53 -23.73 26.24
CA ASP Y 373 -46.18 -24.51 25.21
C ASP Y 373 -45.81 -24.03 23.81
N GLY Y 374 -44.96 -23.02 23.70
CA GLY Y 374 -44.59 -22.46 22.41
C GLY Y 374 -45.63 -21.54 21.80
N ILE Y 375 -46.74 -21.28 22.50
CA ILE Y 375 -47.77 -20.39 22.01
C ILE Y 375 -47.28 -18.95 22.09
N ILE Y 376 -47.54 -18.17 21.05
CA ILE Y 376 -47.13 -16.77 21.02
C ILE Y 376 -47.92 -16.00 22.06
N ARG Y 377 -47.23 -15.30 22.95
CA ARG Y 377 -47.88 -14.45 23.92
C ARG Y 377 -47.55 -12.98 23.76
N ALA Y 378 -46.35 -12.66 23.30
CA ALA Y 378 -45.95 -11.28 23.10
C ALA Y 378 -44.91 -11.22 22.00
N ASP Y 379 -44.81 -10.05 21.37
CA ASP Y 379 -43.77 -9.81 20.39
C ASP Y 379 -43.51 -8.31 20.28
N ILE Y 380 -42.65 -7.94 19.34
CA ILE Y 380 -42.41 -6.56 18.96
C ILE Y 380 -42.90 -6.39 17.52
N PRO Y 381 -44.02 -5.74 17.30
CA PRO Y 381 -44.64 -5.77 15.97
C PRO Y 381 -43.95 -4.84 14.97
N PHE Y 382 -43.82 -5.34 13.75
CA PHE Y 382 -43.43 -4.49 12.63
C PHE Y 382 -44.48 -3.44 12.36
N ARG Y 383 -45.68 -3.89 11.99
CA ARG Y 383 -46.82 -3.00 11.85
C ARG Y 383 -47.55 -2.89 13.18
N ARG Y 384 -47.83 -1.68 13.61
CA ARG Y 384 -48.33 -1.42 14.95
C ARG Y 384 -49.84 -1.23 15.02
N ALA Y 385 -50.54 -1.24 13.90
CA ALA Y 385 -51.93 -0.77 13.89
C ALA Y 385 -52.91 -1.78 14.46
N GLU Y 386 -53.06 -2.94 13.81
CA GLU Y 386 -53.92 -3.98 14.36
C GLU Y 386 -53.12 -5.02 15.13
N SER Y 387 -52.07 -4.56 15.79
CA SER Y 387 -51.24 -5.43 16.61
C SER Y 387 -51.99 -5.88 17.85
N LYS Y 388 -51.89 -7.17 18.18
CA LYS Y 388 -52.58 -7.70 19.35
C LYS Y 388 -51.66 -8.37 20.37
N TYR Y 389 -50.42 -8.67 20.02
CA TYR Y 389 -49.49 -9.29 20.94
C TYR Y 389 -48.32 -8.37 21.23
N SER Y 390 -48.55 -7.07 21.23
CA SER Y 390 -47.48 -6.17 21.59
C SER Y 390 -47.23 -6.21 23.09
N ILE Y 391 -46.03 -5.78 23.49
CA ILE Y 391 -45.63 -5.87 24.90
C ILE Y 391 -46.40 -4.85 25.73
N GLU Y 392 -46.83 -3.73 25.13
CA GLU Y 392 -47.67 -2.78 25.85
C GLU Y 392 -49.06 -3.33 26.15
N GLN Y 393 -49.61 -4.18 25.28
CA GLN Y 393 -50.91 -4.77 25.56
C GLN Y 393 -50.81 -5.85 26.62
N VAL Y 394 -49.91 -6.82 26.41
CA VAL Y 394 -49.80 -7.97 27.29
C VAL Y 394 -49.22 -7.60 28.64
N GLY Y 395 -48.42 -6.54 28.71
CA GLY Y 395 -47.88 -6.11 29.98
C GLY Y 395 -46.78 -7.01 30.48
N VAL Y 396 -45.76 -7.20 29.66
CA VAL Y 396 -44.67 -8.09 30.00
C VAL Y 396 -43.69 -7.34 30.89
N THR Y 397 -43.30 -7.97 32.00
CA THR Y 397 -42.24 -7.47 32.85
C THR Y 397 -41.07 -8.45 32.79
N VAL Y 398 -39.89 -7.95 33.12
CA VAL Y 398 -38.69 -8.77 33.07
C VAL Y 398 -37.98 -8.70 34.42
N ASP Y 399 -37.66 -9.86 34.97
CA ASP Y 399 -36.86 -10.00 36.17
C ASP Y 399 -35.52 -10.60 35.78
N PHE Y 400 -34.45 -10.03 36.29
CA PHE Y 400 -33.13 -10.60 36.06
C PHE Y 400 -32.71 -11.43 37.26
N TYR Y 401 -31.83 -12.39 37.01
CA TYR Y 401 -31.36 -13.30 38.03
C TYR Y 401 -29.91 -13.61 37.76
N GLY Y 402 -29.05 -13.44 38.76
CA GLY Y 402 -27.64 -13.57 38.55
C GLY Y 402 -27.06 -12.38 37.82
N GLY Y 403 -25.76 -12.45 37.57
CA GLY Y 403 -25.10 -11.40 36.80
C GLY Y 403 -24.98 -10.11 37.58
N LYS Y 404 -24.95 -9.01 36.83
CA LYS Y 404 -24.77 -7.69 37.43
C LYS Y 404 -26.09 -6.95 37.65
N LEU Y 405 -27.19 -7.46 37.11
CA LEU Y 405 -28.51 -6.89 37.33
C LEU Y 405 -29.35 -7.78 38.23
N ASN Y 406 -28.72 -8.36 39.26
CA ASN Y 406 -29.19 -9.60 39.87
C ASN Y 406 -30.55 -9.46 40.55
N GLY Y 407 -30.70 -8.47 41.42
CA GLY Y 407 -32.05 -8.22 41.86
C GLY Y 407 -32.58 -6.92 41.28
N GLN Y 408 -33.34 -7.01 40.19
CA GLN Y 408 -33.77 -5.83 39.46
C GLN Y 408 -34.96 -6.22 38.59
N THR Y 409 -36.01 -5.42 38.69
CA THR Y 409 -37.25 -5.66 37.95
C THR Y 409 -37.52 -4.48 37.05
N PHE Y 410 -37.90 -4.75 35.81
CA PHE Y 410 -38.27 -3.72 34.86
C PHE Y 410 -39.68 -4.00 34.40
N LYS Y 411 -40.57 -3.01 34.56
CA LYS Y 411 -41.98 -3.18 34.23
C LYS Y 411 -42.46 -2.26 33.12
N ASP Y 412 -41.78 -1.16 32.86
CA ASP Y 412 -42.20 -0.28 31.78
C ASP Y 412 -41.82 -0.90 30.44
N ALA Y 413 -42.77 -0.92 29.52
CA ALA Y 413 -42.56 -1.56 28.22
C ALA Y 413 -41.44 -1.00 27.34
N PRO Y 414 -40.99 0.27 27.44
CA PRO Y 414 -39.76 0.62 26.71
C PRO Y 414 -38.52 -0.17 27.07
N THR Y 415 -38.25 -0.39 28.35
CA THR Y 415 -37.05 -1.13 28.70
C THR Y 415 -37.24 -2.64 28.66
N VAL Y 416 -38.49 -3.12 28.72
CA VAL Y 416 -38.73 -4.54 28.51
C VAL Y 416 -38.49 -4.91 27.05
N LYS Y 417 -38.85 -3.99 26.14
CA LYS Y 417 -38.59 -4.20 24.72
C LYS Y 417 -37.10 -4.14 24.40
N LYS Y 418 -36.34 -3.33 25.14
CA LYS Y 418 -34.91 -3.30 24.94
C LYS Y 418 -34.24 -4.58 25.40
N PHE Y 419 -34.78 -5.21 26.45
CA PHE Y 419 -34.20 -6.46 26.94
C PHE Y 419 -34.68 -7.67 26.16
N ALA Y 420 -35.84 -7.57 25.51
CA ALA Y 420 -36.30 -8.68 24.68
C ALA Y 420 -35.49 -8.77 23.40
N ARG Y 421 -34.95 -7.64 22.92
CA ARG Y 421 -34.16 -7.66 21.70
C ARG Y 421 -32.81 -8.32 21.92
N LYS Y 422 -32.22 -8.14 23.10
CA LYS Y 422 -30.94 -8.76 23.38
C LYS Y 422 -31.07 -10.18 23.93
N ALA Y 423 -32.26 -10.59 24.36
CA ALA Y 423 -32.45 -11.93 24.87
C ALA Y 423 -32.60 -12.97 23.76
N GLN Y 424 -32.83 -12.54 22.52
CA GLN Y 424 -32.86 -13.48 21.41
C GLN Y 424 -31.47 -13.83 20.90
N LEU Y 425 -30.44 -13.17 21.42
CA LEU Y 425 -29.06 -13.53 21.13
C LEU Y 425 -28.44 -14.40 22.21
N GLY Y 426 -29.27 -14.97 23.09
CA GLY Y 426 -28.77 -15.81 24.14
C GLY Y 426 -28.52 -15.05 25.42
N GLU Y 427 -27.48 -15.43 26.16
CA GLU Y 427 -27.16 -14.74 27.40
C GLU Y 427 -26.56 -13.37 27.09
N VAL Y 428 -27.01 -12.37 27.84
CA VAL Y 428 -26.71 -10.97 27.57
C VAL Y 428 -25.48 -10.56 28.34
N PHE Y 429 -24.52 -9.97 27.65
CA PHE Y 429 -23.28 -9.52 28.25
C PHE Y 429 -23.07 -8.05 27.99
N GLU Y 430 -22.37 -7.39 28.91
CA GLU Y 430 -21.93 -6.03 28.72
C GLU Y 430 -20.60 -6.05 27.97
N PHE Y 431 -20.52 -5.27 26.90
CA PHE Y 431 -19.35 -5.26 26.05
C PHE Y 431 -18.68 -3.90 26.08
N ASP Y 432 -17.43 -3.88 25.65
CA ASP Y 432 -16.65 -2.66 25.49
C ASP Y 432 -16.39 -2.51 23.99
N ARG Y 433 -17.18 -1.69 23.32
CA ARG Y 433 -17.08 -1.54 21.87
C ARG Y 433 -16.28 -0.30 21.48
N THR Y 434 -15.45 0.22 22.38
CA THR Y 434 -14.62 1.37 22.09
C THR Y 434 -13.13 1.09 22.07
N SER Y 435 -12.68 -0.06 22.58
CA SER Y 435 -11.25 -0.36 22.52
C SER Y 435 -10.83 -0.73 21.11
N LEU Y 436 -11.57 -1.63 20.47
CA LEU Y 436 -11.31 -2.01 19.09
C LEU Y 436 -12.14 -1.21 18.10
N GLU Y 437 -12.97 -0.28 18.60
CA GLU Y 437 -13.92 0.49 17.81
C GLU Y 437 -14.83 -0.43 16.99
N SER Y 438 -15.58 -1.24 17.72
CA SER Y 438 -16.33 -2.34 17.13
C SER Y 438 -17.52 -1.85 16.31
N ASP Y 439 -17.77 -2.52 15.19
CA ASP Y 439 -18.75 -2.03 14.23
C ASP Y 439 -20.17 -2.50 14.53
N GLY Y 440 -20.33 -3.72 15.03
CA GLY Y 440 -21.64 -4.17 15.42
C GLY Y 440 -22.15 -5.35 14.62
N VAL Y 441 -21.27 -6.02 13.90
CA VAL Y 441 -21.62 -7.21 13.14
C VAL Y 441 -20.69 -8.34 13.55
N PHE Y 442 -21.26 -9.53 13.73
CA PHE Y 442 -20.51 -10.64 14.31
C PHE Y 442 -19.43 -11.15 13.37
N ARG Y 443 -18.28 -11.50 13.93
CA ARG Y 443 -17.24 -12.19 13.19
C ARG Y 443 -17.25 -13.67 13.49
N SER Y 444 -16.46 -14.40 12.71
CA SER Y 444 -16.32 -15.83 12.91
C SER Y 444 -15.14 -16.12 13.84
N SER Y 445 -15.18 -17.30 14.42
CA SER Y 445 -14.16 -17.76 15.35
C SER Y 445 -12.99 -18.31 14.56
N PRO Y 446 -11.84 -18.58 15.21
CA PRO Y 446 -10.79 -19.35 14.54
C PRO Y 446 -11.18 -20.75 14.12
N ARG Y 447 -12.18 -21.35 14.79
CA ARG Y 447 -12.72 -22.62 14.35
C ARG Y 447 -13.40 -22.49 13.00
N GLY Y 448 -14.15 -21.41 12.80
CA GLY Y 448 -14.77 -21.18 11.51
C GLY Y 448 -13.78 -20.82 10.43
N TRP Y 449 -12.71 -20.11 10.79
CA TRP Y 449 -11.74 -19.70 9.78
C TRP Y 449 -10.89 -20.88 9.32
N TYR Y 450 -10.52 -21.77 10.26
CA TYR Y 450 -9.77 -22.96 9.90
C TYR Y 450 -10.53 -23.81 8.90
N THR Y 451 -11.81 -24.02 9.15
CA THR Y 451 -12.62 -24.84 8.27
C THR Y 451 -12.79 -24.19 6.91
N TYR Y 452 -12.79 -22.86 6.86
CA TYR Y 452 -12.88 -22.17 5.58
C TYR Y 452 -11.64 -22.41 4.74
N GLY Y 453 -10.47 -22.20 5.33
CA GLY Y 453 -9.23 -22.34 4.57
C GLY Y 453 -8.97 -23.77 4.16
N HIS Y 454 -9.15 -24.70 5.08
CA HIS Y 454 -8.71 -26.05 4.82
C HIS Y 454 -9.73 -26.87 4.04
N ALA Y 455 -11.00 -26.48 4.02
CA ALA Y 455 -11.92 -27.12 3.11
C ALA Y 455 -11.89 -26.52 1.72
N ASN Y 456 -11.45 -25.27 1.60
CA ASN Y 456 -11.22 -24.71 0.27
C ASN Y 456 -9.88 -25.11 -0.29
N PHE Y 457 -8.88 -25.29 0.56
CA PHE Y 457 -7.61 -25.82 0.09
C PHE Y 457 -7.75 -27.26 -0.35
N ALA Y 458 -8.53 -28.06 0.39
CA ALA Y 458 -8.72 -29.46 0.04
C ALA Y 458 -9.48 -29.61 -1.27
N LEU Y 459 -10.39 -28.69 -1.57
CA LEU Y 459 -11.08 -28.73 -2.84
C LEU Y 459 -10.15 -28.38 -3.99
N LEU Y 460 -9.34 -27.33 -3.81
CA LEU Y 460 -8.36 -26.96 -4.82
C LEU Y 460 -7.29 -28.03 -4.98
N PHE Y 461 -6.96 -28.74 -3.91
CA PHE Y 461 -5.98 -29.79 -4.02
C PHE Y 461 -6.54 -31.03 -4.66
N PHE Y 462 -7.85 -31.19 -4.71
CA PHE Y 462 -8.41 -32.30 -5.46
C PHE Y 462 -8.18 -32.13 -6.96
N PHE Y 463 -8.21 -30.88 -7.45
CA PHE Y 463 -7.87 -30.63 -8.85
C PHE Y 463 -6.40 -30.92 -9.11
N GLY Y 464 -5.53 -30.62 -8.15
CA GLY Y 464 -4.12 -30.93 -8.31
C GLY Y 464 -3.84 -32.42 -8.33
N HIS Y 465 -4.68 -33.20 -7.66
CA HIS Y 465 -4.56 -34.65 -7.76
C HIS Y 465 -4.94 -35.13 -9.14
N LEU Y 466 -5.99 -34.55 -9.72
CA LEU Y 466 -6.42 -34.95 -11.06
C LEU Y 466 -5.43 -34.50 -12.11
N TRP Y 467 -4.85 -33.31 -11.93
CA TRP Y 467 -3.90 -32.80 -12.90
C TRP Y 467 -2.60 -33.59 -12.87
N HIS Y 468 -2.00 -33.72 -11.69
CA HIS Y 468 -0.72 -34.37 -11.59
C HIS Y 468 -0.83 -35.88 -11.74
N GLY Y 469 -2.00 -36.45 -11.48
CA GLY Y 469 -2.22 -37.85 -11.76
C GLY Y 469 -2.40 -38.12 -13.23
N GLY Y 470 -3.17 -37.27 -13.90
CA GLY Y 470 -3.27 -37.36 -15.34
C GLY Y 470 -1.96 -37.04 -16.03
N ARG Y 471 -1.11 -36.23 -15.41
CA ARG Y 471 0.18 -35.95 -16.00
C ARG Y 471 1.16 -37.10 -15.82
N THR Y 472 0.90 -37.99 -14.86
CA THR Y 472 1.79 -39.12 -14.65
C THR Y 472 1.50 -40.25 -15.62
N ILE Y 473 0.23 -40.65 -15.70
CA ILE Y 473 -0.18 -41.78 -16.52
C ILE Y 473 0.01 -41.48 -17.99
N PHE Y 474 -0.19 -40.22 -18.37
CA PHE Y 474 -0.20 -39.82 -19.77
C PHE Y 474 1.08 -39.11 -20.17
N ARG Y 475 2.19 -39.42 -19.50
CA ARG Y 475 3.42 -38.66 -19.64
C ARG Y 475 3.99 -38.73 -21.05
N ASP Y 476 3.78 -39.83 -21.75
CA ASP Y 476 4.31 -39.98 -23.10
C ASP Y 476 3.52 -39.21 -24.16
N VAL Y 477 2.44 -38.53 -23.83
CA VAL Y 477 1.69 -37.79 -24.84
C VAL Y 477 1.42 -36.35 -24.43
N PHE Y 478 2.19 -35.79 -23.52
CA PHE Y 478 1.88 -34.42 -23.09
C PHE Y 478 2.53 -33.35 -23.93
N THR Y 479 3.33 -33.70 -24.93
CA THR Y 479 3.70 -32.76 -25.97
C THR Y 479 2.78 -32.86 -27.17
N GLY Y 480 1.72 -33.64 -27.07
CA GLY Y 480 0.84 -33.95 -28.18
C GLY Y 480 0.89 -35.43 -28.49
N ILE Y 481 0.04 -35.82 -29.43
CA ILE Y 481 -0.05 -37.22 -29.84
C ILE Y 481 0.53 -37.35 -31.24
N GLY Y 482 0.83 -38.58 -31.61
CA GLY Y 482 1.29 -38.86 -32.94
C GLY Y 482 0.14 -38.99 -33.92
N ALA Y 483 0.38 -38.52 -35.14
CA ALA Y 483 -0.62 -38.67 -36.20
C ALA Y 483 -0.59 -40.05 -36.84
N GLU Y 484 0.31 -40.92 -36.41
CA GLU Y 484 0.38 -42.28 -36.91
C GLU Y 484 0.39 -43.27 -35.76
N ILE Z 1 -37.31 -37.20 -60.17
CA ILE Z 1 -37.15 -36.33 -59.00
C ILE Z 1 -36.15 -35.22 -59.29
N ALA Z 2 -36.16 -34.72 -60.53
CA ALA Z 2 -35.30 -33.61 -60.91
C ALA Z 2 -35.76 -32.34 -60.22
N GLY Z 3 -34.86 -31.68 -59.50
CA GLY Z 3 -35.20 -30.53 -58.72
C GLY Z 3 -35.81 -30.84 -57.36
N ARG Z 4 -35.79 -32.10 -56.94
CA ARG Z 4 -36.46 -32.50 -55.71
C ARG Z 4 -35.54 -33.32 -54.81
N ASP Z 5 -34.24 -33.29 -55.06
CA ASP Z 5 -33.27 -33.94 -54.19
C ASP Z 5 -32.07 -33.02 -54.07
N ILE Z 6 -31.13 -33.39 -53.18
CA ILE Z 6 -29.99 -32.53 -52.92
C ILE Z 6 -28.98 -32.57 -54.06
N GLU Z 7 -28.97 -33.64 -54.86
CA GLU Z 7 -28.01 -33.75 -55.95
C GLU Z 7 -28.34 -32.85 -57.13
N SER Z 8 -29.59 -32.48 -57.30
CA SER Z 8 -29.97 -31.57 -58.38
C SER Z 8 -30.07 -30.13 -57.93
N THR Z 9 -30.33 -29.88 -56.64
CA THR Z 9 -30.57 -28.53 -56.17
C THR Z 9 -29.45 -27.99 -55.30
N GLY Z 10 -28.73 -28.84 -54.60
CA GLY Z 10 -27.75 -28.39 -53.64
C GLY Z 10 -28.34 -28.02 -52.30
N PHE Z 11 -29.63 -28.18 -52.11
CA PHE Z 11 -30.31 -27.89 -50.86
C PHE Z 11 -30.75 -29.18 -50.21
N ALA Z 12 -30.56 -29.27 -48.90
CA ALA Z 12 -31.01 -30.43 -48.15
C ALA Z 12 -32.52 -30.38 -47.96
N TRP Z 13 -33.06 -31.40 -47.31
CA TRP Z 13 -34.50 -31.45 -47.12
C TRP Z 13 -34.97 -30.40 -46.12
N TRP Z 14 -34.12 -30.01 -45.16
CA TRP Z 14 -34.57 -29.06 -44.17
C TRP Z 14 -34.55 -27.63 -44.69
N SER Z 15 -33.69 -27.32 -45.65
CA SER Z 15 -33.86 -26.12 -46.46
C SER Z 15 -34.49 -26.47 -47.80
N GLY Z 16 -35.63 -27.14 -47.76
CA GLY Z 16 -36.16 -27.75 -48.95
C GLY Z 16 -37.08 -26.87 -49.75
N ASN Z 17 -37.67 -25.87 -49.11
CA ASN Z 17 -38.46 -24.90 -49.84
C ASN Z 17 -37.59 -23.89 -50.57
N ALA Z 18 -36.28 -23.89 -50.32
CA ALA Z 18 -35.32 -23.13 -51.11
C ALA Z 18 -35.12 -23.69 -52.50
N ARG Z 19 -35.61 -24.90 -52.77
CA ARG Z 19 -35.66 -25.42 -54.13
C ARG Z 19 -36.72 -24.76 -54.97
N LEU Z 20 -37.62 -23.99 -54.36
CA LEU Z 20 -38.71 -23.35 -55.05
C LEU Z 20 -38.37 -21.94 -55.51
N ILE Z 21 -37.13 -21.50 -55.34
CA ILE Z 21 -36.77 -20.11 -55.60
C ILE Z 21 -36.88 -19.80 -57.09
N ASN Z 22 -36.49 -20.72 -57.95
CA ASN Z 22 -36.45 -20.46 -59.37
C ASN Z 22 -37.47 -21.24 -60.17
N VAL Z 23 -38.41 -21.93 -59.53
CA VAL Z 23 -39.54 -22.54 -60.21
C VAL Z 23 -40.81 -21.80 -59.79
N SER Z 24 -41.29 -20.96 -60.69
CA SER Z 24 -42.33 -19.99 -60.36
C SER Z 24 -43.72 -20.59 -60.21
N GLY Z 25 -43.99 -21.69 -60.90
CA GLY Z 25 -45.31 -22.28 -60.82
C GLY Z 25 -45.52 -23.03 -59.54
N LYS Z 26 -44.50 -23.76 -59.11
CA LYS Z 26 -44.57 -24.44 -57.82
C LYS Z 26 -44.50 -23.43 -56.68
N LEU Z 27 -43.75 -22.35 -56.85
CA LEU Z 27 -43.70 -21.31 -55.83
C LEU Z 27 -45.03 -20.60 -55.71
N LEU Z 28 -45.78 -20.49 -56.81
CA LEU Z 28 -47.13 -19.99 -56.75
C LEU Z 28 -48.01 -20.89 -55.91
N GLY Z 29 -47.89 -22.21 -56.12
CA GLY Z 29 -48.71 -23.16 -55.39
C GLY Z 29 -48.38 -23.23 -53.91
N ALA Z 30 -47.14 -22.96 -53.55
CA ALA Z 30 -46.78 -22.89 -52.14
C ALA Z 30 -47.46 -21.71 -51.45
N HIS Z 31 -47.63 -20.62 -52.17
CA HIS Z 31 -48.15 -19.41 -51.55
C HIS Z 31 -49.67 -19.43 -51.44
N VAL Z 32 -50.36 -20.06 -52.38
CA VAL Z 32 -51.82 -20.11 -52.29
C VAL Z 32 -52.24 -21.25 -51.37
N ALA Z 33 -51.43 -22.29 -51.23
CA ALA Z 33 -51.71 -23.31 -50.22
C ALA Z 33 -51.46 -22.76 -48.82
N HIS Z 34 -50.44 -21.94 -48.63
CA HIS Z 34 -50.27 -21.29 -47.33
C HIS Z 34 -51.32 -20.24 -47.09
N ALA Z 35 -51.78 -19.57 -48.16
CA ALA Z 35 -52.92 -18.68 -48.03
C ALA Z 35 -54.16 -19.46 -47.63
N GLY Z 36 -54.31 -20.68 -48.14
CA GLY Z 36 -55.40 -21.53 -47.73
C GLY Z 36 -55.33 -21.94 -46.28
N LEU Z 37 -54.12 -22.01 -45.71
CA LEU Z 37 -53.97 -22.36 -44.30
C LEU Z 37 -54.41 -21.23 -43.39
N MET Z 38 -54.06 -19.99 -43.74
CA MET Z 38 -54.44 -18.86 -42.91
C MET Z 38 -55.93 -18.60 -42.97
N VAL Z 39 -56.56 -18.84 -44.12
CA VAL Z 39 -57.99 -18.69 -44.24
C VAL Z 39 -58.70 -19.85 -43.53
N PHE Z 40 -58.07 -21.02 -43.53
CA PHE Z 40 -58.56 -22.17 -42.76
C PHE Z 40 -58.60 -21.85 -41.29
N TRP Z 41 -57.50 -21.32 -40.76
CA TRP Z 41 -57.42 -21.05 -39.34
C TRP Z 41 -58.40 -19.95 -38.94
N ALA Z 42 -58.57 -18.95 -39.80
CA ALA Z 42 -59.54 -17.89 -39.54
C ALA Z 42 -60.96 -18.44 -39.46
N GLY Z 43 -61.28 -19.40 -40.33
CA GLY Z 43 -62.57 -20.04 -40.25
C GLY Z 43 -62.69 -20.96 -39.06
N ALA Z 44 -61.69 -21.81 -38.86
CA ALA Z 44 -61.76 -22.85 -37.84
C ALA Z 44 -61.68 -22.28 -36.43
N MET Z 45 -60.85 -21.24 -36.22
CA MET Z 45 -60.68 -20.73 -34.86
C MET Z 45 -61.90 -19.96 -34.40
N VAL Z 46 -62.54 -19.21 -35.29
CA VAL Z 46 -63.68 -18.44 -34.85
C VAL Z 46 -64.93 -19.32 -34.74
N LEU Z 47 -64.95 -20.47 -35.41
CA LEU Z 47 -66.02 -21.44 -35.17
C LEU Z 47 -65.83 -22.12 -33.83
N PHE Z 48 -64.57 -22.39 -33.47
CA PHE Z 48 -64.22 -22.85 -32.13
C PHE Z 48 -64.66 -21.84 -31.08
N GLU Z 49 -64.44 -20.55 -31.34
CA GLU Z 49 -64.82 -19.53 -30.37
C GLU Z 49 -66.33 -19.31 -30.32
N VAL Z 50 -67.03 -19.49 -31.44
CA VAL Z 50 -68.48 -19.43 -31.41
C VAL Z 50 -69.05 -20.62 -30.64
N SER Z 51 -68.46 -21.81 -30.86
CA SER Z 51 -68.93 -23.02 -30.19
C SER Z 51 -68.68 -22.99 -28.69
N HIS Z 52 -67.58 -22.39 -28.25
CA HIS Z 52 -67.24 -22.31 -26.84
C HIS Z 52 -67.77 -21.05 -26.18
N PHE Z 53 -68.59 -20.28 -26.87
CA PHE Z 53 -69.08 -19.02 -26.34
C PHE Z 53 -70.17 -19.24 -25.32
N VAL Z 54 -70.11 -18.49 -24.22
CA VAL Z 54 -71.17 -18.47 -23.22
C VAL Z 54 -71.61 -17.02 -23.06
N PRO Z 55 -72.90 -16.74 -22.83
CA PRO Z 55 -73.34 -15.35 -22.73
C PRO Z 55 -73.06 -14.72 -21.38
N GLU Z 56 -72.76 -15.50 -20.36
CA GLU Z 56 -72.62 -14.96 -19.01
C GLU Z 56 -71.27 -14.27 -18.81
N LYS Z 57 -70.33 -14.64 -19.51
CA LYS Z 57 -69.02 -14.02 -19.33
C LYS Z 57 -68.78 -12.99 -20.42
N PRO Z 58 -67.95 -11.98 -20.15
CA PRO Z 58 -67.48 -11.10 -21.22
C PRO Z 58 -66.59 -11.86 -22.18
N THR Z 59 -66.44 -11.31 -23.37
CA THR Z 59 -65.69 -12.00 -24.41
C THR Z 59 -64.19 -11.99 -24.17
N TYR Z 60 -63.69 -11.14 -23.29
CA TYR Z 60 -62.28 -11.22 -22.93
C TYR Z 60 -62.01 -12.23 -21.83
N GLU Z 61 -63.04 -12.70 -21.13
CA GLU Z 61 -62.87 -13.73 -20.11
C GLU Z 61 -62.96 -15.13 -20.66
N GLN Z 62 -63.25 -15.28 -21.94
CA GLN Z 62 -63.45 -16.60 -22.54
C GLN Z 62 -62.28 -17.04 -23.39
N GLY Z 63 -61.20 -16.26 -23.41
CA GLY Z 63 -60.03 -16.65 -24.18
C GLY Z 63 -60.21 -16.48 -25.66
N PHE Z 64 -60.92 -15.44 -26.08
CA PHE Z 64 -61.20 -15.23 -27.49
C PHE Z 64 -60.30 -14.13 -28.03
N ILE Z 65 -59.93 -14.25 -29.30
CA ILE Z 65 -59.20 -13.19 -29.98
C ILE Z 65 -59.82 -12.79 -31.29
N LEU Z 66 -60.68 -13.62 -31.88
CA LEU Z 66 -61.17 -13.36 -33.23
C LEU Z 66 -62.56 -12.76 -33.26
N ILE Z 67 -63.45 -13.12 -32.32
CA ILE Z 67 -64.77 -12.52 -32.38
C ILE Z 67 -64.74 -11.08 -31.89
N GLN Z 68 -63.68 -10.66 -31.20
CA GLN Z 68 -63.55 -9.26 -30.83
C GLN Z 68 -63.09 -8.42 -32.01
N HIS Z 69 -62.44 -9.04 -32.99
CA HIS Z 69 -62.13 -8.34 -34.22
C HIS Z 69 -63.38 -8.12 -35.05
N LEU Z 70 -64.31 -9.08 -35.02
CA LEU Z 70 -65.57 -8.91 -35.73
C LEU Z 70 -66.54 -8.02 -34.98
N ALA Z 71 -66.46 -7.99 -33.65
CA ALA Z 71 -67.30 -7.10 -32.88
C ALA Z 71 -66.85 -5.65 -33.02
N THR Z 72 -65.55 -5.41 -33.21
CA THR Z 72 -65.08 -4.07 -33.49
C THR Z 72 -65.53 -3.60 -34.86
N LEU Z 73 -65.69 -4.54 -35.81
CA LEU Z 73 -66.28 -4.23 -37.09
C LEU Z 73 -67.76 -3.92 -37.01
N GLY Z 74 -68.43 -4.33 -35.94
CA GLY Z 74 -69.81 -3.97 -35.72
C GLY Z 74 -70.80 -5.10 -35.79
N TYR Z 75 -70.35 -6.35 -35.88
CA TYR Z 75 -71.24 -7.49 -35.96
C TYR Z 75 -71.58 -8.01 -34.57
N GLY Z 76 -72.86 -8.28 -34.34
CA GLY Z 76 -73.33 -8.96 -33.16
C GLY Z 76 -73.11 -8.25 -31.84
N ILE Z 77 -72.80 -6.97 -31.88
CA ILE Z 77 -72.35 -6.22 -30.71
C ILE Z 77 -73.39 -5.15 -30.39
N GLY Z 78 -73.62 -4.94 -29.10
CA GLY Z 78 -74.58 -3.97 -28.64
C GLY Z 78 -73.93 -2.85 -27.84
N PRO Z 79 -74.72 -2.13 -27.05
CA PRO Z 79 -74.17 -1.00 -26.29
C PRO Z 79 -73.30 -1.48 -25.14
N GLY Z 80 -72.14 -0.84 -25.00
CA GLY Z 80 -71.25 -1.11 -23.90
C GLY Z 80 -70.49 -2.42 -23.98
N GLY Z 81 -70.46 -3.07 -25.14
CA GLY Z 81 -69.78 -4.33 -25.28
C GLY Z 81 -70.67 -5.55 -25.16
N GLU Z 82 -71.99 -5.36 -25.14
CA GLU Z 82 -72.94 -6.45 -25.13
C GLU Z 82 -72.84 -7.22 -26.44
N ILE Z 83 -72.55 -8.52 -26.36
CA ILE Z 83 -72.59 -9.37 -27.54
C ILE Z 83 -73.98 -9.99 -27.62
N THR Z 84 -74.65 -9.77 -28.75
CA THR Z 84 -76.06 -10.07 -28.86
C THR Z 84 -76.37 -11.36 -29.61
N SER Z 85 -75.67 -11.65 -30.70
CA SER Z 85 -76.14 -12.66 -31.62
C SER Z 85 -75.22 -13.89 -31.73
N THR Z 86 -73.95 -13.68 -32.09
CA THR Z 86 -72.94 -14.67 -32.50
C THR Z 86 -73.29 -15.47 -33.75
N VAL Z 87 -74.41 -15.18 -34.40
CA VAL Z 87 -74.71 -15.70 -35.72
C VAL Z 87 -73.91 -14.98 -36.81
N PRO Z 88 -73.64 -13.66 -36.75
CA PRO Z 88 -72.66 -13.12 -37.71
C PRO Z 88 -71.24 -13.62 -37.51
N TYR Z 89 -70.84 -13.98 -36.30
CA TYR Z 89 -69.49 -14.53 -36.13
C TYR Z 89 -69.40 -15.94 -36.67
N PHE Z 90 -70.50 -16.68 -36.61
CA PHE Z 90 -70.54 -18.02 -37.18
C PHE Z 90 -70.44 -17.95 -38.69
N ALA Z 91 -71.06 -16.94 -39.31
CA ALA Z 91 -71.10 -16.87 -40.76
C ALA Z 91 -69.74 -16.55 -41.34
N VAL Z 92 -69.02 -15.60 -40.72
CA VAL Z 92 -67.68 -15.20 -41.15
C VAL Z 92 -66.74 -16.40 -41.15
N GLY Z 93 -66.87 -17.28 -40.16
CA GLY Z 93 -66.04 -18.46 -40.13
C GLY Z 93 -66.40 -19.49 -41.16
N VAL Z 94 -67.67 -19.57 -41.54
CA VAL Z 94 -68.06 -20.53 -42.56
C VAL Z 94 -67.58 -20.07 -43.93
N ILE Z 95 -67.62 -18.76 -44.20
CA ILE Z 95 -67.09 -18.25 -45.47
C ILE Z 95 -65.57 -18.47 -45.53
N HIS Z 96 -64.88 -18.17 -44.44
CA HIS Z 96 -63.44 -18.41 -44.39
C HIS Z 96 -63.11 -19.91 -44.38
N LEU Z 97 -63.96 -20.76 -43.85
CA LEU Z 97 -63.64 -22.18 -43.89
C LEU Z 97 -63.94 -22.82 -45.24
N ILE Z 98 -65.01 -22.38 -45.91
CA ILE Z 98 -65.34 -22.92 -47.23
C ILE Z 98 -64.33 -22.44 -48.26
N SER Z 99 -63.89 -21.18 -48.15
CA SER Z 99 -62.96 -20.61 -49.10
C SER Z 99 -61.57 -21.22 -49.02
N SER Z 100 -61.22 -21.81 -47.88
CA SER Z 100 -59.92 -22.43 -47.75
C SER Z 100 -59.82 -23.73 -48.55
N ALA Z 101 -60.96 -24.34 -48.88
CA ALA Z 101 -60.93 -25.51 -49.74
C ALA Z 101 -60.65 -25.12 -51.18
N ILE Z 102 -61.07 -23.94 -51.60
CA ILE Z 102 -60.78 -23.46 -52.94
C ILE Z 102 -59.32 -23.05 -53.04
N LEU Z 103 -58.84 -22.30 -52.04
CA LEU Z 103 -57.42 -21.95 -51.98
C LEU Z 103 -56.57 -23.18 -51.71
N GLY Z 104 -57.09 -24.16 -50.99
CA GLY Z 104 -56.35 -25.37 -50.76
C GLY Z 104 -56.29 -26.27 -51.97
N PHE Z 105 -57.28 -26.19 -52.85
CA PHE Z 105 -57.21 -26.95 -54.09
C PHE Z 105 -56.22 -26.32 -55.06
N GLY Z 106 -56.33 -25.00 -55.24
CA GLY Z 106 -55.41 -24.30 -56.11
C GLY Z 106 -53.99 -24.28 -55.62
N GLY Z 107 -53.80 -24.46 -54.31
CA GLY Z 107 -52.50 -24.70 -53.75
C GLY Z 107 -51.92 -26.00 -54.23
N ILE Z 108 -52.63 -27.10 -54.00
CA ILE Z 108 -52.12 -28.41 -54.41
C ILE Z 108 -52.27 -28.67 -55.89
N TYR Z 109 -53.04 -27.86 -56.62
CA TYR Z 109 -52.99 -27.96 -58.07
C TYR Z 109 -51.68 -27.41 -58.61
N HIS Z 110 -51.38 -26.15 -58.28
CA HIS Z 110 -50.19 -25.50 -58.79
C HIS Z 110 -48.91 -26.08 -58.19
N SER Z 111 -49.00 -26.79 -57.06
CA SER Z 111 -47.81 -27.39 -56.46
C SER Z 111 -47.49 -28.76 -57.01
N LEU Z 112 -48.49 -29.59 -57.27
CA LEU Z 112 -48.26 -30.97 -57.65
C LEU Z 112 -48.52 -31.25 -59.12
N LEU Z 113 -49.39 -30.50 -59.77
CA LEU Z 113 -49.80 -30.84 -61.12
C LEU Z 113 -49.56 -29.73 -62.14
N GLY Z 114 -49.70 -28.47 -61.75
CA GLY Z 114 -49.53 -27.36 -62.68
C GLY Z 114 -48.10 -27.22 -63.17
N PRO Z 115 -47.89 -26.31 -64.11
CA PRO Z 115 -46.56 -26.14 -64.70
C PRO Z 115 -45.58 -25.58 -63.67
N ASP Z 116 -44.37 -26.14 -63.67
CA ASP Z 116 -43.42 -25.79 -62.63
C ASP Z 116 -42.84 -24.40 -62.83
N THR Z 117 -42.73 -23.97 -64.08
CA THR Z 117 -42.35 -22.60 -64.40
C THR Z 117 -43.43 -21.98 -65.26
N LEU Z 118 -43.78 -20.74 -64.95
CA LEU Z 118 -44.85 -20.06 -65.68
C LEU Z 118 -44.33 -19.26 -66.86
N GLU Z 119 -43.01 -19.16 -67.05
CA GLU Z 119 -42.45 -18.21 -68.00
C GLU Z 119 -42.67 -18.63 -69.44
N GLU Z 120 -42.79 -19.92 -69.69
CA GLU Z 120 -42.83 -20.40 -71.07
C GLU Z 120 -44.23 -20.30 -71.66
N SER Z 121 -45.24 -20.68 -70.88
CA SER Z 121 -46.60 -20.78 -71.42
C SER Z 121 -47.57 -19.78 -70.84
N PHE Z 122 -47.21 -19.05 -69.78
CA PHE Z 122 -48.07 -18.03 -69.18
C PHE Z 122 -47.25 -16.78 -68.97
N PRO Z 123 -46.98 -16.02 -70.04
CA PRO Z 123 -46.02 -14.90 -69.94
C PRO Z 123 -46.50 -13.74 -69.11
N PHE Z 124 -47.80 -13.60 -68.89
CA PHE Z 124 -48.27 -12.56 -67.98
C PHE Z 124 -47.94 -12.90 -66.54
N PHE Z 125 -47.95 -14.19 -66.20
CA PHE Z 125 -47.69 -14.60 -64.84
C PHE Z 125 -46.26 -15.03 -64.61
N GLY Z 126 -45.50 -15.30 -65.68
CA GLY Z 126 -44.11 -15.65 -65.51
C GLY Z 126 -43.28 -14.45 -65.11
N TYR Z 127 -42.15 -14.73 -64.47
CA TYR Z 127 -41.27 -13.67 -64.01
C TYR Z 127 -39.88 -14.25 -63.82
N ASP Z 128 -38.89 -13.43 -64.11
CA ASP Z 128 -37.56 -13.61 -63.57
C ASP Z 128 -37.44 -12.70 -62.36
N TRP Z 129 -36.68 -13.13 -61.36
CA TRP Z 129 -36.48 -12.29 -60.19
C TRP Z 129 -35.69 -11.03 -60.52
N ARG Z 130 -34.81 -11.10 -61.52
CA ARG Z 130 -33.99 -9.97 -61.89
C ARG Z 130 -34.72 -8.97 -62.79
N ASP Z 131 -35.92 -9.29 -63.23
CA ASP Z 131 -36.70 -8.36 -64.05
C ASP Z 131 -37.29 -7.30 -63.12
N LYS Z 132 -36.66 -6.13 -63.10
CA LYS Z 132 -37.08 -5.07 -62.22
C LYS Z 132 -38.41 -4.45 -62.64
N ASN Z 133 -38.73 -4.51 -63.93
CA ASN Z 133 -40.01 -3.97 -64.37
C ASN Z 133 -41.17 -4.89 -64.02
N LYS Z 134 -40.96 -6.20 -64.16
CA LYS Z 134 -42.02 -7.14 -63.85
C LYS Z 134 -42.27 -7.21 -62.34
N MET Z 135 -41.21 -7.08 -61.53
CA MET Z 135 -41.37 -7.18 -60.09
C MET Z 135 -42.07 -5.98 -59.50
N THR Z 136 -41.91 -4.80 -60.10
CA THR Z 136 -42.70 -3.65 -59.67
C THR Z 136 -44.14 -3.73 -60.14
N THR Z 137 -44.43 -4.54 -61.15
CA THR Z 137 -45.82 -4.72 -61.56
C THR Z 137 -46.57 -5.61 -60.58
N ILE Z 138 -45.93 -6.68 -60.10
CA ILE Z 138 -46.56 -7.52 -59.08
C ILE Z 138 -46.72 -6.76 -57.79
N LEU Z 139 -45.74 -5.93 -57.45
CA LEU Z 139 -45.84 -5.08 -56.27
C LEU Z 139 -46.94 -4.05 -56.44
N GLY Z 140 -47.11 -3.53 -57.65
CA GLY Z 140 -48.12 -2.51 -57.88
C GLY Z 140 -49.53 -3.08 -57.90
N ILE Z 141 -49.69 -4.28 -58.46
CA ILE Z 141 -51.01 -4.91 -58.50
C ILE Z 141 -51.48 -5.24 -57.09
N HIS Z 142 -50.59 -5.79 -56.27
CA HIS Z 142 -50.94 -6.14 -54.91
C HIS Z 142 -51.00 -4.90 -54.01
N LEU Z 143 -50.46 -3.77 -54.43
CA LEU Z 143 -50.64 -2.54 -53.69
C LEU Z 143 -52.03 -1.95 -53.90
N CYS Z 144 -52.58 -2.09 -55.12
CA CYS Z 144 -53.92 -1.59 -55.37
C CYS Z 144 -54.97 -2.41 -54.63
N LEU Z 145 -54.71 -3.70 -54.42
CA LEU Z 145 -55.64 -4.52 -53.66
C LEU Z 145 -55.60 -4.20 -52.18
N LEU Z 146 -54.44 -3.80 -51.67
CA LEU Z 146 -54.37 -3.33 -50.29
C LEU Z 146 -55.05 -1.98 -50.14
N GLY Z 147 -55.02 -1.15 -51.18
CA GLY Z 147 -55.77 0.08 -51.14
C GLY Z 147 -57.26 -0.16 -51.24
N LEU Z 148 -57.67 -1.17 -52.00
CA LEU Z 148 -59.08 -1.51 -52.09
C LEU Z 148 -59.58 -2.13 -50.79
N GLY Z 149 -58.74 -2.90 -50.11
CA GLY Z 149 -59.12 -3.47 -48.84
C GLY Z 149 -59.18 -2.44 -47.73
N SER Z 150 -58.33 -1.41 -47.82
CA SER Z 150 -58.39 -0.33 -46.85
C SER Z 150 -59.63 0.53 -47.05
N PHE Z 151 -60.13 0.59 -48.29
CA PHE Z 151 -61.37 1.28 -48.56
C PHE Z 151 -62.60 0.46 -48.18
N LEU Z 152 -62.45 -0.86 -48.05
CA LEU Z 152 -63.55 -1.68 -47.57
C LEU Z 152 -63.87 -1.38 -46.11
N LEU Z 153 -62.85 -1.12 -45.30
CA LEU Z 153 -63.09 -0.72 -43.92
C LEU Z 153 -63.74 0.65 -43.86
N VAL Z 154 -63.38 1.54 -44.78
CA VAL Z 154 -64.02 2.84 -44.88
C VAL Z 154 -65.47 2.69 -45.31
N ILE Z 155 -65.74 1.80 -46.25
CA ILE Z 155 -67.10 1.54 -46.70
C ILE Z 155 -67.91 0.90 -45.59
N LYS Z 156 -67.30 -0.02 -44.84
CA LYS Z 156 -67.97 -0.66 -43.70
C LYS Z 156 -68.32 0.36 -42.62
N ALA Z 157 -67.43 1.31 -42.35
CA ALA Z 157 -67.66 2.25 -41.27
C ALA Z 157 -68.56 3.40 -41.66
N MET Z 158 -68.57 3.79 -42.92
CA MET Z 158 -69.36 4.94 -43.34
C MET Z 158 -70.70 4.58 -43.93
N TYR Z 159 -70.83 3.42 -44.56
CA TYR Z 159 -72.05 3.09 -45.28
C TYR Z 159 -72.68 1.76 -44.88
N LEU Z 160 -71.89 0.72 -44.65
CA LEU Z 160 -72.45 -0.61 -44.39
C LEU Z 160 -72.39 -0.94 -42.90
N GLY Z 161 -73.28 -0.32 -42.14
CA GLY Z 161 -73.50 -0.67 -40.76
C GLY Z 161 -72.71 0.14 -39.76
N GLY Z 162 -71.52 0.59 -40.12
CA GLY Z 162 -70.68 1.29 -39.17
C GLY Z 162 -69.82 0.33 -38.39
N VAL Z 163 -68.98 0.91 -37.53
CA VAL Z 163 -68.09 0.14 -36.68
C VAL Z 163 -68.40 0.47 -35.24
N TYR Z 164 -67.93 -0.39 -34.34
CA TYR Z 164 -68.10 -0.16 -32.92
C TYR Z 164 -67.19 0.99 -32.48
N ASP Z 165 -67.78 2.03 -31.94
CA ASP Z 165 -67.05 3.17 -31.40
C ASP Z 165 -67.22 3.14 -29.89
N THR Z 166 -66.14 2.85 -29.19
CA THR Z 166 -66.15 2.84 -27.73
C THR Z 166 -66.18 4.24 -27.13
N TRP Z 167 -66.02 5.26 -27.96
CA TRP Z 167 -66.04 6.65 -27.56
C TRP Z 167 -67.36 7.33 -27.83
N ALA Z 168 -68.38 6.57 -28.19
CA ALA Z 168 -69.61 7.14 -28.70
C ALA Z 168 -70.38 7.81 -27.58
N PRO Z 169 -71.06 8.94 -27.86
CA PRO Z 169 -71.93 9.52 -26.85
C PRO Z 169 -73.13 8.64 -26.63
N GLY Z 170 -73.57 8.58 -25.38
CA GLY Z 170 -74.62 7.66 -25.05
C GLY Z 170 -74.15 6.32 -24.59
N GLY Z 171 -72.85 6.07 -24.61
CA GLY Z 171 -72.32 4.74 -24.37
C GLY Z 171 -71.63 4.24 -25.62
N GLY Z 172 -70.70 3.30 -25.48
CA GLY Z 172 -70.03 2.76 -26.65
C GLY Z 172 -70.98 1.89 -27.45
N ASP Z 173 -70.99 2.08 -28.76
CA ASP Z 173 -71.95 1.40 -29.61
C ASP Z 173 -71.45 1.40 -31.04
N VAL Z 174 -72.18 0.67 -31.90
CA VAL Z 174 -71.95 0.74 -33.33
C VAL Z 174 -72.43 2.08 -33.85
N ARG Z 175 -71.63 2.70 -34.70
CA ARG Z 175 -71.87 4.07 -35.10
C ARG Z 175 -71.36 4.24 -36.52
N TYR Z 176 -72.16 4.89 -37.37
CA TYR Z 176 -71.66 5.32 -38.66
C TYR Z 176 -70.67 6.46 -38.46
N ILE Z 177 -69.48 6.31 -39.03
CA ILE Z 177 -68.47 7.36 -38.97
C ILE Z 177 -68.76 8.31 -40.12
N THR Z 178 -69.36 9.45 -39.81
CA THR Z 178 -69.85 10.32 -40.87
C THR Z 178 -68.81 11.33 -41.31
N THR Z 179 -67.97 11.80 -40.39
CA THR Z 179 -66.99 12.82 -40.67
C THR Z 179 -65.61 12.26 -40.32
N PRO Z 180 -65.00 11.48 -41.20
CA PRO Z 180 -63.63 11.03 -40.95
C PRO Z 180 -62.64 12.17 -41.10
N THR Z 181 -61.59 12.11 -40.30
CA THR Z 181 -60.59 13.16 -40.28
C THR Z 181 -59.69 13.02 -41.50
N LEU Z 182 -59.78 13.97 -42.42
CA LEU Z 182 -59.00 13.92 -43.65
C LEU Z 182 -57.83 14.88 -43.64
N ASN Z 183 -57.64 15.64 -42.58
CA ASN Z 183 -56.56 16.61 -42.49
C ASN Z 183 -55.22 15.89 -42.42
N PRO Z 184 -54.31 16.13 -43.37
CA PRO Z 184 -53.04 15.38 -43.36
C PRO Z 184 -52.11 15.76 -42.25
N ILE Z 185 -52.27 16.92 -41.62
CA ILE Z 185 -51.44 17.25 -40.47
C ILE Z 185 -51.86 16.42 -39.27
N VAL Z 186 -53.16 16.14 -39.14
CA VAL Z 186 -53.63 15.25 -38.08
C VAL Z 186 -53.25 13.81 -38.39
N ILE Z 187 -53.48 13.38 -39.64
CA ILE Z 187 -53.34 11.98 -40.00
C ILE Z 187 -51.87 11.57 -40.00
N PHE Z 188 -51.03 12.36 -40.66
CA PHE Z 188 -49.61 12.05 -40.67
C PHE Z 188 -48.91 12.57 -39.42
N GLY Z 189 -49.63 13.28 -38.56
CA GLY Z 189 -49.12 13.58 -37.24
C GLY Z 189 -49.02 12.38 -36.34
N TYR Z 190 -49.72 11.30 -36.68
CA TYR Z 190 -49.47 10.04 -36.00
C TYR Z 190 -48.24 9.35 -36.55
N VAL Z 191 -47.96 9.51 -37.84
CA VAL Z 191 -46.85 8.78 -38.43
C VAL Z 191 -45.51 9.43 -38.07
N PHE Z 192 -45.48 10.74 -37.84
CA PHE Z 192 -44.23 11.44 -37.63
C PHE Z 192 -44.05 11.92 -36.21
N ARG Z 193 -44.85 11.44 -35.28
CA ARG Z 193 -44.65 11.79 -33.89
C ARG Z 193 -43.71 10.79 -33.23
N SER Z 194 -43.33 11.10 -32.00
CA SER Z 194 -42.41 10.27 -31.24
C SER Z 194 -43.06 8.94 -30.88
N PRO Z 195 -42.28 7.86 -30.75
CA PRO Z 195 -42.83 6.60 -30.26
C PRO Z 195 -42.95 6.50 -28.75
N PHE Z 196 -42.52 7.51 -28.00
CA PHE Z 196 -42.35 7.36 -26.57
C PHE Z 196 -43.63 7.73 -25.83
N GLY Z 197 -43.53 7.86 -24.51
CA GLY Z 197 -44.71 8.06 -23.69
C GLY Z 197 -45.31 9.44 -23.90
N GLY Z 198 -46.64 9.49 -23.88
CA GLY Z 198 -47.39 10.68 -24.21
C GLY Z 198 -47.63 10.84 -25.69
N ASP Z 199 -46.65 10.44 -26.50
CA ASP Z 199 -46.76 10.52 -27.95
C ASP Z 199 -47.28 9.22 -28.55
N GLY Z 200 -46.53 8.13 -28.37
CA GLY Z 200 -47.01 6.80 -28.68
C GLY Z 200 -47.35 6.52 -30.12
N TRP Z 201 -46.34 6.42 -30.98
CA TRP Z 201 -46.30 6.87 -32.37
C TRP Z 201 -47.59 6.71 -33.17
N VAL Z 202 -47.96 5.48 -33.49
CA VAL Z 202 -49.13 5.23 -34.31
C VAL Z 202 -50.20 4.51 -33.51
N VAL Z 203 -49.86 4.05 -32.31
CA VAL Z 203 -50.78 3.38 -31.41
C VAL Z 203 -51.73 4.37 -30.77
N SER Z 204 -51.34 5.64 -30.65
CA SER Z 204 -52.10 6.62 -29.91
C SER Z 204 -53.26 7.21 -30.69
N VAL Z 205 -53.75 6.56 -31.74
CA VAL Z 205 -54.96 7.05 -32.38
C VAL Z 205 -56.13 6.77 -31.44
N ASN Z 206 -56.87 7.81 -31.11
CA ASN Z 206 -57.77 7.77 -29.96
C ASN Z 206 -59.23 7.96 -30.31
N ASN Z 207 -59.58 8.12 -31.58
CA ASN Z 207 -60.98 8.20 -31.98
C ASN Z 207 -61.15 7.54 -33.32
N MET Z 208 -62.39 7.13 -33.61
CA MET Z 208 -62.64 6.38 -34.83
C MET Z 208 -62.64 7.26 -36.07
N GLU Z 209 -62.77 8.59 -35.90
CA GLU Z 209 -62.69 9.47 -37.04
C GLU Z 209 -61.27 9.58 -37.56
N ASP Z 210 -60.28 9.40 -36.69
CA ASP Z 210 -58.90 9.34 -37.15
C ASP Z 210 -58.54 7.97 -37.68
N VAL Z 211 -59.23 6.92 -37.22
CA VAL Z 211 -58.98 5.57 -37.74
C VAL Z 211 -59.47 5.46 -39.17
N ILE Z 212 -60.67 5.95 -39.42
CA ILE Z 212 -61.27 5.79 -40.74
C ILE Z 212 -60.70 6.79 -41.72
N GLY Z 213 -60.38 7.99 -41.25
CA GLY Z 213 -59.67 8.93 -42.08
C GLY Z 213 -58.25 8.52 -42.39
N GLY Z 214 -57.64 7.71 -41.53
CA GLY Z 214 -56.33 7.17 -41.86
C GLY Z 214 -56.41 6.08 -42.92
N HIS Z 215 -57.47 5.28 -42.89
CA HIS Z 215 -57.64 4.24 -43.89
C HIS Z 215 -58.10 4.79 -45.24
N ILE Z 216 -58.62 6.00 -45.27
CA ILE Z 216 -58.84 6.68 -46.55
C ILE Z 216 -57.50 7.06 -47.15
N TRP Z 217 -56.61 7.65 -46.34
CA TRP Z 217 -55.30 8.03 -46.82
C TRP Z 217 -54.46 6.82 -47.20
N VAL Z 218 -54.55 5.74 -46.42
CA VAL Z 218 -53.85 4.51 -46.75
C VAL Z 218 -54.44 3.90 -48.02
N GLY Z 219 -55.75 3.98 -48.19
CA GLY Z 219 -56.37 3.58 -49.44
C GLY Z 219 -55.98 4.46 -50.60
N ILE Z 220 -55.80 5.75 -50.37
CA ILE Z 220 -55.36 6.66 -51.42
C ILE Z 220 -53.90 6.39 -51.78
N LEU Z 221 -53.04 6.25 -50.76
CA LEU Z 221 -51.61 6.08 -51.00
C LEU Z 221 -51.30 4.75 -51.67
N CYS Z 222 -51.94 3.68 -51.23
CA CYS Z 222 -51.66 2.36 -51.80
C CYS Z 222 -52.16 2.26 -53.23
N ILE Z 223 -53.24 2.96 -53.56
CA ILE Z 223 -53.74 2.92 -54.93
C ILE Z 223 -52.90 3.80 -55.84
N THR Z 224 -52.52 4.99 -55.38
CA THR Z 224 -51.65 5.83 -56.20
C THR Z 224 -50.24 5.28 -56.22
N GLY Z 225 -49.85 4.52 -55.20
CA GLY Z 225 -48.56 3.86 -55.23
C GLY Z 225 -48.59 2.57 -56.00
N GLY Z 226 -49.75 1.94 -56.12
CA GLY Z 226 -49.87 0.76 -56.94
C GLY Z 226 -49.80 1.10 -58.42
N ILE Z 227 -50.52 2.15 -58.82
CA ILE Z 227 -50.46 2.62 -60.20
C ILE Z 227 -49.09 3.15 -60.53
N TRP Z 228 -48.41 3.76 -59.55
CA TRP Z 228 -47.05 4.23 -59.76
C TRP Z 228 -46.09 3.07 -60.03
N HIS Z 229 -46.21 1.99 -59.27
CA HIS Z 229 -45.27 0.91 -59.48
C HIS Z 229 -45.64 0.03 -60.66
N ILE Z 230 -46.91 0.03 -61.07
CA ILE Z 230 -47.30 -0.66 -62.30
C ILE Z 230 -46.74 0.06 -63.52
N PHE Z 231 -46.75 1.39 -63.49
CA PHE Z 231 -46.43 2.19 -64.66
C PHE Z 231 -44.93 2.37 -64.84
N THR Z 232 -44.19 2.41 -63.75
CA THR Z 232 -42.80 2.82 -63.80
C THR Z 232 -41.87 1.66 -63.55
N LYS Z 233 -40.59 1.97 -63.61
CA LYS Z 233 -39.42 1.14 -63.41
C LYS Z 233 -38.60 1.80 -62.33
N PRO Z 234 -37.89 1.04 -61.49
CA PRO Z 234 -37.12 1.64 -60.40
C PRO Z 234 -36.05 2.61 -60.88
N PHE Z 235 -35.93 3.72 -60.15
CA PHE Z 235 -34.98 4.76 -60.46
C PHE Z 235 -33.55 4.27 -60.29
N ALA Z 236 -32.60 5.05 -60.82
CA ALA Z 236 -31.20 4.63 -60.83
C ALA Z 236 -30.62 4.57 -59.43
N TRP Z 237 -31.12 5.39 -58.50
CA TRP Z 237 -30.64 5.27 -57.13
C TRP Z 237 -31.22 4.04 -56.45
N ALA Z 238 -32.42 3.62 -56.86
CA ALA Z 238 -32.97 2.39 -56.32
C ALA Z 238 -32.27 1.16 -56.88
N ARG Z 239 -31.86 1.22 -58.15
CA ARG Z 239 -31.20 0.07 -58.76
C ARG Z 239 -29.78 -0.12 -58.25
N ARG Z 240 -29.15 0.93 -57.75
CA ARG Z 240 -27.82 0.81 -57.17
C ARG Z 240 -27.86 0.27 -55.75
N ALA Z 241 -28.99 0.42 -55.06
CA ALA Z 241 -29.04 0.19 -53.63
C ALA Z 241 -29.57 -1.17 -53.24
N PHE Z 242 -30.38 -1.79 -54.07
CA PHE Z 242 -31.01 -3.04 -53.70
C PHE Z 242 -30.33 -4.22 -54.38
N VAL Z 243 -30.61 -5.39 -53.85
CA VAL Z 243 -30.25 -6.66 -54.49
C VAL Z 243 -31.49 -7.17 -55.19
N TRP Z 244 -31.37 -7.50 -56.46
CA TRP Z 244 -32.51 -7.88 -57.27
C TRP Z 244 -32.52 -9.40 -57.43
N SER Z 245 -32.94 -10.07 -56.36
CA SER Z 245 -33.07 -11.51 -56.33
C SER Z 245 -34.28 -11.86 -55.50
N GLY Z 246 -34.70 -13.12 -55.59
CA GLY Z 246 -35.91 -13.54 -54.89
C GLY Z 246 -35.74 -13.60 -53.39
N GLU Z 247 -34.57 -14.02 -52.92
CA GLU Z 247 -34.33 -14.05 -51.49
C GLU Z 247 -34.16 -12.65 -50.93
N ALA Z 248 -33.69 -11.71 -51.75
CA ALA Z 248 -33.59 -10.33 -51.29
C ALA Z 248 -34.95 -9.71 -51.09
N TYR Z 249 -35.90 -10.01 -51.99
CA TYR Z 249 -37.24 -9.47 -51.85
C TYR Z 249 -37.94 -10.08 -50.66
N LEU Z 250 -37.60 -11.32 -50.33
CA LEU Z 250 -38.14 -11.95 -49.13
C LEU Z 250 -37.66 -11.24 -47.89
N SER Z 251 -36.38 -10.89 -47.84
CA SER Z 251 -35.83 -10.26 -46.66
C SER Z 251 -36.29 -8.82 -46.50
N TYR Z 252 -36.73 -8.19 -47.58
CA TYR Z 252 -37.31 -6.86 -47.45
C TYR Z 252 -38.68 -6.94 -46.81
N SER Z 253 -39.46 -7.96 -47.17
CA SER Z 253 -40.75 -8.15 -46.55
C SER Z 253 -40.63 -8.64 -45.13
N LEU Z 254 -39.57 -9.39 -44.82
CA LEU Z 254 -39.37 -9.89 -43.46
C LEU Z 254 -39.06 -8.77 -42.51
N ALA Z 255 -38.33 -7.77 -42.98
CA ALA Z 255 -38.07 -6.59 -42.16
C ALA Z 255 -39.33 -5.75 -41.99
N ALA Z 256 -40.15 -5.67 -43.05
CA ALA Z 256 -41.35 -4.84 -42.98
C ALA Z 256 -42.43 -5.51 -42.15
N ILE Z 257 -42.58 -6.83 -42.28
CA ILE Z 257 -43.61 -7.52 -41.51
C ILE Z 257 -43.18 -7.70 -40.06
N SER Z 258 -41.90 -7.58 -39.76
CA SER Z 258 -41.47 -7.58 -38.38
C SER Z 258 -41.78 -6.26 -37.71
N LEU Z 259 -41.65 -5.16 -38.45
CA LEU Z 259 -42.00 -3.86 -37.92
C LEU Z 259 -43.49 -3.74 -37.69
N MET Z 260 -44.30 -4.36 -38.56
CA MET Z 260 -45.74 -4.38 -38.36
C MET Z 260 -46.14 -5.27 -37.20
N GLY Z 261 -45.40 -6.35 -36.96
CA GLY Z 261 -45.74 -7.25 -35.87
C GLY Z 261 -45.47 -6.64 -34.51
N PHE Z 262 -44.38 -5.88 -34.39
CA PHE Z 262 -44.12 -5.13 -33.17
C PHE Z 262 -45.17 -4.05 -32.94
N THR Z 263 -45.68 -3.48 -34.04
CA THR Z 263 -46.67 -2.42 -33.94
C THR Z 263 -48.04 -2.96 -33.57
N ALA Z 264 -48.42 -4.10 -34.13
CA ALA Z 264 -49.71 -4.69 -33.78
C ALA Z 264 -49.73 -5.23 -32.37
N ALA Z 265 -48.57 -5.61 -31.85
CA ALA Z 265 -48.49 -6.04 -30.46
C ALA Z 265 -48.77 -4.89 -29.52
N LEU Z 266 -48.16 -3.74 -29.78
CA LEU Z 266 -48.37 -2.59 -28.91
C LEU Z 266 -49.70 -1.90 -29.14
N TYR Z 267 -50.33 -2.12 -30.30
CA TYR Z 267 -51.76 -1.84 -30.45
C TYR Z 267 -52.58 -2.59 -29.44
N SER Z 268 -52.34 -3.89 -29.31
CA SER Z 268 -53.08 -4.72 -28.38
C SER Z 268 -52.83 -4.32 -26.95
N TRP Z 269 -51.62 -3.87 -26.65
CA TRP Z 269 -51.29 -3.59 -25.26
C TRP Z 269 -51.74 -2.20 -24.82
N TYR Z 270 -51.75 -1.22 -25.72
CA TYR Z 270 -51.95 0.17 -25.32
C TYR Z 270 -53.23 0.78 -25.83
N ASN Z 271 -53.65 0.47 -27.05
CA ASN Z 271 -54.78 1.14 -27.66
C ASN Z 271 -56.08 0.54 -27.16
N ASN Z 272 -57.01 1.41 -26.74
CA ASN Z 272 -58.36 0.98 -26.38
C ASN Z 272 -59.41 1.60 -27.26
N THR Z 273 -59.04 2.08 -28.44
CA THR Z 273 -59.99 2.62 -29.41
C THR Z 273 -60.29 1.62 -30.50
N ALA Z 274 -59.27 1.16 -31.22
CA ALA Z 274 -59.41 0.07 -32.17
C ALA Z 274 -59.47 -1.27 -31.48
N TYR Z 275 -59.08 -1.33 -30.20
CA TYR Z 275 -59.17 -2.54 -29.39
C TYR Z 275 -59.96 -2.18 -28.14
N PRO Z 276 -61.28 -2.11 -28.23
CA PRO Z 276 -62.09 -1.61 -27.10
C PRO Z 276 -62.02 -2.53 -25.89
N SER Z 277 -61.97 -1.90 -24.71
CA SER Z 277 -61.72 -2.65 -23.49
C SER Z 277 -62.92 -3.48 -23.06
N GLU Z 278 -64.11 -3.20 -23.61
CA GLU Z 278 -65.24 -4.07 -23.38
C GLU Z 278 -65.11 -5.39 -24.12
N LEU Z 279 -64.23 -5.46 -25.10
CA LEU Z 279 -64.00 -6.66 -25.89
C LEU Z 279 -62.69 -7.34 -25.56
N TYR Z 280 -61.62 -6.59 -25.34
CA TYR Z 280 -60.31 -7.15 -25.13
C TYR Z 280 -59.89 -7.11 -23.68
N GLY Z 281 -60.71 -6.59 -22.79
CA GLY Z 281 -60.30 -6.36 -21.44
C GLY Z 281 -59.57 -5.05 -21.34
N PRO Z 282 -59.29 -4.60 -20.11
CA PRO Z 282 -58.57 -3.35 -19.93
C PRO Z 282 -57.12 -3.48 -20.37
N THR Z 283 -56.55 -2.35 -20.76
CA THR Z 283 -55.13 -2.35 -21.03
C THR Z 283 -54.36 -2.39 -19.71
N GLY Z 284 -53.06 -2.64 -19.83
CA GLY Z 284 -52.14 -2.50 -18.73
C GLY Z 284 -52.21 -1.18 -17.99
N PRO Z 285 -52.11 -0.06 -18.72
CA PRO Z 285 -52.40 1.23 -18.09
C PRO Z 285 -53.81 1.38 -17.56
N GLU Z 286 -54.80 0.79 -18.21
CA GLU Z 286 -56.19 1.01 -17.83
C GLU Z 286 -56.53 0.33 -16.51
N ALA Z 287 -55.95 -0.83 -16.27
CA ALA Z 287 -56.33 -1.61 -15.11
C ALA Z 287 -55.76 -1.05 -13.82
N SER Z 288 -54.61 -0.38 -13.88
CA SER Z 288 -54.05 0.16 -12.65
C SER Z 288 -54.65 1.52 -12.32
N GLN Z 289 -55.12 2.26 -13.32
CA GLN Z 289 -55.90 3.45 -13.05
C GLN Z 289 -57.28 3.09 -12.53
N ALA Z 290 -57.80 1.93 -12.93
CA ALA Z 290 -59.07 1.46 -12.41
C ALA Z 290 -58.97 1.07 -10.94
N GLN Z 291 -57.78 0.68 -10.50
CA GLN Z 291 -57.58 0.38 -9.10
C GLN Z 291 -57.51 1.66 -8.27
N ALA Z 292 -56.76 2.65 -8.76
CA ALA Z 292 -56.66 3.93 -8.07
C ALA Z 292 -57.99 4.66 -8.05
N PHE Z 293 -58.82 4.45 -9.07
CA PHE Z 293 -60.16 5.00 -9.08
C PHE Z 293 -61.08 4.29 -8.10
N THR Z 294 -60.90 2.98 -7.92
CA THR Z 294 -61.79 2.20 -7.07
C THR Z 294 -61.61 2.56 -5.60
N PHE Z 295 -60.37 2.68 -5.16
CA PHE Z 295 -60.11 3.01 -3.77
C PHE Z 295 -60.21 4.50 -3.49
N LEU Z 296 -60.27 5.33 -4.53
CA LEU Z 296 -60.69 6.70 -4.35
C LEU Z 296 -62.17 6.77 -4.03
N VAL Z 297 -62.98 5.99 -4.75
CA VAL Z 297 -64.42 5.94 -4.52
C VAL Z 297 -64.72 5.25 -3.20
N ARG Z 298 -63.92 4.23 -2.84
CA ARG Z 298 -64.12 3.51 -1.58
C ARG Z 298 -63.89 4.42 -0.39
N ASP Z 299 -62.84 5.25 -0.45
CA ASP Z 299 -62.45 6.06 0.67
C ASP Z 299 -63.19 7.39 0.73
N GLN Z 300 -63.69 7.88 -0.40
CA GLN Z 300 -64.49 9.10 -0.38
C GLN Z 300 -65.87 8.85 0.23
N ARG Z 301 -66.38 7.62 0.11
CA ARG Z 301 -67.62 7.27 0.80
C ARG Z 301 -67.44 7.21 2.30
N LEU Z 302 -66.23 6.88 2.76
CA LEU Z 302 -65.91 6.90 4.18
C LEU Z 302 -65.60 8.30 4.70
N GLY Z 303 -65.72 9.32 3.86
CA GLY Z 303 -65.55 10.67 4.29
C GLY Z 303 -64.17 11.24 4.14
N ALA Z 304 -63.28 10.57 3.43
CA ALA Z 304 -61.98 11.15 3.14
C ALA Z 304 -62.13 12.27 2.13
N ASN Z 305 -61.49 13.39 2.40
CA ASN Z 305 -61.33 14.44 1.39
C ASN Z 305 -60.14 14.03 0.56
N VAL Z 306 -60.41 13.38 -0.57
CA VAL Z 306 -59.37 12.65 -1.30
C VAL Z 306 -58.39 13.55 -2.02
N SER Z 307 -58.69 14.84 -2.18
CA SER Z 307 -57.75 15.73 -2.83
C SER Z 307 -56.65 16.20 -1.90
N SER Z 308 -56.86 16.10 -0.59
CA SER Z 308 -55.87 16.54 0.40
C SER Z 308 -55.24 15.39 1.16
N ALA Z 309 -55.54 14.15 0.79
CA ALA Z 309 -55.08 12.99 1.55
C ALA Z 309 -53.64 12.70 1.21
N GLN Z 310 -52.75 12.89 2.18
CA GLN Z 310 -51.33 12.71 1.95
C GLN Z 310 -50.97 11.23 2.00
N GLY Z 311 -50.13 10.80 1.07
CA GLY Z 311 -49.65 9.45 1.08
C GLY Z 311 -48.52 9.24 2.07
N PRO Z 312 -47.94 8.04 2.04
CA PRO Z 312 -46.82 7.76 2.94
C PRO Z 312 -45.57 8.55 2.61
N THR Z 313 -45.34 8.82 1.32
CA THR Z 313 -44.14 9.51 0.89
C THR Z 313 -44.30 11.02 0.89
N GLY Z 314 -45.51 11.52 1.05
CA GLY Z 314 -45.79 12.94 0.96
C GLY Z 314 -46.45 13.36 -0.33
N LEU Z 315 -46.56 12.48 -1.31
CA LEU Z 315 -47.31 12.76 -2.51
C LEU Z 315 -48.78 12.46 -2.27
N GLY Z 316 -49.59 12.66 -3.30
CA GLY Z 316 -51.02 12.40 -3.18
C GLY Z 316 -51.29 10.90 -3.11
N LYS Z 317 -52.09 10.50 -2.13
CA LYS Z 317 -52.49 9.10 -2.03
C LYS Z 317 -53.44 8.73 -3.17
N TYR Z 318 -54.37 9.62 -3.49
CA TYR Z 318 -55.32 9.40 -4.57
C TYR Z 318 -55.09 10.32 -5.76
N LEU Z 319 -54.92 11.61 -5.51
CA LEU Z 319 -54.76 12.59 -6.56
C LEU Z 319 -53.43 13.28 -6.39
N MET Z 320 -52.57 13.16 -7.39
CA MET Z 320 -51.32 13.90 -7.42
C MET Z 320 -51.24 14.65 -8.73
N ARG Z 321 -50.07 15.19 -9.04
CA ARG Z 321 -49.89 16.01 -10.22
C ARG Z 321 -48.84 15.38 -11.13
N SER Z 322 -49.11 15.37 -12.43
CA SER Z 322 -48.18 14.81 -13.40
C SER Z 322 -46.99 15.76 -13.56
N PRO Z 323 -45.88 15.29 -14.15
CA PRO Z 323 -44.75 16.20 -14.41
C PRO Z 323 -45.05 17.33 -15.39
N SER Z 324 -46.16 17.28 -16.10
CA SER Z 324 -46.62 18.40 -16.90
C SER Z 324 -47.66 19.24 -16.18
N GLY Z 325 -48.22 18.76 -15.08
CA GLY Z 325 -49.10 19.57 -14.25
C GLY Z 325 -50.53 19.11 -14.16
N GLU Z 326 -50.90 18.02 -14.82
CA GLU Z 326 -52.28 17.58 -14.82
C GLU Z 326 -52.61 16.80 -13.56
N ILE Z 327 -53.86 16.91 -13.13
CA ILE Z 327 -54.31 16.19 -11.94
C ILE Z 327 -54.55 14.74 -12.33
N ILE Z 328 -53.77 13.84 -11.74
CA ILE Z 328 -53.72 12.44 -12.14
C ILE Z 328 -53.97 11.59 -10.92
N PHE Z 329 -54.04 10.28 -11.13
CA PHE Z 329 -54.20 9.34 -10.03
C PHE Z 329 -52.85 9.09 -9.36
N GLY Z 330 -52.88 8.96 -8.04
CA GLY Z 330 -51.66 8.78 -7.27
C GLY Z 330 -51.28 7.34 -7.09
N GLY Z 331 -50.07 7.14 -6.57
CA GLY Z 331 -49.52 5.82 -6.40
C GLY Z 331 -48.52 5.49 -7.47
N GLU Z 332 -48.33 4.18 -7.67
CA GLU Z 332 -47.41 3.75 -8.72
C GLU Z 332 -48.00 3.96 -10.11
N THR Z 333 -49.30 4.17 -10.21
CA THR Z 333 -49.99 4.44 -11.47
C THR Z 333 -49.75 5.83 -12.02
N MET Z 334 -48.90 6.64 -11.39
CA MET Z 334 -48.48 7.92 -11.95
C MET Z 334 -47.72 7.77 -13.25
N ARG Z 335 -47.16 6.59 -13.53
CA ARG Z 335 -46.55 6.36 -14.83
C ARG Z 335 -47.58 6.27 -15.94
N PHE Z 336 -48.77 5.77 -15.64
CA PHE Z 336 -49.84 5.66 -16.63
C PHE Z 336 -50.77 6.85 -16.57
N TRP Z 337 -50.20 8.06 -16.55
CA TRP Z 337 -51.06 9.23 -16.47
C TRP Z 337 -51.57 9.65 -17.83
N ASP Z 338 -51.00 9.11 -18.90
CA ASP Z 338 -51.46 9.33 -20.25
C ASP Z 338 -52.67 8.49 -20.62
N LEU Z 339 -53.21 7.72 -19.69
CA LEU Z 339 -54.35 6.87 -19.97
C LEU Z 339 -55.60 7.69 -20.22
N ARG Z 340 -56.26 7.40 -21.35
CA ARG Z 340 -57.47 8.06 -21.78
C ARG Z 340 -58.53 7.01 -22.05
N ALA Z 341 -58.92 6.27 -21.03
CA ALA Z 341 -60.02 5.31 -21.13
C ALA Z 341 -61.37 6.01 -21.23
N PRO Z 342 -62.38 5.37 -21.83
CA PRO Z 342 -63.70 6.03 -21.96
C PRO Z 342 -64.51 6.13 -20.69
N TRP Z 343 -64.15 5.42 -19.63
CA TRP Z 343 -64.87 5.52 -18.36
C TRP Z 343 -64.26 6.52 -17.41
N VAL Z 344 -63.13 7.12 -17.78
CA VAL Z 344 -62.49 8.12 -16.94
C VAL Z 344 -62.46 9.50 -17.61
N GLU Z 345 -62.53 9.55 -18.94
CA GLU Z 345 -62.71 10.81 -19.64
C GLU Z 345 -63.96 11.63 -19.29
N PRO Z 346 -65.10 11.06 -18.83
CA PRO Z 346 -66.16 11.91 -18.28
C PRO Z 346 -65.79 12.71 -17.03
N LEU Z 347 -64.65 12.46 -16.41
CA LEU Z 347 -64.25 13.21 -15.22
C LEU Z 347 -63.04 14.10 -15.48
N ARG Z 348 -62.72 14.36 -16.74
CA ARG Z 348 -61.57 15.18 -17.06
C ARG Z 348 -61.97 16.56 -17.55
N GLY Z 349 -61.31 17.56 -17.00
CA GLY Z 349 -61.35 18.89 -17.56
C GLY Z 349 -60.06 19.15 -18.29
N PRO Z 350 -59.77 20.42 -18.57
CA PRO Z 350 -58.46 20.72 -19.20
C PRO Z 350 -57.30 20.55 -18.25
N ASN Z 351 -57.52 20.65 -16.94
CA ASN Z 351 -56.45 20.53 -15.97
C ASN Z 351 -56.19 19.09 -15.55
N GLY Z 352 -56.75 18.11 -16.24
CA GLY Z 352 -56.69 16.75 -15.78
C GLY Z 352 -58.01 16.33 -15.17
N LEU Z 353 -57.98 15.50 -14.14
CA LEU Z 353 -59.20 15.07 -13.49
C LEU Z 353 -59.84 16.22 -12.74
N ASP Z 354 -61.14 16.38 -12.91
CA ASP Z 354 -61.85 17.50 -12.29
C ASP Z 354 -62.24 17.10 -10.87
N ILE Z 355 -61.96 17.99 -9.92
CA ILE Z 355 -62.07 17.60 -8.52
C ILE Z 355 -63.52 17.59 -8.06
N ASN Z 356 -64.34 18.56 -8.52
CA ASN Z 356 -65.74 18.56 -8.09
C ASN Z 356 -66.51 17.43 -8.76
N LYS Z 357 -66.16 17.09 -10.01
CA LYS Z 357 -66.81 15.97 -10.67
C LYS Z 357 -66.44 14.65 -10.02
N ILE Z 358 -65.25 14.56 -9.43
CA ILE Z 358 -64.90 13.39 -8.64
C ILE Z 358 -65.63 13.42 -7.30
N LYS Z 359 -65.77 14.62 -6.71
CA LYS Z 359 -66.47 14.74 -5.44
C LYS Z 359 -67.97 14.51 -5.57
N ASN Z 360 -68.57 14.88 -6.70
CA ASN Z 360 -70.02 14.93 -6.78
C ASN Z 360 -70.61 13.97 -7.78
N ASP Z 361 -70.12 13.94 -9.01
CA ASP Z 361 -70.82 13.20 -10.06
C ASP Z 361 -69.91 12.08 -10.56
N ILE Z 362 -69.88 10.98 -9.82
CA ILE Z 362 -69.24 9.74 -10.24
C ILE Z 362 -70.35 8.72 -10.37
N GLN Z 363 -70.47 8.19 -11.48
CA GLN Z 363 -71.64 7.39 -11.76
C GLN Z 363 -71.43 5.94 -11.38
N PRO Z 364 -72.49 5.22 -11.04
CA PRO Z 364 -72.33 3.80 -10.66
C PRO Z 364 -71.86 2.90 -11.78
N TRP Z 365 -72.07 3.26 -13.06
CA TRP Z 365 -71.49 2.44 -14.12
C TRP Z 365 -69.98 2.59 -14.16
N GLN Z 366 -69.46 3.74 -13.74
CA GLN Z 366 -68.02 3.95 -13.70
C GLN Z 366 -67.38 3.14 -12.59
N GLU Z 367 -68.07 3.03 -11.44
CA GLU Z 367 -67.56 2.22 -10.35
C GLU Z 367 -67.63 0.74 -10.69
N ARG Z 368 -68.62 0.32 -11.49
CA ARG Z 368 -68.64 -1.05 -11.96
C ARG Z 368 -67.55 -1.31 -12.98
N ARG Z 369 -67.39 -0.38 -13.93
CA ARG Z 369 -66.42 -0.54 -15.00
C ARG Z 369 -64.99 -0.59 -14.47
N ALA Z 370 -64.69 0.24 -13.47
CA ALA Z 370 -63.38 0.19 -12.85
C ALA Z 370 -63.21 -1.04 -11.98
N ALA Z 371 -64.31 -1.62 -11.49
CA ALA Z 371 -64.19 -2.80 -10.63
C ALA Z 371 -63.84 -4.05 -11.42
N GLU Z 372 -64.49 -4.28 -12.57
CA GLU Z 372 -64.08 -5.46 -13.32
C GLU Z 372 -62.76 -5.24 -14.04
N TYR Z 373 -62.39 -4.00 -14.32
CA TYR Z 373 -61.10 -3.77 -14.94
C TYR Z 373 -59.97 -3.90 -13.92
N MET Z 374 -60.26 -3.66 -12.65
CA MET Z 374 -59.26 -3.87 -11.63
C MET Z 374 -59.02 -5.35 -11.41
N THR Z 375 -60.06 -6.15 -11.51
CA THR Z 375 -59.98 -7.58 -11.23
C THR Z 375 -59.70 -8.41 -12.47
N HIS Z 376 -59.68 -7.81 -13.65
CA HIS Z 376 -59.30 -8.50 -14.87
C HIS Z 376 -58.14 -7.77 -15.53
N ALA Z 377 -57.17 -7.39 -14.71
CA ALA Z 377 -55.95 -6.79 -15.20
C ALA Z 377 -55.21 -7.77 -16.11
N PRO Z 378 -54.51 -7.28 -17.12
CA PRO Z 378 -53.70 -8.18 -17.94
C PRO Z 378 -52.47 -8.69 -17.21
N LEU Z 379 -52.69 -9.58 -16.25
CA LEU Z 379 -51.63 -10.23 -15.49
C LEU Z 379 -52.07 -11.67 -15.32
N GLY Z 380 -51.25 -12.60 -15.78
CA GLY Z 380 -51.61 -14.00 -15.67
C GLY Z 380 -50.45 -14.91 -16.00
N SER Z 381 -50.63 -16.20 -15.82
CA SER Z 381 -49.58 -17.19 -15.96
C SER Z 381 -49.75 -17.91 -17.30
N LEU Z 382 -48.80 -18.78 -17.63
CA LEU Z 382 -48.93 -19.56 -18.86
C LEU Z 382 -50.02 -20.60 -18.77
N ASN Z 383 -50.26 -21.16 -17.59
CA ASN Z 383 -51.37 -22.07 -17.43
C ASN Z 383 -52.68 -21.35 -17.15
N SER Z 384 -52.74 -20.03 -17.39
CA SER Z 384 -53.93 -19.18 -17.28
C SER Z 384 -54.50 -19.19 -15.86
N VAL Z 385 -53.64 -18.82 -14.93
CA VAL Z 385 -54.07 -18.45 -13.58
C VAL Z 385 -54.04 -16.93 -13.51
N GLY Z 386 -55.17 -16.35 -13.16
CA GLY Z 386 -55.28 -14.91 -13.16
C GLY Z 386 -54.62 -14.27 -11.97
N GLY Z 387 -54.09 -13.08 -12.18
CA GLY Z 387 -53.49 -12.31 -11.13
C GLY Z 387 -51.98 -12.29 -11.21
N VAL Z 388 -51.38 -11.82 -10.12
CA VAL Z 388 -49.94 -11.70 -10.00
C VAL Z 388 -49.33 -13.09 -9.86
N ALA Z 389 -48.00 -13.18 -9.97
CA ALA Z 389 -47.31 -14.46 -9.89
C ALA Z 389 -47.40 -15.12 -8.52
N THR Z 390 -47.81 -14.39 -7.49
CA THR Z 390 -47.99 -14.95 -6.16
C THR Z 390 -49.44 -15.35 -5.88
N GLU Z 391 -50.31 -15.31 -6.88
CA GLU Z 391 -51.72 -15.63 -6.68
C GLU Z 391 -51.92 -17.15 -6.65
N ILE Z 392 -53.01 -17.58 -6.01
CA ILE Z 392 -53.39 -18.98 -5.94
C ILE Z 392 -54.25 -19.37 -7.14
N ASN Z 393 -54.42 -20.68 -7.34
CA ASN Z 393 -55.16 -21.23 -8.47
C ASN Z 393 -56.65 -21.26 -8.18
N SER Z 394 -57.33 -20.16 -8.45
CA SER Z 394 -58.79 -20.22 -8.51
C SER Z 394 -59.36 -19.57 -9.75
N VAL Z 395 -58.75 -18.50 -10.23
CA VAL Z 395 -59.24 -17.75 -11.37
C VAL Z 395 -58.55 -18.25 -12.63
N ASN Z 396 -59.35 -18.56 -13.64
CA ASN Z 396 -58.86 -19.04 -14.92
C ASN Z 396 -58.98 -17.89 -15.91
N TYR Z 397 -57.92 -17.10 -16.04
CA TYR Z 397 -57.96 -15.90 -16.87
C TYR Z 397 -56.57 -15.44 -17.25
N VAL Z 398 -56.36 -15.23 -18.55
CA VAL Z 398 -55.29 -14.37 -19.05
C VAL Z 398 -55.92 -13.47 -20.10
N SER Z 399 -55.61 -12.18 -20.04
CA SER Z 399 -56.19 -11.20 -20.93
C SER Z 399 -55.88 -11.51 -22.39
N PRO Z 400 -56.82 -11.27 -23.31
CA PRO Z 400 -56.51 -11.40 -24.73
C PRO Z 400 -55.47 -10.40 -25.20
N ARG Z 401 -55.39 -9.24 -24.55
CA ARG Z 401 -54.34 -8.28 -24.85
C ARG Z 401 -52.98 -8.86 -24.53
N SER Z 402 -52.88 -9.64 -23.46
CA SER Z 402 -51.62 -10.25 -23.12
C SER Z 402 -51.30 -11.41 -24.06
N TRP Z 403 -52.31 -12.11 -24.56
CA TRP Z 403 -52.04 -13.16 -25.54
C TRP Z 403 -51.63 -12.57 -26.88
N LEU Z 404 -52.32 -11.50 -27.30
CA LEU Z 404 -52.05 -10.91 -28.61
C LEU Z 404 -50.71 -10.21 -28.63
N CYS Z 405 -50.36 -9.53 -27.55
CA CYS Z 405 -49.11 -8.78 -27.54
C CYS Z 405 -47.90 -9.70 -27.42
N CYS Z 406 -47.99 -10.72 -26.59
CA CYS Z 406 -46.85 -11.60 -26.35
C CYS Z 406 -46.56 -12.49 -27.53
N SER Z 407 -47.60 -13.01 -28.18
CA SER Z 407 -47.40 -13.86 -29.34
C SER Z 407 -46.82 -13.08 -30.51
N HIS Z 408 -47.33 -11.88 -30.75
CA HIS Z 408 -46.84 -11.12 -31.87
C HIS Z 408 -45.55 -10.38 -31.57
N PHE Z 409 -45.17 -10.24 -30.31
CA PHE Z 409 -43.83 -9.76 -30.02
C PHE Z 409 -42.81 -10.88 -30.21
N PHE Z 410 -43.22 -12.11 -29.87
CA PHE Z 410 -42.43 -13.29 -30.16
C PHE Z 410 -42.22 -13.44 -31.66
N LEU Z 411 -43.29 -13.28 -32.44
CA LEU Z 411 -43.19 -13.52 -33.87
C LEU Z 411 -42.45 -12.41 -34.58
N ALA Z 412 -42.62 -11.16 -34.13
CA ALA Z 412 -41.97 -10.06 -34.80
C ALA Z 412 -40.47 -10.04 -34.58
N PHE Z 413 -40.01 -10.58 -33.45
CA PHE Z 413 -38.57 -10.68 -33.24
C PHE Z 413 -37.96 -11.72 -34.16
N PHE Z 414 -38.59 -12.89 -34.25
CA PHE Z 414 -38.02 -13.95 -35.07
C PHE Z 414 -38.14 -13.65 -36.54
N PHE Z 415 -39.08 -12.80 -36.93
CA PHE Z 415 -39.13 -12.36 -38.32
C PHE Z 415 -38.12 -11.29 -38.61
N LEU Z 416 -37.63 -10.60 -37.58
CA LEU Z 416 -36.46 -9.75 -37.74
C LEU Z 416 -35.18 -10.57 -37.82
N VAL Z 417 -35.15 -11.72 -37.15
CA VAL Z 417 -34.06 -12.67 -37.33
C VAL Z 417 -34.08 -13.23 -38.75
N GLY Z 418 -35.28 -13.47 -39.29
CA GLY Z 418 -35.40 -13.87 -40.67
C GLY Z 418 -34.96 -12.81 -41.65
N HIS Z 419 -35.17 -11.53 -41.32
CA HIS Z 419 -34.62 -10.47 -42.14
C HIS Z 419 -33.11 -10.50 -42.12
N TRP Z 420 -32.51 -10.76 -40.96
CA TRP Z 420 -31.06 -10.79 -40.86
C TRP Z 420 -30.49 -12.02 -41.56
N TRP Z 421 -31.20 -13.15 -41.48
CA TRP Z 421 -30.75 -14.34 -42.19
C TRP Z 421 -30.82 -14.13 -43.69
N HIS Z 422 -31.99 -13.75 -44.19
CA HIS Z 422 -32.20 -13.78 -45.62
C HIS Z 422 -31.57 -12.58 -46.32
N SER Z 423 -31.36 -11.46 -45.62
CA SER Z 423 -30.68 -10.35 -46.28
C SER Z 423 -29.19 -10.51 -46.28
N GLY Z 424 -28.64 -11.14 -45.24
CA GLY Z 424 -27.25 -11.51 -45.28
C GLY Z 424 -26.97 -12.55 -46.35
N ARG Z 425 -27.88 -13.50 -46.52
CA ARG Z 425 -27.66 -14.55 -47.50
C ARG Z 425 -27.83 -14.05 -48.92
N ALA Z 426 -28.85 -13.24 -49.17
CA ALA Z 426 -29.10 -12.74 -50.52
C ALA Z 426 -28.04 -11.76 -50.97
N ARG Z 427 -27.47 -11.02 -50.03
CA ARG Z 427 -26.37 -10.13 -50.37
C ARG Z 427 -25.11 -10.93 -50.67
N ALA Z 428 -24.91 -12.05 -49.99
CA ALA Z 428 -23.73 -12.87 -50.24
C ALA Z 428 -23.92 -13.82 -51.41
N ALA Z 429 -25.15 -14.25 -51.68
CA ALA Z 429 -25.39 -15.08 -52.85
C ALA Z 429 -25.33 -14.27 -54.13
N ALA Z 430 -25.68 -12.99 -54.07
CA ALA Z 430 -25.56 -12.14 -55.24
C ALA Z 430 -24.10 -11.83 -55.55
N ALA Z 431 -23.30 -11.59 -54.53
CA ALA Z 431 -21.89 -11.37 -54.73
C ALA Z 431 -21.13 -12.67 -54.99
N GLY Z 432 -21.68 -13.80 -54.61
CA GLY Z 432 -21.14 -15.08 -55.00
C GLY Z 432 -20.17 -15.74 -54.03
N PHE Z 433 -20.34 -15.56 -52.73
CA PHE Z 433 -19.53 -16.30 -51.77
C PHE Z 433 -20.38 -16.81 -50.61
N GLU Z 434 -21.60 -17.23 -50.89
CA GLU Z 434 -22.44 -17.80 -49.85
C GLU Z 434 -22.14 -19.27 -49.58
N LYS Z 435 -21.38 -19.92 -50.45
CA LYS Z 435 -20.99 -21.31 -50.24
C LYS Z 435 -19.63 -21.44 -49.57
N GLY Z 436 -18.96 -20.33 -49.27
CA GLY Z 436 -17.69 -20.34 -48.61
C GLY Z 436 -16.66 -19.54 -49.35
N ILE Z 437 -15.46 -19.56 -48.83
CA ILE Z 437 -14.34 -18.80 -49.36
C ILE Z 437 -13.63 -19.63 -50.41
N ASN Z 438 -13.33 -19.00 -51.56
CA ASN Z 438 -12.53 -19.65 -52.59
C ASN Z 438 -11.11 -19.86 -52.10
N ARG Z 439 -10.65 -21.12 -52.16
CA ARG Z 439 -9.29 -21.43 -51.74
C ARG Z 439 -8.26 -20.86 -52.70
N ALA Z 440 -8.61 -20.74 -53.98
CA ALA Z 440 -7.66 -20.26 -54.97
C ALA Z 440 -7.35 -18.79 -54.77
N ASN Z 441 -8.36 -17.94 -54.63
CA ASN Z 441 -8.16 -16.52 -54.40
C ASN Z 441 -8.96 -16.12 -53.17
N GLU Z 442 -8.36 -16.29 -52.01
CA GLU Z 442 -8.96 -15.81 -50.77
C GLU Z 442 -8.80 -14.30 -50.68
N PRO Z 443 -9.86 -13.55 -50.37
CA PRO Z 443 -9.77 -12.09 -50.45
C PRO Z 443 -8.87 -11.46 -49.41
N VAL Z 444 -8.75 -12.06 -48.21
CA VAL Z 444 -7.93 -11.48 -47.16
C VAL Z 444 -6.44 -11.60 -47.49
N LEU Z 445 -6.07 -12.65 -48.23
CA LEU Z 445 -4.67 -12.85 -48.59
C LEU Z 445 -4.17 -11.78 -49.55
N SER Z 446 -5.02 -11.25 -50.41
CA SER Z 446 -4.64 -10.13 -51.28
C SER Z 446 -5.04 -8.80 -50.67
N MET Z 447 -4.67 -8.58 -49.41
CA MET Z 447 -4.92 -7.34 -48.71
C MET Z 447 -3.63 -6.96 -47.99
N ARG Z 448 -3.57 -5.71 -47.52
CA ARG Z 448 -2.38 -5.25 -46.83
C ARG Z 448 -2.30 -5.90 -45.46
N PRO Z 449 -1.10 -6.05 -44.91
CA PRO Z 449 -0.96 -6.46 -43.51
C PRO Z 449 -1.65 -5.47 -42.59
N ILE Z 450 -2.35 -6.00 -41.60
CA ILE Z 450 -3.44 -5.23 -41.03
C ILE Z 450 -2.99 -4.44 -39.79
N ASP Z 451 -1.88 -4.88 -39.17
CA ASP Z 451 -1.30 -4.34 -37.92
C ASP Z 451 -2.29 -4.54 -36.76
N ARG AA 1 -3.42 -64.33 -20.93
CA ARG AA 1 -2.76 -65.43 -20.25
C ARG AA 1 -3.20 -65.51 -18.79
N GLY AA 2 -2.78 -64.54 -17.99
CA GLY AA 2 -3.19 -64.49 -16.60
C GLY AA 2 -4.67 -64.15 -16.46
N LEU AA 3 -5.20 -64.48 -15.28
CA LEU AA 3 -6.63 -64.25 -15.03
C LEU AA 3 -6.97 -62.77 -14.96
N PHE AA 4 -6.04 -61.94 -14.47
CA PHE AA 4 -6.23 -60.50 -14.56
C PHE AA 4 -6.23 -60.04 -16.01
N ASP AA 5 -5.37 -60.64 -16.82
CA ASP AA 5 -5.24 -60.20 -18.21
C ASP AA 5 -6.41 -60.63 -19.06
N LEU AA 6 -7.06 -61.75 -18.72
CA LEU AA 6 -8.26 -62.16 -19.45
C LEU AA 6 -9.43 -61.25 -19.14
N VAL AA 7 -9.52 -60.77 -17.90
CA VAL AA 7 -10.59 -59.86 -17.51
C VAL AA 7 -10.31 -58.47 -18.07
N ASP AA 8 -9.05 -58.06 -18.05
CA ASP AA 8 -8.66 -56.78 -18.64
C ASP AA 8 -8.85 -56.78 -20.15
N ASP AA 9 -8.72 -57.93 -20.80
CA ASP AA 9 -9.00 -58.00 -22.22
C ASP AA 9 -10.49 -57.94 -22.50
N TRP AA 10 -11.31 -58.52 -21.62
CA TRP AA 10 -12.75 -58.55 -21.86
C TRP AA 10 -13.39 -57.20 -21.56
N LEU AA 11 -12.91 -56.52 -20.52
CA LEU AA 11 -13.50 -55.24 -20.14
C LEU AA 11 -13.17 -54.15 -21.15
N LYS AA 12 -12.00 -54.22 -21.77
CA LYS AA 12 -11.57 -53.21 -22.73
C LYS AA 12 -11.86 -53.61 -24.17
N LYS AA 13 -12.71 -54.61 -24.36
CA LYS AA 13 -13.08 -55.05 -25.70
C LYS AA 13 -13.93 -54.00 -26.38
N ASP AA 14 -13.67 -53.77 -27.67
CA ASP AA 14 -14.40 -52.75 -28.41
C ASP AA 14 -15.78 -53.28 -28.77
N ARG AA 15 -16.80 -52.77 -28.10
CA ARG AA 15 -18.18 -53.22 -28.28
C ARG AA 15 -19.05 -51.97 -28.37
N PHE AA 16 -20.37 -52.17 -28.27
CA PHE AA 16 -21.29 -51.07 -28.50
C PHE AA 16 -21.20 -50.02 -27.39
N VAL AA 17 -21.20 -50.46 -26.14
CA VAL AA 17 -20.97 -49.58 -25.00
C VAL AA 17 -19.69 -50.04 -24.34
N PHE AA 18 -18.70 -49.15 -24.30
CA PHE AA 18 -17.43 -49.47 -23.65
C PHE AA 18 -17.64 -49.62 -22.14
N VAL AA 19 -17.08 -50.67 -21.57
CA VAL AA 19 -17.24 -50.90 -20.14
C VAL AA 19 -15.99 -50.45 -19.42
N GLY AA 20 -14.87 -51.12 -19.66
CA GLY AA 20 -13.64 -50.82 -18.96
C GLY AA 20 -13.67 -51.23 -17.50
N TRP AA 21 -12.54 -51.01 -16.83
CA TRP AA 21 -12.48 -51.23 -15.39
C TRP AA 21 -13.29 -50.19 -14.65
N SER AA 22 -13.40 -48.99 -15.18
CA SER AA 22 -14.19 -47.93 -14.57
C SER AA 22 -15.68 -48.17 -14.68
N GLY AA 23 -16.12 -49.02 -15.61
CA GLY AA 23 -17.53 -49.34 -15.72
C GLY AA 23 -18.03 -50.24 -14.61
N LEU AA 24 -17.13 -50.91 -13.89
CA LEU AA 24 -17.53 -51.67 -12.72
C LEU AA 24 -17.99 -50.78 -11.59
N LEU AA 25 -17.56 -49.53 -11.56
CA LEU AA 25 -18.04 -48.53 -10.62
C LEU AA 25 -19.13 -47.65 -11.22
N LEU AA 26 -18.97 -47.23 -12.47
CA LEU AA 26 -19.86 -46.23 -13.06
C LEU AA 26 -21.23 -46.82 -13.35
N PHE AA 27 -21.28 -47.96 -14.04
CA PHE AA 27 -22.55 -48.52 -14.46
C PHE AA 27 -23.47 -49.01 -13.34
N PRO AA 28 -22.98 -49.56 -12.20
CA PRO AA 28 -23.91 -49.75 -11.09
C PRO AA 28 -24.37 -48.44 -10.45
N THR AA 29 -23.44 -47.53 -10.15
CA THR AA 29 -23.79 -46.38 -9.33
C THR AA 29 -24.59 -45.34 -10.09
N ALA AA 30 -24.29 -45.15 -11.37
CA ALA AA 30 -25.05 -44.16 -12.14
C ALA AA 30 -26.44 -44.67 -12.48
N TYR AA 31 -26.60 -45.98 -12.61
CA TYR AA 31 -27.91 -46.56 -12.86
C TYR AA 31 -28.81 -46.42 -11.64
N LEU AA 32 -28.25 -46.61 -10.44
CA LEU AA 32 -29.04 -46.48 -9.23
C LEU AA 32 -29.33 -45.02 -8.90
N ALA AA 33 -28.43 -44.11 -9.28
CA ALA AA 33 -28.69 -42.71 -9.04
C ALA AA 33 -29.77 -42.17 -9.96
N ALA AA 34 -29.71 -42.53 -11.24
CA ALA AA 34 -30.75 -42.11 -12.17
C ALA AA 34 -32.05 -42.84 -11.89
N GLY AA 35 -31.98 -44.14 -11.63
CA GLY AA 35 -33.18 -44.91 -11.35
C GLY AA 35 -33.78 -44.59 -10.01
N GLY AA 36 -32.94 -44.22 -9.04
CA GLY AA 36 -33.47 -43.76 -7.76
C GLY AA 36 -34.15 -42.42 -7.86
N TRP AA 37 -33.68 -41.56 -8.78
CA TRP AA 37 -34.34 -40.28 -8.96
C TRP AA 37 -35.68 -40.43 -9.67
N MET AA 38 -35.76 -41.35 -10.63
CA MET AA 38 -37.04 -41.61 -11.28
C MET AA 38 -38.02 -42.27 -10.33
N THR AA 39 -37.53 -43.10 -9.41
CA THR AA 39 -38.41 -43.75 -8.46
C THR AA 39 -38.95 -42.75 -7.45
N GLY AA 40 -38.13 -41.78 -7.05
CA GLY AA 40 -38.56 -40.83 -6.05
C GLY AA 40 -39.51 -39.79 -6.61
N THR AA 41 -39.24 -39.31 -7.82
CA THR AA 41 -40.11 -38.30 -8.42
C THR AA 41 -41.41 -38.88 -8.94
N THR AA 42 -41.54 -40.20 -9.02
CA THR AA 42 -42.78 -40.83 -9.45
C THR AA 42 -43.63 -41.32 -8.29
N PHE AA 43 -43.02 -41.85 -7.24
CA PHE AA 43 -43.76 -42.57 -6.23
C PHE AA 43 -43.59 -42.04 -4.82
N VAL AA 44 -42.47 -41.43 -4.49
CA VAL AA 44 -42.10 -41.22 -3.10
C VAL AA 44 -42.44 -39.79 -2.69
N THR AA 45 -43.11 -39.66 -1.56
CA THR AA 45 -43.59 -38.39 -1.05
C THR AA 45 -42.54 -37.66 -0.24
N SER AA 46 -42.85 -36.42 0.10
CA SER AA 46 -42.07 -35.62 1.04
C SER AA 46 -42.94 -35.16 2.19
N TRP AA 47 -43.99 -35.93 2.46
CA TRP AA 47 -45.01 -35.51 3.41
C TRP AA 47 -44.53 -35.59 4.84
N TYR AA 48 -43.55 -36.43 5.12
CA TYR AA 48 -43.06 -36.61 6.47
C TYR AA 48 -41.72 -35.93 6.70
N THR AA 49 -41.02 -35.53 5.65
CA THR AA 49 -39.77 -34.81 5.79
C THR AA 49 -39.97 -33.31 5.67
N HIS AA 50 -40.74 -32.87 4.68
CA HIS AA 50 -40.96 -31.46 4.43
C HIS AA 50 -42.40 -31.03 4.57
N GLY AA 51 -43.34 -31.98 4.54
CA GLY AA 51 -44.72 -31.61 4.44
C GLY AA 51 -45.15 -31.22 3.05
N LEU AA 52 -44.60 -31.87 2.04
CA LEU AA 52 -44.87 -31.51 0.66
C LEU AA 52 -45.32 -32.73 -0.12
N ALA AA 53 -46.02 -32.48 -1.21
CA ALA AA 53 -46.22 -33.48 -2.25
C ALA AA 53 -45.09 -33.31 -3.25
N SER AA 54 -44.43 -34.41 -3.60
CA SER AA 54 -43.29 -34.27 -4.50
C SER AA 54 -43.19 -35.40 -5.52
N SER AA 55 -44.25 -36.16 -5.75
CA SER AA 55 -44.21 -37.25 -6.70
C SER AA 55 -45.38 -37.13 -7.66
N TYR AA 56 -45.31 -37.87 -8.75
CA TYR AA 56 -46.41 -37.89 -9.70
C TYR AA 56 -47.63 -38.61 -9.14
N LEU AA 57 -47.46 -39.50 -8.16
CA LEU AA 57 -48.61 -40.10 -7.48
C LEU AA 57 -49.45 -39.09 -6.73
N GLU AA 58 -48.87 -37.98 -6.31
CA GLU AA 58 -49.58 -36.98 -5.53
C GLU AA 58 -50.10 -35.82 -6.37
N GLY AA 59 -49.81 -35.80 -7.66
CA GLY AA 59 -50.29 -34.76 -8.53
C GLY AA 59 -49.25 -33.77 -8.97
N CYS AA 60 -47.99 -33.97 -8.65
CA CYS AA 60 -46.94 -33.09 -9.13
C CYS AA 60 -46.71 -33.31 -10.61
N ASN AA 61 -46.30 -32.27 -11.30
CA ASN AA 61 -45.87 -32.42 -12.68
C ASN AA 61 -44.35 -32.54 -12.68
N PHE AA 62 -43.74 -32.47 -13.86
CA PHE AA 62 -42.29 -32.60 -13.98
C PHE AA 62 -41.57 -31.45 -13.30
N LEU AA 63 -42.17 -30.27 -13.28
CA LEU AA 63 -41.51 -29.12 -12.69
C LEU AA 63 -41.52 -29.17 -11.17
N THR AA 64 -42.57 -29.70 -10.56
CA THR AA 64 -42.70 -29.65 -9.11
C THR AA 64 -42.41 -30.96 -8.40
N ALA AA 65 -42.05 -32.02 -9.12
CA ALA AA 65 -41.68 -33.27 -8.49
C ALA AA 65 -40.21 -33.27 -8.12
N ALA AA 66 -39.89 -33.89 -6.98
CA ALA AA 66 -38.52 -33.90 -6.50
C ALA AA 66 -38.26 -35.15 -5.68
N VAL AA 67 -36.98 -35.48 -5.55
CA VAL AA 67 -36.51 -36.36 -4.49
C VAL AA 67 -36.04 -35.43 -3.38
N SER AA 68 -36.82 -35.32 -2.32
CA SER AA 68 -36.50 -34.31 -1.34
C SER AA 68 -35.48 -34.82 -0.34
N THR AA 69 -34.81 -33.87 0.29
CA THR AA 69 -33.82 -34.13 1.32
C THR AA 69 -34.47 -34.80 2.53
N PRO AA 70 -33.68 -35.49 3.37
CA PRO AA 70 -34.24 -36.08 4.58
C PRO AA 70 -34.74 -35.04 5.57
N ALA AA 71 -35.39 -35.54 6.61
CA ALA AA 71 -35.86 -34.68 7.69
C ALA AA 71 -34.69 -34.06 8.43
N ASN AA 72 -34.92 -32.91 9.05
CA ASN AA 72 -33.87 -32.23 9.77
C ASN AA 72 -33.45 -32.99 11.02
N SER AA 73 -34.35 -33.83 11.55
CA SER AA 73 -34.07 -34.57 12.78
C SER AA 73 -32.97 -35.59 12.61
N VAL AA 74 -32.83 -36.18 11.41
CA VAL AA 74 -31.81 -37.20 11.22
C VAL AA 74 -30.42 -36.62 11.04
N GLY AA 75 -30.29 -35.30 10.92
CA GLY AA 75 -28.97 -34.68 10.96
C GLY AA 75 -28.22 -34.93 9.67
N HIS AA 76 -26.95 -35.29 9.80
CA HIS AA 76 -26.14 -35.72 8.68
C HIS AA 76 -26.01 -37.22 8.61
N SER AA 77 -27.07 -37.95 8.98
CA SER AA 77 -27.04 -39.40 8.90
C SER AA 77 -26.88 -39.85 7.46
N LEU AA 78 -26.17 -40.96 7.30
CA LEU AA 78 -26.03 -41.54 5.98
C LEU AA 78 -27.33 -42.13 5.48
N LEU AA 79 -28.23 -42.47 6.41
CA LEU AA 79 -29.55 -43.03 6.13
C LEU AA 79 -29.46 -44.29 5.29
N LEU AA 80 -28.58 -45.18 5.72
CA LEU AA 80 -28.51 -46.50 5.14
C LEU AA 80 -29.83 -47.23 5.38
N LEU AA 81 -30.20 -48.07 4.42
CA LEU AA 81 -31.45 -48.81 4.52
C LEU AA 81 -31.45 -49.75 5.71
N TRP AA 82 -30.31 -50.37 5.98
CA TRP AA 82 -30.11 -51.18 7.17
C TRP AA 82 -29.74 -50.38 8.40
N GLY AA 83 -29.60 -49.05 8.28
CA GLY AA 83 -29.08 -48.25 9.34
C GLY AA 83 -30.06 -48.07 10.49
N PRO AA 84 -29.62 -47.37 11.54
CA PRO AA 84 -30.40 -47.31 12.78
C PRO AA 84 -31.64 -46.43 12.72
N GLU AA 85 -31.93 -45.80 11.58
CA GLU AA 85 -33.14 -45.01 11.42
C GLU AA 85 -34.24 -45.76 10.69
N ALA AA 86 -33.90 -46.45 9.61
CA ALA AA 86 -34.87 -47.20 8.84
C ALA AA 86 -34.96 -48.65 9.28
N GLN AA 87 -33.81 -49.24 9.65
CA GLN AA 87 -33.69 -50.60 10.20
C GLN AA 87 -34.24 -51.65 9.25
N GLY AA 88 -33.91 -51.51 7.97
CA GLY AA 88 -34.30 -52.47 6.97
C GLY AA 88 -35.64 -52.23 6.33
N ASP AA 89 -36.49 -51.42 6.95
CA ASP AA 89 -37.83 -51.16 6.42
C ASP AA 89 -37.72 -50.22 5.22
N PHE AA 90 -38.08 -50.73 4.05
CA PHE AA 90 -37.94 -49.92 2.83
C PHE AA 90 -38.95 -48.79 2.79
N THR AA 91 -40.16 -49.03 3.29
CA THR AA 91 -41.20 -48.01 3.28
C THR AA 91 -40.85 -46.86 4.20
N ARG AA 92 -40.37 -47.17 5.41
CA ARG AA 92 -39.94 -46.13 6.33
C ARG AA 92 -38.68 -45.44 5.87
N TRP AA 93 -37.85 -46.13 5.08
CA TRP AA 93 -36.66 -45.52 4.52
C TRP AA 93 -37.01 -44.44 3.50
N CYS AA 94 -38.00 -44.70 2.66
CA CYS AA 94 -38.42 -43.71 1.68
C CYS AA 94 -39.13 -42.54 2.33
N GLN AA 95 -39.75 -42.75 3.49
CA GLN AA 95 -40.49 -41.68 4.11
C GLN AA 95 -39.61 -40.75 4.93
N ILE AA 96 -38.46 -41.21 5.41
CA ILE AA 96 -37.55 -40.33 6.12
C ILE AA 96 -36.56 -39.64 5.20
N GLY AA 97 -36.68 -39.82 3.89
CA GLY AA 97 -35.77 -39.21 2.95
C GLY AA 97 -34.55 -40.03 2.64
N GLY AA 98 -34.63 -41.35 2.75
CA GLY AA 98 -33.47 -42.19 2.49
C GLY AA 98 -33.09 -42.25 1.03
N LEU AA 99 -34.04 -42.02 0.13
CA LEU AA 99 -33.71 -41.98 -1.29
C LEU AA 99 -32.89 -40.78 -1.66
N TRP AA 100 -32.92 -39.70 -0.88
CA TRP AA 100 -32.07 -38.57 -1.18
C TRP AA 100 -30.60 -38.94 -1.02
N THR AA 101 -30.26 -39.54 0.13
CA THR AA 101 -28.89 -39.97 0.35
C THR AA 101 -28.52 -41.15 -0.53
N PHE AA 102 -29.51 -41.94 -0.96
CA PHE AA 102 -29.25 -42.97 -1.96
C PHE AA 102 -28.80 -42.35 -3.27
N VAL AA 103 -29.56 -41.35 -3.75
CA VAL AA 103 -29.24 -40.72 -5.03
C VAL AA 103 -27.97 -39.90 -4.93
N ALA AA 104 -27.77 -39.21 -3.80
CA ALA AA 104 -26.61 -38.34 -3.67
C ALA AA 104 -25.32 -39.12 -3.49
N LEU AA 105 -25.36 -40.27 -2.80
CA LEU AA 105 -24.13 -41.02 -2.62
C LEU AA 105 -23.82 -41.90 -3.82
N HIS AA 106 -24.83 -42.56 -4.39
CA HIS AA 106 -24.58 -43.31 -5.62
C HIS AA 106 -24.34 -42.39 -6.80
N GLY AA 107 -24.84 -41.15 -6.74
CA GLY AA 107 -24.50 -40.17 -7.76
C GLY AA 107 -23.11 -39.61 -7.60
N ALA AA 108 -22.61 -39.54 -6.37
CA ALA AA 108 -21.24 -39.10 -6.15
C ALA AA 108 -20.25 -40.11 -6.69
N PHE AA 109 -20.53 -41.41 -6.49
CA PHE AA 109 -19.64 -42.43 -7.03
C PHE AA 109 -19.85 -42.66 -8.51
N GLY AA 110 -20.98 -42.21 -9.06
CA GLY AA 110 -21.14 -42.23 -10.50
C GLY AA 110 -20.29 -41.17 -11.17
N LEU AA 111 -20.14 -40.02 -10.54
CA LEU AA 111 -19.29 -38.98 -11.10
C LEU AA 111 -17.83 -39.32 -10.98
N ILE AA 112 -17.45 -40.02 -9.90
CA ILE AA 112 -16.11 -40.59 -9.81
C ILE AA 112 -15.91 -41.60 -10.92
N GLY AA 113 -16.88 -42.48 -11.12
CA GLY AA 113 -16.76 -43.52 -12.13
C GLY AA 113 -16.82 -42.98 -13.54
N PHE AA 114 -17.48 -41.86 -13.75
CA PHE AA 114 -17.50 -41.29 -15.10
C PHE AA 114 -16.19 -40.57 -15.40
N CYS AA 115 -15.60 -39.92 -14.41
CA CYS AA 115 -14.32 -39.27 -14.64
C CYS AA 115 -13.20 -40.29 -14.77
N LEU AA 116 -13.32 -41.43 -14.08
CA LEU AA 116 -12.38 -42.52 -14.30
C LEU AA 116 -12.56 -43.14 -15.67
N ARG AA 117 -13.78 -43.11 -16.20
CA ARG AA 117 -14.03 -43.58 -17.56
C ARG AA 117 -13.34 -42.68 -18.57
N GLN AA 118 -13.33 -41.38 -18.33
CA GLN AA 118 -12.65 -40.47 -19.23
C GLN AA 118 -11.14 -40.64 -19.19
N PHE AA 119 -10.59 -41.00 -18.03
CA PHE AA 119 -9.17 -41.31 -17.96
C PHE AA 119 -8.87 -42.63 -18.66
N GLU AA 120 -9.78 -43.60 -18.56
CA GLU AA 120 -9.50 -44.92 -19.09
C GLU AA 120 -9.59 -44.95 -20.61
N ILE AA 121 -10.57 -44.26 -21.18
CA ILE AA 121 -10.75 -44.28 -22.63
C ILE AA 121 -9.65 -43.48 -23.30
N ALA AA 122 -9.23 -42.37 -22.70
CA ALA AA 122 -8.14 -41.57 -23.26
C ALA AA 122 -6.82 -42.32 -23.22
N ARG AA 123 -6.64 -43.23 -22.26
CA ARG AA 123 -5.43 -44.02 -22.24
C ARG AA 123 -5.45 -45.12 -23.29
N LEU AA 124 -6.62 -45.59 -23.68
CA LEU AA 124 -6.70 -46.62 -24.72
C LEU AA 124 -6.69 -46.02 -26.11
N VAL AA 125 -7.38 -44.90 -26.31
CA VAL AA 125 -7.36 -44.22 -27.60
C VAL AA 125 -6.00 -43.57 -27.82
N GLY AA 126 -5.33 -43.15 -26.75
CA GLY AA 126 -3.98 -42.65 -26.86
C GLY AA 126 -3.93 -41.16 -27.00
N ILE AA 127 -4.80 -40.45 -26.28
CA ILE AA 127 -4.85 -39.00 -26.34
C ILE AA 127 -4.59 -38.43 -24.95
N ARG AA 128 -4.63 -37.20 -24.83
CA ARG AA 128 -4.38 -36.52 -23.57
C ARG AA 128 -5.66 -36.43 -22.75
N PRO AA 129 -5.60 -36.46 -21.42
CA PRO AA 129 -6.81 -36.56 -20.59
C PRO AA 129 -7.44 -35.21 -20.22
N TYR AA 130 -7.63 -34.34 -21.20
CA TYR AA 130 -8.16 -33.02 -20.89
C TYR AA 130 -9.66 -33.03 -20.67
N ASN AA 131 -10.37 -34.02 -21.19
CA ASN AA 131 -11.80 -34.09 -20.94
C ASN AA 131 -12.10 -34.52 -19.51
N ALA AA 132 -11.23 -35.33 -18.91
CA ALA AA 132 -11.38 -35.66 -17.51
C ALA AA 132 -11.04 -34.48 -16.62
N ILE AA 133 -10.10 -33.64 -17.06
CA ILE AA 133 -9.78 -32.42 -16.32
C ILE AA 133 -10.93 -31.44 -16.39
N ALA AA 134 -11.61 -31.36 -17.53
CA ALA AA 134 -12.73 -30.45 -17.66
C ALA AA 134 -13.96 -30.92 -16.90
N PHE AA 135 -14.08 -32.23 -16.68
CA PHE AA 135 -15.18 -32.75 -15.89
C PHE AA 135 -14.99 -32.54 -14.40
N SER AA 136 -13.80 -32.14 -13.96
CA SER AA 136 -13.59 -31.77 -12.56
C SER AA 136 -14.40 -30.55 -12.17
N GLY AA 137 -14.74 -29.70 -13.11
CA GLY AA 137 -15.67 -28.61 -12.91
C GLY AA 137 -17.04 -29.05 -12.43
N PRO AA 138 -17.73 -29.89 -13.20
CA PRO AA 138 -19.00 -30.45 -12.71
C PRO AA 138 -18.88 -31.30 -11.46
N ILE AA 139 -17.73 -31.93 -11.22
CA ILE AA 139 -17.55 -32.71 -10.01
C ILE AA 139 -17.42 -31.77 -8.81
N ALA AA 140 -16.66 -30.68 -8.97
CA ALA AA 140 -16.50 -29.71 -7.90
C ALA AA 140 -17.79 -29.00 -7.58
N VAL AA 141 -18.69 -28.87 -8.56
CA VAL AA 141 -20.00 -28.28 -8.28
C VAL AA 141 -20.85 -29.22 -7.45
N PHE AA 142 -20.90 -30.49 -7.84
CA PHE AA 142 -21.74 -31.47 -7.14
C PHE AA 142 -21.24 -31.74 -5.73
N VAL AA 143 -19.92 -31.83 -5.56
CA VAL AA 143 -19.35 -32.12 -4.25
C VAL AA 143 -19.59 -30.97 -3.29
N SER AA 144 -19.40 -29.75 -3.77
CA SER AA 144 -19.50 -28.59 -2.90
C SER AA 144 -20.93 -28.16 -2.63
N VAL AA 145 -21.87 -28.45 -3.52
CA VAL AA 145 -23.26 -28.03 -3.34
C VAL AA 145 -24.09 -29.12 -2.67
N PHE AA 146 -24.00 -30.35 -3.17
CA PHE AA 146 -24.86 -31.41 -2.67
C PHE AA 146 -24.26 -32.15 -1.48
N LEU AA 147 -22.95 -32.12 -1.30
CA LEU AA 147 -22.34 -32.77 -0.15
C LEU AA 147 -21.76 -31.76 0.84
N LEU AA 148 -20.87 -30.88 0.40
CA LEU AA 148 -20.15 -30.03 1.33
C LEU AA 148 -21.02 -28.93 1.91
N TYR AA 149 -21.99 -28.44 1.16
CA TYR AA 149 -22.87 -27.39 1.71
C TYR AA 149 -23.78 -27.91 2.82
N PRO AA 150 -24.50 -29.03 2.69
CA PRO AA 150 -25.28 -29.49 3.85
C PRO AA 150 -24.44 -30.02 4.99
N LEU AA 151 -23.20 -30.42 4.74
CA LEU AA 151 -22.36 -30.92 5.81
C LEU AA 151 -21.88 -29.80 6.72
N GLY AA 152 -21.75 -28.59 6.19
CA GLY AA 152 -21.47 -27.45 7.01
C GLY AA 152 -22.68 -26.86 7.69
N GLN AA 153 -23.87 -27.22 7.21
CA GLN AA 153 -25.11 -26.72 7.78
C GLN AA 153 -25.58 -27.70 8.84
N ALA AA 154 -26.84 -27.62 9.26
CA ALA AA 154 -27.31 -28.42 10.37
C ALA AA 154 -27.56 -29.87 9.99
N SER AA 155 -27.99 -30.13 8.76
CA SER AA 155 -28.43 -31.46 8.37
C SER AA 155 -28.41 -31.55 6.86
N TRP AA 156 -28.79 -32.72 6.34
CA TRP AA 156 -29.02 -32.88 4.91
C TRP AA 156 -30.22 -32.12 4.41
N PHE AA 157 -31.10 -31.65 5.31
CA PHE AA 157 -32.33 -30.96 4.96
C PHE AA 157 -32.07 -29.71 4.12
N PHE AA 158 -30.97 -29.02 4.37
CA PHE AA 158 -30.71 -27.76 3.70
C PHE AA 158 -29.93 -27.92 2.42
N ALA AA 159 -29.68 -29.15 1.99
CA ALA AA 159 -29.13 -29.43 0.69
C ALA AA 159 -30.17 -29.15 -0.40
N PRO AA 160 -29.76 -29.05 -1.66
CA PRO AA 160 -30.77 -29.00 -2.73
C PRO AA 160 -31.44 -30.35 -2.89
N SER AA 161 -32.75 -30.31 -3.04
CA SER AA 161 -33.46 -31.52 -3.38
C SER AA 161 -33.39 -31.74 -4.88
N PHE AA 162 -33.55 -32.98 -5.29
CA PHE AA 162 -33.33 -33.38 -6.68
C PHE AA 162 -34.61 -33.20 -7.50
N GLY AA 163 -34.97 -31.94 -7.71
CA GLY AA 163 -36.14 -31.63 -8.51
C GLY AA 163 -35.97 -30.30 -9.19
N VAL AA 164 -36.92 -29.97 -10.05
CA VAL AA 164 -36.81 -28.75 -10.83
C VAL AA 164 -37.18 -27.53 -10.00
N ALA AA 165 -38.38 -27.54 -9.41
CA ALA AA 165 -38.76 -26.44 -8.54
C ALA AA 165 -38.08 -26.51 -7.18
N ALA AA 166 -37.62 -27.69 -6.78
CA ALA AA 166 -36.88 -27.80 -5.53
C ALA AA 166 -35.51 -27.15 -5.65
N ILE AA 167 -34.91 -27.22 -6.84
CA ILE AA 167 -33.69 -26.49 -7.11
C ILE AA 167 -33.97 -24.98 -7.14
N PHE AA 168 -35.14 -24.59 -7.64
CA PHE AA 168 -35.52 -23.18 -7.67
C PHE AA 168 -35.70 -22.61 -6.27
N ARG AA 169 -36.15 -23.43 -5.33
CA ARG AA 169 -36.17 -23.04 -3.93
C ARG AA 169 -34.77 -22.81 -3.40
N PHE AA 170 -33.84 -23.69 -3.77
CA PHE AA 170 -32.46 -23.58 -3.30
C PHE AA 170 -31.79 -22.33 -3.83
N LEU AA 171 -32.17 -21.86 -5.02
CA LEU AA 171 -31.64 -20.61 -5.53
C LEU AA 171 -32.10 -19.43 -4.69
N LEU AA 172 -33.36 -19.42 -4.31
CA LEU AA 172 -33.93 -18.29 -3.58
C LEU AA 172 -33.69 -18.39 -2.08
N PHE AA 173 -33.50 -19.60 -1.56
CA PHE AA 173 -33.05 -19.75 -0.18
C PHE AA 173 -31.69 -19.13 0.02
N LEU AA 174 -30.79 -19.33 -0.92
CA LEU AA 174 -29.44 -18.83 -0.76
C LEU AA 174 -29.30 -17.37 -1.13
N GLN AA 175 -30.30 -16.77 -1.75
CA GLN AA 175 -30.30 -15.31 -1.83
C GLN AA 175 -30.77 -14.69 -0.53
N GLY AA 176 -31.87 -15.20 0.00
CA GLY AA 176 -32.44 -14.60 1.20
C GLY AA 176 -31.58 -14.80 2.42
N PHE AA 177 -31.00 -15.99 2.58
CA PHE AA 177 -30.28 -16.30 3.79
C PHE AA 177 -28.78 -16.08 3.68
N HIS AA 178 -28.22 -16.08 2.48
CA HIS AA 178 -26.78 -15.97 2.33
C HIS AA 178 -26.31 -14.81 1.48
N ASN AA 179 -27.20 -14.16 0.72
CA ASN AA 179 -26.87 -13.10 -0.24
C ASN AA 179 -25.84 -13.58 -1.26
N TRP AA 180 -26.21 -14.66 -1.95
CA TRP AA 180 -25.24 -15.40 -2.76
C TRP AA 180 -24.90 -14.69 -4.05
N THR AA 181 -25.79 -13.83 -4.56
CA THR AA 181 -25.43 -13.00 -5.71
C THR AA 181 -24.33 -12.01 -5.37
N LEU AA 182 -24.30 -11.52 -4.13
CA LEU AA 182 -23.28 -10.57 -3.75
C LEU AA 182 -21.92 -11.22 -3.60
N ASN AA 183 -21.87 -12.54 -3.50
CA ASN AA 183 -20.61 -13.23 -3.32
C ASN AA 183 -19.74 -13.11 -4.57
N PRO AA 184 -18.48 -12.69 -4.44
CA PRO AA 184 -17.63 -12.55 -5.62
C PRO AA 184 -17.22 -13.87 -6.25
N PHE AA 185 -17.43 -14.99 -5.56
CA PHE AA 185 -17.14 -16.28 -6.15
C PHE AA 185 -18.27 -16.77 -7.03
N HIS AA 186 -19.52 -16.42 -6.71
CA HIS AA 186 -20.59 -16.67 -7.65
C HIS AA 186 -20.46 -15.78 -8.87
N MET AA 187 -19.96 -14.56 -8.68
CA MET AA 187 -19.78 -13.62 -9.78
C MET AA 187 -18.75 -14.12 -10.76
N MET AA 188 -17.67 -14.71 -10.27
CA MET AA 188 -16.70 -15.36 -11.15
C MET AA 188 -17.28 -16.59 -11.81
N GLY AA 189 -18.25 -17.23 -11.16
CA GLY AA 189 -18.92 -18.36 -11.78
C GLY AA 189 -19.86 -17.93 -12.90
N VAL AA 190 -20.56 -16.81 -12.71
CA VAL AA 190 -21.44 -16.30 -13.74
C VAL AA 190 -20.64 -15.85 -14.95
N ALA AA 191 -19.47 -15.27 -14.71
CA ALA AA 191 -18.60 -14.85 -15.80
C ALA AA 191 -18.05 -16.03 -16.59
N GLY AA 192 -17.79 -17.15 -15.92
CA GLY AA 192 -17.30 -18.31 -16.63
C GLY AA 192 -18.36 -19.05 -17.40
N ILE AA 193 -19.60 -19.01 -16.92
CA ILE AA 193 -20.67 -19.75 -17.59
C ILE AA 193 -21.23 -18.94 -18.75
N LEU AA 194 -21.47 -17.65 -18.54
CA LEU AA 194 -21.85 -16.79 -19.64
C LEU AA 194 -20.70 -16.57 -20.61
N GLY AA 195 -19.46 -16.60 -20.11
CA GLY AA 195 -18.32 -16.53 -21.00
C GLY AA 195 -18.13 -17.81 -21.79
N GLY AA 196 -18.57 -18.94 -21.25
CA GLY AA 196 -18.48 -20.19 -21.94
C GLY AA 196 -19.55 -20.33 -23.00
N ALA AA 197 -20.74 -19.83 -22.71
CA ALA AA 197 -21.80 -19.84 -23.71
C ALA AA 197 -21.51 -18.83 -24.81
N LEU AA 198 -20.84 -17.73 -24.47
CA LEU AA 198 -20.38 -16.79 -25.48
C LEU AA 198 -19.34 -17.41 -26.38
N LEU AA 199 -18.37 -18.13 -25.79
CA LEU AA 199 -17.31 -18.73 -26.57
C LEU AA 199 -17.82 -19.87 -27.44
N CYS AA 200 -18.86 -20.56 -26.97
CA CYS AA 200 -19.53 -21.54 -27.79
C CYS AA 200 -20.18 -20.92 -29.01
N ALA AA 201 -20.86 -19.78 -28.84
CA ALA AA 201 -21.59 -19.16 -29.93
C ALA AA 201 -20.67 -18.46 -30.90
N ILE AA 202 -19.61 -17.80 -30.41
CA ILE AA 202 -18.72 -17.06 -31.30
C ILE AA 202 -17.88 -18.02 -32.12
N HIS AA 203 -17.28 -19.02 -31.47
CA HIS AA 203 -16.45 -19.97 -32.21
C HIS AA 203 -17.29 -20.83 -33.13
N GLY AA 204 -18.52 -21.14 -32.73
CA GLY AA 204 -19.40 -21.88 -33.60
C GLY AA 204 -19.79 -21.10 -34.84
N ALA AA 205 -20.03 -19.80 -34.69
CA ALA AA 205 -20.48 -19.01 -35.82
C ALA AA 205 -19.32 -18.50 -36.65
N THR AA 206 -18.14 -18.33 -36.06
CA THR AA 206 -16.99 -17.87 -36.82
C THR AA 206 -16.49 -18.95 -37.78
N VAL AA 207 -16.44 -20.19 -37.30
CA VAL AA 207 -16.06 -21.31 -38.15
C VAL AA 207 -17.07 -21.47 -39.28
N GLU AA 208 -18.35 -21.36 -38.95
CA GLU AA 208 -19.42 -21.60 -39.91
C GLU AA 208 -19.55 -20.48 -40.92
N ASN AA 209 -18.95 -19.31 -40.67
CA ASN AA 209 -19.01 -18.20 -41.59
C ASN AA 209 -17.65 -17.86 -42.19
N THR AA 210 -16.62 -18.64 -41.90
CA THR AA 210 -15.34 -18.52 -42.57
C THR AA 210 -14.98 -19.82 -43.27
N LEU AA 211 -16.00 -20.61 -43.61
CA LEU AA 211 -15.79 -21.89 -44.28
C LEU AA 211 -15.20 -21.68 -45.66
N PHE AA 212 -14.49 -22.69 -46.14
CA PHE AA 212 -13.97 -22.68 -47.49
C PHE AA 212 -14.99 -23.28 -48.43
N GLU AA 213 -15.02 -22.76 -49.66
CA GLU AA 213 -15.82 -23.37 -50.71
C GLU AA 213 -15.19 -24.70 -51.08
N ASP AA 214 -15.76 -25.79 -50.59
CA ASP AA 214 -15.24 -27.11 -50.87
C ASP AA 214 -16.25 -27.98 -51.60
N GLY AA 215 -17.38 -27.40 -52.01
CA GLY AA 215 -18.37 -28.10 -52.80
C GLY AA 215 -19.14 -27.10 -53.62
N ASP AA 216 -20.05 -27.62 -54.43
CA ASP AA 216 -20.91 -26.78 -55.24
C ASP AA 216 -22.30 -26.62 -54.66
N ALA AA 217 -22.65 -27.39 -53.64
CA ALA AA 217 -23.95 -27.29 -53.01
C ALA AA 217 -24.01 -26.06 -52.12
N ALA AA 218 -25.18 -25.44 -52.07
CA ALA AA 218 -25.42 -24.38 -51.10
C ALA AA 218 -25.47 -24.93 -49.69
N ASN AA 219 -25.79 -26.21 -49.53
CA ASN AA 219 -25.66 -26.91 -48.26
C ASN AA 219 -24.19 -27.21 -48.03
N THR AA 220 -23.58 -26.48 -47.10
CA THR AA 220 -22.14 -26.58 -46.88
C THR AA 220 -21.76 -27.71 -45.93
N PHE AA 221 -22.72 -28.47 -45.42
CA PHE AA 221 -22.38 -29.56 -44.50
C PHE AA 221 -21.80 -30.76 -45.25
N ARG AA 222 -22.12 -30.90 -46.54
CA ARG AA 222 -21.62 -32.04 -47.29
C ARG AA 222 -20.15 -31.91 -47.66
N ALA AA 223 -19.61 -30.70 -47.63
CA ALA AA 223 -18.25 -30.47 -48.12
C ALA AA 223 -17.21 -30.61 -47.02
N PHE AA 224 -17.27 -31.70 -46.26
CA PHE AA 224 -16.27 -31.97 -45.26
C PHE AA 224 -16.04 -33.48 -45.20
N THR AA 225 -14.79 -33.87 -45.13
CA THR AA 225 -14.37 -35.24 -44.92
C THR AA 225 -13.78 -35.38 -43.54
N PRO AA 226 -14.17 -36.38 -42.74
CA PRO AA 226 -13.61 -36.50 -41.39
C PRO AA 226 -12.14 -36.89 -41.36
N THR AA 227 -11.58 -37.35 -42.47
CA THR AA 227 -10.17 -37.73 -42.53
C THR AA 227 -9.33 -36.74 -43.32
N GLN AA 228 -9.88 -35.60 -43.69
CA GLN AA 228 -9.13 -34.63 -44.48
C GLN AA 228 -8.07 -33.95 -43.62
N SER AA 229 -7.04 -33.43 -44.28
CA SER AA 229 -5.95 -32.78 -43.57
C SER AA 229 -6.02 -31.26 -43.67
N GLU AA 230 -6.70 -30.74 -44.68
CA GLU AA 230 -6.84 -29.30 -44.82
C GLU AA 230 -7.81 -28.77 -43.78
N GLU AA 231 -7.57 -27.54 -43.34
CA GLU AA 231 -8.53 -26.87 -42.47
C GLU AA 231 -9.78 -26.54 -43.27
N THR AA 232 -10.93 -26.74 -42.65
CA THR AA 232 -12.19 -26.53 -43.35
C THR AA 232 -12.63 -25.07 -43.32
N TYR AA 233 -11.98 -24.22 -42.53
CA TYR AA 233 -12.34 -22.83 -42.45
C TYR AA 233 -11.07 -21.98 -42.40
N SER AA 234 -11.21 -20.73 -42.81
CA SER AA 234 -10.07 -19.83 -42.96
C SER AA 234 -9.79 -19.15 -41.63
N MET AA 235 -8.69 -19.54 -40.99
CA MET AA 235 -8.28 -18.90 -39.75
C MET AA 235 -7.75 -17.50 -39.99
N VAL AA 236 -7.12 -17.27 -41.14
CA VAL AA 236 -6.58 -15.94 -41.46
C VAL AA 236 -7.71 -14.95 -41.68
N THR AA 237 -8.78 -15.39 -42.34
CA THR AA 237 -9.95 -14.53 -42.53
C THR AA 237 -10.69 -14.32 -41.22
N ALA AA 238 -10.76 -15.36 -40.39
CA ALA AA 238 -11.43 -15.24 -39.10
C ALA AA 238 -10.67 -14.34 -38.16
N ASN AA 239 -9.34 -14.37 -38.20
CA ASN AA 239 -8.55 -13.46 -37.40
C ASN AA 239 -8.66 -12.04 -37.92
N ARG AA 240 -8.75 -11.87 -39.24
CA ARG AA 240 -8.89 -10.56 -39.85
C ARG AA 240 -10.22 -9.93 -39.50
N PHE AA 241 -11.27 -10.74 -39.44
CA PHE AA 241 -12.61 -10.23 -39.13
C PHE AA 241 -12.66 -9.69 -37.70
N TRP AA 242 -12.22 -10.47 -36.73
CA TRP AA 242 -12.38 -10.07 -35.35
C TRP AA 242 -11.37 -9.02 -34.92
N SER AA 243 -10.23 -8.92 -35.62
CA SER AA 243 -9.29 -7.86 -35.34
C SER AA 243 -9.83 -6.50 -35.73
N GLN AA 244 -10.69 -6.45 -36.74
CA GLN AA 244 -11.28 -5.18 -37.13
C GLN AA 244 -12.64 -4.92 -36.51
N ILE AA 245 -13.36 -5.97 -36.12
CA ILE AA 245 -14.63 -5.76 -35.44
C ILE AA 245 -14.38 -5.45 -33.97
N PHE AA 246 -13.63 -6.30 -33.31
CA PHE AA 246 -13.48 -6.27 -31.86
C PHE AA 246 -12.16 -5.69 -31.41
N GLY AA 247 -11.19 -5.54 -32.30
CA GLY AA 247 -9.89 -5.05 -31.95
C GLY AA 247 -8.89 -6.14 -31.64
N VAL AA 248 -9.37 -7.29 -31.19
CA VAL AA 248 -8.54 -8.39 -30.70
C VAL AA 248 -9.12 -9.67 -31.25
N ALA AA 249 -8.25 -10.55 -31.75
CA ALA AA 249 -8.69 -11.81 -32.31
C ALA AA 249 -7.76 -12.92 -31.87
N PHE AA 250 -8.26 -14.16 -31.93
CA PHE AA 250 -7.41 -15.31 -31.73
C PHE AA 250 -6.52 -15.53 -32.94
N SER AA 251 -5.27 -15.85 -32.69
CA SER AA 251 -4.33 -16.20 -33.73
C SER AA 251 -3.89 -17.65 -33.66
N ASN AA 252 -4.13 -18.32 -32.54
CA ASN AA 252 -3.68 -19.67 -32.29
C ASN AA 252 -4.91 -20.55 -32.08
N LYS AA 253 -5.06 -21.58 -32.91
CA LYS AA 253 -6.17 -22.51 -32.73
C LYS AA 253 -6.01 -23.35 -31.48
N ARG AA 254 -4.76 -23.62 -31.07
CA ARG AA 254 -4.54 -24.37 -29.85
C ARG AA 254 -4.90 -23.55 -28.64
N TRP AA 255 -4.53 -22.27 -28.64
CA TRP AA 255 -4.88 -21.41 -27.51
C TRP AA 255 -6.36 -21.10 -27.49
N LEU AA 256 -6.99 -21.03 -28.66
CA LEU AA 256 -8.43 -20.83 -28.76
C LEU AA 256 -9.19 -21.96 -28.09
N HIS AA 257 -8.85 -23.19 -28.43
CA HIS AA 257 -9.60 -24.31 -27.89
C HIS AA 257 -9.23 -24.63 -26.47
N PHE AA 258 -8.04 -24.26 -26.01
CA PHE AA 258 -7.79 -24.39 -24.58
C PHE AA 258 -8.60 -23.37 -23.81
N PHE AA 259 -8.78 -22.18 -24.39
CA PHE AA 259 -9.56 -21.14 -23.74
C PHE AA 259 -11.03 -21.51 -23.65
N MET AA 260 -11.53 -22.28 -24.61
CA MET AA 260 -12.91 -22.77 -24.52
C MET AA 260 -13.05 -23.81 -23.41
N LEU AA 261 -11.97 -24.50 -23.09
CA LEU AA 261 -11.96 -25.38 -21.93
C LEU AA 261 -11.83 -24.57 -20.65
N PHE AA 262 -10.97 -23.55 -20.66
CA PHE AA 262 -10.54 -22.91 -19.41
C PHE AA 262 -11.65 -22.10 -18.78
N VAL AA 263 -12.45 -21.39 -19.60
CA VAL AA 263 -13.40 -20.43 -19.06
C VAL AA 263 -14.56 -21.06 -18.28
N PRO AA 264 -15.29 -22.06 -18.80
CA PRO AA 264 -16.39 -22.60 -17.97
C PRO AA 264 -15.91 -23.45 -16.83
N VAL AA 265 -14.74 -24.08 -16.92
CA VAL AA 265 -14.24 -24.91 -15.84
C VAL AA 265 -13.75 -24.05 -14.69
N THR AA 266 -13.10 -22.92 -15.00
CA THR AA 266 -12.74 -21.96 -13.96
C THR AA 266 -13.98 -21.37 -13.29
N GLY AA 267 -15.04 -21.15 -14.07
CA GLY AA 267 -16.27 -20.65 -13.49
C GLY AA 267 -16.92 -21.63 -12.54
N LEU AA 268 -16.83 -22.93 -12.85
CA LEU AA 268 -17.39 -23.92 -11.93
C LEU AA 268 -16.50 -24.11 -10.71
N TRP AA 269 -15.20 -23.89 -10.85
CA TRP AA 269 -14.30 -24.06 -9.73
C TRP AA 269 -14.31 -22.86 -8.80
N THR AA 270 -14.47 -21.65 -9.34
CA THR AA 270 -14.53 -20.48 -8.46
C THR AA 270 -15.85 -20.40 -7.74
N SER AA 271 -16.95 -20.78 -8.39
CA SER AA 271 -18.23 -20.79 -7.70
C SER AA 271 -18.33 -21.92 -6.69
N SER AA 272 -17.53 -22.98 -6.84
CA SER AA 272 -17.50 -24.03 -5.84
C SER AA 272 -16.77 -23.59 -4.58
N ILE AA 273 -15.87 -22.62 -4.71
CA ILE AA 273 -15.12 -22.14 -3.57
C ILE AA 273 -16.02 -21.30 -2.66
N GLY AA 274 -16.85 -20.46 -3.25
CA GLY AA 274 -17.73 -19.62 -2.45
C GLY AA 274 -18.90 -20.35 -1.84
N ILE AA 275 -19.28 -21.49 -2.42
CA ILE AA 275 -20.35 -22.26 -1.84
C ILE AA 275 -19.83 -23.14 -0.70
N VAL AA 276 -18.52 -23.41 -0.68
CA VAL AA 276 -17.90 -24.00 0.50
C VAL AA 276 -17.88 -22.98 1.63
N GLY AA 277 -17.73 -21.70 1.30
CA GLY AA 277 -17.82 -20.67 2.30
C GLY AA 277 -19.23 -20.48 2.85
N LEU AA 278 -20.25 -20.68 2.03
CA LEU AA 278 -21.62 -20.60 2.53
C LEU AA 278 -22.00 -21.78 3.39
N ALA AA 279 -21.28 -22.90 3.29
CA ALA AA 279 -21.51 -24.02 4.17
C ALA AA 279 -21.23 -23.66 5.62
N LEU AA 280 -20.27 -22.77 5.85
CA LEU AA 280 -19.92 -22.34 7.18
C LEU AA 280 -20.52 -21.00 7.52
N ASN AA 281 -21.46 -20.51 6.71
CA ASN AA 281 -22.04 -19.17 6.77
C ASN AA 281 -20.98 -18.08 6.73
N LEU AA 282 -19.88 -18.34 6.02
CA LEU AA 282 -18.88 -17.30 5.78
C LEU AA 282 -19.28 -16.66 4.47
N ARG AA 283 -20.30 -15.83 4.57
CA ARG AA 283 -20.98 -15.27 3.43
C ARG AA 283 -20.54 -13.83 3.20
N ALA AA 284 -20.64 -13.38 1.96
CA ALA AA 284 -20.54 -11.96 1.64
C ALA AA 284 -21.92 -11.34 1.78
N TYR AA 285 -22.30 -11.09 3.03
CA TYR AA 285 -23.63 -10.56 3.28
C TYR AA 285 -23.67 -9.04 3.23
N ASP AA 286 -22.91 -8.38 4.09
CA ASP AA 286 -23.01 -6.94 4.24
C ASP AA 286 -21.71 -6.24 3.91
N PHE AA 287 -21.83 -5.10 3.25
CA PHE AA 287 -20.80 -4.08 3.26
C PHE AA 287 -21.06 -3.23 4.49
N VAL AA 288 -20.19 -3.35 5.49
CA VAL AA 288 -20.47 -2.78 6.81
C VAL AA 288 -20.39 -1.27 6.77
N SER AA 289 -19.54 -0.70 5.93
CA SER AA 289 -19.44 0.75 5.84
C SER AA 289 -20.69 1.37 5.24
N GLN AA 290 -21.38 0.65 4.36
CA GLN AA 290 -22.67 1.14 3.87
C GLN AA 290 -23.77 0.85 4.88
N GLU AA 291 -23.66 -0.25 5.62
CA GLU AA 291 -24.63 -0.54 6.66
C GLU AA 291 -24.51 0.42 7.83
N LEU AA 292 -23.28 0.85 8.14
CA LEU AA 292 -23.09 1.81 9.22
C LEU AA 292 -23.54 3.20 8.81
N ARG AA 293 -23.34 3.55 7.54
CA ARG AA 293 -23.77 4.86 7.07
C ARG AA 293 -25.29 4.95 6.97
N ALA AA 294 -25.93 3.89 6.45
CA ALA AA 294 -27.38 3.89 6.34
C ALA AA 294 -28.06 3.76 7.69
N ALA AA 295 -27.35 3.29 8.71
CA ALA AA 295 -27.92 3.25 10.05
C ALA AA 295 -28.05 4.66 10.64
N GLU AA 296 -27.04 5.49 10.45
CA GLU AA 296 -27.05 6.83 11.04
C GLU AA 296 -27.51 7.91 10.08
N ASP AA 297 -27.81 7.59 8.83
CA ASP AA 297 -28.28 8.57 7.85
C ASP AA 297 -29.47 7.97 7.11
N PRO AA 298 -30.69 8.28 7.53
CA PRO AA 298 -31.85 7.63 6.91
C PRO AA 298 -32.37 8.30 5.64
N GLU AA 299 -31.48 8.73 4.76
CA GLU AA 299 -31.78 8.89 3.35
C GLU AA 299 -30.76 8.22 2.45
N PHE AA 300 -29.66 7.74 3.00
CA PHE AA 300 -28.66 7.03 2.20
C PHE AA 300 -29.26 5.71 1.75
N GLU AA 301 -29.65 5.66 0.48
CA GLU AA 301 -30.20 4.45 -0.12
C GLU AA 301 -29.39 4.13 -1.36
N THR AA 302 -28.99 2.88 -1.47
CA THR AA 302 -28.37 2.37 -2.68
C THR AA 302 -29.19 1.18 -3.14
N PHE AA 303 -28.83 0.64 -4.30
CA PHE AA 303 -29.41 -0.64 -4.72
C PHE AA 303 -28.92 -1.78 -3.85
N TYR AA 304 -27.82 -1.55 -3.14
CA TYR AA 304 -27.34 -2.51 -2.16
C TYR AA 304 -28.29 -2.64 -0.98
N THR AA 305 -28.69 -1.52 -0.38
CA THR AA 305 -29.55 -1.58 0.79
C THR AA 305 -30.96 -1.99 0.43
N LYS AA 306 -31.37 -1.74 -0.81
CA LYS AA 306 -32.66 -2.22 -1.28
C LYS AA 306 -32.69 -3.74 -1.39
N ASN AA 307 -31.55 -4.36 -1.65
CA ASN AA 307 -31.50 -5.81 -1.73
C ASN AA 307 -31.55 -6.47 -0.37
N HIS AA 308 -31.14 -5.77 0.68
CA HIS AA 308 -31.24 -6.34 2.02
C HIS AA 308 -32.66 -6.39 2.51
N LEU AA 309 -33.50 -5.44 2.08
CA LEU AA 309 -34.90 -5.49 2.45
C LEU AA 309 -35.63 -6.61 1.74
N LEU AA 310 -35.16 -6.97 0.54
CA LEU AA 310 -35.72 -8.13 -0.15
C LEU AA 310 -35.36 -9.42 0.57
N ASP AA 311 -34.15 -9.49 1.13
CA ASP AA 311 -33.71 -10.68 1.84
C ASP AA 311 -34.44 -10.85 3.16
N GLU AA 312 -34.71 -9.75 3.86
CA GLU AA 312 -35.47 -9.84 5.09
C GLU AA 312 -36.92 -10.20 4.83
N GLY AA 313 -37.43 -9.91 3.63
CA GLY AA 313 -38.73 -10.42 3.26
C GLY AA 313 -38.71 -11.91 2.98
N ILE AA 314 -37.67 -12.39 2.31
CA ILE AA 314 -37.55 -13.81 2.00
C ILE AA 314 -37.41 -14.63 3.26
N ARG AA 315 -36.56 -14.18 4.19
CA ARG AA 315 -36.28 -14.94 5.39
C ARG AA 315 -37.44 -14.99 6.36
N ALA AA 316 -38.39 -14.07 6.27
CA ALA AA 316 -39.52 -14.09 7.17
C ALA AA 316 -40.73 -14.77 6.58
N TRP AA 317 -40.93 -14.66 5.27
CA TRP AA 317 -42.13 -15.17 4.65
C TRP AA 317 -42.00 -16.61 4.19
N MET AA 318 -40.79 -17.12 4.05
CA MET AA 318 -40.64 -18.51 3.65
C MET AA 318 -40.22 -19.43 4.78
N ALA AA 319 -39.76 -18.89 5.91
CA ALA AA 319 -39.11 -19.72 6.92
C ALA AA 319 -40.05 -20.64 7.66
N ALA AA 320 -41.31 -20.25 7.83
CA ALA AA 320 -42.25 -21.13 8.51
C ALA AA 320 -42.60 -22.33 7.64
N GLN AA 321 -42.69 -22.13 6.33
CA GLN AA 321 -43.02 -23.21 5.42
C GLN AA 321 -41.79 -24.00 4.97
N ASP AA 322 -40.64 -23.35 4.83
CA ASP AA 322 -39.47 -24.04 4.34
C ASP AA 322 -38.70 -24.77 5.44
N GLN AA 323 -38.85 -24.35 6.69
CA GLN AA 323 -38.28 -25.06 7.83
C GLN AA 323 -39.43 -25.45 8.76
N PRO AA 324 -40.22 -26.45 8.40
CA PRO AA 324 -41.41 -26.78 9.20
C PRO AA 324 -41.09 -27.51 10.49
N HIS AA 325 -39.92 -28.15 10.58
CA HIS AA 325 -39.49 -28.79 11.81
C HIS AA 325 -39.24 -27.78 12.92
N GLU AA 326 -38.92 -26.55 12.54
CA GLU AA 326 -38.53 -25.53 13.51
C GLU AA 326 -39.73 -24.94 14.23
N ASN AA 327 -40.94 -25.14 13.69
CA ASN AA 327 -42.20 -24.62 14.24
C ASN AA 327 -42.17 -23.11 14.39
N PHE AA 328 -41.77 -22.44 13.32
CA PHE AA 328 -41.75 -20.99 13.27
C PHE AA 328 -43.19 -20.48 13.21
N VAL AA 329 -43.63 -19.82 14.27
CA VAL AA 329 -44.94 -19.18 14.24
C VAL AA 329 -44.74 -17.68 14.21
N PHE AA 330 -44.82 -17.11 13.06
CA PHE AA 330 -44.74 -15.66 13.00
C PHE AA 330 -46.14 -15.07 12.92
N PRO AA 331 -46.54 -14.23 13.85
CA PRO AA 331 -47.78 -13.47 13.66
C PRO AA 331 -47.62 -12.46 12.53
N GLU AA 332 -48.76 -12.02 12.00
CA GLU AA 332 -48.75 -11.09 10.88
C GLU AA 332 -48.17 -9.74 11.24
N GLU AA 333 -48.21 -9.37 12.51
CA GLU AA 333 -47.67 -8.10 12.97
C GLU AA 333 -46.15 -8.04 12.94
N VAL AA 334 -45.46 -9.19 12.96
CA VAL AA 334 -44.01 -9.16 12.92
C VAL AA 334 -43.44 -9.42 11.54
N LEU AA 335 -44.26 -9.78 10.57
CA LEU AA 335 -43.78 -9.98 9.22
C LEU AA 335 -43.48 -8.64 8.58
N PRO AA 336 -42.26 -8.42 8.07
CA PRO AA 336 -41.94 -7.15 7.41
C PRO AA 336 -42.68 -7.02 6.09
N ARG AA 337 -43.47 -5.96 5.97
CA ARG AA 337 -44.14 -5.60 4.75
C ARG AA 337 -43.82 -4.15 4.41
N GLY AA 338 -43.86 -3.84 3.12
CA GLY AA 338 -43.97 -2.46 2.71
C GLY AA 338 -45.40 -2.00 2.87
N ASN AA 339 -45.64 -0.75 2.50
CA ASN AA 339 -47.00 -0.23 2.53
C ASN AA 339 -47.82 -0.87 1.43
N ALA AA 340 -49.06 -1.26 1.78
CA ALA AA 340 -50.12 -1.71 0.89
C ALA AA 340 -49.83 -3.03 0.20
N LEU AA 341 -48.75 -3.70 0.52
CA LEU AA 341 -48.48 -5.01 -0.04
C LEU AA 341 -48.07 -5.95 1.08
N ARG BA 1 -24.88 -56.40 -34.82
CA ARG BA 1 -26.04 -56.09 -35.63
C ARG BA 1 -26.40 -54.62 -35.55
N PRO BA 2 -26.71 -54.00 -36.70
CA PRO BA 2 -27.13 -52.59 -36.69
C PRO BA 2 -28.47 -52.39 -36.01
N PHE BA 3 -28.77 -51.13 -35.70
CA PHE BA 3 -29.94 -50.81 -34.89
C PHE BA 3 -31.22 -50.76 -35.71
N SER BA 4 -31.22 -49.95 -36.77
CA SER BA 4 -32.47 -49.67 -37.49
C SER BA 4 -32.96 -50.85 -38.29
N ASP BA 5 -32.09 -51.82 -38.58
CA ASP BA 5 -32.52 -53.05 -39.23
C ASP BA 5 -33.12 -54.04 -38.24
N ILE BA 6 -32.95 -53.81 -36.94
CA ILE BA 6 -33.63 -54.63 -35.94
C ILE BA 6 -35.09 -54.21 -35.82
N ILE BA 7 -35.33 -52.93 -35.56
CA ILE BA 7 -36.68 -52.44 -35.27
C ILE BA 7 -37.59 -52.43 -36.49
N THR BA 8 -37.04 -52.59 -37.69
CA THR BA 8 -37.85 -52.78 -38.88
C THR BA 8 -38.11 -54.23 -39.23
N SER BA 9 -37.41 -55.16 -38.59
CA SER BA 9 -37.70 -56.56 -38.82
C SER BA 9 -38.99 -56.95 -38.12
N VAL BA 10 -39.72 -57.89 -38.71
CA VAL BA 10 -41.01 -58.27 -38.15
C VAL BA 10 -40.85 -59.20 -36.96
N ARG BA 11 -39.69 -59.87 -36.82
CA ARG BA 11 -39.45 -60.70 -35.65
C ARG BA 11 -39.35 -59.87 -34.39
N TYR BA 12 -38.79 -58.67 -34.50
CA TYR BA 12 -38.74 -57.74 -33.37
C TYR BA 12 -40.13 -57.34 -32.93
N TRP BA 13 -41.04 -57.14 -33.88
CA TRP BA 13 -42.39 -56.72 -33.54
C TRP BA 13 -43.29 -57.88 -33.19
N ILE BA 14 -42.87 -59.11 -33.43
CA ILE BA 14 -43.60 -60.24 -32.90
C ILE BA 14 -43.35 -60.38 -31.40
N ILE BA 15 -42.09 -60.22 -30.99
CA ILE BA 15 -41.75 -60.31 -29.58
C ILE BA 15 -42.34 -59.13 -28.81
N HIS BA 16 -42.15 -57.93 -29.31
CA HIS BA 16 -42.42 -56.72 -28.56
C HIS BA 16 -43.85 -56.21 -28.71
N SER BA 17 -44.70 -56.93 -29.45
CA SER BA 17 -46.12 -56.64 -29.39
C SER BA 17 -46.79 -57.33 -28.21
N ILE BA 18 -46.09 -58.25 -27.54
CA ILE BA 18 -46.58 -58.89 -26.34
C ILE BA 18 -45.91 -58.33 -25.10
N THR BA 19 -44.58 -58.19 -25.14
CA THR BA 19 -43.82 -57.79 -23.96
C THR BA 19 -44.05 -56.33 -23.59
N ILE BA 20 -44.11 -55.43 -24.58
CA ILE BA 20 -44.31 -54.01 -24.28
C ILE BA 20 -45.71 -53.71 -23.76
N PRO BA 21 -46.81 -54.23 -24.33
CA PRO BA 21 -48.11 -54.01 -23.68
C PRO BA 21 -48.28 -54.74 -22.37
N SER BA 22 -47.56 -55.84 -22.12
CA SER BA 22 -47.69 -56.51 -20.84
C SER BA 22 -46.98 -55.74 -19.73
N LEU BA 23 -45.90 -55.04 -20.06
CA LEU BA 23 -45.23 -54.20 -19.07
C LEU BA 23 -45.98 -52.90 -18.84
N PHE BA 24 -46.61 -52.36 -19.88
CA PHE BA 24 -47.43 -51.16 -19.72
C PHE BA 24 -48.66 -51.46 -18.88
N VAL BA 25 -49.26 -52.64 -19.04
CA VAL BA 25 -50.40 -53.01 -18.22
C VAL BA 25 -49.96 -53.28 -16.79
N SER BA 26 -48.81 -53.92 -16.62
CA SER BA 26 -48.30 -54.23 -15.29
C SER BA 26 -47.91 -52.97 -14.52
N GLY BA 27 -47.46 -51.93 -15.24
CA GLY BA 27 -47.27 -50.65 -14.59
C GLY BA 27 -48.58 -49.99 -14.23
N TRP BA 28 -49.60 -50.17 -15.07
CA TRP BA 28 -50.94 -49.66 -14.78
C TRP BA 28 -51.54 -50.37 -13.58
N LEU BA 29 -51.32 -51.67 -13.45
CA LEU BA 29 -51.88 -52.41 -12.33
C LEU BA 29 -51.13 -52.14 -11.04
N PHE BA 30 -49.89 -51.68 -11.13
CA PHE BA 30 -49.13 -51.28 -9.94
C PHE BA 30 -49.77 -50.07 -9.26
N ILE BA 31 -50.48 -49.24 -10.04
CA ILE BA 31 -51.17 -48.09 -9.51
C ILE BA 31 -52.64 -48.40 -9.24
N SER BA 32 -53.28 -49.18 -10.11
CA SER BA 32 -54.71 -49.44 -10.00
C SER BA 32 -55.06 -50.28 -8.79
N THR BA 33 -54.20 -51.24 -8.45
CA THR BA 33 -54.43 -52.04 -7.25
C THR BA 33 -53.99 -51.34 -5.98
N GLY BA 34 -53.42 -50.15 -6.08
CA GLY BA 34 -52.96 -49.43 -4.91
C GLY BA 34 -51.73 -50.01 -4.27
N LEU BA 35 -50.95 -50.79 -5.01
CA LEU BA 35 -49.76 -51.41 -4.44
C LEU BA 35 -48.64 -50.38 -4.26
N ALA BA 36 -48.59 -49.37 -5.12
CA ALA BA 36 -47.51 -48.39 -5.05
C ALA BA 36 -47.60 -47.50 -3.82
N TYR BA 37 -48.80 -47.35 -3.26
CA TYR BA 37 -48.92 -46.61 -2.01
C TYR BA 37 -48.36 -47.40 -0.85
N ASP BA 38 -48.49 -48.73 -0.88
CA ASP BA 38 -48.06 -49.55 0.23
C ASP BA 38 -46.56 -49.84 0.16
N VAL BA 39 -45.99 -49.85 -1.04
CA VAL BA 39 -44.57 -50.13 -1.19
C VAL BA 39 -43.75 -48.93 -0.73
N PHE BA 40 -44.14 -47.73 -1.15
CA PHE BA 40 -43.34 -46.54 -0.94
C PHE BA 40 -43.82 -45.68 0.22
N GLY BA 41 -44.99 -45.98 0.79
CA GLY BA 41 -45.47 -45.19 1.90
C GLY BA 41 -46.07 -43.86 1.50
N THR BA 42 -46.39 -43.70 0.23
CA THR BA 42 -47.02 -42.47 -0.23
C THR BA 42 -48.46 -42.41 0.28
N PRO BA 43 -48.91 -41.26 0.78
CA PRO BA 43 -50.30 -41.15 1.19
C PRO BA 43 -51.23 -41.17 -0.02
N ARG BA 44 -52.28 -41.97 0.10
CA ARG BA 44 -53.46 -41.84 -0.76
C ARG BA 44 -54.11 -40.49 -0.48
N PRO BA 45 -54.96 -39.99 -1.40
CA PRO BA 45 -55.65 -38.71 -1.14
C PRO BA 45 -56.54 -38.69 0.09
N ASN BA 46 -56.99 -39.85 0.57
CA ASN BA 46 -57.72 -39.94 1.82
C ASN BA 46 -56.87 -39.62 3.05
N GLU BA 47 -55.57 -39.91 3.00
CA GLU BA 47 -54.80 -40.10 4.23
C GLU BA 47 -53.60 -39.17 4.31
N TYR BA 48 -53.79 -37.91 3.93
CA TYR BA 48 -52.80 -36.92 4.34
C TYR BA 48 -53.03 -36.51 5.78
N PHE BA 49 -54.28 -36.32 6.14
CA PHE BA 49 -54.67 -36.04 7.50
C PHE BA 49 -55.67 -37.11 7.92
N THR BA 50 -55.60 -37.48 9.19
CA THR BA 50 -56.52 -38.46 9.75
C THR BA 50 -57.44 -37.76 10.73
N GLN BA 51 -58.32 -38.54 11.37
CA GLN BA 51 -59.26 -37.96 12.31
C GLN BA 51 -58.55 -37.50 13.58
N ASP BA 52 -57.51 -38.20 14.01
CA ASP BA 52 -56.74 -37.76 15.17
C ASP BA 52 -55.75 -36.66 14.82
N ARG BA 53 -55.08 -36.79 13.68
CA ARG BA 53 -54.03 -35.84 13.29
C ARG BA 53 -54.55 -34.93 12.19
N GLN BA 54 -54.83 -33.68 12.54
CA GLN BA 54 -55.20 -32.65 11.58
C GLN BA 54 -54.01 -31.79 11.19
N GLN BA 55 -52.82 -32.17 11.60
CA GLN BA 55 -51.60 -31.40 11.33
C GLN BA 55 -50.70 -32.16 10.37
N VAL BA 56 -49.68 -31.47 9.91
CA VAL BA 56 -48.69 -32.04 9.00
C VAL BA 56 -47.72 -32.90 9.81
N PRO BA 57 -47.56 -34.18 9.47
CA PRO BA 57 -46.75 -35.06 10.32
C PRO BA 57 -45.27 -34.91 10.00
N LEU BA 58 -44.49 -34.54 11.00
CA LEU BA 58 -43.05 -34.46 10.80
C LEU BA 58 -42.34 -35.39 11.78
N VAL BA 59 -41.21 -35.88 11.33
CA VAL BA 59 -40.34 -36.70 12.17
C VAL BA 59 -39.42 -35.78 12.94
N ASN BA 60 -39.48 -35.85 14.27
CA ASN BA 60 -38.64 -35.00 15.10
C ASN BA 60 -37.59 -35.77 15.89
N ASP BA 61 -37.38 -37.05 15.59
CA ASP BA 61 -36.37 -37.84 16.27
C ASP BA 61 -35.63 -38.68 15.25
N ARG BA 62 -34.32 -38.81 15.46
CA ARG BA 62 -33.49 -39.51 14.48
C ARG BA 62 -33.54 -41.02 14.68
N PHE BA 63 -33.38 -41.47 15.93
CA PHE BA 63 -33.20 -42.89 16.16
C PHE BA 63 -34.49 -43.62 16.46
N SER BA 64 -35.56 -42.90 16.79
CA SER BA 64 -36.90 -43.48 16.81
C SER BA 64 -37.73 -43.01 15.63
N ALA BA 65 -37.08 -42.72 14.51
CA ALA BA 65 -37.78 -42.26 13.32
C ALA BA 65 -38.65 -43.34 12.72
N LYS BA 66 -38.24 -44.60 12.85
CA LYS BA 66 -39.05 -45.70 12.34
C LYS BA 66 -40.30 -45.90 13.18
N GLN BA 67 -40.18 -45.70 14.49
CA GLN BA 67 -41.32 -45.92 15.38
C GLN BA 67 -42.24 -44.71 15.44
N GLU BA 68 -41.68 -43.50 15.29
CA GLU BA 68 -42.51 -42.32 15.18
C GLU BA 68 -43.33 -42.30 13.90
N LEU BA 69 -42.78 -42.80 12.80
CA LEU BA 69 -43.52 -42.90 11.56
C LEU BA 69 -44.60 -43.95 11.62
N GLU BA 70 -44.41 -45.00 12.41
CA GLU BA 70 -45.44 -46.01 12.56
C GLU BA 70 -46.63 -45.48 13.35
N ASP BA 71 -46.41 -44.53 14.24
CA ASP BA 71 -47.53 -43.93 14.96
C ASP BA 71 -48.24 -42.88 14.11
N LEU BA 72 -47.53 -42.24 13.19
CA LEU BA 72 -48.16 -41.28 12.30
C LEU BA 72 -48.88 -41.93 11.13
N THR BA 73 -48.65 -43.22 10.87
CA THR BA 73 -49.27 -43.91 9.75
C THR BA 73 -50.19 -45.03 10.21
N LYS BA 74 -50.65 -44.99 11.46
CA LYS BA 74 -51.56 -46.03 11.94
C LYS BA 74 -53.00 -45.78 11.53
N GLY BA 75 -53.39 -44.55 11.24
CA GLY BA 75 -54.75 -44.25 10.88
C GLY BA 75 -54.95 -44.04 9.39
N PHE CA 1 -23.53 -60.16 -25.68
CA PHE CA 1 -24.87 -59.75 -26.14
C PHE CA 1 -25.32 -58.46 -25.43
N ARG CA 2 -25.82 -57.53 -26.23
CA ARG CA 2 -26.15 -56.17 -25.81
C ARG CA 2 -27.59 -56.04 -25.34
N TRP CA 3 -28.21 -57.13 -24.88
CA TRP CA 3 -29.62 -57.09 -24.52
C TRP CA 3 -29.83 -56.34 -23.21
N LEU CA 4 -29.19 -56.81 -22.14
CA LEU CA 4 -29.47 -56.29 -20.80
C LEU CA 4 -28.80 -54.95 -20.51
N ALA CA 5 -28.21 -54.30 -21.50
CA ALA CA 5 -27.79 -52.91 -21.31
C ALA CA 5 -28.83 -51.93 -21.80
N ILE CA 6 -29.52 -52.25 -22.89
CA ILE CA 6 -30.63 -51.41 -23.32
C ILE CA 6 -31.92 -51.79 -22.61
N HIS CA 7 -32.05 -53.04 -22.17
CA HIS CA 7 -33.26 -53.44 -21.46
C HIS CA 7 -33.24 -53.07 -20.00
N GLY CA 8 -32.07 -52.74 -19.44
CA GLY CA 8 -32.04 -52.16 -18.11
C GLY CA 8 -32.62 -50.77 -18.05
N LEU CA 9 -32.66 -50.07 -19.18
CA LEU CA 9 -33.32 -48.77 -19.26
C LEU CA 9 -34.73 -48.87 -19.81
N ALA CA 10 -34.96 -49.71 -20.80
CA ALA CA 10 -36.22 -49.73 -21.53
C ALA CA 10 -37.35 -50.42 -20.76
N ILE CA 11 -37.05 -51.48 -20.03
CA ILE CA 11 -38.06 -52.21 -19.27
C ILE CA 11 -38.57 -51.37 -18.08
N PRO CA 12 -37.75 -50.71 -17.25
CA PRO CA 12 -38.36 -49.85 -16.24
C PRO CA 12 -39.03 -48.60 -16.81
N THR CA 13 -38.60 -48.14 -17.98
CA THR CA 13 -39.22 -46.96 -18.58
C THR CA 13 -40.65 -47.24 -19.00
N VAL CA 14 -40.90 -48.37 -19.65
CA VAL CA 14 -42.26 -48.72 -20.07
C VAL CA 14 -43.13 -49.07 -18.86
N PHE CA 15 -42.52 -49.66 -17.83
CA PHE CA 15 -43.25 -49.90 -16.58
C PHE CA 15 -43.62 -48.60 -15.90
N PHE CA 16 -42.68 -47.65 -15.84
CA PHE CA 16 -42.97 -46.37 -15.21
C PHE CA 16 -43.95 -45.55 -16.04
N LEU CA 17 -43.85 -45.62 -17.36
CA LEU CA 17 -44.75 -44.85 -18.22
C LEU CA 17 -46.16 -45.41 -18.17
N GLY CA 18 -46.31 -46.72 -17.97
CA GLY CA 18 -47.63 -47.28 -17.75
C GLY CA 18 -48.22 -46.85 -16.42
N GLY CA 19 -47.37 -46.57 -15.44
CA GLY CA 19 -47.84 -46.12 -14.16
C GLY CA 19 -48.22 -44.65 -14.16
N ILE CA 20 -47.42 -43.84 -14.84
CA ILE CA 20 -47.68 -42.41 -14.92
C ILE CA 20 -48.91 -42.13 -15.77
N THR CA 21 -49.17 -42.98 -16.78
CA THR CA 21 -50.38 -42.84 -17.58
C THR CA 21 -51.61 -43.21 -16.77
N ALA CA 22 -51.49 -44.19 -15.87
CA ALA CA 22 -52.60 -44.52 -14.98
C ALA CA 22 -52.83 -43.44 -13.94
N MET CA 23 -51.80 -42.65 -13.63
CA MET CA 23 -51.92 -41.62 -12.62
C MET CA 23 -52.73 -40.42 -13.10
N GLN CA 24 -52.89 -40.26 -14.42
CA GLN CA 24 -53.66 -39.13 -14.94
C GLN CA 24 -55.15 -39.28 -14.67
N PHE CA 25 -55.61 -40.49 -14.41
CA PHE CA 25 -57.02 -40.75 -14.18
C PHE CA 25 -57.34 -40.95 -12.72
N ILE CA 26 -56.35 -40.87 -11.84
CA ILE CA 26 -56.61 -40.84 -10.41
C ILE CA 26 -57.21 -39.49 -10.05
N GLN CA 27 -58.33 -39.50 -9.38
CA GLN CA 27 -58.88 -38.27 -8.82
C GLN CA 27 -58.80 -38.33 -7.31
N ARG CA 28 -58.97 -37.17 -6.70
CA ARG CA 28 -58.90 -37.06 -5.25
C ARG CA 28 -60.13 -37.72 -4.61
N ALA DA 1 28.37 -36.02 -8.73
CA ALA DA 1 29.78 -36.02 -9.09
C ALA DA 1 30.66 -35.78 -7.87
N LEU DA 2 30.22 -34.90 -6.98
CA LEU DA 2 30.97 -34.56 -5.78
C LEU DA 2 30.70 -35.63 -4.72
N ARG DA 3 31.75 -36.30 -4.29
CA ARG DA 3 31.65 -37.29 -3.23
C ARG DA 3 31.88 -36.60 -1.89
N THR DA 4 30.89 -36.66 -1.01
CA THR DA 4 31.00 -36.08 0.31
C THR DA 4 30.99 -37.18 1.36
N ARG DA 5 31.30 -36.80 2.59
CA ARG DA 5 31.39 -37.76 3.68
C ARG DA 5 30.01 -38.29 4.06
N LEU DA 6 29.02 -37.40 4.13
CA LEU DA 6 27.65 -37.84 4.36
C LEU DA 6 27.09 -38.55 3.14
N GLY DA 7 27.53 -38.15 1.95
CA GLY DA 7 27.07 -38.80 0.74
C GLY DA 7 27.53 -40.22 0.57
N GLU DA 8 28.64 -40.59 1.23
CA GLU DA 8 29.09 -41.98 1.17
C GLU DA 8 28.38 -42.85 2.19
N ILE DA 9 27.91 -42.25 3.28
CA ILE DA 9 27.11 -42.99 4.24
C ILE DA 9 25.75 -43.32 3.64
N LEU DA 10 25.14 -42.37 2.96
CA LEU DA 10 23.80 -42.53 2.41
C LEU DA 10 23.80 -43.16 1.03
N ARG DA 11 24.98 -43.41 0.46
CA ARG DA 11 25.08 -43.95 -0.89
C ARG DA 11 24.41 -45.32 -1.12
N PRO DA 12 24.48 -46.32 -0.23
CA PRO DA 12 23.74 -47.57 -0.51
C PRO DA 12 22.24 -47.42 -0.47
N LEU DA 13 21.70 -46.39 0.19
CA LEU DA 13 20.26 -46.21 0.24
C LEU DA 13 19.70 -45.71 -1.08
N ASN DA 14 20.51 -45.11 -1.93
CA ASN DA 14 20.08 -44.74 -3.28
C ASN DA 14 20.72 -45.61 -4.35
N ALA DA 15 21.27 -46.76 -3.97
CA ALA DA 15 22.06 -47.55 -4.90
C ALA DA 15 21.19 -48.35 -5.84
N GLU DA 16 20.16 -49.00 -5.32
CA GLU DA 16 19.14 -49.59 -6.17
C GLU DA 16 18.38 -48.49 -6.87
N TYR DA 17 17.91 -48.78 -8.08
CA TYR DA 17 17.00 -47.91 -8.82
C TYR DA 17 16.37 -48.74 -9.93
N GLY DA 18 15.04 -48.80 -9.94
CA GLY DA 18 14.39 -49.65 -10.90
C GLY DA 18 14.50 -51.13 -10.64
N LYS DA 19 15.00 -51.53 -9.47
CA LYS DA 19 15.00 -52.93 -9.08
C LYS DA 19 13.60 -53.33 -8.66
N VAL DA 20 13.05 -54.33 -9.34
CA VAL DA 20 11.67 -54.72 -9.09
C VAL DA 20 11.65 -56.19 -8.69
N ALA DA 21 10.66 -56.52 -7.91
CA ALA DA 21 10.32 -57.92 -7.74
C ALA DA 21 9.57 -58.40 -8.98
N PRO DA 22 9.81 -59.63 -9.45
CA PRO DA 22 9.23 -60.05 -10.72
C PRO DA 22 7.76 -60.37 -10.61
N GLY DA 23 7.03 -60.08 -11.68
CA GLY DA 23 5.64 -60.45 -11.78
C GLY DA 23 4.70 -59.64 -10.91
N TRP DA 24 3.78 -60.31 -10.23
CA TRP DA 24 2.79 -59.63 -9.42
C TRP DA 24 3.24 -59.42 -8.00
N GLY DA 25 4.21 -60.20 -7.51
CA GLY DA 25 4.88 -59.89 -6.26
C GLY DA 25 3.97 -59.99 -5.04
N THR DA 26 3.90 -58.88 -4.30
CA THR DA 26 3.11 -58.79 -3.08
C THR DA 26 1.83 -57.99 -3.29
N THR DA 27 1.38 -57.86 -4.54
CA THR DA 27 0.12 -57.16 -4.81
C THR DA 27 -1.12 -57.85 -4.22
N PRO DA 28 -1.26 -59.19 -4.16
CA PRO DA 28 -2.40 -59.74 -3.41
C PRO DA 28 -2.42 -59.39 -1.94
N ILE DA 29 -1.26 -59.27 -1.29
CA ILE DA 29 -1.25 -58.89 0.11
C ILE DA 29 -1.58 -57.41 0.26
N MET DA 30 -1.14 -56.60 -0.70
CA MET DA 30 -1.40 -55.17 -0.64
C MET DA 30 -2.87 -54.84 -0.80
N GLY DA 31 -3.58 -55.60 -1.65
CA GLY DA 31 -4.99 -55.38 -1.83
C GLY DA 31 -5.82 -55.79 -0.63
N ILE DA 32 -5.34 -56.74 0.15
CA ILE DA 32 -6.04 -57.15 1.36
C ILE DA 32 -5.85 -56.11 2.46
N VAL DA 33 -4.65 -55.54 2.55
CA VAL DA 33 -4.39 -54.46 3.51
C VAL DA 33 -5.18 -53.22 3.13
N MET DA 34 -5.27 -52.92 1.83
CA MET DA 34 -6.07 -51.80 1.36
C MET DA 34 -7.55 -52.02 1.60
N LEU DA 35 -8.02 -53.26 1.50
CA LEU DA 35 -9.43 -53.55 1.72
C LEU DA 35 -9.79 -53.43 3.20
N ALA DA 36 -8.90 -53.89 4.08
CA ALA DA 36 -9.15 -53.74 5.51
C ALA DA 36 -9.06 -52.29 5.95
N PHE DA 37 -8.22 -51.50 5.28
CA PHE DA 37 -8.16 -50.07 5.55
C PHE DA 37 -9.41 -49.36 5.09
N LEU DA 38 -10.02 -49.83 4.01
CA LEU DA 38 -11.29 -49.25 3.55
C LEU DA 38 -12.41 -49.56 4.53
N ILE DA 39 -12.43 -50.78 5.04
CA ILE DA 39 -13.43 -51.16 6.03
C ILE DA 39 -13.23 -50.39 7.32
N PHE DA 40 -11.97 -50.17 7.70
CA PHE DA 40 -11.65 -49.42 8.91
C PHE DA 40 -12.11 -47.98 8.82
N LEU DA 41 -11.96 -47.36 7.66
CA LEU DA 41 -12.40 -45.98 7.48
C LEU DA 41 -13.91 -45.89 7.42
N VAL DA 42 -14.58 -46.92 6.92
CA VAL DA 42 -16.03 -46.95 6.92
C VAL DA 42 -16.56 -47.14 8.33
N ILE DA 43 -15.83 -47.87 9.18
CA ILE DA 43 -16.22 -48.03 10.59
C ILE DA 43 -16.17 -46.71 11.33
N ILE DA 44 -15.03 -46.02 11.27
CA ILE DA 44 -14.89 -44.79 12.05
C ILE DA 44 -15.64 -43.64 11.43
N LEU DA 45 -16.01 -43.72 10.16
CA LEU DA 45 -16.93 -42.75 9.60
C LEU DA 45 -18.31 -42.93 10.20
N GLN DA 46 -18.81 -44.16 10.25
CA GLN DA 46 -20.16 -44.43 10.71
C GLN DA 46 -20.31 -44.34 12.21
N ILE DA 47 -19.23 -44.48 12.98
CA ILE DA 47 -19.29 -44.21 14.41
C ILE DA 47 -19.54 -42.73 14.64
N TYR DA 48 -18.72 -41.90 14.01
CA TYR DA 48 -18.81 -40.45 14.15
C TYR DA 48 -20.05 -39.88 13.49
N ASN DA 49 -20.56 -40.54 12.47
CA ASN DA 49 -21.86 -40.25 11.88
C ASN DA 49 -23.03 -40.69 12.72
N SER DA 50 -22.78 -41.54 13.73
CA SER DA 50 -23.79 -42.25 14.52
C SER DA 50 -24.68 -43.15 13.66
N SER DA 51 -24.17 -43.61 12.52
CA SER DA 51 -24.78 -44.71 11.80
C SER DA 51 -24.32 -46.05 12.34
N LEU DA 52 -23.24 -46.06 13.10
CA LEU DA 52 -22.74 -47.24 13.80
C LEU DA 52 -22.74 -46.90 15.28
N ILE DA 53 -23.59 -47.58 16.04
CA ILE DA 53 -23.71 -47.33 17.47
C ILE DA 53 -23.12 -48.52 18.22
N ILE DA 54 -22.08 -48.25 18.99
CA ILE DA 54 -21.36 -49.26 19.77
C ILE DA 54 -21.64 -48.96 21.24
N GLU DA 55 -21.69 -50.02 22.05
CA GLU DA 55 -21.89 -49.87 23.49
C GLU DA 55 -20.73 -49.12 24.12
N ASN DA 56 -21.07 -48.19 25.01
CA ASN DA 56 -20.13 -47.35 25.76
C ASN DA 56 -19.27 -46.48 24.85
N VAL DA 57 -19.76 -46.17 23.66
CA VAL DA 57 -19.14 -45.21 22.76
C VAL DA 57 -20.18 -44.13 22.49
N ASP DA 58 -20.15 -43.08 23.30
CA ASP DA 58 -21.10 -41.98 23.18
C ASP DA 58 -20.41 -40.83 22.45
N VAL DA 59 -20.78 -40.64 21.19
CA VAL DA 59 -20.16 -39.61 20.37
C VAL DA 59 -20.79 -38.28 20.73
N ASP DA 60 -20.18 -37.59 21.68
CA ASP DA 60 -20.65 -36.34 22.27
C ASP DA 60 -19.47 -35.82 23.08
N TRP DA 61 -19.46 -34.52 23.34
CA TRP DA 61 -18.42 -33.87 24.14
C TRP DA 61 -18.29 -34.52 25.50
N ALA DA 62 -17.08 -34.96 25.82
CA ALA DA 62 -16.82 -35.79 26.96
C ALA DA 62 -16.01 -35.02 28.00
N ASN DA 63 -15.97 -35.58 29.20
CA ASN DA 63 -15.20 -34.99 30.29
C ASN DA 63 -13.82 -35.62 30.30
N GLY DA 64 -12.87 -34.95 29.65
CA GLY DA 64 -11.48 -35.23 29.92
C GLY DA 64 -11.14 -34.83 31.34
N ILE DA 65 -10.23 -35.59 31.95
CA ILE DA 65 -9.97 -35.48 33.39
C ILE DA 65 -9.34 -34.12 33.67
N VAL DA 66 -10.02 -33.30 34.46
CA VAL DA 66 -9.48 -32.01 34.87
C VAL DA 66 -9.52 -31.90 36.38
N MET EA 1 -30.37 23.71 -23.53
CA MET EA 1 -31.81 23.61 -23.73
C MET EA 1 -32.23 24.51 -24.88
N LEU EA 2 -32.54 23.84 -26.00
CA LEU EA 2 -32.95 24.32 -27.32
C LEU EA 2 -31.79 24.92 -28.10
N THR EA 3 -30.67 25.18 -27.45
CA THR EA 3 -29.42 25.33 -28.19
C THR EA 3 -28.73 23.98 -28.29
N LEU EA 4 -28.81 23.19 -27.22
CA LEU EA 4 -28.39 21.80 -27.27
C LEU EA 4 -29.26 20.99 -28.21
N LYS EA 5 -30.55 21.32 -28.31
CA LYS EA 5 -31.42 20.58 -29.23
C LYS EA 5 -31.06 20.83 -30.68
N ILE EA 6 -30.63 22.04 -31.02
CA ILE EA 6 -30.15 22.30 -32.37
C ILE EA 6 -28.88 21.51 -32.65
N LEU EA 7 -27.99 21.45 -31.67
CA LEU EA 7 -26.71 20.75 -31.85
C LEU EA 7 -26.90 19.25 -32.01
N VAL EA 8 -27.82 18.66 -31.23
CA VAL EA 8 -28.03 17.22 -31.32
C VAL EA 8 -28.78 16.88 -32.61
N TYR EA 9 -29.74 17.69 -33.00
CA TYR EA 9 -30.46 17.47 -34.25
C TYR EA 9 -29.55 17.62 -35.45
N THR EA 10 -28.61 18.56 -35.39
CA THR EA 10 -27.62 18.70 -36.44
C THR EA 10 -26.68 17.50 -36.47
N THR EA 11 -26.34 16.98 -35.29
CA THR EA 11 -25.43 15.85 -35.20
C THR EA 11 -26.10 14.56 -35.66
N VAL EA 12 -27.36 14.35 -35.28
CA VAL EA 12 -28.05 13.12 -35.61
C VAL EA 12 -28.33 13.06 -37.10
N ILE EA 13 -28.81 14.17 -37.68
CA ILE EA 13 -29.08 14.18 -39.12
C ILE EA 13 -27.79 14.15 -39.93
N PHE EA 14 -26.66 14.47 -39.34
CA PHE EA 14 -25.40 14.33 -40.05
C PHE EA 14 -25.02 12.86 -40.18
N PHE EA 15 -25.06 12.12 -39.08
CA PHE EA 15 -24.63 10.72 -39.10
C PHE EA 15 -25.66 9.81 -39.73
N VAL EA 16 -26.94 10.15 -39.62
CA VAL EA 16 -27.97 9.35 -40.26
C VAL EA 16 -27.92 9.51 -41.78
N SER EA 17 -27.64 10.73 -42.25
CA SER EA 17 -27.53 10.93 -43.68
C SER EA 17 -26.25 10.34 -44.24
N LEU EA 18 -25.19 10.24 -43.44
CA LEU EA 18 -24.02 9.50 -43.87
C LEU EA 18 -24.34 8.03 -44.00
N PHE EA 19 -25.14 7.50 -43.09
CA PHE EA 19 -25.59 6.12 -43.15
C PHE EA 19 -26.50 5.90 -44.37
N ILE EA 20 -27.38 6.85 -44.65
CA ILE EA 20 -28.36 6.68 -45.73
C ILE EA 20 -27.68 6.75 -47.08
N PHE EA 21 -26.96 7.84 -47.34
CA PHE EA 21 -26.35 8.02 -48.65
C PHE EA 21 -25.12 7.16 -48.83
N GLY EA 22 -24.57 6.63 -47.74
CA GLY EA 22 -23.51 5.66 -47.88
C GLY EA 22 -24.01 4.32 -48.37
N PHE EA 23 -25.15 3.88 -47.85
CA PHE EA 23 -25.73 2.64 -48.34
C PHE EA 23 -26.44 2.80 -49.67
N LEU EA 24 -26.70 4.02 -50.10
CA LEU EA 24 -27.13 4.31 -51.45
C LEU EA 24 -25.97 4.45 -52.43
N SER EA 25 -24.73 4.42 -51.94
CA SER EA 25 -23.57 4.67 -52.77
C SER EA 25 -23.07 3.40 -53.44
N SER EA 26 -23.98 2.69 -54.10
CA SER EA 26 -23.72 1.43 -54.82
C SER EA 26 -23.04 0.41 -53.92
N ASP EA 27 -23.61 0.21 -52.75
CA ASP EA 27 -23.03 -0.61 -51.70
C ASP EA 27 -23.02 -2.12 -51.94
N PRO EA 28 -23.99 -2.75 -52.64
CA PRO EA 28 -23.77 -4.16 -53.01
C PRO EA 28 -22.53 -4.41 -53.85
N SER EA 29 -22.13 -3.46 -54.70
CA SER EA 29 -20.97 -3.66 -55.54
C SER EA 29 -19.65 -3.59 -54.77
N ARG EA 30 -19.66 -3.14 -53.53
CA ARG EA 30 -18.43 -3.08 -52.73
C ARG EA 30 -18.23 -4.41 -52.00
N ASN EA 31 -17.90 -5.42 -52.80
CA ASN EA 31 -17.60 -6.76 -52.33
C ASN EA 31 -16.32 -7.20 -53.03
N PRO EA 32 -15.56 -8.12 -52.44
CA PRO EA 32 -14.25 -8.46 -53.02
C PRO EA 32 -14.30 -9.31 -54.28
N ASN EA 33 -15.48 -9.77 -54.71
CA ASN EA 33 -15.53 -10.55 -55.94
C ASN EA 33 -15.32 -9.66 -57.16
N ARG EA 34 -16.20 -8.70 -57.37
CA ARG EA 34 -16.04 -7.72 -58.43
C ARG EA 34 -16.34 -6.34 -57.88
N LYS EA 35 -15.49 -5.38 -58.24
CA LYS EA 35 -15.66 -3.95 -57.96
C LYS EA 35 -15.74 -3.63 -56.46
N ARG FA 1 -40.10 -57.18 -42.76
CA ARG FA 1 -39.53 -55.89 -43.10
C ARG FA 1 -40.60 -54.79 -43.10
N ILE FA 2 -40.36 -53.75 -42.32
CA ILE FA 2 -41.28 -52.62 -42.16
C ILE FA 2 -40.53 -51.38 -42.60
N PRO FA 3 -41.17 -50.42 -43.29
CA PRO FA 3 -40.49 -49.15 -43.59
C PRO FA 3 -40.19 -48.36 -42.33
N LEU FA 4 -39.01 -47.75 -42.30
CA LEU FA 4 -38.53 -47.09 -41.11
C LEU FA 4 -39.34 -45.85 -40.78
N TRP FA 5 -39.89 -45.19 -41.79
CA TRP FA 5 -40.77 -44.05 -41.55
C TRP FA 5 -42.11 -44.46 -40.99
N LEU FA 6 -42.54 -45.70 -41.25
CA LEU FA 6 -43.79 -46.17 -40.66
C LEU FA 6 -43.64 -46.45 -39.18
N VAL FA 7 -42.44 -46.86 -38.76
CA VAL FA 7 -42.18 -47.06 -37.33
C VAL FA 7 -42.12 -45.72 -36.61
N GLY FA 8 -41.45 -44.74 -37.21
CA GLY FA 8 -41.41 -43.40 -36.66
C GLY FA 8 -42.74 -42.68 -36.70
N LEU FA 9 -43.65 -43.12 -37.57
CA LEU FA 9 -45.00 -42.56 -37.58
C LEU FA 9 -45.77 -43.00 -36.34
N VAL FA 10 -45.95 -44.32 -36.17
CA VAL FA 10 -46.72 -44.82 -35.04
C VAL FA 10 -45.94 -44.70 -33.74
N GLY FA 11 -44.62 -44.57 -33.80
CA GLY FA 11 -43.87 -44.26 -32.61
C GLY FA 11 -44.07 -42.82 -32.17
N GLY FA 12 -44.09 -41.89 -33.13
CA GLY FA 12 -44.38 -40.51 -32.81
C GLY FA 12 -45.83 -40.27 -32.47
N LEU FA 13 -46.74 -41.09 -33.00
CA LEU FA 13 -48.13 -41.00 -32.61
C LEU FA 13 -48.35 -41.51 -31.20
N ALA FA 14 -47.51 -42.43 -30.74
CA ALA FA 14 -47.61 -42.90 -29.36
C ALA FA 14 -47.07 -41.86 -28.39
N VAL FA 15 -46.01 -41.16 -28.78
CA VAL FA 15 -45.43 -40.11 -27.95
C VAL FA 15 -46.37 -38.92 -27.87
N ILE FA 16 -47.04 -38.59 -28.99
CA ILE FA 16 -48.02 -37.51 -28.99
C ILE FA 16 -49.21 -37.87 -28.11
N THR FA 17 -49.66 -39.12 -28.18
CA THR FA 17 -50.81 -39.57 -27.38
C THR FA 17 -50.48 -39.57 -25.90
N MET FA 18 -49.27 -39.99 -25.54
CA MET FA 18 -48.91 -40.08 -24.13
C MET FA 18 -48.68 -38.69 -23.54
N LEU FA 19 -48.07 -37.79 -24.30
CA LEU FA 19 -47.90 -36.43 -23.83
C LEU FA 19 -49.22 -35.65 -23.83
N SER FA 20 -50.18 -36.07 -24.66
CA SER FA 20 -51.51 -35.48 -24.56
C SER FA 20 -52.22 -35.95 -23.31
N LEU FA 21 -51.95 -37.17 -22.86
CA LEU FA 21 -52.53 -37.65 -21.62
C LEU FA 21 -51.89 -37.00 -20.42
N PHE FA 22 -50.60 -36.65 -20.52
CA PHE FA 22 -49.94 -35.97 -19.41
C PHE FA 22 -50.40 -34.54 -19.30
N PHE FA 23 -50.75 -33.91 -20.43
CA PHE FA 23 -51.27 -32.56 -20.39
C PHE FA 23 -52.76 -32.54 -20.10
N TYR FA 24 -53.48 -33.61 -20.43
CA TYR FA 24 -54.85 -33.74 -19.95
C TYR FA 24 -54.87 -33.91 -18.44
N GLY FA 25 -53.95 -34.71 -17.90
CA GLY FA 25 -53.90 -34.96 -16.47
C GLY FA 25 -53.47 -33.77 -15.65
N SER FA 26 -52.90 -32.75 -16.30
CA SER FA 26 -52.68 -31.50 -15.62
C SER FA 26 -53.95 -30.69 -15.43
N TYR FA 27 -55.00 -31.00 -16.18
CA TYR FA 27 -56.27 -30.30 -16.06
C TYR FA 27 -57.35 -31.14 -15.40
N SER FA 28 -57.03 -32.35 -14.97
CA SER FA 28 -58.02 -33.25 -14.41
C SER FA 28 -57.38 -34.12 -13.35
N GLY FA 29 -58.15 -34.49 -12.34
CA GLY FA 29 -57.65 -35.38 -11.33
C GLY FA 29 -56.71 -34.69 -10.36
N LEU FA 30 -55.63 -35.38 -10.00
CA LEU FA 30 -54.69 -34.84 -9.04
C LEU FA 30 -53.81 -33.78 -9.67
N GLY FA 31 -53.48 -32.76 -8.89
CA GLY FA 31 -52.65 -31.69 -9.38
C GLY FA 31 -53.33 -30.75 -10.33
N SER FA 32 -54.66 -30.77 -10.39
CA SER FA 32 -55.42 -29.95 -11.31
C SER FA 32 -56.06 -28.75 -10.67
N SER FA 33 -55.85 -28.56 -9.35
CA SER FA 33 -56.44 -27.48 -8.54
C SER FA 33 -57.97 -27.49 -8.58
N LEU FA 34 -58.57 -28.66 -8.77
CA LEU FA 34 -60.02 -28.74 -8.90
C LEU FA 34 -60.62 -29.43 -7.68
N ARG GA 1 -72.19 -20.75 -28.28
CA ARG GA 1 -72.73 -21.98 -28.83
C ARG GA 1 -73.01 -21.82 -30.31
N LEU GA 2 -72.91 -22.92 -31.06
CA LEU GA 2 -73.24 -22.91 -32.47
C LEU GA 2 -74.75 -22.75 -32.65
N PRO GA 3 -75.19 -22.29 -33.82
CA PRO GA 3 -76.64 -22.30 -34.10
C PRO GA 3 -77.20 -23.72 -34.08
N GLU GA 4 -78.48 -23.81 -33.74
CA GLU GA 4 -79.13 -25.06 -33.34
C GLU GA 4 -79.07 -26.15 -34.41
N ALA GA 5 -79.06 -25.75 -35.69
CA ALA GA 5 -78.90 -26.73 -36.76
C ALA GA 5 -77.49 -27.30 -36.85
N TYR GA 6 -76.53 -26.72 -36.14
CA TYR GA 6 -75.14 -27.14 -36.27
C TYR GA 6 -74.48 -27.56 -34.98
N VAL GA 7 -75.21 -27.68 -33.87
CA VAL GA 7 -74.58 -28.10 -32.61
C VAL GA 7 -74.26 -29.58 -32.57
N VAL GA 8 -74.72 -30.35 -33.55
CA VAL GA 8 -74.32 -31.75 -33.65
C VAL GA 8 -72.84 -31.84 -33.98
N PHE GA 9 -72.35 -30.92 -34.80
CA PHE GA 9 -70.98 -30.92 -35.27
C PHE GA 9 -70.03 -30.19 -34.34
N SER GA 10 -70.47 -29.88 -33.13
CA SER GA 10 -69.62 -29.21 -32.16
C SER GA 10 -68.36 -29.98 -31.75
N PRO GA 11 -68.32 -31.32 -31.66
CA PRO GA 11 -67.02 -31.97 -31.43
C PRO GA 11 -66.07 -31.89 -32.61
N ILE GA 12 -66.58 -31.82 -33.85
CA ILE GA 12 -65.72 -31.69 -35.01
C ILE GA 12 -65.05 -30.34 -35.03
N VAL GA 13 -65.79 -29.29 -34.64
CA VAL GA 13 -65.28 -27.93 -34.63
C VAL GA 13 -64.18 -27.77 -33.58
N ASP GA 14 -64.20 -28.60 -32.54
CA ASP GA 14 -63.16 -28.56 -31.51
C ASP GA 14 -61.79 -29.00 -32.02
N VAL GA 15 -61.74 -29.79 -33.08
CA VAL GA 15 -60.46 -30.22 -33.64
C VAL GA 15 -60.04 -29.43 -34.85
N LEU GA 16 -60.92 -28.63 -35.43
CA LEU GA 16 -60.59 -27.89 -36.66
C LEU GA 16 -59.45 -26.89 -36.56
N PRO GA 17 -59.25 -26.09 -35.48
CA PRO GA 17 -58.08 -25.21 -35.45
C PRO GA 17 -56.75 -25.94 -35.35
N ILE GA 18 -56.73 -27.19 -34.86
CA ILE GA 18 -55.48 -27.93 -34.72
C ILE GA 18 -54.94 -28.42 -36.05
N ILE GA 19 -55.79 -28.39 -37.09
CA ILE GA 19 -55.41 -28.96 -38.39
C ILE GA 19 -54.22 -28.26 -39.05
N PRO GA 20 -54.04 -26.92 -38.95
CA PRO GA 20 -52.74 -26.36 -39.38
C PRO GA 20 -51.51 -26.90 -38.69
N VAL GA 21 -51.57 -27.32 -37.43
CA VAL GA 21 -50.40 -27.97 -36.83
C VAL GA 21 -50.15 -29.33 -37.48
N PHE GA 22 -51.22 -30.01 -37.88
CA PHE GA 22 -51.09 -31.29 -38.56
C PHE GA 22 -50.52 -31.15 -39.96
N PHE GA 23 -50.60 -29.97 -40.56
CA PHE GA 23 -50.00 -29.77 -41.88
C PHE GA 23 -48.49 -29.63 -41.81
N LEU GA 24 -47.98 -28.99 -40.76
CA LEU GA 24 -46.54 -28.92 -40.56
C LEU GA 24 -45.97 -30.29 -40.26
N LEU GA 25 -46.69 -31.10 -39.49
CA LEU GA 25 -46.26 -32.47 -39.24
C LEU GA 25 -46.34 -33.33 -40.48
N LEU GA 26 -47.25 -33.00 -41.40
CA LEU GA 26 -47.41 -33.78 -42.62
C LEU GA 26 -46.23 -33.64 -43.55
N ALA GA 27 -45.57 -32.48 -43.54
CA ALA GA 27 -44.40 -32.29 -44.39
C ALA GA 27 -43.22 -33.13 -43.91
N PHE GA 28 -43.18 -33.44 -42.61
CA PHE GA 28 -42.12 -34.30 -42.10
C PHE GA 28 -42.41 -35.77 -42.35
N VAL GA 29 -43.68 -36.17 -42.37
CA VAL GA 29 -44.04 -37.53 -42.74
C VAL GA 29 -43.74 -37.79 -44.20
N TRP GA 30 -44.05 -36.81 -45.05
CA TRP GA 30 -43.82 -36.96 -46.48
C TRP GA 30 -42.34 -36.96 -46.80
N GLN GA 31 -41.55 -36.19 -46.06
CA GLN GA 31 -40.10 -36.25 -46.25
C GLN GA 31 -39.51 -37.54 -45.72
N ALA GA 32 -40.10 -38.11 -44.68
CA ALA GA 32 -39.60 -39.39 -44.19
C ALA GA 32 -40.04 -40.54 -45.07
N ALA GA 33 -41.21 -40.44 -45.69
CA ALA GA 33 -41.69 -41.50 -46.57
C ALA GA 33 -40.91 -41.55 -47.86
N ILE GA 34 -40.42 -40.41 -48.33
CA ILE GA 34 -39.54 -40.39 -49.49
C ILE GA 34 -38.10 -40.63 -49.08
N GLY GA 35 -37.81 -40.72 -47.79
CA GLY GA 35 -36.49 -41.02 -47.32
C GLY GA 35 -35.58 -39.83 -47.18
N PHE GA 36 -36.13 -38.63 -47.07
CA PHE GA 36 -35.41 -37.35 -47.07
C PHE GA 36 -34.53 -37.20 -48.31
N ARG GA 37 -35.01 -37.69 -49.44
CA ARG GA 37 -34.33 -37.55 -50.72
C ARG GA 37 -35.36 -37.31 -51.82
N MET HA 1 30.79 -24.51 -5.10
CA MET HA 1 29.89 -24.66 -6.24
C MET HA 1 30.26 -25.90 -7.04
N THR HA 2 29.25 -26.69 -7.36
CA THR HA 2 29.39 -27.80 -8.29
C THR HA 2 29.28 -27.27 -9.72
N GLY HA 3 29.09 -28.14 -10.70
CA GLY HA 3 29.13 -27.73 -12.08
C GLY HA 3 27.97 -26.83 -12.48
N PRO HA 4 28.00 -26.34 -13.71
CA PRO HA 4 26.86 -25.59 -14.25
C PRO HA 4 25.68 -26.53 -14.49
N ASN HA 5 24.51 -26.10 -14.07
CA ASN HA 5 23.34 -26.95 -14.06
C ASN HA 5 22.81 -27.13 -15.47
N PRO HA 6 22.64 -28.37 -15.93
CA PRO HA 6 22.11 -28.60 -17.28
C PRO HA 6 20.60 -28.49 -17.39
N ASN HA 7 19.90 -28.30 -16.28
CA ASN HA 7 18.45 -28.20 -16.27
C ASN HA 7 17.95 -26.78 -16.44
N LYS HA 8 18.85 -25.83 -16.66
CA LYS HA 8 18.47 -24.42 -16.70
C LYS HA 8 17.73 -24.11 -18.00
N GLN HA 9 16.53 -23.55 -17.88
CA GLN HA 9 15.70 -23.24 -19.02
C GLN HA 9 15.39 -21.76 -19.04
N ALA HA 10 14.92 -21.31 -20.20
CA ALA HA 10 14.45 -19.94 -20.36
C ALA HA 10 12.95 -19.87 -20.06
N VAL HA 11 12.52 -18.69 -19.64
CA VAL HA 11 11.11 -18.43 -19.33
C VAL HA 11 10.58 -17.40 -20.31
N GLU HA 12 9.38 -17.63 -20.80
CA GLU HA 12 8.74 -16.74 -21.75
C GLU HA 12 7.44 -16.22 -21.18
N LEU HA 13 7.08 -15.01 -21.61
CA LEU HA 13 5.74 -14.47 -21.43
C LEU HA 13 5.54 -13.54 -22.61
N ASN HA 14 4.75 -13.96 -23.59
CA ASN HA 14 4.55 -13.11 -24.75
C ASN HA 14 3.60 -11.95 -24.41
N ARG HA 15 3.37 -11.08 -25.38
CA ARG HA 15 2.60 -9.87 -25.12
C ARG HA 15 1.13 -10.16 -24.89
N THR HA 16 0.61 -11.22 -25.51
CA THR HA 16 -0.77 -11.65 -25.28
C THR HA 16 -0.96 -12.11 -23.84
N SER HA 17 -0.01 -12.88 -23.33
CA SER HA 17 -0.10 -13.39 -21.97
C SER HA 17 0.09 -12.27 -20.96
N LEU HA 18 0.84 -11.24 -21.32
CA LEU HA 18 0.97 -10.07 -20.45
C LEU HA 18 -0.36 -9.33 -20.36
N TYR HA 19 -1.01 -9.11 -21.50
CA TYR HA 19 -2.30 -8.43 -21.51
C TYR HA 19 -3.37 -9.27 -20.81
N TRP HA 20 -3.31 -10.59 -20.93
CA TRP HA 20 -4.28 -11.43 -20.26
C TRP HA 20 -4.07 -11.41 -18.75
N GLY HA 21 -2.82 -11.36 -18.31
CA GLY HA 21 -2.55 -11.34 -16.89
C GLY HA 21 -2.73 -9.98 -16.28
N LEU HA 22 -2.43 -8.91 -17.02
CA LEU HA 22 -2.72 -7.57 -16.53
C LEU HA 22 -4.22 -7.35 -16.42
N LEU HA 23 -4.99 -7.90 -17.35
CA LEU HA 23 -6.43 -7.78 -17.27
C LEU HA 23 -6.98 -8.59 -16.11
N LEU HA 24 -6.42 -9.78 -15.87
CA LEU HA 24 -6.91 -10.64 -14.80
C LEU HA 24 -6.67 -10.02 -13.44
N ILE HA 25 -5.51 -9.41 -13.24
CA ILE HA 25 -5.17 -8.87 -11.94
C ILE HA 25 -5.94 -7.59 -11.67
N PHE HA 26 -6.16 -6.78 -12.70
CA PHE HA 26 -6.92 -5.55 -12.53
C PHE HA 26 -8.41 -5.83 -12.31
N VAL HA 27 -8.95 -6.86 -12.97
CA VAL HA 27 -10.36 -7.17 -12.83
C VAL HA 27 -10.63 -7.86 -11.49
N LEU HA 28 -9.71 -8.73 -11.06
CA LEU HA 28 -9.80 -9.29 -9.72
C LEU HA 28 -9.64 -8.21 -8.65
N ALA HA 29 -8.83 -7.18 -8.93
CA ALA HA 29 -8.74 -6.07 -8.00
C ALA HA 29 -10.00 -5.23 -8.02
N VAL HA 30 -10.62 -5.06 -9.20
CA VAL HA 30 -11.89 -4.34 -9.29
C VAL HA 30 -12.99 -5.10 -8.56
N LEU HA 31 -13.01 -6.42 -8.71
CA LEU HA 31 -14.05 -7.24 -8.12
C LEU HA 31 -13.92 -7.31 -6.62
N PHE HA 32 -12.73 -7.58 -6.11
CA PHE HA 32 -12.56 -7.87 -4.70
C PHE HA 32 -12.33 -6.63 -3.84
N SER HA 33 -12.19 -5.44 -4.43
CA SER HA 33 -11.90 -4.25 -3.63
C SER HA 33 -13.08 -3.87 -2.75
N SER HA 34 -14.30 -3.97 -3.28
CA SER HA 34 -15.49 -3.59 -2.53
C SER HA 34 -15.70 -4.48 -1.32
N TYR HA 35 -15.24 -5.72 -1.40
CA TYR HA 35 -15.38 -6.67 -0.30
C TYR HA 35 -14.29 -6.48 0.72
N PHE HA 36 -13.07 -6.17 0.27
CA PHE HA 36 -11.98 -5.91 1.20
C PHE HA 36 -12.22 -4.63 1.95
N PHE HA 37 -12.71 -3.60 1.27
CA PHE HA 37 -13.02 -2.34 1.93
C PHE HA 37 -14.21 -2.47 2.86
N ASN HA 38 -15.12 -3.39 2.53
CA ASN HA 38 -16.32 -3.72 3.30
C ASN HA 38 -17.20 -2.48 3.56
N GLU IA 1 -17.24 4.00 7.33
CA GLU IA 1 -15.80 3.86 7.44
C GLU IA 1 -15.35 2.48 6.98
N VAL IA 2 -14.35 2.46 6.11
CA VAL IA 2 -13.89 1.24 5.49
C VAL IA 2 -12.67 0.73 6.25
N GLN IA 3 -12.29 -0.53 5.99
CA GLN IA 3 -11.15 -1.13 6.64
C GLN IA 3 -9.86 -0.60 6.03
N PHE IA 4 -8.96 -0.11 6.89
CA PHE IA 4 -7.76 0.57 6.43
C PHE IA 4 -6.71 -0.38 5.87
N GLY IA 5 -6.74 -1.65 6.24
CA GLY IA 5 -5.82 -2.60 5.65
C GLY IA 5 -6.17 -3.00 4.24
N ALA IA 6 -7.38 -2.66 3.79
CA ALA IA 6 -7.78 -2.97 2.43
C ALA IA 6 -7.12 -2.09 1.39
N TYR IA 7 -6.65 -0.91 1.78
CA TYR IA 7 -5.85 -0.11 0.85
C TYR IA 7 -4.55 -0.80 0.52
N LEU IA 8 -3.95 -1.47 1.51
CA LEU IA 8 -2.75 -2.25 1.25
C LEU IA 8 -3.07 -3.51 0.47
N ALA IA 9 -4.21 -4.15 0.78
CA ALA IA 9 -4.55 -5.40 0.14
C ALA IA 9 -4.89 -5.21 -1.33
N VAL IA 10 -5.53 -4.10 -1.66
CA VAL IA 10 -5.89 -3.85 -3.05
C VAL IA 10 -4.70 -3.35 -3.84
N LEU IA 11 -3.96 -2.38 -3.30
CA LEU IA 11 -2.90 -1.76 -4.09
C LEU IA 11 -1.66 -2.62 -4.19
N LEU IA 12 -1.28 -3.34 -3.14
CA LEU IA 12 -0.20 -4.30 -3.29
C LEU IA 12 -0.69 -5.57 -3.97
N GLY IA 13 -1.96 -5.91 -3.83
CA GLY IA 13 -2.52 -7.01 -4.56
C GLY IA 13 -2.71 -6.74 -6.04
N THR IA 14 -2.69 -5.48 -6.44
CA THR IA 14 -2.68 -5.12 -7.85
C THR IA 14 -1.26 -5.00 -8.35
N PHE IA 15 -0.45 -4.16 -7.70
CA PHE IA 15 0.81 -3.71 -8.27
C PHE IA 15 1.86 -4.81 -8.29
N LEU IA 16 2.00 -5.54 -7.19
CA LEU IA 16 3.01 -6.59 -7.12
C LEU IA 16 2.77 -7.76 -8.08
N PRO IA 17 1.54 -8.29 -8.26
CA PRO IA 17 1.36 -9.28 -9.33
C PRO IA 17 1.39 -8.69 -10.72
N ALA IA 18 1.05 -7.40 -10.89
CA ALA IA 18 1.15 -6.80 -12.21
C ALA IA 18 2.59 -6.54 -12.58
N LEU IA 19 3.41 -6.06 -11.64
CA LEU IA 19 4.81 -5.83 -11.92
C LEU IA 19 5.59 -7.13 -12.06
N PHE IA 20 5.07 -8.24 -11.54
CA PHE IA 20 5.68 -9.53 -11.79
C PHE IA 20 5.50 -9.95 -13.24
N LEU IA 21 4.33 -9.68 -13.81
CA LEU IA 21 4.08 -10.04 -15.19
C LEU IA 21 4.75 -9.09 -16.17
N VAL IA 22 4.88 -7.82 -15.79
CA VAL IA 22 5.64 -6.87 -16.58
C VAL IA 22 7.11 -7.26 -16.58
N ASN IA 23 7.59 -7.79 -15.46
CA ASN IA 23 8.94 -8.32 -15.35
C ASN IA 23 9.15 -9.52 -16.28
N LEU IA 24 8.17 -10.41 -16.34
CA LEU IA 24 8.32 -11.62 -17.15
C LEU IA 24 8.25 -11.31 -18.63
N PHE IA 25 7.44 -10.34 -19.02
CA PHE IA 25 7.32 -9.98 -20.43
C PHE IA 25 8.57 -9.26 -20.92
N ILE IA 26 9.15 -8.41 -20.07
CA ILE IA 26 10.28 -7.58 -20.48
C ILE IA 26 11.52 -8.43 -20.65
N GLN IA 27 11.75 -9.40 -19.76
CA GLN IA 27 12.88 -10.30 -19.91
C GLN IA 27 12.68 -11.27 -21.06
N THR IA 28 11.44 -11.53 -21.46
CA THR IA 28 11.19 -12.33 -22.65
C THR IA 28 11.61 -11.57 -23.90
N GLU IA 29 11.31 -10.28 -23.95
CA GLU IA 29 11.68 -9.48 -25.11
C GLU IA 29 13.17 -9.16 -25.11
N ALA IA 30 13.78 -9.04 -23.92
CA ALA IA 30 15.22 -8.80 -23.86
C ALA IA 30 16.00 -10.05 -24.23
N ARG IA 31 15.47 -11.22 -23.93
CA ARG IA 31 16.13 -12.45 -24.34
C ARG IA 31 16.03 -12.67 -25.84
N LYS IA 32 14.92 -12.22 -26.44
CA LYS IA 32 14.80 -12.29 -27.89
C LYS IA 32 15.70 -11.28 -28.57
N ALA IA 33 15.90 -10.12 -27.93
CA ALA IA 33 16.77 -9.09 -28.49
C ALA IA 33 18.23 -9.49 -28.40
N GLY IA 34 18.62 -10.20 -27.34
CA GLY IA 34 19.99 -10.67 -27.23
C GLY IA 34 20.30 -11.77 -28.22
N LYS IA 35 19.34 -12.65 -28.47
CA LYS IA 35 19.54 -13.71 -29.45
C LYS IA 35 19.46 -13.21 -30.89
N ALA IA 36 18.84 -12.04 -31.11
CA ALA IA 36 18.73 -11.52 -32.46
C ALA IA 36 20.08 -11.07 -33.00
N GLY IA 37 20.94 -10.54 -32.15
CA GLY IA 37 22.33 -10.33 -32.50
C GLY IA 37 22.71 -8.96 -33.00
N GLY IA 38 21.77 -8.02 -33.05
CA GLY IA 38 22.12 -6.71 -33.59
C GLY IA 38 21.62 -5.53 -32.80
N GLN IA 39 22.55 -4.72 -32.28
CA GLN IA 39 22.37 -3.37 -31.77
C GLN IA 39 21.61 -3.32 -30.43
N ASP IA 40 21.02 -4.43 -30.03
CA ASP IA 40 20.25 -4.56 -28.80
C ASP IA 40 20.72 -5.74 -27.98
N SER IA 41 21.84 -6.34 -28.34
CA SER IA 41 22.29 -7.55 -27.68
C SER IA 41 23.37 -7.25 -26.66
N ASP IA 42 24.45 -6.63 -27.12
CA ASP IA 42 25.53 -6.07 -26.30
C ASP IA 42 26.20 -7.10 -25.38
N LYS JA 1 -59.76 30.65 -15.66
CA LYS JA 1 -59.87 31.54 -16.79
C LYS JA 1 -60.83 30.95 -17.79
N SER JA 2 -61.48 31.82 -18.58
CA SER JA 2 -62.33 31.35 -19.64
C SER JA 2 -61.53 30.74 -20.79
N GLN JA 3 -60.28 31.18 -20.96
CA GLN JA 3 -59.44 30.67 -22.05
C GLN JA 3 -59.05 29.22 -21.82
N ILE JA 4 -58.76 28.85 -20.58
CA ILE JA 4 -58.31 27.49 -20.30
C ILE JA 4 -59.47 26.52 -20.44
N ASN JA 5 -60.68 26.95 -20.09
CA ASN JA 5 -61.85 26.10 -20.23
C ASN JA 5 -62.29 25.91 -21.67
N GLU JA 6 -61.78 26.72 -22.59
CA GLU JA 6 -62.05 26.51 -24.01
C GLU JA 6 -61.29 25.34 -24.58
N LEU JA 7 -60.24 24.89 -23.93
CA LEU JA 7 -59.37 23.88 -24.50
C LEU JA 7 -59.83 22.47 -24.13
N SER JA 8 -59.42 21.51 -24.94
CA SER JA 8 -59.60 20.11 -24.64
C SER JA 8 -58.56 19.66 -23.63
N TYR JA 9 -58.72 18.44 -23.12
CA TYR JA 9 -57.65 17.85 -22.33
C TYR JA 9 -56.44 17.54 -23.20
N LEU JA 10 -56.68 17.12 -24.45
CA LEU JA 10 -55.61 16.76 -25.35
C LEU JA 10 -54.81 17.96 -25.83
N GLN JA 11 -55.40 19.16 -25.81
CA GLN JA 11 -54.65 20.35 -26.17
C GLN JA 11 -53.77 20.85 -25.03
N VAL JA 12 -54.11 20.54 -23.80
CA VAL JA 12 -53.36 21.05 -22.66
C VAL JA 12 -52.25 20.09 -22.24
N LYS JA 13 -52.44 18.78 -22.42
CA LYS JA 13 -51.55 17.82 -21.81
C LYS JA 13 -50.18 17.80 -22.49
N GLY JA 14 -49.14 17.79 -21.66
CA GLY JA 14 -47.79 17.93 -22.13
C GLY JA 14 -47.27 19.35 -22.19
N THR JA 15 -48.16 20.34 -22.29
CA THR JA 15 -47.76 21.71 -22.55
C THR JA 15 -47.29 22.45 -21.32
N GLY JA 16 -47.69 22.01 -20.12
CA GLY JA 16 -47.35 22.74 -18.92
C GLY JA 16 -48.36 23.79 -18.51
N LEU JA 17 -49.46 23.92 -19.24
CA LEU JA 17 -50.50 24.88 -18.88
C LEU JA 17 -51.23 24.45 -17.61
N ALA JA 18 -51.30 23.15 -17.35
CA ALA JA 18 -52.06 22.64 -16.21
C ALA JA 18 -51.40 22.93 -14.87
N ASN JA 19 -50.15 23.39 -14.85
CA ASN JA 19 -49.48 23.80 -13.64
C ASN JA 19 -49.52 25.32 -13.43
N ARG JA 20 -50.26 26.04 -14.25
CA ARG JA 20 -50.30 27.49 -14.19
C ARG JA 20 -51.59 27.96 -13.53
N CYS JA 21 -51.53 29.12 -12.90
CA CYS JA 21 -52.74 29.77 -12.42
C CYS JA 21 -53.38 30.60 -13.53
N ALA JA 22 -54.68 30.80 -13.40
CA ALA JA 22 -55.39 31.72 -14.26
C ALA JA 22 -55.05 33.16 -13.89
N GLU JA 23 -54.95 34.01 -14.90
CA GLU JA 23 -54.77 35.44 -14.71
C GLU JA 23 -56.15 36.10 -14.69
N VAL JA 24 -56.31 37.07 -13.80
CA VAL JA 24 -57.56 37.80 -13.65
C VAL JA 24 -57.42 39.12 -14.41
N VAL JA 25 -58.49 39.55 -15.06
CA VAL JA 25 -58.48 40.80 -15.81
C VAL JA 25 -59.39 41.81 -15.12
N GLY JA 26 -58.82 42.96 -14.78
CA GLY JA 26 -59.62 44.08 -14.30
C GLY JA 26 -59.36 44.43 -12.84
N GLU JA 27 -59.70 45.67 -12.52
CA GLU JA 27 -59.72 46.19 -11.16
C GLU JA 27 -61.16 46.50 -10.79
N ASP JA 28 -61.77 45.65 -9.98
CA ASP JA 28 -63.13 45.84 -9.52
C ASP JA 28 -63.16 45.55 -8.02
N SER JA 29 -64.36 45.37 -7.49
CA SER JA 29 -64.53 45.02 -6.08
C SER JA 29 -65.62 43.98 -5.94
N ILE JA 30 -65.38 43.02 -5.06
CA ILE JA 30 -66.38 42.02 -4.70
C ILE JA 30 -66.59 42.09 -3.19
N LYS JA 31 -67.84 42.21 -2.78
CA LYS JA 31 -68.20 42.18 -1.38
C LYS JA 31 -68.78 40.81 -1.06
N PRO JA 32 -68.09 40.01 -0.24
CA PRO JA 32 -68.55 38.64 0.01
C PRO JA 32 -69.80 38.59 0.87
N LYS JA 33 -70.68 37.67 0.51
CA LYS JA 33 -71.95 37.44 1.18
C LYS JA 33 -71.71 36.67 2.48
N PRO JA 34 -72.73 36.50 3.33
CA PRO JA 34 -72.54 35.62 4.50
C PRO JA 34 -72.30 34.17 4.17
N GLY JA 35 -72.77 33.69 3.02
CA GLY JA 35 -72.50 32.31 2.64
C GLY JA 35 -71.40 32.17 1.60
N ALA JA 36 -70.51 33.16 1.54
CA ALA JA 36 -69.51 33.20 0.48
C ALA JA 36 -68.41 32.17 0.74
N LYS JA 37 -67.76 31.76 -0.34
CA LYS JA 37 -66.84 30.64 -0.29
C LYS JA 37 -65.89 30.72 -1.49
N LEU JA 38 -64.59 30.81 -1.23
CA LEU JA 38 -63.60 30.61 -2.27
C LEU JA 38 -63.64 29.14 -2.67
N VAL JA 39 -63.47 28.84 -3.96
CA VAL JA 39 -63.77 27.52 -4.49
C VAL JA 39 -62.59 26.88 -5.21
N ASP JA 40 -61.95 27.60 -6.12
CA ASP JA 40 -60.90 26.96 -6.89
C ASP JA 40 -59.62 27.77 -6.79
N MET JA 41 -59.20 28.06 -5.57
CA MET JA 41 -58.00 28.82 -5.32
C MET JA 41 -56.76 28.09 -5.81
N CYS JA 42 -56.15 28.64 -6.85
CA CYS JA 42 -54.87 28.19 -7.37
C CYS JA 42 -53.78 29.01 -6.69
N ILE JA 43 -52.70 28.35 -6.29
CA ILE JA 43 -51.55 29.02 -5.68
C ILE JA 43 -50.32 28.49 -6.38
N GLU JA 44 -49.69 29.32 -7.20
CA GLU JA 44 -48.54 28.89 -7.99
C GLU JA 44 -47.27 29.58 -7.49
N PRO JA 45 -46.31 28.85 -6.96
CA PRO JA 45 -45.02 29.48 -6.66
C PRO JA 45 -44.23 29.72 -7.92
N LYS JA 46 -43.53 30.84 -7.96
CA LYS JA 46 -42.68 31.18 -9.08
C LYS JA 46 -41.24 31.46 -8.70
N ALA JA 47 -40.94 31.49 -7.40
CA ALA JA 47 -39.59 31.69 -6.92
C ALA JA 47 -39.41 30.91 -5.63
N TRP JA 48 -38.21 30.38 -5.43
CA TRP JA 48 -37.91 29.57 -4.27
C TRP JA 48 -36.59 30.02 -3.68
N ALA JA 49 -36.56 30.19 -2.37
CA ALA JA 49 -35.35 30.63 -1.70
C ALA JA 49 -35.24 29.91 -0.36
N VAL JA 50 -34.06 29.36 -0.10
CA VAL JA 50 -33.79 28.63 1.14
C VAL JA 50 -32.77 29.43 1.93
N GLU JA 51 -33.01 29.56 3.23
CA GLU JA 51 -32.12 30.35 4.07
C GLU JA 51 -30.87 29.58 4.42
N GLU JA 52 -29.72 30.22 4.23
CA GLU JA 52 -28.42 29.60 4.47
C GLU JA 52 -27.41 30.70 4.74
N GLU JA 53 -26.47 30.41 5.64
CA GLU JA 53 -25.34 31.30 5.87
C GLU JA 53 -24.46 31.33 4.62
N VAL JA 54 -24.22 32.53 4.11
CA VAL JA 54 -23.38 32.70 2.92
C VAL JA 54 -22.21 33.63 3.26
N GLY JA 55 -21.11 33.40 2.55
CA GLY JA 55 -19.95 34.26 2.67
C GLY JA 55 -19.85 35.37 1.65
N LYS JA 56 -20.73 36.36 1.72
CA LYS JA 56 -20.58 37.55 0.90
C LYS JA 56 -19.47 38.41 1.50
N ALA JA 57 -19.14 39.50 0.77
CA ALA JA 57 -17.75 39.93 0.52
C ALA JA 57 -16.78 39.66 1.65
N GLY JA 58 -17.13 40.02 2.88
CA GLY JA 58 -16.25 39.70 3.99
C GLY JA 58 -16.92 39.14 5.22
N LYS JA 59 -18.25 39.02 5.24
CA LYS JA 59 -18.98 38.62 6.43
C LYS JA 59 -19.92 37.46 6.11
N THR JA 60 -20.70 37.07 7.11
CA THR JA 60 -21.45 35.81 7.08
C THR JA 60 -22.90 36.09 7.54
N GLU JA 61 -23.57 36.99 6.83
CA GLU JA 61 -24.98 37.22 7.10
C GLU JA 61 -25.83 36.04 6.62
N LYS JA 62 -27.05 35.98 7.13
CA LYS JA 62 -28.04 34.98 6.69
C LYS JA 62 -28.78 35.49 5.47
N LYS JA 63 -28.83 34.68 4.43
CA LYS JA 63 -29.44 35.07 3.17
C LYS JA 63 -30.37 33.97 2.70
N PHE JA 64 -31.50 34.36 2.12
CA PHE JA 64 -32.34 33.43 1.40
C PHE JA 64 -31.76 33.23 0.01
N VAL JA 65 -31.22 32.05 -0.25
CA VAL JA 65 -30.49 31.77 -1.49
C VAL JA 65 -31.46 31.15 -2.49
N ASN JA 66 -31.48 31.70 -3.69
CA ASN JA 66 -32.38 31.20 -4.73
C ASN JA 66 -31.98 29.79 -5.16
N SER JA 67 -32.97 28.90 -5.26
CA SER JA 67 -32.73 27.50 -5.52
C SER JA 67 -33.56 27.04 -6.71
N LYS JA 68 -33.08 25.98 -7.36
CA LYS JA 68 -33.68 25.47 -8.58
C LYS JA 68 -34.55 24.26 -8.28
N VAL JA 69 -35.74 24.23 -8.86
CA VAL JA 69 -36.67 23.14 -8.66
C VAL JA 69 -36.26 21.95 -9.51
N MET JA 70 -36.26 20.76 -8.92
CA MET JA 70 -35.94 19.55 -9.64
C MET JA 70 -37.11 18.59 -9.77
N THR JA 71 -38.18 18.77 -9.01
CA THR JA 71 -39.42 18.06 -9.24
C THR JA 71 -40.29 18.90 -10.15
N ARG JA 72 -40.43 18.47 -11.41
CA ARG JA 72 -40.49 19.36 -12.56
C ARG JA 72 -41.61 20.38 -12.59
N GLN JA 73 -42.86 19.96 -12.74
CA GLN JA 73 -43.97 20.90 -12.80
C GLN JA 73 -45.13 20.36 -11.97
N THR JA 74 -44.82 19.95 -10.74
CA THR JA 74 -45.81 19.36 -9.86
C THR JA 74 -46.06 20.22 -8.62
N TYR JA 75 -45.73 21.50 -8.67
CA TYR JA 75 -45.63 22.28 -7.44
C TYR JA 75 -46.83 23.17 -7.15
N THR JA 76 -47.75 23.34 -8.09
CA THR JA 76 -48.82 24.34 -7.94
C THR JA 76 -50.00 23.73 -7.22
N LEU JA 77 -50.47 24.41 -6.17
CA LEU JA 77 -51.69 24.02 -5.49
C LEU JA 77 -52.90 24.51 -6.25
N ASP JA 78 -53.99 23.76 -6.18
CA ASP JA 78 -55.18 24.09 -6.96
C ASP JA 78 -56.39 23.46 -6.28
N ALA JA 79 -57.57 23.98 -6.67
CA ALA JA 79 -58.89 23.51 -6.22
C ALA JA 79 -59.06 23.67 -4.71
N ILE JA 80 -58.38 24.66 -4.14
CA ILE JA 80 -58.47 24.95 -2.71
C ILE JA 80 -59.79 25.67 -2.46
N GLU JA 81 -60.60 25.12 -1.56
CA GLU JA 81 -61.83 25.81 -1.21
C GLU JA 81 -61.97 25.95 0.29
N GLY JA 82 -62.96 26.72 0.70
CA GLY JA 82 -63.22 27.01 2.08
C GLY JA 82 -64.03 28.27 2.25
N PRO JA 83 -64.78 28.38 3.33
CA PRO JA 83 -65.68 29.51 3.51
C PRO JA 83 -64.94 30.81 3.80
N ILE JA 84 -65.56 31.91 3.41
CA ILE JA 84 -65.04 33.25 3.65
C ILE JA 84 -65.89 33.82 4.78
N THR JA 85 -65.32 33.93 5.96
CA THR JA 85 -66.07 34.41 7.10
C THR JA 85 -65.92 35.91 7.24
N VAL JA 86 -67.05 36.61 7.32
CA VAL JA 86 -67.03 38.06 7.51
C VAL JA 86 -67.12 38.36 9.00
N ASP JA 87 -66.05 38.91 9.57
CA ASP JA 87 -66.07 39.32 10.96
C ASP JA 87 -66.74 40.70 11.09
N GLY JA 88 -66.54 41.32 12.24
CA GLY JA 88 -67.01 42.69 12.42
C GLY JA 88 -66.36 43.65 11.44
N GLY JA 89 -65.04 43.75 11.47
CA GLY JA 89 -64.38 44.64 10.55
C GLY JA 89 -63.73 43.93 9.38
N LYS JA 90 -63.13 42.78 9.65
CA LYS JA 90 -62.22 42.16 8.70
C LYS JA 90 -62.86 40.95 8.05
N ILE JA 91 -62.29 40.53 6.93
CA ILE JA 91 -62.75 39.35 6.21
C ILE JA 91 -61.69 38.26 6.31
N THR JA 92 -62.12 37.05 6.66
CA THR JA 92 -61.21 35.95 6.91
C THR JA 92 -61.56 34.76 6.02
N PHE JA 93 -60.56 33.93 5.79
CA PHE JA 93 -60.71 32.76 4.93
C PHE JA 93 -60.12 31.55 5.62
N ASN JA 94 -60.92 30.49 5.73
CA ASN JA 94 -60.51 29.22 6.33
C ASN JA 94 -60.56 28.16 5.25
N GLU JA 95 -59.39 27.71 4.80
CA GLU JA 95 -59.37 26.69 3.75
C GLU JA 95 -59.71 25.33 4.35
N LYS JA 96 -60.43 24.53 3.58
CA LYS JA 96 -60.88 23.24 4.06
C LYS JA 96 -60.37 22.08 3.24
N GLU JA 97 -60.61 22.09 1.93
CA GLU JA 97 -60.36 20.93 1.08
C GLU JA 97 -59.46 21.34 -0.08
N GLY JA 98 -59.20 20.38 -0.97
CA GLY JA 98 -58.48 20.63 -2.19
C GLY JA 98 -57.06 20.11 -2.12
N ILE JA 99 -56.34 20.31 -3.23
CA ILE JA 99 -54.95 19.91 -3.29
C ILE JA 99 -54.12 21.03 -2.68
N ASP JA 100 -54.03 21.02 -1.36
CA ASP JA 100 -53.42 22.10 -0.60
C ASP JA 100 -52.03 21.75 -0.12
N TYR JA 101 -51.36 20.86 -0.83
CA TYR JA 101 -49.98 20.51 -0.54
C TYR JA 101 -49.35 20.00 -1.81
N ALA JA 102 -48.06 20.29 -1.97
CA ALA JA 102 -47.30 19.80 -3.10
C ALA JA 102 -45.88 19.57 -2.64
N ALA JA 103 -45.41 18.33 -2.74
CA ALA JA 103 -44.04 18.03 -2.40
C ALA JA 103 -43.11 18.59 -3.47
N THR JA 104 -42.19 19.45 -3.07
CA THR JA 104 -41.25 20.09 -3.96
C THR JA 104 -39.85 19.87 -3.42
N THR JA 105 -38.90 19.60 -4.32
CA THR JA 105 -37.50 19.53 -3.96
C THR JA 105 -36.75 20.62 -4.72
N VAL JA 106 -36.04 21.46 -4.00
CA VAL JA 106 -35.18 22.45 -4.60
C VAL JA 106 -33.74 22.07 -4.30
N GLN JA 107 -32.83 22.54 -5.14
CA GLN JA 107 -31.40 22.28 -4.97
C GLN JA 107 -30.68 23.58 -4.69
N LEU JA 108 -29.90 23.58 -3.64
CA LEU JA 108 -29.06 24.69 -3.25
C LEU JA 108 -27.75 24.67 -4.00
N PRO JA 109 -27.06 25.81 -4.09
CA PRO JA 109 -25.68 25.80 -4.60
C PRO JA 109 -24.77 24.98 -3.70
N GLY JA 110 -24.11 24.00 -4.30
CA GLY JA 110 -23.37 22.99 -3.58
C GLY JA 110 -23.90 21.59 -3.77
N GLY JA 111 -25.08 21.46 -4.35
CA GLY JA 111 -25.70 20.17 -4.57
C GLY JA 111 -26.65 19.74 -3.49
N GLU JA 112 -26.88 20.57 -2.48
CA GLU JA 112 -27.74 20.22 -1.37
C GLU JA 112 -29.20 20.27 -1.82
N ARG JA 113 -29.90 19.16 -1.70
CA ARG JA 113 -31.28 19.05 -2.10
C ARG JA 113 -32.17 19.25 -0.90
N VAL JA 114 -33.14 20.14 -1.02
CA VAL JA 114 -34.01 20.54 0.08
C VAL JA 114 -35.44 20.19 -0.30
N PRO JA 115 -35.93 19.02 0.12
CA PRO JA 115 -37.34 18.71 -0.08
C PRO JA 115 -38.19 19.42 0.96
N PHE JA 116 -39.38 19.84 0.53
CA PHE JA 116 -40.31 20.50 1.43
C PHE JA 116 -41.72 20.33 0.91
N LEU JA 117 -42.66 20.21 1.84
CA LEU JA 117 -44.07 20.13 1.50
C LEU JA 117 -44.61 21.56 1.44
N PHE JA 118 -44.71 22.09 0.23
CA PHE JA 118 -45.31 23.40 0.03
C PHE JA 118 -46.81 23.29 0.25
N THR JA 119 -47.33 23.97 1.27
CA THR JA 119 -48.69 23.68 1.68
C THR JA 119 -49.38 24.95 2.16
N VAL JA 120 -50.71 24.88 2.21
CA VAL JA 120 -51.53 25.88 2.89
C VAL JA 120 -52.53 25.16 3.78
N LYS JA 121 -52.15 23.99 4.30
CA LYS JA 121 -53.07 23.17 5.10
C LYS JA 121 -53.43 23.86 6.41
N ASP JA 122 -54.74 23.92 6.68
CA ASP JA 122 -55.34 24.59 7.84
C ASP JA 122 -54.96 26.07 7.89
N LEU JA 123 -55.06 26.73 6.75
CA LEU JA 123 -54.81 28.16 6.68
C LEU JA 123 -56.01 28.93 7.18
N VAL JA 124 -55.82 29.75 8.20
CA VAL JA 124 -56.78 30.77 8.59
C VAL JA 124 -56.15 32.12 8.27
N ALA JA 125 -56.71 32.80 7.29
CA ALA JA 125 -56.08 33.95 6.69
C ALA JA 125 -56.93 35.20 6.91
N LYS JA 126 -56.39 36.14 7.66
CA LYS JA 126 -57.08 37.37 8.03
C LYS JA 126 -56.80 38.45 7.00
N GLY JA 127 -57.85 39.18 6.62
CA GLY JA 127 -57.72 40.23 5.64
C GLY JA 127 -57.84 41.61 6.27
N ASN JA 128 -57.57 42.64 5.46
CA ASN JA 128 -57.81 44.00 5.89
C ASN JA 128 -58.97 44.60 5.09
N GLY JA 129 -60.05 44.92 5.76
CA GLY JA 129 -61.23 45.42 5.08
C GLY JA 129 -62.30 44.37 4.97
N ASP JA 130 -63.30 44.67 4.14
CA ASP JA 130 -64.49 43.83 4.08
C ASP JA 130 -64.79 43.38 2.66
N THR JA 131 -64.20 44.04 1.66
CA THR JA 131 -64.37 43.66 0.27
C THR JA 131 -63.02 43.31 -0.34
N PHE JA 132 -63.06 42.51 -1.41
CA PHE JA 132 -61.86 42.19 -2.16
C PHE JA 132 -61.54 43.35 -3.10
N LYS JA 133 -60.37 43.94 -2.92
CA LYS JA 133 -59.96 45.14 -3.63
C LYS JA 133 -58.62 44.89 -4.30
N PRO JA 134 -58.24 45.73 -5.27
CA PRO JA 134 -56.87 45.65 -5.80
C PRO JA 134 -55.77 46.07 -4.83
N GLY JA 135 -56.08 46.47 -3.61
CA GLY JA 135 -55.10 46.64 -2.57
C GLY JA 135 -55.32 45.75 -1.38
N PHE JA 136 -56.19 44.75 -1.48
CA PHE JA 136 -56.55 43.91 -0.35
C PHE JA 136 -55.41 42.97 0.01
N GLN JA 137 -55.23 42.74 1.31
CA GLN JA 137 -54.14 41.93 1.83
C GLN JA 137 -54.70 40.86 2.75
N MET JA 138 -54.51 39.60 2.39
CA MET JA 138 -54.94 38.49 3.22
C MET JA 138 -53.72 37.69 3.64
N GLY JA 139 -53.72 37.21 4.88
CA GLY JA 139 -52.56 36.49 5.37
C GLY JA 139 -52.86 35.79 6.67
N GLY JA 140 -52.11 34.73 6.92
CA GLY JA 140 -52.29 33.98 8.15
C GLY JA 140 -51.36 32.80 8.19
N ASP JA 141 -51.44 32.07 9.30
CA ASP JA 141 -50.61 30.91 9.53
C ASP JA 141 -51.30 29.66 9.00
N PHE JA 142 -50.49 28.68 8.62
CA PHE JA 142 -50.98 27.37 8.25
C PHE JA 142 -50.15 26.31 8.94
N ASN JA 143 -50.60 25.06 8.86
CA ASN JA 143 -49.90 23.94 9.48
C ASN JA 143 -49.19 23.14 8.41
N THR JA 144 -47.88 22.98 8.58
CA THR JA 144 -47.11 22.14 7.68
C THR JA 144 -47.02 20.74 8.29
N PRO JA 145 -47.65 19.73 7.69
CA PRO JA 145 -47.47 18.37 8.17
C PRO JA 145 -46.07 17.87 7.82
N SER JA 146 -45.71 16.74 8.41
CA SER JA 146 -44.40 16.19 8.12
C SER JA 146 -44.37 15.65 6.69
N TYR JA 147 -43.20 15.79 6.08
CA TYR JA 147 -43.03 15.46 4.67
C TYR JA 147 -43.20 13.96 4.43
N ARG JA 148 -42.75 13.13 5.36
CA ARG JA 148 -43.02 11.70 5.33
C ARG JA 148 -44.05 11.35 6.39
N THR JA 149 -44.98 10.48 6.03
CA THR JA 149 -45.96 9.94 6.96
C THR JA 149 -45.28 8.86 7.82
N GLY JA 150 -45.94 8.43 8.88
CA GLY JA 150 -45.45 7.35 9.72
C GLY JA 150 -45.41 5.99 9.04
N LEU JA 151 -46.06 5.84 7.90
CA LEU JA 151 -45.97 4.59 7.13
C LEU JA 151 -44.73 4.53 6.26
N PHE JA 152 -43.97 5.61 6.17
CA PHE JA 152 -42.78 5.64 5.33
C PHE JA 152 -41.66 4.84 5.96
N LEU JA 153 -41.12 3.89 5.21
CA LEU JA 153 -39.95 3.13 5.65
C LEU JA 153 -38.69 3.79 5.12
N ASP JA 154 -37.66 3.81 5.95
CA ASP JA 154 -36.36 4.36 5.57
C ASP JA 154 -35.61 3.26 4.80
N PRO JA 155 -34.41 3.54 4.27
CA PRO JA 155 -33.64 2.46 3.62
C PRO JA 155 -33.33 1.24 4.47
N LYS JA 156 -33.32 1.34 5.80
CA LYS JA 156 -33.10 0.18 6.63
C LYS JA 156 -34.40 -0.44 7.13
N GLY JA 157 -35.55 0.03 6.68
CA GLY JA 157 -36.81 -0.57 7.07
C GLY JA 157 -37.38 -0.05 8.37
N ARG JA 158 -37.06 1.17 8.76
CA ARG JA 158 -37.57 1.76 9.98
C ARG JA 158 -38.53 2.88 9.63
N GLY JA 159 -39.64 2.97 10.37
CA GLY JA 159 -40.57 4.05 10.20
C GLY JA 159 -41.25 4.40 11.51
N GLY JA 160 -42.27 5.25 11.45
CA GLY JA 160 -42.95 5.68 12.65
C GLY JA 160 -43.99 4.70 13.16
N THR JA 161 -44.98 4.42 12.34
CA THR JA 161 -46.06 3.52 12.71
C THR JA 161 -45.88 2.13 12.15
N THR JA 162 -44.77 1.88 11.46
CA THR JA 162 -44.46 0.57 10.92
C THR JA 162 -42.96 0.45 10.87
N GLY JA 163 -42.47 -0.76 10.68
CA GLY JA 163 -41.05 -0.95 10.48
C GLY JA 163 -40.34 -1.51 11.68
N TYR JA 164 -39.04 -1.69 11.50
CA TYR JA 164 -38.18 -2.03 12.62
C TYR JA 164 -37.96 -0.80 13.50
N ASP JA 165 -37.67 -1.06 14.76
CA ASP JA 165 -37.31 -0.01 15.71
C ASP JA 165 -35.85 -0.09 16.11
N MET JA 166 -35.07 -0.87 15.36
CA MET JA 166 -33.66 -1.06 15.63
C MET JA 166 -32.92 -1.03 14.31
N ALA JA 167 -31.63 -0.71 14.37
CA ALA JA 167 -30.76 -0.89 13.22
C ALA JA 167 -30.52 -2.37 13.07
N VAL JA 168 -31.28 -3.02 12.20
CA VAL JA 168 -31.35 -4.47 12.22
C VAL JA 168 -30.16 -5.12 11.54
N ALA JA 169 -29.38 -4.35 10.79
CA ALA JA 169 -28.16 -4.85 10.16
C ALA JA 169 -26.97 -4.87 11.10
N LEU JA 170 -27.08 -4.26 12.27
CA LEU JA 170 -26.03 -4.26 13.28
C LEU JA 170 -26.56 -4.89 14.55
N PRO JA 171 -26.70 -6.22 14.58
CA PRO JA 171 -27.35 -6.87 15.72
C PRO JA 171 -26.51 -6.87 16.99
N ALA JA 172 -25.20 -6.70 16.88
CA ALA JA 172 -24.34 -6.65 18.04
C ALA JA 172 -24.37 -5.30 18.74
N LEU JA 173 -25.09 -4.32 18.19
CA LEU JA 173 -25.27 -3.06 18.88
C LEU JA 173 -26.32 -3.16 19.98
N GLN JA 174 -27.17 -4.18 19.94
CA GLN JA 174 -28.14 -4.43 21.00
C GLN JA 174 -27.51 -5.19 22.15
N LEU JA 175 -26.38 -4.74 22.68
CA LEU JA 175 -25.63 -5.52 23.65
C LEU JA 175 -25.10 -4.60 24.73
N GLY JA 176 -25.14 -5.08 25.97
CA GLY JA 176 -24.89 -4.24 27.11
C GLY JA 176 -26.17 -3.55 27.54
N GLU JA 177 -26.02 -2.68 28.54
CA GLU JA 177 -27.17 -2.00 29.11
C GLU JA 177 -27.52 -0.75 28.33
N GLU JA 178 -26.53 -0.17 27.63
CA GLU JA 178 -26.76 1.03 26.85
C GLU JA 178 -27.46 0.73 25.53
N GLY JA 179 -27.24 -0.45 24.96
CA GLY JA 179 -27.93 -0.85 23.75
C GLY JA 179 -27.55 -0.02 22.55
N ASP JA 180 -28.58 0.39 21.80
CA ASP JA 180 -28.44 1.23 20.62
C ASP JA 180 -28.85 2.66 20.90
N ALA JA 181 -28.53 3.17 22.10
CA ALA JA 181 -28.90 4.53 22.50
C ALA JA 181 -28.17 5.60 21.69
N GLU JA 182 -27.01 5.29 21.12
CA GLU JA 182 -26.34 6.23 20.23
C GLU JA 182 -27.09 6.38 18.91
N LEU JA 183 -27.89 5.38 18.53
CA LEU JA 183 -28.69 5.41 17.32
C LEU JA 183 -30.16 5.68 17.61
N PHE JA 184 -30.46 6.45 18.66
CA PHE JA 184 -31.85 6.65 19.04
C PHE JA 184 -32.56 7.58 18.07
N GLY JA 185 -31.90 8.69 17.70
CA GLY JA 185 -32.52 9.68 16.82
C GLY JA 185 -32.81 9.19 15.43
N GLU JA 186 -32.08 8.19 14.96
CA GLU JA 186 -32.37 7.57 13.67
C GLU JA 186 -33.37 6.44 13.78
N ASN JA 187 -33.45 5.79 14.94
CA ASN JA 187 -34.44 4.74 15.14
C ASN JA 187 -35.79 5.28 15.59
N ASN JA 188 -35.83 6.48 16.16
CA ASN JA 188 -37.08 7.09 16.63
C ASN JA 188 -37.57 8.04 15.55
N LYS JA 189 -38.55 7.59 14.76
CA LYS JA 189 -39.13 8.40 13.71
C LYS JA 189 -40.30 9.19 14.28
N VAL JA 190 -40.18 10.51 14.25
CA VAL JA 190 -41.14 11.40 14.91
C VAL JA 190 -41.87 12.21 13.86
N PHE JA 191 -43.20 12.18 13.92
CA PHE JA 191 -44.06 13.01 13.07
C PHE JA 191 -44.11 14.41 13.67
N ASP JA 192 -43.56 15.38 12.96
CA ASP JA 192 -43.52 16.76 13.42
C ASP JA 192 -44.39 17.65 12.54
N ILE JA 193 -45.14 18.53 13.18
CA ILE JA 193 -45.99 19.50 12.50
C ILE JA 193 -45.47 20.89 12.82
N THR JA 194 -45.05 21.62 11.81
CA THR JA 194 -44.53 22.97 11.98
C THR JA 194 -45.50 23.97 11.37
N GLN JA 195 -45.17 25.25 11.57
CA GLN JA 195 -46.02 26.34 11.14
C GLN JA 195 -45.39 27.09 9.98
N GLY JA 196 -46.23 27.53 9.06
CA GLY JA 196 -45.80 28.41 8.00
C GLY JA 196 -46.68 29.65 7.99
N ARG JA 197 -46.26 30.63 7.20
CA ARG JA 197 -46.91 31.93 7.17
C ARG JA 197 -46.96 32.40 5.72
N ILE JA 198 -48.17 32.62 5.21
CA ILE JA 198 -48.37 33.12 3.85
C ILE JA 198 -49.00 34.50 3.93
N GLU JA 199 -48.60 35.38 3.02
CA GLU JA 199 -49.15 36.73 2.93
C GLU JA 199 -49.59 36.96 1.50
N MET JA 200 -50.87 36.79 1.23
CA MET JA 200 -51.42 37.05 -0.09
C MET JA 200 -51.74 38.52 -0.24
N GLU JA 201 -51.89 38.95 -1.48
CA GLU JA 201 -52.14 40.36 -1.77
C GLU JA 201 -52.86 40.45 -3.10
N VAL JA 202 -54.15 40.76 -3.05
CA VAL JA 202 -54.95 40.88 -4.27
C VAL JA 202 -54.57 42.16 -5.00
N ASN JA 203 -54.38 42.06 -6.31
CA ASN JA 203 -54.21 43.25 -7.12
C ASN JA 203 -55.11 43.30 -8.35
N LYS JA 204 -55.78 42.21 -8.70
CA LYS JA 204 -56.68 42.20 -9.85
C LYS JA 204 -57.96 41.49 -9.46
N VAL JA 205 -59.10 42.15 -9.69
CA VAL JA 205 -60.42 41.64 -9.33
C VAL JA 205 -61.32 41.72 -10.54
N ASN JA 206 -61.93 40.61 -10.92
CA ASN JA 206 -62.94 40.57 -11.97
C ASN JA 206 -64.29 40.32 -11.32
N ALA JA 207 -65.17 41.32 -11.38
CA ALA JA 207 -66.45 41.23 -10.69
C ALA JA 207 -67.49 40.44 -11.47
N GLU JA 208 -67.42 40.43 -12.80
CA GLU JA 208 -68.40 39.69 -13.57
C GLU JA 208 -68.14 38.19 -13.51
N ASP JA 209 -66.90 37.78 -13.29
CA ASP JA 209 -66.55 36.39 -13.12
C ASP JA 209 -66.44 36.00 -11.65
N SER JA 210 -66.54 36.99 -10.75
CA SER JA 210 -66.35 36.84 -9.31
C SER JA 210 -64.99 36.22 -8.99
N GLU JA 211 -63.97 36.68 -9.69
CA GLU JA 211 -62.63 36.11 -9.60
C GLU JA 211 -61.65 37.15 -9.08
N ILE JA 212 -60.83 36.75 -8.10
CA ILE JA 212 -59.75 37.58 -7.61
C ILE JA 212 -58.43 36.91 -7.98
N GLY JA 213 -57.36 37.68 -7.88
CA GLY JA 213 -56.05 37.14 -8.19
C GLY JA 213 -54.97 38.15 -7.88
N GLY JA 214 -53.87 37.70 -7.34
CA GLY JA 214 -52.77 38.58 -7.02
C GLY JA 214 -51.51 37.81 -6.77
N VAL JA 215 -50.68 38.35 -5.89
CA VAL JA 215 -49.40 37.73 -5.57
C VAL JA 215 -49.43 37.26 -4.12
N PHE JA 216 -48.46 36.45 -3.77
CA PHE JA 216 -48.28 36.02 -2.39
C PHE JA 216 -46.79 35.94 -2.08
N VAL JA 217 -46.52 35.75 -0.79
CA VAL JA 217 -45.19 35.38 -0.31
C VAL JA 217 -45.38 34.49 0.90
N ALA JA 218 -44.70 33.35 0.90
CA ALA JA 218 -44.87 32.36 1.97
C ALA JA 218 -43.53 31.86 2.44
N THR JA 219 -43.46 31.57 3.74
CA THR JA 219 -42.28 31.00 4.35
C THR JA 219 -42.70 29.80 5.18
N GLN JA 220 -41.90 28.74 5.15
CA GLN JA 220 -42.18 27.55 5.92
C GLN JA 220 -40.86 26.81 6.13
N LEU JA 221 -40.92 25.74 6.89
CA LEU JA 221 -39.76 24.90 7.13
C LEU JA 221 -39.78 23.69 6.22
N SER JA 222 -38.62 23.10 5.99
CA SER JA 222 -38.49 22.02 5.04
C SER JA 222 -38.65 20.67 5.73
N ASP JA 223 -38.33 19.59 5.01
CA ASP JA 223 -38.39 18.24 5.56
C ASP JA 223 -37.37 18.03 6.67
N THR JA 224 -37.84 17.48 7.78
CA THR JA 224 -36.97 17.09 8.89
C THR JA 224 -36.53 15.63 8.78
N ASP JA 225 -37.14 14.87 7.87
CA ASP JA 225 -36.94 13.43 7.69
C ASP JA 225 -37.17 12.67 9.00
N MET JA 226 -38.41 12.80 9.47
CA MET JA 226 -38.90 12.18 10.71
C MET JA 226 -38.03 12.54 11.91
N GLY JA 227 -37.62 13.81 11.97
CA GLY JA 227 -36.85 14.29 13.10
C GLY JA 227 -35.40 13.90 13.09
N SER JA 228 -34.82 13.65 11.92
CA SER JA 228 -33.42 13.23 11.86
C SER JA 228 -32.48 14.35 11.41
N LYS JA 229 -32.99 15.39 10.76
CA LYS JA 229 -32.17 16.51 10.35
C LYS JA 229 -32.85 17.81 10.75
N THR JA 230 -32.07 18.87 10.84
CA THR JA 230 -32.65 20.15 11.21
C THR JA 230 -33.24 20.80 9.95
N PRO JA 231 -34.48 21.28 10.01
CA PRO JA 231 -35.12 21.81 8.80
C PRO JA 231 -34.64 23.22 8.47
N LYS JA 232 -34.74 23.55 7.19
CA LYS JA 232 -34.34 24.85 6.69
C LYS JA 232 -35.56 25.68 6.35
N LYS JA 233 -35.40 26.99 6.43
CA LYS JA 233 -36.48 27.91 6.14
C LYS JA 233 -36.55 28.17 4.64
N VAL JA 234 -37.72 27.97 4.06
CA VAL JA 234 -37.92 28.05 2.63
C VAL JA 234 -38.87 29.20 2.34
N LEU JA 235 -38.39 30.21 1.63
CA LEU JA 235 -39.20 31.35 1.24
C LEU JA 235 -39.64 31.17 -0.20
N THR JA 236 -40.93 31.33 -0.44
CA THR JA 236 -41.48 31.17 -1.78
C THR JA 236 -42.37 32.35 -2.12
N LYS JA 237 -42.38 32.70 -3.39
CA LYS JA 237 -43.19 33.79 -3.92
C LYS JA 237 -43.91 33.30 -5.16
N GLY JA 238 -44.99 33.98 -5.51
CA GLY JA 238 -45.67 33.64 -6.76
C GLY JA 238 -47.01 34.30 -6.88
N ILE JA 239 -47.87 33.68 -7.68
CA ILE JA 239 -49.14 34.23 -8.10
C ILE JA 239 -50.24 33.35 -7.54
N PHE JA 240 -51.37 33.94 -7.17
CA PHE JA 240 -52.54 33.15 -6.86
C PHE JA 240 -53.73 33.64 -7.68
N TYR JA 241 -54.77 32.82 -7.67
CA TYR JA 241 -56.04 33.10 -8.32
C TYR JA 241 -57.10 32.46 -7.44
N ALA JA 242 -58.29 33.06 -7.39
CA ALA JA 242 -59.42 32.41 -6.72
C ALA JA 242 -60.70 32.94 -7.33
N LYS JA 243 -61.78 32.20 -7.09
CA LYS JA 243 -63.12 32.63 -7.44
C LYS JA 243 -63.94 32.73 -6.15
N VAL JA 244 -64.79 33.74 -6.07
CA VAL JA 244 -65.28 34.22 -4.77
C VAL JA 244 -66.66 33.67 -4.46
N ASP JA 245 -67.46 33.41 -5.51
CA ASP JA 245 -68.92 33.16 -5.46
C ASP JA 245 -69.64 34.35 -4.82
N MET KA 1 -12.80 8.38 -0.01
CA MET KA 1 -11.38 8.19 -0.31
C MET KA 1 -11.15 6.89 -1.04
N GLU KA 2 -12.01 5.91 -0.77
CA GLU KA 2 -11.94 4.65 -1.49
C GLU KA 2 -12.50 4.75 -2.90
N ALA KA 3 -13.27 5.79 -3.19
CA ALA KA 3 -13.70 6.05 -4.56
C ALA KA 3 -12.54 6.50 -5.44
N LEU KA 4 -11.46 7.01 -4.85
CA LEU KA 4 -10.23 7.23 -5.59
C LEU KA 4 -9.63 5.91 -6.04
N VAL KA 5 -9.70 4.89 -5.18
CA VAL KA 5 -9.18 3.57 -5.54
C VAL KA 5 -10.09 2.92 -6.58
N TYR KA 6 -11.40 3.09 -6.44
CA TYR KA 6 -12.35 2.52 -7.38
C TYR KA 6 -12.21 3.14 -8.77
N THR KA 7 -11.99 4.45 -8.83
CA THR KA 7 -11.82 5.11 -10.11
C THR KA 7 -10.50 4.71 -10.76
N PHE KA 8 -9.43 4.63 -9.97
CA PHE KA 8 -8.12 4.27 -10.51
C PHE KA 8 -8.09 2.85 -11.03
N LEU KA 9 -8.83 1.94 -10.40
CA LEU KA 9 -8.85 0.56 -10.87
C LEU KA 9 -9.63 0.41 -12.17
N LEU KA 10 -10.71 1.17 -12.31
CA LEU KA 10 -11.51 1.09 -13.53
C LEU KA 10 -10.82 1.78 -14.69
N ILE KA 11 -10.25 2.96 -14.45
CA ILE KA 11 -9.52 3.68 -15.48
C ILE KA 11 -8.25 2.93 -15.83
N GLY KA 12 -7.62 2.30 -14.85
CA GLY KA 12 -6.46 1.47 -15.12
C GLY KA 12 -6.79 0.22 -15.90
N THR KA 13 -7.99 -0.32 -15.71
CA THR KA 13 -8.41 -1.48 -16.49
C THR KA 13 -8.67 -1.10 -17.94
N LEU KA 14 -9.25 0.08 -18.18
CA LEU KA 14 -9.49 0.53 -19.53
C LEU KA 14 -8.22 0.91 -20.27
N MET KA 15 -7.17 1.29 -19.53
CA MET KA 15 -5.90 1.59 -20.16
C MET KA 15 -5.22 0.31 -20.62
N VAL KA 16 -5.41 -0.80 -19.90
CA VAL KA 16 -4.91 -2.08 -20.34
C VAL KA 16 -5.62 -2.53 -21.61
N ILE KA 17 -6.93 -2.28 -21.69
CA ILE KA 17 -7.71 -2.65 -22.87
C ILE KA 17 -7.29 -1.82 -24.07
N PHE KA 18 -6.92 -0.55 -23.85
CA PHE KA 18 -6.41 0.28 -24.93
C PHE KA 18 -5.10 -0.28 -25.48
N PHE KA 19 -4.17 -0.63 -24.60
CA PHE KA 19 -2.89 -1.14 -25.04
C PHE KA 19 -3.02 -2.56 -25.61
N ALA KA 20 -4.01 -3.31 -25.17
CA ALA KA 20 -4.19 -4.66 -25.71
C ALA KA 20 -4.74 -4.62 -27.12
N VAL KA 21 -5.42 -3.54 -27.50
CA VAL KA 21 -5.99 -3.44 -28.83
C VAL KA 21 -5.03 -2.77 -29.80
N PHE KA 22 -4.49 -1.62 -29.42
CA PHE KA 22 -3.72 -0.82 -30.35
C PHE KA 22 -2.22 -1.05 -30.26
N PHE KA 23 -1.76 -1.73 -29.22
CA PHE KA 23 -0.36 -2.12 -29.11
C PHE KA 23 -0.25 -3.62 -29.05
N ARG KA 24 -1.13 -4.31 -29.77
CA ARG KA 24 -1.11 -5.75 -29.75
C ARG KA 24 0.05 -6.29 -30.57
N GLU KA 25 0.44 -7.52 -30.27
CA GLU KA 25 1.38 -8.22 -31.11
C GLU KA 25 0.67 -8.65 -32.38
N THR KA 26 1.11 -8.13 -33.51
CA THR KA 26 0.44 -8.39 -34.77
C THR KA 26 0.66 -9.83 -35.21
N PRO KA 27 -0.40 -10.58 -35.53
CA PRO KA 27 -0.21 -11.95 -36.02
C PRO KA 27 0.39 -11.95 -37.42
N ARG KA 28 1.49 -12.68 -37.56
CA ARG KA 28 2.25 -12.67 -38.79
C ARG KA 28 2.46 -14.08 -39.28
N ILE KA 29 2.37 -14.24 -40.59
CA ILE KA 29 2.62 -15.51 -41.26
C ILE KA 29 4.08 -15.54 -41.68
N LEU KA 30 4.70 -16.71 -41.52
CA LEU KA 30 6.10 -17.00 -41.89
C LEU KA 30 7.10 -16.07 -41.21
N VAL LA 1 -41.99 6.92 16.30
CA VAL LA 1 -41.91 6.63 17.72
C VAL LA 1 -41.61 5.14 17.92
N ILE LA 2 -40.55 4.86 18.68
CA ILE LA 2 -40.18 3.47 18.98
C ILE LA 2 -41.24 2.85 19.89
N ASP LA 3 -41.52 3.48 21.01
CA ASP LA 3 -42.36 2.92 22.06
C ASP LA 3 -43.59 3.79 22.19
N TYR LA 4 -44.63 3.45 21.45
CA TYR LA 4 -45.88 4.18 21.48
C TYR LA 4 -46.83 3.42 22.40
N GLU LA 5 -47.10 4.00 23.56
CA GLU LA 5 -48.17 3.47 24.41
C GLU LA 5 -49.51 3.76 23.75
N ASN LA 6 -50.56 3.14 24.31
CA ASN LA 6 -51.90 3.06 23.73
C ASN LA 6 -51.86 2.41 22.35
N ILE LA 7 -50.96 1.45 22.17
CA ILE LA 7 -50.89 0.70 20.93
C ILE LA 7 -51.96 -0.39 20.88
N GLY LA 8 -52.48 -0.80 22.03
CA GLY LA 8 -53.54 -1.78 22.04
C GLY LA 8 -54.86 -1.20 21.60
N TYR LA 9 -55.10 0.06 21.91
CA TYR LA 9 -56.35 0.71 21.57
C TYR LA 9 -56.49 1.05 20.10
N LEU LA 10 -55.46 0.80 19.29
CA LEU LA 10 -55.59 0.99 17.86
C LEU LA 10 -56.44 -0.10 17.23
N GLY LA 11 -55.99 -1.35 17.26
CA GLY LA 11 -56.79 -2.36 16.61
C GLY LA 11 -57.00 -3.69 17.30
N GLY LA 12 -56.26 -3.97 18.36
CA GLY LA 12 -56.18 -5.34 18.84
C GLY LA 12 -56.77 -5.64 20.20
N SER LA 13 -56.95 -4.64 21.05
CA SER LA 13 -57.30 -4.88 22.44
C SER LA 13 -58.78 -5.11 22.67
N SER LA 14 -59.61 -5.02 21.62
CA SER LA 14 -61.08 -5.00 21.70
C SER LA 14 -61.60 -3.88 22.61
N ILE LA 15 -60.84 -2.79 22.68
CA ILE LA 15 -61.27 -1.48 23.15
C ILE LA 15 -60.57 -0.51 22.21
N VAL LA 16 -61.34 0.27 21.46
CA VAL LA 16 -60.82 1.01 20.32
C VAL LA 16 -60.68 2.47 20.68
N ASP LA 17 -59.48 3.02 20.50
CA ASP LA 17 -59.28 4.45 20.62
C ASP LA 17 -60.04 5.19 19.53
N ILE LA 18 -60.73 6.25 19.92
CA ILE LA 18 -61.53 7.02 18.98
C ILE LA 18 -60.68 8.00 18.18
N ASN LA 19 -59.61 8.51 18.79
CA ASN LA 19 -58.80 9.52 18.14
C ASN LA 19 -57.76 8.95 17.19
N ASN LA 20 -57.33 7.70 17.37
CA ASN LA 20 -56.16 7.22 16.66
C ASN LA 20 -56.38 5.97 15.83
N ALA LA 21 -57.49 5.27 15.99
CA ALA LA 21 -57.65 3.99 15.30
C ALA LA 21 -58.07 4.19 13.85
N ASN LA 22 -57.70 3.23 13.03
CA ASN LA 22 -58.15 3.18 11.64
C ASN LA 22 -59.63 2.80 11.60
N VAL LA 23 -60.24 3.00 10.44
CA VAL LA 23 -61.64 2.68 10.25
C VAL LA 23 -61.89 1.17 10.26
N ARG LA 24 -60.83 0.36 10.10
CA ARG LA 24 -60.99 -1.09 10.18
C ARG LA 24 -61.16 -1.58 11.60
N ALA LA 25 -60.84 -0.75 12.59
CA ALA LA 25 -61.01 -1.14 13.98
C ALA LA 25 -62.48 -1.20 14.38
N TYR LA 26 -63.35 -0.51 13.66
CA TYR LA 26 -64.77 -0.53 13.93
C TYR LA 26 -65.48 -1.63 13.15
N LEU LA 27 -64.74 -2.45 12.42
CA LEU LA 27 -65.34 -3.61 11.77
C LEU LA 27 -65.68 -4.69 12.76
N LYS LA 28 -65.10 -4.66 13.96
CA LYS LA 28 -65.42 -5.60 15.02
C LYS LA 28 -66.72 -5.26 15.74
N MET LA 29 -67.27 -4.08 15.50
CA MET LA 29 -68.52 -3.67 16.12
C MET LA 29 -69.60 -3.63 15.07
N PRO LA 30 -70.60 -4.52 15.12
CA PRO LA 30 -71.63 -4.55 14.08
C PRO LA 30 -72.51 -3.31 14.11
N GLY LA 31 -72.79 -2.78 12.93
CA GLY LA 31 -73.59 -1.59 12.78
C GLY LA 31 -72.79 -0.32 12.57
N MET LA 32 -71.49 -0.34 12.89
CA MET LA 32 -70.68 0.87 12.80
C MET LA 32 -70.05 1.04 11.43
N TYR LA 33 -69.57 -0.02 10.83
CA TYR LA 33 -69.00 0.11 9.50
C TYR LA 33 -70.09 -0.02 8.46
N PRO LA 34 -70.14 0.85 7.44
CA PRO LA 34 -69.19 1.95 7.20
C PRO LA 34 -69.63 3.36 7.58
N THR LA 35 -70.93 3.62 7.72
CA THR LA 35 -71.36 5.01 7.77
C THR LA 35 -71.15 5.66 9.14
N VAL LA 36 -71.23 4.89 10.22
CA VAL LA 36 -70.97 5.47 11.53
C VAL LA 36 -69.47 5.53 11.79
N ALA LA 37 -68.75 4.50 11.37
CA ALA LA 37 -67.29 4.49 11.46
C ALA LA 37 -66.68 5.55 10.58
N GLY LA 38 -67.31 5.86 9.44
CA GLY LA 38 -66.81 6.92 8.58
C GLY LA 38 -66.94 8.29 9.19
N LYS LA 39 -67.94 8.50 10.05
CA LYS LA 39 -68.13 9.82 10.66
C LYS LA 39 -67.22 10.03 11.86
N ILE LA 40 -66.90 8.96 12.60
CA ILE LA 40 -65.94 9.07 13.69
C ILE LA 40 -64.55 9.39 13.15
N VAL LA 41 -64.17 8.70 12.08
CA VAL LA 41 -62.82 8.78 11.56
C VAL LA 41 -62.59 10.09 10.80
N SER LA 42 -63.61 10.63 10.15
CA SER LA 42 -63.41 11.81 9.32
C SER LA 42 -63.43 13.11 10.11
N HIS LA 43 -63.88 13.09 11.35
CA HIS LA 43 -64.00 14.33 12.10
C HIS LA 43 -62.92 14.43 13.17
N GLY LA 44 -62.84 15.60 13.78
CA GLY LA 44 -61.66 16.05 14.48
C GLY LA 44 -61.42 15.41 15.84
N PRO LA 45 -60.59 16.05 16.66
CA PRO LA 45 -60.21 15.45 17.94
C PRO LA 45 -61.36 15.49 18.93
N TYR LA 46 -61.49 14.42 19.70
CA TYR LA 46 -62.52 14.27 20.72
C TYR LA 46 -61.88 14.18 22.08
N SER LA 47 -62.40 14.93 23.05
CA SER LA 47 -61.89 14.81 24.40
C SER LA 47 -62.37 13.53 25.07
N GLY LA 48 -63.63 13.17 24.87
CA GLY LA 48 -64.15 11.91 25.36
C GLY LA 48 -65.02 11.28 24.30
N VAL LA 49 -65.63 10.15 24.65
CA VAL LA 49 -66.56 9.48 23.76
C VAL LA 49 -67.89 10.24 23.69
N ALA LA 50 -68.17 11.07 24.71
CA ALA LA 50 -69.38 11.89 24.68
C ALA LA 50 -69.34 12.97 23.60
N ASP LA 51 -68.16 13.33 23.10
CA ASP LA 51 -68.07 14.26 21.98
C ASP LA 51 -68.39 13.62 20.64
N LEU LA 52 -68.57 12.29 20.59
CA LEU LA 52 -69.00 11.66 19.36
C LEU LA 52 -70.45 12.02 19.01
N TYR LA 53 -71.26 12.34 20.00
CA TYR LA 53 -72.64 12.74 19.74
C TYR LA 53 -72.75 14.17 19.25
N LYS LA 54 -71.66 14.94 19.29
CA LYS LA 54 -71.62 16.29 18.74
C LYS LA 54 -71.12 16.31 17.30
N ILE LA 55 -71.04 15.16 16.65
CA ILE LA 55 -70.66 15.13 15.23
C ILE LA 55 -71.78 15.73 14.40
N PRO LA 56 -71.51 16.74 13.58
CA PRO LA 56 -72.56 17.28 12.70
C PRO LA 56 -72.92 16.27 11.62
N GLY LA 57 -74.20 15.88 11.60
CA GLY LA 57 -74.69 14.96 10.61
C GLY LA 57 -74.92 13.56 11.14
N LEU LA 58 -75.22 13.45 12.43
CA LEU LA 58 -75.61 12.18 13.03
C LEU LA 58 -77.13 12.04 13.03
N SER LA 59 -77.58 10.81 13.18
CA SER LA 59 -78.98 10.53 13.40
C SER LA 59 -79.16 10.02 14.83
N SER LA 60 -80.40 9.67 15.18
CA SER LA 60 -80.62 8.96 16.42
C SER LA 60 -80.29 7.48 16.27
N ALA LA 61 -80.41 6.95 15.05
CA ALA LA 61 -80.01 5.57 14.80
C ALA LA 61 -78.49 5.41 14.85
N GLU LA 62 -77.77 6.39 14.29
CA GLU LA 62 -76.32 6.37 14.37
C GLU LA 62 -75.82 6.69 15.78
N ALA LA 63 -76.64 7.33 16.61
CA ALA LA 63 -76.25 7.53 18.00
C ALA LA 63 -76.48 6.29 18.83
N ASP LA 64 -77.55 5.53 18.55
CA ASP LA 64 -77.86 4.36 19.36
C ASP LA 64 -76.91 3.21 19.08
N VAL LA 65 -76.33 3.15 17.88
CA VAL LA 65 -75.30 2.15 17.63
C VAL LA 65 -74.00 2.55 18.30
N ILE LA 66 -73.80 3.85 18.54
CA ILE LA 66 -72.62 4.28 19.29
C ILE LA 66 -72.76 3.94 20.76
N LYS LA 67 -73.96 4.13 21.32
CA LYS LA 67 -74.20 3.82 22.73
C LYS LA 67 -74.18 2.32 23.01
N LYS LA 68 -74.28 1.47 21.99
CA LYS LA 68 -74.09 0.05 22.20
C LYS LA 68 -72.64 -0.27 22.55
N TYR LA 69 -71.70 0.37 21.88
CA TYR LA 69 -70.29 0.08 22.05
C TYR LA 69 -69.52 1.19 22.75
N GLU LA 70 -70.21 2.05 23.51
CA GLU LA 70 -69.50 3.06 24.30
C GLU LA 70 -68.73 2.43 25.45
N SER LA 71 -69.06 1.20 25.83
CA SER LA 71 -68.17 0.39 26.67
C SER LA 71 -66.84 0.11 25.98
N ARG LA 72 -66.82 0.09 24.66
CA ARG LA 72 -65.66 -0.36 23.90
C ARG LA 72 -64.89 0.81 23.29
N LEU LA 73 -65.40 2.03 23.37
CA LEU LA 73 -64.71 3.18 22.81
C LEU LA 73 -63.98 3.94 23.90
N THR LA 74 -62.87 4.56 23.53
CA THR LA 74 -62.10 5.39 24.44
C THR LA 74 -61.42 6.48 23.64
N ALA LA 75 -61.02 7.55 24.32
CA ALA LA 75 -60.36 8.67 23.70
C ALA LA 75 -59.02 8.89 24.39
N LYS LA 76 -57.94 8.79 23.63
CA LYS LA 76 -56.60 9.04 24.12
C LYS LA 76 -56.09 10.32 23.46
N THR LA 77 -54.84 10.65 23.72
CA THR LA 77 -54.22 11.78 23.07
C THR LA 77 -54.03 11.48 21.58
N PRO LA 78 -54.51 12.34 20.69
CA PRO LA 78 -54.33 12.08 19.25
C PRO LA 78 -52.89 12.22 18.80
N SER LA 79 -52.27 11.09 18.47
CA SER LA 79 -50.94 11.09 17.90
C SER LA 79 -51.04 11.41 16.42
N PRO LA 80 -50.35 12.44 15.92
CA PRO LA 80 -50.60 12.92 14.55
C PRO LA 80 -50.22 11.95 13.46
N ASP LA 81 -49.30 11.02 13.71
CA ASP LA 81 -48.98 10.01 12.71
C ASP LA 81 -50.04 8.91 12.61
N TYR LA 82 -50.94 8.82 13.57
CA TYR LA 82 -52.08 7.91 13.45
C TYR LA 82 -53.36 8.61 13.04
N VAL LA 83 -53.45 9.92 13.26
CA VAL LA 83 -54.65 10.66 12.89
C VAL LA 83 -54.76 10.80 11.38
N ILE LA 84 -53.62 10.97 10.70
CA ILE LA 84 -53.66 11.15 9.25
C ILE LA 84 -53.99 9.85 8.54
N ASP LA 85 -53.62 8.71 9.13
CA ASP LA 85 -53.89 7.39 8.57
C ASP LA 85 -55.13 6.75 9.19
N ARG LA 86 -56.26 7.45 9.24
CA ARG LA 86 -57.45 6.87 9.86
C ARG LA 86 -58.43 6.32 8.84
N ILE LA 87 -58.55 6.96 7.68
CA ILE LA 87 -59.33 6.40 6.58
C ILE LA 87 -58.61 5.18 6.00
N ASN LA 88 -57.36 5.36 5.61
CA ASN LA 88 -56.61 4.33 4.88
C ASN LA 88 -55.19 4.32 5.42
N ASN LA 89 -54.85 3.29 6.18
CA ASN LA 89 -53.51 3.14 6.71
C ASN LA 89 -52.65 2.20 5.86
N GLY LA 90 -53.12 1.83 4.68
CA GLY LA 90 -52.36 0.94 3.83
C GLY LA 90 -52.42 -0.51 4.23
N LEU LA 91 -53.47 -0.92 4.94
CA LEU LA 91 -53.65 -2.30 5.32
C LEU LA 91 -54.85 -2.87 4.60
N TYR LA 92 -54.64 -3.99 3.92
CA TYR LA 92 -55.67 -4.68 3.16
C TYR LA 92 -55.52 -6.17 3.40
N ARG LA 93 -56.62 -6.82 3.77
CA ARG LA 93 -56.59 -8.25 4.02
C ARG LA 93 -56.49 -9.04 2.73
N ASP MA 1 -62.43 -38.12 1.93
CA ASP MA 1 -62.20 -37.55 3.25
C ASP MA 1 -63.14 -36.38 3.44
N LEU MA 2 -63.93 -36.08 2.40
CA LEU MA 2 -65.08 -35.19 2.53
C LEU MA 2 -66.26 -36.00 3.04
N ASP MA 3 -66.26 -36.22 4.35
CA ASP MA 3 -67.32 -36.92 5.04
C ASP MA 3 -68.56 -36.03 5.15
N GLU MA 4 -69.61 -36.57 5.79
CA GLU MA 4 -70.78 -35.76 6.06
C GLU MA 4 -70.53 -34.70 7.12
N ALA MA 5 -69.53 -34.91 7.99
CA ALA MA 5 -69.32 -34.01 9.12
C ALA MA 5 -68.70 -32.69 8.67
N THR MA 6 -67.74 -32.73 7.74
CA THR MA 6 -67.20 -31.49 7.23
C THR MA 6 -68.16 -30.80 6.27
N ARG MA 7 -69.00 -31.56 5.58
CA ARG MA 7 -69.99 -31.00 4.66
C ARG MA 7 -71.25 -30.52 5.36
N THR MA 8 -71.24 -30.42 6.69
CA THR MA 8 -72.40 -30.02 7.47
C THR MA 8 -72.27 -28.52 7.77
N VAL MA 9 -73.14 -27.71 7.17
CA VAL MA 9 -73.04 -26.26 7.26
C VAL MA 9 -74.33 -25.68 7.79
N VAL MA 10 -74.21 -24.55 8.51
CA VAL MA 10 -75.36 -23.84 9.06
C VAL MA 10 -76.18 -23.26 7.92
N VAL MA 11 -77.50 -23.52 7.94
CA VAL MA 11 -78.32 -23.25 6.78
C VAL MA 11 -79.17 -21.99 6.96
N ASP MA 12 -79.45 -21.59 8.21
CA ASP MA 12 -80.34 -20.46 8.43
C ASP MA 12 -79.92 -19.73 9.70
N ASN MA 13 -80.63 -18.63 9.99
CA ASN MA 13 -80.30 -17.78 11.11
C ASN MA 13 -80.64 -18.42 12.45
N ALA MA 14 -81.58 -19.38 12.47
CA ALA MA 14 -81.95 -20.02 13.73
C ALA MA 14 -80.89 -21.00 14.20
N GLY MA 15 -79.96 -21.38 13.33
CA GLY MA 15 -78.89 -22.28 13.69
C GLY MA 15 -79.06 -23.70 13.21
N ASN MA 16 -80.06 -23.98 12.39
CA ASN MA 16 -80.23 -25.32 11.86
C ASN MA 16 -79.15 -25.61 10.83
N THR MA 17 -78.91 -26.89 10.61
CA THR MA 17 -77.72 -27.33 9.91
C THR MA 17 -78.12 -28.33 8.84
N THR MA 18 -77.43 -28.28 7.70
CA THR MA 18 -77.69 -29.20 6.61
C THR MA 18 -76.38 -29.75 6.05
N VAL MA 19 -76.47 -30.87 5.37
CA VAL MA 19 -75.33 -31.49 4.71
C VAL MA 19 -75.39 -31.20 3.23
N LEU MA 20 -74.28 -30.69 2.68
CA LEU MA 20 -74.19 -30.47 1.25
C LEU MA 20 -73.91 -31.80 0.56
N THR MA 21 -74.66 -32.09 -0.49
CA THR MA 21 -74.39 -33.27 -1.28
C THR MA 21 -73.10 -33.04 -2.07
N PRO MA 22 -72.42 -34.11 -2.49
CA PRO MA 22 -71.21 -33.93 -3.31
C PRO MA 22 -71.44 -33.22 -4.64
N GLU MA 23 -72.66 -33.21 -5.16
CA GLU MA 23 -72.95 -32.36 -6.31
C GLU MA 23 -72.96 -30.88 -5.92
N GLN MA 24 -73.47 -30.55 -4.73
CA GLN MA 24 -73.47 -29.16 -4.27
C GLN MA 24 -72.06 -28.64 -4.09
N VAL MA 25 -71.14 -29.51 -3.67
CA VAL MA 25 -69.78 -29.07 -3.38
C VAL MA 25 -69.01 -28.82 -4.66
N LYS MA 26 -69.12 -29.74 -5.62
CA LYS MA 26 -68.36 -29.63 -6.86
C LYS MA 26 -68.90 -28.51 -7.73
N ARG MA 27 -70.22 -28.43 -7.86
CA ARG MA 27 -70.82 -27.37 -8.66
C ARG MA 27 -70.72 -26.02 -7.99
N GLY MA 28 -70.69 -26.00 -6.66
CA GLY MA 28 -70.58 -24.74 -5.96
C GLY MA 28 -69.21 -24.10 -6.10
N LYS MA 29 -68.16 -24.91 -6.19
CA LYS MA 29 -66.83 -24.37 -6.41
C LYS MA 29 -66.68 -23.84 -7.83
N ARG MA 30 -67.29 -24.55 -8.80
CA ARG MA 30 -67.22 -24.13 -10.20
C ARG MA 30 -67.94 -22.82 -10.42
N LEU MA 31 -69.13 -22.69 -9.84
CA LEU MA 31 -69.93 -21.48 -10.05
C LEU MA 31 -69.36 -20.30 -9.31
N PHE MA 32 -68.78 -20.52 -8.13
CA PHE MA 32 -68.20 -19.42 -7.37
C PHE MA 32 -66.96 -18.88 -8.08
N ASN MA 33 -66.13 -19.77 -8.62
CA ASN MA 33 -64.91 -19.32 -9.28
C ASN MA 33 -65.22 -18.60 -10.57
N ALA MA 34 -66.27 -18.98 -11.27
CA ALA MA 34 -66.65 -18.30 -12.50
C ALA MA 34 -67.34 -16.97 -12.20
N THR MA 35 -68.33 -16.98 -11.31
CA THR MA 35 -69.17 -15.81 -11.13
C THR MA 35 -68.59 -14.81 -10.14
N CYS MA 36 -68.02 -15.30 -9.04
CA CYS MA 36 -67.63 -14.45 -7.94
C CYS MA 36 -66.13 -14.40 -7.71
N GLY MA 37 -65.38 -15.33 -8.30
CA GLY MA 37 -63.99 -15.54 -7.94
C GLY MA 37 -63.04 -14.47 -8.38
N ALA MA 38 -63.40 -13.63 -9.35
CA ALA MA 38 -62.50 -12.56 -9.76
C ALA MA 38 -62.35 -11.51 -8.68
N CYS MA 39 -63.41 -11.26 -7.92
CA CYS MA 39 -63.33 -10.36 -6.78
C CYS MA 39 -63.15 -11.08 -5.45
N HIS MA 40 -63.55 -12.35 -5.37
CA HIS MA 40 -63.60 -13.06 -4.10
C HIS MA 40 -62.71 -14.28 -4.11
N VAL MA 41 -61.50 -14.17 -4.66
CA VAL MA 41 -60.59 -15.29 -4.69
C VAL MA 41 -60.02 -15.55 -3.29
N GLY MA 42 -60.16 -16.78 -2.82
CA GLY MA 42 -59.67 -17.15 -1.52
C GLY MA 42 -60.41 -16.57 -0.34
N GLY MA 43 -61.57 -15.96 -0.55
CA GLY MA 43 -62.36 -15.41 0.52
C GLY MA 43 -62.11 -13.96 0.85
N ILE MA 44 -61.12 -13.33 0.23
CA ILE MA 44 -60.91 -11.90 0.40
C ILE MA 44 -61.83 -11.17 -0.56
N THR MA 45 -61.95 -9.85 -0.42
CA THR MA 45 -62.56 -9.03 -1.44
C THR MA 45 -61.48 -8.14 -2.03
N LYS MA 46 -61.33 -8.19 -3.35
CA LYS MA 46 -60.25 -7.43 -3.97
C LYS MA 46 -60.56 -5.94 -4.03
N THR MA 47 -61.81 -5.59 -4.27
CA THR MA 47 -62.18 -4.20 -4.47
C THR MA 47 -62.58 -3.48 -3.20
N ASN MA 48 -62.79 -4.21 -2.10
CA ASN MA 48 -62.99 -3.61 -0.79
C ASN MA 48 -62.51 -4.60 0.25
N PRO MA 49 -61.22 -4.60 0.56
CA PRO MA 49 -60.67 -5.64 1.45
C PRO MA 49 -61.07 -5.53 2.91
N ASN MA 50 -61.82 -4.50 3.29
CA ASN MA 50 -62.35 -4.46 4.65
C ASN MA 50 -63.47 -5.45 4.85
N VAL MA 51 -64.15 -5.84 3.77
CA VAL MA 51 -65.36 -6.66 3.86
C VAL MA 51 -65.07 -7.97 3.16
N GLY MA 52 -64.57 -8.96 3.91
CA GLY MA 52 -64.20 -10.24 3.33
C GLY MA 52 -65.29 -11.28 3.45
N LEU MA 53 -64.96 -12.50 3.03
CA LEU MA 53 -65.89 -13.62 3.09
C LEU MA 53 -65.53 -14.63 4.16
N ASP MA 54 -64.56 -14.32 5.02
CA ASP MA 54 -64.26 -15.18 6.15
C ASP MA 54 -65.43 -15.17 7.13
N PRO MA 55 -65.64 -16.25 7.90
CA PRO MA 55 -66.84 -16.33 8.73
C PRO MA 55 -66.86 -15.38 9.90
N GLU MA 56 -65.73 -14.77 10.28
CA GLU MA 56 -65.79 -13.73 11.29
C GLU MA 56 -66.36 -12.44 10.73
N ALA MA 57 -65.96 -12.08 9.50
CA ALA MA 57 -66.52 -10.89 8.88
C ALA MA 57 -67.98 -11.08 8.49
N LEU MA 58 -68.38 -12.31 8.17
CA LEU MA 58 -69.78 -12.60 7.93
C LEU MA 58 -70.59 -12.58 9.22
N SER MA 59 -69.94 -12.85 10.35
CA SER MA 59 -70.62 -12.80 11.63
C SER MA 59 -70.96 -11.39 12.07
N LEU MA 60 -70.22 -10.39 11.59
CA LEU MA 60 -70.36 -9.04 12.08
C LEU MA 60 -71.11 -8.13 11.13
N ALA MA 61 -71.67 -8.65 10.05
CA ALA MA 61 -72.62 -7.90 9.27
C ALA MA 61 -73.94 -7.79 10.03
N THR MA 62 -74.70 -6.71 9.78
CA THR MA 62 -75.85 -6.43 10.63
C THR MA 62 -77.02 -7.35 10.29
N PRO MA 63 -77.34 -7.63 9.02
CA PRO MA 63 -77.95 -8.95 8.79
C PRO MA 63 -76.82 -9.96 8.79
N ARG MA 64 -76.85 -10.87 9.75
CA ARG MA 64 -75.74 -11.79 9.97
C ARG MA 64 -75.68 -12.80 8.84
N ARG MA 65 -74.54 -12.83 8.13
CA ARG MA 65 -74.40 -13.60 6.90
C ARG MA 65 -73.62 -14.89 7.09
N ASP MA 66 -73.85 -15.61 8.20
CA ASP MA 66 -73.18 -16.87 8.45
C ASP MA 66 -74.03 -18.08 8.08
N ASN MA 67 -74.98 -17.91 7.18
CA ASN MA 67 -75.92 -18.97 6.88
C ASN MA 67 -75.98 -19.18 5.38
N ILE MA 68 -76.51 -20.33 4.98
CA ILE MA 68 -76.81 -20.51 3.56
C ILE MA 68 -77.92 -19.57 3.13
N SER MA 69 -78.95 -19.42 3.98
CA SER MA 69 -80.09 -18.58 3.62
C SER MA 69 -79.73 -17.10 3.63
N ALA MA 70 -78.85 -16.69 4.55
CA ALA MA 70 -78.46 -15.29 4.61
C ALA MA 70 -77.48 -14.93 3.51
N LEU MA 71 -76.67 -15.88 3.05
CA LEU MA 71 -75.80 -15.62 1.92
C LEU MA 71 -76.58 -15.55 0.62
N VAL MA 72 -77.58 -16.42 0.47
CA VAL MA 72 -78.45 -16.41 -0.71
C VAL MA 72 -79.28 -15.13 -0.74
N ASP MA 73 -79.70 -14.64 0.43
CA ASP MA 73 -80.40 -13.37 0.50
C ASP MA 73 -79.51 -12.20 0.11
N TYR MA 74 -78.21 -12.28 0.39
CA TYR MA 74 -77.29 -11.25 -0.07
C TYR MA 74 -77.14 -11.26 -1.58
N ILE MA 75 -77.12 -12.45 -2.19
CA ILE MA 75 -76.99 -12.52 -3.63
C ILE MA 75 -78.27 -12.05 -4.31
N LYS MA 76 -79.42 -12.30 -3.72
CA LYS MA 76 -80.65 -11.75 -4.28
C LYS MA 76 -80.85 -10.29 -3.92
N ASN MA 77 -80.24 -9.81 -2.83
CA ASN MA 77 -80.47 -8.46 -2.36
C ASN MA 77 -79.31 -7.98 -1.50
N PRO MA 78 -78.28 -7.37 -2.09
CA PRO MA 78 -77.09 -6.99 -1.33
C PRO MA 78 -77.18 -5.61 -0.71
N THR MA 79 -76.68 -5.51 0.52
CA THR MA 79 -76.70 -4.28 1.28
C THR MA 79 -75.28 -3.92 1.69
N THR MA 80 -75.15 -2.83 2.43
CA THR MA 80 -73.88 -2.46 3.03
C THR MA 80 -73.58 -3.39 4.20
N TYR MA 81 -72.41 -3.17 4.83
CA TYR MA 81 -71.99 -4.03 5.92
C TYR MA 81 -72.86 -3.89 7.15
N ASP MA 82 -73.45 -2.72 7.35
CA ASP MA 82 -74.45 -2.51 8.38
C ASP MA 82 -75.86 -2.64 7.85
N GLY MA 83 -76.03 -3.02 6.59
CA GLY MA 83 -77.34 -3.30 6.03
C GLY MA 83 -78.24 -2.12 5.85
N LEU MA 84 -77.71 -0.90 5.75
CA LEU MA 84 -78.60 0.26 5.79
C LEU MA 84 -78.97 0.78 4.41
N GLU MA 85 -78.06 0.80 3.45
CA GLU MA 85 -78.45 1.05 2.07
C GLU MA 85 -78.10 -0.13 1.18
N SER MA 86 -78.85 -0.25 0.10
CA SER MA 86 -78.62 -1.27 -0.91
C SER MA 86 -77.44 -0.91 -1.79
N ILE MA 87 -76.65 -1.92 -2.14
CA ILE MA 87 -75.52 -1.71 -3.03
C ILE MA 87 -75.71 -2.58 -4.26
N ALA MA 88 -76.97 -2.82 -4.64
CA ALA MA 88 -77.25 -3.69 -5.77
C ALA MA 88 -76.73 -3.13 -7.07
N GLU MA 89 -76.64 -1.82 -7.20
CA GLU MA 89 -76.16 -1.24 -8.43
C GLU MA 89 -74.64 -1.35 -8.58
N VAL MA 90 -73.92 -1.75 -7.53
CA VAL MA 90 -72.47 -1.90 -7.63
C VAL MA 90 -72.03 -3.31 -7.22
N HIS MA 91 -72.98 -4.15 -6.83
CA HIS MA 91 -72.65 -5.54 -6.57
C HIS MA 91 -73.47 -6.45 -7.46
N PRO MA 92 -72.91 -7.54 -7.97
CA PRO MA 92 -73.69 -8.47 -8.80
C PRO MA 92 -74.79 -9.14 -8.00
N SER MA 93 -76.01 -9.07 -8.53
CA SER MA 93 -77.16 -9.55 -7.78
C SER MA 93 -78.26 -9.92 -8.75
N ILE MA 94 -79.26 -10.63 -8.21
CA ILE MA 94 -80.48 -10.85 -8.95
C ILE MA 94 -81.27 -9.56 -9.07
N LYS MA 95 -81.13 -8.66 -8.08
CA LYS MA 95 -81.83 -7.39 -8.13
C LYS MA 95 -81.27 -6.49 -9.23
N SER MA 96 -79.96 -6.44 -9.38
CA SER MA 96 -79.39 -5.89 -10.61
C SER MA 96 -78.87 -6.96 -11.55
N ALA MA 97 -79.72 -7.83 -12.04
CA ALA MA 97 -79.26 -8.79 -13.04
C ALA MA 97 -79.44 -8.28 -14.45
N ASP MA 98 -80.19 -7.19 -14.64
CA ASP MA 98 -80.20 -6.52 -15.94
C ASP MA 98 -78.90 -5.77 -16.16
N ILE MA 99 -78.24 -5.36 -15.07
CA ILE MA 99 -76.97 -4.68 -15.16
C ILE MA 99 -75.84 -5.69 -15.34
N TYR MA 100 -75.84 -6.76 -14.56
CA TYR MA 100 -74.84 -7.80 -14.59
C TYR MA 100 -75.37 -8.99 -15.36
N PRO MA 101 -74.95 -9.22 -16.61
CA PRO MA 101 -75.47 -10.38 -17.35
C PRO MA 101 -74.93 -11.71 -16.87
N ARG MA 102 -73.96 -11.73 -15.96
CA ARG MA 102 -73.48 -12.98 -15.41
C ARG MA 102 -74.47 -13.60 -14.43
N MET MA 103 -75.36 -12.81 -13.85
CA MET MA 103 -76.36 -13.31 -12.92
C MET MA 103 -77.65 -13.71 -13.61
N ARG MA 104 -77.71 -13.67 -14.94
CA ARG MA 104 -78.97 -13.82 -15.63
C ARG MA 104 -79.44 -15.27 -15.71
N SER MA 105 -78.54 -16.23 -15.75
CA SER MA 105 -78.93 -17.64 -15.76
C SER MA 105 -78.39 -18.24 -14.47
N LEU MA 106 -79.13 -18.06 -13.39
CA LEU MA 106 -78.74 -18.59 -12.09
C LEU MA 106 -80.01 -18.96 -11.36
N THR MA 107 -80.17 -20.24 -11.05
CA THR MA 107 -81.31 -20.69 -10.29
C THR MA 107 -81.08 -20.46 -8.80
N ASP MA 108 -82.09 -20.76 -8.00
CA ASP MA 108 -81.90 -20.72 -6.56
C ASP MA 108 -81.08 -21.91 -6.07
N GLU MA 109 -81.04 -22.99 -6.84
CA GLU MA 109 -80.16 -24.10 -6.51
C GLU MA 109 -78.71 -23.74 -6.77
N ASP MA 110 -78.46 -22.90 -7.78
CA ASP MA 110 -77.10 -22.43 -8.03
C ASP MA 110 -76.63 -21.49 -6.94
N LEU MA 111 -77.52 -20.63 -6.44
CA LEU MA 111 -77.16 -19.75 -5.34
C LEU MA 111 -76.97 -20.53 -4.05
N TYR MA 112 -77.71 -21.63 -3.89
CA TYR MA 112 -77.51 -22.52 -2.76
C TYR MA 112 -76.13 -23.16 -2.80
N SER MA 113 -75.67 -23.53 -4.00
CA SER MA 113 -74.36 -24.15 -4.12
C SER MA 113 -73.24 -23.13 -3.94
N ILE MA 114 -73.46 -21.89 -4.40
CA ILE MA 114 -72.47 -20.85 -4.23
C ILE MA 114 -72.37 -20.44 -2.77
N ALA MA 115 -73.53 -20.32 -2.10
CA ALA MA 115 -73.52 -20.09 -0.66
C ALA MA 115 -72.99 -21.29 0.10
N GLY MA 116 -73.13 -22.49 -0.46
CA GLY MA 116 -72.53 -23.65 0.13
C GLY MA 116 -71.01 -23.61 0.09
N HIS MA 117 -70.45 -23.11 -1.01
CA HIS MA 117 -69.00 -23.03 -1.15
C HIS MA 117 -68.41 -21.98 -0.21
N ILE MA 118 -69.14 -20.88 0.03
CA ILE MA 118 -68.68 -19.88 0.98
C ILE MA 118 -68.74 -20.42 2.41
N MET MA 119 -69.72 -21.27 2.71
CA MET MA 119 -69.83 -21.82 4.05
C MET MA 119 -68.90 -23.00 4.27
N LEU MA 120 -68.64 -23.80 3.24
CA LEU MA 120 -67.84 -25.00 3.40
C LEU MA 120 -66.34 -24.70 3.47
N SER MA 121 -65.90 -23.72 2.69
CA SER MA 121 -64.48 -23.37 2.61
C SER MA 121 -63.77 -23.03 3.93
N PRO MA 122 -64.37 -22.37 4.93
CA PRO MA 122 -63.64 -22.22 6.19
C PRO MA 122 -63.54 -23.51 6.98
N LYS MA 123 -64.43 -24.47 6.74
CA LYS MA 123 -64.30 -25.75 7.42
C LYS MA 123 -63.15 -26.56 6.86
N ILE MA 124 -62.80 -26.32 5.60
CA ILE MA 124 -61.68 -27.03 4.99
C ILE MA 124 -60.37 -26.30 5.25
N ALA MA 125 -60.27 -25.07 4.75
CA ALA MA 125 -59.11 -24.22 4.97
C ALA MA 125 -59.53 -23.14 5.95
N SER MA 126 -59.06 -23.24 7.19
CA SER MA 126 -59.60 -22.38 8.25
C SER MA 126 -59.12 -20.95 8.11
N GLU MA 127 -57.82 -20.72 8.23
CA GLU MA 127 -57.27 -19.38 8.16
C GLU MA 127 -56.91 -18.96 6.75
N LYS MA 128 -56.91 -19.89 5.80
CA LYS MA 128 -56.60 -19.55 4.42
C LYS MA 128 -57.78 -18.86 3.75
N TRP MA 129 -59.00 -19.19 4.15
CA TRP MA 129 -60.18 -18.58 3.53
C TRP MA 129 -60.37 -17.20 4.11
N GLY MA 130 -60.21 -16.18 3.29
CA GLY MA 130 -60.28 -14.82 3.76
C GLY MA 130 -59.04 -14.35 4.50
N GLY MA 131 -57.93 -15.06 4.36
CA GLY MA 131 -56.72 -14.72 5.07
C GLY MA 131 -55.74 -13.94 4.24
N GLY MA 132 -55.91 -13.96 2.93
CA GLY MA 132 -55.03 -13.20 2.07
C GLY MA 132 -53.69 -13.88 1.86
N LYS MA 133 -52.72 -13.08 1.46
CA LYS MA 133 -51.43 -13.58 0.99
C LYS MA 133 -50.54 -14.09 2.11
N ILE MA 134 -50.90 -13.89 3.37
CA ILE MA 134 -50.07 -14.39 4.47
C ILE MA 134 -50.15 -15.91 4.54
N TYR MA 135 -51.28 -16.49 4.15
CA TYR MA 135 -51.49 -17.92 4.23
C TYR MA 135 -51.44 -18.60 2.87
N TYR MA 136 -50.84 -17.96 1.88
CA TYR MA 136 -50.71 -18.55 0.56
C TYR MA 136 -49.64 -19.63 0.55
N MET NA 1 -76.57 -40.45 -20.93
CA MET NA 1 -75.50 -39.71 -20.28
C MET NA 1 -74.21 -40.52 -20.46
N ILE NA 2 -73.73 -40.60 -21.70
CA ILE NA 2 -72.66 -41.52 -22.05
C ILE NA 2 -71.45 -40.66 -22.43
N ASN NA 3 -71.52 -39.37 -22.10
CA ASN NA 3 -70.47 -38.36 -22.33
C ASN NA 3 -69.98 -38.33 -23.77
N TRP NA 4 -70.85 -37.94 -24.70
CA TRP NA 4 -70.52 -37.98 -26.11
C TRP NA 4 -69.58 -36.85 -26.53
N GLN NA 5 -69.21 -35.94 -25.61
CA GLN NA 5 -68.29 -34.87 -25.96
C GLN NA 5 -66.86 -35.39 -26.07
N VAL NA 6 -66.40 -36.15 -25.08
CA VAL NA 6 -65.05 -36.72 -25.18
C VAL NA 6 -65.03 -37.87 -26.16
N ILE NA 7 -66.17 -38.56 -26.35
CA ILE NA 7 -66.24 -39.56 -27.40
C ILE NA 7 -66.18 -38.88 -28.75
N GLY NA 8 -66.92 -37.79 -28.91
CA GLY NA 8 -66.88 -37.05 -30.16
C GLY NA 8 -65.55 -36.37 -30.42
N GLN NA 9 -64.89 -35.87 -29.38
CA GLN NA 9 -63.62 -35.16 -29.58
C GLN NA 9 -62.50 -36.13 -29.91
N LEU NA 10 -62.42 -37.26 -29.23
CA LEU NA 10 -61.31 -38.17 -29.46
C LEU NA 10 -61.49 -38.98 -30.73
N MET NA 11 -62.73 -39.23 -31.15
CA MET NA 11 -62.91 -39.88 -32.45
C MET NA 11 -62.63 -38.91 -33.58
N SER NA 12 -63.08 -37.66 -33.47
CA SER NA 12 -62.82 -36.69 -34.51
C SER NA 12 -61.36 -36.27 -34.53
N THR NA 13 -60.65 -36.38 -33.42
CA THR NA 13 -59.21 -36.21 -33.46
C THR NA 13 -58.56 -37.37 -34.20
N ALA NA 14 -59.02 -38.59 -33.95
CA ALA NA 14 -58.44 -39.77 -34.55
C ALA NA 14 -58.73 -39.88 -36.04
N VAL NA 15 -59.91 -39.46 -36.48
CA VAL NA 15 -60.20 -39.48 -37.91
C VAL NA 15 -59.36 -38.43 -38.64
N ILE NA 16 -59.16 -37.27 -38.03
CA ILE NA 16 -58.49 -36.17 -38.71
C ILE NA 16 -56.99 -36.44 -38.83
N MET NA 17 -56.34 -36.82 -37.72
CA MET NA 17 -54.90 -37.03 -37.79
C MET NA 17 -54.53 -38.45 -38.24
N LEU NA 18 -55.49 -39.19 -38.79
CA LEU NA 18 -55.16 -40.33 -39.64
C LEU NA 18 -55.34 -40.02 -41.11
N ALA NA 19 -56.12 -38.99 -41.44
CA ALA NA 19 -56.38 -38.64 -42.84
C ALA NA 19 -55.15 -38.09 -43.54
N GLY NA 20 -54.22 -37.49 -42.80
CA GLY NA 20 -52.99 -37.01 -43.36
C GLY NA 20 -52.01 -38.10 -43.71
N PRO NA 21 -51.66 -38.96 -42.74
CA PRO NA 21 -50.87 -40.15 -43.07
C PRO NA 21 -51.54 -41.12 -44.03
N ALA NA 22 -52.87 -41.08 -44.16
CA ALA NA 22 -53.53 -41.91 -45.16
C ALA NA 22 -53.21 -41.44 -46.58
N VAL NA 23 -52.97 -40.14 -46.76
CA VAL NA 23 -52.62 -39.63 -48.07
C VAL NA 23 -51.23 -40.12 -48.46
N ILE NA 24 -50.29 -40.12 -47.51
CA ILE NA 24 -48.92 -40.48 -47.82
C ILE NA 24 -48.77 -42.00 -47.92
N VAL NA 25 -49.53 -42.76 -47.14
CA VAL NA 25 -49.51 -44.22 -47.26
C VAL NA 25 -50.09 -44.65 -48.60
N LEU NA 26 -51.18 -44.02 -49.03
CA LEU NA 26 -51.78 -44.33 -50.31
C LEU NA 26 -50.89 -43.92 -51.48
N LEU NA 27 -50.17 -42.81 -51.33
CA LEU NA 27 -49.25 -42.42 -52.39
C LEU NA 27 -48.01 -43.30 -52.43
N ALA NA 28 -47.62 -43.87 -51.29
CA ALA NA 28 -46.53 -44.84 -51.29
C ALA NA 28 -46.94 -46.17 -51.88
N LEU NA 29 -48.21 -46.56 -51.72
CA LEU NA 29 -48.70 -47.79 -52.35
C LEU NA 29 -48.92 -47.60 -53.84
N LYS NA 30 -49.39 -46.41 -54.25
CA LYS NA 30 -49.60 -46.11 -55.65
C LYS NA 30 -48.32 -45.74 -56.37
N LYS NA 31 -47.20 -45.61 -55.64
CA LYS NA 31 -45.89 -45.21 -56.17
C LYS NA 31 -45.96 -43.87 -56.88
N GLY NA 32 -46.69 -42.93 -56.29
CA GLY NA 32 -46.89 -41.63 -56.89
C GLY NA 32 -45.71 -40.70 -56.70
N ASN NA 33 -45.85 -39.52 -57.28
CA ASN NA 33 -44.83 -38.47 -57.24
C ASN NA 33 -44.86 -37.85 -55.84
N LEU NA 34 -44.15 -38.50 -54.93
CA LEU NA 34 -43.99 -37.99 -53.58
C LEU NA 34 -42.87 -36.96 -53.49
N MET OA 1 -23.20 -57.53 18.11
CA MET OA 1 -23.35 -57.16 19.51
C MET OA 1 -24.64 -56.38 19.73
N THR OA 2 -24.75 -55.19 19.13
CA THR OA 2 -26.00 -54.47 19.10
C THR OA 2 -26.70 -54.71 17.77
N ALA OA 3 -27.95 -54.25 17.70
CA ALA OA 3 -28.71 -54.37 16.45
C ALA OA 3 -28.10 -53.49 15.35
N SER OA 4 -27.54 -52.35 15.73
CA SER OA 4 -26.89 -51.48 14.77
C SER OA 4 -25.55 -52.06 14.30
N LEU OA 5 -24.87 -52.80 15.18
CA LEU OA 5 -23.59 -53.40 14.80
C LEU OA 5 -23.80 -54.68 13.99
N SER OA 6 -24.83 -55.46 14.33
CA SER OA 6 -25.09 -56.67 13.57
C SER OA 6 -25.63 -56.35 12.18
N ASN OA 7 -26.36 -55.24 12.04
CA ASN OA 7 -26.81 -54.81 10.72
C ASN OA 7 -25.65 -54.27 9.90
N PHE OA 8 -24.63 -53.72 10.56
CA PHE OA 8 -23.48 -53.21 9.82
C PHE OA 8 -22.64 -54.35 9.26
N ILE OA 9 -22.42 -55.39 10.07
CA ILE OA 9 -21.66 -56.54 9.60
C ILE OA 9 -22.42 -57.28 8.50
N ALA OA 10 -23.75 -57.30 8.59
CA ALA OA 10 -24.56 -57.91 7.54
C ALA OA 10 -24.46 -57.14 6.23
N SER OA 11 -24.17 -55.85 6.28
CA SER OA 11 -24.02 -55.05 5.06
C SER OA 11 -22.65 -55.23 4.43
N LEU OA 12 -21.62 -55.51 5.23
CA LEU OA 12 -20.32 -55.86 4.67
C LEU OA 12 -20.39 -57.19 3.95
N ILE OA 13 -21.19 -58.12 4.47
CA ILE OA 13 -21.38 -59.40 3.79
C ILE OA 13 -22.20 -59.22 2.52
N ALA OA 14 -23.32 -58.49 2.63
CA ALA OA 14 -24.16 -58.21 1.47
C ALA OA 14 -23.44 -57.33 0.46
N GLY OA 15 -22.58 -56.43 0.94
CA GLY OA 15 -21.73 -55.68 0.02
C GLY OA 15 -20.69 -56.55 -0.64
N GLY OA 16 -20.13 -57.51 0.11
CA GLY OA 16 -19.20 -58.44 -0.48
C GLY OA 16 -19.84 -59.47 -1.38
N VAL OA 17 -21.14 -59.72 -1.22
CA VAL OA 17 -21.84 -60.63 -2.11
C VAL OA 17 -22.03 -59.99 -3.48
N VAL OA 18 -22.54 -58.76 -3.51
CA VAL OA 18 -22.77 -58.09 -4.79
C VAL OA 18 -21.47 -57.67 -5.45
N VAL OA 19 -20.37 -57.56 -4.69
CA VAL OA 19 -19.06 -57.46 -5.31
C VAL OA 19 -18.62 -58.84 -5.79
N GLY OA 20 -18.97 -59.89 -5.04
CA GLY OA 20 -18.56 -61.23 -5.41
C GLY OA 20 -19.31 -61.76 -6.62
N VAL OA 21 -20.63 -61.61 -6.65
CA VAL OA 21 -21.41 -62.16 -7.76
C VAL OA 21 -21.21 -61.40 -9.06
N ILE OA 22 -20.71 -60.17 -9.00
CA ILE OA 22 -20.28 -59.49 -10.22
C ILE OA 22 -18.91 -60.01 -10.64
N ALA OA 23 -18.02 -60.21 -9.67
CA ALA OA 23 -16.65 -60.64 -9.98
C ALA OA 23 -16.61 -62.08 -10.47
N ILE OA 24 -17.43 -62.96 -9.88
CA ILE OA 24 -17.48 -64.35 -10.33
C ILE OA 24 -18.06 -64.44 -11.73
N ALA OA 25 -19.12 -63.67 -12.00
CA ALA OA 25 -19.68 -63.60 -13.34
C ALA OA 25 -18.73 -62.94 -14.33
N LEU OA 26 -17.82 -62.09 -13.86
CA LEU OA 26 -16.83 -61.47 -14.72
C LEU OA 26 -15.64 -62.37 -15.02
N ILE OA 27 -15.31 -63.29 -14.11
CA ILE OA 27 -14.27 -64.28 -14.40
C ILE OA 27 -14.77 -65.28 -15.43
N VAL OA 28 -15.98 -65.80 -15.24
CA VAL OA 28 -16.47 -66.86 -16.12
C VAL OA 28 -16.87 -66.34 -17.50
N ILE OA 29 -17.14 -65.05 -17.66
CA ILE OA 29 -17.41 -64.51 -18.99
C ILE OA 29 -16.12 -64.09 -19.68
N SER OA 30 -15.04 -63.89 -18.93
CA SER OA 30 -13.74 -63.60 -19.54
C SER OA 30 -13.03 -64.86 -19.98
N LYS OA 31 -13.47 -66.03 -19.53
CA LYS OA 31 -12.94 -67.29 -20.00
C LYS OA 31 -13.74 -67.83 -21.17
N SER OA 32 -15.02 -67.50 -21.25
CA SER OA 32 -15.86 -68.00 -22.32
C SER OA 32 -15.76 -67.14 -23.56
N ASP OA 33 -15.73 -65.82 -23.40
CA ASP OA 33 -15.63 -64.87 -24.50
C ASP OA 33 -14.21 -64.34 -24.65
N ARG OA 34 -13.23 -65.20 -24.45
CA ARG OA 34 -11.83 -64.84 -24.61
C ARG OA 34 -11.51 -64.52 -26.06
N ILE OA 35 -10.46 -63.75 -26.25
CA ILE OA 35 -10.08 -63.25 -27.58
C ILE OA 35 -9.23 -64.31 -28.27
N LEU OA 36 -9.66 -64.71 -29.47
CA LEU OA 36 -8.91 -65.69 -30.24
C LEU OA 36 -7.59 -65.09 -30.74
N ARG OA 37 -6.68 -65.97 -31.11
CA ARG OA 37 -5.27 -65.60 -31.21
C ARG OA 37 -4.83 -65.50 -32.67
N MET PA 1 -83.04 -30.81 -41.44
CA MET PA 1 -82.64 -30.99 -42.83
C MET PA 1 -81.28 -30.37 -43.07
N ILE PA 2 -81.01 -29.25 -42.40
CA ILE PA 2 -79.70 -28.63 -42.49
C ILE PA 2 -78.64 -29.53 -41.87
N THR PA 3 -78.98 -30.16 -40.74
CA THR PA 3 -78.05 -31.07 -40.08
C THR PA 3 -77.77 -32.31 -40.92
N LEU PA 4 -78.75 -32.74 -41.72
CA LEU PA 4 -78.50 -33.85 -42.64
C LEU PA 4 -77.57 -33.42 -43.77
N LEU PA 5 -77.73 -32.20 -44.27
CA LEU PA 5 -76.96 -31.76 -45.42
C LEU PA 5 -75.52 -31.40 -45.05
N VAL PA 6 -75.30 -30.83 -43.86
CA VAL PA 6 -73.95 -30.53 -43.44
C VAL PA 6 -73.18 -31.81 -43.14
N ALA PA 7 -73.86 -32.81 -42.56
CA ALA PA 7 -73.25 -34.11 -42.33
C ALA PA 7 -72.89 -34.81 -43.63
N LEU PA 8 -73.63 -34.55 -44.70
CA LEU PA 8 -73.24 -35.05 -46.02
C LEU PA 8 -72.08 -34.26 -46.57
N LEU PA 9 -72.05 -32.94 -46.33
CA LEU PA 9 -70.94 -32.11 -46.79
C LEU PA 9 -69.65 -32.44 -46.08
N VAL PA 10 -69.73 -32.85 -44.81
CA VAL PA 10 -68.54 -33.26 -44.07
C VAL PA 10 -68.00 -34.58 -44.61
N LEU PA 11 -68.89 -35.49 -45.00
CA LEU PA 11 -68.45 -36.78 -45.50
C LEU PA 11 -67.89 -36.66 -46.91
N ILE PA 12 -68.47 -35.80 -47.75
CA ILE PA 12 -67.93 -35.58 -49.08
C ILE PA 12 -66.58 -34.88 -49.01
N SER PA 13 -66.44 -33.93 -48.07
CA SER PA 13 -65.17 -33.24 -47.89
C SER PA 13 -64.11 -34.18 -47.35
N LEU PA 14 -64.48 -35.12 -46.49
CA LEU PA 14 -63.51 -36.09 -45.98
C LEU PA 14 -63.09 -37.07 -47.06
N GLY PA 15 -63.98 -37.39 -47.99
CA GLY PA 15 -63.59 -38.20 -49.12
C GLY PA 15 -62.71 -37.45 -50.09
N LEU PA 16 -62.94 -36.16 -50.27
CA LEU PA 16 -62.12 -35.36 -51.16
C LEU PA 16 -60.79 -34.94 -50.55
N VAL PA 17 -60.68 -34.93 -49.22
CA VAL PA 17 -59.41 -34.63 -48.58
C VAL PA 17 -58.41 -35.76 -48.82
N VAL PA 18 -58.86 -37.01 -48.88
CA VAL PA 18 -57.93 -38.13 -49.02
C VAL PA 18 -57.88 -38.71 -50.42
N THR PA 19 -58.59 -38.14 -51.39
CA THR PA 19 -58.55 -38.66 -52.75
C THR PA 19 -58.08 -37.65 -53.78
N VAL PA 20 -58.36 -36.36 -53.58
CA VAL PA 20 -57.87 -35.32 -54.49
C VAL PA 20 -56.32 -35.25 -54.53
N PRO PA 21 -55.58 -35.21 -53.40
CA PRO PA 21 -54.12 -35.17 -53.54
C PRO PA 21 -53.52 -36.47 -54.00
N VAL PA 22 -54.21 -37.60 -53.80
CA VAL PA 22 -53.75 -38.85 -54.38
C VAL PA 22 -53.92 -38.81 -55.90
N ALA PA 23 -55.04 -38.24 -56.37
CA ALA PA 23 -55.26 -38.15 -57.81
C ALA PA 23 -54.35 -37.14 -58.48
N LEU PA 24 -53.93 -36.11 -57.76
CA LEU PA 24 -53.05 -35.10 -58.35
C LEU PA 24 -51.59 -35.54 -58.33
N ALA PA 25 -51.19 -36.36 -57.37
CA ALA PA 25 -49.79 -36.68 -57.20
C ALA PA 25 -49.40 -38.07 -57.67
N THR PA 26 -50.31 -38.83 -58.25
CA THR PA 26 -49.86 -39.92 -59.10
C THR PA 26 -49.85 -39.39 -60.52
N PRO PA 27 -48.78 -39.60 -61.29
CA PRO PA 27 -48.52 -38.71 -62.44
C PRO PA 27 -49.36 -38.92 -63.68
N GLY PA 28 -50.47 -39.65 -63.59
CA GLY PA 28 -51.37 -39.70 -64.74
C GLY PA 28 -52.85 -39.67 -64.42
N GLU PA 29 -53.20 -39.73 -63.13
CA GLU PA 29 -54.58 -40.02 -62.76
C GLU PA 29 -55.51 -38.83 -62.85
N TRP PA 30 -54.98 -37.60 -62.80
CA TRP PA 30 -55.89 -36.45 -62.81
C TRP PA 30 -56.52 -36.23 -64.17
N GLU PA 31 -55.76 -36.40 -65.24
CA GLU PA 31 -56.34 -36.17 -66.56
C GLU PA 31 -57.22 -37.34 -66.99
N ILE PA 32 -57.06 -38.51 -66.38
CA ILE PA 32 -57.97 -39.60 -66.70
C ILE PA 32 -59.15 -39.61 -65.74
N ALA PA 33 -59.02 -39.00 -64.57
CA ALA PA 33 -60.11 -38.88 -63.61
C ALA PA 33 -60.16 -37.44 -63.13
N LYS PA 34 -60.80 -36.59 -63.91
CA LYS PA 34 -61.23 -35.28 -63.44
C LYS PA 34 -62.68 -34.99 -63.74
N GLY PA 35 -63.30 -35.69 -64.68
CA GLY PA 35 -64.74 -35.64 -64.80
C GLY PA 35 -65.42 -36.21 -63.57
N LYS PA 36 -64.84 -37.27 -63.00
CA LYS PA 36 -65.34 -37.80 -61.75
C LYS PA 36 -65.05 -36.86 -60.58
N PHE PA 37 -63.93 -36.15 -60.63
CA PHE PA 37 -63.60 -35.26 -59.54
C PHE PA 37 -64.25 -33.89 -59.67
N ASN PA 38 -64.54 -33.46 -60.90
CA ASN PA 38 -65.33 -32.24 -61.03
C ASN PA 38 -66.79 -32.49 -60.65
N ARG PA 39 -67.29 -33.71 -60.85
CA ARG PA 39 -68.63 -34.05 -60.41
C ARG PA 39 -68.75 -33.97 -58.90
N PHE PA 40 -67.73 -34.43 -58.18
CA PHE PA 40 -67.73 -34.31 -56.73
C PHE PA 40 -67.50 -32.88 -56.29
N PHE PA 41 -66.78 -32.09 -57.09
CA PHE PA 41 -66.62 -30.68 -56.76
C PHE PA 41 -67.93 -29.93 -56.90
N GLN PA 42 -68.76 -30.31 -57.86
CA GLN PA 42 -70.02 -29.62 -58.07
C GLN PA 42 -71.07 -30.03 -57.05
N ILE PA 43 -71.07 -31.29 -56.65
CA ILE PA 43 -71.92 -31.72 -55.54
C ILE PA 43 -71.48 -31.03 -54.25
N TRP PA 44 -70.18 -30.81 -54.10
CA TRP PA 44 -69.66 -30.07 -52.96
C TRP PA 44 -70.11 -28.61 -52.98
N VAL PA 45 -70.00 -27.96 -54.13
CA VAL PA 45 -70.38 -26.55 -54.24
C VAL PA 45 -71.89 -26.40 -54.18
N PHE PA 46 -72.64 -27.34 -54.76
CA PHE PA 46 -74.09 -27.28 -54.68
C PHE PA 46 -74.60 -27.55 -53.28
N LEU PA 47 -73.88 -28.34 -52.50
CA LEU PA 47 -74.28 -28.56 -51.11
C LEU PA 47 -74.14 -27.31 -50.27
N VAL PA 48 -73.12 -26.49 -50.54
CA VAL PA 48 -72.93 -25.25 -49.79
C VAL PA 48 -74.07 -24.28 -50.06
N ILE PA 49 -74.53 -24.23 -51.30
CA ILE PA 49 -75.59 -23.30 -51.68
C ILE PA 49 -76.94 -23.77 -51.11
N VAL PA 50 -77.17 -25.08 -51.11
CA VAL PA 50 -78.41 -25.61 -50.55
C VAL PA 50 -78.43 -25.43 -49.03
N ILE PA 51 -77.27 -25.55 -48.38
CA ILE PA 51 -77.19 -25.26 -46.95
C ILE PA 51 -77.39 -23.77 -46.70
N ALA PA 52 -76.78 -22.92 -47.52
CA ALA PA 52 -76.96 -21.47 -47.39
C ALA PA 52 -78.39 -21.05 -47.69
N ALA PA 53 -79.09 -21.78 -48.57
CA ALA PA 53 -80.50 -21.52 -48.79
C ALA PA 53 -81.33 -21.94 -47.58
N ALA PA 54 -81.07 -23.14 -47.07
CA ALA PA 54 -81.85 -23.65 -45.95
C ALA PA 54 -81.55 -22.91 -44.65
N ASP PA 55 -80.34 -22.37 -44.52
CA ASP PA 55 -80.02 -21.59 -43.32
C ASP PA 55 -80.70 -20.23 -43.37
N GLY PA 56 -80.72 -19.60 -44.54
CA GLY PA 56 -81.34 -18.29 -44.66
C GLY PA 56 -82.84 -18.34 -44.65
N ILE PA 57 -83.43 -19.43 -45.17
CA ILE PA 57 -84.87 -19.58 -45.14
C ILE PA 57 -85.34 -19.80 -43.70
N SER PA 58 -84.62 -20.62 -42.94
CA SER PA 58 -84.99 -20.90 -41.57
C SER PA 58 -84.74 -19.73 -40.62
N SER PA 59 -84.04 -18.70 -41.06
CA SER PA 59 -83.77 -17.54 -40.21
C SER PA 59 -84.79 -16.44 -40.44
N SER QA 1 -56.75 -48.82 -3.08
CA SER QA 1 -57.03 -48.67 -4.50
C SER QA 1 -57.67 -47.30 -4.77
N PRO QA 2 -57.02 -46.49 -5.61
CA PRO QA 2 -57.44 -45.10 -5.77
C PRO QA 2 -58.68 -44.95 -6.64
N ARG QA 3 -59.33 -43.80 -6.47
CA ARG QA 3 -60.46 -43.43 -7.31
C ARG QA 3 -60.00 -43.19 -8.73
N PHE QA 4 -60.66 -43.82 -9.69
CA PHE QA 4 -60.34 -43.63 -11.10
C PHE QA 4 -61.50 -42.99 -11.84
N SER QA 5 -61.16 -42.15 -12.80
CA SER QA 5 -62.12 -41.67 -13.78
C SER QA 5 -61.37 -41.44 -15.08
N VAL QA 6 -61.37 -42.46 -15.93
CA VAL QA 6 -61.19 -42.20 -17.35
C VAL QA 6 -62.39 -41.38 -17.80
N PHE QA 7 -62.13 -40.43 -18.70
CA PHE QA 7 -62.68 -39.06 -18.73
C PHE QA 7 -64.09 -38.88 -18.17
N GLY QA 8 -65.05 -39.65 -18.67
CA GLY QA 8 -66.28 -39.79 -17.93
C GLY QA 8 -66.78 -41.22 -18.02
N LEU QA 9 -66.08 -42.03 -18.81
CA LEU QA 9 -66.63 -43.28 -19.28
C LEU QA 9 -66.37 -44.42 -18.31
N VAL QA 10 -65.16 -44.50 -17.78
CA VAL QA 10 -64.75 -45.59 -16.91
C VAL QA 10 -64.44 -45.00 -15.54
N GLY QA 11 -65.14 -45.47 -14.52
CA GLY QA 11 -64.87 -45.03 -13.17
C GLY QA 11 -65.93 -44.12 -12.59
N ASP QA 12 -65.54 -43.29 -11.63
CA ASP QA 12 -66.50 -42.48 -10.88
C ASP QA 12 -67.06 -41.35 -11.73
N GLY QA 13 -66.21 -40.41 -12.14
CA GLY QA 13 -66.67 -39.32 -12.97
C GLY QA 13 -67.24 -38.13 -12.22
N THR QA 14 -68.08 -38.40 -11.21
CA THR QA 14 -68.72 -37.35 -10.43
C THR QA 14 -67.89 -37.09 -9.17
N SER QA 15 -66.61 -36.84 -9.39
CA SER QA 15 -65.65 -36.56 -8.34
C SER QA 15 -65.18 -35.13 -8.45
N TYR QA 16 -64.66 -34.59 -7.35
CA TYR QA 16 -64.43 -33.15 -7.23
C TYR QA 16 -63.31 -32.64 -8.11
N SER QA 17 -62.46 -33.50 -8.66
CA SER QA 17 -61.36 -33.02 -9.48
C SER QA 17 -61.39 -33.57 -10.91
N GLU QA 18 -62.50 -34.17 -11.32
CA GLU QA 18 -62.64 -34.60 -12.71
C GLU QA 18 -62.92 -33.39 -13.59
N GLY QA 19 -62.08 -33.15 -14.58
CA GLY QA 19 -62.16 -31.95 -15.38
C GLY QA 19 -62.86 -32.12 -16.72
N ALA QA 20 -62.89 -33.34 -17.24
CA ALA QA 20 -63.48 -33.61 -18.55
C ALA QA 20 -64.88 -34.19 -18.44
N ALA QA 21 -65.50 -34.14 -17.26
CA ALA QA 21 -66.91 -34.44 -17.13
C ALA QA 21 -67.65 -33.17 -17.57
N TYR QA 22 -68.19 -33.19 -18.78
CA TYR QA 22 -68.69 -31.96 -19.37
C TYR QA 22 -70.04 -31.57 -18.78
N GLY QA 23 -70.97 -32.51 -18.71
CA GLY QA 23 -72.22 -32.24 -18.02
C GLY QA 23 -72.66 -33.44 -17.22
N THR QA 24 -71.82 -34.48 -17.22
CA THR QA 24 -72.18 -35.76 -16.63
C THR QA 24 -72.15 -35.75 -15.11
N ASP QA 25 -71.52 -34.75 -14.51
CA ASP QA 25 -71.45 -34.68 -13.05
C ASP QA 25 -72.74 -34.14 -12.45
N GLN QA 26 -73.36 -33.15 -13.08
CA GLN QA 26 -74.55 -32.51 -12.55
C GLN QA 26 -75.80 -33.05 -13.25
N ALA QA 27 -76.93 -32.83 -12.59
CA ALA QA 27 -78.21 -33.32 -13.08
C ALA QA 27 -78.84 -32.39 -14.11
N ASP QA 28 -78.88 -31.10 -13.82
CA ASP QA 28 -79.54 -30.15 -14.71
C ASP QA 28 -78.72 -29.91 -15.97
N LYS QA 29 -79.42 -29.66 -17.06
CA LYS QA 29 -78.78 -29.48 -18.35
C LYS QA 29 -78.02 -28.16 -18.39
N LEU QA 30 -76.84 -28.18 -18.99
CA LEU QA 30 -76.04 -26.98 -19.14
C LEU QA 30 -76.39 -26.26 -20.44
N TYR QA 31 -75.90 -25.03 -20.55
CA TYR QA 31 -76.10 -24.25 -21.76
C TYR QA 31 -75.32 -24.86 -22.92
N SER QA 32 -74.10 -25.29 -22.66
CA SER QA 32 -73.25 -25.98 -23.62
C SER QA 32 -72.37 -26.92 -22.83
N PRO QA 33 -71.69 -27.85 -23.50
CA PRO QA 33 -70.66 -28.63 -22.79
C PRO QA 33 -69.54 -27.78 -22.23
N TYR QA 34 -69.22 -26.65 -22.87
CA TYR QA 34 -68.13 -25.79 -22.47
C TYR QA 34 -68.54 -24.74 -21.47
N SER QA 35 -69.63 -24.97 -20.73
CA SER QA 35 -70.16 -23.97 -19.81
C SER QA 35 -70.27 -24.56 -18.42
N VAL QA 36 -70.32 -23.68 -17.43
CA VAL QA 36 -70.71 -24.05 -16.07
C VAL QA 36 -72.11 -23.58 -15.73
N TYR QA 37 -72.80 -22.91 -16.66
CA TYR QA 37 -74.10 -22.33 -16.39
C TYR QA 37 -75.21 -23.11 -17.09
N SER QA 38 -76.36 -23.14 -16.45
CA SER QA 38 -77.58 -23.64 -17.04
C SER QA 38 -78.16 -22.58 -17.98
N PRO QA 39 -79.05 -22.96 -18.92
CA PRO QA 39 -79.59 -21.96 -19.86
C PRO QA 39 -80.48 -20.89 -19.26
N GLU QA 40 -81.01 -20.05 -20.14
CA GLU QA 40 -81.76 -18.83 -19.81
C GLU QA 40 -83.27 -19.09 -19.88
N GLY QA 41 -83.70 -20.28 -19.49
CA GLY QA 41 -85.11 -20.60 -19.45
C GLY QA 41 -85.76 -20.09 -18.19
N GLU QA 42 -86.89 -20.72 -17.84
CA GLU QA 42 -87.40 -20.56 -16.50
C GLU QA 42 -86.57 -21.43 -15.54
N LYS QA 43 -86.90 -21.31 -14.24
CA LYS QA 43 -86.15 -21.66 -13.03
C LYS QA 43 -84.99 -20.73 -12.77
N SER QA 44 -84.68 -19.83 -13.71
CA SER QA 44 -83.70 -18.79 -13.48
C SER QA 44 -84.32 -17.69 -12.64
N LEU QA 45 -83.51 -17.12 -11.75
CA LEU QA 45 -84.02 -16.10 -10.86
C LEU QA 45 -84.14 -14.73 -11.51
N TYR QA 46 -83.44 -14.50 -12.62
CA TYR QA 46 -83.56 -13.25 -13.35
C TYR QA 46 -84.79 -13.29 -14.23
N LYS QA 47 -85.74 -12.41 -13.95
CA LYS QA 47 -86.93 -12.28 -14.78
C LYS QA 47 -86.86 -10.97 -15.53
N PRO QA 48 -86.67 -10.99 -16.86
CA PRO QA 48 -86.54 -9.73 -17.61
C PRO QA 48 -87.83 -8.93 -17.72
N ASP QA 49 -88.97 -9.52 -17.35
CA ASP QA 49 -90.26 -8.84 -17.37
C ASP QA 49 -90.48 -7.96 -16.15
N ASN QA 50 -89.55 -7.94 -15.21
CA ASN QA 50 -89.86 -7.48 -13.87
C ASN QA 50 -89.92 -5.96 -13.82
N ALA QA 51 -90.65 -5.45 -12.83
CA ALA QA 51 -90.96 -4.02 -12.77
C ALA QA 51 -89.76 -3.19 -12.35
N GLU QA 52 -88.87 -3.73 -11.51
CA GLU QA 52 -87.72 -2.94 -11.10
C GLU QA 52 -86.69 -2.82 -12.21
N TYR QA 53 -86.75 -3.67 -13.23
CA TYR QA 53 -85.85 -3.52 -14.36
C TYR QA 53 -86.35 -2.46 -15.32
N LEU QA 54 -87.67 -2.45 -15.56
CA LEU QA 54 -88.26 -1.45 -16.44
C LEU QA 54 -88.17 -0.06 -15.83
N ALA QA 55 -88.37 0.04 -14.52
CA ALA QA 55 -88.32 1.33 -13.84
C ALA QA 55 -86.91 1.90 -13.81
N ARG QA 56 -85.88 1.05 -13.83
CA ARG QA 56 -84.51 1.53 -13.90
C ARG QA 56 -84.20 2.11 -15.27
N LYS QA 57 -84.76 1.51 -16.34
CA LYS QA 57 -84.56 2.05 -17.67
C LYS QA 57 -85.34 3.34 -17.89
N LYS QA 58 -86.55 3.44 -17.30
CA LYS QA 58 -87.32 4.67 -17.44
C LYS QA 58 -86.69 5.81 -16.65
N ALA QA 59 -86.02 5.50 -15.54
CA ALA QA 59 -85.35 6.53 -14.76
C ALA QA 59 -84.10 7.03 -15.47
N VAL QA 60 -83.49 6.18 -16.30
CA VAL QA 60 -82.38 6.62 -17.13
C VAL QA 60 -82.87 7.57 -18.21
N LEU QA 61 -84.01 7.25 -18.82
CA LEU QA 61 -84.57 8.08 -19.89
C LEU QA 61 -85.05 9.43 -19.37
N ALA QA 62 -85.51 9.50 -18.12
CA ALA QA 62 -85.99 10.76 -17.58
C ALA QA 62 -84.84 11.67 -17.19
N GLU QA 63 -83.81 11.13 -16.54
CA GLU QA 63 -82.66 11.91 -16.15
C GLU QA 63 -81.78 12.26 -17.35
N THR QA 64 -81.89 11.51 -18.45
CA THR QA 64 -81.17 11.85 -19.68
C THR QA 64 -81.61 13.21 -20.20
N LYS QA 65 -82.92 13.48 -20.19
CA LYS QA 65 -83.43 14.77 -20.63
C LYS QA 65 -82.99 15.91 -19.71
N ASN QA 66 -82.79 15.61 -18.42
CA ASN QA 66 -82.28 16.62 -17.50
C ASN QA 66 -80.82 16.95 -17.80
N ARG QA 67 -80.03 15.93 -18.15
CA ARG QA 67 -78.64 16.18 -18.53
C ARG QA 67 -78.54 16.78 -19.92
N LEU QA 68 -79.47 16.41 -20.81
CA LEU QA 68 -79.45 16.93 -22.17
C LEU QA 68 -79.87 18.39 -22.22
N GLN QA 69 -80.53 18.89 -21.18
CA GLN QA 69 -81.04 20.26 -21.17
C GLN QA 69 -80.05 21.25 -20.58
N LYS QA 70 -79.04 20.79 -19.86
CA LYS QA 70 -77.99 21.66 -19.37
C LYS QA 70 -76.82 21.75 -20.34
N ILE QA 71 -76.97 21.17 -21.53
CA ILE QA 71 -75.98 21.37 -22.60
C ILE QA 71 -75.83 22.83 -23.04
N PRO QA 72 -76.90 23.59 -23.37
CA PRO QA 72 -76.66 24.96 -23.86
C PRO QA 72 -76.14 25.92 -22.81
N ALA QA 73 -76.22 25.58 -21.52
CA ALA QA 73 -75.58 26.39 -20.49
C ALA QA 73 -74.07 26.30 -20.56
N TYR QA 74 -73.52 25.23 -21.15
CA TYR QA 74 -72.11 25.14 -21.44
C TYR QA 74 -71.75 25.80 -22.77
N VAL QA 75 -72.75 26.12 -23.59
CA VAL QA 75 -72.49 26.66 -24.91
C VAL QA 75 -72.72 28.18 -24.98
N ASP QA 76 -73.43 28.76 -24.01
CA ASP QA 76 -73.28 30.20 -23.84
C ASP QA 76 -71.99 30.55 -23.11
N LYS QA 77 -71.44 29.62 -22.33
CA LYS QA 77 -70.03 29.64 -21.99
C LYS QA 77 -69.29 28.92 -23.11
N LYS QA 78 -68.03 28.57 -22.95
CA LYS QA 78 -67.44 27.77 -24.03
C LYS QA 78 -66.76 26.55 -23.45
N GLU QA 79 -67.42 25.88 -22.53
CA GLU QA 79 -66.88 24.70 -21.89
C GLU QA 79 -67.23 23.51 -22.75
N TRP QA 80 -66.48 23.35 -23.84
CA TRP QA 80 -66.70 22.24 -24.76
C TRP QA 80 -66.39 20.89 -24.16
N PHE QA 81 -65.51 20.83 -23.17
CA PHE QA 81 -65.28 19.59 -22.45
C PHE QA 81 -66.50 19.21 -21.63
N ASN QA 82 -67.25 20.19 -21.14
CA ASN QA 82 -68.43 19.90 -20.34
C ASN QA 82 -69.57 19.35 -21.20
N VAL QA 83 -69.62 19.73 -22.48
CA VAL QA 83 -70.61 19.17 -23.38
C VAL QA 83 -70.28 17.71 -23.68
N LYS QA 84 -69.02 17.43 -23.98
CA LYS QA 84 -68.62 16.06 -24.29
C LYS QA 84 -68.67 15.16 -23.07
N ASP QA 85 -68.40 15.70 -21.89
CA ASP QA 85 -68.49 14.90 -20.68
C ASP QA 85 -69.93 14.64 -20.25
N GLU QA 86 -70.83 15.59 -20.50
CA GLU QA 86 -72.23 15.40 -20.15
C GLU QA 86 -72.87 14.30 -20.98
N LEU QA 87 -72.51 14.20 -22.27
CA LEU QA 87 -73.01 13.17 -23.14
C LEU QA 87 -72.45 11.79 -22.83
N THR QA 88 -71.45 11.69 -21.96
CA THR QA 88 -70.84 10.41 -21.64
C THR QA 88 -70.82 10.06 -20.16
N ARG QA 89 -71.08 10.99 -19.25
CA ARG QA 89 -70.96 10.65 -17.83
C ARG QA 89 -72.20 9.93 -17.32
N TYR QA 90 -73.32 10.63 -17.28
CA TYR QA 90 -74.55 9.94 -16.95
C TYR QA 90 -75.11 9.23 -18.16
N MET QA 91 -74.95 9.81 -19.33
CA MET QA 91 -75.66 9.34 -20.51
C MET QA 91 -75.09 8.07 -21.10
N TYR QA 92 -74.04 7.50 -20.51
CA TYR QA 92 -73.49 6.24 -20.96
C TYR QA 92 -74.52 5.11 -20.88
N GLU QA 93 -75.44 5.18 -19.92
CA GLU QA 93 -76.47 4.18 -19.77
C GLU QA 93 -77.69 4.43 -20.66
N THR QA 94 -77.65 5.44 -21.53
CA THR QA 94 -78.83 5.78 -22.30
C THR QA 94 -79.04 4.84 -23.48
N ARG QA 95 -77.98 4.53 -24.22
CA ARG QA 95 -78.10 3.60 -25.35
C ARG QA 95 -78.47 2.19 -24.90
N GLY QA 96 -78.00 1.78 -23.72
CA GLY QA 96 -78.40 0.50 -23.19
C GLY QA 96 -79.86 0.47 -22.77
N ALA QA 97 -80.38 1.59 -22.30
CA ALA QA 97 -81.76 1.66 -21.86
C ALA QA 97 -82.72 1.95 -23.01
N VAL QA 98 -82.26 2.64 -24.04
CA VAL QA 98 -83.15 2.95 -25.16
C VAL QA 98 -83.36 1.73 -26.03
N ARG QA 99 -82.28 1.00 -26.35
CA ARG QA 99 -82.42 -0.19 -27.17
C ARG QA 99 -83.12 -1.32 -26.42
N SER QA 100 -83.08 -1.31 -25.10
CA SER QA 100 -83.83 -2.28 -24.33
C SER QA 100 -85.33 -1.99 -24.36
N LEU QA 101 -85.71 -0.73 -24.48
CA LEU QA 101 -87.11 -0.36 -24.55
C LEU QA 101 -87.64 -0.28 -25.97
N SER QA 102 -86.78 -0.40 -26.97
CA SER QA 102 -87.21 -0.35 -28.37
C SER QA 102 -87.50 -1.78 -28.81
N SER QA 103 -88.79 -2.13 -28.84
CA SER QA 103 -89.23 -3.47 -29.25
C SER QA 103 -89.82 -3.48 -30.65
N SER QA 104 -90.73 -2.56 -30.93
CA SER QA 104 -91.37 -2.48 -32.24
C SER QA 104 -90.41 -1.89 -33.27
N VAL QA 105 -90.78 -2.03 -34.54
CA VAL QA 105 -89.91 -1.60 -35.62
C VAL QA 105 -89.91 -0.08 -35.77
N THR QA 106 -90.98 0.60 -35.35
CA THR QA 106 -90.97 2.05 -35.38
C THR QA 106 -90.25 2.62 -34.16
N GLN QA 107 -90.15 1.86 -33.08
CA GLN QA 107 -89.34 2.26 -31.93
C GLN QA 107 -87.87 2.31 -32.28
N LYS QA 108 -87.41 1.36 -33.08
CA LYS QA 108 -85.99 1.28 -33.40
C LYS QA 108 -85.56 2.42 -34.31
N GLU QA 109 -86.38 2.76 -35.31
CA GLU QA 109 -86.04 3.86 -36.18
C GLU QA 109 -86.26 5.22 -35.52
N LYS QA 110 -87.14 5.29 -34.53
CA LYS QA 110 -87.26 6.52 -33.73
C LYS QA 110 -86.15 6.64 -32.71
N ALA QA 111 -85.46 5.54 -32.40
CA ALA QA 111 -84.35 5.54 -31.46
C ALA QA 111 -83.04 5.93 -32.12
N GLU QA 112 -82.84 5.50 -33.36
CA GLU QA 112 -81.61 5.85 -34.04
C GLU QA 112 -81.57 7.32 -34.41
N VAL QA 113 -82.74 7.93 -34.63
CA VAL QA 113 -82.81 9.37 -34.87
C VAL QA 113 -82.32 10.15 -33.65
N PHE QA 114 -82.66 9.66 -32.46
CA PHE QA 114 -82.09 10.21 -31.23
C PHE QA 114 -80.60 9.94 -31.14
N PHE QA 115 -80.16 8.79 -31.66
CA PHE QA 115 -78.74 8.45 -31.60
C PHE QA 115 -77.94 9.29 -32.58
N ARG QA 116 -78.48 9.53 -33.79
CA ARG QA 116 -77.80 10.36 -34.77
C ARG QA 116 -77.64 11.79 -34.28
N ALA QA 117 -78.67 12.32 -33.63
CA ALA QA 117 -78.58 13.68 -33.11
C ALA QA 117 -77.66 13.76 -31.92
N LEU QA 118 -77.52 12.66 -31.17
CA LEU QA 118 -76.58 12.64 -30.06
C LEU QA 118 -75.15 12.65 -30.54
N GLU QA 119 -74.87 12.02 -31.68
CA GLU QA 119 -73.54 12.03 -32.24
C GLU QA 119 -73.24 13.34 -32.98
N ASP QA 120 -74.27 14.01 -33.45
CA ASP QA 120 -74.08 15.34 -34.02
C ASP QA 120 -73.75 16.36 -32.94
N THR QA 121 -74.31 16.18 -31.74
CA THR QA 121 -73.97 17.05 -30.62
C THR QA 121 -72.53 16.85 -30.20
N TYR QA 122 -72.07 15.60 -30.19
CA TYR QA 122 -70.72 15.28 -29.78
C TYR QA 122 -69.71 15.75 -30.81
N GLY QA 123 -69.98 15.48 -32.08
CA GLY QA 123 -69.05 15.87 -33.13
C GLY QA 123 -68.93 17.37 -33.31
N ALA QA 124 -70.00 18.11 -33.06
CA ALA QA 124 -69.91 19.55 -33.07
C ALA QA 124 -69.19 20.09 -31.84
N ALA QA 125 -69.15 19.33 -30.75
CA ALA QA 125 -68.45 19.79 -29.56
C ALA QA 125 -66.94 19.61 -29.68
N THR QA 126 -66.49 18.56 -30.38
CA THR QA 126 -65.07 18.43 -30.67
C THR QA 126 -64.62 19.51 -31.64
N LEU QA 127 -65.47 19.85 -32.61
CA LEU QA 127 -65.16 20.88 -33.58
C LEU QA 127 -65.41 22.29 -33.05
N LYS QA 128 -65.97 22.40 -31.85
CA LYS QA 128 -66.23 23.67 -31.15
C LYS QA 128 -67.13 24.61 -31.96
N LYS QA 129 -68.09 24.02 -32.66
CA LYS QA 129 -69.09 24.77 -33.40
C LYS QA 129 -70.25 25.07 -32.45
N GLY QA 130 -70.41 26.34 -32.10
CA GLY QA 130 -71.33 26.69 -31.03
C GLY QA 130 -72.79 26.56 -31.43
N ASP QA 131 -73.14 27.05 -32.60
CA ASP QA 131 -74.52 26.96 -33.06
C ASP QA 131 -74.90 25.53 -33.41
N ALA QA 132 -73.93 24.73 -33.84
CA ALA QA 132 -74.23 23.37 -34.25
C ALA QA 132 -74.44 22.43 -33.08
N VAL QA 133 -73.90 22.74 -31.91
CA VAL QA 133 -74.20 21.94 -30.72
C VAL QA 133 -75.64 22.16 -30.29
N LYS QA 134 -76.07 23.42 -30.22
CA LYS QA 134 -77.43 23.74 -29.80
C LYS QA 134 -78.45 23.31 -30.83
N ALA QA 135 -78.11 23.38 -32.13
CA ALA QA 135 -79.03 22.91 -33.15
C ALA QA 135 -79.13 21.39 -33.15
N SER QA 136 -78.12 20.72 -32.61
CA SER QA 136 -78.20 19.28 -32.45
C SER QA 136 -78.77 18.89 -31.09
N ASN QA 137 -78.60 19.76 -30.09
CA ASN QA 137 -79.10 19.45 -28.76
C ASN QA 137 -80.62 19.54 -28.70
N ASP QA 138 -81.22 20.48 -29.42
CA ASP QA 138 -82.67 20.49 -29.47
C ASP QA 138 -83.23 19.35 -30.29
N LYS QA 139 -82.52 18.93 -31.34
CA LYS QA 139 -82.91 17.76 -32.10
C LYS QA 139 -82.74 16.48 -31.29
N ALA QA 140 -81.75 16.44 -30.40
CA ALA QA 140 -81.58 15.30 -29.52
C ALA QA 140 -82.69 15.24 -28.48
N ILE QA 141 -83.10 16.40 -27.96
CA ILE QA 141 -84.19 16.43 -27.00
C ILE QA 141 -85.51 16.10 -27.69
N ALA QA 142 -85.77 16.72 -28.85
CA ALA QA 142 -87.04 16.52 -29.54
C ALA QA 142 -87.20 15.09 -30.07
N ALA QA 143 -86.10 14.41 -30.35
CA ALA QA 143 -86.17 12.99 -30.66
C ALA QA 143 -86.21 12.12 -29.42
N LEU QA 144 -85.79 12.66 -28.28
CA LEU QA 144 -85.90 11.89 -27.04
C LEU QA 144 -87.33 11.83 -26.54
N ASP QA 145 -88.07 12.94 -26.60
CA ASP QA 145 -89.46 12.92 -26.16
C ASP QA 145 -90.33 12.12 -27.12
N ALA QA 146 -89.98 12.12 -28.41
CA ALA QA 146 -90.72 11.31 -29.38
C ALA QA 146 -90.56 9.83 -29.11
N PHE QA 147 -89.41 9.42 -28.59
CA PHE QA 147 -89.23 8.02 -28.21
C PHE QA 147 -89.98 7.69 -26.93
N THR QA 148 -89.93 8.58 -25.93
CA THR QA 148 -90.62 8.32 -24.67
C THR QA 148 -92.13 8.49 -24.77
N ALA QA 149 -92.61 9.28 -25.74
CA ALA QA 149 -94.05 9.42 -25.91
C ALA QA 149 -94.69 8.18 -26.52
N THR QA 150 -93.90 7.28 -27.12
CA THR QA 150 -94.46 6.04 -27.60
C THR QA 150 -94.84 5.17 -26.41
N LEU QA 151 -93.82 4.71 -25.68
CA LEU QA 151 -93.94 4.05 -24.37
C LEU QA 151 -92.56 3.83 -23.77
N THR RA 1 -41.64 21.00 -23.54
CA THR RA 1 -42.81 20.17 -23.71
C THR RA 1 -42.45 18.92 -24.50
N GLU RA 2 -42.50 17.77 -23.85
CA GLU RA 2 -42.05 16.53 -24.47
C GLU RA 2 -43.18 15.54 -24.76
N GLY RA 3 -44.32 15.67 -24.10
CA GLY RA 3 -45.41 14.75 -24.39
C GLY RA 3 -46.36 15.26 -25.45
N THR RA 4 -46.02 16.37 -26.07
CA THR RA 4 -46.84 16.96 -27.12
C THR RA 4 -46.45 16.36 -28.46
N ASN RA 5 -47.39 16.39 -29.41
CA ASN RA 5 -47.29 15.55 -30.59
C ASN RA 5 -46.74 16.36 -31.77
N GLU RA 6 -45.43 16.56 -31.74
CA GLU RA 6 -44.75 17.35 -32.76
C GLU RA 6 -44.07 16.44 -33.78
N TRP RA 7 -44.05 16.88 -35.03
CA TRP RA 7 -43.45 16.12 -36.10
C TRP RA 7 -41.94 16.13 -35.94
N PHE RA 8 -41.35 14.96 -35.69
CA PHE RA 8 -39.90 14.77 -35.46
C PHE RA 8 -39.39 15.59 -34.28
N GLY RA 9 -40.25 15.90 -33.33
CA GLY RA 9 -39.87 16.75 -32.22
C GLY RA 9 -39.60 18.20 -32.59
N VAL RA 10 -40.03 18.63 -33.77
CA VAL RA 10 -39.79 19.99 -34.22
C VAL RA 10 -40.84 20.87 -33.55
N ASP RA 11 -40.43 21.60 -32.52
CA ASP RA 11 -41.26 22.62 -31.91
C ASP RA 11 -40.79 24.03 -32.24
N ASP RA 12 -39.56 24.18 -32.69
CA ASP RA 12 -39.07 25.45 -33.20
C ASP RA 12 -38.60 25.24 -34.63
N LEU RA 13 -38.72 26.29 -35.45
CA LEU RA 13 -38.29 26.18 -36.84
C LEU RA 13 -36.78 26.21 -37.02
N ARG RA 14 -36.01 26.43 -35.95
CA ARG RA 14 -34.57 26.19 -36.02
C ARG RA 14 -34.27 24.74 -36.31
N LEU RA 15 -35.03 23.84 -35.69
CA LEU RA 15 -34.75 22.42 -35.83
C LEU RA 15 -35.12 21.91 -37.19
N LEU RA 16 -36.14 22.51 -37.80
CA LEU RA 16 -36.50 22.16 -39.17
C LEU RA 16 -35.42 22.62 -40.15
N ALA RA 17 -34.79 23.75 -39.87
CA ALA RA 17 -33.76 24.27 -40.75
C ALA RA 17 -32.51 23.40 -40.74
N VAL RA 18 -32.09 22.94 -39.56
CA VAL RA 18 -30.89 22.12 -39.50
C VAL RA 18 -31.14 20.69 -39.97
N LEU RA 19 -32.40 20.23 -39.98
CA LEU RA 19 -32.69 18.93 -40.55
C LEU RA 19 -32.56 18.96 -42.06
N PHE RA 20 -33.08 20.03 -42.68
CA PHE RA 20 -32.93 20.19 -44.13
C PHE RA 20 -31.48 20.40 -44.51
N LEU RA 21 -30.81 21.32 -43.82
CA LEU RA 21 -29.43 21.68 -44.18
C LEU RA 21 -28.46 20.55 -43.92
N GLY RA 22 -28.75 19.71 -42.94
CA GLY RA 22 -27.89 18.57 -42.69
C GLY RA 22 -28.09 17.51 -43.72
N HIS RA 23 -29.34 17.24 -44.08
CA HIS RA 23 -29.62 16.19 -45.04
C HIS RA 23 -29.27 16.60 -46.46
N TRP RA 24 -29.43 17.88 -46.80
CA TRP RA 24 -29.06 18.36 -48.13
C TRP RA 24 -27.56 18.47 -48.31
N ALA RA 25 -26.79 18.53 -47.23
CA ALA RA 25 -25.35 18.67 -47.36
C ALA RA 25 -24.69 17.38 -47.81
N ILE RA 26 -25.11 16.26 -47.22
CA ILE RA 26 -24.58 14.97 -47.64
C ILE RA 26 -25.18 14.57 -48.97
N LEU RA 27 -26.41 15.02 -49.25
CA LEU RA 27 -27.03 14.84 -50.56
C LEU RA 27 -26.22 15.51 -51.66
N SER RA 28 -25.71 16.71 -51.39
CA SER RA 28 -24.95 17.44 -52.38
C SER RA 28 -23.60 16.80 -52.64
N LEU RA 29 -22.99 16.20 -51.62
CA LEU RA 29 -21.79 15.41 -51.83
C LEU RA 29 -22.11 14.15 -52.62
N TRP RA 30 -23.20 13.47 -52.24
CA TRP RA 30 -23.62 12.26 -52.91
C TRP RA 30 -24.03 12.51 -54.36
N LEU RA 31 -24.56 13.70 -54.65
CA LEU RA 31 -24.84 14.07 -56.02
C LEU RA 31 -23.58 14.39 -56.81
N GLY RA 32 -22.45 14.58 -56.13
CA GLY RA 32 -21.18 14.72 -56.83
C GLY RA 32 -20.68 13.45 -57.46
N SER RA 33 -21.21 12.30 -57.03
CA SER RA 33 -20.89 11.01 -57.62
C SER RA 33 -22.03 10.40 -58.41
N TYR RA 34 -23.27 10.71 -58.05
CA TYR RA 34 -24.42 10.04 -58.62
C TYR RA 34 -25.39 10.98 -59.32
N GLY RA 35 -25.19 12.28 -59.21
CA GLY RA 35 -25.66 13.17 -60.24
C GLY RA 35 -24.82 12.97 -61.49
N ASP RA 36 -25.35 13.44 -62.61
CA ASP RA 36 -24.82 13.17 -63.96
C ASP RA 36 -24.70 11.66 -64.20
N SER RA 37 -25.68 10.91 -63.73
CA SER RA 37 -25.75 9.48 -63.97
C SER RA 37 -26.97 9.18 -64.82
N ASN RA 38 -26.78 8.33 -65.82
CA ASN RA 38 -27.81 8.12 -66.82
C ASN RA 38 -28.95 7.28 -66.25
N GLU RA 39 -30.17 7.70 -66.53
CA GLU RA 39 -31.35 7.07 -65.98
C GLU RA 39 -31.75 5.82 -66.75
N ASP RA 40 -31.43 5.74 -68.05
CA ASP RA 40 -31.86 4.65 -68.91
C ASP RA 40 -30.85 3.51 -68.96
N GLU RA 41 -29.80 3.55 -68.15
CA GLU RA 41 -28.82 2.47 -68.13
C GLU RA 41 -29.27 1.42 -67.12
N ASP RA 42 -29.74 0.30 -67.62
CA ASP RA 42 -30.24 -0.79 -66.80
C ASP RA 42 -29.22 -1.93 -66.77
N PHE RA 43 -29.61 -3.04 -66.16
CA PHE RA 43 -28.79 -4.24 -66.04
C PHE RA 43 -29.72 -5.40 -65.72
N PHE RA 44 -29.28 -6.62 -66.03
CA PHE RA 44 -30.07 -7.79 -65.72
C PHE RA 44 -29.31 -8.73 -64.80
N GLY RA 45 -28.76 -8.19 -63.72
CA GLY RA 45 -28.22 -8.99 -62.66
C GLY RA 45 -28.93 -8.69 -61.36
N GLU RA 46 -28.45 -9.30 -60.30
CA GLU RA 46 -28.94 -8.99 -58.98
C GLU RA 46 -28.25 -7.80 -58.37
N ILE RA 47 -27.29 -7.23 -59.09
CA ILE RA 47 -26.34 -6.27 -58.53
C ILE RA 47 -25.68 -5.57 -59.71
N ASP RA 48 -25.46 -4.27 -59.58
CA ASP RA 48 -24.89 -3.48 -60.66
C ASP RA 48 -23.52 -2.94 -60.29
N TYR RA 49 -22.62 -2.96 -61.26
CA TYR RA 49 -21.24 -2.54 -61.06
C TYR RA 49 -20.92 -1.40 -62.02
N SER RA 50 -21.79 -0.41 -62.08
CA SER RA 50 -21.81 0.57 -63.16
C SER RA 50 -20.56 1.44 -63.27
N ALA RA 51 -20.32 2.31 -62.30
CA ALA RA 51 -19.25 3.30 -62.41
C ALA RA 51 -18.95 3.85 -61.01
N ARG RA 52 -18.17 4.92 -60.96
CA ARG RA 52 -17.87 5.61 -59.71
C ARG RA 52 -18.13 7.10 -59.84
N UNK SA 1 6.25 -26.41 32.03
CA UNK SA 1 5.69 -25.15 32.47
C UNK SA 1 6.63 -24.45 33.43
N UNK SA 2 7.52 -25.21 34.05
CA UNK SA 2 8.62 -24.64 34.80
C UNK SA 2 9.90 -24.80 33.99
N UNK SA 3 10.88 -23.96 34.31
CA UNK SA 3 12.18 -24.07 33.65
C UNK SA 3 12.89 -25.35 34.05
N UNK SA 4 12.70 -25.79 35.29
CA UNK SA 4 13.34 -27.01 35.79
C UNK SA 4 12.39 -28.19 35.65
N UNK SA 5 12.07 -28.50 34.40
CA UNK SA 5 11.07 -29.51 34.10
C UNK SA 5 11.55 -30.32 32.91
N UNK SA 6 11.25 -31.62 32.95
CA UNK SA 6 11.55 -32.58 31.87
C UNK SA 6 13.02 -32.58 31.49
N UNK SA 7 13.88 -32.74 32.51
CA UNK SA 7 15.34 -32.78 32.38
C UNK SA 7 15.86 -31.48 31.77
N UNK SA 8 15.75 -30.42 32.59
CA UNK SA 8 15.50 -29.03 32.23
C UNK SA 8 16.21 -28.49 30.99
N UNK SA 9 17.52 -28.34 31.04
CA UNK SA 9 18.26 -27.88 29.88
C UNK SA 9 19.15 -28.96 29.34
N UNK SA 10 19.02 -30.20 29.82
CA UNK SA 10 19.92 -31.28 29.41
C UNK SA 10 19.67 -31.66 27.96
N UNK SA 11 18.48 -32.14 27.66
CA UNK SA 11 18.22 -32.64 26.32
C UNK SA 11 17.87 -31.52 25.34
N UNK SA 12 17.86 -30.27 25.77
CA UNK SA 12 17.64 -29.16 24.87
C UNK SA 12 18.92 -28.42 24.50
N UNK SA 13 19.94 -28.46 25.34
CA UNK SA 13 21.22 -27.84 25.04
C UNK SA 13 22.29 -28.83 24.64
N UNK SA 14 22.40 -29.95 25.35
CA UNK SA 14 23.41 -30.94 25.01
C UNK SA 14 23.04 -31.74 23.77
N UNK SA 15 21.78 -31.70 23.34
CA UNK SA 15 21.40 -32.38 22.11
C UNK SA 15 21.47 -31.46 20.90
N UNK SA 16 21.32 -30.16 21.09
CA UNK SA 16 21.64 -29.23 20.00
C UNK SA 16 23.15 -29.14 19.80
N UNK SA 17 23.93 -29.34 20.85
CA UNK SA 17 25.37 -29.44 20.70
C UNK SA 17 25.77 -30.79 20.11
N UNK SA 18 24.97 -31.83 20.35
CA UNK SA 18 25.25 -33.11 19.75
C UNK SA 18 24.88 -33.13 18.27
N UNK SA 19 23.87 -32.36 17.88
CA UNK SA 19 23.56 -32.22 16.46
C UNK SA 19 24.59 -31.36 15.75
N UNK SA 20 25.14 -30.37 16.45
CA UNK SA 20 26.19 -29.55 15.86
C UNK SA 20 27.49 -30.33 15.71
N UNK SA 21 27.74 -31.29 16.59
CA UNK SA 21 28.93 -32.12 16.47
C UNK SA 21 28.79 -33.13 15.33
N UNK SA 22 27.58 -33.58 15.06
CA UNK SA 22 27.37 -34.52 13.95
C UNK SA 22 27.54 -33.82 12.61
N UNK SA 23 27.08 -32.57 12.50
CA UNK SA 23 27.28 -31.84 11.26
C UNK SA 23 28.73 -31.44 11.08
N UNK SA 24 29.45 -31.19 12.17
CA UNK SA 24 30.87 -30.92 12.08
C UNK SA 24 31.71 -32.18 11.92
N UNK SA 25 31.17 -33.35 12.26
CA UNK SA 25 31.87 -34.58 11.94
C UNK SA 25 31.72 -34.92 10.47
N UNK SA 26 30.53 -34.74 9.91
CA UNK SA 26 30.27 -35.10 8.53
C UNK SA 26 30.79 -34.06 7.55
N UNK SA 27 31.01 -32.83 7.99
CA UNK SA 27 31.69 -31.79 7.21
C UNK SA 27 32.77 -31.24 8.13
N UNK SA 28 33.95 -31.85 8.08
CA UNK SA 28 34.99 -31.53 9.05
C UNK SA 28 35.54 -30.14 8.81
N UNK SA 29 35.53 -29.31 9.86
CA UNK SA 29 36.11 -27.98 9.80
C UNK SA 29 37.63 -28.00 9.86
N UNK SA 30 38.24 -29.17 9.97
CA UNK SA 30 39.68 -29.29 9.89
C UNK SA 30 40.12 -29.36 8.44
N UNK SA 31 40.95 -28.41 8.02
CA UNK SA 31 41.50 -28.45 6.68
C UNK SA 31 43.01 -28.71 6.74
N UNK TA 1 15.61 -55.17 7.65
CA UNK TA 1 15.68 -53.73 7.81
C UNK TA 1 17.10 -53.30 8.05
N UNK TA 2 17.67 -52.58 7.09
CA UNK TA 2 19.08 -52.22 7.14
C UNK TA 2 19.25 -50.76 6.74
N UNK TA 3 19.96 -50.02 7.56
CA UNK TA 3 20.64 -48.80 7.15
C UNK TA 3 22.08 -48.98 7.63
N UNK TA 4 22.84 -49.74 6.84
CA UNK TA 4 24.21 -50.20 7.16
C UNK TA 4 24.29 -50.90 8.51
N UNK TA 5 23.23 -51.62 8.89
CA UNK TA 5 23.21 -52.28 10.18
C UNK TA 5 22.41 -53.57 10.07
N UNK TA 6 22.80 -54.56 10.87
CA UNK TA 6 22.13 -55.86 10.87
C UNK TA 6 20.75 -55.75 11.51
N UNK TA 7 19.94 -56.79 11.31
CA UNK TA 7 18.56 -56.77 11.79
C UNK TA 7 18.48 -56.79 13.31
N UNK TA 8 19.48 -57.35 13.99
CA UNK TA 8 19.53 -57.25 15.43
C UNK TA 8 20.04 -55.89 15.88
N UNK TA 9 21.04 -55.36 15.20
CA UNK TA 9 21.60 -54.08 15.59
C UNK TA 9 20.76 -52.90 15.14
N UNK TA 10 19.90 -53.06 14.15
CA UNK TA 10 18.99 -51.98 13.78
C UNK TA 10 17.87 -51.85 14.78
N UNK TA 11 17.34 -52.98 15.26
CA UNK TA 11 16.30 -52.94 16.28
C UNK TA 11 16.83 -52.39 17.59
N UNK TA 12 18.10 -52.64 17.91
CA UNK TA 12 18.65 -52.16 19.18
C UNK TA 12 18.93 -50.67 19.15
N UNK TA 13 19.22 -50.10 17.98
CA UNK TA 13 19.49 -48.67 17.90
C UNK TA 13 18.24 -47.85 18.12
N UNK TA 14 17.13 -48.27 17.51
CA UNK TA 14 15.88 -47.54 17.68
C UNK TA 14 15.26 -47.81 19.05
N UNK TA 15 15.51 -48.97 19.64
CA UNK TA 15 15.03 -49.23 20.99
C UNK TA 15 15.86 -48.53 22.05
N UNK TA 16 17.13 -48.22 21.76
CA UNK TA 16 17.93 -47.45 22.70
C UNK TA 16 17.58 -45.98 22.70
N UNK TA 17 17.12 -45.46 21.56
CA UNK TA 17 16.68 -44.07 21.50
C UNK TA 17 15.37 -43.89 22.26
N UNK TA 18 14.45 -44.84 22.13
CA UNK TA 18 13.21 -44.78 22.90
C UNK TA 18 13.42 -45.12 24.37
N UNK TA 19 14.56 -45.71 24.72
CA UNK TA 19 14.88 -45.99 26.12
C UNK TA 19 15.49 -44.79 26.82
N UNK TA 20 16.35 -44.04 26.12
CA UNK TA 20 16.86 -42.80 26.67
C UNK TA 20 15.74 -41.79 26.85
N UNK TA 21 14.78 -41.79 25.94
CA UNK TA 21 13.59 -40.97 26.12
C UNK TA 21 12.71 -41.50 27.24
N UNK TA 22 12.78 -42.79 27.56
CA UNK TA 22 12.01 -43.35 28.66
C UNK TA 22 12.73 -43.27 29.99
N UNK TA 23 14.06 -43.17 30.00
CA UNK TA 23 14.78 -43.00 31.26
C UNK TA 23 14.63 -41.58 31.77
N UNK TA 24 14.86 -40.59 30.91
CA UNK TA 24 14.66 -39.20 31.30
C UNK TA 24 13.19 -38.86 31.48
N UNK TA 25 12.30 -39.68 30.92
CA UNK TA 25 10.87 -39.60 31.19
C UNK TA 25 10.56 -39.74 32.65
N UNK TA 26 10.82 -40.91 33.19
CA UNK TA 26 10.34 -41.27 34.50
C UNK TA 26 11.24 -40.76 35.61
N UNK TA 27 12.45 -40.36 35.27
CA UNK TA 27 13.31 -39.72 36.27
C UNK TA 27 12.92 -38.26 36.44
N UNK TA 28 12.99 -37.49 35.38
CA UNK TA 28 12.77 -36.04 35.44
C UNK TA 28 11.53 -35.71 34.63
N UNK TA 29 10.42 -35.50 35.32
CA UNK TA 29 9.13 -35.24 34.70
C UNK TA 29 8.60 -33.87 35.12
N UNK TA 30 7.36 -33.60 34.77
CA UNK TA 30 6.67 -32.37 35.19
C UNK TA 30 5.17 -32.61 35.32
N SER UA 1 46.52 -64.83 22.59
CA SER UA 1 47.57 -64.07 23.27
C SER UA 1 46.97 -62.86 23.98
N GLU UA 2 47.80 -62.09 24.67
CA GLU UA 2 47.30 -60.96 25.44
C GLU UA 2 46.77 -59.82 24.59
N ILE UA 3 47.27 -59.68 23.36
CA ILE UA 3 46.82 -58.59 22.48
C ILE UA 3 45.42 -58.85 21.93
N GLU UA 4 44.91 -60.06 22.06
CA GLU UA 4 43.63 -60.42 21.50
C GLU UA 4 42.57 -60.56 22.57
N LEU UA 5 42.92 -60.27 23.82
CA LEU UA 5 42.09 -60.64 24.95
C LEU UA 5 41.09 -59.58 25.37
N GLY UA 6 41.26 -58.35 24.94
CA GLY UA 6 40.33 -57.32 25.35
C GLY UA 6 39.26 -57.01 24.35
N VAL UA 7 39.22 -57.70 23.22
CA VAL UA 7 38.36 -57.31 22.12
C VAL UA 7 37.14 -58.21 22.09
N THR UA 8 35.96 -57.59 22.03
CA THR UA 8 34.70 -58.30 21.92
C THR UA 8 33.87 -57.60 20.85
N GLU UA 9 32.57 -57.93 20.79
CA GLU UA 9 31.85 -57.79 19.53
C GLU UA 9 31.53 -56.37 19.10
N PRO UA 10 30.87 -55.51 19.89
CA PRO UA 10 30.36 -54.26 19.29
C PRO UA 10 31.44 -53.24 18.98
N LEU UA 11 32.62 -53.35 19.58
CA LEU UA 11 33.68 -52.41 19.31
C LEU UA 11 34.89 -53.04 18.63
N GLY UA 12 35.21 -54.29 18.93
CA GLY UA 12 36.42 -54.86 18.36
C GLY UA 12 37.65 -54.27 19.02
N VAL UA 13 38.69 -54.05 18.22
CA VAL UA 13 39.88 -53.35 18.69
C VAL UA 13 39.52 -51.88 18.85
N TYR UA 14 39.54 -51.39 20.07
CA TYR UA 14 39.10 -50.03 20.37
C TYR UA 14 40.22 -49.30 21.09
N ASP UA 15 40.92 -48.43 20.37
CA ASP UA 15 41.84 -47.47 20.96
C ASP UA 15 41.74 -46.17 20.19
N PRO UA 16 41.05 -45.17 20.74
CA PRO UA 16 41.07 -43.84 20.10
C PRO UA 16 42.43 -43.17 20.15
N LEU UA 17 43.23 -43.45 21.18
CA LEU UA 17 44.57 -42.88 21.25
C LEU UA 17 45.53 -43.56 20.29
N GLY UA 18 45.24 -44.79 19.87
CA GLY UA 18 46.08 -45.46 18.91
C GLY UA 18 47.40 -45.94 19.47
N TRP UA 19 47.46 -46.24 20.77
CA TRP UA 19 48.70 -46.66 21.38
C TRP UA 19 49.01 -48.13 21.16
N LEU UA 20 48.19 -48.85 20.39
CA LEU UA 20 48.51 -50.26 20.14
C LEU UA 20 49.63 -50.42 19.13
N GLU UA 21 49.87 -49.43 18.29
CA GLU UA 21 51.08 -49.44 17.47
C GLU UA 21 51.99 -48.25 17.74
N SER UA 22 51.49 -47.21 18.42
CA SER UA 22 52.35 -46.14 18.85
C SER UA 22 53.30 -46.62 19.94
N GLU UA 23 52.76 -47.30 20.95
CA GLU UA 23 53.54 -47.85 22.06
C GLU UA 23 53.22 -49.34 22.19
N PRO UA 24 53.76 -50.18 21.31
CA PRO UA 24 53.45 -51.61 21.39
C PRO UA 24 54.18 -52.33 22.51
N GLU UA 25 55.24 -51.75 23.04
CA GLU UA 25 55.97 -52.35 24.15
C GLU UA 25 55.38 -52.01 25.51
N ALA UA 26 54.61 -50.93 25.60
CA ALA UA 26 53.99 -50.53 26.86
C ALA UA 26 52.67 -51.25 27.08
N PHE UA 27 52.26 -52.08 26.13
CA PHE UA 27 50.95 -52.71 26.21
C PHE UA 27 50.90 -53.76 27.30
N GLU UA 28 51.98 -54.51 27.52
CA GLU UA 28 51.78 -55.68 28.37
C GLU UA 28 51.80 -55.29 29.85
N ARG UA 29 52.33 -54.12 30.19
CA ARG UA 29 52.03 -53.61 31.51
C ARG UA 29 50.65 -52.94 31.54
N ARG UA 30 50.28 -52.23 30.48
CA ARG UA 30 49.01 -51.51 30.47
C ARG UA 30 47.81 -52.45 30.46
N ARG UA 31 47.98 -53.65 29.93
CA ARG UA 31 46.97 -54.68 30.13
C ARG UA 31 46.91 -55.10 31.58
N ALA UA 32 48.06 -55.25 32.22
CA ALA UA 32 48.09 -55.67 33.61
C ALA UA 32 47.55 -54.60 34.54
N VAL UA 33 47.66 -53.33 34.16
CA VAL UA 33 47.07 -52.28 34.97
C VAL UA 33 45.55 -52.26 34.78
N GLU UA 34 45.09 -52.46 33.54
CA GLU UA 34 43.67 -52.53 33.25
C GLU UA 34 43.02 -53.72 33.93
N ARG UA 35 43.72 -54.85 33.95
CA ARG UA 35 43.20 -56.02 34.63
C ARG UA 35 43.21 -55.83 36.14
N LYS UA 36 44.24 -55.16 36.65
CA LYS UA 36 44.30 -54.90 38.11
C LYS UA 36 43.18 -53.92 38.47
N HIS UA 37 43.07 -52.81 37.74
CA HIS UA 37 42.04 -51.83 38.04
C HIS UA 37 40.66 -52.44 37.91
N GLY UA 38 40.49 -53.34 36.95
CA GLY UA 38 39.21 -54.02 36.81
C GLY UA 38 38.92 -54.95 37.95
N ARG UA 39 39.92 -55.70 38.40
CA ARG UA 39 39.73 -56.63 39.51
C ARG UA 39 39.47 -55.88 40.81
N VAL UA 40 40.14 -54.75 41.01
CA VAL UA 40 39.92 -53.94 42.21
C VAL UA 40 38.54 -53.30 42.18
N ALA UA 41 38.12 -52.78 41.03
CA ALA UA 41 36.82 -52.12 40.94
C ALA UA 41 35.66 -53.09 40.96
N MET UA 42 35.89 -54.36 40.62
CA MET UA 42 34.80 -55.33 40.70
C MET UA 42 34.48 -55.67 42.14
N ALA UA 43 35.51 -55.83 42.96
CA ALA UA 43 35.29 -56.02 44.38
C ALA UA 43 34.76 -54.76 45.05
N ALA UA 44 35.03 -53.59 44.47
CA ALA UA 44 34.52 -52.36 45.05
C ALA UA 44 33.05 -52.14 44.75
N VAL UA 45 32.56 -52.62 43.60
CA VAL UA 45 31.14 -52.48 43.29
C VAL UA 45 30.33 -53.45 44.15
N VAL UA 46 30.80 -54.70 44.25
CA VAL UA 46 30.16 -55.70 45.08
C VAL UA 46 30.22 -55.31 46.55
N GLY UA 47 31.31 -54.63 46.94
CA GLY UA 47 31.38 -54.09 48.28
C GLY UA 47 30.35 -53.03 48.57
N THR UA 48 30.13 -52.11 47.63
CA THR UA 48 29.14 -51.05 47.84
C THR UA 48 27.72 -51.61 47.85
N ILE UA 49 27.47 -52.66 47.09
CA ILE UA 49 26.15 -53.30 47.13
C ILE UA 49 25.94 -53.98 48.48
N VAL UA 50 27.00 -54.58 49.02
CA VAL UA 50 26.90 -55.28 50.29
C VAL UA 50 26.76 -54.29 51.44
N HIS UA 51 27.51 -53.19 51.42
CA HIS UA 51 27.46 -52.20 52.49
C HIS UA 51 26.11 -51.52 52.56
N ASN UA 52 25.50 -51.24 51.42
CA ASN UA 52 24.23 -50.55 51.39
C ASN UA 52 23.04 -51.47 51.52
N ASN UA 53 23.24 -52.77 51.46
CA ASN UA 53 22.22 -53.73 51.85
C ASN UA 53 22.23 -53.99 53.35
N HIS UA 54 23.10 -53.29 54.09
CA HIS UA 54 23.22 -53.37 55.54
C HIS UA 54 23.54 -54.78 56.00
N ILE UA 55 24.52 -55.38 55.32
CA ILE UA 55 25.10 -56.65 55.73
C ILE UA 55 26.33 -56.29 56.55
N VAL UA 56 26.19 -56.36 57.87
CA VAL UA 56 27.26 -56.02 58.78
C VAL UA 56 27.67 -57.26 59.56
N PHE UA 57 28.82 -57.17 60.22
CA PHE UA 57 29.44 -58.35 60.79
C PHE UA 57 28.96 -58.69 62.18
N ASP UA 58 28.03 -57.92 62.77
CA ASP UA 58 27.54 -58.12 64.14
C ASP UA 58 28.66 -58.08 65.18
N GLY UA 59 29.26 -56.91 65.34
CA GLY UA 59 30.20 -56.81 66.43
C GLY UA 59 30.78 -55.44 66.65
N TYR UA 60 32.08 -55.42 66.94
CA TYR UA 60 32.81 -54.19 67.19
C TYR UA 60 34.06 -54.21 66.31
N LEU UA 61 34.19 -53.20 65.45
CA LEU UA 61 35.41 -53.09 64.67
C LEU UA 61 36.59 -52.72 65.55
N SER UA 62 36.43 -51.68 66.36
CA SER UA 62 37.43 -51.33 67.36
C SER UA 62 36.69 -51.07 68.67
N PRO UA 63 36.67 -52.04 69.59
CA PRO UA 63 36.08 -51.80 70.91
C PRO UA 63 36.86 -50.79 71.74
N SER UA 64 38.11 -50.51 71.38
CA SER UA 64 38.86 -49.44 72.03
C SER UA 64 38.26 -48.07 71.74
N ASN UA 65 37.73 -47.88 70.53
CA ASN UA 65 37.12 -46.62 70.15
C ASN UA 65 35.61 -46.64 70.21
N ASN UA 66 35.02 -47.69 70.82
CA ASN UA 66 33.58 -47.95 70.86
C ASN UA 66 32.96 -47.95 69.46
N LEU UA 67 33.64 -48.56 68.50
CA LEU UA 67 33.24 -48.46 67.11
C LEU UA 67 32.66 -49.78 66.65
N LYS UA 68 31.34 -49.85 66.55
CA LYS UA 68 30.69 -51.04 66.03
C LYS UA 68 30.87 -51.10 64.52
N PHE UA 69 30.60 -52.27 63.96
CA PHE UA 69 30.58 -52.41 62.50
C PHE UA 69 29.43 -51.65 61.88
N SER UA 70 28.30 -51.58 62.58
CA SER UA 70 27.15 -50.85 62.07
C SER UA 70 27.25 -49.35 62.26
N ASP UA 71 28.27 -48.86 62.95
CA ASP UA 71 28.50 -47.44 63.10
C ASP UA 71 29.32 -46.85 61.96
N ILE UA 72 29.80 -47.68 61.05
CA ILE UA 72 30.64 -47.23 59.94
C ILE UA 72 29.71 -46.81 58.80
N PRO UA 73 29.97 -45.66 58.16
CA PRO UA 73 29.12 -45.25 57.05
C PRO UA 73 29.26 -46.17 55.85
N THR UA 74 28.13 -46.45 55.22
CA THR UA 74 28.08 -47.38 54.09
C THR UA 74 28.34 -46.70 52.76
N GLY UA 75 28.96 -45.54 52.78
CA GLY UA 75 29.25 -44.84 51.54
C GLY UA 75 30.73 -44.61 51.32
N VAL UA 76 31.09 -43.45 50.75
CA VAL UA 76 32.48 -43.17 50.44
C VAL UA 76 33.30 -42.80 51.66
N ASP UA 77 32.67 -42.52 52.79
CA ASP UA 77 33.38 -42.24 54.03
C ASP UA 77 33.46 -43.47 54.91
N GLY UA 78 33.50 -44.66 54.30
CA GLY UA 78 33.56 -45.88 55.09
C GLY UA 78 34.92 -46.11 55.70
N ILE UA 79 35.97 -46.06 54.88
CA ILE UA 79 37.31 -46.29 55.40
C ILE UA 79 37.93 -45.02 55.98
N ARG UA 80 37.26 -43.88 55.85
CA ARG UA 80 37.67 -42.72 56.62
C ARG UA 80 37.23 -42.84 58.07
N ALA UA 81 36.29 -43.73 58.37
CA ALA UA 81 35.87 -44.00 59.73
C ALA UA 81 36.62 -45.15 60.36
N ILE UA 82 37.39 -45.91 59.59
CA ILE UA 82 38.26 -46.93 60.15
C ILE UA 82 39.39 -46.25 60.92
N PRO UA 83 39.69 -46.66 62.15
CA PRO UA 83 40.82 -46.07 62.87
C PRO UA 83 42.14 -46.37 62.19
N THR UA 84 43.12 -45.49 62.44
CA THR UA 84 44.36 -45.49 61.67
C THR UA 84 45.21 -46.72 61.96
N ALA UA 85 45.07 -47.29 63.16
CA ALA UA 85 45.70 -48.57 63.44
C ALA UA 85 45.00 -49.72 62.71
N GLY UA 86 43.78 -49.50 62.24
CA GLY UA 86 43.10 -50.48 61.44
C GLY UA 86 43.50 -50.43 59.99
N LEU UA 87 43.77 -49.24 59.45
CA LEU UA 87 44.25 -49.19 58.08
C LEU UA 87 45.69 -49.63 57.98
N ALA UA 88 46.44 -49.59 59.08
CA ALA UA 88 47.79 -50.12 59.08
C ALA UA 88 47.77 -51.63 58.93
N GLN UA 89 46.77 -52.30 59.49
CA GLN UA 89 46.66 -53.74 59.32
C GLN UA 89 46.27 -54.10 57.90
N ILE UA 90 45.44 -53.28 57.26
CA ILE UA 90 45.03 -53.54 55.88
C ILE UA 90 46.19 -53.30 54.94
N LEU UA 91 46.97 -52.25 55.17
CA LEU UA 91 48.10 -51.96 54.30
C LEU UA 91 49.24 -52.95 54.52
N ALA UA 92 49.39 -53.50 55.72
CA ALA UA 92 50.46 -54.45 55.96
C ALA UA 92 50.14 -55.80 55.35
N PHE UA 93 48.87 -56.20 55.34
CA PHE UA 93 48.52 -57.49 54.76
C PHE UA 93 48.58 -57.45 53.24
N PHE UA 94 48.13 -56.35 52.64
CA PHE UA 94 48.18 -56.22 51.20
C PHE UA 94 49.52 -55.73 50.70
N ALA UA 95 50.44 -55.37 51.59
CA ALA UA 95 51.83 -55.32 51.18
C ALA UA 95 52.38 -56.71 50.97
N LEU UA 96 51.95 -57.66 51.81
CA LEU UA 96 52.39 -59.04 51.63
C LEU UA 96 51.75 -59.67 50.41
N VAL UA 97 50.53 -59.23 50.07
CA VAL UA 97 49.80 -59.83 48.92
C VAL UA 97 50.24 -59.17 47.60
N GLU UA 98 50.40 -57.84 47.60
CA GLU UA 98 50.74 -57.09 46.36
C GLU UA 98 52.25 -57.02 46.10
N LEU UA 99 53.07 -57.80 46.82
CA LEU UA 99 54.54 -57.73 46.60
C LEU UA 99 55.14 -59.13 46.68
N ALA UA 100 54.53 -60.02 47.47
CA ALA UA 100 55.10 -61.34 47.67
C ALA UA 100 54.19 -62.45 47.19
N TRP UA 101 52.95 -62.49 47.65
CA TRP UA 101 52.08 -63.62 47.36
C TRP UA 101 51.55 -63.57 45.94
N MET UA 102 50.80 -62.52 45.60
CA MET UA 102 50.33 -62.26 44.25
C MET UA 102 50.94 -60.94 43.80
N PRO UA 103 52.20 -60.96 43.36
CA PRO UA 103 52.92 -59.69 43.14
C PRO UA 103 52.42 -58.97 41.90
N ALA UA 104 52.16 -57.67 42.05
CA ALA UA 104 51.59 -56.90 40.97
C ALA UA 104 52.57 -56.63 39.85
N SER UA 105 53.86 -56.88 40.06
CA SER UA 105 54.82 -56.79 38.97
C SER UA 105 54.75 -57.98 38.02
N LYS UA 106 54.07 -59.05 38.42
CA LYS UA 106 53.76 -60.14 37.50
C LYS UA 106 52.67 -59.65 36.55
N TYR UA 107 53.06 -59.34 35.32
CA TYR UA 107 52.22 -58.55 34.43
C TYR UA 107 51.26 -59.40 33.60
N ASP UA 108 50.94 -60.60 34.04
CA ASP UA 108 49.89 -61.38 33.40
C ASP UA 108 48.77 -61.79 34.33
N GLY UA 109 48.89 -61.49 35.62
CA GLY UA 109 47.82 -61.78 36.57
C GLY UA 109 47.55 -63.24 36.78
N ASP UA 110 48.58 -64.09 36.65
CA ASP UA 110 48.39 -65.52 36.50
C ASP UA 110 49.03 -66.21 37.70
N TYR UA 111 48.74 -65.73 38.91
CA TYR UA 111 49.56 -66.04 40.07
C TYR UA 111 49.60 -67.52 40.48
N GLY UA 112 48.53 -68.04 41.06
CA GLY UA 112 48.51 -69.46 41.29
C GLY UA 112 47.22 -70.14 40.97
N VAL UA 113 46.15 -69.37 40.98
CA VAL UA 113 44.82 -69.91 40.96
C VAL UA 113 44.29 -69.83 39.54
N GLY UA 114 43.28 -70.64 39.26
CA GLY UA 114 42.60 -70.57 38.02
C GLY UA 114 41.28 -69.86 38.18
N TYR UA 115 40.30 -70.30 37.40
CA TYR UA 115 38.94 -69.82 37.56
C TYR UA 115 38.27 -70.81 38.48
N PHE UA 116 38.12 -70.42 39.74
CA PHE UA 116 37.73 -71.30 40.85
C PHE UA 116 38.66 -72.50 40.94
N GLY UA 117 39.96 -72.24 40.82
CA GLY UA 117 40.95 -73.29 40.93
C GLY UA 117 41.07 -74.20 39.74
N THR UA 118 40.42 -73.86 38.63
CA THR UA 118 40.42 -74.68 37.44
C THR UA 118 41.26 -74.00 36.37
N ASP UA 119 42.16 -74.75 35.76
CA ASP UA 119 42.84 -74.31 34.55
C ASP UA 119 41.94 -74.65 33.37
N ILE UA 120 41.44 -73.64 32.68
CA ILE UA 120 40.54 -73.85 31.55
C ILE UA 120 41.39 -74.30 30.36
N LYS UA 121 41.32 -75.59 30.03
CA LYS UA 121 42.20 -76.15 29.02
C LYS UA 121 41.78 -75.79 27.60
N ASP UA 122 40.51 -75.51 27.39
CA ASP UA 122 40.03 -75.09 26.06
C ASP UA 122 40.49 -73.67 25.79
N PRO UA 123 41.28 -73.42 24.75
CA PRO UA 123 41.78 -72.06 24.52
C PRO UA 123 40.72 -71.07 24.07
N GLU UA 124 39.69 -71.52 23.38
CA GLU UA 124 38.63 -70.60 23.00
C GLU UA 124 37.68 -70.32 24.17
N GLU UA 125 37.58 -71.24 25.12
CA GLU UA 125 36.76 -70.99 26.30
C GLU UA 125 37.54 -70.19 27.33
N LYS UA 126 38.84 -70.41 27.44
CA LYS UA 126 39.66 -69.62 28.35
C LYS UA 126 39.75 -68.19 27.89
N ALA UA 127 39.85 -67.97 26.58
CA ALA UA 127 39.84 -66.62 26.04
C ALA UA 127 38.49 -65.96 26.22
N ARG UA 128 37.42 -66.74 26.28
CA ARG UA 128 36.10 -66.17 26.51
C ARG UA 128 35.98 -65.64 27.94
N LYS UA 129 36.44 -66.42 28.92
CA LYS UA 129 36.33 -65.97 30.29
C LYS UA 129 37.37 -64.91 30.62
N LEU UA 130 38.49 -64.89 29.91
CA LEU UA 130 39.42 -63.78 30.04
C LEU UA 130 38.83 -62.50 29.48
N ASN UA 131 38.01 -62.61 28.43
CA ASN UA 131 37.30 -61.46 27.92
C ASN UA 131 36.22 -60.99 28.89
N VAL UA 132 35.62 -61.92 29.63
CA VAL UA 132 34.58 -61.57 30.59
C VAL UA 132 35.18 -60.83 31.77
N GLU UA 133 36.34 -61.28 32.25
CA GLU UA 133 37.03 -60.62 33.35
C GLU UA 133 37.43 -59.21 33.00
N LEU UA 134 37.87 -58.99 31.76
CA LEU UA 134 38.21 -57.64 31.34
C LEU UA 134 36.96 -56.80 31.16
N ASN UA 135 35.90 -57.37 30.61
CA ASN UA 135 34.71 -56.57 30.34
C ASN UA 135 33.93 -56.28 31.60
N ASN UA 136 33.82 -57.25 32.51
CA ASN UA 136 33.21 -56.95 33.79
C ASN UA 136 34.10 -56.03 34.63
N GLY UA 137 35.40 -56.05 34.38
CA GLY UA 137 36.27 -55.09 35.03
C GLY UA 137 36.12 -53.69 34.46
N ARG UA 138 35.91 -53.58 33.16
CA ARG UA 138 35.68 -52.29 32.56
C ARG UA 138 34.33 -51.72 32.94
N ALA UA 139 33.32 -52.57 33.09
CA ALA UA 139 32.01 -52.10 33.49
C ALA UA 139 31.99 -51.68 34.96
N ALA UA 140 32.71 -52.39 35.80
CA ALA UA 140 32.78 -52.03 37.21
C ALA UA 140 33.65 -50.81 37.45
N MET UA 141 34.60 -50.54 36.56
CA MET UA 141 35.40 -49.33 36.69
C MET UA 141 34.57 -48.09 36.45
N MET UA 142 33.73 -48.11 35.41
CA MET UA 142 32.75 -47.05 35.25
C MET UA 142 31.68 -47.12 36.32
N GLY UA 143 31.38 -48.33 36.79
CA GLY UA 143 30.36 -48.49 37.80
C GLY UA 143 30.76 -47.98 39.17
N ILE UA 144 32.03 -48.10 39.53
CA ILE UA 144 32.42 -47.64 40.84
C ILE UA 144 32.65 -46.13 40.85
N MET UA 145 33.05 -45.55 39.71
CA MET UA 145 33.31 -44.11 39.71
C MET UA 145 32.01 -43.33 39.60
N GLY UA 146 31.04 -43.84 38.84
CA GLY UA 146 29.74 -43.24 38.84
C GLY UA 146 28.96 -43.47 40.10
N ASN UA 147 29.31 -44.49 40.87
CA ASN UA 147 28.76 -44.64 42.20
C ASN UA 147 29.36 -43.61 43.15
N MET UA 148 30.64 -43.33 42.98
CA MET UA 148 31.34 -42.45 43.91
C MET UA 148 31.01 -40.99 43.67
N VAL UA 149 30.87 -40.58 42.41
CA VAL UA 149 30.51 -39.19 42.16
C VAL UA 149 29.03 -38.94 42.42
N ALA UA 150 28.18 -39.97 42.40
CA ALA UA 150 26.79 -39.77 42.71
C ALA UA 150 26.57 -39.62 44.20
N GLU UA 151 27.50 -40.09 45.02
CA GLU UA 151 27.39 -39.93 46.46
C GLU UA 151 27.85 -38.55 46.90
N VAL UA 152 28.98 -38.09 46.38
CA VAL UA 152 29.51 -36.81 46.79
C VAL UA 152 28.74 -35.64 46.19
N LEU UA 153 28.00 -35.86 45.11
CA LEU UA 153 27.17 -34.81 44.55
C LEU UA 153 25.77 -34.79 45.13
N THR UA 154 25.39 -35.83 45.86
CA THR UA 154 24.12 -35.84 46.58
C THR UA 154 24.28 -35.74 48.08
N GLY UA 155 25.46 -36.01 48.60
CA GLY UA 155 25.66 -36.06 50.03
C GLY UA 155 24.99 -37.23 50.71
N GLN UA 156 24.60 -38.23 49.94
CA GLN UA 156 23.89 -39.38 50.47
C GLN UA 156 24.59 -40.64 50.06
N THR UA 157 24.51 -41.66 50.91
CA THR UA 157 24.95 -42.99 50.53
C THR UA 157 23.93 -43.60 49.57
N MET UA 158 24.27 -44.77 49.05
CA MET UA 158 23.35 -45.43 48.14
C MET UA 158 22.12 -45.97 48.85
N TYR UA 159 22.18 -46.23 50.16
CA TYR UA 159 20.95 -46.57 50.85
C TYR UA 159 20.05 -45.36 51.00
N GLU UA 160 20.62 -44.21 51.35
CA GLU UA 160 19.81 -43.01 51.57
C GLU UA 160 19.28 -42.44 50.27
N GLN UA 161 19.99 -42.65 49.17
CA GLN UA 161 19.54 -42.15 47.88
C GLN UA 161 18.33 -42.91 47.38
N TYR UA 162 18.17 -44.16 47.79
CA TYR UA 162 17.06 -45.01 47.41
C TYR UA 162 15.99 -45.02 48.50
N ALA UA 163 16.25 -44.34 49.61
CA ALA UA 163 15.28 -44.10 50.68
C ALA UA 163 14.49 -42.84 50.42
N SER UA 164 15.17 -41.80 49.97
CA SER UA 164 14.56 -40.52 49.68
C SER UA 164 13.95 -40.45 48.30
N GLY UA 165 14.11 -41.49 47.48
CA GLY UA 165 13.67 -41.42 46.10
C GLY UA 165 14.47 -40.43 45.29
N HIS UA 166 15.79 -40.42 45.47
CA HIS UA 166 16.66 -39.43 44.84
C HIS UA 166 17.45 -40.04 43.69
N ILE UA 167 16.80 -40.88 42.90
CA ILE UA 167 17.48 -41.41 41.71
C ILE UA 167 17.57 -40.34 40.64
N SER UA 168 16.58 -39.45 40.57
CA SER UA 168 16.57 -38.44 39.53
C SER UA 168 17.61 -37.37 39.81
N PRO UA 169 18.35 -36.93 38.80
CA PRO UA 169 19.46 -35.98 39.02
C PRO UA 169 18.96 -34.59 39.38
N PHE UA 170 19.39 -34.14 40.56
CA PHE UA 170 19.38 -32.73 40.94
C PHE UA 170 20.55 -32.00 40.30
N GLY UA 171 21.64 -32.72 40.01
CA GLY UA 171 22.82 -32.21 39.35
C GLY UA 171 22.68 -32.42 37.86
N ASP UA 172 23.37 -33.41 37.31
CA ASP UA 172 23.06 -33.93 35.98
C ASP UA 172 23.63 -35.33 35.89
N GLY UA 173 22.79 -36.27 35.50
CA GLY UA 173 23.16 -37.67 35.54
C GLY UA 173 23.55 -38.22 34.19
N GLN UA 174 24.21 -39.37 34.23
CA GLN UA 174 24.56 -40.11 33.02
C GLN UA 174 24.64 -41.59 33.39
N GLY UA 175 23.70 -42.38 32.90
CA GLY UA 175 23.67 -43.79 33.21
C GLY UA 175 22.95 -44.60 32.16
N VAL UA 176 23.23 -45.91 32.14
CA VAL UA 176 22.60 -46.81 31.20
C VAL UA 176 21.36 -47.42 31.83
N ASN VA 1 25.46 -81.92 15.82
CA ASN VA 1 24.50 -82.31 14.80
C ASN VA 1 23.10 -82.16 15.36
N GLU VA 2 22.45 -81.09 14.88
CA GLU VA 2 21.21 -80.63 15.47
C GLU VA 2 20.02 -81.47 15.02
N LEU VA 3 20.22 -82.37 14.04
CA LEU VA 3 19.11 -83.09 13.43
C LEU VA 3 18.65 -84.31 14.22
N GLU VA 4 19.48 -84.85 15.12
CA GLU VA 4 19.06 -85.96 15.96
C GLU VA 4 18.99 -85.58 17.42
N ILE VA 5 19.07 -84.29 17.73
CA ILE VA 5 19.10 -83.86 19.12
C ILE VA 5 17.71 -83.90 19.73
N GLY VA 6 16.67 -83.57 18.96
CA GLY VA 6 15.33 -83.60 19.53
C GLY VA 6 14.75 -84.99 19.71
N ALA VA 7 15.22 -85.96 18.93
CA ALA VA 7 14.63 -87.30 18.92
C ALA VA 7 15.07 -88.07 20.15
N THR VA 8 14.13 -88.44 21.01
CA THR VA 8 14.50 -89.13 22.24
C THR VA 8 14.10 -90.60 22.05
N ALA VA 9 14.08 -91.37 23.15
CA ALA VA 9 13.78 -92.80 23.03
C ALA VA 9 12.31 -93.14 22.75
N PRO VA 10 11.33 -92.79 23.60
CA PRO VA 10 10.03 -93.50 23.52
C PRO VA 10 9.20 -93.17 22.30
N LEU VA 11 9.47 -92.06 21.62
CA LEU VA 11 8.78 -91.74 20.38
C LEU VA 11 9.70 -91.66 19.18
N GLY VA 12 11.01 -91.66 19.37
CA GLY VA 12 11.94 -91.52 18.27
C GLY VA 12 11.83 -90.14 17.64
N VAL VA 13 12.11 -90.11 16.34
CA VAL VA 13 11.82 -88.91 15.56
C VAL VA 13 10.31 -88.81 15.39
N TYR VA 14 9.76 -87.65 15.73
CA TYR VA 14 8.33 -87.46 15.78
C TYR VA 14 7.95 -86.29 14.90
N ASP VA 15 7.26 -86.56 13.80
CA ASP VA 15 6.85 -85.52 12.86
C ASP VA 15 5.52 -85.92 12.25
N PRO VA 16 4.40 -85.64 12.94
CA PRO VA 16 3.10 -85.91 12.33
C PRO VA 16 2.77 -84.98 11.18
N LEU VA 17 3.37 -83.79 11.15
CA LEU VA 17 3.23 -82.92 9.99
C LEU VA 17 4.17 -83.30 8.87
N GLY VA 18 5.25 -84.03 9.17
CA GLY VA 18 6.21 -84.41 8.16
C GLY VA 18 7.01 -83.24 7.63
N TRP VA 19 7.42 -82.32 8.50
CA TRP VA 19 8.15 -81.14 8.08
C TRP VA 19 9.66 -81.31 8.21
N LEU VA 20 10.13 -82.47 8.65
CA LEU VA 20 11.54 -82.79 8.50
C LEU VA 20 11.83 -83.36 7.13
N ASP VA 21 10.95 -84.22 6.64
CA ASP VA 21 10.98 -84.69 5.26
C ASP VA 21 10.24 -83.75 4.32
N GLY VA 22 9.77 -82.62 4.82
CA GLY VA 22 9.13 -81.61 4.01
C GLY VA 22 10.13 -80.56 3.63
N GLU VA 23 10.11 -79.42 4.31
CA GLU VA 23 11.14 -78.40 4.11
C GLU VA 23 12.31 -78.70 5.03
N PRO VA 24 13.50 -78.96 4.52
CA PRO VA 24 14.64 -79.21 5.40
C PRO VA 24 15.37 -77.94 5.79
N GLU VA 25 15.13 -76.86 5.05
CA GLU VA 25 15.84 -75.61 5.31
C GLU VA 25 15.20 -74.78 6.41
N ASN VA 26 13.99 -75.14 6.83
CA ASN VA 26 13.30 -74.43 7.91
C ASN VA 26 13.50 -75.09 9.26
N PHE VA 27 14.26 -76.19 9.32
CA PHE VA 27 14.40 -76.92 10.58
C PHE VA 27 15.30 -76.17 11.55
N GLU VA 28 16.35 -75.54 11.03
CA GLU VA 28 17.33 -74.86 11.86
C GLU VA 28 16.71 -73.72 12.64
N ARG VA 29 15.74 -73.03 12.06
CA ARG VA 29 15.03 -72.00 12.79
C ARG VA 29 13.92 -72.57 13.66
N ARG VA 30 13.29 -73.67 13.23
CA ARG VA 30 12.26 -74.27 14.07
C ARG VA 30 12.86 -74.96 15.27
N ARG VA 31 14.08 -75.49 15.15
CA ARG VA 31 14.79 -75.95 16.33
C ARG VA 31 15.17 -74.77 17.21
N ALA VA 32 15.56 -73.66 16.61
CA ALA VA 32 15.90 -72.47 17.38
C ALA VA 32 14.69 -71.86 18.06
N VAL VA 33 13.48 -72.09 17.56
CA VAL VA 33 12.29 -71.60 18.24
C VAL VA 33 11.88 -72.55 19.34
N GLU VA 34 11.95 -73.86 19.07
CA GLU VA 34 11.55 -74.87 20.07
C GLU VA 34 12.47 -74.83 21.28
N ARG VA 35 13.76 -74.63 21.06
CA ARG VA 35 14.69 -74.49 22.17
C ARG VA 35 14.44 -73.19 22.93
N LYS VA 36 14.14 -72.11 22.20
CA LYS VA 36 13.91 -70.82 22.85
C LYS VA 36 12.58 -70.79 23.56
N HIS VA 37 11.54 -71.38 22.98
CA HIS VA 37 10.27 -71.53 23.67
C HIS VA 37 10.40 -72.44 24.88
N GLY VA 38 11.30 -73.42 24.80
CA GLY VA 38 11.53 -74.28 25.94
C GLY VA 38 12.18 -73.54 27.09
N ARG VA 39 13.25 -72.78 26.80
CA ARG VA 39 14.00 -72.09 27.84
C ARG VA 39 13.17 -70.99 28.50
N VAL VA 40 12.26 -70.37 27.74
CA VAL VA 40 11.38 -69.37 28.34
C VAL VA 40 10.34 -70.04 29.22
N ALA VA 41 9.80 -71.17 28.76
CA ALA VA 41 8.74 -71.82 29.52
C ALA VA 41 9.26 -72.56 30.74
N MET VA 42 10.52 -73.02 30.72
CA MET VA 42 11.07 -73.68 31.90
C MET VA 42 11.26 -72.70 33.04
N ALA VA 43 11.74 -71.50 32.72
CA ALA VA 43 11.85 -70.45 33.73
C ALA VA 43 10.49 -69.92 34.16
N ALA VA 44 9.43 -70.19 33.42
CA ALA VA 44 8.10 -69.79 33.81
C ALA VA 44 7.44 -70.79 34.75
N VAL VA 45 7.77 -72.07 34.63
CA VAL VA 45 7.17 -73.06 35.50
C VAL VA 45 7.79 -72.97 36.90
N VAL VA 46 9.11 -72.88 36.99
CA VAL VA 46 9.78 -72.41 38.21
C VAL VA 46 9.22 -71.10 38.74
N GLY VA 47 8.87 -70.17 37.86
CA GLY VA 47 8.28 -68.93 38.34
C GLY VA 47 6.92 -69.12 38.97
N THR VA 48 6.10 -70.02 38.44
CA THR VA 48 4.82 -70.29 39.06
C THR VA 48 4.96 -71.06 40.36
N ILE VA 49 6.03 -71.81 40.51
CA ILE VA 49 6.25 -72.55 41.75
C ILE VA 49 6.71 -71.59 42.86
N VAL VA 50 7.59 -70.65 42.53
CA VAL VA 50 8.10 -69.72 43.53
C VAL VA 50 7.03 -68.73 43.94
N HIS VA 51 6.22 -68.27 42.98
CA HIS VA 51 5.18 -67.28 43.29
C HIS VA 51 4.08 -67.90 44.13
N ASN VA 52 3.71 -69.14 43.85
CA ASN VA 52 2.64 -69.77 44.62
C ASN VA 52 3.12 -70.34 45.94
N ASN VA 53 4.42 -70.42 46.16
CA ASN VA 53 4.97 -70.79 47.46
C ASN VA 53 5.20 -69.60 48.35
N HIS VA 54 4.76 -68.41 47.92
CA HIS VA 54 4.83 -67.15 48.67
C HIS VA 54 6.26 -66.77 49.05
N ILE VA 55 7.20 -67.08 48.18
CA ILE VA 55 8.57 -66.60 48.31
C ILE VA 55 8.64 -65.26 47.62
N THR VA 56 8.67 -64.18 48.39
CA THR VA 56 8.73 -62.83 47.85
C THR VA 56 10.02 -62.16 48.29
N PHE VA 57 10.25 -60.98 47.73
CA PHE VA 57 11.54 -60.30 47.85
C PHE VA 57 11.62 -59.36 49.03
N ASP VA 58 10.61 -59.35 49.91
CA ASP VA 58 10.64 -58.64 51.20
C ASP VA 58 10.85 -57.14 51.05
N GLY VA 59 9.89 -56.46 50.43
CA GLY VA 59 9.98 -55.01 50.37
C GLY VA 59 8.88 -54.42 49.51
N TYR VA 60 9.18 -53.25 48.97
CA TYR VA 60 8.28 -52.54 48.06
C TYR VA 60 8.82 -52.68 46.65
N LEU VA 61 8.00 -53.25 45.76
CA LEU VA 61 8.37 -53.25 44.35
C LEU VA 61 8.32 -51.84 43.78
N SER VA 62 7.29 -51.09 44.13
CA SER VA 62 7.16 -49.71 43.70
C SER VA 62 6.62 -48.90 44.87
N PRO VA 63 7.51 -48.27 45.64
CA PRO VA 63 7.04 -47.44 46.77
C PRO VA 63 6.31 -46.19 46.34
N SER VA 64 6.50 -45.72 45.11
CA SER VA 64 5.66 -44.65 44.61
C SER VA 64 4.24 -45.15 44.35
N ALA VA 65 4.11 -46.34 43.81
CA ALA VA 65 2.81 -46.95 43.57
C ALA VA 65 2.31 -47.74 44.77
N ASN VA 66 3.05 -47.73 45.88
CA ASN VA 66 2.69 -48.41 47.14
C ASN VA 66 2.44 -49.90 46.92
N LEU VA 67 3.33 -50.51 46.14
CA LEU VA 67 3.24 -51.92 45.77
C LEU VA 67 4.30 -52.69 46.52
N LYS VA 68 3.90 -53.46 47.51
CA LYS VA 68 4.81 -54.43 48.09
C LYS VA 68 4.93 -55.62 47.16
N PHE VA 69 5.97 -56.43 47.39
CA PHE VA 69 6.12 -57.66 46.63
C PHE VA 69 5.06 -58.67 47.00
N SER VA 70 4.54 -58.60 48.23
CA SER VA 70 3.48 -59.45 48.69
C SER VA 70 2.09 -58.98 48.25
N ASP VA 71 2.00 -57.86 47.53
CA ASP VA 71 0.74 -57.41 46.95
C ASP VA 71 0.59 -57.86 45.51
N ILE VA 72 1.64 -58.36 44.88
CA ILE VA 72 1.54 -58.82 43.50
C ILE VA 72 0.84 -60.18 43.48
N PRO VA 73 -0.12 -60.38 42.59
CA PRO VA 73 -0.76 -61.70 42.48
C PRO VA 73 0.20 -62.75 41.96
N THR VA 74 -0.12 -64.01 42.25
CA THR VA 74 0.73 -65.12 41.88
C THR VA 74 0.17 -65.92 40.71
N GLY VA 75 -0.82 -65.39 40.02
CA GLY VA 75 -1.38 -66.05 38.86
C GLY VA 75 -1.01 -65.34 37.57
N VAL VA 76 -1.93 -65.30 36.62
CA VAL VA 76 -1.65 -64.63 35.35
C VAL VA 76 -1.73 -63.13 35.45
N ASP VA 77 -2.28 -62.60 36.53
CA ASP VA 77 -2.43 -61.17 36.71
C ASP VA 77 -1.29 -60.56 37.48
N GLY VA 78 -0.22 -61.31 37.71
CA GLY VA 78 0.93 -60.79 38.42
C GLY VA 78 1.75 -59.85 37.56
N ILE VA 79 1.88 -60.18 36.27
CA ILE VA 79 2.64 -59.33 35.36
C ILE VA 79 1.89 -58.03 35.07
N ARG VA 80 0.58 -58.01 35.27
CA ARG VA 80 -0.20 -56.81 35.01
C ARG VA 80 -0.31 -55.90 36.22
N ALA VA 81 0.11 -56.36 37.39
CA ALA VA 81 0.18 -55.50 38.56
C ALA VA 81 1.46 -54.70 38.62
N ILE VA 82 2.45 -55.04 37.80
CA ILE VA 82 3.70 -54.28 37.73
C ILE VA 82 3.41 -52.92 37.12
N PRO VA 83 3.97 -51.82 37.64
CA PRO VA 83 3.77 -50.51 37.03
C PRO VA 83 4.38 -50.45 35.64
N THR VA 84 3.89 -49.48 34.85
CA THR VA 84 4.34 -49.38 33.47
C THR VA 84 5.78 -48.90 33.37
N ALA VA 85 6.31 -48.23 34.39
CA ALA VA 85 7.73 -47.93 34.40
C ALA VA 85 8.57 -49.11 34.82
N GLY VA 86 7.97 -50.15 35.38
CA GLY VA 86 8.70 -51.35 35.70
C GLY VA 86 8.70 -52.35 34.56
N LEU VA 87 7.61 -52.38 33.80
CA LEU VA 87 7.56 -53.26 32.63
C LEU VA 87 8.49 -52.78 31.54
N LEU VA 88 8.77 -51.48 31.47
CA LEU VA 88 9.70 -50.98 30.47
C LEU VA 88 11.14 -51.30 30.83
N GLN VA 89 11.47 -51.34 32.11
CA GLN VA 89 12.81 -51.74 32.51
C GLN VA 89 13.06 -53.21 32.21
N ILE VA 90 12.03 -54.04 32.30
CA ILE VA 90 12.14 -55.41 31.83
C ILE VA 90 12.28 -55.44 30.32
N LEU VA 91 11.54 -54.57 29.64
CA LEU VA 91 11.53 -54.57 28.18
C LEU VA 91 12.86 -54.12 27.61
N PHE VA 92 13.45 -53.07 28.17
CA PHE VA 92 14.67 -52.51 27.61
C PHE VA 92 15.91 -53.27 28.01
N PHE VA 93 15.88 -53.96 29.16
CA PHE VA 93 17.03 -54.78 29.50
C PHE VA 93 17.05 -56.06 28.70
N PHE VA 94 15.90 -56.65 28.46
CA PHE VA 94 15.87 -57.86 27.65
C PHE VA 94 15.95 -57.57 26.16
N ALA VA 95 15.84 -56.31 25.76
CA ALA VA 95 16.26 -55.94 24.42
C ALA VA 95 17.77 -56.04 24.29
N LEU VA 96 18.49 -55.68 25.34
CA LEU VA 96 19.94 -55.82 25.32
C LEU VA 96 20.35 -57.29 25.36
N VAL VA 97 19.56 -58.12 26.02
CA VAL VA 97 19.86 -59.55 26.04
C VAL VA 97 19.52 -60.20 24.71
N GLU VA 98 18.31 -59.95 24.20
CA GLU VA 98 17.83 -60.67 23.03
C GLU VA 98 18.46 -60.20 21.73
N LEU VA 99 19.04 -59.01 21.70
CA LEU VA 99 19.62 -58.51 20.46
C LEU VA 99 21.13 -58.45 20.49
N ALA VA 100 21.74 -58.30 21.66
CA ALA VA 100 23.16 -58.04 21.74
C ALA VA 100 23.92 -59.12 22.48
N TRP VA 101 23.52 -59.45 23.71
CA TRP VA 101 24.31 -60.34 24.55
C TRP VA 101 24.10 -61.78 24.16
N MET VA 102 22.85 -62.24 24.20
CA MET VA 102 22.47 -63.56 23.72
C MET VA 102 21.52 -63.36 22.55
N PRO VA 103 22.05 -63.07 21.36
CA PRO VA 103 21.21 -62.62 20.24
C PRO VA 103 20.36 -63.76 19.71
N ALA VA 104 19.05 -63.55 19.69
CA ALA VA 104 18.10 -64.58 19.31
C ALA VA 104 18.17 -64.95 17.83
N SER VA 105 18.84 -64.14 17.01
CA SER VA 105 19.11 -64.51 15.64
C SER VA 105 20.10 -65.66 15.53
N LYS VA 106 20.93 -65.88 16.56
CA LYS VA 106 21.84 -67.02 16.58
C LYS VA 106 21.00 -68.27 16.75
N TYR VA 107 20.79 -68.99 15.66
CA TYR VA 107 19.96 -70.17 15.70
C TYR VA 107 20.70 -71.38 16.23
N ASP VA 108 22.00 -71.23 16.49
CA ASP VA 108 22.80 -72.29 17.08
C ASP VA 108 22.32 -72.63 18.49
N GLY VA 109 22.13 -71.60 19.32
CA GLY VA 109 21.79 -71.80 20.70
C GLY VA 109 22.90 -71.40 21.66
N ASP VA 110 24.15 -71.74 21.34
CA ASP VA 110 25.26 -71.53 22.26
C ASP VA 110 25.79 -70.12 22.11
N TYR VA 111 25.52 -69.27 23.08
CA TYR VA 111 25.96 -67.88 22.99
C TYR VA 111 27.40 -67.71 23.46
N GLY VA 112 27.61 -67.83 24.76
CA GLY VA 112 28.97 -67.90 25.26
C GLY VA 112 29.14 -68.95 26.33
N VAL VA 113 28.03 -69.30 26.96
CA VAL VA 113 28.04 -70.11 28.14
C VAL VA 113 27.81 -71.55 27.72
N GLY VA 114 28.13 -72.45 28.63
CA GLY VA 114 27.87 -73.86 28.36
C GLY VA 114 27.00 -74.42 29.45
N TRP VA 115 27.33 -75.63 29.88
CA TRP VA 115 26.65 -76.24 31.02
C TRP VA 115 27.42 -75.81 32.26
N PHE VA 116 26.91 -74.75 32.90
CA PHE VA 116 27.56 -74.05 34.01
C PHE VA 116 28.96 -73.60 33.60
N GLY VA 117 29.02 -72.92 32.45
CA GLY VA 117 30.22 -72.22 32.03
C GLY VA 117 31.25 -73.08 31.35
N SER VA 118 30.98 -74.34 31.10
CA SER VA 118 31.96 -75.22 30.49
C SER VA 118 31.34 -76.01 29.36
N ASN VA 119 32.16 -76.28 28.35
CA ASN VA 119 31.82 -77.30 27.38
C ASN VA 119 31.83 -78.66 28.06
N ILE VA 120 31.05 -79.61 27.51
CA ILE VA 120 30.95 -80.92 28.14
C ILE VA 120 32.03 -81.87 27.62
N GLU VA 121 32.79 -81.46 26.60
CA GLU VA 121 33.99 -82.15 26.08
C GLU VA 121 33.71 -83.58 25.58
N ASP VA 122 32.45 -83.92 25.33
CA ASP VA 122 32.18 -85.34 25.13
C ASP VA 122 30.90 -85.50 24.32
N PRO VA 123 30.99 -85.99 23.08
CA PRO VA 123 29.87 -85.86 22.14
C PRO VA 123 28.68 -86.73 22.46
N GLU VA 124 28.79 -87.64 23.41
CA GLU VA 124 27.66 -88.47 23.80
C GLU VA 124 26.91 -87.94 25.00
N GLU VA 125 27.60 -87.48 26.04
CA GLU VA 125 26.83 -86.89 27.13
C GLU VA 125 26.42 -85.45 26.86
N LYS VA 126 27.10 -84.74 25.94
CA LYS VA 126 26.63 -83.41 25.57
C LYS VA 126 25.35 -83.52 24.75
N ALA VA 127 25.28 -84.49 23.84
CA ALA VA 127 24.06 -84.74 23.10
C ALA VA 127 22.96 -85.27 24.01
N ARG VA 128 23.34 -85.95 25.10
CA ARG VA 128 22.35 -86.36 26.09
C ARG VA 128 21.78 -85.16 26.82
N LYS VA 129 22.63 -84.21 27.20
CA LYS VA 129 22.13 -83.04 27.90
C LYS VA 129 21.41 -82.07 26.97
N LEU VA 130 21.77 -82.06 25.69
CA LEU VA 130 20.98 -81.31 24.71
C LEU VA 130 19.60 -81.93 24.54
N ASN VA 131 19.49 -83.25 24.66
CA ASN VA 131 18.19 -83.90 24.65
C ASN VA 131 17.36 -83.52 25.87
N VAL VA 132 18.02 -83.32 27.01
CA VAL VA 132 17.29 -83.01 28.24
C VAL VA 132 16.74 -81.59 28.18
N GLU VA 133 17.53 -80.66 27.64
CA GLU VA 133 17.08 -79.27 27.51
C GLU VA 133 15.86 -79.16 26.61
N LEU VA 134 15.81 -79.97 25.56
CA LEU VA 134 14.64 -79.94 24.70
C LEU VA 134 13.47 -80.67 25.33
N ASN VA 135 13.71 -81.80 25.97
CA ASN VA 135 12.61 -82.58 26.54
C ASN VA 135 12.03 -81.91 27.76
N ASN VA 136 12.88 -81.40 28.66
CA ASN VA 136 12.35 -80.62 29.77
C ASN VA 136 11.80 -79.29 29.29
N GLY VA 137 12.25 -78.79 28.14
CA GLY VA 137 11.61 -77.63 27.56
C GLY VA 137 10.24 -77.94 27.00
N ARG VA 138 10.09 -79.12 26.40
CA ARG VA 138 8.80 -79.51 25.84
C ARG VA 138 7.77 -79.78 26.93
N ALA VA 139 8.19 -80.41 28.01
CA ALA VA 139 7.27 -80.70 29.11
C ALA VA 139 6.87 -79.42 29.84
N ALA VA 140 7.75 -78.43 29.87
CA ALA VA 140 7.41 -77.16 30.50
C ALA VA 140 6.56 -76.26 29.62
N MET VA 141 6.64 -76.40 28.31
CA MET VA 141 5.78 -75.63 27.42
C MET VA 141 4.34 -76.06 27.56
N MET VA 142 4.11 -77.36 27.70
CA MET VA 142 2.77 -77.82 28.04
C MET VA 142 2.44 -77.51 29.48
N GLY VA 143 3.45 -77.49 30.35
CA GLY VA 143 3.20 -77.25 31.77
C GLY VA 143 2.79 -75.81 32.06
N ILE VA 144 3.42 -74.85 31.38
CA ILE VA 144 3.04 -73.47 31.62
C ILE VA 144 1.72 -73.14 30.92
N MET VA 145 1.39 -73.85 29.85
CA MET VA 145 0.09 -73.63 29.21
C MET VA 145 -1.02 -74.24 30.05
N GLY VA 146 -0.78 -75.41 30.63
CA GLY VA 146 -1.77 -75.98 31.53
C GLY VA 146 -1.89 -75.22 32.83
N ASN VA 147 -0.82 -74.55 33.25
CA ASN VA 147 -0.91 -73.73 34.45
C ASN VA 147 -1.73 -72.48 34.21
N MET VA 148 -1.67 -71.92 33.01
CA MET VA 148 -2.41 -70.70 32.70
C MET VA 148 -3.84 -70.95 32.28
N VAL VA 149 -4.12 -72.14 31.73
CA VAL VA 149 -5.48 -72.44 31.29
C VAL VA 149 -6.38 -72.70 32.50
N THR VA 150 -5.93 -73.53 33.43
CA THR VA 150 -6.70 -73.75 34.65
C THR VA 150 -6.66 -72.57 35.61
N GLU VA 151 -5.73 -71.63 35.41
CA GLU VA 151 -5.79 -70.36 36.12
C GLU VA 151 -7.04 -69.58 35.72
N CYS VA 152 -7.28 -69.45 34.41
CA CYS VA 152 -8.38 -68.63 33.94
C CYS VA 152 -9.70 -69.38 33.92
N ILE VA 153 -9.67 -70.71 33.86
CA ILE VA 153 -10.92 -71.48 33.94
C ILE VA 153 -11.47 -71.43 35.36
N THR VA 154 -10.65 -71.80 36.34
CA THR VA 154 -11.11 -71.80 37.72
C THR VA 154 -11.23 -70.40 38.29
N GLY VA 155 -10.51 -69.43 37.73
CA GLY VA 155 -10.46 -68.09 38.29
C GLY VA 155 -9.56 -67.96 39.50
N GLN VA 156 -8.91 -69.03 39.91
CA GLN VA 156 -8.03 -69.04 41.07
C GLN VA 156 -6.59 -69.15 40.64
N THR VA 157 -5.69 -68.82 41.57
CA THR VA 157 -4.29 -69.09 41.36
C THR VA 157 -3.98 -70.53 41.76
N MET VA 158 -2.71 -70.91 41.67
CA MET VA 158 -2.29 -72.24 42.08
C MET VA 158 -2.10 -72.36 43.58
N TYR VA 159 -2.31 -71.28 44.34
CA TYR VA 159 -2.35 -71.36 45.79
C TYR VA 159 -3.78 -71.32 46.33
N GLU VA 160 -4.69 -70.64 45.62
CA GLU VA 160 -6.10 -70.71 45.97
C GLU VA 160 -6.68 -72.08 45.67
N GLN VA 161 -6.48 -72.58 44.46
CA GLN VA 161 -6.55 -74.01 44.24
C GLN VA 161 -5.37 -74.61 44.99
N TYR VA 162 -5.55 -75.82 45.55
CA TYR VA 162 -4.75 -76.53 46.58
C TYR VA 162 -5.09 -75.98 47.97
N ALA VA 163 -5.92 -74.93 48.06
CA ALA VA 163 -6.57 -74.54 49.30
C ALA VA 163 -8.05 -74.84 49.30
N ALA VA 164 -8.64 -75.06 48.12
CA ALA VA 164 -10.00 -75.53 48.01
C ALA VA 164 -10.08 -77.02 47.69
N GLY VA 165 -9.00 -77.61 47.20
CA GLY VA 165 -9.01 -79.01 46.82
C GLY VA 165 -9.47 -79.28 45.41
N HIS VA 166 -9.38 -78.31 44.51
CA HIS VA 166 -9.82 -78.48 43.13
C HIS VA 166 -8.80 -79.32 42.38
N PHE VA 167 -9.00 -80.63 42.38
CA PHE VA 167 -8.10 -81.52 41.69
C PHE VA 167 -8.80 -82.46 40.71
N SER VA 168 -10.12 -82.38 40.60
CA SER VA 168 -10.85 -83.17 39.63
C SER VA 168 -11.74 -82.27 38.79
N PRO VA 169 -11.86 -82.52 37.48
CA PRO VA 169 -12.71 -81.69 36.63
C PRO VA 169 -14.19 -82.01 36.78
N SER WA 1 36.93 -103.84 34.57
CA SER WA 1 35.58 -104.19 34.16
C SER WA 1 34.73 -104.47 35.37
N GLU WA 2 33.61 -105.17 35.16
CA GLU WA 2 32.52 -105.15 36.11
C GLU WA 2 32.66 -106.23 37.18
N ILE WA 3 33.54 -107.21 36.97
CA ILE WA 3 33.66 -108.29 37.94
C ILE WA 3 34.79 -108.04 38.93
N GLU WA 4 35.61 -107.01 38.72
CA GLU WA 4 36.57 -106.61 39.74
C GLU WA 4 36.19 -105.29 40.39
N LEU WA 5 34.91 -104.91 40.29
CA LEU WA 5 34.42 -103.74 40.98
C LEU WA 5 33.97 -103.99 42.41
N GLY WA 6 33.88 -105.24 42.85
CA GLY WA 6 33.40 -105.47 44.19
C GLY WA 6 34.51 -105.74 45.19
N VAL WA 7 35.72 -105.98 44.70
CA VAL WA 7 36.83 -106.38 45.54
C VAL WA 7 37.43 -105.17 46.23
N THR WA 8 37.94 -105.40 47.45
CA THR WA 8 38.59 -104.37 48.26
C THR WA 8 39.75 -105.07 48.98
N GLU WA 9 40.56 -104.28 49.73
CA GLU WA 9 41.69 -104.77 50.52
C GLU WA 9 41.29 -105.83 51.54
N PRO WA 10 40.43 -105.57 52.54
CA PRO WA 10 40.39 -106.48 53.70
C PRO WA 10 39.69 -107.81 53.47
N LEU WA 11 39.08 -108.03 52.32
CA LEU WA 11 38.54 -109.34 51.99
C LEU WA 11 38.89 -109.84 50.61
N GLY WA 12 39.19 -108.98 49.64
CA GLY WA 12 39.50 -109.47 48.31
C GLY WA 12 38.25 -109.95 47.61
N VAL WA 13 38.41 -111.04 46.86
CA VAL WA 13 37.28 -111.72 46.24
C VAL WA 13 36.62 -112.56 47.33
N TYR WA 14 35.56 -112.04 47.92
CA TYR WA 14 34.88 -112.71 49.02
C TYR WA 14 33.66 -113.44 48.46
N ASP WA 15 33.88 -114.68 48.03
CA ASP WA 15 32.80 -115.56 47.56
C ASP WA 15 32.85 -116.79 48.46
N PRO WA 16 32.24 -116.75 49.65
CA PRO WA 16 32.25 -117.93 50.53
C PRO WA 16 31.38 -119.05 50.01
N LEU WA 17 30.38 -118.74 49.18
CA LEU WA 17 29.59 -119.75 48.47
C LEU WA 17 30.35 -120.42 47.35
N GLY WA 18 31.22 -119.68 46.67
CA GLY WA 18 31.82 -120.15 45.44
C GLY WA 18 30.91 -120.05 44.23
N TRP WA 19 30.08 -119.02 44.18
CA TRP WA 19 29.12 -118.86 43.10
C TRP WA 19 29.65 -118.06 41.91
N LEU WA 20 30.85 -117.50 42.00
CA LEU WA 20 31.44 -116.84 40.84
C LEU WA 20 31.85 -117.84 39.77
N GLU WA 21 32.22 -119.06 40.18
CA GLU WA 21 32.47 -120.14 39.23
C GLU WA 21 31.29 -121.09 39.11
N SER WA 22 30.38 -121.10 40.08
CA SER WA 22 29.21 -121.96 40.00
C SER WA 22 28.15 -121.38 39.09
N GLU WA 23 27.94 -120.08 39.16
CA GLU WA 23 27.02 -119.37 38.26
C GLU WA 23 27.75 -118.16 37.70
N PRO WA 24 28.60 -118.35 36.68
CA PRO WA 24 29.38 -117.22 36.16
C PRO WA 24 28.55 -116.29 35.29
N GLU WA 25 27.54 -116.84 34.62
CA GLU WA 25 26.67 -116.01 33.79
C GLU WA 25 25.63 -115.25 34.60
N ALA WA 26 25.36 -115.68 35.83
CA ALA WA 26 24.40 -115.01 36.69
C ALA WA 26 25.05 -113.94 37.54
N PHE WA 27 26.30 -113.61 37.28
CA PHE WA 27 26.95 -112.53 38.03
C PHE WA 27 26.36 -111.18 37.66
N GLU WA 28 25.95 -111.00 36.42
CA GLU WA 28 25.71 -109.63 35.99
C GLU WA 28 24.32 -109.17 36.38
N ARG WA 29 23.41 -110.11 36.65
CA ARG WA 29 22.19 -109.78 37.34
C ARG WA 29 22.46 -109.53 38.82
N ARG WA 30 23.27 -110.40 39.45
CA ARG WA 30 23.49 -110.31 40.90
C ARG WA 30 24.28 -109.08 41.28
N ARG WA 31 25.21 -108.64 40.42
CA ARG WA 31 25.85 -107.35 40.63
C ARG WA 31 24.85 -106.22 40.47
N ALA WA 32 23.93 -106.35 39.51
CA ALA WA 32 22.92 -105.33 39.31
C ALA WA 32 21.88 -105.32 40.43
N VAL WA 33 21.71 -106.44 41.13
CA VAL WA 33 20.79 -106.47 42.26
C VAL WA 33 21.49 -105.95 43.52
N GLU WA 34 22.76 -106.30 43.69
CA GLU WA 34 23.53 -105.81 44.83
C GLU WA 34 23.72 -104.30 44.76
N ARG WA 35 23.91 -103.77 43.55
CA ARG WA 35 23.98 -102.32 43.39
C ARG WA 35 22.61 -101.68 43.60
N LYS WA 36 21.55 -102.37 43.16
CA LYS WA 36 20.20 -101.81 43.32
C LYS WA 36 19.76 -101.83 44.77
N HIS WA 37 20.03 -102.92 45.48
CA HIS WA 37 19.70 -102.99 46.89
C HIS WA 37 20.53 -102.01 47.71
N GLY WA 38 21.78 -101.77 47.31
CA GLY WA 38 22.60 -100.82 48.02
C GLY WA 38 22.11 -99.39 47.85
N ARG WA 39 21.72 -99.02 46.62
CA ARG WA 39 21.23 -97.68 46.35
C ARG WA 39 19.92 -97.39 47.06
N VAL WA 40 19.08 -98.40 47.26
CA VAL WA 40 17.88 -98.21 48.08
C VAL WA 40 18.25 -98.10 49.56
N ALA WA 41 19.20 -98.92 50.01
CA ALA WA 41 19.52 -98.96 51.42
C ALA WA 41 20.26 -97.71 51.89
N MET WA 42 21.10 -97.13 51.03
CA MET WA 42 21.77 -95.90 51.41
C MET WA 42 20.80 -94.73 51.50
N ALA WA 43 19.79 -94.71 50.63
CA ALA WA 43 18.74 -93.72 50.76
C ALA WA 43 17.85 -94.01 51.97
N ALA WA 44 17.79 -95.27 52.39
CA ALA WA 44 17.00 -95.63 53.54
C ALA WA 44 17.71 -95.32 54.85
N VAL WA 45 19.03 -95.46 54.88
CA VAL WA 45 19.78 -95.13 56.09
C VAL WA 45 19.73 -93.64 56.35
N VAL WA 46 20.04 -92.84 55.33
CA VAL WA 46 20.01 -91.38 55.42
C VAL WA 46 18.61 -90.89 55.71
N GLY WA 47 17.59 -91.57 55.19
CA GLY WA 47 16.22 -91.25 55.53
C GLY WA 47 15.91 -91.48 57.00
N THR WA 48 16.52 -92.50 57.60
CA THR WA 48 16.27 -92.75 59.02
C THR WA 48 16.94 -91.70 59.91
N ILE WA 49 18.05 -91.11 59.45
CA ILE WA 49 18.66 -90.01 60.20
C ILE WA 49 17.74 -88.81 60.20
N VAL WA 50 17.17 -88.49 59.03
CA VAL WA 50 16.43 -87.25 58.86
C VAL WA 50 15.08 -87.35 59.53
N HIS WA 51 14.46 -88.54 59.49
CA HIS WA 51 13.21 -88.74 60.23
C HIS WA 51 13.42 -88.61 61.73
N ASN WA 52 14.50 -89.19 62.24
CA ASN WA 52 14.74 -89.22 63.68
C ASN WA 52 15.48 -87.99 64.20
N ASN WA 53 15.81 -87.04 63.33
CA ASN WA 53 16.22 -85.72 63.78
C ASN WA 53 15.06 -84.75 63.78
N HIS WA 54 13.84 -85.25 63.53
CA HIS WA 54 12.60 -84.49 63.51
C HIS WA 54 12.64 -83.34 62.49
N ILE WA 55 13.35 -83.54 61.39
CA ILE WA 55 13.31 -82.63 60.26
C ILE WA 55 12.06 -82.97 59.47
N VAL WA 56 11.04 -82.12 59.56
CA VAL WA 56 9.76 -82.39 58.94
C VAL WA 56 9.46 -81.32 57.91
N PHE WA 57 8.51 -81.62 57.01
CA PHE WA 57 8.24 -80.71 55.90
C PHE WA 57 7.33 -79.57 56.25
N ASP WA 58 6.91 -79.45 57.51
CA ASP WA 58 6.15 -78.33 58.07
C ASP WA 58 4.93 -77.98 57.21
N GLY WA 59 4.00 -78.94 57.21
CA GLY WA 59 2.71 -78.79 56.55
C GLY WA 59 1.81 -79.99 56.75
N TYR WA 60 0.90 -80.21 55.80
CA TYR WA 60 -0.04 -81.32 55.82
C TYR WA 60 0.29 -82.30 54.71
N LEU WA 61 0.49 -83.56 55.06
CA LEU WA 61 0.63 -84.57 54.01
C LEU WA 61 -0.72 -84.83 53.35
N SER WA 62 -1.78 -84.94 54.14
CA SER WA 62 -3.13 -85.16 53.62
C SER WA 62 -4.12 -84.32 54.41
N PRO WA 63 -4.56 -83.18 53.86
CA PRO WA 63 -5.63 -82.43 54.53
C PRO WA 63 -6.98 -83.14 54.49
N SER WA 64 -7.20 -84.01 53.51
CA SER WA 64 -8.43 -84.80 53.49
C SER WA 64 -8.45 -85.82 54.62
N ASN WA 65 -7.30 -86.36 54.98
CA ASN WA 65 -7.21 -87.29 56.08
C ASN WA 65 -6.80 -86.64 57.38
N ASN WA 66 -6.58 -85.31 57.40
CA ASN WA 66 -6.08 -84.58 58.59
C ASN WA 66 -4.80 -85.18 59.14
N LEU WA 67 -3.79 -85.21 58.28
CA LEU WA 67 -2.54 -85.89 58.57
C LEU WA 67 -1.42 -84.92 58.25
N LYS WA 68 -0.82 -84.35 59.29
CA LYS WA 68 0.34 -83.51 59.13
C LYS WA 68 1.57 -84.37 58.87
N PHE WA 69 2.67 -83.71 58.50
CA PHE WA 69 3.92 -84.42 58.31
C PHE WA 69 4.51 -84.87 59.63
N SER WA 70 4.30 -84.10 60.69
CA SER WA 70 4.75 -84.46 62.02
C SER WA 70 3.79 -85.40 62.73
N ASP WA 71 2.69 -85.79 62.09
CA ASP WA 71 1.80 -86.83 62.60
C ASP WA 71 2.23 -88.22 62.17
N ILE WA 72 3.37 -88.34 61.51
CA ILE WA 72 3.86 -89.62 60.99
C ILE WA 72 5.01 -90.07 61.87
N PRO WA 73 5.01 -91.31 62.36
CA PRO WA 73 6.14 -91.80 63.16
C PRO WA 73 7.39 -91.99 62.30
N THR WA 74 8.54 -91.86 62.95
CA THR WA 74 9.80 -91.82 62.24
C THR WA 74 10.31 -93.21 61.90
N GLY WA 75 9.99 -94.19 62.73
CA GLY WA 75 10.60 -95.50 62.63
C GLY WA 75 9.94 -96.42 61.64
N VAL WA 76 9.62 -97.64 62.07
CA VAL WA 76 9.09 -98.65 61.16
C VAL WA 76 7.66 -98.31 60.76
N ASP WA 77 6.88 -97.71 61.66
CA ASP WA 77 5.51 -97.36 61.33
C ASP WA 77 5.40 -95.98 60.70
N GLY WA 78 6.20 -95.72 59.68
CA GLY WA 78 6.11 -94.45 58.98
C GLY WA 78 5.47 -94.61 57.63
N ILE WA 79 5.84 -95.69 56.93
CA ILE WA 79 5.25 -95.98 55.64
C ILE WA 79 3.81 -96.47 55.81
N ARG WA 80 3.50 -97.05 56.97
CA ARG WA 80 2.16 -97.52 57.26
C ARG WA 80 1.19 -96.37 57.52
N ALA WA 81 1.71 -95.21 57.94
CA ALA WA 81 0.87 -94.05 58.21
C ALA WA 81 0.49 -93.29 56.94
N ILE WA 82 1.12 -93.60 55.82
CA ILE WA 82 0.80 -92.91 54.56
C ILE WA 82 -0.53 -93.44 54.04
N PRO WA 83 -1.46 -92.59 53.62
CA PRO WA 83 -2.72 -93.06 53.05
C PRO WA 83 -2.51 -93.79 51.73
N THR WA 84 -3.49 -94.64 51.40
CA THR WA 84 -3.38 -95.49 50.23
C THR WA 84 -3.57 -94.74 48.92
N ALA WA 85 -4.07 -93.50 48.97
CA ALA WA 85 -4.03 -92.65 47.79
C ALA WA 85 -2.67 -91.99 47.62
N GLY WA 86 -1.83 -92.02 48.66
CA GLY WA 86 -0.49 -91.51 48.57
C GLY WA 86 0.51 -92.58 48.17
N LEU WA 87 0.32 -93.80 48.68
CA LEU WA 87 1.10 -94.92 48.20
C LEU WA 87 0.79 -95.27 46.75
N ALA WA 88 -0.40 -94.93 46.27
CA ALA WA 88 -0.67 -95.06 44.85
C ALA WA 88 0.12 -94.03 44.03
N GLN WA 89 0.41 -92.87 44.62
CA GLN WA 89 1.21 -91.87 43.92
C GLN WA 89 2.68 -92.23 43.91
N ILE WA 90 3.17 -92.84 44.99
CA ILE WA 90 4.56 -93.30 45.03
C ILE WA 90 4.79 -94.44 44.04
N LEU WA 91 3.84 -95.38 43.98
CA LEU WA 91 4.03 -96.51 43.07
C LEU WA 91 3.82 -96.10 41.62
N ALA WA 92 3.16 -94.97 41.35
CA ALA WA 92 2.95 -94.56 39.97
C ALA WA 92 4.13 -93.79 39.41
N PHE WA 93 4.70 -92.88 40.21
CA PHE WA 93 5.86 -92.13 39.75
C PHE WA 93 7.09 -93.03 39.68
N PHE WA 94 7.23 -93.96 40.62
CA PHE WA 94 8.36 -94.87 40.59
C PHE WA 94 8.11 -96.10 39.73
N ALA WA 95 6.93 -96.23 39.13
CA ALA WA 95 6.79 -97.15 38.02
C ALA WA 95 7.34 -96.54 36.74
N LEU WA 96 7.26 -95.23 36.62
CA LEU WA 96 7.82 -94.54 35.47
C LEU WA 96 9.33 -94.42 35.55
N VAL WA 97 9.89 -94.42 36.76
CA VAL WA 97 11.34 -94.46 36.91
C VAL WA 97 11.87 -95.85 36.64
N GLU WA 98 11.32 -96.85 37.31
CA GLU WA 98 11.88 -98.20 37.28
C GLU WA 98 11.64 -98.94 35.98
N LEU WA 99 10.77 -98.45 35.11
CA LEU WA 99 10.50 -99.11 33.84
C LEU WA 99 10.92 -98.30 32.63
N ALA WA 100 10.84 -96.97 32.70
CA ALA WA 100 11.00 -96.13 31.52
C ALA WA 100 12.21 -95.22 31.60
N TRP WA 101 12.36 -94.46 32.68
CA TRP WA 101 13.38 -93.42 32.72
C TRP WA 101 14.74 -94.00 33.09
N MET WA 102 14.81 -94.68 34.22
CA MET WA 102 15.99 -95.38 34.69
C MET WA 102 15.60 -96.83 34.89
N PRO WA 103 15.46 -97.60 33.80
CA PRO WA 103 14.85 -98.93 33.92
C PRO WA 103 15.78 -99.89 34.65
N ALA WA 104 15.20 -100.61 35.61
CA ALA WA 104 15.96 -101.57 36.40
C ALA WA 104 16.32 -102.83 35.62
N SER WA 105 15.71 -103.01 34.43
CA SER WA 105 16.14 -104.08 33.54
C SER WA 105 17.52 -103.81 32.95
N LYS WA 106 17.93 -102.55 32.90
CA LYS WA 106 19.27 -102.18 32.45
C LYS WA 106 20.26 -102.54 33.55
N TYR WA 107 20.97 -103.65 33.36
CA TYR WA 107 21.90 -104.15 34.37
C TYR WA 107 23.23 -103.41 34.40
N ASP WA 108 23.42 -102.45 33.51
CA ASP WA 108 24.69 -101.74 33.43
C ASP WA 108 24.89 -100.83 34.63
N GLY WA 109 23.83 -100.26 35.17
CA GLY WA 109 23.89 -99.40 36.34
C GLY WA 109 24.00 -97.92 36.03
N ASP WA 110 24.97 -97.55 35.17
CA ASP WA 110 25.05 -96.24 34.51
C ASP WA 110 23.69 -95.95 33.92
N TYR WA 111 23.08 -94.84 34.27
CA TYR WA 111 22.09 -94.22 33.42
C TYR WA 111 22.73 -92.97 32.81
N GLY WA 112 21.93 -92.09 32.22
CA GLY WA 112 22.47 -90.88 31.62
C GLY WA 112 23.16 -89.96 32.61
N VAL WA 113 22.76 -90.02 33.89
CA VAL WA 113 23.47 -89.26 34.92
C VAL WA 113 24.82 -89.94 35.20
N GLY WA 114 25.76 -89.15 35.68
CA GLY WA 114 27.06 -89.69 36.01
C GLY WA 114 27.24 -89.69 37.50
N TYR WA 115 28.44 -89.38 37.96
CA TYR WA 115 28.68 -89.13 39.37
C TYR WA 115 28.62 -87.62 39.56
N PHE WA 116 27.49 -87.16 40.12
CA PHE WA 116 27.10 -85.74 40.13
C PHE WA 116 27.14 -85.15 38.72
N GLY WA 117 26.55 -85.88 37.78
CA GLY WA 117 26.48 -85.47 36.39
C GLY WA 117 27.78 -85.57 35.62
N THR WA 118 28.82 -86.08 36.24
CA THR WA 118 30.17 -86.06 35.69
C THR WA 118 30.57 -87.48 35.30
N ASP WA 119 30.94 -87.66 34.03
CA ASP WA 119 31.65 -88.88 33.70
C ASP WA 119 33.06 -88.81 34.26
N ILE WA 120 33.54 -89.93 34.75
CA ILE WA 120 34.87 -90.01 35.32
C ILE WA 120 35.77 -90.62 34.26
N LYS WA 121 36.67 -89.80 33.71
CA LYS WA 121 37.50 -90.22 32.59
C LYS WA 121 38.61 -91.17 33.01
N ASP WA 122 39.20 -90.96 34.18
CA ASP WA 122 40.29 -91.81 34.64
C ASP WA 122 39.76 -93.17 35.05
N PRO WA 123 40.25 -94.26 34.45
CA PRO WA 123 39.71 -95.59 34.81
C PRO WA 123 40.13 -96.09 36.18
N GLU WA 124 41.21 -95.58 36.81
CA GLU WA 124 41.41 -96.01 38.19
C GLU WA 124 40.60 -95.19 39.18
N GLU WA 125 40.29 -93.92 38.84
CA GLU WA 125 39.30 -93.11 39.57
C GLU WA 125 37.91 -93.70 39.51
N LYS WA 126 37.43 -94.02 38.31
CA LYS WA 126 36.05 -94.46 38.14
C LYS WA 126 35.80 -95.80 38.80
N ALA WA 127 36.74 -96.74 38.68
CA ALA WA 127 36.62 -98.02 39.35
C ALA WA 127 36.73 -97.87 40.86
N ARG WA 128 37.45 -96.85 41.34
CA ARG WA 128 37.51 -96.60 42.77
C ARG WA 128 36.17 -96.11 43.29
N LYS WA 129 35.55 -95.16 42.57
CA LYS WA 129 34.24 -94.67 42.97
C LYS WA 129 33.16 -95.74 42.81
N LEU WA 130 33.32 -96.64 41.83
CA LEU WA 130 32.41 -97.76 41.71
C LEU WA 130 32.53 -98.71 42.90
N ASN WA 131 33.74 -98.84 43.45
CA ASN WA 131 33.94 -99.67 44.63
C ASN WA 131 33.33 -99.04 45.86
N VAL WA 132 33.32 -97.71 45.94
CA VAL WA 132 32.76 -97.04 47.10
C VAL WA 132 31.24 -97.16 47.12
N GLU WA 133 30.61 -97.05 45.95
CA GLU WA 133 29.15 -97.20 45.85
C GLU WA 133 28.71 -98.59 46.27
N LEU WA 134 29.50 -99.61 45.93
CA LEU WA 134 29.17 -100.96 46.36
C LEU WA 134 29.43 -101.13 47.84
N ASN WA 135 30.55 -100.63 48.34
CA ASN WA 135 30.90 -100.82 49.75
C ASN WA 135 29.99 -100.03 50.67
N ASN WA 136 29.72 -98.77 50.34
CA ASN WA 136 28.74 -98.01 51.11
C ASN WA 136 27.32 -98.53 50.89
N GLY WA 137 27.07 -99.23 49.78
CA GLY WA 137 25.81 -99.93 49.65
C GLY WA 137 25.75 -101.17 50.50
N ARG WA 138 26.89 -101.85 50.67
CA ARG WA 138 26.92 -103.05 51.50
C ARG WA 138 26.82 -102.68 52.98
N ALA WA 139 27.48 -101.60 53.38
CA ALA WA 139 27.44 -101.18 54.78
C ALA WA 139 26.08 -100.65 55.17
N ALA WA 140 25.34 -100.06 54.22
CA ALA WA 140 24.02 -99.55 54.49
C ALA WA 140 22.94 -100.63 54.39
N MET WA 141 23.20 -101.72 53.68
CA MET WA 141 22.23 -102.80 53.61
C MET WA 141 22.12 -103.51 54.96
N MET WA 142 23.26 -103.89 55.52
CA MET WA 142 23.32 -104.39 56.88
C MET WA 142 23.02 -103.30 57.89
N GLY WA 143 23.27 -102.04 57.53
CA GLY WA 143 22.96 -100.95 58.44
C GLY WA 143 21.48 -100.66 58.56
N ILE WA 144 20.74 -100.78 57.45
CA ILE WA 144 19.33 -100.40 57.52
C ILE WA 144 18.51 -101.48 58.23
N MET WA 145 18.93 -102.73 58.18
CA MET WA 145 18.26 -103.75 58.98
C MET WA 145 18.92 -104.02 60.29
N GLY WA 146 20.05 -103.40 60.56
CA GLY WA 146 20.33 -103.21 61.96
C GLY WA 146 19.46 -102.19 62.64
N ASN WA 147 18.79 -101.34 61.87
CA ASN WA 147 17.92 -100.31 62.42
C ASN WA 147 16.47 -100.76 62.45
N MET WA 148 16.07 -101.71 61.60
CA MET WA 148 14.70 -102.21 61.67
C MET WA 148 14.55 -103.31 62.72
N VAL WA 149 15.59 -104.11 62.96
CA VAL WA 149 15.53 -105.05 64.09
C VAL WA 149 15.87 -104.38 65.40
N ALA WA 150 16.30 -103.12 65.38
CA ALA WA 150 16.43 -102.35 66.60
C ALA WA 150 15.12 -101.69 66.99
N GLU WA 151 14.05 -101.94 66.24
CA GLU WA 151 12.74 -101.38 66.55
C GLU WA 151 11.67 -102.46 66.61
N VAL WA 152 11.75 -103.49 65.75
CA VAL WA 152 10.80 -104.58 65.87
C VAL WA 152 11.14 -105.55 66.98
N LEU WA 153 12.29 -105.38 67.63
CA LEU WA 153 12.64 -106.13 68.83
C LEU WA 153 12.50 -105.31 70.09
N THR WA 154 12.57 -103.99 70.00
CA THR WA 154 12.37 -103.15 71.18
C THR WA 154 11.01 -102.50 71.22
N GLY WA 155 10.44 -102.15 70.08
CA GLY WA 155 9.23 -101.36 70.09
C GLY WA 155 9.48 -99.91 70.42
N GLN WA 156 10.46 -99.30 69.78
CA GLN WA 156 10.96 -97.99 70.17
C GLN WA 156 11.74 -97.42 69.01
N THR WA 157 11.37 -96.21 68.57
CA THR WA 157 12.05 -95.60 67.44
C THR WA 157 13.44 -95.11 67.82
N MET WA 158 14.20 -94.70 66.82
CA MET WA 158 15.61 -94.42 67.00
C MET WA 158 15.85 -93.10 67.74
N TYR WA 159 14.83 -92.25 67.83
CA TYR WA 159 14.98 -91.02 68.60
C TYR WA 159 15.05 -91.32 70.09
N GLU WA 160 13.99 -91.91 70.65
CA GLU WA 160 13.97 -92.19 72.08
C GLU WA 160 14.67 -93.49 72.44
N GLN WA 161 15.23 -94.21 71.46
CA GLN WA 161 16.26 -95.19 71.78
C GLN WA 161 17.52 -94.50 72.28
N TYR WA 162 17.73 -93.25 71.88
CA TYR WA 162 18.88 -92.46 72.30
C TYR WA 162 18.55 -91.53 73.46
N ALA WA 163 17.29 -91.13 73.61
CA ALA WA 163 16.90 -90.25 74.71
C ALA WA 163 16.90 -91.00 76.02
N SER WA 164 16.28 -92.18 76.05
CA SER WA 164 16.19 -92.99 77.25
C SER WA 164 17.47 -93.76 77.56
N GLY WA 165 18.50 -93.63 76.74
CA GLY WA 165 19.73 -94.36 76.95
C GLY WA 165 19.60 -95.86 76.78
N HIS WA 166 18.65 -96.30 75.96
CA HIS WA 166 18.31 -97.71 75.84
C HIS WA 166 19.17 -98.45 74.83
N ILE WA 167 20.36 -97.94 74.53
CA ILE WA 167 21.29 -98.61 73.63
C ILE WA 167 22.19 -99.56 74.40
N SER WA 168 21.94 -99.72 75.69
CA SER WA 168 22.65 -100.73 76.46
C SER WA 168 22.17 -102.12 76.06
N PRO WA 169 23.07 -103.03 75.65
CA PRO WA 169 22.61 -104.38 75.31
C PRO WA 169 22.35 -105.23 76.55
N SER XA 1 58.58 -87.70 42.46
CA SER XA 1 58.42 -86.26 42.55
C SER XA 1 58.04 -85.80 43.96
N GLU XA 2 58.93 -86.02 44.92
CA GLU XA 2 58.67 -85.63 46.30
C GLU XA 2 59.79 -84.79 46.90
N ILE XA 3 60.96 -84.76 46.29
CA ILE XA 3 62.04 -83.94 46.82
C ILE XA 3 61.92 -82.49 46.40
N GLU XA 4 61.01 -82.16 45.49
CA GLU XA 4 60.77 -80.76 45.14
C GLU XA 4 59.40 -80.28 45.55
N LEU XA 5 58.73 -80.99 46.46
CA LEU XA 5 57.37 -80.63 46.82
C LEU XA 5 57.29 -79.63 47.96
N GLY XA 6 58.36 -79.41 48.70
CA GLY XA 6 58.36 -78.38 49.71
C GLY XA 6 59.12 -77.15 49.30
N VAL XA 7 59.69 -77.16 48.11
CA VAL XA 7 60.48 -76.04 47.61
C VAL XA 7 59.57 -74.97 47.04
N THR XA 8 59.64 -73.77 47.59
CA THR XA 8 58.76 -72.68 47.20
C THR XA 8 59.66 -71.45 47.10
N GLU XA 9 59.08 -70.26 47.11
CA GLU XA 9 59.79 -68.99 47.16
C GLU XA 9 60.32 -68.69 48.57
N PRO XA 10 60.66 -67.45 48.89
CA PRO XA 10 62.07 -67.06 49.12
C PRO XA 10 63.05 -68.08 49.66
N LEU XA 11 62.64 -68.98 50.56
CA LEU XA 11 63.61 -69.91 51.16
C LEU XA 11 64.14 -70.91 50.14
N GLY XA 12 63.31 -71.36 49.21
CA GLY XA 12 63.77 -72.38 48.29
C GLY XA 12 63.85 -73.70 49.01
N VAL XA 13 64.98 -74.40 48.86
CA VAL XA 13 65.28 -75.56 49.68
C VAL XA 13 65.84 -75.07 51.00
N TYR XA 14 65.22 -75.48 52.10
CA TYR XA 14 65.63 -75.03 53.42
C TYR XA 14 66.00 -76.24 54.25
N ASP XA 15 67.27 -76.33 54.62
CA ASP XA 15 67.76 -77.41 55.46
C ASP XA 15 68.97 -76.95 56.26
N PRO XA 16 68.75 -76.34 57.42
CA PRO XA 16 69.89 -75.91 58.24
C PRO XA 16 70.60 -77.07 58.90
N LEU XA 17 69.93 -78.20 59.12
CA LEU XA 17 70.72 -79.32 59.60
C LEU XA 17 71.39 -80.07 58.46
N GLY XA 18 70.98 -79.82 57.22
CA GLY XA 18 71.59 -80.49 56.10
C GLY XA 18 71.20 -81.94 55.97
N TRP XA 19 70.02 -82.32 56.45
CA TRP XA 19 69.62 -83.72 56.46
C TRP XA 19 69.25 -84.26 55.08
N LEU XA 20 69.13 -83.40 54.06
CA LEU XA 20 68.75 -83.89 52.74
C LEU XA 20 69.88 -84.63 52.03
N GLU XA 21 71.14 -84.41 52.37
CA GLU XA 21 72.15 -85.39 51.99
C GLU XA 21 73.01 -85.83 53.15
N SER XA 22 72.55 -85.60 54.38
CA SER XA 22 72.99 -86.38 55.52
C SER XA 22 72.20 -87.67 55.63
N GLU XA 23 70.89 -87.60 55.41
CA GLU XA 23 70.01 -88.77 55.31
C GLU XA 23 69.13 -88.63 54.07
N PRO XA 24 69.61 -89.06 52.90
CA PRO XA 24 68.70 -89.15 51.74
C PRO XA 24 67.82 -90.38 51.77
N GLU XA 25 68.07 -91.28 52.74
CA GLU XA 25 67.36 -92.53 52.94
C GLU XA 25 66.06 -92.38 53.73
N ALA XA 26 65.99 -91.41 54.63
CA ALA XA 26 64.86 -91.27 55.54
C ALA XA 26 63.94 -90.13 55.15
N PHE XA 27 64.05 -89.63 53.92
CA PHE XA 27 63.23 -88.51 53.50
C PHE XA 27 61.78 -88.91 53.28
N GLU XA 28 61.56 -90.12 52.75
CA GLU XA 28 60.22 -90.62 52.46
C GLU XA 28 59.34 -90.72 53.70
N ARG XA 29 59.90 -91.13 54.83
CA ARG XA 29 59.14 -91.07 56.07
C ARG XA 29 59.03 -89.63 56.57
N ARG XA 30 60.14 -88.90 56.55
CA ARG XA 30 60.18 -87.55 57.13
C ARG XA 30 59.30 -86.58 56.36
N ARG XA 31 59.10 -86.82 55.06
CA ARG XA 31 58.08 -86.05 54.35
C ARG XA 31 56.68 -86.46 54.78
N ALA XA 32 56.46 -87.76 54.94
CA ALA XA 32 55.15 -88.27 55.34
C ALA XA 32 54.77 -87.89 56.75
N VAL XA 33 55.75 -87.58 57.59
CA VAL XA 33 55.44 -87.10 58.94
C VAL XA 33 55.13 -85.61 58.90
N GLU XA 34 55.88 -84.85 58.09
CA GLU XA 34 55.62 -83.42 57.92
C GLU XA 34 54.25 -83.17 57.29
N ARG XA 35 53.87 -84.03 56.34
CA ARG XA 35 52.54 -83.91 55.74
C ARG XA 35 51.46 -84.29 56.74
N LYS XA 36 51.72 -85.30 57.56
CA LYS XA 36 50.74 -85.73 58.56
C LYS XA 36 50.65 -84.73 59.70
N HIS XA 37 51.79 -84.19 60.15
CA HIS XA 37 51.75 -83.15 61.15
C HIS XA 37 51.14 -81.87 60.60
N GLY XA 38 51.27 -81.64 59.29
CA GLY XA 38 50.62 -80.49 58.69
C GLY XA 38 49.12 -80.65 58.61
N ARG XA 39 48.65 -81.86 58.25
CA ARG XA 39 47.22 -82.11 58.14
C ARG XA 39 46.54 -82.11 59.50
N VAL XA 40 47.24 -82.58 60.54
CA VAL XA 40 46.67 -82.56 61.88
C VAL XA 40 46.61 -81.12 62.42
N ALA XA 41 47.67 -80.36 62.19
CA ALA XA 41 47.69 -78.98 62.69
C ALA XA 41 46.75 -78.07 61.91
N MET XA 42 46.52 -78.36 60.62
CA MET XA 42 45.60 -77.53 59.85
C MET XA 42 44.17 -77.72 60.30
N ALA XA 43 43.81 -78.94 60.70
CA ALA XA 43 42.49 -79.17 61.29
C ALA XA 43 42.43 -78.77 62.75
N ALA XA 44 43.52 -78.25 63.31
CA ALA XA 44 43.56 -77.83 64.70
C ALA XA 44 43.41 -76.33 64.87
N VAL XA 45 44.07 -75.55 64.01
CA VAL XA 45 43.90 -74.10 64.05
C VAL XA 45 42.50 -73.73 63.60
N VAL XA 46 41.93 -74.51 62.68
CA VAL XA 46 40.53 -74.34 62.33
C VAL XA 46 39.65 -74.75 63.50
N GLY XA 47 40.09 -75.73 64.29
CA GLY XA 47 39.36 -76.10 65.49
C GLY XA 47 39.34 -75.02 66.55
N THR XA 48 40.47 -74.36 66.77
CA THR XA 48 40.53 -73.28 67.75
C THR XA 48 39.71 -72.07 67.31
N ILE XA 49 39.53 -71.89 66.01
CA ILE XA 49 38.70 -70.80 65.52
C ILE XA 49 37.22 -71.12 65.73
N VAL XA 50 36.83 -72.37 65.48
CA VAL XA 50 35.43 -72.76 65.66
C VAL XA 50 35.05 -72.77 67.13
N HIS XA 51 35.96 -73.22 68.00
CA HIS XA 51 35.64 -73.30 69.42
C HIS XA 51 35.58 -71.91 70.05
N ASN XA 52 36.49 -71.02 69.68
CA ASN XA 52 36.47 -69.69 70.26
C ASN XA 52 35.44 -68.76 69.64
N ASN XA 53 34.75 -69.19 68.59
CA ASN XA 53 33.63 -68.45 68.06
C ASN XA 53 32.30 -68.99 68.57
N HIS XA 54 32.36 -69.90 69.56
CA HIS XA 54 31.20 -70.45 70.26
C HIS XA 54 30.22 -71.15 69.33
N ILE XA 55 30.74 -71.80 68.31
CA ILE XA 55 29.94 -72.67 67.45
C ILE XA 55 29.88 -74.03 68.16
N VAL XA 56 28.77 -74.29 68.84
CA VAL XA 56 28.61 -75.53 69.58
C VAL XA 56 27.51 -76.35 68.92
N PHE XA 57 27.33 -77.57 69.42
CA PHE XA 57 26.45 -78.55 68.79
C PHE XA 57 25.07 -78.62 69.40
N ASP XA 58 24.63 -77.57 70.12
CA ASP XA 58 23.35 -77.37 70.82
C ASP XA 58 22.68 -78.61 71.42
N GLY XA 59 23.43 -79.37 72.21
CA GLY XA 59 22.87 -80.50 72.91
C GLY XA 59 23.80 -80.97 74.01
N TYR XA 60 23.63 -82.21 74.43
CA TYR XA 60 24.45 -82.81 75.49
C TYR XA 60 25.51 -83.71 74.85
N LEU XA 61 26.78 -83.44 75.15
CA LEU XA 61 27.83 -84.39 74.79
C LEU XA 61 27.73 -85.64 75.64
N SER XA 62 27.67 -85.47 76.96
CA SER XA 62 27.49 -86.60 77.87
C SER XA 62 26.34 -86.30 78.80
N PRO XA 63 25.12 -86.76 78.47
CA PRO XA 63 24.02 -86.66 79.45
C PRO XA 63 24.23 -87.56 80.66
N SER XA 64 25.04 -88.61 80.54
CA SER XA 64 25.45 -89.39 81.69
C SER XA 64 26.32 -88.57 82.64
N ASN XA 65 27.25 -87.79 82.09
CA ASN XA 65 28.05 -86.88 82.89
C ASN XA 65 27.41 -85.52 83.03
N ASN XA 66 26.19 -85.37 82.49
CA ASN XA 66 25.31 -84.22 82.65
C ASN XA 66 25.96 -82.99 82.00
N LEU XA 67 26.69 -83.26 80.91
CA LEU XA 67 27.68 -82.38 80.33
C LEU XA 67 27.22 -82.01 78.92
N LYS XA 68 26.95 -80.73 78.70
CA LYS XA 68 26.57 -80.28 77.37
C LYS XA 68 27.75 -79.65 76.66
N PHE XA 69 27.58 -79.42 75.35
CA PHE XA 69 28.68 -79.01 74.48
C PHE XA 69 29.19 -77.62 74.83
N SER XA 70 28.31 -76.77 75.35
CA SER XA 70 28.70 -75.42 75.73
C SER XA 70 29.41 -75.37 77.08
N ASP XA 71 29.46 -76.48 77.82
CA ASP XA 71 30.16 -76.51 79.10
C ASP XA 71 31.64 -76.81 78.95
N ILE XA 72 32.05 -77.37 77.81
CA ILE XA 72 33.46 -77.68 77.57
C ILE XA 72 34.22 -76.38 77.35
N PRO XA 73 35.42 -76.22 77.93
CA PRO XA 73 36.22 -75.04 77.64
C PRO XA 73 36.69 -75.02 76.19
N THR XA 74 36.83 -73.81 75.66
CA THR XA 74 37.22 -73.60 74.28
C THR XA 74 38.72 -73.37 74.12
N GLY XA 75 39.50 -73.80 75.10
CA GLY XA 75 40.93 -73.61 75.04
C GLY XA 75 41.70 -74.91 74.96
N VAL XA 76 42.85 -74.97 75.63
CA VAL XA 76 43.65 -76.18 75.60
C VAL XA 76 43.06 -77.27 76.47
N ASP XA 77 42.18 -76.92 77.41
CA ASP XA 77 41.62 -77.89 78.34
C ASP XA 77 40.28 -78.42 77.88
N GLY XA 78 40.00 -78.36 76.57
CA GLY XA 78 38.75 -78.88 76.07
C GLY XA 78 38.78 -80.39 75.86
N ILE XA 79 39.96 -80.93 75.58
CA ILE XA 79 40.11 -82.36 75.42
C ILE XA 79 40.02 -83.08 76.76
N ARG XA 80 40.34 -82.38 77.86
CA ARG XA 80 40.26 -82.98 79.18
C ARG XA 80 38.85 -82.97 79.73
N ALA XA 81 37.99 -82.10 79.22
CA ALA XA 81 36.60 -82.07 79.66
C ALA XA 81 35.78 -83.22 79.10
N ILE XA 82 36.25 -83.86 78.03
CA ILE XA 82 35.57 -85.02 77.47
C ILE XA 82 35.74 -86.20 78.43
N PRO XA 83 34.68 -86.95 78.74
CA PRO XA 83 34.86 -88.15 79.57
C PRO XA 83 35.64 -89.23 78.82
N THR XA 84 36.31 -90.06 79.61
CA THR XA 84 37.19 -91.08 79.04
C THR XA 84 36.43 -92.19 78.32
N ALA XA 85 35.14 -92.37 78.63
CA ALA XA 85 34.33 -93.30 77.86
C ALA XA 85 34.01 -92.74 76.48
N GLY XA 86 34.04 -91.43 76.34
CA GLY XA 86 33.82 -90.81 75.05
C GLY XA 86 35.10 -90.62 74.26
N LEU XA 87 36.20 -90.29 74.92
CA LEU XA 87 37.41 -90.19 74.13
C LEU XA 87 37.98 -91.56 73.76
N ALA XA 88 37.60 -92.63 74.47
CA ALA XA 88 37.89 -93.98 73.98
C ALA XA 88 37.16 -94.25 72.68
N GLN XA 89 36.01 -93.62 72.46
CA GLN XA 89 35.28 -93.81 71.22
C GLN XA 89 35.97 -93.15 70.04
N ILE XA 90 36.84 -92.17 70.26
CA ILE XA 90 37.45 -91.53 69.09
C ILE XA 90 38.79 -92.19 68.75
N LEU XA 91 39.50 -92.72 69.75
CA LEU XA 91 40.68 -93.49 69.43
C LEU XA 91 40.34 -94.91 68.96
N ALA XA 92 39.10 -95.35 69.18
CA ALA XA 92 38.67 -96.61 68.57
C ALA XA 92 38.34 -96.42 67.11
N PHE XA 93 37.86 -95.25 66.72
CA PHE XA 93 37.48 -94.98 65.34
C PHE XA 93 38.67 -94.50 64.51
N PHE XA 94 39.57 -93.71 65.09
CA PHE XA 94 40.75 -93.31 64.36
C PHE XA 94 41.82 -94.39 64.32
N ALA XA 95 41.68 -95.43 65.13
CA ALA XA 95 42.45 -96.64 64.87
C ALA XA 95 42.00 -97.28 63.58
N LEU XA 96 40.71 -97.21 63.27
CA LEU XA 96 40.20 -97.75 62.01
C LEU XA 96 40.66 -96.90 60.83
N VAL XA 97 40.89 -95.60 61.00
CA VAL XA 97 41.32 -94.82 59.84
C VAL XA 97 42.84 -94.86 59.71
N GLU XA 98 43.58 -94.81 60.83
CA GLU XA 98 45.02 -94.67 60.71
C GLU XA 98 45.72 -95.98 60.47
N LEU XA 99 45.02 -97.10 60.62
CA LEU XA 99 45.58 -98.41 60.32
C LEU XA 99 44.93 -99.08 59.12
N ALA XA 100 43.66 -98.84 58.88
CA ALA XA 100 42.92 -99.59 57.89
C ALA XA 100 42.42 -98.74 56.74
N TRP XA 101 41.72 -97.63 57.03
CA TRP XA 101 41.08 -96.88 55.97
C TRP XA 101 42.07 -96.01 55.20
N MET XA 102 42.72 -95.04 55.86
CA MET XA 102 43.87 -94.39 55.25
C MET XA 102 45.07 -94.69 56.12
N PRO XA 103 45.77 -95.78 55.90
CA PRO XA 103 46.87 -96.19 56.78
C PRO XA 103 48.02 -95.21 56.73
N ALA XA 104 48.49 -94.80 57.89
CA ALA XA 104 49.66 -93.93 57.97
C ALA XA 104 50.95 -94.67 57.67
N SER XA 105 50.87 -96.00 57.52
CA SER XA 105 51.91 -96.78 56.86
C SER XA 105 52.23 -96.24 55.47
N LYS XA 106 51.22 -95.78 54.75
CA LYS XA 106 51.37 -95.27 53.39
C LYS XA 106 52.10 -93.94 53.42
N TYR XA 107 53.38 -93.96 53.05
CA TYR XA 107 54.21 -92.78 53.16
C TYR XA 107 53.99 -91.79 52.02
N ASP XA 108 53.11 -92.10 51.07
CA ASP XA 108 52.81 -91.16 50.00
C ASP XA 108 51.96 -90.00 50.51
N GLY XA 109 51.12 -90.26 51.50
CA GLY XA 109 50.04 -89.35 51.82
C GLY XA 109 48.88 -89.44 50.86
N ASP XA 110 48.92 -90.37 49.92
CA ASP XA 110 47.98 -90.45 48.81
C ASP XA 110 47.01 -91.58 49.07
N TYR XA 111 45.73 -91.23 49.10
CA TYR XA 111 44.69 -92.24 49.27
C TYR XA 111 43.67 -92.08 48.17
N GLY XA 112 42.52 -92.75 48.29
CA GLY XA 112 41.53 -92.75 47.22
C GLY XA 112 40.93 -91.40 46.93
N VAL XA 113 40.88 -90.52 47.92
CA VAL XA 113 40.41 -89.17 47.71
C VAL XA 113 41.51 -88.34 47.08
N GLY XA 114 41.12 -87.34 46.30
CA GLY XA 114 42.07 -86.42 45.75
C GLY XA 114 41.90 -85.06 46.37
N TYR XA 115 41.99 -84.01 45.55
CA TYR XA 115 41.72 -82.66 46.01
C TYR XA 115 40.26 -82.39 45.67
N PHE XA 116 39.40 -82.49 46.68
CA PHE XA 116 37.95 -82.48 46.54
C PHE XA 116 37.50 -83.51 45.51
N GLY XA 117 38.00 -84.73 45.67
CA GLY XA 117 37.62 -85.84 44.85
C GLY XA 117 38.19 -85.85 43.46
N THR XA 118 39.00 -84.88 43.07
CA THR XA 118 39.51 -84.82 41.71
C THR XA 118 41.00 -85.10 41.69
N ASP XA 119 41.45 -85.80 40.66
CA ASP XA 119 42.87 -86.00 40.41
C ASP XA 119 43.35 -84.89 39.48
N ILE XA 120 44.38 -84.18 39.89
CA ILE XA 120 44.89 -83.05 39.13
C ILE XA 120 45.92 -83.56 38.14
N LYS XA 121 45.63 -83.44 36.86
CA LYS XA 121 46.51 -84.06 35.89
C LYS XA 121 47.51 -83.12 35.25
N ASP XA 122 47.37 -81.82 35.45
CA ASP XA 122 48.45 -80.93 35.05
C ASP XA 122 49.52 -80.92 36.14
N PRO XA 123 50.79 -81.18 35.81
CA PRO XA 123 51.77 -81.48 36.84
C PRO XA 123 52.25 -80.30 37.67
N GLU XA 124 52.36 -79.03 37.22
CA GLU XA 124 52.46 -78.03 38.28
C GLU XA 124 51.15 -77.48 38.78
N GLU XA 125 50.02 -77.68 38.12
CA GLU XA 125 48.80 -77.59 38.93
C GLU XA 125 48.91 -78.42 40.19
N LYS XA 126 49.26 -79.69 40.03
CA LYS XA 126 49.25 -80.62 41.15
C LYS XA 126 50.36 -80.31 42.13
N ALA XA 127 51.54 -79.96 41.62
CA ALA XA 127 52.63 -79.56 42.49
C ALA XA 127 52.40 -78.22 43.15
N ARG XA 128 51.55 -77.36 42.57
CA ARG XA 128 51.20 -76.11 43.27
C ARG XA 128 50.33 -76.40 44.46
N LYS XA 129 49.36 -77.31 44.31
CA LYS XA 129 48.49 -77.64 45.44
C LYS XA 129 49.20 -78.48 46.48
N LEU XA 130 50.13 -79.33 46.06
CA LEU XA 130 50.92 -80.10 47.02
C LEU XA 130 51.85 -79.20 47.81
N ASN XA 131 52.37 -78.14 47.18
CA ASN XA 131 53.15 -77.16 47.90
C ASN XA 131 52.28 -76.38 48.87
N VAL XA 132 51.02 -76.14 48.51
CA VAL XA 132 50.14 -75.36 49.37
C VAL XA 132 49.77 -76.15 50.61
N GLU XA 133 49.49 -77.45 50.45
CA GLU XA 133 49.18 -78.32 51.57
C GLU XA 133 50.34 -78.42 52.55
N LEU XA 134 51.56 -78.44 52.03
CA LEU XA 134 52.73 -78.42 52.91
C LEU XA 134 52.91 -77.06 53.57
N ASN XA 135 52.77 -75.99 52.80
CA ASN XA 135 53.03 -74.66 53.34
C ASN XA 135 51.95 -74.23 54.32
N ASN XA 136 50.69 -74.48 53.99
CA ASN XA 136 49.64 -74.23 54.96
C ASN XA 136 49.69 -75.22 56.11
N GLY XA 137 50.26 -76.41 55.89
CA GLY XA 137 50.49 -77.32 56.98
C GLY XA 137 51.62 -76.87 57.88
N ARG XA 138 52.66 -76.30 57.30
CA ARG XA 138 53.77 -75.79 58.10
C ARG XA 138 53.36 -74.55 58.88
N ALA XA 139 52.56 -73.67 58.27
CA ALA XA 139 52.13 -72.47 58.95
C ALA XA 139 51.12 -72.77 60.04
N ALA XA 140 50.38 -73.87 59.92
CA ALA XA 140 49.46 -74.26 60.96
C ALA XA 140 50.14 -74.98 62.11
N MET XA 141 51.30 -75.59 61.87
CA MET XA 141 52.08 -76.17 62.96
C MET XA 141 52.63 -75.08 63.86
N MET XA 142 53.20 -74.03 63.27
CA MET XA 142 53.62 -72.87 64.03
C MET XA 142 52.44 -72.06 64.53
N GLY XA 143 51.24 -72.27 63.96
CA GLY XA 143 50.07 -71.56 64.42
C GLY XA 143 49.42 -72.22 65.61
N ILE XA 144 49.41 -73.56 65.62
CA ILE XA 144 48.83 -74.27 66.74
C ILE XA 144 49.78 -74.31 67.94
N MET XA 145 51.09 -74.10 67.75
CA MET XA 145 51.91 -73.93 68.94
C MET XA 145 51.79 -72.54 69.51
N GLY XA 146 51.78 -71.54 68.63
CA GLY XA 146 51.59 -70.18 69.09
C GLY XA 146 50.24 -69.90 69.70
N ASN XA 147 49.25 -70.77 69.47
CA ASN XA 147 47.99 -70.63 70.17
C ASN XA 147 48.07 -71.24 71.56
N MET XA 148 48.71 -72.42 71.68
CA MET XA 148 48.72 -73.14 72.93
C MET XA 148 49.73 -72.56 73.91
N VAL XA 149 50.85 -72.05 73.40
CA VAL XA 149 51.83 -71.37 74.24
C VAL XA 149 51.28 -70.06 74.76
N ALA XA 150 50.67 -69.25 73.88
CA ALA XA 150 50.16 -67.96 74.34
C ALA XA 150 48.91 -68.08 75.18
N GLU XA 151 48.23 -69.23 75.16
CA GLU XA 151 47.12 -69.44 76.08
C GLU XA 151 47.63 -69.65 77.51
N VAL XA 152 48.59 -70.56 77.68
CA VAL XA 152 49.06 -70.89 79.02
C VAL XA 152 49.96 -69.82 79.60
N LEU XA 153 50.49 -68.91 78.79
CA LEU XA 153 51.27 -67.82 79.35
C LEU XA 153 50.40 -66.63 79.71
N THR XA 154 49.11 -66.70 79.42
CA THR XA 154 48.13 -65.73 79.92
C THR XA 154 47.01 -66.38 80.71
N GLY XA 155 46.83 -67.70 80.64
CA GLY XA 155 45.78 -68.38 81.37
C GLY XA 155 44.40 -68.29 80.77
N GLN XA 156 44.17 -67.32 79.89
CA GLN XA 156 42.89 -67.14 79.22
C GLN XA 156 42.88 -67.92 77.92
N THR XA 157 41.67 -68.29 77.46
CA THR XA 157 41.60 -68.85 76.12
C THR XA 157 41.64 -67.71 75.10
N MET XA 158 41.50 -68.06 73.82
CA MET XA 158 41.59 -67.06 72.77
C MET XA 158 40.38 -66.14 72.76
N TYR XA 159 39.21 -66.64 73.14
CA TYR XA 159 38.03 -65.78 73.25
C TYR XA 159 38.18 -64.78 74.38
N GLU XA 160 38.70 -65.25 75.51
CA GLU XA 160 38.89 -64.47 76.73
C GLU XA 160 39.96 -63.41 76.54
N GLN XA 161 41.03 -63.75 75.82
CA GLN XA 161 42.16 -62.86 75.64
C GLN XA 161 41.84 -61.72 74.70
N TYR XA 162 41.13 -62.02 73.62
CA TYR XA 162 40.73 -60.99 72.67
C TYR XA 162 39.67 -60.06 73.24
N ALA XA 163 38.82 -60.59 74.13
CA ALA XA 163 37.80 -59.76 74.75
C ALA XA 163 38.41 -58.79 75.76
N SER XA 164 39.50 -59.18 76.40
CA SER XA 164 40.18 -58.32 77.37
C SER XA 164 41.14 -57.35 76.72
N GLY XA 165 41.34 -57.42 75.42
CA GLY XA 165 42.33 -56.57 74.77
C GLY XA 165 43.75 -56.93 75.11
N HIS XA 166 44.04 -58.22 75.27
CA HIS XA 166 45.34 -58.69 75.71
C HIS XA 166 46.21 -59.12 74.54
N ILE XA 167 46.12 -58.40 73.43
CA ILE XA 167 46.87 -58.77 72.24
C ILE XA 167 48.32 -58.30 72.32
N SER XA 168 48.55 -57.07 72.79
CA SER XA 168 49.91 -56.53 72.78
C SER XA 168 50.73 -57.14 73.91
N PRO XA 169 52.01 -57.47 73.65
CA PRO XA 169 52.84 -58.13 74.68
C PRO XA 169 53.28 -57.18 75.79
N PHE XA 170 52.38 -57.01 76.75
CA PHE XA 170 52.67 -56.16 77.91
C PHE XA 170 53.51 -56.92 78.94
N GLY XA 171 52.97 -58.02 79.47
CA GLY XA 171 53.64 -58.77 80.52
C GLY XA 171 54.84 -59.57 80.06
N ASP XA 172 55.02 -59.75 78.76
CA ASP XA 172 56.14 -60.51 78.23
C ASP XA 172 56.99 -59.67 77.28
N SER YA 1 129.42 -29.76 75.18
CA SER YA 1 130.43 -30.07 76.18
C SER YA 1 130.10 -29.35 77.47
N GLU YA 2 131.02 -28.55 77.98
CA GLU YA 2 130.66 -27.79 79.15
C GLU YA 2 131.01 -26.31 78.97
N ILE YA 3 132.13 -26.01 78.30
CA ILE YA 3 132.54 -24.60 78.17
C ILE YA 3 131.59 -23.81 77.25
N GLU YA 4 130.82 -24.48 76.40
CA GLU YA 4 129.84 -23.81 75.55
C GLU YA 4 128.45 -23.78 76.19
N LEU YA 5 128.37 -23.64 77.51
CA LEU YA 5 127.07 -23.70 78.17
C LEU YA 5 126.53 -22.38 78.69
N GLY YA 6 127.33 -21.33 78.78
CA GLY YA 6 126.81 -20.06 79.25
C GLY YA 6 126.68 -19.05 78.13
N VAL YA 7 126.35 -19.51 76.93
CA VAL YA 7 126.42 -18.70 75.72
C VAL YA 7 125.07 -18.83 74.99
N THR YA 8 124.14 -17.90 75.26
CA THR YA 8 122.83 -18.23 74.73
C THR YA 8 122.52 -17.62 73.36
N GLU YA 9 121.91 -16.42 73.28
CA GLU YA 9 122.05 -15.55 72.11
C GLU YA 9 122.79 -14.22 72.30
N PRO YA 10 122.32 -13.30 73.22
CA PRO YA 10 122.55 -11.87 72.97
C PRO YA 10 123.96 -11.41 73.25
N LEU YA 11 124.53 -11.78 74.39
CA LEU YA 11 125.88 -11.31 74.63
C LEU YA 11 126.91 -12.42 74.47
N GLY YA 12 126.48 -13.66 74.26
CA GLY YA 12 127.38 -14.75 73.96
C GLY YA 12 128.29 -15.10 75.11
N VAL YA 13 129.54 -14.68 74.98
CA VAL YA 13 130.67 -15.12 75.80
C VAL YA 13 130.97 -13.96 76.73
N TYR YA 14 129.91 -13.34 77.25
CA TYR YA 14 130.00 -12.08 77.97
C TYR YA 14 130.83 -12.19 79.24
N ASP YA 15 131.85 -11.36 79.31
CA ASP YA 15 133.01 -11.55 80.15
C ASP YA 15 133.79 -10.25 80.21
N PRO YA 16 133.37 -9.23 81.00
CA PRO YA 16 134.22 -8.06 81.17
C PRO YA 16 135.19 -8.16 82.35
N LEU YA 17 135.84 -9.31 82.54
CA LEU YA 17 137.07 -9.33 83.31
C LEU YA 17 138.17 -10.15 82.67
N GLY YA 18 137.89 -10.84 81.57
CA GLY YA 18 138.90 -11.62 80.89
C GLY YA 18 139.31 -12.86 81.63
N TRP YA 19 138.44 -13.39 82.49
CA TRP YA 19 138.76 -14.58 83.26
C TRP YA 19 138.56 -15.84 82.44
N LEU YA 20 138.09 -15.68 81.18
CA LEU YA 20 138.30 -16.60 80.06
C LEU YA 20 139.72 -17.06 79.93
N GLU YA 21 140.62 -16.13 79.62
CA GLU YA 21 142.00 -16.42 79.25
C GLU YA 21 142.96 -16.25 80.41
N SER YA 22 142.52 -15.55 81.46
CA SER YA 22 143.35 -15.32 82.65
C SER YA 22 143.65 -16.63 83.36
N GLU YA 23 142.62 -17.33 83.85
CA GLU YA 23 142.83 -18.74 84.18
C GLU YA 23 141.80 -19.70 83.56
N PRO YA 24 142.22 -20.47 82.54
CA PRO YA 24 141.30 -21.36 81.84
C PRO YA 24 141.01 -22.66 82.57
N GLU YA 25 141.85 -23.08 83.52
CA GLU YA 25 141.56 -24.27 84.29
C GLU YA 25 140.71 -23.99 85.53
N ALA YA 26 140.68 -22.75 86.00
CA ALA YA 26 139.79 -22.37 87.09
C ALA YA 26 138.43 -21.92 86.57
N PHE YA 27 137.84 -22.77 85.72
CA PHE YA 27 136.54 -22.56 85.12
C PHE YA 27 135.54 -23.62 85.54
N GLU YA 28 135.97 -24.89 85.53
CA GLU YA 28 135.18 -26.02 86.00
C GLU YA 28 134.84 -25.91 87.48
N ARG YA 29 135.65 -25.19 88.26
CA ARG YA 29 135.28 -24.86 89.63
C ARG YA 29 134.27 -23.71 89.65
N ARG YA 30 134.50 -22.69 88.82
CA ARG YA 30 133.63 -21.52 88.85
C ARG YA 30 132.28 -21.79 88.21
N ARG YA 31 132.22 -22.68 87.23
CA ARG YA 31 130.92 -23.05 86.67
C ARG YA 31 130.11 -23.89 87.66
N ALA YA 32 130.79 -24.72 88.46
CA ALA YA 32 130.09 -25.48 89.49
C ALA YA 32 129.57 -24.57 90.61
N VAL YA 33 130.24 -23.45 90.86
CA VAL YA 33 129.70 -22.49 91.81
C VAL YA 33 128.55 -21.72 91.19
N GLU YA 34 128.67 -21.40 89.90
CA GLU YA 34 127.60 -20.73 89.17
C GLU YA 34 126.36 -21.61 89.07
N ARG YA 35 126.54 -22.92 88.93
CA ARG YA 35 125.38 -23.79 88.85
C ARG YA 35 124.74 -24.00 90.22
N LYS YA 36 125.54 -24.07 91.27
CA LYS YA 36 124.98 -24.21 92.62
C LYS YA 36 124.43 -22.91 93.17
N HIS YA 37 125.00 -21.77 92.79
CA HIS YA 37 124.37 -20.51 93.17
C HIS YA 37 123.08 -20.29 92.40
N GLY YA 38 122.97 -20.87 91.20
CA GLY YA 38 121.73 -20.79 90.47
C GLY YA 38 120.64 -21.68 91.04
N ARG YA 39 121.00 -22.90 91.42
CA ARG YA 39 120.02 -23.83 91.98
C ARG YA 39 119.54 -23.39 93.36
N VAL YA 40 120.40 -22.73 94.13
CA VAL YA 40 119.98 -22.20 95.43
C VAL YA 40 119.02 -21.03 95.22
N ALA YA 41 119.40 -20.10 94.34
CA ALA YA 41 118.63 -18.88 94.17
C ALA YA 41 117.31 -19.12 93.43
N MET YA 42 117.26 -20.16 92.59
CA MET YA 42 116.02 -20.48 91.91
C MET YA 42 114.98 -21.01 92.89
N ALA YA 43 115.39 -21.89 93.80
CA ALA YA 43 114.50 -22.37 94.85
C ALA YA 43 114.17 -21.28 95.85
N ALA YA 44 115.01 -20.25 95.97
CA ALA YA 44 114.74 -19.18 96.89
C ALA YA 44 113.75 -18.18 96.32
N VAL YA 45 113.74 -17.98 95.00
CA VAL YA 45 112.75 -17.11 94.38
C VAL YA 45 111.35 -17.71 94.54
N VAL YA 46 111.19 -18.97 94.14
CA VAL YA 46 109.92 -19.71 94.26
C VAL YA 46 109.50 -19.83 95.72
N GLY YA 47 110.47 -19.88 96.64
CA GLY YA 47 110.15 -19.82 98.05
C GLY YA 47 109.52 -18.50 98.46
N THR YA 48 110.06 -17.39 97.95
CA THR YA 48 109.46 -16.09 98.27
C THR YA 48 108.13 -15.89 97.57
N ILE YA 49 107.92 -16.56 96.43
CA ILE YA 49 106.60 -16.61 95.82
C ILE YA 49 105.61 -17.23 96.78
N VAL YA 50 105.91 -18.43 97.28
CA VAL YA 50 104.92 -19.22 98.01
C VAL YA 50 104.77 -18.73 99.47
N HIS YA 51 105.79 -18.07 100.03
CA HIS YA 51 105.65 -17.52 101.38
C HIS YA 51 104.72 -16.31 101.37
N ASN YA 52 104.95 -15.39 100.42
CA ASN YA 52 104.17 -14.16 100.33
C ASN YA 52 102.83 -14.36 99.66
N ASN YA 53 102.53 -15.58 99.27
CA ASN YA 53 101.24 -15.94 98.72
C ASN YA 53 100.41 -16.57 99.82
N HIS YA 54 101.00 -16.63 101.02
CA HIS YA 54 100.39 -17.10 102.26
C HIS YA 54 99.93 -18.56 102.16
N ILE YA 55 100.72 -19.37 101.46
CA ILE YA 55 100.54 -20.82 101.52
C ILE YA 55 101.31 -21.32 102.74
N VAL YA 56 100.57 -21.83 103.72
CA VAL YA 56 101.09 -22.18 105.04
C VAL YA 56 100.94 -23.69 105.21
N PHE YA 57 101.61 -24.25 106.22
CA PHE YA 57 101.63 -25.69 106.42
C PHE YA 57 100.56 -26.23 107.37
N ASP YA 58 99.65 -25.38 107.87
CA ASP YA 58 98.52 -25.76 108.74
C ASP YA 58 98.95 -26.49 110.01
N GLY YA 59 99.81 -25.86 110.80
CA GLY YA 59 100.24 -26.52 112.02
C GLY YA 59 101.18 -25.70 112.88
N TYR YA 60 101.98 -26.36 113.71
CA TYR YA 60 102.93 -25.71 114.60
C TYR YA 60 104.33 -26.13 114.17
N LEU YA 61 105.26 -25.18 114.01
CA LEU YA 61 106.57 -25.69 113.63
C LEU YA 61 107.37 -26.05 114.88
N SER YA 62 107.20 -25.31 115.98
CA SER YA 62 107.72 -25.73 117.27
C SER YA 62 106.68 -25.45 118.34
N PRO YA 63 105.91 -26.47 118.76
CA PRO YA 63 104.91 -26.26 119.80
C PRO YA 63 105.51 -26.07 121.18
N SER YA 64 106.77 -26.45 121.38
CA SER YA 64 107.44 -26.18 122.65
C SER YA 64 107.78 -24.69 122.77
N ASN YA 65 108.12 -24.06 121.64
CA ASN YA 65 108.33 -22.63 121.62
C ASN YA 65 107.04 -21.84 121.40
N ASN YA 66 105.94 -22.53 121.10
CA ASN YA 66 104.60 -21.95 120.90
C ASN YA 66 104.60 -20.91 119.77
N LEU YA 67 105.13 -21.33 118.62
CA LEU YA 67 104.99 -20.56 117.39
C LEU YA 67 104.52 -21.52 116.32
N LYS YA 68 103.61 -21.06 115.50
CA LYS YA 68 103.05 -21.95 114.52
C LYS YA 68 103.39 -21.39 113.14
N PHE YA 69 103.12 -22.20 112.10
CA PHE YA 69 103.66 -21.97 110.76
C PHE YA 69 103.19 -20.65 110.16
N SER YA 70 102.06 -20.16 110.64
CA SER YA 70 101.35 -18.96 110.19
C SER YA 70 101.59 -17.77 111.11
N ASP YA 71 102.76 -17.64 111.71
CA ASP YA 71 103.10 -16.38 112.35
C ASP YA 71 104.55 -15.97 112.17
N ILE YA 72 105.39 -16.78 111.53
CA ILE YA 72 106.72 -16.27 111.22
C ILE YA 72 106.66 -15.53 109.88
N PRO YA 73 107.43 -14.46 109.71
CA PRO YA 73 107.19 -13.56 108.58
C PRO YA 73 107.66 -14.14 107.26
N THR YA 74 107.01 -13.70 106.20
CA THR YA 74 107.24 -14.17 104.84
C THR YA 74 108.30 -13.36 104.11
N GLY YA 75 109.24 -12.75 104.84
CA GLY YA 75 110.25 -11.89 104.25
C GLY YA 75 111.65 -12.33 104.61
N VAL YA 76 112.50 -11.33 104.88
CA VAL YA 76 113.89 -11.60 105.25
C VAL YA 76 114.04 -12.22 106.62
N ASP YA 77 113.04 -12.06 107.48
CA ASP YA 77 113.14 -12.48 108.87
C ASP YA 77 112.58 -13.88 109.09
N GLY YA 78 112.58 -14.71 108.06
CA GLY YA 78 111.99 -16.02 108.12
C GLY YA 78 112.83 -17.03 108.88
N ILE YA 79 114.10 -17.15 108.51
CA ILE YA 79 114.95 -18.09 109.23
C ILE YA 79 115.69 -17.40 110.37
N ARG YA 80 115.35 -16.14 110.66
CA ARG YA 80 115.67 -15.57 111.97
C ARG YA 80 114.61 -15.97 113.00
N ALA YA 81 113.36 -16.11 112.57
CA ALA YA 81 112.28 -16.56 113.45
C ALA YA 81 112.09 -18.08 113.37
N ILE YA 82 113.19 -18.81 113.54
CA ILE YA 82 113.19 -20.27 113.60
C ILE YA 82 114.05 -20.64 114.80
N PRO YA 83 113.60 -21.52 115.70
CA PRO YA 83 114.42 -21.91 116.85
C PRO YA 83 115.69 -22.64 116.42
N THR YA 84 116.73 -22.51 117.26
CA THR YA 84 118.06 -23.00 116.89
C THR YA 84 118.14 -24.52 116.90
N ALA YA 85 117.24 -25.20 117.60
CA ALA YA 85 117.19 -26.66 117.50
C ALA YA 85 116.60 -27.09 116.18
N GLY YA 86 115.69 -26.29 115.62
CA GLY YA 86 115.19 -26.58 114.29
C GLY YA 86 116.15 -26.16 113.21
N LEU YA 87 117.00 -25.20 113.51
CA LEU YA 87 117.95 -24.75 112.52
C LEU YA 87 119.12 -25.72 112.48
N ALA YA 88 119.37 -26.39 113.62
CA ALA YA 88 120.37 -27.44 113.70
C ALA YA 88 119.92 -28.70 112.97
N GLN YA 89 118.60 -28.92 112.85
CA GLN YA 89 118.12 -30.04 112.06
C GLN YA 89 118.26 -29.77 110.57
N ILE YA 90 118.15 -28.50 110.16
CA ILE YA 90 118.31 -28.16 108.75
C ILE YA 90 119.77 -28.29 108.34
N LEU YA 91 120.68 -27.75 109.15
CA LEU YA 91 122.06 -27.77 108.66
C LEU YA 91 122.75 -29.11 108.88
N ALA YA 92 122.16 -30.01 109.66
CA ALA YA 92 122.72 -31.34 109.78
C ALA YA 92 122.20 -32.30 108.73
N PHE YA 93 120.95 -32.13 108.30
CA PHE YA 93 120.43 -32.97 107.23
C PHE YA 93 121.02 -32.58 105.89
N PHE YA 94 121.17 -31.28 105.62
CA PHE YA 94 121.83 -30.90 104.37
C PHE YA 94 123.34 -31.03 104.45
N ALA YA 95 123.90 -31.27 105.63
CA ALA YA 95 125.27 -31.75 105.68
C ALA YA 95 125.38 -33.14 105.08
N LEU YA 96 124.36 -33.98 105.28
CA LEU YA 96 124.33 -35.29 104.66
C LEU YA 96 124.10 -35.17 103.16
N VAL YA 97 123.42 -34.13 102.72
CA VAL YA 97 123.20 -33.92 101.29
C VAL YA 97 124.45 -33.35 100.64
N GLU YA 98 125.06 -32.33 101.25
CA GLU YA 98 126.14 -31.62 100.59
C GLU YA 98 127.48 -32.35 100.59
N LEU YA 99 127.70 -33.35 101.45
CA LEU YA 99 128.88 -34.19 101.22
C LEU YA 99 128.56 -35.67 101.06
N ALA YA 100 127.75 -36.27 101.95
CA ALA YA 100 127.54 -37.71 101.89
C ALA YA 100 126.68 -38.09 100.70
N TRP YA 101 125.53 -37.43 100.54
CA TRP YA 101 124.72 -37.55 99.33
C TRP YA 101 125.30 -36.63 98.26
N MET YA 102 124.51 -36.31 97.24
CA MET YA 102 124.97 -35.59 96.06
C MET YA 102 125.72 -34.29 96.35
N PRO YA 103 127.05 -34.32 96.15
CA PRO YA 103 127.93 -33.39 96.84
C PRO YA 103 128.15 -32.07 96.14
N ALA YA 104 129.03 -31.26 96.72
CA ALA YA 104 129.48 -30.04 96.08
C ALA YA 104 130.88 -30.15 95.51
N SER YA 105 131.64 -31.20 95.89
CA SER YA 105 132.94 -31.48 95.30
C SER YA 105 132.80 -31.92 93.85
N LYS YA 106 131.71 -32.61 93.58
CA LYS YA 106 131.34 -33.17 92.28
C LYS YA 106 130.99 -31.99 91.39
N TYR YA 107 132.01 -31.47 90.71
CA TYR YA 107 131.87 -30.26 89.91
C TYR YA 107 131.20 -30.50 88.57
N ASP YA 108 130.93 -31.76 88.22
CA ASP YA 108 130.20 -32.09 87.01
C ASP YA 108 128.75 -31.63 87.08
N GLY YA 109 128.18 -31.55 88.30
CA GLY YA 109 126.78 -31.22 88.53
C GLY YA 109 125.86 -32.42 88.41
N ASP YA 110 126.42 -33.52 87.95
CA ASP YA 110 125.79 -34.63 87.26
C ASP YA 110 125.64 -35.77 88.26
N TYR YA 111 124.67 -35.73 89.17
CA TYR YA 111 124.76 -36.72 90.26
C TYR YA 111 124.20 -38.09 89.87
N GLY YA 112 122.88 -38.21 89.80
CA GLY YA 112 122.30 -39.37 89.18
C GLY YA 112 120.92 -39.14 88.61
N VAL YA 113 120.40 -37.94 88.79
CA VAL YA 113 118.96 -37.74 88.66
C VAL YA 113 118.58 -37.32 87.25
N GLY YA 114 119.35 -36.46 86.61
CA GLY YA 114 118.96 -36.01 85.29
C GLY YA 114 117.78 -35.05 85.35
N TYR YA 115 117.11 -34.91 84.21
CA TYR YA 115 115.99 -33.99 84.07
C TYR YA 115 114.70 -34.79 84.23
N PHE YA 116 114.06 -34.63 85.39
CA PHE YA 116 112.87 -35.37 85.80
C PHE YA 116 113.09 -36.88 85.69
N GLY YA 117 114.17 -37.34 86.30
CA GLY YA 117 114.49 -38.74 86.37
C GLY YA 117 115.27 -39.30 85.18
N THR YA 118 115.13 -38.70 84.00
CA THR YA 118 115.62 -39.29 82.78
C THR YA 118 116.72 -38.44 82.15
N ASP YA 119 117.52 -39.08 81.31
CA ASP YA 119 118.54 -38.43 80.50
C ASP YA 119 117.87 -37.83 79.28
N ILE YA 120 118.33 -36.67 78.83
CA ILE YA 120 117.94 -36.17 77.51
C ILE YA 120 118.85 -36.82 76.46
N LYS YA 121 118.25 -37.43 75.43
CA LYS YA 121 119.04 -38.25 74.52
C LYS YA 121 119.56 -37.44 73.32
N ASP YA 122 118.76 -36.50 72.82
CA ASP YA 122 119.31 -35.43 71.99
C ASP YA 122 120.37 -34.63 72.73
N PRO YA 123 121.61 -34.57 72.22
CA PRO YA 123 122.60 -33.67 72.81
C PRO YA 123 122.30 -32.21 72.57
N GLU YA 124 121.66 -31.85 71.45
CA GLU YA 124 121.31 -30.46 71.23
C GLU YA 124 120.15 -30.03 72.11
N GLU YA 125 119.22 -30.93 72.41
CA GLU YA 125 118.19 -30.63 73.39
C GLU YA 125 118.76 -30.67 74.80
N LYS YA 126 119.76 -31.53 75.05
CA LYS YA 126 120.36 -31.58 76.38
C LYS YA 126 121.17 -30.33 76.65
N ALA YA 127 121.92 -29.85 75.66
CA ALA YA 127 122.67 -28.62 75.80
C ALA YA 127 121.77 -27.40 75.86
N ARG YA 128 120.55 -27.50 75.33
CA ARG YA 128 119.61 -26.39 75.43
C ARG YA 128 119.13 -26.22 76.87
N LYS YA 129 118.68 -27.31 77.50
CA LYS YA 129 118.22 -27.25 78.89
C LYS YA 129 119.34 -26.92 79.85
N LEU YA 130 120.59 -27.24 79.49
CA LEU YA 130 121.73 -26.88 80.31
C LEU YA 130 121.97 -25.38 80.30
N ASN YA 131 121.69 -24.73 79.18
CA ASN YA 131 121.73 -23.28 79.19
C ASN YA 131 120.57 -22.72 79.99
N VAL YA 132 119.40 -23.37 79.92
CA VAL YA 132 118.20 -22.88 80.59
C VAL YA 132 118.38 -22.86 82.11
N GLU YA 133 118.97 -23.92 82.66
CA GLU YA 133 119.29 -23.96 84.09
C GLU YA 133 120.28 -22.86 84.46
N LEU YA 134 121.22 -22.56 83.58
CA LEU YA 134 122.18 -21.50 83.85
C LEU YA 134 121.52 -20.14 83.75
N ASN YA 135 120.80 -19.91 82.66
CA ASN YA 135 120.05 -18.68 82.41
C ASN YA 135 119.04 -18.39 83.52
N ASN YA 136 118.19 -19.36 83.82
CA ASN YA 136 117.20 -19.17 84.88
C ASN YA 136 117.88 -19.13 86.24
N GLY YA 137 118.98 -19.84 86.39
CA GLY YA 137 119.77 -19.70 87.59
C GLY YA 137 120.37 -18.32 87.73
N ARG YA 138 120.91 -17.78 86.64
CA ARG YA 138 121.52 -16.46 86.67
C ARG YA 138 120.50 -15.36 86.86
N ALA YA 139 119.31 -15.53 86.27
CA ALA YA 139 118.24 -14.53 86.46
C ALA YA 139 117.70 -14.57 87.89
N ALA YA 140 117.68 -15.74 88.50
CA ALA YA 140 117.18 -15.83 89.87
C ALA YA 140 118.19 -15.36 90.90
N MET YA 141 119.49 -15.40 90.59
CA MET YA 141 120.46 -14.80 91.49
C MET YA 141 120.25 -13.29 91.56
N MET YA 142 120.07 -12.66 90.40
CA MET YA 142 119.61 -11.28 90.36
C MET YA 142 118.22 -11.13 90.93
N GLY YA 143 117.37 -12.15 90.73
CA GLY YA 143 115.99 -12.04 91.18
C GLY YA 143 115.86 -12.10 92.68
N ILE YA 144 116.48 -13.09 93.32
CA ILE YA 144 116.34 -13.22 94.76
C ILE YA 144 117.18 -12.16 95.49
N MET YA 145 118.23 -11.63 94.86
CA MET YA 145 118.94 -10.54 95.52
C MET YA 145 118.13 -9.26 95.45
N GLY YA 146 117.54 -8.97 94.30
CA GLY YA 146 116.67 -7.82 94.21
C GLY YA 146 115.37 -7.94 94.97
N ASN YA 147 115.05 -9.12 95.50
CA ASN YA 147 113.88 -9.24 96.35
C ASN YA 147 114.17 -8.86 97.79
N MET YA 148 115.39 -9.09 98.28
CA MET YA 148 115.65 -8.76 99.67
C MET YA 148 116.37 -7.43 99.89
N VAL YA 149 117.06 -6.87 98.89
CA VAL YA 149 117.34 -5.43 98.96
C VAL YA 149 116.06 -4.59 98.87
N ALA YA 150 115.08 -5.02 98.06
CA ALA YA 150 113.87 -4.23 97.95
C ALA YA 150 112.99 -4.29 99.20
N GLU YA 151 113.23 -5.20 100.12
CA GLU YA 151 112.45 -5.19 101.34
C GLU YA 151 113.21 -4.65 102.55
N VAL YA 152 114.55 -4.66 102.52
CA VAL YA 152 115.28 -4.02 103.61
C VAL YA 152 115.42 -2.51 103.40
N LEU YA 153 115.22 -2.00 102.19
CA LEU YA 153 115.15 -0.55 102.01
C LEU YA 153 113.73 -0.03 102.20
N THR YA 154 112.75 -0.91 102.17
CA THR YA 154 111.36 -0.52 102.28
C THR YA 154 110.81 -0.71 103.69
N GLY YA 155 111.16 -1.81 104.35
CA GLY YA 155 110.57 -2.15 105.62
C GLY YA 155 109.35 -3.04 105.52
N GLN YA 156 108.84 -3.27 104.32
CA GLN YA 156 107.71 -4.16 104.10
C GLN YA 156 108.17 -5.42 103.37
N THR YA 157 107.42 -6.50 103.55
CA THR YA 157 107.61 -7.73 102.77
C THR YA 157 107.18 -7.55 101.31
N MET YA 158 107.43 -8.59 100.50
CA MET YA 158 106.80 -8.68 99.18
C MET YA 158 105.29 -8.53 99.25
N TYR YA 159 104.65 -9.21 100.20
CA TYR YA 159 103.19 -9.16 100.32
C TYR YA 159 102.72 -7.75 100.68
N GLU YA 160 103.39 -7.06 101.60
CA GLU YA 160 102.90 -5.73 101.92
C GLU YA 160 103.33 -4.67 100.90
N GLN YA 161 104.38 -4.90 100.12
CA GLN YA 161 104.73 -3.94 99.08
C GLN YA 161 103.69 -3.90 97.98
N TYR YA 162 103.05 -5.03 97.72
CA TYR YA 162 102.08 -5.15 96.63
C TYR YA 162 100.68 -4.77 97.09
N ALA YA 163 100.27 -5.24 98.28
CA ALA YA 163 98.94 -4.95 98.79
C ALA YA 163 98.78 -3.46 99.12
N SER YA 164 99.88 -2.79 99.48
CA SER YA 164 99.85 -1.36 99.77
C SER YA 164 99.59 -0.49 98.55
N GLY YA 165 100.07 -0.90 97.39
CA GLY YA 165 100.21 0.01 96.27
C GLY YA 165 101.55 0.70 96.20
N HIS YA 166 102.49 0.32 97.06
CA HIS YA 166 103.84 0.91 97.07
C HIS YA 166 104.71 0.06 96.16
N ILE YA 167 104.58 0.29 94.86
CA ILE YA 167 105.37 -0.39 93.84
C ILE YA 167 106.52 0.49 93.35
N SER YA 168 106.20 1.64 92.79
CA SER YA 168 107.21 2.46 92.13
C SER YA 168 107.88 3.39 93.14
N PRO YA 169 109.20 3.46 93.16
CA PRO YA 169 109.91 4.18 94.24
C PRO YA 169 109.84 5.69 94.13
N PHE YA 170 109.43 6.23 92.99
CA PHE YA 170 109.41 7.67 92.79
C PHE YA 170 108.19 8.30 93.44
N GLU ZA 1 106.48 -28.33 56.08
CA GLU ZA 1 107.25 -28.51 54.85
C GLU ZA 1 106.46 -29.32 53.83
N LEU ZA 2 106.70 -29.07 52.53
CA LEU ZA 2 105.86 -29.69 51.52
C LEU ZA 2 106.19 -31.15 51.29
N GLU ZA 3 107.44 -31.53 51.49
CA GLU ZA 3 107.91 -32.83 51.06
C GLU ZA 3 107.51 -33.92 52.06
N ASP ZA 4 107.51 -33.57 53.35
CA ASP ZA 4 106.95 -34.45 54.37
C ASP ZA 4 105.43 -34.49 54.32
N GLY ZA 5 104.78 -33.45 53.78
CA GLY ZA 5 103.34 -33.37 53.78
C GLY ZA 5 102.78 -33.08 55.15
N ILE ZA 6 103.17 -31.95 55.73
CA ILE ZA 6 102.87 -31.67 57.13
C ILE ZA 6 101.42 -31.26 57.30
N GLY ZA 7 100.95 -30.29 56.51
CA GLY ZA 7 99.58 -29.86 56.64
C GLY ZA 7 98.57 -30.79 56.00
N ALA ZA 8 99.01 -31.63 55.07
CA ALA ZA 8 98.11 -32.48 54.30
C ALA ZA 8 97.74 -33.70 55.14
N VAL ZA 9 96.59 -33.65 55.78
CA VAL ZA 9 96.06 -34.76 56.56
C VAL ZA 9 94.99 -35.49 55.78
N ALA ZA 10 94.73 -36.71 56.23
CA ALA ZA 10 94.00 -37.77 55.54
C ALA ZA 10 92.55 -37.57 55.12
N PRO ZA 11 91.73 -36.69 55.72
CA PRO ZA 11 90.41 -36.44 55.09
C PRO ZA 11 90.51 -35.79 53.74
N LEU ZA 12 91.30 -34.73 53.62
CA LEU ZA 12 91.29 -33.90 52.44
C LEU ZA 12 92.57 -33.92 51.65
N GLY ZA 13 93.67 -34.40 52.23
CA GLY ZA 13 94.93 -34.41 51.50
C GLY ZA 13 95.53 -33.02 51.40
N TYR ZA 14 96.18 -32.75 50.27
CA TYR ZA 14 96.74 -31.43 49.98
C TYR ZA 14 95.57 -30.50 49.67
N PHE ZA 15 94.97 -29.94 50.71
CA PHE ZA 15 93.78 -29.11 50.55
C PHE ZA 15 94.20 -27.68 50.26
N ASP ZA 16 94.56 -27.45 49.00
CA ASP ZA 16 94.77 -26.11 48.46
C ASP ZA 16 93.79 -25.93 47.30
N PRO ZA 17 92.49 -25.83 47.59
CA PRO ZA 17 91.49 -25.99 46.53
C PRO ZA 17 91.36 -24.80 45.60
N LEU ZA 18 91.76 -23.61 46.01
CA LEU ZA 18 91.69 -22.44 45.16
C LEU ZA 18 92.99 -22.17 44.42
N GLY ZA 19 94.00 -23.01 44.61
CA GLY ZA 19 95.26 -22.88 43.90
C GLY ZA 19 96.09 -21.71 44.35
N TYR ZA 20 96.47 -21.68 45.62
CA TYR ZA 20 97.27 -20.59 46.16
C TYR ZA 20 98.76 -20.89 46.20
N ILE ZA 21 99.15 -22.16 46.17
CA ILE ZA 21 100.57 -22.51 46.19
C ILE ZA 21 101.00 -22.62 44.74
N LYS ZA 22 101.68 -21.59 44.25
CA LYS ZA 22 102.23 -21.61 42.92
C LYS ZA 22 103.74 -21.74 42.89
N ASP ZA 23 104.40 -21.67 44.05
CA ASP ZA 23 105.71 -22.30 44.21
C ASP ZA 23 105.98 -22.55 45.68
N GLU ZA 24 107.20 -23.01 45.93
CA GLU ZA 24 107.64 -23.51 47.23
C GLU ZA 24 107.99 -22.41 48.21
N GLU ZA 25 108.36 -21.22 47.74
CA GLU ZA 25 108.76 -20.19 48.69
C GLU ZA 25 107.55 -19.54 49.35
N THR ZA 26 106.41 -19.50 48.66
CA THR ZA 26 105.21 -18.90 49.23
C THR ZA 26 104.43 -19.87 50.10
N PHE ZA 27 104.81 -21.15 50.10
CA PHE ZA 27 104.26 -22.09 51.06
C PHE ZA 27 104.89 -21.88 52.44
N ILE ZA 28 106.19 -21.59 52.48
CA ILE ZA 28 106.87 -21.43 53.76
C ILE ZA 28 106.44 -20.15 54.45
N ARG ZA 29 106.08 -19.12 53.68
CA ARG ZA 29 105.51 -17.92 54.26
C ARG ZA 29 104.11 -18.18 54.81
N TYR ZA 30 103.30 -18.94 54.07
CA TYR ZA 30 101.93 -19.18 54.48
C TYR ZA 30 101.85 -20.14 55.66
N ARG ZA 31 102.72 -21.15 55.69
CA ARG ZA 31 102.75 -22.09 56.81
C ARG ZA 31 103.26 -21.41 58.08
N ALA ZA 32 104.17 -20.44 57.93
CA ALA ZA 32 104.63 -19.66 59.08
C ALA ZA 32 103.52 -18.83 59.67
N VAL ZA 33 102.56 -18.40 58.85
CA VAL ZA 33 101.42 -17.64 59.33
C VAL ZA 33 100.33 -18.54 59.89
N GLU ZA 34 100.05 -19.65 59.19
CA GLU ZA 34 99.01 -20.58 59.61
C GLU ZA 34 99.33 -21.21 60.96
N ARG ZA 35 100.60 -21.60 61.15
CA ARG ZA 35 101.03 -22.15 62.43
C ARG ZA 35 101.03 -21.08 63.52
N LYS ZA 36 101.37 -19.85 63.18
CA LYS ZA 36 101.34 -18.78 64.16
C LYS ZA 36 99.91 -18.40 64.52
N HIS ZA 37 99.03 -18.31 63.53
CA HIS ZA 37 97.63 -18.01 63.80
C HIS ZA 37 96.95 -19.14 64.57
N GLY ZA 38 97.34 -20.38 64.28
CA GLY ZA 38 96.78 -21.50 65.01
C GLY ZA 38 97.21 -21.56 66.45
N ARG ZA 39 98.46 -21.16 66.74
CA ARG ZA 39 98.92 -21.13 68.13
C ARG ZA 39 98.25 -20.02 68.91
N VAL ZA 40 97.95 -18.90 68.27
CA VAL ZA 40 97.25 -17.81 68.95
C VAL ZA 40 95.78 -18.17 69.16
N ALA ZA 41 95.14 -18.72 68.13
CA ALA ZA 41 93.71 -19.01 68.22
C ALA ZA 41 93.40 -20.22 69.07
N MET ZA 42 94.39 -21.07 69.35
CA MET ZA 42 94.16 -22.17 70.27
C MET ZA 42 94.07 -21.68 71.71
N MET ZA 43 94.98 -20.78 72.10
CA MET ZA 43 94.88 -20.15 73.41
C MET ZA 43 93.70 -19.20 73.50
N ALA ZA 44 93.21 -18.70 72.35
CA ALA ZA 44 91.99 -17.91 72.36
C ALA ZA 44 90.76 -18.79 72.59
N MET ZA 45 90.77 -20.02 72.08
CA MET ZA 45 89.64 -20.91 72.32
C MET ZA 45 89.65 -21.47 73.73
N LEU ZA 46 90.82 -21.72 74.31
CA LEU ZA 46 90.87 -22.12 75.71
C LEU ZA 46 90.50 -20.96 76.62
N GLY ZA 47 90.69 -19.72 76.16
CA GLY ZA 47 90.22 -18.59 76.92
C GLY ZA 47 88.70 -18.56 77.04
N THR ZA 48 88.01 -18.66 75.91
CA THR ZA 48 86.55 -18.62 75.91
C THR ZA 48 85.92 -19.83 76.58
N PHE ZA 49 86.63 -20.96 76.61
CA PHE ZA 49 86.17 -22.11 77.38
C PHE ZA 49 86.27 -21.83 78.87
N VAL ZA 50 87.32 -21.12 79.28
CA VAL ZA 50 87.51 -20.85 80.71
C VAL ZA 50 86.71 -19.64 81.16
N HIS ZA 51 86.64 -18.60 80.32
CA HIS ZA 51 85.92 -17.39 80.69
C HIS ZA 51 84.42 -17.65 80.79
N ASN ZA 52 83.84 -18.30 79.79
CA ASN ZA 52 82.40 -18.55 79.79
C ASN ZA 52 81.97 -19.62 80.79
N ASN ZA 53 82.92 -20.38 81.34
CA ASN ZA 53 82.61 -21.29 82.43
C ASN ZA 53 82.62 -20.60 83.78
N GLY ZA 54 82.89 -19.30 83.83
CA GLY ZA 54 82.87 -18.55 85.06
C GLY ZA 54 84.05 -18.78 85.98
N TRP ZA 55 85.06 -19.52 85.54
CA TRP ZA 55 86.24 -19.79 86.35
C TRP ZA 55 87.10 -18.54 86.37
N THR ZA 56 87.06 -17.79 87.47
CA THR ZA 56 87.82 -16.56 87.56
C THR ZA 56 88.81 -16.67 88.71
N PHE ZA 57 89.79 -15.79 88.73
CA PHE ZA 57 90.64 -15.65 89.89
C PHE ZA 57 89.89 -14.91 91.00
N ASP ZA 58 90.39 -15.05 92.22
CA ASP ZA 58 89.85 -14.34 93.36
C ASP ZA 58 90.69 -13.10 93.62
N GLY ZA 59 90.02 -11.97 93.87
CA GLY ZA 59 90.70 -10.72 94.15
C GLY ZA 59 90.44 -9.69 93.08
N TYR ZA 60 91.31 -8.68 93.03
CA TYR ZA 60 91.15 -7.54 92.15
C TYR ZA 60 92.18 -7.61 91.04
N LEU ZA 61 91.73 -7.47 89.80
CA LEU ZA 61 92.68 -7.30 88.70
C LEU ZA 61 93.34 -5.93 88.79
N SER ZA 62 92.55 -4.89 89.05
CA SER ZA 62 93.06 -3.54 89.26
C SER ZA 62 92.45 -3.01 90.56
N PRO ZA 63 93.19 -3.03 91.67
CA PRO ZA 63 92.67 -2.48 92.92
C PRO ZA 63 92.57 -0.96 92.95
N SER ZA 64 93.39 -0.23 92.19
CA SER ZA 64 93.24 1.23 92.18
C SER ZA 64 92.06 1.68 91.34
N GLN ZA 65 91.59 0.87 90.41
CA GLN ZA 65 90.33 1.12 89.71
C GLN ZA 65 89.18 0.30 90.30
N GLY ZA 66 89.46 -0.56 91.27
CA GLY ZA 66 88.42 -1.33 91.92
C GLY ZA 66 87.77 -2.38 91.05
N LEU ZA 67 88.46 -2.83 90.01
CA LEU ZA 67 87.88 -3.76 89.03
C LEU ZA 67 88.28 -5.18 89.42
N LYS ZA 68 87.31 -5.95 89.87
CA LYS ZA 68 87.48 -7.33 90.26
C LYS ZA 68 87.70 -8.20 89.01
N PHE ZA 69 88.20 -9.42 89.24
CA PHE ZA 69 88.23 -10.41 88.15
C PHE ZA 69 86.83 -10.86 87.80
N SER ZA 70 85.93 -10.84 88.79
CA SER ZA 70 84.57 -11.29 88.57
C SER ZA 70 83.78 -10.30 87.72
N ASP ZA 71 84.12 -9.02 87.70
CA ASP ZA 71 83.28 -8.17 86.87
C ASP ZA 71 83.91 -7.79 85.53
N ILE ZA 72 84.75 -8.67 84.99
CA ILE ZA 72 85.10 -8.70 83.58
C ILE ZA 72 84.14 -9.65 82.86
N ASP ZA 73 83.46 -9.14 81.83
CA ASP ZA 73 82.73 -9.96 80.85
C ASP ZA 73 83.54 -11.09 80.25
N SER ZA 74 82.87 -12.24 80.12
CA SER ZA 74 83.42 -13.45 79.54
C SER ZA 74 83.27 -13.48 78.02
N GLY ZA 75 82.86 -12.37 77.42
CA GLY ZA 75 82.59 -12.33 76.01
C GLY ZA 75 83.67 -11.62 75.23
N ILE ZA 76 83.29 -11.01 74.10
CA ILE ZA 76 84.28 -10.37 73.23
C ILE ZA 76 84.71 -9.01 73.73
N GLY ZA 77 84.03 -8.46 74.73
CA GLY ZA 77 84.38 -7.19 75.31
C GLY ZA 77 85.17 -7.25 76.59
N GLY ZA 78 85.58 -8.45 77.01
CA GLY ZA 78 86.26 -8.60 78.28
C GLY ZA 78 87.72 -8.19 78.28
N LEU ZA 79 88.37 -8.20 77.11
CA LEU ZA 79 89.77 -7.77 77.06
C LEU ZA 79 89.89 -6.26 77.25
N PHE ZA 80 88.88 -5.51 76.85
CA PHE ZA 80 88.91 -4.06 76.87
C PHE ZA 80 88.22 -3.49 78.09
N GLN ZA 81 87.62 -4.38 78.89
CA GLN ZA 81 87.29 -4.12 80.29
C GLN ZA 81 88.55 -3.75 81.08
N VAL ZA 82 89.67 -4.39 80.74
CA VAL ZA 82 90.96 -4.30 81.45
C VAL ZA 82 91.53 -2.90 81.28
N PRO ZA 83 92.12 -2.30 82.33
CA PRO ZA 83 92.69 -0.97 82.18
C PRO ZA 83 93.89 -0.97 81.25
N PRO ZA 84 94.10 0.10 80.48
CA PRO ZA 84 95.19 0.11 79.50
C PRO ZA 84 96.56 0.19 80.11
N ALA ZA 85 96.68 0.61 81.37
CA ALA ZA 85 97.96 0.44 82.08
C ALA ZA 85 98.25 -1.02 82.31
N GLY ZA 86 97.21 -1.84 82.46
CA GLY ZA 86 97.39 -3.25 82.69
C GLY ZA 86 97.63 -4.06 81.44
N LEU ZA 87 96.98 -3.72 80.34
CA LEU ZA 87 97.24 -4.59 79.20
C LEU ZA 87 98.36 -4.03 78.33
N ALA ZA 88 98.87 -2.83 78.64
CA ALA ZA 88 100.19 -2.47 78.12
C ALA ZA 88 101.27 -3.40 78.66
N GLN ZA 89 101.06 -3.93 79.86
CA GLN ZA 89 101.92 -4.99 80.37
C GLN ZA 89 101.78 -6.27 79.56
N ILE ZA 90 100.57 -6.56 79.07
CA ILE ZA 90 100.37 -7.76 78.25
C ILE ZA 90 101.03 -7.60 76.90
N ILE ZA 91 100.86 -6.43 76.27
CA ILE ZA 91 101.44 -6.19 74.95
C ILE ZA 91 102.97 -6.13 75.02
N LEU ZA 92 103.52 -5.56 76.11
CA LEU ZA 92 104.98 -5.47 76.24
C LEU ZA 92 105.63 -6.83 76.51
N LEU ZA 93 105.00 -7.71 77.28
CA LEU ZA 93 105.60 -9.03 77.50
C LEU ZA 93 105.45 -9.90 76.25
N CYS ZA 94 104.25 -9.90 75.66
CA CYS ZA 94 104.02 -10.68 74.44
C CYS ZA 94 104.82 -10.12 73.26
N GLY ZA 95 105.01 -8.81 73.22
CA GLY ZA 95 105.89 -8.25 72.19
C GLY ZA 95 107.34 -8.58 72.41
N PHE ZA 96 107.75 -8.77 73.68
CA PHE ZA 96 109.12 -9.17 73.95
C PHE ZA 96 109.36 -10.62 73.57
N VAL ZA 97 108.33 -11.47 73.67
CA VAL ZA 97 108.47 -12.85 73.22
C VAL ZA 97 108.54 -12.90 71.70
N GLU ZA 98 107.73 -12.08 71.03
CA GLU ZA 98 107.66 -12.07 69.56
C GLU ZA 98 108.92 -11.56 68.89
N LEU ZA 99 109.79 -10.87 69.62
CA LEU ZA 99 111.01 -10.32 69.04
C LEU ZA 99 112.28 -10.96 69.57
N ALA ZA 100 112.28 -11.45 70.81
CA ALA ZA 100 113.49 -11.97 71.43
C ALA ZA 100 113.44 -13.47 71.69
N TRP ZA 101 112.42 -13.94 72.41
CA TRP ZA 101 112.44 -15.30 72.90
C TRP ZA 101 111.91 -16.29 71.87
N TRP ZA 102 110.71 -16.05 71.35
CA TRP ZA 102 110.14 -16.80 70.24
C TRP ZA 102 109.98 -15.83 69.08
N PRO ZA 103 111.06 -15.53 68.36
CA PRO ZA 103 111.01 -14.49 67.32
C PRO ZA 103 110.13 -14.92 66.15
N ALA ZA 104 109.03 -14.20 65.94
CA ALA ZA 104 108.04 -14.59 64.93
C ALA ZA 104 108.54 -14.40 63.51
N SER ZA 105 109.64 -13.67 63.36
CA SER ZA 105 110.48 -13.67 62.17
C SER ZA 105 110.98 -15.05 61.75
N ASN ZA 106 111.15 -15.98 62.68
CA ASN ZA 106 111.52 -17.37 62.36
C ASN ZA 106 110.35 -18.03 61.66
N LEU ZA 107 110.46 -18.23 60.34
CA LEU ZA 107 109.38 -18.84 59.58
C LEU ZA 107 109.27 -20.34 59.80
N SER ZA 108 110.28 -20.96 60.42
CA SER ZA 108 110.23 -22.40 60.66
C SER ZA 108 109.24 -22.77 61.76
N GLY ZA 109 109.03 -21.88 62.72
CA GLY ZA 109 108.18 -22.17 63.85
C GLY ZA 109 108.83 -22.96 64.97
N ASP ZA 110 109.94 -23.67 64.71
CA ASP ZA 110 110.78 -24.19 65.79
C ASP ZA 110 111.30 -23.08 66.67
N TYR ZA 111 111.08 -23.24 67.97
CA TYR ZA 111 111.81 -22.44 68.95
C TYR ZA 111 112.48 -23.32 69.99
N GLY ZA 112 112.73 -24.58 69.64
CA GLY ZA 112 113.45 -25.49 70.51
C GLY ZA 112 112.66 -26.04 71.66
N VAL ZA 113 111.34 -25.88 71.67
CA VAL ZA 113 110.58 -26.28 72.85
C VAL ZA 113 110.37 -27.79 72.71
N ARG ZA 114 111.11 -28.55 73.50
CA ARG ZA 114 111.08 -30.00 73.47
C ARG ZA 114 110.80 -30.50 74.88
N LEU ZA 115 109.78 -31.33 75.00
CA LEU ZA 115 109.37 -31.89 76.28
C LEU ZA 115 109.63 -33.39 76.20
N GLY ZA 116 110.86 -33.76 76.54
CA GLY ZA 116 111.65 -34.83 75.94
C GLY ZA 116 111.01 -36.15 75.59
N THR ZA 117 110.63 -36.96 76.57
CA THR ZA 117 110.14 -38.30 76.27
C THR ZA 117 108.73 -38.30 75.72
N LEU ZA 118 108.01 -37.19 75.83
CA LEU ZA 118 106.72 -37.08 75.17
C LEU ZA 118 106.86 -36.79 73.68
N ASN ZA 119 108.06 -36.42 73.21
CA ASN ZA 119 108.38 -36.44 71.78
C ASN ZA 119 109.81 -36.91 71.58
N ASP ZA 120 110.01 -38.22 71.52
CA ASP ZA 120 111.30 -38.79 71.08
C ASP ZA 120 111.22 -39.08 69.59
N TRP ZA 121 111.33 -38.00 68.81
CA TRP ZA 121 111.15 -38.06 67.37
C TRP ZA 121 112.22 -38.86 66.66
N GLU ZA 122 113.40 -39.02 67.29
CA GLU ZA 122 114.46 -39.75 66.63
C GLU ZA 122 114.23 -41.25 66.67
N GLU ZA 123 113.44 -41.75 67.62
CA GLU ZA 123 113.22 -43.20 67.58
C GLU ZA 123 111.80 -43.55 67.12
N GLN ZA 124 110.87 -42.61 67.21
CA GLN ZA 124 109.55 -42.75 66.59
C GLN ZA 124 109.25 -41.53 65.72
N PRO ZA 125 109.59 -41.60 64.42
CA PRO ZA 125 109.28 -40.49 63.51
C PRO ZA 125 107.81 -40.38 63.17
N ALA ZA 126 107.02 -41.43 63.40
CA ALA ZA 126 105.58 -41.36 63.19
C ALA ZA 126 104.92 -40.48 64.24
N LYS ZA 127 105.51 -40.38 65.43
CA LYS ZA 127 105.01 -39.45 66.42
C LYS ZA 127 105.35 -38.01 66.08
N TYR ZA 128 106.41 -37.80 65.30
CA TYR ZA 128 106.71 -36.47 64.80
C TYR ZA 128 105.64 -36.00 63.84
N TYR ZA 129 105.24 -36.87 62.92
CA TYR ZA 129 104.20 -36.51 61.96
C TYR ZA 129 102.84 -36.42 62.62
N ARG ZA 130 102.62 -37.17 63.71
CA ARG ZA 130 101.35 -37.07 64.40
C ARG ZA 130 101.24 -35.76 65.15
N GLN ZA 131 102.31 -35.34 65.82
CA GLN ZA 131 102.27 -34.10 66.58
C GLN ZA 131 102.45 -32.87 65.71
N LYS ZA 132 103.05 -33.00 64.52
CA LYS ZA 132 103.14 -31.85 63.64
C LYS ZA 132 101.82 -31.57 62.96
N ASN ZA 133 101.09 -32.61 62.56
CA ASN ZA 133 99.80 -32.42 61.94
C ASN ZA 133 98.76 -31.95 62.95
N ALA ZA 134 98.85 -32.46 64.18
CA ALA ZA 134 97.88 -32.09 65.19
C ALA ZA 134 98.10 -30.68 65.74
N GLU ZA 135 99.28 -30.10 65.52
CA GLU ZA 135 99.44 -28.69 65.88
C GLU ZA 135 98.74 -27.81 64.87
N LEU ZA 136 98.79 -28.21 63.60
CA LEU ZA 136 98.09 -27.45 62.57
C LEU ZA 136 96.59 -27.69 62.65
N ASN ZA 137 96.18 -28.95 62.78
CA ASN ZA 137 94.77 -29.30 62.72
C ASN ZA 137 94.00 -28.74 63.91
N ASN ZA 138 94.60 -28.80 65.10
CA ASN ZA 138 93.96 -28.17 66.26
C ASN ZA 138 94.04 -26.65 66.16
N GLY ZA 139 95.05 -26.13 65.46
CA GLY ZA 139 95.10 -24.70 65.24
C GLY ZA 139 94.14 -24.23 64.18
N ARG ZA 140 93.89 -25.06 63.17
CA ARG ZA 140 92.93 -24.70 62.14
C ARG ZA 140 91.49 -24.77 62.67
N ALA ZA 141 91.20 -25.78 63.49
CA ALA ZA 141 89.86 -25.89 64.06
C ALA ZA 141 89.59 -24.81 65.08
N ALA ZA 142 90.62 -24.39 65.82
CA ALA ZA 142 90.45 -23.30 66.76
C ALA ZA 142 90.48 -21.93 66.11
N MET ZA 143 91.04 -21.83 64.90
CA MET ZA 143 90.95 -20.59 64.15
C MET ZA 143 89.53 -20.34 63.69
N MET ZA 144 88.83 -21.40 63.29
CA MET ZA 144 87.44 -21.27 62.90
C MET ZA 144 86.51 -21.21 64.11
N GLY ZA 145 86.92 -21.81 65.22
CA GLY ZA 145 86.15 -21.70 66.44
C GLY ZA 145 86.16 -20.31 67.04
N ILE ZA 146 87.30 -19.62 66.97
CA ILE ZA 146 87.35 -18.26 67.49
C ILE ZA 146 86.70 -17.28 66.52
N LEU ZA 147 86.66 -17.61 65.23
CA LEU ZA 147 85.82 -16.85 64.33
C LEU ZA 147 84.36 -17.19 64.55
N GLY ZA 148 84.07 -18.40 65.03
CA GLY ZA 148 82.71 -18.71 65.46
C GLY ZA 148 82.33 -17.97 66.72
N THR ZA 149 83.22 -17.96 67.72
CA THR ZA 149 82.91 -17.37 69.01
C THR ZA 149 82.74 -15.86 68.89
N PHE ZA 150 83.51 -15.24 68.01
CA PHE ZA 150 83.45 -13.79 67.82
C PHE ZA 150 82.14 -13.38 67.16
N THR ZA 151 81.79 -14.01 66.02
CA THR ZA 151 80.62 -13.57 65.28
C THR ZA 151 79.31 -14.01 65.90
N HIS ZA 152 79.29 -15.09 66.69
CA HIS ZA 152 78.08 -15.46 67.40
C HIS ZA 152 77.71 -14.44 68.47
N GLU ZA 153 78.71 -13.75 69.04
CA GLU ZA 153 78.40 -12.69 69.99
C GLU ZA 153 77.97 -11.41 69.27
N VAL ZA 154 78.51 -11.17 68.07
CA VAL ZA 154 78.17 -9.96 67.33
C VAL ZA 154 76.73 -10.01 66.85
N ILE ZA 155 76.33 -11.12 66.21
CA ILE ZA 155 74.99 -11.21 65.62
C ILE ZA 155 73.89 -11.45 66.64
N THR ZA 156 74.22 -11.85 67.87
CA THR ZA 156 73.20 -12.10 68.87
C THR ZA 156 73.23 -11.10 70.02
N GLY ZA 157 74.37 -10.44 70.26
CA GLY ZA 157 74.50 -9.54 71.38
C GLY ZA 157 74.83 -10.22 72.69
N GLN ZA 158 74.60 -11.53 72.80
CA GLN ZA 158 74.91 -12.30 73.98
C GLN ZA 158 76.25 -12.99 73.78
N ASN ZA 159 76.97 -13.20 74.88
CA ASN ZA 159 78.19 -13.99 74.83
C ASN ZA 159 77.83 -15.47 74.84
N PHE ZA 160 78.84 -16.33 74.91
CA PHE ZA 160 78.58 -17.76 74.77
C PHE ZA 160 77.91 -18.34 76.00
N ALA ZA 161 78.16 -17.78 77.18
CA ALA ZA 161 77.45 -18.25 78.37
C ALA ZA 161 76.00 -17.79 78.35
N GLU ZA 162 75.72 -16.62 77.78
CA GLU ZA 162 74.36 -16.10 77.80
C GLU ZA 162 73.50 -16.68 76.68
N GLN ZA 163 74.08 -16.92 75.50
CA GLN ZA 163 73.27 -17.51 74.44
C GLN ZA 163 73.09 -19.00 74.61
N ALA ZA 164 73.89 -19.66 75.46
CA ALA ZA 164 73.68 -21.05 75.76
C ALA ZA 164 72.71 -21.25 76.91
N ALA ZA 165 72.62 -20.26 77.80
CA ALA ZA 165 71.59 -20.28 78.84
C ALA ZA 165 70.21 -20.10 78.25
N ALA ZA 166 70.09 -19.27 77.20
CA ALA ZA 166 68.82 -19.04 76.55
C ALA ZA 166 68.50 -20.09 75.49
N GLY ZA 167 69.44 -20.99 75.20
CA GLY ZA 167 69.22 -21.97 74.14
C GLY ZA 167 69.20 -21.38 72.76
N HIS ZA 168 69.75 -20.18 72.58
CA HIS ZA 168 69.65 -19.43 71.33
C HIS ZA 168 70.72 -19.97 70.38
N PHE ZA 169 70.37 -21.02 69.66
CA PHE ZA 169 71.28 -21.68 68.74
C PHE ZA 169 70.65 -21.84 67.36
N SER ZA 170 69.74 -20.94 67.00
CA SER ZA 170 69.11 -21.02 65.70
C SER ZA 170 68.81 -19.60 65.25
N PRO ZA 171 69.21 -19.23 64.03
CA PRO ZA 171 68.89 -17.88 63.54
C PRO ZA 171 67.56 -17.81 62.83
N PHE ZA 172 66.54 -18.47 63.36
CA PHE ZA 172 65.24 -18.52 62.71
C PHE ZA 172 64.18 -18.33 63.78
N GLY ZA 173 63.26 -17.40 63.54
CA GLY ZA 173 62.22 -17.11 64.49
C GLY ZA 173 62.60 -16.12 65.57
N ASP ZA 174 63.88 -15.84 65.74
CA ASP ZA 174 64.31 -14.83 66.69
C ASP ZA 174 64.08 -13.44 66.11
N GLY ZA 175 64.21 -12.44 66.97
CA GLY ZA 175 64.05 -11.08 66.50
C GLY ZA 175 65.28 -10.46 65.88
N GLN ZA 176 66.30 -11.25 65.59
CA GLN ZA 176 67.57 -10.76 65.08
C GLN ZA 176 67.78 -11.21 63.65
N GLY ZA 177 68.34 -10.33 62.83
CA GLY ZA 177 68.54 -10.61 61.42
C GLY ZA 177 67.23 -10.56 60.66
N PHE ZA 178 67.33 -10.73 59.35
CA PHE ZA 178 66.12 -10.94 58.55
C PHE ZA 178 65.87 -12.41 58.29
N PHE ZA 179 65.90 -13.21 59.35
CA PHE ZA 179 65.61 -14.64 59.25
C PHE ZA 179 65.03 -15.12 60.57
N SER AB 1 103.11 -61.22 65.73
CA SER AB 1 101.97 -60.87 64.92
C SER AB 1 100.76 -60.83 65.83
N GLU AB 2 99.56 -61.03 65.28
CA GLU AB 2 98.37 -60.85 66.09
C GLU AB 2 97.78 -62.17 66.59
N ILE AB 3 98.05 -63.28 65.90
CA ILE AB 3 97.41 -64.54 66.26
C ILE AB 3 97.93 -65.15 67.55
N GLU AB 4 99.12 -64.76 68.03
CA GLU AB 4 99.58 -65.30 69.30
C GLU AB 4 99.31 -64.41 70.50
N LEU AB 5 98.88 -63.18 70.29
CA LEU AB 5 98.51 -62.34 71.43
C LEU AB 5 97.02 -62.42 71.70
N GLY AB 6 96.66 -62.19 72.96
CA GLY AB 6 95.41 -62.67 73.51
C GLY AB 6 95.53 -64.02 74.19
N ALA AB 7 96.70 -64.64 74.14
CA ALA AB 7 96.95 -65.96 74.70
C ALA AB 7 97.99 -65.82 75.81
N THR AB 8 97.52 -65.77 77.05
CA THR AB 8 98.40 -65.63 78.19
C THR AB 8 98.51 -66.95 78.94
N GLU AB 9 99.17 -66.92 80.09
CA GLU AB 9 99.69 -68.13 80.71
C GLU AB 9 98.67 -69.13 81.26
N PRO AB 10 97.61 -68.78 82.02
CA PRO AB 10 96.84 -69.86 82.71
C PRO AB 10 96.05 -70.79 81.81
N LEU AB 11 95.89 -70.45 80.54
CA LEU AB 11 95.22 -71.34 79.59
C LEU AB 11 95.90 -71.46 78.24
N GLY AB 12 96.70 -70.48 77.81
CA GLY AB 12 97.30 -70.58 76.49
C GLY AB 12 96.36 -70.07 75.42
N VAL AB 13 96.41 -70.71 74.26
CA VAL AB 13 95.57 -70.30 73.15
C VAL AB 13 94.27 -71.02 73.46
N PHE AB 14 93.25 -70.26 73.87
CA PHE AB 14 92.03 -70.86 74.42
C PHE AB 14 90.87 -70.66 73.45
N ASP AB 15 90.52 -71.73 72.73
CA ASP AB 15 89.42 -71.71 71.78
C ASP AB 15 88.66 -73.03 71.85
N PRO AB 16 87.71 -73.14 72.77
CA PRO AB 16 86.95 -74.40 72.89
C PRO AB 16 86.01 -74.66 71.74
N LEU AB 17 85.66 -73.65 70.92
CA LEU AB 17 84.89 -74.02 69.76
C LEU AB 17 85.76 -74.39 68.57
N GLY AB 18 87.06 -74.13 68.66
CA GLY AB 18 87.98 -74.57 67.63
C GLY AB 18 87.96 -73.79 66.34
N TRP AB 19 87.50 -72.53 66.38
CA TRP AB 19 87.38 -71.73 65.16
C TRP AB 19 88.71 -71.16 64.69
N LEU AB 20 89.80 -71.39 65.41
CA LEU AB 20 91.11 -71.01 64.89
C LEU AB 20 91.57 -71.98 63.83
N GLU AB 21 91.40 -73.28 64.09
CA GLU AB 21 91.78 -74.30 63.13
C GLU AB 21 90.74 -74.45 62.04
N THR AB 22 89.50 -74.08 62.33
CA THR AB 22 88.39 -74.29 61.41
C THR AB 22 88.21 -73.12 60.46
N GLU AB 23 88.16 -71.89 60.99
CA GLU AB 23 87.98 -70.68 60.17
C GLU AB 23 89.04 -69.65 60.52
N PRO AB 24 90.23 -69.77 59.94
CA PRO AB 24 91.28 -68.76 60.16
C PRO AB 24 91.10 -67.49 59.35
N GLU AB 25 90.19 -67.46 58.38
CA GLU AB 25 90.00 -66.25 57.58
C GLU AB 25 89.18 -65.21 58.34
N ALA AB 26 88.43 -65.64 59.35
CA ALA AB 26 87.59 -64.75 60.12
C ALA AB 26 88.24 -64.28 61.42
N PHE AB 27 89.51 -64.60 61.63
CA PHE AB 27 90.12 -64.34 62.92
C PHE AB 27 90.45 -62.87 63.12
N GLU AB 28 90.96 -62.19 62.10
CA GLU AB 28 91.46 -60.84 62.36
C GLU AB 28 90.31 -59.84 62.46
N ARG AB 29 89.17 -60.14 61.82
CA ARG AB 29 88.01 -59.35 62.20
C ARG AB 29 87.51 -59.72 63.59
N ARG AB 30 87.54 -61.00 63.96
CA ARG AB 30 87.06 -61.41 65.27
C ARG AB 30 87.99 -60.93 66.38
N ARG AB 31 89.26 -60.74 66.07
CA ARG AB 31 90.14 -60.06 67.02
C ARG AB 31 89.78 -58.59 67.13
N ALA AB 32 89.47 -57.94 66.00
CA ALA AB 32 89.05 -56.54 66.00
C ALA AB 32 87.75 -56.34 66.74
N VAL AB 33 86.83 -57.30 66.67
CA VAL AB 33 85.60 -57.19 67.43
C VAL AB 33 85.89 -57.38 68.92
N GLU AB 34 86.78 -58.32 69.25
CA GLU AB 34 87.16 -58.57 70.64
C GLU AB 34 87.87 -57.37 71.25
N ARG AB 35 88.75 -56.74 70.48
CA ARG AB 35 89.45 -55.56 70.98
C ARG AB 35 88.51 -54.37 71.12
N LYS AB 36 87.56 -54.24 70.20
CA LYS AB 36 86.62 -53.11 70.28
C LYS AB 36 85.61 -53.32 71.39
N HIS AB 37 85.04 -54.54 71.50
CA HIS AB 37 84.18 -54.89 72.63
C HIS AB 37 84.90 -54.74 73.96
N GLY AB 38 86.19 -55.03 73.98
CA GLY AB 38 86.97 -54.79 75.18
C GLY AB 38 87.05 -53.33 75.54
N ARG AB 39 87.47 -52.49 74.57
CA ARG AB 39 87.69 -51.07 74.81
C ARG AB 39 86.39 -50.34 75.13
N VAL AB 40 85.27 -50.79 74.54
CA VAL AB 40 83.97 -50.24 74.90
C VAL AB 40 83.60 -50.60 76.34
N ALA AB 41 83.82 -51.86 76.71
CA ALA AB 41 83.44 -52.31 78.04
C ALA AB 41 84.33 -51.74 79.13
N MET AB 42 85.57 -51.40 78.80
CA MET AB 42 86.46 -50.82 79.81
C MET AB 42 86.02 -49.41 80.18
N ALA AB 43 85.61 -48.61 79.19
CA ALA AB 43 85.04 -47.30 79.50
C ALA AB 43 83.67 -47.45 80.12
N ALA AB 44 82.97 -48.55 79.85
CA ALA AB 44 81.65 -48.77 80.42
C ALA AB 44 81.75 -49.18 81.88
N VAL AB 45 82.74 -50.00 82.23
CA VAL AB 45 82.93 -50.40 83.63
C VAL AB 45 83.36 -49.19 84.45
N VAL AB 46 84.37 -48.45 83.97
CA VAL AB 46 84.85 -47.21 84.62
C VAL AB 46 83.73 -46.20 84.76
N GLY AB 47 82.83 -46.12 83.78
CA GLY AB 47 81.69 -45.22 83.89
C GLY AB 47 80.75 -45.58 85.02
N THR AB 48 80.53 -46.89 85.25
CA THR AB 48 79.63 -47.31 86.32
C THR AB 48 80.22 -47.02 87.70
N ILE AB 49 81.55 -47.03 87.84
CA ILE AB 49 82.13 -46.61 89.12
C ILE AB 49 81.92 -45.12 89.31
N VAL AB 50 82.10 -44.33 88.26
CA VAL AB 50 82.02 -42.87 88.39
C VAL AB 50 80.58 -42.42 88.61
N HIS AB 51 79.62 -43.07 87.93
CA HIS AB 51 78.21 -42.72 88.11
C HIS AB 51 77.74 -43.02 89.52
N ASN AB 52 78.05 -44.23 90.01
CA ASN AB 52 77.55 -44.69 91.30
C ASN AB 52 78.31 -44.09 92.48
N ASN AB 53 79.44 -43.44 92.23
CA ASN AB 53 80.10 -42.63 93.24
C ASN AB 53 79.54 -41.22 93.31
N HIS AB 54 78.46 -40.95 92.57
CA HIS AB 54 77.76 -39.67 92.56
C HIS AB 54 78.67 -38.52 92.14
N ILE AB 55 79.58 -38.81 91.21
CA ILE AB 55 80.38 -37.79 90.56
C ILE AB 55 79.56 -37.29 89.37
N VAL AB 56 78.90 -36.15 89.54
CA VAL AB 56 78.13 -35.52 88.49
C VAL AB 56 78.76 -34.18 88.18
N PHE AB 57 78.35 -33.57 87.06
CA PHE AB 57 79.05 -32.35 86.68
C PHE AB 57 78.56 -31.15 87.48
N ASP AB 58 77.41 -30.60 87.07
CA ASP AB 58 76.56 -29.57 87.69
C ASP AB 58 75.44 -29.25 86.71
N GLY AB 59 74.40 -28.59 87.21
CA GLY AB 59 73.40 -27.98 86.37
C GLY AB 59 72.55 -28.98 85.61
N TYR AB 60 72.02 -28.51 84.48
CA TYR AB 60 71.02 -29.22 83.70
C TYR AB 60 71.64 -29.76 82.43
N ILE AB 61 71.45 -31.06 82.18
CA ILE AB 61 71.78 -31.59 80.86
C ILE AB 61 70.76 -31.11 79.83
N SER AB 62 69.54 -30.81 80.25
CA SER AB 62 68.52 -30.33 79.33
C SER AB 62 67.64 -29.35 80.08
N PRO AB 63 67.95 -28.05 79.99
CA PRO AB 63 67.15 -27.04 80.71
C PRO AB 63 65.75 -26.85 80.16
N SER AB 64 65.48 -27.21 78.91
CA SER AB 64 64.11 -27.18 78.41
C SER AB 64 63.27 -28.25 79.10
N ASN AB 65 63.85 -29.42 79.28
CA ASN AB 65 63.25 -30.58 79.92
C ASN AB 65 63.26 -30.46 81.44
N ASN AB 66 63.98 -29.47 81.97
CA ASN AB 66 64.24 -29.29 83.41
C ASN AB 66 64.79 -30.57 84.02
N LEU AB 67 65.96 -30.94 83.55
CA LEU AB 67 66.52 -32.25 83.87
C LEU AB 67 67.99 -32.05 84.20
N LYS AB 68 68.33 -32.18 85.48
CA LYS AB 68 69.71 -31.99 85.92
C LYS AB 68 70.56 -33.21 85.58
N PHE AB 69 71.87 -33.07 85.78
CA PHE AB 69 72.77 -34.20 85.63
C PHE AB 69 72.61 -35.19 86.77
N SER AB 70 72.30 -34.70 87.97
CA SER AB 70 72.05 -35.57 89.11
C SER AB 70 70.70 -36.25 89.04
N ASP AB 71 69.76 -35.73 88.25
CA ASP AB 71 68.48 -36.35 87.97
C ASP AB 71 68.60 -37.60 87.10
N ILE AB 72 69.74 -37.78 86.44
CA ILE AB 72 70.03 -39.01 85.71
C ILE AB 72 70.21 -40.16 86.70
N PRO AB 73 69.54 -41.29 86.52
CA PRO AB 73 69.85 -42.47 87.35
C PRO AB 73 71.22 -43.04 87.01
N THR AB 74 71.81 -43.68 88.01
CA THR AB 74 73.16 -44.22 87.91
C THR AB 74 73.17 -45.70 87.53
N GLY AB 75 72.10 -46.17 86.90
CA GLY AB 75 72.05 -47.57 86.54
C GLY AB 75 71.86 -47.78 85.06
N ILE AB 76 70.98 -48.70 84.70
CA ILE AB 76 70.79 -48.98 83.29
C ILE AB 76 69.90 -47.93 82.66
N ASP AB 77 69.08 -47.27 83.47
CA ASP AB 77 68.06 -46.38 82.92
C ASP AB 77 68.61 -44.98 82.72
N GLY AB 78 69.93 -44.81 82.86
CA GLY AB 78 70.58 -43.51 82.84
C GLY AB 78 70.79 -42.98 81.45
N ILE AB 79 71.27 -43.82 80.54
CA ILE AB 79 71.44 -43.40 79.15
C ILE AB 79 70.10 -43.27 78.44
N PHE AB 80 69.04 -43.88 78.97
CA PHE AB 80 67.73 -43.77 78.37
C PHE AB 80 66.87 -42.69 79.00
N SER AB 81 67.29 -42.14 80.14
CA SER AB 81 66.65 -40.96 80.69
C SER AB 81 67.18 -39.68 80.07
N VAL AB 82 68.12 -39.78 79.13
CA VAL AB 82 68.70 -38.58 78.54
C VAL AB 82 67.70 -38.31 77.43
N PRO AB 83 67.36 -37.06 77.11
CA PRO AB 83 66.36 -36.82 76.04
C PRO AB 83 66.85 -37.26 74.67
N THR AB 84 65.89 -37.46 73.77
CA THR AB 84 66.17 -38.11 72.49
C THR AB 84 67.00 -37.20 71.59
N ALA AB 85 66.77 -35.88 71.68
CA ALA AB 85 67.64 -34.92 71.01
C ALA AB 85 69.04 -34.90 71.61
N GLY AB 86 69.18 -35.28 72.87
CA GLY AB 86 70.49 -35.42 73.47
C GLY AB 86 71.17 -36.71 73.11
N LEU AB 87 70.41 -37.82 73.08
CA LEU AB 87 70.96 -39.11 72.64
C LEU AB 87 71.34 -39.10 71.17
N ALA AB 88 70.64 -38.30 70.36
CA ALA AB 88 71.01 -38.22 68.95
C ALA AB 88 72.30 -37.45 68.76
N GLN AB 89 72.66 -36.57 69.71
CA GLN AB 89 73.92 -35.86 69.64
C GLN AB 89 75.11 -36.73 70.05
N ILE AB 90 74.91 -37.64 71.00
CA ILE AB 90 75.94 -38.61 71.36
C ILE AB 90 76.26 -39.52 70.19
N ILE AB 91 75.22 -40.10 69.60
CA ILE AB 91 75.38 -41.15 68.60
C ILE AB 91 75.91 -40.58 67.30
N ALA AB 92 75.57 -39.31 66.99
CA ALA AB 92 76.13 -38.65 65.81
C ALA AB 92 77.60 -38.35 65.98
N PHE AB 93 78.02 -38.00 67.20
CA PHE AB 93 79.44 -37.77 67.44
C PHE AB 93 80.21 -39.07 67.54
N LEU AB 94 79.64 -40.08 68.19
CA LEU AB 94 80.31 -41.37 68.30
C LEU AB 94 80.39 -42.07 66.96
N GLY AB 95 79.46 -41.79 66.04
CA GLY AB 95 79.60 -42.28 64.69
C GLY AB 95 80.63 -41.51 63.89
N PHE AB 96 80.87 -40.26 64.28
CA PHE AB 96 81.96 -39.51 63.69
C PHE AB 96 83.30 -40.02 64.16
N VAL AB 97 83.37 -40.47 65.43
CA VAL AB 97 84.61 -41.02 65.94
C VAL AB 97 84.86 -42.41 65.38
N GLU AB 98 83.81 -43.21 65.25
CA GLU AB 98 83.96 -44.60 64.84
C GLU AB 98 83.96 -44.80 63.33
N LEU AB 99 83.97 -43.71 62.54
CA LEU AB 99 84.04 -43.87 61.10
C LEU AB 99 85.13 -43.00 60.49
N ALA AB 100 85.46 -41.89 61.14
CA ALA AB 100 86.40 -40.93 60.60
C ALA AB 100 87.68 -40.85 61.43
N TRP AB 101 87.56 -40.55 62.73
CA TRP AB 101 88.76 -40.36 63.55
C TRP AB 101 89.40 -41.69 63.91
N LEU AB 102 88.64 -42.59 64.52
CA LEU AB 102 89.08 -43.96 64.79
C LEU AB 102 88.17 -44.89 64.00
N PRO AB 103 88.45 -45.10 62.71
CA PRO AB 103 87.56 -45.91 61.87
C PRO AB 103 87.61 -47.38 62.25
N ALA AB 104 86.48 -47.92 62.69
CA ALA AB 104 86.45 -49.28 63.18
C ALA AB 104 86.45 -50.33 62.07
N SER AB 105 86.53 -49.94 60.80
CA SER AB 105 86.81 -50.91 59.76
C SER AB 105 88.30 -51.24 59.68
N GLN AB 106 89.13 -50.44 60.32
CA GLN AB 106 90.56 -50.73 60.48
C GLN AB 106 90.71 -51.79 61.56
N TYR AB 107 91.09 -53.00 61.18
CA TYR AB 107 90.95 -54.17 62.04
C TYR AB 107 92.14 -54.44 62.95
N ASP AB 108 93.29 -53.82 62.70
CA ASP AB 108 94.38 -53.98 63.67
C ASP AB 108 94.26 -53.04 64.86
N GLY AB 109 93.23 -52.20 64.89
CA GLY AB 109 92.97 -51.33 66.01
C GLY AB 109 93.99 -50.23 66.21
N ASP AB 110 94.78 -49.91 65.19
CA ASP AB 110 95.93 -49.04 65.39
C ASP AB 110 95.56 -47.77 64.60
N TYR AB 111 95.51 -46.64 65.30
CA TYR AB 111 94.91 -45.42 64.82
C TYR AB 111 95.87 -44.23 64.93
N GLY AB 112 97.17 -44.48 64.87
CA GLY AB 112 98.16 -43.43 64.92
C GLY AB 112 98.60 -43.03 66.31
N VAL AB 113 97.70 -43.04 67.28
CA VAL AB 113 98.10 -42.81 68.65
C VAL AB 113 98.58 -44.13 69.23
N GLY AB 114 99.63 -44.09 70.04
CA GLY AB 114 100.22 -45.31 70.58
C GLY AB 114 99.64 -45.65 71.94
N TYR AB 115 100.49 -46.16 72.81
CA TYR AB 115 100.14 -46.31 74.22
C TYR AB 115 100.66 -45.07 74.93
N PHE AB 116 99.73 -44.18 75.28
CA PHE AB 116 100.01 -42.81 75.71
C PHE AB 116 100.89 -42.10 74.69
N GLY AB 117 100.52 -42.26 73.41
CA GLY AB 117 101.18 -41.60 72.32
C GLY AB 117 102.40 -42.32 71.78
N ASN AB 118 103.10 -43.07 72.62
CA ASN AB 118 104.36 -43.67 72.23
C ASN AB 118 104.14 -45.02 71.57
N ASP AB 119 105.01 -45.34 70.61
CA ASP AB 119 105.10 -46.68 70.07
C ASP AB 119 105.98 -47.49 71.01
N ILE AB 120 105.57 -48.71 71.34
CA ILE AB 120 106.31 -49.55 72.26
C ILE AB 120 107.49 -50.10 71.47
N LEU AB 121 108.70 -49.61 71.82
CA LEU AB 121 109.93 -49.89 71.10
C LEU AB 121 110.29 -51.37 71.11
N ASP AB 122 110.09 -52.05 72.25
CA ASP AB 122 110.34 -53.48 72.29
C ASP AB 122 109.26 -54.20 71.52
N PRO AB 123 109.51 -55.38 70.98
CA PRO AB 123 108.42 -56.16 70.39
C PRO AB 123 107.67 -57.01 71.40
N GLU AB 124 108.26 -57.40 72.53
CA GLU AB 124 107.43 -58.18 73.45
C GLU AB 124 107.10 -57.41 74.72
N GLU AB 125 107.68 -56.23 74.95
CA GLU AB 125 106.98 -55.29 75.82
C GLU AB 125 105.73 -54.77 75.12
N LYS AB 126 105.77 -54.68 73.78
CA LYS AB 126 104.58 -54.35 73.01
C LYS AB 126 103.54 -55.45 73.11
N ALA AB 127 103.99 -56.70 73.01
CA ALA AB 127 103.07 -57.82 73.11
C ALA AB 127 102.54 -58.00 74.52
N ARG AB 128 103.25 -57.51 75.54
CA ARG AB 128 102.74 -57.61 76.90
C ARG AB 128 101.61 -56.62 77.13
N LYS AB 129 101.75 -55.39 76.64
CA LYS AB 129 100.68 -54.42 76.78
C LYS AB 129 99.55 -54.66 75.79
N LEU AB 130 99.84 -55.33 74.68
CA LEU AB 130 98.78 -55.78 73.77
C LEU AB 130 97.94 -56.87 74.40
N ASN AB 131 98.56 -57.72 75.22
CA ASN AB 131 97.81 -58.72 75.97
C ASN AB 131 97.11 -58.10 77.17
N ALA AB 132 97.69 -57.07 77.78
CA ALA AB 132 97.06 -56.42 78.92
C ALA AB 132 95.84 -55.62 78.50
N GLU AB 133 95.82 -55.10 77.27
CA GLU AB 133 94.62 -54.45 76.77
C GLU AB 133 93.52 -55.48 76.51
N LEU AB 134 93.89 -56.63 75.96
CA LEU AB 134 92.90 -57.67 75.68
C LEU AB 134 92.37 -58.30 76.96
N ASN AB 135 93.26 -58.55 77.93
CA ASN AB 135 92.82 -59.23 79.14
C ASN AB 135 91.99 -58.32 80.03
N ASN AB 136 92.38 -57.05 80.16
CA ASN AB 136 91.52 -56.10 80.86
C ASN AB 136 90.25 -55.83 80.07
N GLY AB 137 90.32 -55.92 78.75
CA GLY AB 137 89.13 -55.76 77.95
C GLY AB 137 88.19 -56.93 78.06
N ARG AB 138 88.74 -58.15 78.14
CA ARG AB 138 87.90 -59.31 78.30
C ARG AB 138 87.31 -59.37 79.71
N ALA AB 139 88.10 -58.95 80.72
CA ALA AB 139 87.60 -58.88 82.08
C ALA AB 139 86.52 -57.82 82.25
N ALA AB 140 86.60 -56.74 81.49
CA ALA AB 140 85.59 -55.69 81.58
C ALA AB 140 84.32 -56.04 80.83
N MET AB 141 84.39 -56.92 79.84
CA MET AB 141 83.19 -57.42 79.19
C MET AB 141 82.33 -58.21 80.17
N MET AB 142 82.96 -59.03 81.01
CA MET AB 142 82.22 -59.73 82.04
C MET AB 142 81.85 -58.80 83.19
N GLY AB 143 82.61 -57.73 83.39
CA GLY AB 143 82.31 -56.77 84.44
C GLY AB 143 81.12 -55.90 84.14
N ILE AB 144 80.98 -55.45 82.89
CA ILE AB 144 79.84 -54.62 82.55
C ILE AB 144 78.60 -55.49 82.38
N MET AB 145 78.76 -56.72 81.92
CA MET AB 145 77.63 -57.62 81.81
C MET AB 145 77.19 -58.11 83.17
N GLY AB 146 78.15 -58.36 84.07
CA GLY AB 146 77.82 -58.71 85.43
C GLY AB 146 77.27 -57.57 86.24
N ASN AB 147 77.42 -56.34 85.77
CA ASN AB 147 76.79 -55.21 86.41
C ASN AB 147 75.43 -54.90 85.86
N MET AB 148 75.14 -55.32 84.64
CA MET AB 148 73.84 -55.05 84.04
C MET AB 148 72.81 -56.10 84.43
N VAL AB 149 73.21 -57.36 84.50
CA VAL AB 149 72.24 -58.41 84.86
C VAL AB 149 71.98 -58.38 86.36
N ALA AB 150 72.95 -57.93 87.15
CA ALA AB 150 72.77 -57.92 88.60
C ALA AB 150 72.04 -56.68 89.07
N GLU AB 151 71.87 -55.69 88.20
CA GLU AB 151 70.97 -54.60 88.52
C GLU AB 151 69.52 -55.00 88.23
N LYS AB 152 69.28 -55.59 87.06
CA LYS AB 152 67.92 -55.93 86.67
C LYS AB 152 67.37 -57.16 87.38
N ILE AB 153 68.21 -57.94 88.05
CA ILE AB 153 67.73 -59.06 88.85
C ILE AB 153 67.43 -58.61 90.28
N THR AB 154 68.35 -57.87 90.90
CA THR AB 154 68.11 -57.37 92.25
C THR AB 154 67.25 -56.13 92.28
N GLY AB 155 66.96 -55.51 91.13
CA GLY AB 155 66.10 -54.36 91.07
C GLY AB 155 66.72 -53.05 91.50
N GLN AB 156 67.94 -53.06 92.01
CA GLN AB 156 68.59 -51.87 92.53
C GLN AB 156 69.84 -51.57 91.73
N THR AB 157 70.24 -50.29 91.74
CA THR AB 157 71.49 -49.95 91.09
C THR AB 157 72.65 -50.27 92.04
N MET AB 158 73.87 -49.96 91.59
CA MET AB 158 75.05 -50.36 92.34
C MET AB 158 75.31 -49.53 93.58
N TYR AB 159 74.73 -48.36 93.64
CA TYR AB 159 74.82 -47.62 94.88
C TYR AB 159 73.76 -48.10 95.85
N GLU AB 160 72.53 -48.19 95.36
CA GLU AB 160 71.35 -48.70 96.06
C GLU AB 160 71.62 -50.07 96.69
N GLN AB 161 72.19 -51.00 95.91
CA GLN AB 161 72.47 -52.35 96.41
C GLN AB 161 73.57 -52.33 97.47
N TYR AB 162 74.56 -51.45 97.29
CA TYR AB 162 75.71 -51.48 98.19
C TYR AB 162 75.41 -50.74 99.50
N ALA AB 163 74.69 -49.60 99.42
CA ALA AB 163 73.99 -48.98 100.56
C ALA AB 163 73.22 -49.99 101.40
N ALA AB 164 72.40 -50.82 100.75
CA ALA AB 164 71.55 -51.76 101.46
C ALA AB 164 72.32 -52.95 102.01
N GLY AB 165 73.56 -53.17 101.58
CA GLY AB 165 74.27 -54.36 101.97
C GLY AB 165 73.75 -55.62 101.34
N HIS AB 166 73.07 -55.51 100.19
CA HIS AB 166 72.50 -56.67 99.49
C HIS AB 166 73.59 -57.34 98.65
N PHE AB 167 74.51 -57.97 99.35
CA PHE AB 167 75.63 -58.66 98.72
C PHE AB 167 75.47 -60.17 98.70
N ASN AB 168 74.81 -60.75 99.70
CA ASN AB 168 74.66 -62.19 99.78
C ASN AB 168 73.38 -62.58 99.06
N PRO AB 169 73.44 -63.35 97.98
CA PRO AB 169 72.23 -63.80 97.29
C PRO AB 169 71.61 -65.08 97.85
N PHE AB 170 72.09 -65.57 98.99
CA PHE AB 170 71.61 -66.83 99.55
C PHE AB 170 70.69 -66.65 100.74
N ASN AB 171 70.71 -65.49 101.39
CA ASN AB 171 69.90 -65.25 102.57
C ASN AB 171 68.99 -64.05 102.42
N ASP AB 172 68.83 -63.56 101.20
CA ASP AB 172 67.87 -62.53 100.85
C ASP AB 172 66.58 -63.17 100.34
N GLY AB 173 65.68 -62.36 99.80
CA GLY AB 173 64.54 -62.90 99.09
C GLY AB 173 64.75 -62.87 97.59
N GLU AB 174 65.17 -64.00 97.03
CA GLU AB 174 65.39 -64.14 95.60
C GLU AB 174 65.01 -65.56 95.20
N GLY AB 175 65.25 -65.89 93.94
CA GLY AB 175 65.18 -67.29 93.53
C GLY AB 175 66.35 -68.05 94.12
N PHE AB 176 66.06 -69.18 94.75
CA PHE AB 176 67.02 -70.05 95.44
C PHE AB 176 67.81 -69.31 96.52
N SER BB 1 124.11 -57.04 85.85
CA SER BB 1 123.73 -58.27 86.53
C SER BB 1 123.16 -57.99 87.90
N GLU BB 2 122.96 -59.05 88.66
CA GLU BB 2 122.25 -58.95 89.93
C GLU BB 2 123.19 -58.88 91.10
N ILE BB 3 124.50 -58.95 90.84
CA ILE BB 3 125.51 -59.00 91.88
C ILE BB 3 125.90 -57.58 92.31
N GLU BB 4 126.06 -56.68 91.33
CA GLU BB 4 126.43 -55.30 91.58
C GLU BB 4 125.30 -54.47 92.14
N LEU BB 5 124.06 -54.96 92.07
CA LEU BB 5 122.92 -54.06 92.16
C LEU BB 5 122.66 -53.51 93.54
N GLY BB 6 123.35 -53.98 94.57
CA GLY BB 6 123.06 -53.49 95.90
C GLY BB 6 124.20 -52.76 96.55
N VAL BB 7 125.32 -52.59 95.84
CA VAL BB 7 126.49 -51.98 96.45
C VAL BB 7 126.51 -50.48 96.11
N THR BB 8 126.74 -49.67 97.15
CA THR BB 8 126.87 -48.22 97.01
C THR BB 8 128.22 -47.84 97.60
N GLU BB 9 128.53 -46.55 97.67
CA GLU BB 9 129.87 -46.19 98.13
C GLU BB 9 130.16 -46.25 99.65
N PRO BB 10 129.29 -45.89 100.60
CA PRO BB 10 129.78 -45.84 101.99
C PRO BB 10 129.82 -47.17 102.71
N LEU BB 11 129.36 -48.28 102.13
CA LEU BB 11 129.71 -49.58 102.69
C LEU BB 11 130.24 -50.58 101.67
N GLY BB 12 129.98 -50.40 100.38
CA GLY BB 12 130.50 -51.33 99.40
C GLY BB 12 129.74 -52.63 99.41
N VAL BB 13 130.46 -53.75 99.54
CA VAL BB 13 129.81 -55.05 99.54
C VAL BB 13 129.32 -55.41 100.94
N TYR BB 14 130.16 -55.17 101.97
CA TYR BB 14 129.79 -55.15 103.39
C TYR BB 14 129.15 -56.47 103.84
N ASP BB 15 129.98 -57.49 103.91
CA ASP BB 15 129.43 -58.83 104.07
C ASP BB 15 130.06 -59.38 105.34
N PRO BB 16 129.54 -59.05 106.53
CA PRO BB 16 130.17 -59.56 107.76
C PRO BB 16 129.98 -61.04 107.96
N LEU BB 17 128.98 -61.64 107.30
CA LEU BB 17 128.85 -63.08 107.30
C LEU BB 17 129.66 -63.72 106.19
N GLY BB 18 130.00 -62.97 105.15
CA GLY BB 18 130.78 -63.51 104.05
C GLY BB 18 130.02 -64.52 103.22
N TRP BB 19 128.74 -64.28 102.99
CA TRP BB 19 127.89 -65.25 102.32
C TRP BB 19 127.87 -65.04 100.81
N LEU BB 20 128.96 -64.51 100.24
CA LEU BB 20 129.10 -64.25 98.82
C LEU BB 20 129.66 -65.42 98.02
N GLU BB 21 130.67 -66.15 98.52
CA GLU BB 21 131.11 -67.41 97.94
C GLU BB 21 131.07 -68.55 98.96
N SER BB 22 130.79 -68.24 100.21
CA SER BB 22 130.14 -69.21 101.08
C SER BB 22 128.65 -69.20 100.70
N GLU BB 23 128.15 -70.39 100.31
CA GLU BB 23 126.91 -70.57 99.53
C GLU BB 23 126.62 -69.49 98.48
N PRO BB 24 127.36 -69.44 97.37
CA PRO BB 24 127.11 -68.37 96.38
C PRO BB 24 125.88 -68.55 95.51
N GLU BB 25 125.33 -69.75 95.33
CA GLU BB 25 124.16 -69.83 94.46
C GLU BB 25 122.86 -69.65 95.23
N ALA BB 26 122.94 -69.42 96.54
CA ALA BB 26 121.80 -68.97 97.32
C ALA BB 26 121.63 -67.46 97.33
N PHE BB 27 122.55 -66.72 96.69
CA PHE BB 27 122.36 -65.29 96.39
C PHE BB 27 121.01 -65.08 95.72
N GLU BB 28 120.79 -65.75 94.58
CA GLU BB 28 119.75 -65.45 93.60
C GLU BB 28 118.35 -65.50 94.19
N ARG BB 29 118.18 -66.21 95.29
CA ARG BB 29 116.96 -66.12 96.06
C ARG BB 29 117.03 -65.08 97.16
N ARG BB 30 118.18 -64.94 97.82
CA ARG BB 30 118.17 -64.07 98.98
C ARG BB 30 118.44 -62.62 98.59
N ARG BB 31 118.74 -62.35 97.30
CA ARG BB 31 118.45 -61.02 96.77
C ARG BB 31 116.96 -60.84 96.52
N ALA BB 32 116.31 -61.85 95.94
CA ALA BB 32 114.87 -61.79 95.69
C ALA BB 32 114.05 -61.68 96.97
N VAL BB 33 114.60 -62.11 98.11
CA VAL BB 33 113.94 -61.87 99.39
C VAL BB 33 114.18 -60.44 99.86
N GLU BB 34 115.42 -59.94 99.74
CA GLU BB 34 115.74 -58.57 100.14
C GLU BB 34 114.99 -57.54 99.30
N ARG BB 35 114.84 -57.83 98.01
CA ARG BB 35 114.01 -56.97 97.16
C ARG BB 35 112.55 -57.06 97.56
N LYS BB 36 112.10 -58.27 97.90
CA LYS BB 36 110.71 -58.46 98.34
C LYS BB 36 110.47 -57.82 99.69
N HIS BB 37 111.33 -58.13 100.68
CA HIS BB 37 111.26 -57.50 101.99
C HIS BB 37 111.47 -55.99 101.91
N GLY BB 38 112.25 -55.54 100.94
CA GLY BB 38 112.35 -54.11 100.69
C GLY BB 38 111.00 -53.52 100.30
N ARG BB 39 110.39 -54.08 99.24
CA ARG BB 39 109.20 -53.49 98.62
C ARG BB 39 107.99 -53.51 99.55
N VAL BB 40 107.95 -54.49 100.47
CA VAL BB 40 106.79 -54.57 101.36
C VAL BB 40 107.02 -53.71 102.60
N ALA BB 41 108.28 -53.34 102.87
CA ALA BB 41 108.56 -52.48 104.01
C ALA BB 41 108.42 -51.00 103.66
N MET BB 42 108.72 -50.63 102.42
CA MET BB 42 108.55 -49.23 102.06
C MET BB 42 107.09 -48.92 101.73
N ALA BB 43 106.33 -49.92 101.28
CA ALA BB 43 104.88 -49.74 101.18
C ALA BB 43 104.21 -49.76 102.54
N ALA BB 44 104.87 -50.27 103.56
CA ALA BB 44 104.27 -50.28 104.89
C ALA BB 44 104.67 -49.09 105.73
N VAL BB 45 105.75 -48.39 105.37
CA VAL BB 45 106.20 -47.23 106.12
C VAL BB 45 105.63 -45.92 105.55
N VAL BB 46 105.36 -45.86 104.25
CA VAL BB 46 104.61 -44.74 103.70
C VAL BB 46 103.14 -44.89 104.05
N GLY BB 47 102.69 -46.11 104.34
CA GLY BB 47 101.36 -46.31 104.88
C GLY BB 47 101.24 -45.94 106.33
N THR BB 48 102.34 -46.06 107.08
CA THR BB 48 102.32 -45.68 108.48
C THR BB 48 102.31 -44.16 108.61
N ILE BB 49 102.93 -43.47 107.66
CA ILE BB 49 102.85 -42.01 107.60
C ILE BB 49 101.41 -41.58 107.37
N VAL BB 50 100.76 -42.18 106.39
CA VAL BB 50 99.42 -41.73 106.02
C VAL BB 50 98.36 -42.19 107.03
N HIS BB 51 98.63 -43.24 107.80
CA HIS BB 51 97.68 -43.65 108.84
C HIS BB 51 97.65 -42.63 109.97
N ASN BB 52 98.82 -42.15 110.39
CA ASN BB 52 98.89 -41.24 111.53
C ASN BB 52 98.70 -39.79 111.15
N ASN BB 53 98.56 -39.47 109.86
CA ASN BB 53 98.15 -38.15 109.43
C ASN BB 53 96.64 -38.02 109.23
N HIS BB 54 95.89 -39.09 109.50
CA HIS BB 54 94.41 -39.09 109.54
C HIS BB 54 93.79 -38.68 108.20
N ILE BB 55 93.98 -39.56 107.22
CA ILE BB 55 93.60 -39.29 105.84
C ILE BB 55 92.43 -40.19 105.45
N VAL BB 56 91.70 -40.67 106.46
CA VAL BB 56 90.86 -41.87 106.37
C VAL BB 56 89.76 -41.74 105.31
N PHE BB 57 89.14 -42.88 104.99
CA PHE BB 57 88.34 -43.05 103.78
C PHE BB 57 86.86 -42.66 103.89
N ASP BB 58 86.47 -41.64 104.66
CA ASP BB 58 85.16 -40.97 104.55
C ASP BB 58 83.97 -41.84 105.01
N GLY BB 59 84.14 -43.14 105.25
CA GLY BB 59 82.99 -44.02 105.30
C GLY BB 59 83.10 -45.11 106.35
N TYR BB 60 82.55 -46.27 106.00
CA TYR BB 60 82.47 -47.43 106.87
C TYR BB 60 83.26 -48.57 106.25
N LEU BB 61 84.17 -49.17 107.02
CA LEU BB 61 84.87 -50.36 106.53
C LEU BB 61 83.93 -51.55 106.52
N SER BB 62 83.19 -51.75 107.61
CA SER BB 62 82.12 -52.74 107.67
C SER BB 62 80.93 -52.10 108.36
N PRO BB 63 79.86 -51.79 107.62
CA PRO BB 63 78.63 -51.37 108.28
C PRO BB 63 77.93 -52.49 109.02
N SER BB 64 78.19 -53.76 108.65
CA SER BB 64 77.59 -54.87 109.36
C SER BB 64 78.23 -55.06 110.73
N ASN BB 65 79.50 -54.68 110.87
CA ASN BB 65 80.14 -54.71 112.18
C ASN BB 65 80.29 -53.32 112.77
N ASN BB 66 79.71 -52.30 112.12
CA ASN BB 66 79.76 -50.89 112.51
C ASN BB 66 81.19 -50.40 112.70
N LEU BB 67 81.98 -50.54 111.64
CA LEU BB 67 83.39 -50.16 111.64
C LEU BB 67 83.58 -49.01 110.67
N LYS BB 68 83.73 -47.81 111.20
CA LYS BB 68 84.13 -46.70 110.36
C LYS BB 68 85.62 -46.81 110.00
N PHE BB 69 86.05 -46.01 109.03
CA PHE BB 69 87.47 -46.03 108.69
C PHE BB 69 88.28 -45.27 109.73
N SER BB 70 87.63 -44.35 110.45
CA SER BB 70 88.26 -43.68 111.59
C SER BB 70 88.18 -44.51 112.87
N ASP BB 71 87.34 -45.56 112.88
CA ASP BB 71 87.26 -46.50 113.99
C ASP BB 71 88.57 -47.27 114.19
N ILE BB 72 89.27 -47.57 113.11
CA ILE BB 72 90.48 -48.39 113.16
C ILE BB 72 91.61 -47.57 113.79
N PRO BB 73 92.38 -48.15 114.73
CA PRO BB 73 93.56 -47.45 115.25
C PRO BB 73 94.61 -47.25 114.17
N THR BB 74 95.36 -46.16 114.29
CA THR BB 74 96.37 -45.81 113.32
C THR BB 74 97.75 -46.38 113.66
N GLY BB 75 97.81 -47.51 114.39
CA GLY BB 75 99.06 -48.06 114.88
C GLY BB 75 99.36 -49.53 114.65
N VAL BB 76 99.89 -50.27 115.64
CA VAL BB 76 100.13 -51.69 115.35
C VAL BB 76 98.85 -52.50 115.48
N ASP BB 77 97.87 -52.08 116.27
CA ASP BB 77 96.70 -52.91 116.33
C ASP BB 77 95.66 -52.53 115.29
N GLY BB 78 96.01 -51.66 114.33
CA GLY BB 78 95.08 -51.34 113.27
C GLY BB 78 94.85 -52.48 112.30
N ILE BB 79 95.82 -53.39 112.16
CA ILE BB 79 95.63 -54.57 111.33
C ILE BB 79 94.73 -55.59 112.03
N ARG BB 80 94.56 -55.47 113.35
CA ARG BB 80 93.70 -56.39 114.08
C ARG BB 80 92.25 -55.93 114.13
N ALA BB 81 92.00 -54.65 113.81
CA ALA BB 81 90.64 -54.14 113.76
C ALA BB 81 89.91 -54.57 112.51
N ILE BB 82 90.61 -55.17 111.54
CA ILE BB 82 89.96 -55.73 110.36
C ILE BB 82 89.04 -56.86 110.78
N PRO BB 83 87.84 -56.96 110.26
CA PRO BB 83 87.01 -58.13 110.55
C PRO BB 83 87.45 -59.37 109.79
N THR BB 84 86.68 -60.44 109.94
CA THR BB 84 87.12 -61.76 109.50
C THR BB 84 86.93 -61.96 108.01
N ALA BB 85 85.87 -61.38 107.43
CA ALA BB 85 85.75 -61.33 105.98
C ALA BB 85 86.65 -60.26 105.38
N GLY BB 86 87.11 -59.31 106.21
CA GLY BB 86 88.04 -58.30 105.78
C GLY BB 86 89.38 -58.88 105.40
N LEU BB 87 90.09 -59.53 106.33
CA LEU BB 87 91.33 -60.14 105.89
C LEU BB 87 91.19 -61.54 105.32
N ALA BB 88 89.98 -62.05 105.12
CA ALA BB 88 89.83 -63.12 104.15
C ALA BB 88 89.89 -62.58 102.72
N GLN BB 89 89.40 -61.35 102.49
CA GLN BB 89 89.49 -60.73 101.19
C GLN BB 89 90.91 -60.31 100.84
N ILE BB 90 91.73 -60.07 101.85
CA ILE BB 90 93.11 -59.63 101.62
C ILE BB 90 93.95 -60.77 101.05
N LEU BB 91 93.96 -61.92 101.72
CA LEU BB 91 94.79 -63.03 101.25
C LEU BB 91 94.11 -63.84 100.16
N ALA BB 92 92.83 -63.61 99.87
CA ALA BB 92 92.26 -64.20 98.66
C ALA BB 92 92.72 -63.45 97.43
N PHE BB 93 92.79 -62.13 97.52
CA PHE BB 93 93.24 -61.31 96.39
C PHE BB 93 94.75 -61.40 96.21
N PHE BB 94 95.51 -61.31 97.30
CA PHE BB 94 96.96 -61.37 97.18
C PHE BB 94 97.49 -62.79 97.03
N ALA BB 95 96.65 -63.81 97.09
CA ALA BB 95 97.06 -65.11 96.57
C ALA BB 95 97.05 -65.11 95.05
N LEU BB 96 96.20 -64.29 94.44
CA LEU BB 96 96.17 -64.11 93.00
C LEU BB 96 97.23 -63.12 92.53
N VAL BB 97 97.83 -62.38 93.45
CA VAL BB 97 98.98 -61.56 93.12
C VAL BB 97 100.27 -62.35 93.29
N GLU BB 98 100.44 -63.02 94.42
CA GLU BB 98 101.72 -63.63 94.75
C GLU BB 98 101.98 -64.95 94.05
N LEU BB 99 100.97 -65.59 93.47
CA LEU BB 99 101.17 -66.81 92.70
C LEU BB 99 100.98 -66.61 91.23
N ALA BB 100 100.08 -65.73 90.83
CA ALA BB 100 99.57 -65.69 89.47
C ALA BB 100 100.08 -64.49 88.70
N TRP BB 101 99.81 -63.29 89.20
CA TRP BB 101 100.09 -62.08 88.43
C TRP BB 101 101.54 -61.67 88.61
N MET BB 102 101.94 -61.57 89.86
CA MET BB 102 103.25 -61.11 90.31
C MET BB 102 103.88 -62.25 91.09
N PRO BB 103 104.25 -63.36 90.43
CA PRO BB 103 104.60 -64.56 91.18
C PRO BB 103 105.88 -64.36 91.98
N ALA BB 104 105.75 -64.40 93.30
CA ALA BB 104 106.85 -64.12 94.22
C ALA BB 104 107.92 -65.21 94.19
N SER BB 105 107.60 -66.33 93.55
CA SER BB 105 108.54 -67.35 93.11
C SER BB 105 109.53 -66.84 92.07
N LYS BB 106 109.13 -65.90 91.22
CA LYS BB 106 110.02 -65.35 90.20
C LYS BB 106 111.09 -64.50 90.87
N TYR BB 107 112.33 -64.97 90.85
CA TYR BB 107 113.40 -64.33 91.61
C TYR BB 107 114.02 -63.15 90.89
N ASP BB 108 113.52 -62.81 89.71
CA ASP BB 108 114.01 -61.67 88.97
C ASP BB 108 113.57 -60.36 89.62
N GLY BB 109 112.43 -60.38 90.31
CA GLY BB 109 111.76 -59.17 90.73
C GLY BB 109 111.17 -58.36 89.59
N ASP BB 110 111.07 -58.94 88.41
CA ASP BB 110 110.77 -58.24 87.16
C ASP BB 110 109.49 -58.82 86.59
N TYR BB 111 108.38 -58.10 86.77
CA TYR BB 111 107.08 -58.56 86.34
C TYR BB 111 106.52 -57.72 85.19
N GLY BB 112 107.39 -57.12 84.41
CA GLY BB 112 106.98 -56.43 83.19
C GLY BB 112 106.28 -55.11 83.37
N VAL BB 113 106.36 -54.51 84.56
CA VAL BB 113 105.71 -53.22 84.79
C VAL BB 113 106.68 -52.05 84.70
N GLY BB 114 107.99 -52.29 84.79
CA GLY BB 114 108.99 -51.25 84.69
C GLY BB 114 108.94 -50.25 85.83
N TYR BB 115 109.63 -49.13 85.61
CA TYR BB 115 109.63 -48.02 86.55
C TYR BB 115 108.72 -46.95 86.00
N PHE BB 116 107.50 -46.87 86.54
CA PHE BB 116 106.40 -46.05 86.03
C PHE BB 116 106.12 -46.35 84.56
N GLY BB 117 106.13 -47.63 84.22
CA GLY BB 117 105.68 -48.08 82.92
C GLY BB 117 106.73 -48.18 81.84
N THR BB 118 107.89 -47.57 82.00
CA THR BB 118 108.90 -47.55 80.95
C THR BB 118 110.02 -48.51 81.30
N ASP BB 119 110.69 -49.05 80.29
CA ASP BB 119 111.83 -49.88 80.63
C ASP BB 119 113.03 -48.97 80.37
N ILE BB 120 113.89 -48.91 81.37
CA ILE BB 120 114.94 -47.91 81.41
C ILE BB 120 116.10 -48.43 80.56
N LYS BB 121 116.20 -47.89 79.34
CA LYS BB 121 117.09 -48.41 78.30
C LYS BB 121 118.56 -48.22 78.64
N ASP BB 122 118.90 -47.12 79.28
CA ASP BB 122 120.28 -46.79 79.60
C ASP BB 122 120.76 -47.68 80.74
N PRO BB 123 121.80 -48.51 80.54
CA PRO BB 123 122.13 -49.54 81.54
C PRO BB 123 122.71 -49.02 82.84
N GLU BB 124 123.22 -47.80 82.90
CA GLU BB 124 123.60 -47.27 84.20
C GLU BB 124 122.59 -46.28 84.76
N GLU BB 125 121.63 -45.83 83.95
CA GLU BB 125 120.38 -45.32 84.52
C GLU BB 125 119.66 -46.39 85.31
N LYS BB 126 119.48 -47.58 84.74
CA LYS BB 126 118.61 -48.51 85.46
C LYS BB 126 119.39 -49.26 86.52
N ALA BB 127 120.71 -49.38 86.38
CA ALA BB 127 121.49 -49.89 87.50
C ALA BB 127 121.53 -48.90 88.66
N ARG BB 128 121.34 -47.60 88.39
CA ARG BB 128 121.27 -46.64 89.49
C ARG BB 128 119.99 -46.80 90.29
N LYS BB 129 118.86 -46.99 89.61
CA LYS BB 129 117.60 -46.92 90.32
C LYS BB 129 117.14 -48.29 90.82
N LEU BB 130 117.86 -49.36 90.47
CA LEU BB 130 117.73 -50.60 91.21
C LEU BB 130 118.64 -50.64 92.41
N ASN BB 131 119.65 -49.76 92.43
CA ASN BB 131 120.35 -49.49 93.68
C ASN BB 131 119.47 -48.66 94.61
N VAL BB 132 118.55 -47.87 94.05
CA VAL BB 132 117.67 -47.05 94.87
C VAL BB 132 116.51 -47.88 95.43
N GLU BB 133 115.96 -48.78 94.63
CA GLU BB 133 114.92 -49.70 95.10
C GLU BB 133 115.42 -50.62 96.20
N LEU BB 134 116.72 -50.94 96.19
CA LEU BB 134 117.30 -51.72 97.28
C LEU BB 134 117.64 -50.86 98.49
N ASN BB 135 118.27 -49.69 98.26
CA ASN BB 135 118.69 -48.83 99.38
C ASN BB 135 117.49 -48.21 100.09
N ASN BB 136 116.48 -47.76 99.35
CA ASN BB 136 115.27 -47.26 100.01
C ASN BB 136 114.46 -48.38 100.63
N GLY BB 137 114.64 -49.62 100.16
CA GLY BB 137 114.04 -50.78 100.79
C GLY BB 137 114.78 -51.19 102.05
N ARG BB 138 116.10 -51.06 102.04
CA ARG BB 138 116.90 -51.37 103.23
C ARG BB 138 116.63 -50.39 104.34
N ALA BB 139 116.60 -49.10 104.02
CA ALA BB 139 116.34 -48.08 105.03
C ALA BB 139 114.89 -48.06 105.49
N ALA BB 140 113.97 -48.60 104.69
CA ALA BB 140 112.60 -48.75 105.15
C ALA BB 140 112.42 -50.02 105.98
N MET BB 141 113.31 -51.00 105.81
CA MET BB 141 113.16 -52.24 106.57
C MET BB 141 113.42 -52.01 108.06
N MET BB 142 114.45 -51.25 108.42
CA MET BB 142 114.45 -50.75 109.80
C MET BB 142 113.74 -49.42 109.94
N GLY BB 143 113.10 -48.96 108.89
CA GLY BB 143 112.18 -47.86 109.03
C GLY BB 143 111.04 -48.27 109.94
N ILE BB 144 110.18 -49.20 109.55
CA ILE BB 144 109.16 -49.51 110.54
C ILE BB 144 109.46 -50.72 111.41
N MET BB 145 110.62 -51.37 111.28
CA MET BB 145 111.03 -52.26 112.37
C MET BB 145 111.45 -51.47 113.59
N GLY BB 146 111.86 -50.22 113.39
CA GLY BB 146 112.01 -49.26 114.44
C GLY BB 146 110.79 -48.42 114.74
N ASN BB 147 109.66 -48.66 114.07
CA ASN BB 147 108.41 -47.99 114.42
C ASN BB 147 107.53 -48.83 115.32
N MET BB 148 107.52 -50.14 115.11
CA MET BB 148 106.67 -51.03 115.88
C MET BB 148 107.28 -51.38 117.21
N VAL BB 149 108.62 -51.41 117.30
CA VAL BB 149 109.25 -51.38 118.61
C VAL BB 149 109.18 -50.01 119.25
N ALA BB 150 108.83 -48.98 118.49
CA ALA BB 150 108.56 -47.67 119.04
C ALA BB 150 107.10 -47.49 119.44
N GLU BB 151 106.21 -48.42 119.08
CA GLU BB 151 104.92 -48.36 119.77
C GLU BB 151 104.82 -49.32 120.94
N VAL BB 152 105.22 -50.58 120.77
CA VAL BB 152 104.96 -51.58 121.79
C VAL BB 152 105.75 -51.36 123.07
N LEU BB 153 106.76 -50.49 123.04
CA LEU BB 153 107.54 -50.14 124.22
C LEU BB 153 107.07 -48.90 124.94
N THR BB 154 106.27 -48.04 124.30
CA THR BB 154 105.68 -46.92 125.03
C THR BB 154 104.16 -46.90 124.96
N GLY BB 155 103.55 -47.76 124.16
CA GLY BB 155 102.10 -47.89 124.19
C GLY BB 155 101.37 -47.01 123.20
N GLN BB 156 101.84 -45.78 123.01
CA GLN BB 156 101.18 -44.85 122.11
C GLN BB 156 101.53 -45.15 120.68
N THR BB 157 100.65 -44.74 119.77
CA THR BB 157 100.97 -44.74 118.35
C THR BB 157 101.63 -43.42 117.97
N MET BB 158 102.18 -43.36 116.73
CA MET BB 158 103.01 -42.25 116.24
C MET BB 158 102.34 -40.90 116.39
N TYR BB 159 101.05 -40.83 116.11
CA TYR BB 159 100.36 -39.55 116.17
C TYR BB 159 100.33 -39.01 117.60
N GLU BB 160 100.26 -39.89 118.59
CA GLU BB 160 100.31 -39.35 119.95
C GLU BB 160 101.70 -39.50 120.54
N GLN BB 161 102.61 -40.22 119.87
CA GLN BB 161 104.03 -40.08 120.24
C GLN BB 161 104.56 -38.70 119.87
N TYR BB 162 104.07 -38.13 118.77
CA TYR BB 162 104.51 -36.82 118.33
C TYR BB 162 103.72 -35.69 118.97
N ALA BB 163 102.45 -35.92 119.31
CA ALA BB 163 101.66 -34.92 120.03
C ALA BB 163 101.75 -35.14 121.54
N SER BB 164 102.99 -35.30 122.01
CA SER BB 164 103.28 -35.49 123.42
C SER BB 164 104.58 -34.84 123.89
N GLY BB 165 105.47 -34.48 122.98
CA GLY BB 165 106.83 -34.17 123.36
C GLY BB 165 107.66 -35.38 123.70
N HIS BB 166 107.21 -36.58 123.34
CA HIS BB 166 107.87 -37.83 123.71
C HIS BB 166 108.85 -38.31 122.64
N ILE BB 167 109.39 -37.41 121.84
CA ILE BB 167 110.38 -37.81 120.84
C ILE BB 167 111.73 -38.07 121.50
N SER BB 168 112.29 -37.05 122.14
CA SER BB 168 113.57 -37.18 122.82
C SER BB 168 113.40 -37.87 124.17
N GLY CB 1 106.74 -28.16 43.38
CA GLY CB 1 106.76 -26.71 43.42
C GLY CB 1 105.37 -26.12 43.57
N ALA CB 2 104.54 -26.31 42.55
CA ALA CB 2 103.18 -25.81 42.59
C ALA CB 2 102.24 -26.84 43.21
N SER CB 3 101.06 -26.37 43.59
CA SER CB 3 100.05 -27.24 44.17
C SER CB 3 99.47 -28.14 43.08
N PRO CB 4 99.02 -29.35 43.45
CA PRO CB 4 98.32 -30.20 42.46
C PRO CB 4 96.99 -29.62 42.01
N SER CB 5 96.41 -28.70 42.76
CA SER CB 5 95.17 -28.04 42.40
C SER CB 5 95.38 -26.68 41.75
N ALA CB 6 96.54 -26.05 41.92
CA ALA CB 6 96.86 -24.84 41.17
C ALA CB 6 97.10 -25.14 39.70
N ASP CB 7 97.45 -26.38 39.39
CA ASP CB 7 97.59 -26.89 38.03
C ASP CB 7 96.26 -27.22 37.39
N ALA CB 8 95.23 -27.50 38.20
CA ALA CB 8 93.89 -27.71 37.68
C ALA CB 8 93.17 -26.39 37.43
N TRP CB 9 93.56 -25.32 38.12
CA TRP CB 9 93.08 -23.98 37.83
C TRP CB 9 93.90 -23.30 36.74
N ALA CB 10 95.00 -23.91 36.31
CA ALA CB 10 95.78 -23.39 35.20
C ALA CB 10 95.19 -23.79 33.86
N ASN CB 11 94.62 -24.99 33.76
CA ASN CB 11 93.95 -25.38 32.52
C ASN CB 11 92.58 -24.74 32.42
N SER CB 12 91.69 -25.05 33.37
CA SER CB 12 90.53 -24.23 33.75
C SER CB 12 89.55 -24.02 32.59
N ILE CB 13 88.86 -25.10 32.23
CA ILE CB 13 87.96 -25.09 31.07
C ILE CB 13 86.74 -24.20 31.32
N GLU CB 14 86.00 -23.95 30.23
CA GLU CB 14 84.75 -23.19 30.29
C GLU CB 14 83.70 -23.93 31.10
N SER CB 15 82.89 -23.16 31.82
CA SER CB 15 81.85 -23.74 32.65
C SER CB 15 80.47 -23.48 32.06
N LYS CB 16 79.48 -24.16 32.64
CA LYS CB 16 78.09 -24.02 32.23
C LYS CB 16 77.23 -23.45 33.33
N ALA CB 17 77.37 -23.95 34.56
CA ALA CB 17 76.59 -23.42 35.68
C ALA CB 17 77.06 -22.01 36.05
N LEU CB 18 78.36 -21.79 36.05
CA LEU CB 18 78.96 -20.48 36.28
C LEU CB 18 79.71 -20.10 35.02
N PRO CB 19 79.02 -19.61 33.98
CA PRO CB 19 79.66 -19.44 32.67
C PRO CB 19 80.63 -18.26 32.60
N PHE CB 20 80.83 -17.55 33.70
CA PHE CB 20 81.78 -16.45 33.80
C PHE CB 20 82.99 -16.81 34.64
N ALA CB 21 83.14 -18.07 35.05
CA ALA CB 21 84.04 -18.39 36.16
C ALA CB 21 85.11 -19.42 35.88
N ARG CB 22 85.07 -20.12 34.74
CA ARG CB 22 86.14 -21.00 34.25
C ARG CB 22 86.45 -22.13 35.23
N ALA CB 23 85.51 -23.08 35.31
CA ALA CB 23 85.58 -24.35 36.05
C ALA CB 23 86.92 -25.07 35.90
N PRO CB 24 87.43 -25.72 36.95
CA PRO CB 24 88.78 -26.30 36.87
C PRO CB 24 88.82 -27.56 36.02
N ALA CB 25 90.04 -28.03 35.77
CA ALA CB 25 90.28 -29.11 34.82
C ALA CB 25 89.85 -30.47 35.33
N THR CB 26 89.61 -30.61 36.64
CA THR CB 26 89.22 -31.91 37.19
C THR CB 26 87.78 -32.27 36.91
N LEU CB 27 86.98 -31.34 36.40
CA LEU CB 27 85.65 -31.68 35.90
C LEU CB 27 85.80 -32.02 34.43
N ASP CB 28 86.04 -33.31 34.15
CA ASP CB 28 86.43 -33.75 32.81
C ASP CB 28 85.29 -33.83 31.83
N GLY CB 29 84.04 -33.73 32.27
CA GLY CB 29 82.94 -33.96 31.37
C GLY CB 29 82.42 -35.38 31.37
N THR CB 30 83.20 -36.33 31.86
CA THR CB 30 82.86 -37.74 31.78
C THR CB 30 81.97 -38.21 32.92
N MET CB 31 81.65 -37.35 33.88
CA MET CB 31 80.79 -37.72 34.99
C MET CB 31 79.37 -37.29 34.70
N LEU CB 32 78.42 -38.05 35.26
CA LEU CB 32 77.02 -37.66 35.19
C LEU CB 32 76.76 -36.39 35.97
N GLY CB 33 76.00 -35.49 35.36
CA GLY CB 33 75.62 -34.27 36.00
C GLY CB 33 76.71 -33.24 36.14
N ASP CB 34 77.83 -33.36 35.42
CA ASP CB 34 78.78 -32.29 35.65
C ASP CB 34 78.48 -31.17 34.67
N PHE CB 35 78.21 -30.02 35.27
CA PHE CB 35 77.82 -28.80 34.59
C PHE CB 35 78.86 -27.71 34.83
N GLY CB 36 80.06 -28.09 35.22
CA GLY CB 36 81.12 -27.14 35.44
C GLY CB 36 80.92 -26.28 36.66
N PHE CB 37 80.35 -26.82 37.72
CA PHE CB 37 80.09 -26.06 38.93
C PHE CB 37 81.02 -26.56 40.02
N ASP CB 38 82.15 -25.88 40.18
CA ASP CB 38 83.03 -26.08 41.32
C ASP CB 38 83.83 -24.81 41.54
N PRO CB 39 83.19 -23.75 42.06
CA PRO CB 39 83.91 -22.48 42.25
C PRO CB 39 84.93 -22.53 43.38
N LEU CB 40 84.74 -23.42 44.34
CA LEU CB 40 85.69 -23.54 45.44
C LEU CB 40 86.74 -24.61 45.19
N GLY CB 41 86.61 -25.37 44.10
CA GLY CB 41 87.67 -26.30 43.71
C GLY CB 41 87.78 -27.55 44.54
N PHE CB 42 86.65 -28.15 44.93
CA PHE CB 42 86.69 -29.38 45.70
C PHE CB 42 87.05 -30.58 44.85
N SER CB 43 86.72 -30.57 43.57
CA SER CB 43 87.05 -31.68 42.69
C SER CB 43 88.55 -31.76 42.40
N THR CB 44 89.26 -30.67 42.58
CA THR CB 44 90.71 -30.67 42.44
C THR CB 44 91.39 -31.34 43.62
N VAL CB 45 90.65 -31.57 44.70
CA VAL CB 45 91.20 -32.12 45.92
C VAL CB 45 90.36 -33.35 46.33
N PRO CB 46 90.41 -34.43 45.55
CA PRO CB 46 89.43 -35.51 45.70
C PRO CB 46 89.66 -36.35 46.94
N VAL CB 47 88.54 -36.82 47.51
CA VAL CB 47 88.55 -37.60 48.75
C VAL CB 47 88.41 -39.07 48.42
N GLY CB 48 88.92 -39.91 49.33
CA GLY CB 48 88.78 -41.35 49.20
C GLY CB 48 87.85 -41.90 50.25
N PRO CB 49 87.60 -43.21 50.19
CA PRO CB 49 86.69 -43.84 51.18
C PRO CB 49 87.35 -44.01 52.54
N TRP CB 50 87.31 -42.93 53.32
CA TRP CB 50 88.00 -42.88 54.60
C TRP CB 50 87.43 -43.84 55.63
N PHE CB 51 86.17 -44.25 55.46
CA PHE CB 51 85.48 -45.09 56.42
C PHE CB 51 85.97 -46.52 56.40
N THR CB 52 86.68 -46.93 55.34
CA THR CB 52 87.20 -48.28 55.25
C THR CB 52 88.47 -48.49 56.06
N GLY CB 53 89.06 -47.44 56.61
CA GLY CB 53 90.25 -47.53 57.41
C GLY CB 53 91.28 -46.52 56.95
N ILE CB 54 92.50 -46.67 57.46
CA ILE CB 54 93.55 -45.70 57.19
C ILE CB 54 94.12 -45.89 55.78
N GLU CB 55 94.12 -47.11 55.26
CA GLU CB 55 94.59 -47.31 53.89
C GLU CB 55 93.63 -46.75 52.85
N GLY CB 56 92.36 -46.55 53.21
CA GLY CB 56 91.41 -45.90 52.34
C GLY CB 56 91.24 -44.41 52.57
N ARG CB 57 92.03 -43.82 53.45
CA ARG CB 57 91.86 -42.41 53.78
C ARG CB 57 92.32 -41.50 52.65
N ASN CB 58 93.37 -41.91 51.93
CA ASN CB 58 93.82 -41.15 50.77
C ASN CB 58 92.80 -41.22 49.65
N GLY CB 59 92.76 -40.18 48.83
CA GLY CB 59 91.95 -40.19 47.64
C GLY CB 59 92.81 -40.28 46.40
N GLN CB 60 92.33 -41.07 45.44
CA GLN CB 60 93.04 -41.19 44.17
C GLN CB 60 92.88 -39.91 43.36
N ILE CB 61 93.87 -39.66 42.50
CA ILE CB 61 93.85 -38.49 41.65
C ILE CB 61 92.76 -38.61 40.59
N GLY CB 62 92.00 -37.54 40.40
CA GLY CB 62 91.00 -37.46 39.36
C GLY CB 62 89.79 -38.35 39.54
N ASN CB 63 89.51 -38.79 40.75
CA ASN CB 63 88.40 -39.71 41.00
C ASN CB 63 87.48 -39.13 42.06
N LEU CB 64 86.29 -38.74 41.61
CA LEU CB 64 85.28 -38.06 42.41
C LEU CB 64 84.14 -39.00 42.77
N ASN CB 65 84.40 -40.30 42.81
CA ASN CB 65 83.34 -41.27 43.07
C ASN CB 65 82.85 -41.22 44.51
N TRP CB 66 83.65 -40.67 45.43
CA TRP CB 66 83.25 -40.56 46.82
C TRP CB 66 82.64 -39.24 47.15
N TYR CB 67 82.97 -38.20 46.40
CA TYR CB 67 82.18 -36.99 46.43
C TYR CB 67 80.79 -37.24 45.86
N ARG CB 68 80.71 -38.01 44.78
CA ARG CB 68 79.42 -38.37 44.19
C ARG CB 68 78.67 -39.35 45.07
N GLU CB 69 79.38 -40.20 45.82
CA GLU CB 69 78.72 -41.07 46.77
C GLU CB 69 78.08 -40.28 47.90
N ALA CB 70 78.75 -39.24 48.38
CA ALA CB 70 78.17 -38.39 49.43
C ALA CB 70 77.10 -37.47 48.88
N GLU CB 71 77.20 -37.11 47.59
CA GLU CB 71 76.16 -36.30 46.97
C GLU CB 71 74.87 -37.08 46.80
N LEU CB 72 74.98 -38.34 46.39
CA LEU CB 72 73.78 -39.14 46.16
C LEU CB 72 73.12 -39.54 47.47
N ILE CB 73 73.90 -39.83 48.50
CA ILE CB 73 73.30 -40.21 49.77
C ILE CB 73 72.73 -39.01 50.52
N HIS CB 74 73.28 -37.81 50.31
CA HIS CB 74 72.64 -36.62 50.87
C HIS CB 74 71.33 -36.33 50.17
N GLY CB 75 71.30 -36.49 48.84
CA GLY CB 75 70.11 -36.16 48.09
C GLY CB 75 69.03 -37.21 48.15
N ARG CB 76 69.39 -38.48 48.32
CA ARG CB 76 68.37 -39.52 48.47
C ARG CB 76 67.66 -39.40 49.80
N ILE CB 77 68.40 -39.00 50.84
CA ILE CB 77 67.78 -38.77 52.15
C ILE CB 77 66.95 -37.50 52.11
N ALA CB 78 67.48 -36.46 51.47
CA ALA CB 78 66.78 -35.18 51.37
C ALA CB 78 65.48 -35.31 50.64
N GLN CB 79 65.44 -36.14 49.58
CA GLN CB 79 64.22 -36.34 48.80
C GLN CB 79 63.12 -36.96 49.64
N VAL CB 80 63.44 -37.99 50.42
CA VAL CB 80 62.43 -38.64 51.23
C VAL CB 80 62.13 -37.81 52.48
N ALA CB 81 62.92 -36.76 52.75
CA ALA CB 81 62.66 -35.87 53.87
C ALA CB 81 61.91 -34.60 53.49
N VAL CB 82 61.82 -34.22 52.20
CA VAL CB 82 60.73 -33.35 51.78
C VAL CB 82 59.39 -33.92 52.18
N VAL CB 83 59.14 -35.18 51.85
CA VAL CB 83 57.85 -35.78 52.14
C VAL CB 83 57.66 -35.95 53.65
N GLY CB 84 58.76 -36.23 54.36
CA GLY CB 84 58.68 -36.30 55.81
C GLY CB 84 58.41 -34.96 56.47
N PHE CB 85 58.84 -33.88 55.84
CA PHE CB 85 58.50 -32.55 56.32
C PHE CB 85 57.08 -32.11 55.96
N ILE CB 86 56.41 -32.83 55.07
CA ILE CB 86 55.15 -32.38 54.50
C ILE CB 86 54.00 -33.31 54.88
N ALA CB 87 54.19 -34.61 54.69
CA ALA CB 87 53.09 -35.56 54.77
C ALA CB 87 52.39 -35.71 56.13
N PRO CB 88 53.03 -35.52 57.29
CA PRO CB 88 52.21 -35.41 58.52
C PRO CB 88 51.29 -34.20 58.52
N GLY CB 89 51.71 -33.09 57.92
CA GLY CB 89 50.82 -31.94 57.83
C GLY CB 89 49.75 -32.05 56.78
N LEU CB 90 49.94 -32.93 55.79
CA LEU CB 90 48.95 -33.10 54.74
C LEU CB 90 48.00 -34.26 55.04
N PHE CB 91 48.56 -35.44 55.21
CA PHE CB 91 47.76 -36.66 55.34
C PHE CB 91 47.52 -37.06 56.79
N GLY CB 92 47.54 -36.10 57.70
CA GLY CB 92 47.28 -36.38 59.10
C GLY CB 92 48.45 -37.07 59.77
N THR CB 93 48.23 -37.44 61.02
CA THR CB 93 49.25 -38.07 61.85
C THR CB 93 48.78 -39.47 62.27
N LEU CB 94 49.56 -40.08 63.16
CA LEU CB 94 49.33 -41.40 63.72
C LEU CB 94 48.83 -41.30 65.15
N PRO CB 95 48.01 -42.24 65.60
CA PRO CB 95 47.51 -42.20 66.97
C PRO CB 95 48.45 -42.90 67.95
N GLY CB 96 48.33 -42.50 69.21
CA GLY CB 96 49.17 -43.06 70.26
C GLY CB 96 48.41 -43.78 71.35
N ASN CB 97 49.11 -44.61 72.10
CA ASN CB 97 48.54 -45.34 73.23
C ASN CB 97 48.53 -44.48 74.47
N GLU CB 98 48.30 -45.10 75.62
CA GLU CB 98 48.74 -44.51 76.88
C GLU CB 98 50.19 -44.83 77.16
N TRP CB 99 50.71 -45.92 76.58
CA TRP CB 99 52.11 -46.28 76.76
C TRP CB 99 53.03 -45.22 76.14
N THR CB 100 52.87 -44.98 74.84
CA THR CB 100 53.60 -43.90 74.19
C THR CB 100 53.06 -42.53 74.58
N GLY CB 101 51.85 -42.47 75.10
CA GLY CB 101 51.22 -41.20 75.40
C GLY CB 101 50.40 -40.73 74.21
N VAL CB 102 49.20 -40.24 74.47
CA VAL CB 102 48.42 -39.67 73.38
C VAL CB 102 49.04 -38.34 72.97
N ASP CB 103 48.77 -37.95 71.72
CA ASP CB 103 49.36 -36.79 71.05
C ASP CB 103 50.89 -36.87 70.99
N ALA CB 104 51.46 -38.07 71.01
CA ALA CB 104 52.90 -38.18 70.87
C ALA CB 104 53.31 -38.06 69.41
N TYR CB 105 52.55 -38.69 68.51
CA TYR CB 105 52.81 -38.61 67.09
C TYR CB 105 52.07 -37.47 66.43
N SER CB 106 51.55 -36.53 67.21
CA SER CB 106 50.60 -35.54 66.70
C SER CB 106 51.15 -34.12 66.67
N ASN CB 107 52.47 -33.95 66.73
CA ASN CB 107 53.04 -32.61 66.71
C ASN CB 107 53.30 -32.19 65.28
N LEU CB 108 52.49 -31.26 64.79
CA LEU CB 108 52.54 -30.90 63.38
C LEU CB 108 53.73 -29.99 63.06
N ASN CB 109 54.37 -29.43 64.07
CA ASN CB 109 55.70 -28.87 63.89
C ASN CB 109 56.70 -30.01 63.78
N PRO CB 110 57.35 -30.20 62.64
CA PRO CB 110 58.14 -31.43 62.42
C PRO CB 110 59.42 -31.49 63.22
N LEU CB 111 59.90 -30.37 63.74
CA LEU CB 111 61.18 -30.38 64.44
C LEU CB 111 61.02 -30.79 65.89
N GLU CB 112 59.98 -30.30 66.56
CA GLU CB 112 59.71 -30.77 67.91
C GLU CB 112 58.89 -32.05 67.94
N ALA CB 113 58.47 -32.56 66.77
CA ALA CB 113 57.95 -33.91 66.70
C ALA CB 113 59.06 -34.94 66.86
N PHE CB 114 60.32 -34.55 66.67
CA PHE CB 114 61.44 -35.41 67.00
C PHE CB 114 61.52 -35.64 68.50
N SER CB 115 61.28 -34.59 69.29
CA SER CB 115 61.36 -34.63 70.74
C SER CB 115 60.04 -34.98 71.40
N GLN CB 116 59.01 -35.29 70.63
CA GLN CB 116 57.72 -35.63 71.19
C GLN CB 116 57.40 -37.12 71.07
N VAL CB 117 57.79 -37.75 69.96
CA VAL CB 117 57.56 -39.18 69.75
C VAL CB 117 58.46 -39.95 70.71
N PRO CB 118 58.12 -41.20 71.06
CA PRO CB 118 58.98 -41.97 71.96
C PRO CB 118 60.35 -42.27 71.37
N GLY CB 119 61.29 -42.60 72.26
CA GLY CB 119 62.65 -42.88 71.84
C GLY CB 119 62.78 -44.17 71.07
N LEU CB 120 61.89 -45.14 71.35
CA LEU CB 120 61.88 -46.38 70.59
C LEU CB 120 61.41 -46.18 69.16
N ALA CB 121 60.67 -45.11 68.88
CA ALA CB 121 60.34 -44.78 67.50
C ALA CB 121 61.57 -44.30 66.75
N ILE CB 122 62.38 -43.45 67.40
CA ILE CB 122 63.58 -42.90 66.78
C ILE CB 122 64.67 -43.96 66.68
N LEU CB 123 64.74 -44.85 67.67
CA LEU CB 123 65.78 -45.87 67.70
C LEU CB 123 65.57 -46.91 66.60
N GLN CB 124 64.31 -47.29 66.34
CA GLN CB 124 64.05 -48.29 65.32
C GLN CB 124 64.15 -47.72 63.92
N ILE CB 125 63.90 -46.42 63.75
CA ILE CB 125 64.17 -45.76 62.48
C ILE CB 125 65.66 -45.69 62.24
N PHE CB 126 66.43 -45.33 63.28
CA PHE CB 126 67.87 -45.22 63.16
C PHE CB 126 68.52 -46.57 62.89
N LEU CB 127 67.99 -47.64 63.51
CA LEU CB 127 68.55 -48.97 63.26
C LEU CB 127 68.21 -49.48 61.87
N PHE CB 128 67.09 -49.03 61.30
CA PHE CB 128 66.79 -49.42 59.92
C PHE CB 128 67.61 -48.63 58.93
N MET CB 129 67.84 -47.34 59.24
CA MET CB 129 68.84 -46.57 58.49
C MET CB 129 70.22 -47.16 58.68
N SER CB 130 70.49 -47.74 59.84
CA SER CB 130 71.77 -48.40 60.08
C SER CB 130 71.92 -49.65 59.22
N TYR CB 131 70.85 -50.42 59.05
CA TYR CB 131 70.93 -51.72 58.40
C TYR CB 131 71.27 -51.60 56.92
N LEU CB 132 70.72 -50.59 56.24
CA LEU CB 132 71.06 -50.40 54.84
C LEU CB 132 72.44 -49.77 54.67
N GLU CB 133 72.97 -49.13 55.70
CA GLU CB 133 74.35 -48.65 55.66
C GLU CB 133 75.34 -49.76 55.97
N VAL CB 134 74.92 -50.78 56.73
CA VAL CB 134 75.70 -52.01 56.79
C VAL CB 134 75.70 -52.68 55.43
N ARG CB 135 74.56 -52.65 54.74
CA ARG CB 135 74.48 -53.20 53.40
C ARG CB 135 75.32 -52.40 52.42
N ARG CB 136 75.47 -51.10 52.65
CA ARG CB 136 76.30 -50.29 51.76
C ARG CB 136 77.76 -50.67 51.91
N ILE CB 137 78.28 -50.70 53.15
CA ILE CB 137 79.69 -50.98 53.42
C ILE CB 137 80.09 -52.35 52.92
N ASN CB 138 79.22 -53.33 53.10
CA ASN CB 138 79.45 -54.66 52.55
C ASN CB 138 79.46 -54.67 51.04
N ILE CB 139 78.78 -53.73 50.38
CA ILE CB 139 78.92 -53.62 48.94
C ILE CB 139 80.25 -52.96 48.60
N ILE CB 140 80.62 -51.89 49.30
CA ILE CB 140 81.93 -51.28 49.02
C ILE CB 140 83.12 -52.09 49.52
N LYS CB 141 82.96 -52.98 50.49
CA LYS CB 141 84.01 -53.96 50.76
C LYS CB 141 84.26 -54.86 49.56
N GLU CB 142 83.18 -55.39 48.96
CA GLU CB 142 83.28 -56.41 47.91
C GLU CB 142 83.70 -55.80 46.58
N GLU CB 143 83.02 -54.72 46.16
CA GLU CB 143 83.28 -54.16 44.84
C GLU CB 143 84.61 -53.42 44.81
N GLY CB 144 84.88 -52.63 45.85
CA GLY CB 144 86.14 -51.90 45.96
C GLY CB 144 86.32 -50.82 44.91
N GLU CB 145 87.21 -51.08 43.96
CA GLU CB 145 87.50 -50.13 42.91
C GLU CB 145 86.45 -50.15 41.81
N ASN CB 146 85.77 -51.27 41.61
CA ASN CB 146 84.68 -51.30 40.64
C ASN CB 146 83.33 -51.00 41.27
N TYR CB 147 83.31 -50.21 42.34
CA TYR CB 147 82.07 -49.79 42.97
C TYR CB 147 81.55 -48.52 42.31
N MET CB 148 80.37 -48.61 41.78
CA MET CB 148 79.61 -47.52 41.21
C MET CB 148 78.97 -46.70 42.34
N PRO CB 149 79.02 -45.37 42.29
CA PRO CB 149 78.45 -44.58 43.39
C PRO CB 149 76.94 -44.63 43.42
N GLY CB 150 76.39 -44.69 44.62
CA GLY CB 150 74.96 -44.80 44.81
C GLY CB 150 74.40 -46.19 44.64
N ASP CB 151 75.24 -47.19 44.45
CA ASP CB 151 74.80 -48.57 44.23
C ASP CB 151 74.54 -49.22 45.58
N LEU CB 152 73.27 -49.54 45.85
CA LEU CB 152 72.91 -50.42 46.95
C LEU CB 152 72.38 -51.75 46.42
N ARG CB 153 72.66 -52.05 45.16
CA ARG CB 153 72.19 -53.24 44.44
C ARG CB 153 70.67 -53.34 44.48
N ILE CB 154 70.04 -52.29 43.96
CA ILE CB 154 68.60 -52.18 43.90
C ILE CB 154 68.25 -51.90 42.44
N GLY CB 155 67.83 -52.92 41.70
CA GLY CB 155 67.27 -52.64 40.40
C GLY CB 155 67.73 -53.46 39.21
N GLN CB 156 68.10 -52.77 38.14
CA GLN CB 156 67.92 -53.28 36.78
C GLN CB 156 68.96 -54.33 36.38
N GLY CB 157 70.21 -54.15 36.78
CA GLY CB 157 71.30 -54.77 36.02
C GLY CB 157 71.71 -56.16 36.45
N GLU CB 158 72.85 -56.26 37.14
CA GLU CB 158 73.42 -57.52 37.60
C GLU CB 158 72.66 -58.04 38.81
N GLY CB 159 73.26 -58.92 39.61
CA GLY CB 159 72.55 -59.55 40.70
C GLY CB 159 72.17 -58.59 41.83
N ARG CB 160 71.23 -57.72 41.49
CA ARG CB 160 70.63 -56.71 42.35
C ARG CB 160 69.21 -57.13 42.67
N TRP CB 161 68.62 -56.47 43.67
CA TRP CB 161 67.26 -56.75 44.06
C TRP CB 161 66.30 -56.01 43.14
N ASN CB 162 65.50 -56.75 42.39
CA ASN CB 162 64.53 -56.17 41.46
C ASN CB 162 63.18 -56.87 41.57
N PRO CB 163 62.36 -56.52 42.57
CA PRO CB 163 61.02 -57.08 42.65
C PRO CB 163 60.01 -56.44 41.71
N PHE CB 164 60.40 -55.44 40.92
CA PHE CB 164 59.48 -54.74 40.04
C PHE CB 164 59.82 -54.90 38.56
N GLY CB 165 60.82 -55.70 38.22
CA GLY CB 165 61.24 -55.83 36.84
C GLY CB 165 62.19 -54.72 36.44
N LEU CB 166 61.65 -53.52 36.18
CA LEU CB 166 62.39 -52.26 36.04
C LEU CB 166 63.47 -52.32 34.97
N ASP CB 167 63.12 -52.90 33.82
CA ASP CB 167 64.15 -53.40 32.92
C ASP CB 167 64.29 -52.34 31.84
N TYR CB 168 64.93 -51.23 32.21
CA TYR CB 168 65.04 -50.06 31.34
C TYR CB 168 65.97 -50.34 30.17
N SER CB 169 65.89 -49.50 29.14
CA SER CB 169 66.86 -49.60 28.07
C SER CB 169 68.16 -48.96 28.52
N PRO CB 170 69.31 -49.36 27.95
CA PRO CB 170 70.61 -48.92 28.47
C PRO CB 170 70.93 -47.43 28.31
N GLU CB 171 70.09 -46.62 27.69
CA GLU CB 171 70.30 -45.18 27.77
C GLU CB 171 69.08 -44.41 28.22
N ALA CB 172 67.92 -45.06 28.35
CA ALA CB 172 66.89 -44.54 29.25
C ALA CB 172 67.26 -44.75 30.71
N TYR CB 173 68.24 -45.62 30.98
CA TYR CB 173 68.75 -45.80 32.33
C TYR CB 173 69.62 -44.63 32.77
N GLU CB 174 70.37 -44.03 31.84
CA GLU CB 174 71.17 -42.87 32.20
C GLU CB 174 70.35 -41.60 32.30
N GLU CB 175 69.16 -41.57 31.70
CA GLU CB 175 68.23 -40.49 31.97
C GLU CB 175 67.61 -40.61 33.35
N LYS CB 176 67.35 -41.83 33.81
CA LYS CB 176 66.88 -42.04 35.17
C LYS CB 176 67.96 -41.69 36.19
N ARG CB 177 69.23 -41.90 35.84
CA ARG CB 177 70.33 -41.48 36.71
C ARG CB 177 70.43 -39.97 36.79
N LEU CB 178 70.15 -39.28 35.68
CA LEU CB 178 70.17 -37.82 35.67
C LEU CB 178 68.93 -37.25 36.33
N GLN CB 179 67.78 -37.91 36.18
CA GLN CB 179 66.58 -37.49 36.90
C GLN CB 179 66.75 -37.65 38.40
N GLU CB 180 67.46 -38.68 38.82
CA GLU CB 180 67.73 -38.87 40.25
C GLU CB 180 68.67 -37.81 40.77
N LEU CB 181 69.72 -37.50 40.02
CA LEU CB 181 70.73 -36.56 40.50
C LEU CB 181 70.19 -35.13 40.52
N LYS CB 182 69.37 -34.77 39.53
CA LYS CB 182 68.80 -33.43 39.52
C LYS CB 182 67.74 -33.28 40.61
N HIS CB 183 67.04 -34.35 40.96
CA HIS CB 183 66.14 -34.31 42.10
C HIS CB 183 66.89 -34.38 43.42
N CYS CB 184 68.07 -35.00 43.42
CA CYS CB 184 68.92 -35.02 44.61
C CYS CB 184 69.38 -33.62 44.96
N ARG CB 185 69.85 -32.88 43.96
CA ARG CB 185 70.36 -31.53 44.20
C ARG CB 185 69.22 -30.56 44.48
N LEU CB 186 68.04 -30.80 43.94
CA LEU CB 186 66.93 -29.89 44.17
C LEU CB 186 66.33 -30.09 45.56
N ALA CB 187 66.14 -31.34 45.97
CA ALA CB 187 65.52 -31.61 47.27
C ALA CB 187 66.47 -31.34 48.43
N MET CB 188 67.77 -31.28 48.18
CA MET CB 188 68.70 -30.83 49.20
C MET CB 188 68.46 -29.37 49.54
N ILE CB 189 68.23 -28.55 48.51
CA ILE CB 189 67.85 -27.16 48.73
C ILE CB 189 66.45 -27.08 49.32
N GLY CB 190 65.57 -28.00 48.93
CA GLY CB 190 64.20 -27.95 49.40
C GLY CB 190 64.05 -28.33 50.86
N VAL CB 191 64.78 -29.36 51.30
CA VAL CB 191 64.68 -29.78 52.69
C VAL CB 191 65.44 -28.82 53.60
N PHE CB 192 66.36 -28.02 53.05
CA PHE CB 192 66.95 -26.97 53.85
C PHE CB 192 65.94 -25.87 54.13
N GLY CB 193 65.15 -25.51 53.12
CA GLY CB 193 64.14 -24.50 53.31
C GLY CB 193 63.01 -24.94 54.22
N LEU CB 194 62.66 -26.22 54.16
CA LEU CB 194 61.66 -26.77 55.07
C LEU CB 194 62.15 -26.73 56.51
N TRP CB 195 63.40 -27.12 56.72
CA TRP CB 195 63.98 -27.10 58.05
C TRP CB 195 64.12 -25.69 58.57
N ALA CB 196 64.40 -24.74 57.69
CA ALA CB 196 64.60 -23.37 58.12
C ALA CB 196 63.29 -22.63 58.30
N GLN CB 197 62.25 -22.99 57.54
CA GLN CB 197 60.95 -22.36 57.74
C GLN CB 197 60.23 -22.93 58.96
N ALA CB 198 60.44 -24.21 59.28
CA ALA CB 198 59.80 -24.81 60.45
C ALA CB 198 60.34 -24.20 61.74
N GLN CB 199 61.61 -23.83 61.75
CA GLN CB 199 62.17 -23.05 62.85
C GLN CB 199 61.66 -21.61 62.86
N ALA CB 200 61.58 -20.99 61.68
CA ALA CB 200 61.23 -19.57 61.62
C ALA CB 200 59.74 -19.32 61.86
N SER CB 201 58.88 -20.25 61.46
CA SER CB 201 57.45 -20.09 61.70
C SER CB 201 56.99 -20.76 62.98
N GLY CB 202 57.57 -21.90 63.33
CA GLY CB 202 57.11 -22.68 64.45
C GLY CB 202 56.08 -23.73 64.12
N VAL CB 203 55.54 -23.72 62.90
CA VAL CB 203 54.53 -24.68 62.49
C VAL CB 203 55.03 -25.48 61.29
N GLY CB 204 54.21 -26.41 60.83
CA GLY CB 204 54.52 -27.15 59.63
C GLY CB 204 54.35 -26.30 58.39
N VAL CB 205 54.70 -26.88 57.25
CA VAL CB 205 54.68 -26.11 56.02
C VAL CB 205 53.27 -26.04 55.42
N THR CB 206 52.39 -27.00 55.70
CA THR CB 206 51.01 -26.90 55.20
C THR CB 206 50.21 -25.89 55.99
N GLU CB 207 50.79 -25.42 57.08
CA GLU CB 207 50.17 -24.75 58.17
C GLU CB 207 50.59 -23.30 58.14
N GLN CB 208 51.60 -23.06 57.31
CA GLN CB 208 52.20 -21.80 56.90
C GLN CB 208 51.84 -21.44 55.46
N ILE CB 209 51.85 -22.40 54.54
CA ILE CB 209 51.34 -22.16 53.19
C ILE CB 209 49.83 -22.02 53.21
N GLY CB 210 49.15 -22.92 53.94
CA GLY CB 210 47.70 -22.88 54.00
C GLY CB 210 47.17 -21.65 54.70
N ALA CB 211 47.95 -21.06 55.59
CA ALA CB 211 47.57 -19.79 56.21
C ALA CB 211 47.88 -18.60 55.31
N ALA CB 212 48.82 -18.74 54.38
CA ALA CB 212 49.12 -17.67 53.45
C ALA CB 212 48.32 -17.76 52.16
N LEU CB 213 47.86 -18.96 51.80
CA LEU CB 213 47.00 -19.14 50.63
C LEU CB 213 45.53 -19.02 50.97
N THR CB 214 45.21 -18.51 52.15
CA THR CB 214 43.86 -18.19 52.60
C THR CB 214 43.67 -16.71 52.83
N THR CB 215 42.42 -16.27 52.64
CA THR CB 215 42.02 -14.90 52.92
C THR CB 215 42.00 -14.68 54.43
N PRO CB 216 42.48 -13.54 54.92
CA PRO CB 216 42.37 -13.24 56.35
C PRO CB 216 40.93 -13.07 56.78
N ASP CB 217 40.72 -13.27 58.08
CA ASP CB 217 39.38 -13.32 58.65
C ASP CB 217 38.76 -11.93 58.74
N TYR CB 218 39.59 -10.88 58.77
CA TYR CB 218 39.10 -9.52 58.70
C TYR CB 218 38.91 -9.03 57.27
N TYR CB 219 39.59 -9.65 56.31
CA TYR CB 219 39.46 -9.24 54.92
C TYR CB 219 38.39 -10.01 54.18
N ALA CB 220 37.98 -11.16 54.71
CA ALA CB 220 36.99 -12.01 54.07
C ALA CB 220 35.66 -11.29 53.97
N LYS CB 221 35.15 -11.19 52.74
CA LYS CB 221 33.82 -10.65 52.53
C LYS CB 221 32.79 -11.54 53.22
N ALA CB 222 31.74 -10.91 53.73
CA ALA CB 222 30.66 -11.66 54.36
C ALA CB 222 29.98 -12.57 53.35
N GLY CB 223 29.61 -12.02 52.20
CA GLY CB 223 29.32 -12.80 51.03
C GLY CB 223 27.94 -13.40 50.96
N TYR CB 224 27.30 -13.20 49.81
CA TYR CB 224 26.15 -13.98 49.33
C TYR CB 224 24.96 -13.90 50.29
N PHE CB 225 24.48 -12.67 50.46
CA PHE CB 225 23.27 -12.40 51.22
C PHE CB 225 22.14 -11.92 50.31
N LEU CB 226 22.28 -12.11 49.00
CA LEU CB 226 21.27 -11.66 48.05
C LEU CB 226 20.26 -12.77 47.81
N PRO CB 227 18.98 -12.58 48.16
CA PRO CB 227 17.95 -13.61 47.96
C PRO CB 227 17.60 -13.83 46.50
N GLU DB 1 108.59 6.99 39.68
CA GLU DB 1 109.49 6.47 40.70
C GLU DB 1 109.58 7.48 41.83
N PRO DB 2 108.94 7.16 42.95
CA PRO DB 2 108.77 8.13 44.05
C PRO DB 2 109.87 8.12 45.11
N LEU DB 3 110.98 7.43 44.89
CA LEU DB 3 112.05 7.35 45.89
C LEU DB 3 113.28 8.17 45.51
N GLY DB 4 113.17 9.05 44.53
CA GLY DB 4 114.32 9.84 44.12
C GLY DB 4 114.65 10.96 45.10
N LEU DB 5 115.89 11.43 45.00
CA LEU DB 5 116.43 12.50 45.83
C LEU DB 5 116.16 13.89 45.26
N TYR DB 6 115.31 13.99 44.26
CA TYR DB 6 115.13 15.23 43.50
C TYR DB 6 113.79 15.91 43.76
N ASP DB 7 112.97 15.39 44.67
CA ASP DB 7 111.67 16.00 44.87
C ASP DB 7 111.76 17.35 45.62
N PRO DB 8 112.21 17.40 46.90
CA PRO DB 8 111.78 18.50 47.77
C PRO DB 8 112.63 19.77 47.73
N LEU DB 9 113.36 19.97 46.63
CA LEU DB 9 113.96 21.22 46.19
C LEU DB 9 115.27 21.53 46.93
N GLY DB 10 115.57 20.79 48.01
CA GLY DB 10 116.80 20.93 48.79
C GLY DB 10 117.01 22.24 49.54
N TRP DB 11 117.86 22.27 50.58
CA TRP DB 11 118.50 21.12 51.23
C TRP DB 11 118.53 21.42 52.73
N LEU DB 12 118.78 20.41 53.59
CA LEU DB 12 118.88 20.68 55.02
C LEU DB 12 120.06 19.94 55.64
N ASP DB 13 120.22 20.16 56.94
CA ASP DB 13 121.50 20.15 57.64
C ASP DB 13 122.18 18.80 57.82
N PRO DB 14 121.66 17.87 58.66
CA PRO DB 14 122.60 16.98 59.38
C PRO DB 14 123.23 15.85 58.59
N GLU DB 15 122.42 15.10 57.82
CA GLU DB 15 122.65 13.84 57.09
C GLU DB 15 122.78 12.66 58.07
N LYS DB 16 122.89 12.98 59.37
CA LYS DB 16 122.78 12.11 60.55
C LYS DB 16 123.58 10.81 60.45
N ASP DB 17 124.90 10.97 60.46
CA ASP DB 17 125.86 9.92 60.78
C ASP DB 17 125.67 9.21 62.13
N PRO DB 18 125.00 9.79 63.14
CA PRO DB 18 124.52 8.94 64.26
C PRO DB 18 123.60 7.77 63.87
N ALA DB 19 122.98 7.80 62.68
CA ALA DB 19 122.07 6.71 62.32
C ALA DB 19 122.83 5.44 61.94
N SER DB 20 124.01 5.56 61.35
CA SER DB 20 124.78 4.42 60.90
C SER DB 20 125.76 3.93 61.95
N LYS DB 21 125.51 4.24 63.22
CA LYS DB 21 126.48 4.03 64.27
C LYS DB 21 126.38 2.61 64.82
N PHE DB 22 125.20 2.22 65.34
CA PHE DB 22 124.94 0.83 65.69
C PHE DB 22 123.52 0.40 65.33
N ALA DB 23 122.74 1.27 64.69
CA ALA DB 23 121.37 0.97 64.30
C ALA DB 23 121.23 1.11 62.79
N THR DB 24 122.12 0.46 62.03
CA THR DB 24 122.38 0.74 60.62
C THR DB 24 121.19 0.49 59.70
N PHE DB 25 120.14 -0.19 60.18
CA PHE DB 25 118.94 -0.36 59.37
C PHE DB 25 118.23 0.97 59.17
N HIS DB 26 118.16 1.79 60.21
CA HIS DB 26 117.49 3.08 60.14
C HIS DB 26 118.30 4.14 59.41
N ALA DB 27 119.54 3.84 59.01
CA ALA DB 27 120.37 4.79 58.29
C ALA DB 27 120.12 4.80 56.79
N ASN DB 28 119.29 3.88 56.30
CA ASN DB 28 118.95 3.84 54.88
C ASN DB 28 118.12 5.06 54.50
N PHE DB 29 118.45 5.66 53.35
CA PHE DB 29 117.72 6.85 52.90
C PHE DB 29 116.30 6.49 52.48
N GLU DB 30 116.12 5.33 51.82
CA GLU DB 30 114.83 4.96 51.25
C GLU DB 30 113.77 4.82 52.33
N ARG DB 31 114.18 4.39 53.51
CA ARG DB 31 113.23 4.32 54.62
C ARG DB 31 112.93 5.70 55.19
N ARG DB 32 113.93 6.59 55.24
CA ARG DB 32 113.70 7.94 55.77
C ARG DB 32 112.80 8.75 54.86
N ARG DB 33 112.86 8.50 53.55
CA ARG DB 33 111.87 9.08 52.64
C ARG DB 33 110.51 8.43 52.84
N ALA DB 34 110.48 7.11 53.05
CA ALA DB 34 109.24 6.41 53.32
C ALA DB 34 108.64 6.81 54.67
N VAL DB 35 109.47 7.21 55.62
CA VAL DB 35 108.96 7.70 56.89
C VAL DB 35 108.44 9.13 56.77
N GLU DB 36 109.21 9.99 56.09
CA GLU DB 36 108.81 11.39 55.92
C GLU DB 36 107.52 11.51 55.10
N ARG DB 37 107.38 10.67 54.06
CA ARG DB 37 106.14 10.65 53.30
C ARG DB 37 104.99 10.11 54.13
N LYS DB 38 105.24 9.08 54.94
CA LYS DB 38 104.16 8.51 55.74
C LYS DB 38 103.79 9.42 56.90
N HIS DB 39 104.77 10.03 57.55
CA HIS DB 39 104.46 11.04 58.57
C HIS DB 39 103.76 12.25 57.94
N GLY DB 40 104.01 12.52 56.65
CA GLY DB 40 103.31 13.60 55.99
C GLY DB 40 101.85 13.25 55.71
N ARG DB 41 101.60 12.04 55.21
CA ARG DB 41 100.25 11.63 54.83
C ARG DB 41 99.34 11.50 56.05
N ILE DB 42 99.89 11.01 57.17
CA ILE DB 42 99.13 10.93 58.42
C ILE DB 42 98.85 12.31 58.96
N ALA DB 43 99.83 13.22 58.86
CA ALA DB 43 99.66 14.57 59.37
C ALA DB 43 98.62 15.36 58.57
N MET DB 44 98.50 15.08 57.28
CA MET DB 44 97.58 15.85 56.45
C MET DB 44 96.13 15.47 56.73
N VAL DB 45 95.86 14.18 56.95
CA VAL DB 45 94.52 13.77 57.35
C VAL DB 45 94.26 13.97 58.83
N ALA DB 46 95.24 14.48 59.58
CA ALA DB 46 95.00 14.84 60.97
C ALA DB 46 94.60 16.30 61.13
N VAL DB 47 95.03 17.19 60.23
CA VAL DB 47 94.60 18.58 60.30
C VAL DB 47 93.16 18.72 59.85
N VAL DB 48 92.77 18.03 58.77
CA VAL DB 48 91.35 17.92 58.43
C VAL DB 48 90.56 17.23 59.53
N GLY DB 49 91.22 16.34 60.27
CA GLY DB 49 90.61 15.79 61.48
C GLY DB 49 90.31 16.84 62.53
N MET DB 50 91.27 17.75 62.78
CA MET DB 50 91.01 18.80 63.77
C MET DB 50 90.32 20.01 63.17
N LEU DB 51 89.92 19.92 61.89
CA LEU DB 51 89.05 20.91 61.26
C LEU DB 51 87.60 20.44 61.27
N PHE DB 52 87.39 19.13 61.14
CA PHE DB 52 86.03 18.57 61.13
C PHE DB 52 85.47 18.44 62.54
N HIS DB 53 86.29 18.01 63.49
CA HIS DB 53 85.82 17.90 64.87
C HIS DB 53 85.63 19.26 65.51
N ASN DB 54 86.40 20.27 65.08
CA ASN DB 54 86.34 21.53 65.77
C ASN DB 54 85.23 22.41 65.24
N ALA DB 55 84.77 22.14 64.02
CA ALA DB 55 83.61 22.77 63.42
C ALA DB 55 82.31 22.09 63.83
N ASP DB 56 82.40 21.10 64.72
CA ASP DB 56 81.26 20.40 65.33
C ASP DB 56 80.38 19.70 64.29
N ILE DB 57 81.03 19.02 63.34
CA ILE DB 57 80.34 18.03 62.53
C ILE DB 57 80.32 16.79 63.40
N GLU DB 58 79.28 16.66 64.24
CA GLU DB 58 79.41 15.79 65.40
C GLU DB 58 79.22 14.32 65.06
N PHE DB 59 78.00 13.92 64.63
CA PHE DB 59 77.55 12.94 63.63
C PHE DB 59 76.05 12.81 63.83
N PRO DB 60 75.30 12.20 62.91
CA PRO DB 60 73.96 11.70 63.26
C PRO DB 60 74.03 10.33 63.92
N GLY DB 61 73.65 10.27 65.19
CA GLY DB 61 73.40 9.01 65.87
C GLY DB 61 74.28 8.81 67.08
N TYR DB 62 74.21 7.59 67.62
CA TYR DB 62 75.00 7.15 68.76
C TYR DB 62 76.30 6.53 68.26
N LEU DB 63 77.33 6.66 69.09
CA LEU DB 63 78.58 5.94 68.82
C LEU DB 63 78.57 4.56 69.46
N SER DB 64 78.16 4.49 70.72
CA SER DB 64 77.98 3.22 71.41
C SER DB 64 76.57 3.19 71.97
N GLY DB 65 75.75 2.27 71.46
CA GLY DB 65 74.37 2.17 71.90
C GLY DB 65 74.20 1.62 73.30
N GLU DB 66 75.11 0.75 73.76
CA GLU DB 66 74.99 0.17 75.08
C GLU DB 66 75.74 0.94 76.16
N LEU DB 67 76.82 1.64 75.81
CA LEU DB 67 77.38 2.62 76.74
C LEU DB 67 76.60 3.92 76.74
N GLY DB 68 75.73 4.12 75.75
CA GLY DB 68 74.93 5.32 75.67
C GLY DB 68 75.71 6.55 75.28
N ILE DB 69 76.78 6.38 74.50
CA ILE DB 69 77.64 7.48 74.10
C ILE DB 69 77.26 7.90 72.69
N ARG DB 70 76.66 9.08 72.56
CA ARG DB 70 76.45 9.66 71.24
C ARG DB 70 77.75 10.26 70.73
N PHE DB 71 77.72 10.70 69.47
CA PHE DB 71 78.88 11.31 68.87
C PHE DB 71 79.08 12.75 69.35
N SER DB 72 78.03 13.40 69.86
CA SER DB 72 78.19 14.77 70.38
C SER DB 72 78.85 14.78 71.75
N ASP DB 73 79.11 13.62 72.35
CA ASP DB 73 79.63 13.51 73.69
C ASP DB 73 81.15 13.53 73.73
N VAL DB 74 81.79 12.94 72.72
CA VAL DB 74 83.26 12.91 72.63
C VAL DB 74 83.79 14.32 72.42
N PRO DB 75 84.92 14.69 72.99
CA PRO DB 75 85.41 16.06 72.86
C PRO DB 75 85.98 16.35 71.47
N ASN DB 76 86.27 17.64 71.25
CA ASN DB 76 86.82 18.12 70.00
C ASN DB 76 88.33 18.38 70.09
N GLY DB 77 88.91 18.38 71.29
CA GLY DB 77 90.34 18.62 71.48
C GLY DB 77 91.18 17.41 71.15
N MET DB 78 92.38 17.34 71.76
CA MET DB 78 93.23 16.20 71.38
C MET DB 78 92.88 14.95 72.17
N ASN DB 79 91.95 15.02 73.11
CA ASN DB 79 91.51 13.87 73.88
C ASN DB 79 90.27 13.21 73.28
N GLY DB 80 90.16 13.23 71.95
CA GLY DB 80 89.07 12.61 71.23
C GLY DB 80 89.17 11.10 71.14
N LEU DB 81 90.32 10.57 70.68
CA LEU DB 81 90.47 9.13 70.59
C LEU DB 81 90.63 8.44 71.93
N PHE DB 82 91.00 9.16 72.97
CA PHE DB 82 91.16 8.57 74.29
C PHE DB 82 89.93 8.78 75.15
N SER DB 83 88.84 9.22 74.52
CA SER DB 83 87.54 9.32 75.15
C SER DB 83 86.51 8.39 74.53
N ILE DB 84 86.85 7.63 73.49
CA ILE DB 84 85.86 6.74 72.91
C ILE DB 84 86.11 5.48 73.75
N PRO DB 85 85.24 4.48 73.73
CA PRO DB 85 85.59 3.21 74.37
C PRO DB 85 86.78 2.53 73.72
N LEU DB 86 87.53 1.78 74.53
CA LEU DB 86 88.69 1.08 74.02
C LEU DB 86 88.30 -0.17 73.24
N ALA DB 87 87.04 -0.59 73.33
CA ALA DB 87 86.52 -1.59 72.41
C ALA DB 87 86.29 -1.00 71.03
N GLY DB 88 86.12 0.31 70.93
CA GLY DB 88 85.94 0.97 69.66
C GLY DB 88 87.26 1.43 69.07
N LEU DB 89 88.15 1.90 69.93
CA LEU DB 89 89.47 2.30 69.46
C LEU DB 89 90.30 1.10 69.03
N THR DB 90 90.00 -0.08 69.57
CA THR DB 90 90.65 -1.30 69.11
C THR DB 90 90.28 -1.61 67.67
N GLN DB 91 89.02 -1.41 67.30
CA GLN DB 91 88.60 -1.65 65.92
C GLN DB 91 89.23 -0.66 64.95
N ILE DB 92 89.61 0.52 65.43
CA ILE DB 92 90.21 1.52 64.55
C ILE DB 92 91.61 1.10 64.14
N VAL DB 93 92.46 0.78 65.11
CA VAL DB 93 93.82 0.46 64.73
C VAL DB 93 93.97 -1.02 64.42
N PHE DB 94 92.91 -1.82 64.61
CA PHE DB 94 92.89 -3.11 63.93
C PHE DB 94 92.75 -2.92 62.44
N ALA DB 95 91.87 -2.00 62.03
CA ALA DB 95 91.68 -1.75 60.60
C ALA DB 95 92.87 -1.03 59.99
N ILE DB 96 93.54 -0.18 60.78
CA ILE DB 96 94.81 0.37 60.33
C ILE DB 96 95.86 -0.73 60.22
N GLY DB 97 95.81 -1.71 61.12
CA GLY DB 97 96.74 -2.82 61.05
C GLY DB 97 96.59 -3.69 59.82
N VAL DB 98 95.37 -3.85 59.31
CA VAL DB 98 95.19 -4.52 58.02
C VAL DB 98 95.68 -3.60 56.90
N MET DB 99 95.51 -2.28 57.07
CA MET DB 99 96.06 -1.34 56.11
C MET DB 99 97.59 -1.35 56.15
N GLU DB 100 98.17 -1.39 57.36
CA GLU DB 100 99.61 -1.29 57.52
C GLU DB 100 100.36 -2.54 57.08
N LEU DB 101 99.68 -3.65 56.87
CA LEU DB 101 100.36 -4.88 56.50
C LEU DB 101 99.85 -5.49 55.21
N ALA DB 102 98.55 -5.44 54.96
CA ALA DB 102 97.97 -6.15 53.83
C ALA DB 102 97.65 -5.25 52.65
N ILE DB 103 96.93 -4.16 52.88
CA ILE DB 103 96.39 -3.39 51.77
C ILE DB 103 97.43 -2.41 51.27
N TRP DB 104 97.89 -1.51 52.15
CA TRP DB 104 98.93 -0.53 51.85
C TRP DB 104 100.13 -0.83 52.74
N PRO DB 105 100.92 -1.86 52.43
CA PRO DB 105 101.93 -2.33 53.38
C PRO DB 105 103.07 -1.34 53.49
N ALA DB 106 103.39 -0.96 54.74
CA ALA DB 106 104.42 0.04 54.97
C ALA DB 106 105.82 -0.51 54.78
N SER DB 107 105.98 -1.82 54.57
CA SER DB 107 107.27 -2.34 54.15
C SER DB 107 107.59 -1.95 52.72
N ASN DB 108 106.57 -1.68 51.91
CA ASN DB 108 106.76 -1.07 50.59
C ASN DB 108 107.22 0.37 50.81
N TYR DB 109 108.52 0.61 50.64
CA TYR DB 109 109.07 1.92 50.94
C TYR DB 109 108.79 2.95 49.87
N SER DB 110 108.29 2.54 48.70
CA SER DB 110 107.99 3.50 47.65
C SER DB 110 106.79 4.36 48.00
N GLY DB 111 105.83 3.82 48.75
CA GLY DB 111 104.60 4.51 49.05
C GLY DB 111 103.55 4.43 47.96
N ASP DB 112 103.88 3.85 46.82
CA ASP DB 112 102.95 3.74 45.69
C ASP DB 112 102.21 2.42 45.80
N TYR DB 113 100.94 2.48 46.19
CA TYR DB 113 100.10 1.29 46.29
C TYR DB 113 99.13 1.16 45.12
N GLY DB 114 99.42 1.84 44.02
CA GLY DB 114 98.64 1.70 42.80
C GLY DB 114 97.26 2.32 42.85
N THR DB 115 97.15 3.53 43.41
CA THR DB 115 95.86 4.18 43.57
C THR DB 115 95.67 5.41 42.70
N GLY DB 116 96.72 5.90 42.06
CA GLY DB 116 96.60 7.16 41.36
C GLY DB 116 96.57 8.31 42.34
N TYR DB 117 96.01 9.44 41.89
CA TYR DB 117 95.97 10.63 42.73
C TYR DB 117 94.55 11.01 43.14
N GLY DB 118 93.66 11.29 42.20
CA GLY DB 118 92.43 11.94 42.60
C GLY DB 118 91.20 11.09 42.42
N ARG DB 119 91.36 9.98 41.71
CA ARG DB 119 90.22 9.17 41.29
C ARG DB 119 90.21 7.87 42.06
N PRO DB 120 89.20 7.60 42.87
CA PRO DB 120 89.04 6.25 43.43
C PRO DB 120 88.44 5.28 42.42
N PHE DB 121 88.63 3.98 42.70
CA PHE DB 121 88.10 2.79 42.02
C PHE DB 121 88.73 2.52 40.66
N VAL DB 122 89.51 3.48 40.18
CA VAL DB 122 90.26 3.48 38.93
C VAL DB 122 91.33 4.56 39.05
N PRO DB 123 92.61 4.19 38.92
CA PRO DB 123 93.69 5.12 39.31
C PRO DB 123 93.94 6.19 38.26
N ASN DB 124 94.03 7.43 38.72
CA ASN DB 124 94.48 8.53 37.86
C ASN DB 124 95.99 8.46 37.80
N VAL DB 125 96.51 7.95 36.71
CA VAL DB 125 97.94 7.83 36.48
C VAL DB 125 98.47 9.16 35.97
N LEU DB 126 99.41 9.74 36.69
CA LEU DB 126 100.13 10.91 36.21
C LEU DB 126 101.40 10.45 35.50
N GLU DB 127 101.75 11.12 34.40
CA GLU DB 127 102.73 10.58 33.47
C GLU DB 127 104.10 11.23 33.57
N GLY DB 128 104.22 12.53 33.33
CA GLY DB 128 105.52 13.12 33.07
C GLY DB 128 106.07 14.02 34.15
N ASP DB 129 106.27 15.30 33.79
CA ASP DB 129 106.81 16.28 34.72
C ASP DB 129 105.80 16.61 35.80
N GLU DB 130 104.51 16.53 35.47
CA GLU DB 130 103.48 16.79 36.46
C GLU DB 130 103.41 15.67 37.48
N LEU DB 131 103.74 14.44 37.06
CA LEU DB 131 103.90 13.35 38.02
C LEU DB 131 105.05 13.62 38.97
N LYS DB 132 106.22 13.94 38.42
CA LYS DB 132 107.38 14.50 39.10
C LYS DB 132 107.03 15.67 40.04
N TYR DB 133 106.12 16.54 39.62
CA TYR DB 133 105.78 17.76 40.36
C TYR DB 133 104.80 17.50 41.49
N LYS DB 134 103.84 16.58 41.30
CA LYS DB 134 102.88 16.29 42.36
C LYS DB 134 103.50 15.49 43.50
N LEU DB 135 104.62 14.80 43.25
CA LEU DB 135 105.28 14.05 44.32
C LEU DB 135 105.93 14.97 45.34
N ASP DB 136 106.56 16.06 44.88
CA ASP DB 136 107.17 16.97 45.84
C ASP DB 136 106.13 17.81 46.56
N MET DB 137 105.01 18.14 45.90
CA MET DB 137 103.87 18.78 46.56
C MET DB 137 103.27 17.92 47.65
N GLU DB 138 103.26 16.60 47.47
CA GLU DB 138 102.82 15.70 48.54
C GLU DB 138 103.75 15.78 49.74
N ILE DB 139 105.05 15.85 49.47
CA ILE DB 139 106.02 15.97 50.56
C ILE DB 139 105.95 17.36 51.18
N ASN DB 140 105.78 18.38 50.34
CA ASN DB 140 105.89 19.76 50.81
C ASN DB 140 104.65 20.16 51.60
N GLN DB 141 103.48 19.69 51.18
CA GLN DB 141 102.29 19.83 52.01
C GLN DB 141 102.27 18.84 53.15
N GLY DB 142 102.99 17.72 53.02
CA GLY DB 142 103.16 16.82 54.15
C GLY DB 142 104.04 17.40 55.23
N ARG DB 143 104.99 18.25 54.84
CA ARG DB 143 105.87 18.89 55.82
C ARG DB 143 105.17 20.03 56.54
N ALA DB 144 104.31 20.77 55.83
CA ALA DB 144 103.60 21.86 56.47
C ALA DB 144 102.55 21.35 57.45
N ALA DB 145 102.01 20.15 57.19
CA ALA DB 145 101.07 19.55 58.12
C ALA DB 145 101.75 18.92 59.31
N MET DB 146 103.00 18.48 59.15
CA MET DB 146 103.75 17.94 60.27
C MET DB 146 104.11 19.03 61.28
N MET DB 147 104.56 20.17 60.79
CA MET DB 147 104.84 21.30 61.67
C MET DB 147 103.58 22.02 62.12
N GLY DB 148 102.45 21.83 61.42
CA GLY DB 148 101.22 22.49 61.83
C GLY DB 148 100.53 21.80 63.00
N ILE DB 149 100.75 20.50 63.15
CA ILE DB 149 100.14 19.74 64.23
C ILE DB 149 100.78 20.12 65.57
N MET DB 150 102.11 20.17 65.60
CA MET DB 150 102.79 20.54 66.85
C MET DB 150 102.62 22.02 67.17
N GLY DB 151 102.17 22.82 66.20
CA GLY DB 151 101.70 24.16 66.50
C GLY DB 151 100.26 24.23 66.96
N ALA DB 152 99.46 23.20 66.68
CA ALA DB 152 98.07 23.16 67.08
C ALA DB 152 97.78 22.20 68.23
N LEU DB 153 98.79 21.49 68.75
CA LEU DB 153 98.64 20.62 69.91
C LEU DB 153 99.46 20.96 71.13
N VAL DB 154 100.24 22.04 71.13
CA VAL DB 154 100.76 22.53 72.40
C VAL DB 154 99.75 23.43 73.08
N GLY DB 155 98.87 24.06 72.32
CA GLY DB 155 97.87 24.96 72.84
C GLY DB 155 96.78 25.28 71.83
N PHE EB 1 85.20 -92.86 68.93
CA PHE EB 1 85.01 -92.80 70.37
C PHE EB 1 84.22 -94.01 70.84
N GLU EB 2 84.55 -95.14 70.22
CA GLU EB 2 83.97 -96.44 70.49
C GLU EB 2 84.44 -97.09 71.78
N ASN EB 3 85.76 -97.27 71.96
CA ASN EB 3 86.28 -98.00 73.12
C ASN EB 3 87.13 -97.03 73.93
N GLU EB 4 86.51 -96.34 74.89
CA GLU EB 4 87.27 -95.69 75.96
C GLU EB 4 86.38 -95.68 77.21
N LEU EB 5 86.60 -94.71 78.12
CA LEU EB 5 86.18 -94.92 79.52
C LEU EB 5 84.66 -94.97 79.66
N GLY EB 6 83.92 -94.28 78.79
CA GLY EB 6 82.47 -94.34 78.87
C GLY EB 6 81.85 -95.58 78.25
N ALA EB 7 82.60 -96.31 77.45
CA ALA EB 7 82.11 -97.55 76.84
C ALA EB 7 81.97 -98.63 77.91
N GLN EB 8 80.99 -99.49 77.76
CA GLN EB 8 80.31 -99.89 78.97
C GLN EB 8 79.52 -101.18 78.73
N PRO EB 9 79.59 -102.15 79.65
CA PRO EB 9 78.92 -103.44 79.40
C PRO EB 9 77.40 -103.35 79.29
N PRO EB 10 76.67 -102.48 80.07
CA PRO EB 10 75.25 -102.34 79.75
C PRO EB 10 75.00 -101.49 78.50
N LEU EB 11 75.80 -100.45 78.29
CA LEU EB 11 75.41 -99.49 77.26
C LEU EB 11 76.71 -98.93 76.65
N GLY EB 12 77.19 -99.56 75.59
CA GLY EB 12 78.46 -99.16 75.00
C GLY EB 12 78.35 -98.00 74.04
N PHE EB 13 78.90 -96.84 74.43
CA PHE EB 13 78.91 -95.59 73.67
C PHE EB 13 77.48 -95.18 73.30
N PHE EB 14 76.72 -94.80 74.33
CA PHE EB 14 75.29 -94.51 74.19
C PHE EB 14 75.02 -93.39 73.19
N ASP EB 15 75.44 -92.16 73.54
CA ASP EB 15 75.47 -90.96 72.70
C ASP EB 15 74.18 -90.72 71.92
N PRO EB 16 73.07 -90.34 72.55
CA PRO EB 16 71.82 -90.18 71.78
C PRO EB 16 71.78 -88.89 70.98
N LEU EB 17 72.33 -87.82 71.54
CA LEU EB 17 72.26 -86.50 70.93
C LEU EB 17 73.39 -86.35 69.91
N GLY EB 18 73.43 -85.20 69.24
CA GLY EB 18 74.45 -84.93 68.22
C GLY EB 18 75.73 -84.31 68.75
N LEU EB 19 76.51 -85.05 69.54
CA LEU EB 19 77.68 -84.47 70.19
C LEU EB 19 78.99 -84.71 69.44
N VAL EB 20 79.41 -85.96 69.30
CA VAL EB 20 80.79 -86.25 68.89
C VAL EB 20 80.91 -87.18 67.67
N GLU EB 21 79.96 -87.14 66.72
CA GLU EB 21 80.04 -88.01 65.53
C GLU EB 21 81.00 -87.42 64.48
N ASP EB 22 82.27 -87.30 64.89
CA ASP EB 22 83.41 -86.77 64.16
C ASP EB 22 84.71 -87.22 64.82
N GLY EB 23 85.84 -86.79 64.29
CA GLY EB 23 87.09 -87.16 64.90
C GLY EB 23 87.71 -86.04 65.72
N ASN EB 24 86.91 -85.17 66.32
CA ASN EB 24 87.49 -84.01 66.98
C ASN EB 24 87.84 -84.49 68.39
N GLN EB 25 89.15 -84.69 68.64
CA GLN EB 25 89.59 -85.11 69.98
C GLN EB 25 89.40 -83.99 70.99
N ALA EB 26 89.63 -82.74 70.57
CA ALA EB 26 89.57 -81.59 71.47
C ALA EB 26 88.14 -81.32 71.96
N LYS EB 27 87.14 -81.65 71.15
CA LYS EB 27 85.75 -81.57 71.62
C LYS EB 27 85.48 -82.61 72.70
N PHE EB 28 86.02 -83.83 72.51
CA PHE EB 28 85.74 -84.92 73.44
C PHE EB 28 86.44 -84.72 74.78
N ASP EB 29 87.72 -84.31 74.78
CA ASP EB 29 88.46 -84.17 76.02
C ASP EB 29 88.04 -82.94 76.82
N ARG EB 30 87.35 -81.99 76.18
CA ARG EB 30 86.69 -80.96 76.97
C ARG EB 30 85.45 -81.52 77.65
N LEU EB 31 84.63 -82.29 76.92
CA LEU EB 31 83.42 -82.85 77.50
C LEU EB 31 83.74 -83.97 78.49
N ARG EB 32 84.82 -84.72 78.26
CA ARG EB 32 85.24 -85.73 79.24
C ARG EB 32 85.76 -85.07 80.51
N TYR EB 33 86.39 -83.90 80.38
CA TYR EB 33 86.87 -83.17 81.54
C TYR EB 33 85.73 -82.73 82.45
N VAL EB 34 84.64 -82.23 81.86
CA VAL EB 34 83.59 -81.64 82.68
C VAL EB 34 82.74 -82.76 83.30
N GLU EB 35 82.61 -83.89 82.60
CA GLU EB 35 81.87 -85.01 83.14
C GLU EB 35 82.55 -85.57 84.38
N LEU EB 36 83.89 -85.61 84.42
CA LEU EB 36 84.33 -85.99 85.76
C LEU EB 36 84.47 -84.81 86.67
N LYS EB 37 84.44 -83.59 86.13
CA LYS EB 37 84.39 -82.42 87.01
C LYS EB 37 83.07 -82.35 87.74
N HIS EB 38 81.98 -82.65 87.02
CA HIS EB 38 80.66 -82.72 87.65
C HIS EB 38 80.53 -83.94 88.54
N GLY EB 39 81.20 -85.04 88.19
CA GLY EB 39 81.07 -86.25 88.98
C GLY EB 39 81.82 -86.19 90.29
N ARG EB 40 83.02 -85.60 90.29
CA ARG EB 40 83.80 -85.52 91.52
C ARG EB 40 83.18 -84.54 92.51
N ILE EB 41 82.45 -83.53 92.05
CA ILE EB 41 81.73 -82.67 92.97
C ILE EB 41 80.50 -83.37 93.50
N SER EB 42 79.77 -84.06 92.62
CA SER EB 42 78.50 -84.64 93.01
C SER EB 42 78.68 -85.88 93.86
N MET EB 43 79.82 -86.57 93.74
CA MET EB 43 80.13 -87.64 94.67
C MET EB 43 80.25 -87.12 96.09
N LEU EB 44 80.92 -85.99 96.27
CA LEU EB 44 81.00 -85.46 97.62
C LEU EB 44 79.70 -84.78 98.03
N ALA EB 45 78.84 -84.46 97.06
CA ALA EB 45 77.56 -83.82 97.37
C ALA EB 45 76.49 -84.81 97.81
N VAL EB 46 76.47 -86.02 97.23
CA VAL EB 46 75.63 -87.11 97.77
C VAL EB 46 75.98 -87.39 99.23
N VAL EB 47 77.27 -87.57 99.53
CA VAL EB 47 77.69 -87.75 100.92
C VAL EB 47 77.45 -86.47 101.71
N GLY EB 48 77.70 -85.32 101.08
CA GLY EB 48 77.50 -84.05 101.76
C GLY EB 48 76.07 -83.69 102.03
N TYR EB 49 75.11 -84.32 101.34
CA TYR EB 49 73.71 -84.12 101.70
C TYR EB 49 73.30 -85.08 102.81
N LEU EB 50 73.67 -86.36 102.69
CA LEU EB 50 73.14 -87.40 103.56
C LEU EB 50 73.76 -87.40 104.96
N ILE EB 51 74.78 -86.59 105.22
CA ILE EB 51 75.25 -86.42 106.58
C ILE EB 51 74.49 -85.29 107.28
N GLU EB 52 74.04 -84.32 106.49
CA GLU EB 52 73.15 -83.28 106.99
C GLU EB 52 71.72 -83.77 107.20
N LYS EB 53 71.20 -84.64 106.32
CA LYS EB 53 69.89 -85.24 106.58
C LYS EB 53 69.91 -86.21 107.73
N ALA EB 54 71.03 -86.87 107.97
CA ALA EB 54 71.13 -87.70 109.14
C ALA EB 54 71.38 -86.90 110.40
N GLY EB 55 71.61 -85.59 110.28
CA GLY EB 55 71.75 -84.74 111.43
C GLY EB 55 73.15 -84.68 112.02
N ILE EB 56 74.13 -85.33 111.40
CA ILE EB 56 75.51 -85.25 111.89
C ILE EB 56 76.07 -83.87 111.63
N ARG EB 57 76.69 -83.32 112.68
CA ARG EB 57 77.26 -81.99 112.65
C ARG EB 57 78.70 -82.04 113.15
N LEU EB 58 79.44 -80.98 112.84
CA LEU EB 58 80.71 -80.68 113.49
C LEU EB 58 80.43 -80.28 114.95
N PRO EB 59 81.43 -80.46 115.87
CA PRO EB 59 81.15 -80.32 117.32
C PRO EB 59 80.67 -78.96 117.84
N GLY EB 60 80.50 -77.96 116.98
CA GLY EB 60 79.78 -76.76 117.35
C GLY EB 60 80.57 -75.50 117.09
N ASN EB 61 79.86 -74.37 117.20
CA ASN EB 61 80.39 -73.01 117.16
C ASN EB 61 81.11 -72.72 115.84
N ILE EB 62 80.31 -72.63 114.77
CA ILE EB 62 80.83 -72.25 113.46
C ILE EB 62 81.38 -70.80 113.45
N SER EB 63 81.06 -70.02 114.46
CA SER EB 63 81.51 -68.65 114.56
C SER EB 63 81.67 -68.27 116.02
N TYR EB 64 82.40 -67.18 116.26
CA TYR EB 64 82.55 -66.57 117.59
C TYR EB 64 81.33 -65.78 118.01
N ASP EB 65 80.29 -65.86 117.22
CA ASP EB 65 79.19 -64.95 117.14
C ASP EB 65 78.02 -65.53 117.93
N GLY EB 66 78.09 -66.82 118.22
CA GLY EB 66 77.12 -67.53 119.02
C GLY EB 66 76.23 -68.40 118.17
N THR EB 67 76.74 -68.87 117.04
CA THR EB 67 76.00 -69.74 116.14
C THR EB 67 76.74 -71.07 116.06
N SER EB 68 76.04 -72.15 116.38
CA SER EB 68 76.66 -73.46 116.35
C SER EB 68 76.36 -74.18 115.03
N PHE EB 69 76.92 -75.39 114.90
CA PHE EB 69 76.71 -76.16 113.67
C PHE EB 69 75.32 -76.79 113.64
N ALA EB 70 74.79 -77.17 114.80
CA ALA EB 70 73.45 -77.77 114.85
C ALA EB 70 72.36 -76.74 114.58
N ASP EB 71 72.63 -75.45 114.77
CA ASP EB 71 71.66 -74.43 114.44
C ASP EB 71 71.48 -74.28 112.93
N ILE EB 72 72.46 -74.70 112.14
CA ILE EB 72 72.38 -74.50 110.70
C ILE EB 72 71.55 -75.64 110.10
N PRO EB 73 70.50 -75.33 109.36
CA PRO EB 73 69.63 -76.39 108.84
C PRO EB 73 70.31 -77.16 107.71
N ASP EB 74 69.61 -78.20 107.25
CA ASP EB 74 70.12 -79.09 106.23
C ASP EB 74 69.37 -78.89 104.92
N GLY EB 75 70.06 -79.16 103.81
CA GLY EB 75 69.51 -78.91 102.50
C GLY EB 75 69.81 -77.52 101.99
N PHE EB 76 68.87 -76.94 101.24
CA PHE EB 76 69.09 -75.62 100.64
C PHE EB 76 69.07 -74.50 101.68
N ALA EB 77 68.55 -74.76 102.88
CA ALA EB 77 68.49 -73.75 103.92
C ALA EB 77 69.80 -73.59 104.67
N ALA EB 78 70.79 -74.48 104.44
CA ALA EB 78 72.12 -74.32 105.01
C ALA EB 78 72.81 -73.09 104.46
N LEU EB 79 72.48 -72.71 103.23
CA LEU EB 79 73.12 -71.64 102.50
C LEU EB 79 72.72 -70.27 103.05
N SER EB 80 71.53 -70.19 103.66
CA SER EB 80 70.98 -68.93 104.16
C SER EB 80 71.36 -68.63 105.60
N LYS EB 81 71.74 -69.64 106.39
CA LYS EB 81 72.10 -69.44 107.80
C LYS EB 81 73.58 -69.57 108.07
N ILE EB 82 74.38 -69.99 107.10
CA ILE EB 82 75.84 -69.86 107.23
C ILE EB 82 76.19 -68.38 107.29
N PRO EB 83 77.02 -67.95 108.25
CA PRO EB 83 77.38 -66.53 108.32
C PRO EB 83 78.18 -66.09 107.11
N ASP EB 84 77.86 -64.89 106.63
CA ASP EB 84 78.34 -64.41 105.34
C ASP EB 84 79.84 -64.14 105.33
N ALA EB 85 80.44 -63.90 106.49
CA ALA EB 85 81.89 -63.83 106.55
C ALA EB 85 82.52 -65.18 106.25
N GLY EB 86 81.88 -66.26 106.65
CA GLY EB 86 82.36 -67.60 106.36
C GLY EB 86 81.93 -68.10 105.01
N LEU EB 87 80.86 -67.54 104.46
CA LEU EB 87 80.46 -67.96 103.12
C LEU EB 87 81.31 -67.32 102.04
N PHE EB 88 81.98 -66.21 102.33
CA PHE EB 88 83.04 -65.75 101.43
C PHE EB 88 84.22 -66.72 101.44
N GLN EB 89 84.56 -67.26 102.61
CA GLN EB 89 85.73 -68.13 102.74
C GLN EB 89 85.52 -69.44 101.99
N LEU EB 90 84.27 -69.89 101.89
CA LEU EB 90 84.01 -71.10 101.15
C LEU EB 90 84.18 -70.86 99.65
N PHE EB 91 83.69 -69.72 99.15
CA PHE EB 91 83.82 -69.40 97.75
C PHE EB 91 85.23 -68.96 97.37
N ALA EB 92 85.98 -68.36 98.31
CA ALA EB 92 87.34 -67.92 98.00
C ALA EB 92 88.30 -69.09 97.95
N PHE EB 93 88.14 -70.05 98.87
CA PHE EB 93 89.06 -71.19 98.91
C PHE EB 93 88.77 -72.19 97.80
N ILE EB 94 87.48 -72.42 97.48
CA ILE EB 94 87.15 -73.27 96.34
C ILE EB 94 87.59 -72.59 95.04
N GLY EB 95 87.49 -71.27 94.99
CA GLY EB 95 88.11 -70.53 93.92
C GLY EB 95 89.62 -70.60 93.95
N PHE EB 96 90.21 -70.66 95.14
CA PHE EB 96 91.67 -70.82 95.23
C PHE EB 96 92.10 -72.20 94.73
N LEU EB 97 91.28 -73.21 94.99
CA LEU EB 97 91.53 -74.54 94.43
C LEU EB 97 91.36 -74.53 92.92
N GLU EB 98 90.24 -73.96 92.43
CA GLU EB 98 89.86 -74.11 91.03
C GLU EB 98 90.72 -73.28 90.09
N VAL EB 99 91.24 -72.13 90.56
CA VAL EB 99 92.31 -71.43 89.85
C VAL EB 99 93.66 -72.12 90.02
N PHE EB 100 94.18 -72.23 91.23
CA PHE EB 100 95.61 -72.58 91.32
C PHE EB 100 95.87 -74.08 91.39
N VAL EB 101 95.60 -74.67 92.53
CA VAL EB 101 95.90 -76.07 92.73
C VAL EB 101 94.74 -77.01 92.46
N MET EB 102 94.38 -77.15 91.17
CA MET EB 102 93.54 -78.28 90.82
C MET EB 102 93.81 -78.87 89.44
N LYS EB 103 95.03 -78.80 88.93
CA LYS EB 103 95.23 -78.71 87.49
C LYS EB 103 96.10 -79.82 86.91
N ASP EB 104 96.03 -79.92 85.58
CA ASP EB 104 97.15 -80.39 84.76
C ASP EB 104 98.20 -79.30 84.60
N ILE EB 105 98.94 -79.07 85.69
CA ILE EB 105 100.14 -78.23 85.74
C ILE EB 105 101.24 -78.90 84.93
N THR EB 106 101.64 -80.09 85.34
CA THR EB 106 102.81 -80.76 84.77
C THR EB 106 102.46 -81.68 83.61
N GLY EB 107 101.19 -81.98 83.41
CA GLY EB 107 100.80 -82.92 82.38
C GLY EB 107 100.61 -84.32 82.93
N GLY EB 108 99.35 -84.74 83.12
CA GLY EB 108 99.04 -86.10 83.46
C GLY EB 108 98.97 -86.95 82.22
N GLU EB 109 98.83 -88.27 82.40
CA GLU EB 109 98.72 -89.11 81.21
C GLU EB 109 97.28 -89.30 80.73
N PHE EB 110 96.30 -88.70 81.40
CA PHE EB 110 94.93 -88.71 80.86
C PHE EB 110 94.24 -87.42 81.27
N VAL EB 111 92.93 -87.37 81.03
CA VAL EB 111 92.12 -86.20 81.37
C VAL EB 111 91.61 -86.35 82.79
N GLY EB 112 91.81 -85.30 83.59
CA GLY EB 112 91.46 -85.32 85.00
C GLY EB 112 92.58 -85.75 85.91
N ASP EB 113 93.75 -86.06 85.38
CA ASP EB 113 94.83 -86.57 86.22
C ASP EB 113 95.45 -85.30 86.79
N PHE EB 114 95.20 -85.02 88.06
CA PHE EB 114 95.71 -83.78 88.64
C PHE EB 114 96.88 -84.02 89.58
N ARG EB 115 97.49 -85.20 89.54
CA ARG EB 115 98.74 -85.41 90.26
C ARG EB 115 99.85 -84.66 89.54
N ASN EB 116 100.33 -83.56 90.15
CA ASN EB 116 101.41 -82.78 89.58
C ASN EB 116 102.79 -83.29 89.96
N GLY EB 117 102.90 -84.56 90.36
CA GLY EB 117 104.11 -85.03 91.01
C GLY EB 117 104.24 -84.53 92.43
N PHE EB 118 103.17 -84.02 93.02
CA PHE EB 118 103.14 -83.53 94.39
C PHE EB 118 102.54 -84.55 95.33
N ILE EB 119 101.35 -85.07 95.00
CA ILE EB 119 100.66 -86.06 95.82
C ILE EB 119 100.31 -87.24 94.92
N ASP EB 120 100.63 -88.44 95.38
CA ASP EB 120 100.36 -89.66 94.62
C ASP EB 120 100.21 -90.78 95.63
N PHE EB 121 99.02 -91.36 95.70
CA PHE EB 121 98.78 -92.52 96.57
C PHE EB 121 98.88 -93.81 95.77
N GLY EB 122 100.08 -94.06 95.26
CA GLY EB 122 100.32 -95.23 94.45
C GLY EB 122 100.35 -94.90 92.98
N TRP EB 123 99.40 -95.49 92.22
CA TRP EB 123 99.24 -95.40 90.75
C TRP EB 123 100.41 -95.99 89.98
N ASP EB 124 101.41 -96.55 90.64
CA ASP EB 124 102.41 -97.36 89.97
C ASP EB 124 102.14 -98.84 90.13
N SER EB 125 101.46 -99.20 91.22
CA SER EB 125 101.19 -100.60 91.55
C SER EB 125 99.80 -100.99 91.06
N PHE EB 126 99.69 -101.05 89.74
CA PHE EB 126 98.50 -101.51 89.04
C PHE EB 126 98.99 -102.22 87.79
N ASP EB 127 98.14 -103.04 87.17
CA ASP EB 127 98.76 -103.88 86.15
C ASP EB 127 98.35 -103.41 84.74
N GLU EB 128 98.08 -102.10 84.58
CA GLU EB 128 97.67 -101.40 83.33
C GLU EB 128 96.29 -101.80 82.77
N GLU EB 129 95.75 -102.92 83.28
CA GLU EB 129 94.35 -103.34 83.24
C GLU EB 129 93.52 -102.66 84.28
N THR EB 130 94.08 -102.48 85.47
CA THR EB 130 93.27 -102.09 86.61
C THR EB 130 93.17 -100.56 86.65
N LYS EB 131 94.18 -99.86 86.12
CA LYS EB 131 94.17 -98.39 86.02
C LYS EB 131 92.96 -97.85 85.24
N LEU EB 132 92.66 -98.40 84.07
CA LEU EB 132 91.64 -97.79 83.24
C LEU EB 132 90.21 -98.18 83.63
N LYS EB 133 90.01 -99.29 84.34
CA LYS EB 133 88.70 -99.55 84.92
C LYS EB 133 88.54 -98.86 86.27
N LYS EB 134 89.63 -98.70 87.02
CA LYS EB 134 89.53 -97.94 88.26
C LYS EB 134 89.37 -96.45 88.02
N ARG EB 135 89.73 -95.92 86.84
CA ARG EB 135 89.07 -94.66 86.53
C ARG EB 135 87.87 -94.78 85.62
N ALA EB 136 87.52 -95.97 85.14
CA ALA EB 136 86.16 -96.13 84.63
C ALA EB 136 85.17 -96.36 85.77
N ILE EB 137 85.63 -96.77 86.95
CA ILE EB 137 84.76 -96.81 88.11
C ILE EB 137 84.38 -95.39 88.54
N GLU EB 138 85.36 -94.50 88.70
CA GLU EB 138 85.06 -93.16 89.19
C GLU EB 138 84.37 -92.30 88.15
N LEU EB 139 84.39 -92.69 86.87
CA LEU EB 139 83.54 -92.04 85.90
C LEU EB 139 82.09 -92.45 86.12
N ASN EB 140 81.84 -93.75 86.32
CA ASN EB 140 80.48 -94.23 86.49
C ASN EB 140 79.96 -93.99 87.90
N GLN EB 141 80.85 -94.00 88.91
CA GLN EB 141 80.46 -93.56 90.24
C GLN EB 141 80.14 -92.07 90.25
N GLY EB 142 80.92 -91.28 89.51
CA GLY EB 142 80.57 -89.88 89.32
C GLY EB 142 79.37 -89.70 88.41
N ARG EB 143 79.07 -90.69 87.57
CA ARG EB 143 77.90 -90.63 86.71
C ARG EB 143 76.62 -90.75 87.52
N ALA EB 144 76.54 -91.75 88.40
CA ALA EB 144 75.34 -91.98 89.18
C ALA EB 144 75.18 -90.96 90.30
N ALA EB 145 76.28 -90.33 90.72
CA ALA EB 145 76.19 -89.39 91.83
C ALA EB 145 75.57 -88.07 91.40
N MET EB 146 75.64 -87.73 90.12
CA MET EB 146 75.09 -86.46 89.74
C MET EB 146 73.61 -86.59 89.39
N MET EB 147 73.17 -87.78 88.95
CA MET EB 147 71.75 -88.06 88.98
C MET EB 147 71.26 -88.39 90.38
N GLY EB 148 72.16 -88.81 91.27
CA GLY EB 148 71.79 -88.95 92.67
C GLY EB 148 71.53 -87.62 93.34
N ILE EB 149 72.47 -86.68 93.18
CA ILE EB 149 72.35 -85.39 93.85
C ILE EB 149 71.29 -84.51 93.20
N LEU EB 150 70.97 -84.74 91.93
CA LEU EB 150 69.90 -83.96 91.31
C LEU EB 150 68.54 -84.45 91.80
N ALA EB 151 68.46 -85.72 92.20
CA ALA EB 151 67.23 -86.25 92.79
C ALA EB 151 67.02 -85.70 94.19
N LEU EB 152 68.09 -85.49 94.97
CA LEU EB 152 67.97 -85.00 96.33
C LEU EB 152 67.48 -83.55 96.39
N MET EB 153 67.69 -82.79 95.33
CA MET EB 153 67.35 -81.38 95.33
C MET EB 153 66.06 -81.09 94.60
N VAL EB 154 65.71 -81.94 93.65
CA VAL EB 154 64.41 -81.77 93.04
C VAL EB 154 63.35 -82.20 94.05
N HIS EB 155 63.67 -83.11 94.96
CA HIS EB 155 62.71 -83.62 95.92
C HIS EB 155 62.77 -82.91 97.26
N GLU EB 156 63.81 -82.12 97.53
CA GLU EB 156 63.76 -81.24 98.69
C GLU EB 156 62.78 -80.10 98.46
N LYS EB 157 62.85 -79.48 97.28
CA LYS EB 157 61.92 -78.41 96.95
C LYS EB 157 60.52 -78.95 96.69
N LEU EB 158 60.40 -80.19 96.21
CA LEU EB 158 59.09 -80.82 96.11
C LEU EB 158 58.56 -81.20 97.48
N GLY EB 159 59.44 -81.64 98.38
CA GLY EB 159 59.03 -82.13 99.69
C GLY EB 159 58.84 -83.63 99.78
N VAL EB 160 59.18 -84.37 98.74
CA VAL EB 160 58.91 -85.81 98.70
C VAL EB 160 60.00 -86.55 99.46
N SER EB 161 59.56 -87.47 100.34
CA SER EB 161 60.47 -88.31 101.11
C SER EB 161 61.21 -89.30 100.21
N LEU EB 162 62.52 -89.40 100.42
CA LEU EB 162 63.39 -90.29 99.66
C LEU EB 162 64.26 -91.12 100.61
N SER FB 1 -9.17 41.02 -71.47
CA SER FB 1 -10.43 40.41 -71.88
C SER FB 1 -11.31 40.15 -70.67
N GLU FB 2 -12.47 39.56 -70.90
CA GLU FB 2 -13.46 39.42 -69.84
C GLU FB 2 -13.11 38.31 -68.86
N ILE FB 3 -12.31 37.33 -69.30
CA ILE FB 3 -11.86 36.24 -68.44
C ILE FB 3 -10.79 36.68 -67.46
N GLU FB 4 -10.20 37.85 -67.69
CA GLU FB 4 -9.12 38.38 -66.85
C GLU FB 4 -9.59 39.50 -65.94
N LEU FB 5 -10.88 39.80 -65.91
CA LEU FB 5 -11.35 41.02 -65.29
C LEU FB 5 -11.77 40.86 -63.85
N GLY FB 6 -11.97 39.64 -63.38
CA GLY FB 6 -12.41 39.47 -62.01
C GLY FB 6 -11.32 39.15 -61.04
N VAL FB 7 -10.07 39.07 -61.49
CA VAL FB 7 -8.99 38.55 -60.68
C VAL FB 7 -8.17 39.71 -60.13
N THR FB 8 -7.94 39.69 -58.82
CA THR FB 8 -7.10 40.67 -58.14
C THR FB 8 -6.19 39.92 -57.18
N GLU FB 9 -5.54 40.67 -56.29
CA GLU FB 9 -4.28 40.19 -55.72
C GLU FB 9 -4.39 39.03 -54.73
N PRO FB 10 -5.16 39.08 -53.63
CA PRO FB 10 -4.98 38.04 -52.60
C PRO FB 10 -5.53 36.68 -53.01
N LEU FB 11 -6.41 36.60 -53.99
CA LEU FB 11 -6.95 35.33 -54.42
C LEU FB 11 -6.56 34.94 -55.82
N GLY FB 12 -6.42 35.89 -56.74
CA GLY FB 12 -6.13 35.53 -58.11
C GLY FB 12 -7.37 34.94 -58.76
N VAL FB 13 -7.16 33.92 -59.58
CA VAL FB 13 -8.27 33.17 -60.16
C VAL FB 13 -8.87 32.31 -59.06
N TYR FB 14 -10.11 32.59 -58.69
CA TYR FB 14 -10.76 31.93 -57.57
C TYR FB 14 -12.07 31.31 -58.04
N ASP FB 15 -12.07 30.01 -58.24
CA ASP FB 15 -13.29 29.24 -58.44
C ASP FB 15 -13.14 27.90 -57.73
N PRO FB 16 -13.76 27.73 -56.58
CA PRO FB 16 -13.77 26.40 -55.94
C PRO FB 16 -14.57 25.39 -56.72
N LEU FB 17 -15.61 25.82 -57.44
CA LEU FB 17 -16.39 24.88 -58.25
C LEU FB 17 -15.65 24.47 -59.51
N GLY FB 18 -14.69 25.27 -59.96
CA GLY FB 18 -13.92 24.92 -61.13
C GLY FB 18 -14.67 25.04 -62.43
N TRP FB 19 -15.65 25.93 -62.51
CA TRP FB 19 -16.44 26.07 -63.72
C TRP FB 19 -15.76 26.91 -64.79
N LEU FB 20 -14.53 27.36 -64.56
CA LEU FB 20 -13.86 28.14 -65.61
C LEU FB 20 -13.35 27.26 -66.73
N GLU FB 21 -13.13 25.97 -66.49
CA GLU FB 21 -12.88 25.05 -67.59
C GLU FB 21 -13.91 23.94 -67.69
N SER FB 22 -14.73 23.74 -66.65
CA SER FB 22 -15.85 22.82 -66.76
C SER FB 22 -16.90 23.37 -67.70
N GLU FB 23 -17.28 24.65 -67.51
CA GLU FB 23 -18.26 25.33 -68.35
C GLU FB 23 -17.65 26.62 -68.87
N PRO FB 24 -16.75 26.56 -69.86
CA PRO FB 24 -16.13 27.79 -70.35
C PRO FB 24 -17.04 28.62 -71.23
N GLU FB 25 -18.12 28.05 -71.76
CA GLU FB 25 -19.06 28.78 -72.59
C GLU FB 25 -20.11 29.51 -71.77
N ALA FB 26 -20.37 29.07 -70.54
CA ALA FB 26 -21.34 29.70 -69.67
C ALA FB 26 -20.77 30.88 -68.91
N PHE FB 27 -19.47 31.13 -69.06
CA PHE FB 27 -18.81 32.20 -68.33
C PHE FB 27 -19.29 33.58 -68.79
N GLU FB 28 -19.58 33.72 -70.08
CA GLU FB 28 -19.80 35.04 -70.65
C GLU FB 28 -21.13 35.62 -70.19
N ARG FB 29 -22.10 34.78 -69.86
CA ARG FB 29 -23.31 35.26 -69.20
C ARG FB 29 -23.10 35.36 -67.70
N ARG FB 30 -22.37 34.41 -67.11
CA ARG FB 30 -22.18 34.38 -65.66
C ARG FB 30 -21.37 35.55 -65.16
N ARG FB 31 -20.49 36.10 -66.00
CA ARG FB 31 -19.88 37.37 -65.68
C ARG FB 31 -20.90 38.49 -65.71
N ALA FB 32 -21.79 38.48 -66.70
CA ALA FB 32 -22.80 39.52 -66.81
C ALA FB 32 -23.83 39.44 -65.69
N VAL FB 33 -24.06 38.25 -65.14
CA VAL FB 33 -24.95 38.15 -64.00
C VAL FB 33 -24.26 38.66 -62.75
N GLU FB 34 -22.98 38.33 -62.59
CA GLU FB 34 -22.20 38.80 -61.45
C GLU FB 34 -22.03 40.31 -61.48
N ARG FB 35 -21.85 40.88 -62.67
CA ARG FB 35 -21.75 42.32 -62.79
C ARG FB 35 -23.11 42.97 -62.55
N LYS FB 36 -24.19 42.33 -63.00
CA LYS FB 36 -25.52 42.89 -62.76
C LYS FB 36 -25.91 42.80 -61.30
N HIS FB 37 -25.63 41.66 -60.66
CA HIS FB 37 -25.90 41.52 -59.24
C HIS FB 37 -25.05 42.46 -58.41
N GLY FB 38 -23.82 42.69 -58.85
CA GLY FB 38 -22.97 43.62 -58.16
C GLY FB 38 -23.44 45.05 -58.30
N ARG FB 39 -23.86 45.44 -59.50
CA ARG FB 39 -24.36 46.79 -59.72
C ARG FB 39 -25.66 47.04 -58.98
N VAL FB 40 -26.53 46.03 -58.90
CA VAL FB 40 -27.79 46.16 -58.18
C VAL FB 40 -27.52 46.25 -56.68
N ALA FB 41 -26.61 45.41 -56.16
CA ALA FB 41 -26.35 45.40 -54.74
C ALA FB 41 -25.55 46.61 -54.27
N MET FB 42 -24.82 47.27 -55.17
CA MET FB 42 -24.11 48.48 -54.77
C MET FB 42 -25.06 49.63 -54.54
N ALA FB 43 -26.05 49.77 -55.41
CA ALA FB 43 -27.10 50.77 -55.20
C ALA FB 43 -27.97 50.41 -54.01
N ALA FB 44 -28.06 49.12 -53.67
CA ALA FB 44 -28.86 48.72 -52.52
C ALA FB 44 -28.17 49.00 -51.19
N VAL FB 45 -26.84 48.94 -51.16
CA VAL FB 45 -26.14 49.26 -49.93
C VAL FB 45 -26.17 50.76 -49.68
N VAL FB 46 -25.90 51.54 -50.72
CA VAL FB 46 -25.96 53.00 -50.64
C VAL FB 46 -27.38 53.46 -50.34
N GLY FB 47 -28.37 52.73 -50.85
CA GLY FB 47 -29.74 53.03 -50.49
C GLY FB 47 -30.05 52.80 -49.03
N THR FB 48 -29.55 51.72 -48.44
CA THR FB 48 -29.81 51.45 -47.02
C THR FB 48 -29.08 52.44 -46.13
N ILE FB 49 -27.92 52.92 -46.57
CA ILE FB 49 -27.21 53.95 -45.80
C ILE FB 49 -27.99 55.26 -45.85
N VAL FB 50 -28.59 55.56 -47.00
CA VAL FB 50 -29.33 56.80 -47.16
C VAL FB 50 -30.65 56.75 -46.40
N HIS FB 51 -31.35 55.61 -46.46
CA HIS FB 51 -32.63 55.48 -45.77
C HIS FB 51 -32.48 55.55 -44.26
N ASN FB 52 -31.42 54.99 -43.73
CA ASN FB 52 -31.23 54.97 -42.28
C ASN FB 52 -30.52 56.21 -41.77
N ASN FB 53 -30.02 57.07 -42.65
CA ASN FB 53 -29.60 58.40 -42.26
C ASN FB 53 -30.74 59.39 -42.25
N HIS FB 54 -31.96 58.91 -42.53
CA HIS FB 54 -33.20 59.69 -42.54
C HIS FB 54 -33.12 60.85 -43.52
N ILE FB 55 -32.66 60.54 -44.72
CA ILE FB 55 -32.69 61.46 -45.84
C ILE FB 55 -33.97 61.14 -46.60
N VAL FB 56 -35.00 61.94 -46.39
CA VAL FB 56 -36.29 61.73 -47.03
C VAL FB 56 -36.58 62.91 -47.95
N PHE FB 57 -37.58 62.72 -48.80
CA PHE FB 57 -37.81 63.64 -49.90
C PHE FB 57 -38.66 64.85 -49.54
N ASP FB 58 -39.13 64.98 -48.28
CA ASP FB 58 -40.03 66.04 -47.84
C ASP FB 58 -41.32 66.12 -48.67
N GLY FB 59 -42.13 65.09 -48.53
CA GLY FB 59 -43.43 65.21 -49.16
C GLY FB 59 -44.40 64.09 -48.89
N TYR FB 60 -45.10 63.69 -49.94
CA TYR FB 60 -46.08 62.62 -49.88
C TYR FB 60 -45.79 61.65 -51.01
N LEU FB 61 -45.52 60.39 -50.67
CA LEU FB 61 -45.34 59.39 -51.71
C LEU FB 61 -46.67 59.10 -52.41
N SER FB 62 -47.72 58.83 -51.65
CA SER FB 62 -49.06 58.72 -52.20
C SER FB 62 -49.99 59.53 -51.30
N PRO FB 63 -50.36 60.74 -51.71
CA PRO FB 63 -51.36 61.51 -50.95
C PRO FB 63 -52.74 60.88 -50.99
N SER FB 64 -53.00 59.98 -51.94
CA SER FB 64 -54.25 59.22 -51.94
C SER FB 64 -54.35 58.31 -50.72
N ASN FB 65 -53.23 57.74 -50.29
CA ASN FB 65 -53.21 56.85 -49.14
C ASN FB 65 -52.70 57.52 -47.87
N ASN FB 66 -52.58 58.85 -47.88
CA ASN FB 66 -51.98 59.65 -46.80
C ASN FB 66 -50.58 59.17 -46.43
N LEU FB 67 -49.79 58.83 -47.42
CA LEU FB 67 -48.51 58.16 -47.16
C LEU FB 67 -47.38 59.14 -47.44
N LYS FB 68 -46.79 59.67 -46.37
CA LYS FB 68 -45.64 60.53 -46.52
C LYS FB 68 -44.40 59.69 -46.84
N PHE FB 69 -43.36 60.37 -47.31
CA PHE FB 69 -42.08 59.71 -47.51
C PHE FB 69 -41.46 59.28 -46.20
N SER FB 70 -41.67 60.06 -45.14
CA SER FB 70 -41.13 59.72 -43.84
C SER FB 70 -41.93 58.67 -43.10
N ASP FB 71 -43.09 58.27 -43.62
CA ASP FB 71 -43.84 57.17 -43.01
C ASP FB 71 -43.42 55.81 -43.52
N ILE FB 72 -42.50 55.75 -44.48
CA ILE FB 72 -42.05 54.49 -45.05
C ILE FB 72 -40.94 53.94 -44.16
N PRO FB 73 -40.96 52.65 -43.82
CA PRO FB 73 -39.89 52.09 -42.99
C PRO FB 73 -38.57 52.07 -43.72
N THR FB 74 -37.51 52.40 -42.99
CA THR FB 74 -36.17 52.51 -43.55
C THR FB 74 -35.43 51.19 -43.54
N GLY FB 75 -36.14 50.08 -43.43
CA GLY FB 75 -35.49 48.78 -43.43
C GLY FB 75 -35.93 47.89 -44.57
N VAL FB 76 -36.06 46.59 -44.30
CA VAL FB 76 -36.41 45.65 -45.36
C VAL FB 76 -37.88 45.68 -45.73
N ASP FB 77 -38.72 46.34 -44.93
CA ASP FB 77 -40.12 46.52 -45.25
C ASP FB 77 -40.40 47.86 -45.90
N GLY FB 78 -39.41 48.39 -46.62
CA GLY FB 78 -39.60 49.70 -47.25
C GLY FB 78 -40.51 49.63 -48.45
N ILE FB 79 -40.22 48.73 -49.39
CA ILE FB 79 -41.05 48.63 -50.59
C ILE FB 79 -42.26 47.75 -50.37
N ARG FB 80 -42.38 47.11 -49.22
CA ARG FB 80 -43.65 46.50 -48.86
C ARG FB 80 -44.66 47.54 -48.41
N ALA FB 81 -44.20 48.74 -48.07
CA ALA FB 81 -45.08 49.84 -47.73
C ALA FB 81 -45.42 50.73 -48.91
N ILE FB 82 -44.73 50.55 -50.03
CA ILE FB 82 -45.11 51.27 -51.26
C ILE FB 82 -46.43 50.71 -51.76
N PRO FB 83 -47.41 51.55 -52.12
CA PRO FB 83 -48.66 51.03 -52.67
C PRO FB 83 -48.44 50.35 -54.01
N THR FB 84 -49.36 49.44 -54.34
CA THR FB 84 -49.16 48.52 -55.44
C THR FB 84 -49.20 49.24 -56.79
N ALA FB 85 -49.94 50.35 -56.86
CA ALA FB 85 -49.86 51.20 -58.04
C ALA FB 85 -48.54 51.94 -58.15
N GLY FB 86 -47.79 52.03 -57.05
CA GLY FB 86 -46.47 52.60 -57.08
C GLY FB 86 -45.42 51.62 -57.54
N LEU FB 87 -45.55 50.34 -57.18
CA LEU FB 87 -44.59 49.38 -57.70
C LEU FB 87 -44.85 49.05 -59.16
N ALA FB 88 -46.06 49.31 -59.64
CA ALA FB 88 -46.34 49.17 -61.06
C ALA FB 88 -45.58 50.21 -61.87
N GLN FB 89 -45.41 51.41 -61.32
CA GLN FB 89 -44.64 52.43 -62.03
C GLN FB 89 -43.15 52.08 -62.04
N ILE FB 90 -42.66 51.48 -60.95
CA ILE FB 90 -41.26 51.10 -60.89
C ILE FB 90 -40.98 49.94 -61.84
N LEU FB 91 -41.88 48.97 -61.90
CA LEU FB 91 -41.68 47.84 -62.79
C LEU FB 91 -41.86 48.22 -64.25
N ALA FB 92 -42.71 49.20 -64.54
CA ALA FB 92 -42.91 49.60 -65.93
C ALA FB 92 -41.72 50.41 -66.44
N PHE FB 93 -41.10 51.21 -65.59
CA PHE FB 93 -39.96 52.00 -66.05
C PHE FB 93 -38.72 51.13 -66.21
N PHE FB 94 -38.51 50.18 -65.32
CA PHE FB 94 -37.36 49.30 -65.43
C PHE FB 94 -37.62 48.11 -66.34
N ALA FB 95 -38.85 47.95 -66.83
CA ALA FB 95 -39.03 47.12 -68.01
C ALA FB 95 -38.48 47.83 -69.24
N LEU FB 96 -38.65 49.14 -69.32
CA LEU FB 96 -38.09 49.89 -70.43
C LEU FB 96 -36.58 49.96 -70.35
N VAL FB 97 -36.04 49.96 -69.14
CA VAL FB 97 -34.56 50.07 -68.96
C VAL FB 97 -33.88 48.72 -69.10
N GLU FB 98 -34.48 47.68 -68.55
CA GLU FB 98 -33.87 46.32 -68.55
C GLU FB 98 -34.21 45.52 -69.81
N LEU FB 99 -34.82 46.12 -70.81
CA LEU FB 99 -35.18 45.36 -72.03
C LEU FB 99 -34.89 46.19 -73.28
N ALA FB 100 -34.97 47.52 -73.17
CA ALA FB 100 -34.80 48.36 -74.34
C ALA FB 100 -33.62 49.31 -74.22
N TRP FB 101 -33.55 50.08 -73.14
CA TRP FB 101 -32.53 51.13 -73.05
C TRP FB 101 -31.17 50.54 -72.72
N MET FB 102 -31.04 49.89 -71.57
CA MET FB 102 -29.84 49.17 -71.17
C MET FB 102 -30.23 47.71 -71.02
N PRO FB 103 -30.30 46.96 -72.13
CA PRO FB 103 -30.89 45.62 -72.07
C PRO FB 103 -29.97 44.62 -71.38
N ALA FB 104 -30.53 43.85 -70.46
CA ALA FB 104 -29.72 42.94 -69.68
C ALA FB 104 -29.25 41.72 -70.47
N SER FB 105 -29.79 41.49 -71.66
CA SER FB 105 -29.25 40.45 -72.53
C SER FB 105 -27.95 40.87 -73.19
N LYS FB 106 -27.60 42.14 -73.15
CA LYS FB 106 -26.27 42.58 -73.57
C LYS FB 106 -25.28 42.15 -72.50
N TYR FB 107 -24.51 41.11 -72.78
CA TYR FB 107 -23.79 40.39 -71.74
C TYR FB 107 -22.40 40.96 -71.47
N ASP FB 108 -22.17 42.22 -71.80
CA ASP FB 108 -20.94 42.88 -71.41
C ASP FB 108 -21.16 44.14 -70.59
N GLY FB 109 -22.40 44.57 -70.39
CA GLY FB 109 -22.70 45.72 -69.56
C GLY FB 109 -22.17 47.04 -70.10
N ASP FB 110 -22.09 47.17 -71.42
CA ASP FB 110 -21.32 48.22 -72.05
C ASP FB 110 -22.27 49.12 -72.83
N TYR FB 111 -23.38 49.53 -72.22
CA TYR FB 111 -24.51 50.04 -72.97
C TYR FB 111 -24.27 51.33 -73.73
N GLY FB 112 -24.15 52.46 -73.06
CA GLY FB 112 -23.77 53.66 -73.79
C GLY FB 112 -22.76 54.52 -73.09
N VAL FB 113 -22.70 54.38 -71.78
CA VAL FB 113 -21.97 55.32 -70.95
C VAL FB 113 -20.63 54.71 -70.61
N GLY FB 114 -19.71 55.56 -70.21
CA GLY FB 114 -18.44 55.12 -69.71
C GLY FB 114 -18.39 55.23 -68.22
N TYR FB 115 -17.21 55.54 -67.71
CA TYR FB 115 -17.03 55.83 -66.30
C TYR FB 115 -17.17 57.34 -66.18
N PHE FB 116 -18.34 57.78 -65.73
CA PHE FB 116 -18.76 59.18 -65.75
C PHE FB 116 -18.69 59.73 -67.17
N GLY FB 117 -19.16 58.96 -68.14
CA GLY FB 117 -19.19 59.38 -69.53
C GLY FB 117 -17.86 59.36 -70.22
N THR FB 118 -16.83 58.78 -69.62
CA THR FB 118 -15.49 58.76 -70.17
C THR FB 118 -15.17 57.34 -70.61
N ASP FB 119 -14.69 57.20 -71.84
CA ASP FB 119 -14.09 55.95 -72.28
C ASP FB 119 -12.64 55.94 -71.83
N ILE FB 120 -12.30 55.02 -70.94
CA ILE FB 120 -10.93 54.94 -70.42
C ILE FB 120 -10.06 54.29 -71.49
N LYS FB 121 -9.24 55.10 -72.15
CA LYS FB 121 -8.47 54.61 -73.29
C LYS FB 121 -7.28 53.76 -72.88
N ASP FB 122 -6.75 53.96 -71.69
CA ASP FB 122 -5.65 53.14 -71.19
C ASP FB 122 -6.17 51.75 -70.85
N PRO FB 123 -5.67 50.69 -71.47
CA PRO FB 123 -6.22 49.35 -71.19
C PRO FB 123 -5.86 48.81 -69.83
N GLU FB 124 -4.72 49.20 -69.26
CA GLU FB 124 -4.41 48.75 -67.92
C GLU FB 124 -5.15 49.54 -66.85
N GLU FB 125 -5.53 50.78 -67.17
CA GLU FB 125 -6.33 51.56 -66.24
C GLU FB 125 -7.81 51.21 -66.34
N LYS FB 126 -8.28 50.90 -67.55
CA LYS FB 126 -9.66 50.47 -67.72
C LYS FB 126 -9.89 49.11 -67.07
N ALA FB 127 -8.91 48.22 -67.17
CA ALA FB 127 -9.02 46.93 -66.51
C ALA FB 127 -8.94 47.08 -64.99
N ARG FB 128 -8.29 48.14 -64.50
CA ARG FB 128 -8.24 48.38 -63.08
C ARG FB 128 -9.61 48.79 -62.55
N LYS FB 129 -10.28 49.71 -63.24
CA LYS FB 129 -11.59 50.15 -62.78
C LYS FB 129 -12.67 49.13 -63.07
N LEU FB 130 -12.48 48.27 -64.07
CA LEU FB 130 -13.37 47.14 -64.25
C LEU FB 130 -13.21 46.13 -63.12
N ASN FB 131 -12.00 46.00 -62.59
CA ASN FB 131 -11.78 45.17 -61.42
C ASN FB 131 -12.40 45.78 -60.18
N VAL FB 132 -12.42 47.11 -60.08
CA VAL FB 132 -12.99 47.77 -58.93
C VAL FB 132 -14.50 47.62 -58.92
N GLU FB 133 -15.14 47.74 -60.09
CA GLU FB 133 -16.58 47.56 -60.20
C GLU FB 133 -17.00 46.15 -59.82
N LEU FB 134 -16.22 45.16 -60.20
CA LEU FB 134 -16.53 43.80 -59.81
C LEU FB 134 -16.28 43.58 -58.32
N ASN FB 135 -15.20 44.14 -57.79
CA ASN FB 135 -14.86 43.90 -56.40
C ASN FB 135 -15.77 44.68 -55.46
N ASN FB 136 -16.10 45.92 -55.80
CA ASN FB 136 -17.08 46.63 -55.00
C ASN FB 136 -18.46 46.03 -55.17
N GLY FB 137 -18.73 45.39 -56.29
CA GLY FB 137 -19.97 44.67 -56.45
C GLY FB 137 -20.02 43.40 -55.62
N ARG FB 138 -18.89 42.71 -55.52
CA ARG FB 138 -18.83 41.52 -54.69
C ARG FB 138 -18.90 41.86 -53.21
N ALA FB 139 -18.32 42.98 -52.81
CA ALA FB 139 -18.37 43.38 -51.42
C ALA FB 139 -19.76 43.85 -51.03
N ALA FB 140 -20.45 44.54 -51.94
CA ALA FB 140 -21.80 45.00 -51.65
C ALA FB 140 -22.81 43.88 -51.72
N MET FB 141 -22.52 42.80 -52.45
CA MET FB 141 -23.41 41.64 -52.47
C MET FB 141 -23.41 40.94 -51.13
N MET FB 142 -22.24 40.75 -50.54
CA MET FB 142 -22.17 40.27 -49.16
C MET FB 142 -22.66 41.35 -48.21
N GLY FB 143 -22.45 42.61 -48.55
CA GLY FB 143 -22.87 43.69 -47.67
C GLY FB 143 -24.37 43.87 -47.60
N ILE FB 144 -25.07 43.63 -48.71
CA ILE FB 144 -26.52 43.84 -48.65
C ILE FB 144 -27.21 42.64 -48.04
N MET FB 145 -26.65 41.43 -48.17
CA MET FB 145 -27.32 40.26 -47.62
C MET FB 145 -27.09 40.16 -46.13
N GLY FB 146 -25.89 40.52 -45.67
CA GLY FB 146 -25.65 40.60 -44.25
C GLY FB 146 -26.35 41.77 -43.59
N ASN FB 147 -26.70 42.80 -44.36
CA ASN FB 147 -27.56 43.84 -43.83
C ASN FB 147 -28.99 43.34 -43.69
N MET FB 148 -29.43 42.52 -44.64
CA MET FB 148 -30.81 42.09 -44.67
C MET FB 148 -31.09 41.01 -43.62
N VAL FB 149 -30.16 40.09 -43.42
CA VAL FB 149 -30.38 39.07 -42.40
C VAL FB 149 -30.17 39.63 -41.00
N ALA FB 150 -29.42 40.73 -40.85
CA ALA FB 150 -29.27 41.31 -39.53
C ALA FB 150 -30.51 42.09 -39.12
N GLU FB 151 -31.33 42.51 -40.07
CA GLU FB 151 -32.56 43.20 -39.74
C GLU FB 151 -33.66 42.22 -39.35
N VAL FB 152 -33.82 41.14 -40.12
CA VAL FB 152 -34.89 40.20 -39.82
C VAL FB 152 -34.57 39.33 -38.61
N LEU FB 153 -33.31 39.22 -38.22
CA LEU FB 153 -32.97 38.48 -37.01
C LEU FB 153 -32.97 39.35 -35.78
N THR FB 154 -33.01 40.67 -35.93
CA THR FB 154 -33.15 41.56 -34.81
C THR FB 154 -34.51 42.23 -34.73
N GLY FB 155 -35.27 42.23 -35.82
CA GLY FB 155 -36.52 42.95 -35.87
C GLY FB 155 -36.37 44.45 -35.86
N GLN FB 156 -35.18 44.95 -36.15
CA GLN FB 156 -34.89 46.37 -36.11
C GLN FB 156 -34.27 46.80 -37.43
N THR FB 157 -34.55 48.03 -37.81
CA THR FB 157 -33.85 48.63 -38.93
C THR FB 157 -32.43 48.98 -38.50
N MET FB 158 -31.63 49.43 -39.46
CA MET FB 158 -30.28 49.82 -39.14
C MET FB 158 -30.20 51.09 -38.31
N TYR FB 159 -31.22 51.96 -38.38
CA TYR FB 159 -31.22 53.09 -37.46
C TYR FB 159 -31.51 52.64 -36.04
N GLU FB 160 -32.48 51.74 -35.86
CA GLU FB 160 -32.86 51.31 -34.53
C GLU FB 160 -31.82 50.40 -33.90
N GLN FB 161 -31.06 49.68 -34.72
CA GLN FB 161 -30.03 48.80 -34.21
C GLN FB 161 -28.85 49.59 -33.64
N TYR FB 162 -28.63 50.79 -34.16
CA TYR FB 162 -27.57 51.68 -33.69
C TYR FB 162 -28.09 52.70 -32.70
N ALA FB 163 -29.41 52.70 -32.45
CA ALA FB 163 -30.03 53.48 -31.41
C ALA FB 163 -30.05 52.73 -30.09
N SER FB 164 -30.34 51.44 -30.15
CA SER FB 164 -30.42 50.59 -28.98
C SER FB 164 -29.06 50.05 -28.56
N GLY FB 165 -28.01 50.32 -29.33
CA GLY FB 165 -26.73 49.71 -29.07
C GLY FB 165 -26.73 48.22 -29.29
N HIS FB 166 -27.36 47.76 -30.37
CA HIS FB 166 -27.56 46.34 -30.64
C HIS FB 166 -26.62 45.85 -31.74
N ILE FB 167 -25.37 46.31 -31.73
CA ILE FB 167 -24.41 45.79 -32.69
C ILE FB 167 -23.98 44.39 -32.30
N SER FB 168 -23.92 44.10 -31.01
CA SER FB 168 -23.46 42.80 -30.56
C SER FB 168 -24.51 41.73 -30.83
N PRO FB 169 -24.11 40.56 -31.33
CA PRO FB 169 -25.07 39.54 -31.72
C PRO FB 169 -25.78 38.90 -30.53
N PHE FB 170 -27.10 39.03 -30.53
CA PHE FB 170 -27.98 38.20 -29.73
C PHE FB 170 -28.18 36.84 -30.39
N GLY FB 171 -28.02 36.77 -31.71
CA GLY FB 171 -28.11 35.54 -32.49
C GLY FB 171 -26.72 34.97 -32.63
N ASP FB 172 -26.10 35.12 -33.80
CA ASP FB 172 -24.66 34.92 -33.94
C ASP FB 172 -24.22 35.67 -35.18
N GLY FB 173 -23.21 36.51 -35.03
CA GLY FB 173 -22.81 37.40 -36.08
C GLY FB 173 -21.59 36.94 -36.83
N GLN FB 174 -21.39 37.54 -38.00
CA GLN FB 174 -20.20 37.29 -38.82
C GLN FB 174 -19.92 38.55 -39.63
N GLY FB 175 -18.86 39.26 -39.30
CA GLY FB 175 -18.53 40.48 -40.01
C GLY FB 175 -17.06 40.81 -39.95
N VAL FB 176 -16.61 41.65 -40.87
CA VAL FB 176 -15.23 42.08 -40.93
C VAL FB 176 -15.06 43.38 -40.15
N ASN GB 1 10.98 58.66 -63.63
CA ASN GB 1 12.34 58.79 -63.14
C ASN GB 1 12.32 59.54 -61.82
N GLU GB 2 12.51 58.76 -60.76
CA GLU GB 2 12.28 59.24 -59.42
C GLU GB 2 13.43 60.11 -58.90
N LEU GB 3 14.55 60.18 -59.65
CA LEU GB 3 15.75 60.83 -59.17
C LEU GB 3 15.74 62.34 -59.36
N GLU GB 4 14.93 62.88 -60.26
CA GLU GB 4 14.82 64.32 -60.42
C GLU GB 4 13.45 64.85 -60.01
N ILE GB 5 12.65 64.03 -59.35
CA ILE GB 5 11.29 64.44 -59.02
C ILE GB 5 11.30 65.37 -57.81
N GLY GB 6 12.16 65.12 -56.82
CA GLY GB 6 12.18 66.00 -55.67
C GLY GB 6 12.83 67.35 -55.92
N ALA GB 7 13.69 67.45 -56.91
CA ALA GB 7 14.46 68.67 -57.16
C ALA GB 7 13.58 69.72 -57.81
N THR GB 8 13.35 70.82 -57.12
CA THR GB 8 12.53 71.92 -57.61
C THR GB 8 13.43 73.06 -58.07
N ALA GB 9 12.82 74.22 -58.37
CA ALA GB 9 13.60 75.33 -58.93
C ALA GB 9 14.49 76.05 -57.92
N PRO GB 10 13.98 76.63 -56.81
CA PRO GB 10 14.80 77.64 -56.10
C PRO GB 10 15.99 77.08 -55.36
N LEU GB 11 16.01 75.78 -55.06
CA LEU GB 11 17.16 75.16 -54.44
C LEU GB 11 17.81 74.08 -55.28
N GLY GB 12 17.17 73.65 -56.37
CA GLY GB 12 17.72 72.59 -57.17
C GLY GB 12 17.71 71.28 -56.42
N VAL GB 13 18.69 70.43 -56.76
CA VAL GB 13 18.96 69.25 -55.96
C VAL GB 13 19.60 69.68 -54.66
N TYR GB 14 19.04 69.25 -53.54
CA TYR GB 14 19.45 69.73 -52.23
C TYR GB 14 19.83 68.53 -51.37
N ASP GB 15 21.11 68.43 -51.06
CA ASP GB 15 21.63 67.34 -50.24
C ASP GB 15 22.79 67.85 -49.40
N PRO GB 16 22.49 68.45 -48.25
CA PRO GB 16 23.59 68.87 -47.36
C PRO GB 16 24.28 67.69 -46.70
N LEU GB 17 23.60 66.55 -46.56
CA LEU GB 17 24.27 65.35 -46.10
C LEU GB 17 25.04 64.64 -47.21
N GLY GB 18 24.69 64.91 -48.46
CA GLY GB 18 25.35 64.25 -49.58
C GLY GB 18 25.03 62.77 -49.69
N TRP GB 19 23.79 62.39 -49.44
CA TRP GB 19 23.38 60.99 -49.48
C TRP GB 19 22.81 60.58 -50.81
N LEU GB 20 22.74 61.48 -51.78
CA LEU GB 20 22.48 61.07 -53.15
C LEU GB 20 23.77 60.63 -53.83
N ASP GB 21 24.85 61.37 -53.60
CA ASP GB 21 26.18 60.97 -54.02
C ASP GB 21 26.85 60.06 -53.00
N GLY GB 22 26.13 59.69 -51.94
CA GLY GB 22 26.64 58.77 -50.94
C GLY GB 22 26.16 57.38 -51.26
N GLU GB 23 25.13 56.91 -50.56
CA GLU GB 23 24.53 55.63 -50.91
C GLU GB 23 23.45 55.86 -51.96
N PRO GB 24 23.56 55.29 -53.14
CA PRO GB 24 22.51 55.49 -54.14
C PRO GB 24 21.40 54.46 -54.04
N GLU GB 25 21.67 53.36 -53.33
CA GLU GB 25 20.68 52.29 -53.24
C GLU GB 25 19.65 52.54 -52.14
N ASN GB 26 19.87 53.51 -51.27
CA ASN GB 26 18.93 53.85 -50.22
C ASN GB 26 17.99 54.97 -50.60
N PHE GB 27 18.12 55.52 -51.82
CA PHE GB 27 17.32 56.67 -52.20
C PHE GB 27 15.87 56.27 -52.45
N GLU GB 28 15.67 55.09 -53.05
CA GLU GB 28 14.35 54.63 -53.43
C GLU GB 28 13.45 54.46 -52.22
N ARG GB 29 14.01 54.02 -51.09
CA ARG GB 29 13.23 53.96 -49.87
C ARG GB 29 13.13 55.29 -49.17
N ARG GB 30 14.15 56.13 -49.27
CA ARG GB 30 14.07 57.44 -48.65
C ARG GB 30 13.12 58.36 -49.40
N ARG GB 31 13.02 58.18 -50.71
CA ARG GB 31 11.96 58.85 -51.45
C ARG GB 31 10.59 58.32 -51.04
N ALA GB 32 10.51 57.00 -50.83
CA ALA GB 32 9.26 56.39 -50.40
C ALA GB 32 8.86 56.81 -49.00
N VAL GB 33 9.82 57.19 -48.16
CA VAL GB 33 9.47 57.68 -46.83
C VAL GB 33 9.09 59.15 -46.87
N GLU GB 34 9.82 59.95 -47.66
CA GLU GB 34 9.55 61.38 -47.77
C GLU GB 34 8.18 61.63 -48.40
N ARG GB 35 7.82 60.84 -49.39
CA ARG GB 35 6.48 60.95 -49.99
C ARG GB 35 5.41 60.49 -49.01
N LYS GB 36 5.69 59.43 -48.25
CA LYS GB 36 4.72 58.91 -47.31
C LYS GB 36 4.57 59.82 -46.10
N HIS GB 37 5.68 60.37 -45.61
CA HIS GB 37 5.61 61.36 -44.55
C HIS GB 37 4.93 62.64 -45.03
N GLY GB 38 5.07 62.95 -46.32
CA GLY GB 38 4.37 64.11 -46.86
C GLY GB 38 2.87 63.90 -46.89
N ARG GB 39 2.44 62.76 -47.42
CA ARG GB 39 1.01 62.48 -47.56
C ARG GB 39 0.31 62.36 -46.22
N VAL GB 40 1.01 61.88 -45.20
CA VAL GB 40 0.42 61.82 -43.86
C VAL GB 40 0.33 63.20 -43.26
N ALA GB 41 1.35 64.03 -43.46
CA ALA GB 41 1.36 65.35 -42.85
C ALA GB 41 0.44 66.33 -43.56
N MET GB 42 0.19 66.14 -44.86
CA MET GB 42 -0.72 67.04 -45.56
C MET GB 42 -2.14 66.84 -45.09
N ALA GB 43 -2.53 65.59 -44.86
CA ALA GB 43 -3.83 65.29 -44.29
C ALA GB 43 -3.93 65.70 -42.83
N ALA GB 44 -2.82 65.95 -42.17
CA ALA GB 44 -2.84 66.39 -40.79
C ALA GB 44 -2.96 67.90 -40.66
N VAL GB 45 -2.41 68.66 -41.61
CA VAL GB 45 -2.52 70.11 -41.55
C VAL GB 45 -3.95 70.53 -41.85
N VAL GB 46 -4.57 69.91 -42.85
CA VAL GB 46 -5.98 70.19 -43.10
C VAL GB 46 -6.85 69.55 -42.03
N GLY GB 47 -6.30 68.59 -41.29
CA GLY GB 47 -6.99 68.12 -40.09
C GLY GB 47 -7.00 69.14 -38.98
N THR GB 48 -5.89 69.85 -38.80
CA THR GB 48 -5.85 70.91 -37.78
C THR GB 48 -6.68 72.10 -38.18
N ILE GB 49 -6.88 72.31 -39.48
CA ILE GB 49 -7.70 73.43 -39.93
C ILE GB 49 -9.17 73.14 -39.68
N VAL GB 50 -9.60 71.91 -39.97
CA VAL GB 50 -11.01 71.55 -39.80
C VAL GB 50 -11.37 71.46 -38.32
N HIS GB 51 -10.46 70.93 -37.50
CA HIS GB 51 -10.74 70.80 -36.08
C HIS GB 51 -10.81 72.15 -35.38
N ASN GB 52 -9.93 73.07 -35.75
CA ASN GB 52 -9.93 74.38 -35.12
C ASN GB 52 -10.98 75.33 -35.71
N ASN GB 53 -11.61 74.96 -36.82
CA ASN GB 53 -12.73 75.71 -37.34
C ASN GB 53 -14.06 75.21 -36.81
N HIS GB 54 -14.03 74.28 -35.85
CA HIS GB 54 -15.19 73.72 -35.16
C HIS GB 54 -16.17 73.06 -36.12
N ILE GB 55 -15.66 72.44 -37.17
CA ILE GB 55 -16.47 71.61 -38.04
C ILE GB 55 -16.45 70.21 -37.44
N THR GB 56 -17.55 69.81 -36.82
CA THR GB 56 -17.66 68.49 -36.20
C THR GB 56 -18.77 67.70 -36.88
N PHE GB 57 -18.87 66.44 -36.50
CA PHE GB 57 -19.71 65.48 -37.20
C PHE GB 57 -21.12 65.38 -36.65
N ASP GB 58 -21.50 66.25 -35.72
CA ASP GB 58 -22.87 66.40 -35.24
C ASP GB 58 -23.44 65.13 -34.61
N GLY GB 59 -22.85 64.68 -33.51
CA GLY GB 59 -23.43 63.55 -32.82
C GLY GB 59 -22.55 63.10 -31.67
N TYR GB 60 -22.69 61.83 -31.33
CA TYR GB 60 -21.88 61.19 -30.30
C TYR GB 60 -20.84 60.32 -30.96
N LEU GB 61 -19.56 60.58 -30.67
CA LEU GB 61 -18.52 59.68 -31.13
C LEU GB 61 -18.59 58.36 -30.39
N SER GB 62 -18.83 58.40 -29.08
CA SER GB 62 -18.97 57.21 -28.27
C SER GB 62 -20.09 57.45 -27.28
N PRO GB 63 -21.32 57.05 -27.61
CA PRO GB 63 -22.44 57.22 -26.67
C PRO GB 63 -22.32 56.37 -25.41
N SER GB 64 -21.55 55.29 -25.45
CA SER GB 64 -21.26 54.57 -24.21
C SER GB 64 -20.33 55.37 -23.32
N ALA GB 65 -19.33 56.01 -23.90
CA ALA GB 65 -18.42 56.88 -23.16
C ALA GB 65 -18.94 58.30 -23.04
N ASN GB 66 -20.13 58.58 -23.58
CA ASN GB 66 -20.80 59.89 -23.51
C ASN GB 66 -19.92 60.97 -24.11
N LEU GB 67 -19.33 60.67 -25.26
CA LEU GB 67 -18.41 61.55 -25.96
C LEU GB 67 -19.11 62.09 -27.20
N LYS GB 68 -19.47 63.36 -27.17
CA LYS GB 68 -19.88 64.00 -28.40
C LYS GB 68 -18.66 64.35 -29.23
N PHE GB 69 -18.90 64.64 -30.51
CA PHE GB 69 -17.81 65.08 -31.37
C PHE GB 69 -17.34 66.46 -30.98
N SER GB 70 -18.21 67.27 -30.40
CA SER GB 70 -17.86 68.59 -29.90
C SER GB 70 -17.19 68.57 -28.54
N ASP GB 71 -17.02 67.40 -27.93
CA ASP GB 71 -16.25 67.27 -26.69
C ASP GB 71 -14.80 66.89 -26.94
N ILE GB 72 -14.45 66.50 -28.15
CA ILE GB 72 -13.08 66.13 -28.46
C ILE GB 72 -12.25 67.42 -28.60
N PRO GB 73 -11.07 67.49 -27.98
CA PRO GB 73 -10.21 68.66 -28.17
C PRO GB 73 -9.70 68.76 -29.59
N THR GB 74 -9.30 69.98 -29.96
CA THR GB 74 -8.84 70.27 -31.30
C THR GB 74 -7.34 70.45 -31.38
N GLY GB 75 -6.62 70.09 -30.33
CA GLY GB 75 -5.17 70.19 -30.32
C GLY GB 75 -4.51 68.83 -30.40
N VAL GB 76 -3.39 68.66 -29.69
CA VAL GB 76 -2.71 67.37 -29.70
C VAL GB 76 -3.38 66.34 -28.82
N ASP GB 77 -4.30 66.76 -27.98
CA ASP GB 77 -4.97 65.87 -27.05
C ASP GB 77 -6.29 65.36 -27.60
N GLY GB 78 -6.57 65.60 -28.88
CA GLY GB 78 -7.78 65.13 -29.50
C GLY GB 78 -7.74 63.63 -29.77
N ILE GB 79 -6.58 63.13 -30.19
CA ILE GB 79 -6.44 61.71 -30.46
C ILE GB 79 -6.44 60.90 -29.17
N ARG GB 80 -6.15 61.53 -28.03
CA ARG GB 80 -6.14 60.82 -26.76
C ARG GB 80 -7.49 60.84 -26.06
N ALA GB 81 -8.43 61.63 -26.56
CA ALA GB 81 -9.80 61.59 -26.03
C ALA GB 81 -10.64 60.51 -26.67
N ILE GB 82 -10.16 59.92 -27.76
CA ILE GB 82 -10.86 58.81 -28.42
C ILE GB 82 -10.79 57.59 -27.50
N PRO GB 83 -11.89 56.83 -27.34
CA PRO GB 83 -11.83 55.62 -26.52
C PRO GB 83 -10.91 54.58 -27.14
N THR GB 84 -10.47 53.65 -26.31
CA THR GB 84 -9.52 52.64 -26.76
C THR GB 84 -10.14 51.64 -27.72
N ALA GB 85 -11.47 51.48 -27.70
CA ALA GB 85 -12.12 50.68 -28.73
C ALA GB 85 -12.28 51.44 -30.04
N GLY GB 86 -12.10 52.75 -30.03
CA GLY GB 86 -12.15 53.52 -31.24
C GLY GB 86 -10.79 53.64 -31.89
N LEU GB 87 -9.75 53.71 -31.07
CA LEU GB 87 -8.39 53.75 -31.61
C LEU GB 87 -8.01 52.44 -32.26
N LEU GB 88 -8.57 51.33 -31.80
CA LEU GB 88 -8.27 50.04 -32.40
C LEU GB 88 -8.96 49.88 -33.74
N GLN GB 89 -10.14 50.45 -33.91
CA GLN GB 89 -10.79 50.43 -35.22
C GLN GB 89 -10.03 51.25 -36.24
N ILE GB 90 -9.40 52.32 -35.81
CA ILE GB 90 -8.49 53.05 -36.69
C ILE GB 90 -7.25 52.21 -36.96
N LEU GB 91 -6.77 51.49 -35.95
CA LEU GB 91 -5.55 50.72 -36.10
C LEU GB 91 -5.73 49.53 -37.02
N PHE GB 92 -6.85 48.82 -36.89
CA PHE GB 92 -7.03 47.61 -37.67
C PHE GB 92 -7.51 47.89 -39.09
N PHE GB 93 -8.18 49.00 -39.32
CA PHE GB 93 -8.55 49.35 -40.69
C PHE GB 93 -7.35 49.85 -41.47
N PHE GB 94 -6.49 50.63 -40.83
CA PHE GB 94 -5.32 51.10 -41.54
C PHE GB 94 -4.21 50.06 -41.59
N ALA GB 95 -4.35 48.95 -40.87
CA ALA GB 95 -3.52 47.79 -41.16
C ALA GB 95 -3.92 47.18 -42.49
N LEU GB 96 -5.21 47.17 -42.80
CA LEU GB 96 -5.66 46.69 -44.09
C LEU GB 96 -5.24 47.62 -45.21
N VAL GB 97 -5.17 48.92 -44.94
CA VAL GB 97 -4.72 49.85 -45.96
C VAL GB 97 -3.21 49.77 -46.15
N GLU GB 98 -2.45 49.81 -45.06
CA GLU GB 98 -1.00 49.91 -45.16
C GLU GB 98 -0.33 48.61 -45.56
N LEU GB 99 -0.99 47.47 -45.40
CA LEU GB 99 -0.37 46.21 -45.76
C LEU GB 99 -0.97 45.55 -46.99
N ALA GB 100 -2.22 45.83 -47.30
CA ALA GB 100 -2.92 45.09 -48.35
C ALA GB 100 -3.36 45.99 -49.49
N TRP GB 101 -4.12 47.05 -49.20
CA TRP GB 101 -4.74 47.82 -50.27
C TRP GB 101 -3.74 48.78 -50.89
N MET GB 102 -3.13 49.64 -50.09
CA MET GB 102 -2.07 50.53 -50.52
C MET GB 102 -0.82 50.13 -49.74
N PRO GB 103 -0.14 49.06 -50.14
CA PRO GB 103 0.92 48.48 -49.31
C PRO GB 103 2.14 49.39 -49.26
N ALA GB 104 2.54 49.75 -48.04
CA ALA GB 104 3.62 50.70 -47.84
C ALA GB 104 4.98 50.15 -48.24
N SER GB 105 5.10 48.84 -48.46
CA SER GB 105 6.31 48.28 -49.01
C SER GB 105 6.51 48.66 -50.48
N LYS GB 106 5.45 49.03 -51.18
CA LYS GB 106 5.57 49.51 -52.55
C LYS GB 106 6.24 50.87 -52.51
N TYR GB 107 7.52 50.91 -52.81
CA TYR GB 107 8.27 52.15 -52.75
C TYR GB 107 8.06 53.02 -53.97
N ASP GB 108 7.31 52.52 -54.95
CA ASP GB 108 6.96 53.29 -56.14
C ASP GB 108 6.08 54.48 -55.77
N GLY GB 109 5.04 54.24 -54.99
CA GLY GB 109 4.07 55.27 -54.67
C GLY GB 109 2.71 55.03 -55.29
N ASP GB 110 2.67 54.59 -56.55
CA ASP GB 110 1.40 54.49 -57.27
C ASP GB 110 0.76 53.15 -56.98
N TYR GB 111 -0.31 53.16 -56.19
CA TYR GB 111 -0.94 51.90 -55.83
C TYR GB 111 -1.93 51.44 -56.90
N GLY GB 112 -3.05 52.13 -57.02
CA GLY GB 112 -3.93 51.90 -58.15
C GLY GB 112 -4.46 53.18 -58.75
N VAL GB 113 -4.45 54.22 -57.94
CA VAL GB 113 -5.11 55.46 -58.26
C VAL GB 113 -4.09 56.39 -58.88
N GLY GB 114 -4.59 57.42 -59.53
CA GLY GB 114 -3.69 58.41 -60.09
C GLY GB 114 -4.06 59.78 -59.56
N TRP GB 115 -4.06 60.76 -60.44
CA TRP GB 115 -4.51 62.09 -60.09
C TRP GB 115 -6.01 62.13 -60.37
N PHE GB 116 -6.80 61.90 -59.32
CA PHE GB 116 -8.25 61.70 -59.38
C PHE GB 116 -8.59 60.58 -60.35
N GLY GB 117 -7.94 59.44 -60.16
CA GLY GB 117 -8.29 58.22 -60.83
C GLY GB 117 -7.74 58.05 -62.23
N SER GB 118 -6.91 58.97 -62.69
CA SER GB 118 -6.41 58.89 -64.05
C SER GB 118 -4.91 59.12 -64.07
N ASN GB 119 -4.24 58.45 -64.99
CA ASN GB 119 -2.89 58.82 -65.35
C ASN GB 119 -2.91 60.20 -66.02
N ILE GB 120 -1.78 60.90 -65.94
CA ILE GB 120 -1.74 62.25 -66.49
C ILE GB 120 -1.30 62.24 -67.95
N GLU GB 121 -0.88 61.09 -68.47
CA GLU GB 121 -0.59 60.83 -69.90
C GLU GB 121 0.49 61.74 -70.47
N ASP GB 122 1.30 62.37 -69.62
CA ASP GB 122 2.15 63.41 -70.18
C ASP GB 122 3.35 63.62 -69.27
N PRO GB 123 4.56 63.29 -69.73
CA PRO GB 123 5.70 63.14 -68.81
C PRO GB 123 6.22 64.45 -68.24
N GLU GB 124 5.76 65.59 -68.74
CA GLU GB 124 6.18 66.87 -68.19
C GLU GB 124 5.22 67.42 -67.15
N GLU GB 125 3.90 67.35 -67.38
CA GLU GB 125 3.04 67.82 -66.31
C GLU GB 125 2.81 66.77 -65.23
N LYS GB 126 3.05 65.49 -65.52
CA LYS GB 126 3.00 64.50 -64.45
C LYS GB 126 4.18 64.66 -63.51
N ALA GB 127 5.36 64.91 -64.06
CA ALA GB 127 6.53 65.20 -63.24
C ALA GB 127 6.38 66.53 -62.52
N ARG GB 128 5.61 67.45 -63.09
CA ARG GB 128 5.31 68.69 -62.39
C ARG GB 128 4.40 68.42 -61.20
N LYS GB 129 3.39 67.58 -61.36
CA LYS GB 129 2.49 67.30 -60.24
C LYS GB 129 3.14 66.38 -59.21
N LEU GB 130 4.09 65.54 -59.64
CA LEU GB 130 4.89 64.78 -58.67
C LEU GB 130 5.78 65.71 -57.85
N ASN GB 131 6.26 66.80 -58.46
CA ASN GB 131 6.99 67.82 -57.72
C ASN GB 131 6.12 68.52 -56.71
N VAL GB 132 4.84 68.71 -57.02
CA VAL GB 132 3.95 69.44 -56.12
C VAL GB 132 3.61 68.58 -54.91
N GLU GB 133 3.40 67.28 -55.13
CA GLU GB 133 3.10 66.36 -54.02
C GLU GB 133 4.25 66.30 -53.03
N LEU GB 134 5.48 66.35 -53.52
CA LEU GB 134 6.61 66.35 -52.62
C LEU GB 134 6.81 67.71 -51.95
N ASN GB 135 6.64 68.79 -52.70
CA ASN GB 135 6.88 70.12 -52.14
C ASN GB 135 5.79 70.51 -51.17
N ASN GB 136 4.53 70.29 -51.52
CA ASN GB 136 3.47 70.50 -50.55
C ASN GB 136 3.53 69.49 -49.42
N GLY GB 137 4.11 68.32 -49.65
CA GLY GB 137 4.36 67.41 -48.55
C GLY GB 137 5.46 67.89 -47.63
N ARG GB 138 6.49 68.53 -48.19
CA ARG GB 138 7.59 69.03 -47.38
C ARG GB 138 7.15 70.23 -46.54
N ALA GB 139 6.35 71.12 -47.13
CA ALA GB 139 5.88 72.28 -46.39
C ALA GB 139 4.89 71.89 -45.31
N ALA GB 140 4.16 70.80 -45.50
CA ALA GB 140 3.21 70.36 -44.49
C ALA GB 140 3.88 69.57 -43.38
N MET GB 141 5.02 68.94 -43.66
CA MET GB 141 5.75 68.23 -42.61
C MET GB 141 6.34 69.22 -41.61
N MET GB 142 6.84 70.35 -42.10
CA MET GB 142 7.22 71.43 -41.19
C MET GB 142 5.99 72.10 -40.60
N GLY GB 143 4.90 72.13 -41.35
CA GLY GB 143 3.71 72.81 -40.87
C GLY GB 143 3.02 72.08 -39.75
N ILE GB 144 2.98 70.74 -39.82
CA ILE GB 144 2.34 70.00 -38.74
C ILE GB 144 3.26 69.93 -37.52
N MET GB 145 4.58 70.02 -37.72
CA MET GB 145 5.48 70.04 -36.58
C MET GB 145 5.44 71.39 -35.89
N GLY GB 146 5.34 72.47 -36.66
CA GLY GB 146 5.18 73.77 -36.05
C GLY GB 146 3.82 73.97 -35.42
N ASN GB 147 2.80 73.25 -35.90
CA ASN GB 147 1.50 73.33 -35.28
C ASN GB 147 1.48 72.61 -33.94
N MET GB 148 2.24 71.53 -33.81
CA MET GB 148 2.26 70.75 -32.58
C MET GB 148 3.24 71.31 -31.55
N VAL GB 149 4.28 72.00 -31.99
CA VAL GB 149 5.26 72.56 -31.07
C VAL GB 149 4.68 73.75 -30.33
N THR GB 150 4.07 74.68 -31.06
CA THR GB 150 3.42 75.81 -30.40
C THR GB 150 2.12 75.43 -29.71
N GLU GB 151 1.56 74.26 -30.01
CA GLU GB 151 0.47 73.72 -29.20
C GLU GB 151 0.94 73.44 -27.78
N CYS GB 152 2.06 72.74 -27.65
CA CYS GB 152 2.53 72.33 -26.33
C CYS GB 152 3.33 73.41 -25.63
N ILE GB 153 3.91 74.36 -26.37
CA ILE GB 153 4.59 75.47 -25.73
C ILE GB 153 3.57 76.41 -25.10
N THR GB 154 2.61 76.88 -25.89
CA THR GB 154 1.62 77.81 -25.36
C THR GB 154 0.60 77.12 -24.46
N GLY GB 155 0.42 75.81 -24.61
CA GLY GB 155 -0.62 75.12 -23.88
C GLY GB 155 -2.02 75.30 -24.43
N GLN GB 156 -2.18 76.04 -25.51
CA GLN GB 156 -3.47 76.30 -26.11
C GLN GB 156 -3.57 75.55 -27.43
N THR GB 157 -4.79 75.42 -27.93
CA THR GB 157 -4.98 74.94 -29.28
C THR GB 157 -4.84 76.11 -30.26
N MET GB 158 -5.08 75.83 -31.53
CA MET GB 158 -5.03 76.86 -32.56
C MET GB 158 -6.31 77.68 -32.64
N TYR GB 159 -7.30 77.37 -31.80
CA TYR GB 159 -8.48 78.22 -31.68
C TYR GB 159 -8.45 79.10 -30.43
N GLU GB 160 -7.86 78.65 -29.33
CA GLU GB 160 -7.74 79.55 -28.19
C GLU GB 160 -6.55 80.51 -28.35
N GLN GB 161 -5.46 80.07 -28.98
CA GLN GB 161 -4.63 81.03 -29.69
C GLN GB 161 -5.40 81.41 -30.94
N TYR GB 162 -5.30 82.68 -31.37
CA TYR GB 162 -6.15 83.45 -32.32
C TYR GB 162 -7.42 83.92 -31.61
N ALA GB 163 -7.63 83.53 -30.36
CA ALA GB 163 -8.60 84.16 -29.47
C ALA GB 163 -7.94 85.00 -28.40
N ALA GB 164 -6.66 84.78 -28.15
CA ALA GB 164 -5.88 85.63 -27.27
C ALA GB 164 -4.98 86.59 -28.03
N GLY GB 165 -4.71 86.32 -29.30
CA GLY GB 165 -3.82 87.15 -30.08
C GLY GB 165 -2.35 86.80 -29.97
N HIS GB 166 -2.03 85.55 -29.62
CA HIS GB 166 -0.65 85.12 -29.47
C HIS GB 166 -0.05 84.92 -30.86
N PHE GB 167 0.57 85.97 -31.39
CA PHE GB 167 1.19 85.90 -32.70
C PHE GB 167 2.64 86.35 -32.70
N SER GB 168 3.17 86.77 -31.57
CA SER GB 168 4.58 87.14 -31.48
C SER GB 168 5.23 86.38 -30.32
N PRO GB 169 6.48 85.93 -30.50
CA PRO GB 169 7.16 85.18 -29.43
C PRO GB 169 7.69 86.11 -28.34
N SER HB 1 0.10 80.26 -83.16
CA SER HB 1 1.06 80.80 -82.20
C SER HB 1 0.45 82.00 -81.52
N GLU HB 2 1.31 82.86 -80.98
CA GLU HB 2 0.90 83.81 -79.96
C GLU HB 2 0.40 85.12 -80.55
N ILE HB 3 0.65 85.38 -81.84
CA ILE HB 3 0.25 86.65 -82.42
C ILE HB 3 -1.10 86.53 -83.14
N GLU HB 4 -1.64 85.33 -83.30
CA GLU HB 4 -3.00 85.18 -83.79
C GLU HB 4 -3.95 84.70 -82.69
N LEU HB 5 -3.56 84.89 -81.43
CA LEU HB 5 -4.45 84.60 -80.33
C LEU HB 5 -5.38 85.73 -79.95
N GLY HB 6 -5.21 86.93 -80.50
CA GLY HB 6 -6.07 88.01 -80.08
C GLY HB 6 -7.20 88.29 -81.05
N VAL HB 7 -7.11 87.70 -82.24
CA VAL HB 7 -8.05 88.01 -83.31
C VAL HB 7 -9.35 87.24 -83.10
N THR HB 8 -10.45 87.85 -83.52
CA THR HB 8 -11.78 87.26 -83.44
C THR HB 8 -12.54 87.67 -84.71
N GLU HB 9 -13.77 87.16 -84.89
CA GLU HB 9 -14.64 87.49 -86.03
C GLU HB 9 -14.92 88.99 -86.17
N PRO HB 10 -15.56 89.68 -85.21
CA PRO HB 10 -16.15 90.99 -85.54
C PRO HB 10 -15.16 92.14 -85.68
N LEU HB 11 -13.88 91.93 -85.40
CA LEU HB 11 -12.88 92.94 -85.70
C LEU HB 11 -11.63 92.44 -86.39
N GLY HB 12 -11.29 91.15 -86.27
CA GLY HB 12 -10.09 90.68 -86.92
C GLY HB 12 -8.84 91.17 -86.20
N VAL HB 13 -7.82 91.51 -86.99
CA VAL HB 13 -6.62 92.14 -86.47
C VAL HB 13 -6.95 93.61 -86.26
N TYR HB 14 -7.28 93.97 -85.02
CA TYR HB 14 -7.70 95.33 -84.71
C TYR HB 14 -6.50 96.07 -84.14
N ASP HB 15 -5.72 96.67 -85.03
CA ASP HB 15 -4.60 97.53 -84.63
C ASP HB 15 -4.84 98.89 -85.27
N PRO HB 16 -5.64 99.75 -84.63
CA PRO HB 16 -5.87 101.09 -85.17
C PRO HB 16 -4.66 101.98 -85.08
N LEU HB 17 -3.73 101.69 -84.18
CA LEU HB 17 -2.45 102.38 -84.09
C LEU HB 17 -1.49 102.02 -85.21
N GLY HB 18 -1.50 100.77 -85.67
CA GLY HB 18 -0.45 100.29 -86.56
C GLY HB 18 0.79 99.88 -85.83
N TRP HB 19 0.69 99.40 -84.58
CA TRP HB 19 1.85 99.08 -83.77
C TRP HB 19 2.33 97.64 -83.90
N LEU HB 20 1.58 96.78 -84.60
CA LEU HB 20 2.09 95.43 -84.85
C LEU HB 20 3.26 95.44 -85.83
N GLU HB 21 3.28 96.40 -86.75
CA GLU HB 21 4.42 96.58 -87.63
C GLU HB 21 5.34 97.70 -87.16
N SER HB 22 4.86 98.60 -86.31
CA SER HB 22 5.70 99.68 -85.81
C SER HB 22 6.61 99.19 -84.69
N GLU HB 23 6.09 98.35 -83.80
CA GLU HB 23 6.89 97.72 -82.74
C GLU HB 23 6.59 96.23 -82.77
N PRO HB 24 7.23 95.48 -83.68
CA PRO HB 24 6.92 94.05 -83.79
C PRO HB 24 7.56 93.23 -82.68
N GLU HB 25 8.72 93.69 -82.18
CA GLU HB 25 9.40 93.00 -81.10
C GLU HB 25 8.77 93.29 -79.74
N ALA HB 26 8.02 94.38 -79.62
CA ALA HB 26 7.36 94.74 -78.38
C ALA HB 26 5.97 94.13 -78.26
N PHE HB 27 5.61 93.22 -79.16
CA PHE HB 27 4.32 92.58 -79.05
C PHE HB 27 4.27 91.62 -77.88
N GLU HB 28 5.39 90.98 -77.55
CA GLU HB 28 5.28 89.85 -76.67
C GLU HB 28 5.27 90.28 -75.21
N ARG HB 29 5.76 91.48 -74.93
CA ARG HB 29 5.48 92.11 -73.65
C ARG HB 29 4.03 92.59 -73.60
N ARG HB 30 3.57 93.25 -74.68
CA ARG HB 30 2.25 93.87 -74.67
C ARG HB 30 1.13 92.84 -74.64
N ARG HB 31 1.33 91.69 -75.28
CA ARG HB 31 0.41 90.57 -75.10
C ARG HB 31 0.44 90.07 -73.67
N ALA HB 32 1.62 90.02 -73.07
CA ALA HB 32 1.74 89.57 -71.69
C ALA HB 32 1.18 90.58 -70.71
N VAL HB 33 1.12 91.86 -71.10
CA VAL HB 33 0.50 92.86 -70.22
C VAL HB 33 -1.01 92.86 -70.40
N GLU HB 34 -1.48 92.70 -71.64
CA GLU HB 34 -2.91 92.62 -71.92
C GLU HB 34 -3.54 91.39 -71.28
N ARG HB 35 -2.81 90.28 -71.26
CA ARG HB 35 -3.29 89.09 -70.57
C ARG HB 35 -3.22 89.28 -69.06
N LYS HB 36 -2.20 90.00 -68.58
CA LYS HB 36 -2.07 90.22 -67.14
C LYS HB 36 -3.13 91.19 -66.62
N HIS HB 37 -3.38 92.27 -67.37
CA HIS HB 37 -4.42 93.22 -66.99
C HIS HB 37 -5.80 92.58 -67.07
N GLY HB 38 -6.01 91.68 -68.03
CA GLY HB 38 -7.29 91.02 -68.15
C GLY HB 38 -7.55 90.07 -66.98
N ARG HB 39 -6.53 89.31 -66.58
CA ARG HB 39 -6.68 88.37 -65.48
C ARG HB 39 -6.92 89.07 -64.16
N VAL HB 40 -6.38 90.26 -63.97
CA VAL HB 40 -6.71 91.05 -62.78
C VAL HB 40 -8.12 91.61 -62.88
N ALA HB 41 -8.51 92.07 -64.08
CA ALA HB 41 -9.80 92.73 -64.23
C ALA HB 41 -10.97 91.76 -64.14
N MET HB 42 -10.78 90.52 -64.61
CA MET HB 42 -11.85 89.53 -64.48
C MET HB 42 -12.05 89.12 -63.04
N ALA HB 43 -10.97 89.05 -62.26
CA ALA HB 43 -11.10 88.82 -60.83
C ALA HB 43 -11.68 90.03 -60.14
N ALA HB 44 -11.49 91.21 -60.71
CA ALA HB 44 -12.03 92.43 -60.12
C ALA HB 44 -13.50 92.61 -60.42
N VAL HB 45 -13.96 92.19 -61.61
CA VAL HB 45 -15.37 92.29 -61.93
C VAL HB 45 -16.19 91.34 -61.07
N VAL HB 46 -15.75 90.08 -61.00
CA VAL HB 46 -16.42 89.05 -60.19
C VAL HB 46 -16.36 89.42 -58.72
N GLY HB 47 -15.27 90.07 -58.28
CA GLY HB 47 -15.21 90.57 -56.93
C GLY HB 47 -16.23 91.66 -56.65
N THR HB 48 -16.53 92.49 -57.64
CA THR HB 48 -17.55 93.53 -57.43
C THR HB 48 -18.95 92.95 -57.35
N ILE HB 49 -19.20 91.81 -58.00
CA ILE HB 49 -20.49 91.15 -57.86
C ILE HB 49 -20.66 90.63 -56.44
N VAL HB 50 -19.61 90.01 -55.90
CA VAL HB 50 -19.71 89.30 -54.64
C VAL HB 50 -19.74 90.29 -53.48
N HIS HB 51 -19.00 91.40 -53.60
CA HIS HB 51 -19.09 92.46 -52.59
C HIS HB 51 -20.48 93.08 -52.55
N ASN HB 52 -21.06 93.34 -53.72
CA ASN HB 52 -22.34 94.03 -53.79
C ASN HB 52 -23.54 93.10 -53.69
N ASN HB 53 -23.31 91.80 -53.55
CA ASN HB 53 -24.37 90.89 -53.15
C ASN HB 53 -24.36 90.65 -51.65
N HIS HB 54 -23.51 91.38 -50.92
CA HIS HB 54 -23.35 91.31 -49.47
C HIS HB 54 -22.99 89.90 -49.00
N ILE HB 55 -22.25 89.18 -49.82
CA ILE HB 55 -21.65 87.91 -49.41
C ILE HB 55 -20.39 88.25 -48.63
N VAL HB 56 -20.46 88.09 -47.32
CA VAL HB 56 -19.36 88.46 -46.42
C VAL HB 56 -18.86 87.23 -45.70
N PHE HB 57 -17.65 87.33 -45.15
CA PHE HB 57 -16.98 86.19 -44.56
C PHE HB 57 -17.46 85.86 -43.15
N ASP HB 58 -18.36 86.68 -42.62
CA ASP HB 58 -18.99 86.70 -41.29
C ASP HB 58 -17.97 86.33 -40.19
N GLY HB 59 -17.14 87.34 -39.94
CA GLY HB 59 -16.23 87.36 -38.81
C GLY HB 59 -15.61 88.74 -38.66
N TYR HB 60 -14.40 88.78 -38.11
CA TYR HB 60 -13.64 90.01 -37.93
C TYR HB 60 -12.42 90.00 -38.85
N LEU HB 61 -12.28 91.04 -39.67
CA LEU HB 61 -11.04 91.18 -40.42
C LEU HB 61 -9.90 91.57 -39.49
N SER HB 62 -10.14 92.50 -38.58
CA SER HB 62 -9.13 92.93 -37.63
C SER HB 62 -9.77 93.15 -36.27
N PRO HB 63 -9.62 92.19 -35.34
CA PRO HB 63 -10.10 92.43 -33.97
C PRO HB 63 -9.31 93.48 -33.23
N SER HB 64 -8.04 93.69 -33.61
CA SER HB 64 -7.26 94.77 -33.01
C SER HB 64 -7.78 96.13 -33.41
N ASN HB 65 -8.27 96.25 -34.63
CA ASN HB 65 -8.85 97.50 -35.09
C ASN HB 65 -10.37 97.54 -34.96
N ASN HB 66 -11.00 96.48 -34.43
CA ASN HB 66 -12.46 96.37 -34.35
C ASN HB 66 -13.15 96.59 -35.68
N LEU HB 67 -12.78 95.75 -36.63
CA LEU HB 67 -13.19 95.88 -38.02
C LEU HB 67 -13.73 94.54 -38.47
N LYS HB 68 -15.05 94.44 -38.57
CA LYS HB 68 -15.67 93.25 -39.10
C LYS HB 68 -15.55 93.24 -40.63
N PHE HB 69 -15.90 92.11 -41.22
CA PHE HB 69 -15.90 92.02 -42.68
C PHE HB 69 -17.04 92.82 -43.28
N SER HB 70 -18.17 92.90 -42.59
CA SER HB 70 -19.30 93.70 -43.02
C SER HB 70 -19.17 95.17 -42.65
N ASP HB 71 -18.08 95.56 -42.00
CA ASP HB 71 -17.76 96.96 -41.76
C ASP HB 71 -16.99 97.59 -42.91
N ILE HB 72 -16.79 96.87 -44.00
CA ILE HB 72 -16.00 97.33 -45.14
C ILE HB 72 -16.98 97.67 -46.27
N PRO HB 73 -16.87 98.84 -46.87
CA PRO HB 73 -17.74 99.17 -48.01
C PRO HB 73 -17.40 98.35 -49.24
N THR HB 74 -18.43 98.13 -50.07
CA THR HB 74 -18.29 97.20 -51.17
C THR HB 74 -17.63 97.84 -52.39
N GLY HB 75 -17.80 99.15 -52.56
CA GLY HB 75 -17.40 99.81 -53.78
C GLY HB 75 -15.95 100.22 -53.83
N VAL HB 76 -15.71 101.49 -54.15
CA VAL HB 76 -14.34 101.97 -54.34
C VAL HB 76 -13.62 102.08 -53.00
N ASP HB 77 -14.35 102.44 -51.94
CA ASP HB 77 -13.71 102.56 -50.63
C ASP HB 77 -13.72 101.25 -49.86
N GLY HB 78 -13.25 100.18 -50.49
CA GLY HB 78 -13.16 98.90 -49.82
C GLY HB 78 -11.72 98.57 -49.50
N ILE HB 79 -10.84 98.84 -50.45
CA ILE HB 79 -9.42 98.60 -50.24
C ILE HB 79 -8.85 99.65 -49.29
N ARG HB 80 -9.47 100.83 -49.22
CA ARG HB 80 -9.04 101.87 -48.30
C ARG HB 80 -9.38 101.55 -46.86
N ALA HB 81 -10.39 100.71 -46.63
CA ALA HB 81 -10.78 100.34 -45.27
C ALA HB 81 -9.90 99.25 -44.68
N ILE HB 82 -9.05 98.62 -45.48
CA ILE HB 82 -8.17 97.57 -44.97
C ILE HB 82 -7.03 98.23 -44.19
N PRO HB 83 -6.70 97.75 -43.00
CA PRO HB 83 -5.57 98.31 -42.25
C PRO HB 83 -4.24 98.07 -42.95
N THR HB 84 -3.27 98.91 -42.61
CA THR HB 84 -1.98 98.87 -43.28
C THR HB 84 -1.12 97.69 -42.84
N ALA HB 85 -1.47 97.01 -41.76
CA ALA HB 85 -0.86 95.73 -41.46
C ALA HB 85 -1.47 94.59 -42.26
N GLY HB 86 -2.62 94.83 -42.88
CA GLY HB 86 -3.24 93.86 -43.74
C GLY HB 86 -2.83 94.03 -45.18
N LEU HB 87 -2.70 95.28 -45.63
CA LEU HB 87 -2.12 95.54 -46.94
C LEU HB 87 -0.65 95.14 -47.00
N ALA HB 88 0.04 95.12 -45.87
CA ALA HB 88 1.39 94.57 -45.85
C ALA HB 88 1.38 93.06 -46.05
N GLN HB 89 0.30 92.39 -45.61
CA GLN HB 89 0.20 90.94 -45.81
C GLN HB 89 -0.18 90.60 -47.25
N ILE HB 90 -1.02 91.43 -47.88
CA ILE HB 90 -1.36 91.23 -49.28
C ILE HB 90 -0.15 91.46 -50.18
N LEU HB 91 0.63 92.50 -49.89
CA LEU HB 91 1.79 92.77 -50.74
C LEU HB 91 2.91 91.78 -50.50
N ALA HB 92 2.91 91.08 -49.37
CA ALA HB 92 3.98 90.11 -49.10
C ALA HB 92 3.70 88.76 -49.75
N PHE HB 93 2.46 88.28 -49.66
CA PHE HB 93 2.13 87.01 -50.27
C PHE HB 93 2.10 87.13 -51.79
N PHE HB 94 1.65 88.26 -52.32
CA PHE HB 94 1.63 88.46 -53.76
C PHE HB 94 2.94 89.01 -54.28
N ALA HB 95 3.93 89.27 -53.42
CA ALA HB 95 5.29 89.41 -53.92
C ALA HB 95 5.91 88.06 -54.18
N LEU HB 96 5.51 87.05 -53.42
CA LEU HB 96 6.01 85.70 -53.63
C LEU HB 96 5.33 85.03 -54.83
N VAL HB 97 4.12 85.46 -55.17
CA VAL HB 97 3.49 84.97 -56.39
C VAL HB 97 4.08 85.64 -57.62
N GLU HB 98 4.14 86.98 -57.62
CA GLU HB 98 4.51 87.71 -58.82
C GLU HB 98 5.99 87.67 -59.15
N LEU HB 99 6.83 87.20 -58.23
CA LEU HB 99 8.26 87.11 -58.48
C LEU HB 99 8.79 85.69 -58.52
N ALA HB 100 8.22 84.78 -57.75
CA ALA HB 100 8.81 83.46 -57.55
C ALA HB 100 7.94 82.34 -58.07
N TRP HB 101 6.67 82.29 -57.67
CA TRP HB 101 5.85 81.12 -57.98
C TRP HB 101 5.28 81.19 -59.39
N MET HB 102 4.59 82.29 -59.69
CA MET HB 102 4.05 82.56 -61.02
C MET HB 102 4.62 83.90 -61.44
N PRO HB 103 5.90 83.95 -61.84
CA PRO HB 103 6.55 85.25 -62.04
C PRO HB 103 6.00 85.97 -63.25
N ALA HB 104 5.70 87.26 -63.06
CA ALA HB 104 5.16 88.07 -64.13
C ALA HB 104 6.20 88.44 -65.18
N SER HB 105 7.48 88.18 -64.90
CA SER HB 105 8.52 88.32 -65.91
C SER HB 105 8.40 87.26 -66.98
N LYS HB 106 7.79 86.12 -66.66
CA LYS HB 106 7.52 85.06 -67.62
C LYS HB 106 6.40 85.51 -68.54
N TYR HB 107 6.74 85.94 -69.75
CA TYR HB 107 5.78 86.48 -70.70
C TYR HB 107 4.97 85.41 -71.41
N ASP HB 108 5.25 84.14 -71.15
CA ASP HB 108 4.58 83.06 -71.84
C ASP HB 108 3.12 82.94 -71.41
N GLY HB 109 2.82 83.24 -70.15
CA GLY HB 109 1.46 83.20 -69.63
C GLY HB 109 1.08 81.90 -68.97
N ASP HB 110 1.29 80.77 -69.67
CA ASP HB 110 1.29 79.42 -69.11
C ASP HB 110 2.16 79.44 -67.86
N TYR HB 111 1.62 79.05 -66.72
CA TYR HB 111 2.46 78.54 -65.64
C TYR HB 111 2.22 77.03 -65.57
N GLY HB 112 2.65 76.39 -64.49
CA GLY HB 112 2.45 74.95 -64.35
C GLY HB 112 1.00 74.52 -64.33
N VAL HB 113 0.10 75.41 -63.91
CA VAL HB 113 -1.32 75.12 -64.00
C VAL HB 113 -1.77 75.21 -65.46
N GLY HB 114 -2.84 74.50 -65.78
CA GLY HB 114 -3.35 74.55 -67.13
C GLY HB 114 -4.69 75.27 -67.13
N TYR HB 115 -5.62 74.79 -67.92
CA TYR HB 115 -6.99 75.27 -67.85
C TYR HB 115 -7.74 74.28 -66.97
N PHE HB 116 -7.99 74.69 -65.73
CA PHE HB 116 -8.45 73.81 -64.64
C PHE HB 116 -7.53 72.61 -64.50
N GLY HB 117 -6.22 72.89 -64.48
CA GLY HB 117 -5.20 71.87 -64.34
C GLY HB 117 -4.97 71.01 -65.56
N THR HB 118 -5.67 71.28 -66.66
CA THR HB 118 -5.69 70.43 -67.82
C THR HB 118 -4.92 71.09 -68.96
N ASP HB 119 -3.93 70.40 -69.50
CA ASP HB 119 -3.39 70.83 -70.78
C ASP HB 119 -4.41 70.51 -71.86
N ILE HB 120 -4.54 71.41 -72.82
CA ILE HB 120 -5.46 71.24 -73.92
C ILE HB 120 -4.65 70.74 -75.11
N LYS HB 121 -4.85 69.47 -75.48
CA LYS HB 121 -4.03 68.84 -76.51
C LYS HB 121 -4.40 69.32 -77.91
N ASP HB 122 -5.67 69.55 -78.17
CA ASP HB 122 -6.12 69.99 -79.50
C ASP HB 122 -5.69 71.43 -79.74
N PRO HB 123 -4.93 71.72 -80.79
CA PRO HB 123 -4.50 73.10 -81.02
C PRO HB 123 -5.60 74.03 -81.49
N GLU HB 124 -6.72 73.55 -82.07
CA GLU HB 124 -7.77 74.54 -82.34
C GLU HB 124 -8.64 74.78 -81.11
N GLU HB 125 -8.77 73.79 -80.21
CA GLU HB 125 -9.34 73.98 -78.88
C GLU HB 125 -8.57 74.96 -78.04
N LYS HB 126 -7.25 74.75 -77.92
CA LYS HB 126 -6.44 75.54 -77.00
C LYS HB 126 -6.35 77.00 -77.44
N ALA HB 127 -6.20 77.23 -78.75
CA ALA HB 127 -6.20 78.60 -79.27
C ALA HB 127 -7.58 79.25 -79.14
N ARG HB 128 -8.64 78.45 -79.15
CA ARG HB 128 -9.97 79.01 -78.92
C ARG HB 128 -10.12 79.47 -77.48
N LYS HB 129 -9.69 78.64 -76.53
CA LYS HB 129 -9.75 79.02 -75.11
C LYS HB 129 -8.79 80.17 -74.80
N LEU HB 130 -7.67 80.25 -75.53
CA LEU HB 130 -6.78 81.39 -75.37
C LEU HB 130 -7.42 82.66 -75.86
N ASN HB 131 -8.27 82.57 -76.89
CA ASN HB 131 -8.99 83.73 -77.38
C ASN HB 131 -10.06 84.18 -76.40
N VAL HB 132 -10.66 83.23 -75.68
CA VAL HB 132 -11.72 83.58 -74.74
C VAL HB 132 -11.14 84.31 -73.53
N GLU HB 133 -9.97 83.87 -73.06
CA GLU HB 133 -9.31 84.51 -71.92
C GLU HB 133 -8.92 85.95 -72.26
N LEU HB 134 -8.51 86.19 -73.49
CA LEU HB 134 -8.21 87.55 -73.90
C LEU HB 134 -9.47 88.38 -74.06
N ASN HB 135 -10.50 87.82 -74.69
CA ASN HB 135 -11.73 88.57 -74.94
C ASN HB 135 -12.49 88.84 -73.66
N ASN HB 136 -12.63 87.84 -72.78
CA ASN HB 136 -13.23 88.10 -71.49
C ASN HB 136 -12.33 88.94 -70.59
N GLY HB 137 -11.03 88.96 -70.87
CA GLY HB 137 -10.17 89.93 -70.20
C GLY HB 137 -10.37 91.33 -70.73
N ARG HB 138 -10.62 91.45 -72.03
CA ARG HB 138 -10.86 92.77 -72.61
C ARG HB 138 -12.20 93.33 -72.19
N ALA HB 139 -13.23 92.47 -72.12
CA ALA HB 139 -14.55 92.93 -71.73
C ALA HB 139 -14.61 93.30 -70.26
N ALA HB 140 -13.78 92.66 -69.44
CA ALA HB 140 -13.74 92.97 -68.01
C ALA HB 140 -12.84 94.16 -67.70
N MET HB 141 -11.89 94.48 -68.57
CA MET HB 141 -11.04 95.64 -68.35
C MET HB 141 -11.84 96.92 -68.49
N MET HB 142 -12.56 97.04 -69.59
CA MET HB 142 -13.52 98.12 -69.78
C MET HB 142 -14.71 97.97 -68.85
N GLY HB 143 -15.01 96.74 -68.41
CA GLY HB 143 -16.11 96.55 -67.49
C GLY HB 143 -15.78 97.00 -66.08
N ILE HB 144 -14.55 96.80 -65.63
CA ILE HB 144 -14.25 97.13 -64.24
C ILE HB 144 -14.12 98.64 -64.06
N MET HB 145 -13.72 99.37 -65.08
CA MET HB 145 -13.74 100.82 -64.97
C MET HB 145 -14.96 101.45 -65.55
N GLY HB 146 -15.85 100.68 -66.13
CA GLY HB 146 -17.19 101.19 -66.13
C GLY HB 146 -17.86 101.14 -64.78
N ASN HB 147 -17.32 100.38 -63.85
CA ASN HB 147 -17.89 100.27 -62.52
C ASN HB 147 -17.22 101.21 -61.53
N MET HB 148 -15.98 101.63 -61.79
CA MET HB 148 -15.34 102.59 -60.91
C MET HB 148 -15.72 104.03 -61.26
N VAL HB 149 -15.94 104.32 -62.55
CA VAL HB 149 -16.49 105.64 -62.89
C VAL HB 149 -18.00 105.70 -62.68
N ALA HB 150 -18.65 104.58 -62.38
CA ALA HB 150 -20.03 104.62 -61.94
C ALA HB 150 -20.15 104.87 -60.44
N GLU HB 151 -19.04 105.09 -59.75
CA GLU HB 151 -19.06 105.36 -58.32
C GLU HB 151 -18.28 106.62 -57.98
N VAL HB 152 -17.16 106.89 -58.67
CA VAL HB 152 -16.47 108.17 -58.45
C VAL HB 152 -17.14 109.33 -59.14
N LEU HB 153 -18.21 109.08 -59.90
CA LEU HB 153 -19.05 110.12 -60.46
C LEU HB 153 -20.35 110.28 -59.71
N THR HB 154 -20.92 109.22 -59.18
CA THR HB 154 -22.17 109.30 -58.44
C THR HB 154 -21.95 109.39 -56.94
N GLY HB 155 -20.89 108.77 -56.42
CA GLY HB 155 -20.77 108.68 -54.98
C GLY HB 155 -21.74 107.69 -54.40
N GLN HB 156 -21.81 106.49 -54.97
CA GLN HB 156 -22.86 105.53 -54.66
C GLN HB 156 -22.39 104.16 -55.11
N THR HB 157 -22.38 103.19 -54.22
CA THR HB 157 -21.92 101.86 -54.57
C THR HB 157 -22.95 101.14 -55.44
N MET HB 158 -22.53 99.98 -55.96
CA MET HB 158 -23.31 99.30 -56.97
C MET HB 158 -24.55 98.63 -56.39
N TYR HB 159 -24.62 98.46 -55.08
CA TYR HB 159 -25.82 97.89 -54.47
C TYR HB 159 -26.97 98.88 -54.53
N GLU HB 160 -26.81 100.05 -53.90
CA GLU HB 160 -27.89 101.03 -53.89
C GLU HB 160 -27.92 101.90 -55.15
N GLN HB 161 -27.01 101.69 -56.10
CA GLN HB 161 -27.25 102.16 -57.46
C GLN HB 161 -28.39 101.40 -58.10
N TYR HB 162 -28.64 100.18 -57.64
CA TYR HB 162 -29.73 99.35 -58.13
C TYR HB 162 -30.98 99.41 -57.25
N ALA HB 163 -30.80 99.72 -55.96
CA ALA HB 163 -31.94 99.80 -55.06
C ALA HB 163 -32.74 101.07 -55.32
N SER HB 164 -32.06 102.20 -55.44
CA SER HB 164 -32.71 103.49 -55.68
C SER HB 164 -33.11 103.70 -57.12
N GLY HB 165 -32.84 102.74 -58.00
CA GLY HB 165 -33.17 102.89 -59.41
C GLY HB 165 -32.36 103.96 -60.11
N HIS HB 166 -31.15 104.24 -59.63
CA HIS HB 166 -30.35 105.36 -60.12
C HIS HB 166 -29.52 105.01 -61.33
N ILE HB 167 -29.91 103.99 -62.09
CA ILE HB 167 -29.20 103.62 -63.32
C ILE HB 167 -29.78 104.37 -64.50
N SER HB 168 -30.71 105.29 -64.25
CA SER HB 168 -31.21 106.15 -65.31
C SER HB 168 -30.12 107.16 -65.70
N PRO HB 169 -29.74 107.25 -66.98
CA PRO HB 169 -28.74 108.25 -67.35
C PRO HB 169 -29.34 109.65 -67.46
N SER IB 1 -20.93 63.65 -91.88
CA SER IB 1 -21.53 62.68 -90.96
C SER IB 1 -22.76 63.25 -90.27
N GLU IB 2 -23.81 63.53 -91.04
CA GLU IB 2 -25.05 64.03 -90.46
C GLU IB 2 -26.30 63.34 -90.98
N ILE IB 3 -26.20 62.52 -92.04
CA ILE IB 3 -27.35 61.73 -92.44
C ILE IB 3 -27.54 60.50 -91.56
N GLU IB 4 -26.60 60.19 -90.67
CA GLU IB 4 -26.80 59.07 -89.76
C GLU IB 4 -26.84 59.49 -88.30
N LEU IB 5 -27.07 60.78 -88.02
CA LEU IB 5 -27.03 61.25 -86.65
C LEU IB 5 -28.37 61.17 -85.92
N GLY IB 6 -29.47 60.96 -86.64
CA GLY IB 6 -30.74 60.73 -85.98
C GLY IB 6 -31.16 59.29 -85.99
N VAL IB 7 -30.36 58.42 -86.59
CA VAL IB 7 -30.69 57.01 -86.73
C VAL IB 7 -30.31 56.28 -85.44
N THR IB 8 -31.29 55.67 -84.80
CA THR IB 8 -31.10 55.02 -83.52
C THR IB 8 -31.84 53.69 -83.63
N GLU IB 9 -32.12 53.05 -82.50
CA GLU IB 9 -32.94 51.83 -82.40
C GLU IB 9 -34.43 52.16 -82.55
N PRO IB 10 -35.34 51.28 -82.14
CA PRO IB 10 -36.19 50.53 -83.09
C PRO IB 10 -36.57 51.18 -84.41
N LEU IB 11 -36.81 52.49 -84.46
CA LEU IB 11 -37.29 53.10 -85.70
C LEU IB 11 -36.22 53.08 -86.79
N GLY IB 12 -34.95 53.27 -86.43
CA GLY IB 12 -33.92 53.35 -87.45
C GLY IB 12 -34.02 54.67 -88.16
N VAL IB 13 -34.01 54.64 -89.48
CA VAL IB 13 -34.35 55.81 -90.28
C VAL IB 13 -35.87 55.92 -90.35
N TYR IB 14 -36.40 57.06 -89.95
CA TYR IB 14 -37.83 57.27 -89.91
C TYR IB 14 -38.18 58.45 -90.79
N ASP IB 15 -38.90 58.21 -91.87
CA ASP IB 15 -39.34 59.26 -92.77
C ASP IB 15 -40.62 58.85 -93.46
N PRO IB 16 -41.77 59.11 -92.84
CA PRO IB 16 -43.04 58.77 -93.49
C PRO IB 16 -43.39 59.68 -94.64
N LEU IB 17 -42.86 60.91 -94.66
CA LEU IB 17 -43.08 61.68 -95.87
C LEU IB 17 -42.07 61.35 -96.94
N GLY IB 18 -40.98 60.66 -96.59
CA GLY IB 18 -39.98 60.31 -97.57
C GLY IB 18 -39.14 61.46 -98.04
N TRP IB 19 -38.98 62.50 -97.20
CA TRP IB 19 -38.27 63.70 -97.62
C TRP IB 19 -36.76 63.51 -97.73
N LEU IB 20 -36.21 62.38 -97.28
CA LEU IB 20 -34.76 62.19 -97.35
C LEU IB 20 -34.26 61.90 -98.76
N GLU IB 21 -35.09 61.39 -99.66
CA GLU IB 21 -34.74 61.50 -101.07
C GLU IB 21 -35.85 62.10 -101.92
N SER IB 22 -36.80 62.78 -101.28
CA SER IB 22 -37.61 63.78 -101.95
C SER IB 22 -36.90 65.12 -101.97
N GLU IB 23 -36.26 65.48 -100.86
CA GLU IB 23 -35.38 66.66 -100.77
C GLU IB 23 -34.09 66.24 -100.08
N PRO IB 24 -33.09 65.72 -100.81
CA PRO IB 24 -31.76 65.55 -100.21
C PRO IB 24 -30.99 66.84 -100.13
N GLU IB 25 -31.50 67.92 -100.73
CA GLU IB 25 -30.87 69.23 -100.79
C GLU IB 25 -31.14 70.09 -99.57
N ALA IB 26 -32.24 69.86 -98.87
CA ALA IB 26 -32.67 70.72 -97.78
C ALA IB 26 -32.49 70.06 -96.42
N PHE IB 27 -31.70 68.98 -96.36
CA PHE IB 27 -31.52 68.26 -95.10
C PHE IB 27 -30.65 69.03 -94.13
N GLU IB 28 -29.64 69.74 -94.64
CA GLU IB 28 -28.70 70.50 -93.81
C GLU IB 28 -29.39 71.59 -93.01
N ARG IB 29 -30.38 72.28 -93.58
CA ARG IB 29 -31.17 73.20 -92.79
C ARG IB 29 -32.14 72.45 -91.88
N ARG IB 30 -32.82 71.44 -92.42
CA ARG IB 30 -33.86 70.74 -91.68
C ARG IB 30 -33.30 69.97 -90.49
N ARG IB 31 -32.04 69.54 -90.58
CA ARG IB 31 -31.39 69.00 -89.38
C ARG IB 31 -31.08 70.11 -88.39
N ALA IB 32 -30.61 71.26 -88.89
CA ALA IB 32 -30.25 72.38 -88.02
C ALA IB 32 -31.46 72.99 -87.35
N VAL IB 33 -32.65 72.83 -87.93
CA VAL IB 33 -33.86 73.32 -87.27
C VAL IB 33 -34.32 72.31 -86.22
N GLU IB 34 -34.22 71.01 -86.52
CA GLU IB 34 -34.57 69.98 -85.57
C GLU IB 34 -33.66 70.01 -84.35
N ARG IB 35 -32.37 70.28 -84.57
CA ARG IB 35 -31.45 70.43 -83.46
C ARG IB 35 -31.74 71.69 -82.65
N LYS IB 36 -32.10 72.77 -83.33
CA LYS IB 36 -32.41 74.01 -82.63
C LYS IB 36 -33.74 73.92 -81.91
N HIS IB 37 -34.74 73.29 -82.54
CA HIS IB 37 -36.01 73.07 -81.85
C HIS IB 37 -35.85 72.09 -80.71
N GLY IB 38 -34.90 71.16 -80.82
CA GLY IB 38 -34.62 70.26 -79.73
C GLY IB 38 -33.94 70.96 -78.55
N ARG IB 39 -32.98 71.83 -78.84
CA ARG IB 39 -32.27 72.55 -77.79
C ARG IB 39 -33.17 73.56 -77.08
N VAL IB 40 -34.10 74.17 -77.81
CA VAL IB 40 -35.03 75.10 -77.19
C VAL IB 40 -36.04 74.36 -76.32
N ALA IB 41 -36.56 73.23 -76.83
CA ALA IB 41 -37.53 72.48 -76.06
C ALA IB 41 -36.91 71.78 -74.86
N MET IB 42 -35.64 71.39 -74.95
CA MET IB 42 -34.98 70.73 -73.82
C MET IB 42 -34.79 71.71 -72.67
N ALA IB 43 -34.48 72.96 -72.97
CA ALA IB 43 -34.41 73.98 -71.94
C ALA IB 43 -35.78 74.50 -71.52
N ALA IB 44 -36.85 73.97 -72.10
CA ALA IB 44 -38.20 74.39 -71.77
C ALA IB 44 -38.90 73.42 -70.83
N VAL IB 45 -38.75 72.13 -71.06
CA VAL IB 45 -39.31 71.15 -70.13
C VAL IB 45 -38.57 71.19 -68.81
N VAL IB 46 -37.28 71.52 -68.84
CA VAL IB 46 -36.55 71.78 -67.60
C VAL IB 46 -37.05 73.06 -66.97
N GLY IB 47 -37.48 74.02 -67.79
CA GLY IB 47 -38.06 75.24 -67.25
C GLY IB 47 -39.39 75.02 -66.55
N THR IB 48 -40.26 74.18 -67.13
CA THR IB 48 -41.54 73.88 -66.50
C THR IB 48 -41.37 73.10 -65.21
N ILE IB 49 -40.28 72.34 -65.09
CA ILE IB 49 -40.01 71.61 -63.85
C ILE IB 49 -39.53 72.56 -62.76
N VAL IB 50 -38.67 73.51 -63.12
CA VAL IB 50 -38.15 74.47 -62.14
C VAL IB 50 -39.25 75.43 -61.69
N HIS IB 51 -40.12 75.84 -62.60
CA HIS IB 51 -41.17 76.79 -62.23
C HIS IB 51 -42.24 76.13 -61.39
N ASN IB 52 -42.62 74.89 -61.71
CA ASN IB 52 -43.65 74.23 -60.93
C ASN IB 52 -43.14 73.65 -59.62
N ASN IB 53 -41.83 73.67 -59.38
CA ASN IB 53 -41.28 73.30 -58.09
C ASN IB 53 -41.03 74.52 -57.22
N HIS IB 54 -41.49 75.69 -57.65
CA HIS IB 54 -41.45 76.96 -56.91
C HIS IB 54 -40.03 77.36 -56.55
N ILE IB 55 -39.09 77.09 -57.44
CA ILE IB 55 -37.73 77.61 -57.32
C ILE IB 55 -37.74 79.00 -57.92
N VAL IB 56 -37.81 80.01 -57.08
CA VAL IB 56 -37.87 81.40 -57.52
C VAL IB 56 -36.58 82.11 -57.10
N PHE IB 57 -36.43 83.35 -57.56
CA PHE IB 57 -35.19 84.08 -57.41
C PHE IB 57 -35.19 85.03 -56.21
N ASP IB 58 -36.07 84.83 -55.23
CA ASP IB 58 -36.29 85.56 -53.98
C ASP IB 58 -36.06 87.08 -54.01
N GLY IB 59 -36.65 87.75 -55.00
CA GLY IB 59 -36.60 89.20 -55.05
C GLY IB 59 -37.66 89.76 -55.96
N TYR IB 60 -37.43 90.97 -56.44
CA TYR IB 60 -38.35 91.66 -57.34
C TYR IB 60 -37.84 91.54 -58.77
N LEU IB 61 -38.66 90.98 -59.66
CA LEU IB 61 -38.33 91.05 -61.08
C LEU IB 61 -38.52 92.48 -61.59
N SER IB 62 -39.65 93.09 -61.31
CA SER IB 62 -39.89 94.48 -61.69
C SER IB 62 -40.38 95.22 -60.45
N PRO IB 63 -39.49 95.88 -59.71
CA PRO IB 63 -39.95 96.78 -58.64
C PRO IB 63 -40.67 98.01 -59.17
N SER IB 64 -40.43 98.40 -60.43
CA SER IB 64 -41.25 99.42 -61.08
C SER IB 64 -42.67 98.95 -61.28
N ASN IB 65 -42.87 97.70 -61.69
CA ASN IB 65 -44.19 97.12 -61.80
C ASN IB 65 -44.62 96.43 -60.51
N ASN IB 66 -43.79 96.53 -59.47
CA ASN IB 66 -44.09 96.14 -58.09
C ASN IB 66 -44.27 94.61 -58.03
N LEU IB 67 -43.49 93.92 -58.86
CA LEU IB 67 -43.72 92.54 -59.27
C LEU IB 67 -42.54 91.67 -58.81
N LYS IB 68 -42.82 90.72 -57.91
CA LYS IB 68 -41.85 89.71 -57.49
C LYS IB 68 -41.68 88.63 -58.54
N PHE IB 69 -40.71 87.76 -58.27
CA PHE IB 69 -40.56 86.53 -59.03
C PHE IB 69 -41.64 85.53 -58.66
N SER IB 70 -42.13 85.56 -57.42
CA SER IB 70 -43.11 84.59 -56.96
C SER IB 70 -44.54 84.95 -57.37
N ASP IB 71 -44.77 86.14 -57.94
CA ASP IB 71 -46.08 86.53 -58.42
C ASP IB 71 -46.33 86.09 -59.85
N ILE IB 72 -45.29 85.77 -60.59
CA ILE IB 72 -45.44 85.29 -61.97
C ILE IB 72 -46.04 83.89 -61.94
N PRO IB 73 -47.04 83.60 -62.79
CA PRO IB 73 -47.57 82.23 -62.84
C PRO IB 73 -46.53 81.25 -63.38
N THR IB 74 -46.62 80.02 -62.89
CA THR IB 74 -45.68 78.96 -63.25
C THR IB 74 -46.20 78.11 -64.40
N GLY IB 75 -47.13 78.62 -65.18
CA GLY IB 75 -47.67 77.87 -66.29
C GLY IB 75 -47.35 78.49 -67.64
N VAL IB 76 -48.30 78.42 -68.57
CA VAL IB 76 -48.06 78.98 -69.89
C VAL IB 76 -48.15 80.49 -69.90
N ASP IB 77 -48.75 81.10 -68.87
CA ASP IB 77 -48.94 82.54 -68.82
C ASP IB 77 -47.84 83.22 -68.02
N GLY IB 78 -46.67 82.59 -67.89
CA GLY IB 78 -45.58 83.21 -67.17
C GLY IB 78 -44.81 84.18 -68.02
N ILE IB 79 -44.78 83.95 -69.33
CA ILE IB 79 -44.11 84.88 -70.24
C ILE IB 79 -44.92 86.15 -70.41
N ARG IB 80 -46.24 86.10 -70.19
CA ARG IB 80 -47.07 87.28 -70.32
C ARG IB 80 -47.02 88.15 -69.07
N ALA IB 81 -46.65 87.58 -67.93
CA ALA IB 81 -46.52 88.37 -66.71
C ALA IB 81 -45.29 89.26 -66.71
N ILE IB 82 -44.31 88.95 -67.55
CA ILE IB 82 -43.12 89.81 -67.64
C ILE IB 82 -43.49 91.11 -68.33
N PRO IB 83 -43.08 92.27 -67.82
CA PRO IB 83 -43.34 93.52 -68.52
C PRO IB 83 -42.56 93.60 -69.82
N THR IB 84 -43.11 94.37 -70.76
CA THR IB 84 -42.53 94.46 -72.09
C THR IB 84 -41.21 95.20 -72.12
N ALA IB 85 -40.93 96.04 -71.11
CA ALA IB 85 -39.61 96.64 -71.01
C ALA IB 85 -38.57 95.62 -70.58
N GLY IB 86 -39.00 94.56 -69.91
CA GLY IB 86 -38.09 93.51 -69.52
C GLY IB 86 -37.96 92.42 -70.57
N LEU IB 87 -39.04 92.08 -71.25
CA LEU IB 87 -38.86 91.08 -72.30
C LEU IB 87 -38.20 91.66 -73.53
N ALA IB 88 -38.22 92.99 -73.71
CA ALA IB 88 -37.37 93.60 -74.73
C ALA IB 88 -35.89 93.42 -74.39
N GLN IB 89 -35.56 93.30 -73.11
CA GLN IB 89 -34.17 93.08 -72.73
C GLN IB 89 -33.71 91.67 -73.08
N ILE IB 90 -34.61 90.70 -73.27
CA ILE IB 90 -34.10 89.37 -73.54
C ILE IB 90 -34.03 89.12 -75.05
N LEU IB 91 -34.91 89.75 -75.83
CA LEU IB 91 -34.74 89.67 -77.28
C LEU IB 91 -33.66 90.61 -77.79
N ALA IB 92 -33.21 91.57 -76.97
CA ALA IB 92 -32.04 92.34 -77.34
C ALA IB 92 -30.76 91.56 -77.10
N PHE IB 93 -30.75 90.67 -76.11
CA PHE IB 93 -29.56 89.89 -75.79
C PHE IB 93 -29.48 88.62 -76.61
N PHE IB 94 -30.62 87.98 -76.88
CA PHE IB 94 -30.60 86.79 -77.73
C PHE IB 94 -30.50 87.14 -79.21
N ALA IB 95 -30.71 88.41 -79.57
CA ALA IB 95 -30.28 88.85 -80.89
C ALA IB 95 -28.76 88.81 -80.99
N LEU IB 96 -28.07 89.12 -79.89
CA LEU IB 96 -26.62 89.05 -79.88
C LEU IB 96 -26.13 87.61 -79.93
N VAL IB 97 -26.88 86.64 -79.41
CA VAL IB 97 -26.39 85.28 -79.47
C VAL IB 97 -26.81 84.61 -80.78
N GLU IB 98 -28.03 84.87 -81.26
CA GLU IB 98 -28.51 84.12 -82.41
C GLU IB 98 -28.02 84.67 -83.73
N LEU IB 99 -27.44 85.86 -83.72
CA LEU IB 99 -26.86 86.44 -84.92
C LEU IB 99 -25.36 86.56 -84.85
N ALA IB 100 -24.79 86.77 -83.68
CA ALA IB 100 -23.38 87.11 -83.56
C ALA IB 100 -22.58 86.07 -82.80
N TRP IB 101 -23.03 85.69 -81.59
CA TRP IB 101 -22.22 84.82 -80.75
C TRP IB 101 -22.29 83.36 -81.20
N MET IB 102 -23.46 82.74 -81.16
CA MET IB 102 -23.62 81.46 -81.84
C MET IB 102 -24.68 81.64 -82.91
N PRO IB 103 -24.29 82.06 -84.11
CA PRO IB 103 -25.26 82.38 -85.16
C PRO IB 103 -26.03 81.15 -85.61
N ALA IB 104 -27.35 81.29 -85.67
CA ALA IB 104 -28.18 80.21 -86.17
C ALA IB 104 -28.09 80.06 -87.68
N SER IB 105 -27.40 81.00 -88.35
CA SER IB 105 -26.89 80.81 -89.70
C SER IB 105 -26.07 79.53 -89.81
N LYS IB 106 -25.29 79.21 -88.79
CA LYS IB 106 -24.40 78.05 -88.78
C LYS IB 106 -25.24 76.78 -88.68
N TYR IB 107 -25.39 76.08 -89.80
CA TYR IB 107 -26.26 74.92 -89.86
C TYR IB 107 -25.63 73.67 -89.26
N ASP IB 108 -24.38 73.75 -88.78
CA ASP IB 108 -23.76 72.61 -88.14
C ASP IB 108 -24.36 72.37 -86.76
N GLY IB 109 -24.77 73.44 -86.08
CA GLY IB 109 -25.03 73.38 -84.65
C GLY IB 109 -23.77 73.40 -83.82
N ASP IB 110 -22.61 73.58 -84.45
CA ASP IB 110 -21.32 73.41 -83.83
C ASP IB 110 -20.72 74.78 -83.57
N TYR IB 111 -20.43 75.08 -82.32
CA TYR IB 111 -19.79 76.33 -81.96
C TYR IB 111 -18.56 76.04 -81.13
N GLY IB 112 -17.98 77.07 -80.52
CA GLY IB 112 -16.73 76.90 -79.80
C GLY IB 112 -16.81 76.00 -78.59
N VAL IB 113 -17.99 75.90 -77.99
CA VAL IB 113 -18.20 74.97 -76.89
C VAL IB 113 -18.40 73.56 -77.44
N GLY IB 114 -18.01 72.58 -76.64
CA GLY IB 114 -18.26 71.21 -77.00
C GLY IB 114 -19.28 70.60 -76.07
N TYR IB 115 -19.06 69.36 -75.67
CA TYR IB 115 -19.89 68.72 -74.67
C TYR IB 115 -19.19 68.92 -73.34
N PHE IB 116 -19.69 69.89 -72.57
CA PHE IB 116 -19.05 70.40 -71.35
C PHE IB 116 -17.61 70.80 -71.64
N GLY IB 117 -17.44 71.58 -72.69
CA GLY IB 117 -16.15 72.11 -73.05
C GLY IB 117 -15.17 71.14 -73.68
N THR IB 118 -15.54 69.88 -73.86
CA THR IB 118 -14.60 68.90 -74.38
C THR IB 118 -14.99 68.49 -75.80
N ASP IB 119 -13.99 68.19 -76.60
CA ASP IB 119 -14.20 67.68 -77.96
C ASP IB 119 -14.04 66.16 -77.92
N ILE IB 120 -15.08 65.45 -78.30
CA ILE IB 120 -15.10 64.00 -78.21
C ILE IB 120 -14.40 63.44 -79.45
N LYS IB 121 -13.25 62.79 -79.25
CA LYS IB 121 -12.56 62.38 -80.46
C LYS IB 121 -12.79 60.94 -80.86
N ASP IB 122 -13.43 60.13 -80.03
CA ASP IB 122 -13.82 58.82 -80.50
C ASP IB 122 -15.13 58.94 -81.27
N PRO IB 123 -15.20 58.48 -82.52
CA PRO IB 123 -16.30 58.87 -83.40
C PRO IB 123 -17.65 58.23 -83.09
N GLU IB 124 -17.79 56.99 -82.60
CA GLU IB 124 -19.10 56.75 -81.99
C GLU IB 124 -19.26 57.10 -80.54
N GLU IB 125 -18.22 57.42 -79.78
CA GLU IB 125 -18.58 58.23 -78.63
C GLU IB 125 -19.32 59.49 -79.03
N LYS IB 126 -18.79 60.19 -80.02
CA LYS IB 126 -19.34 61.49 -80.38
C LYS IB 126 -20.69 61.35 -81.05
N ALA IB 127 -20.84 60.35 -81.92
CA ALA IB 127 -22.13 60.09 -82.54
C ALA IB 127 -23.15 59.54 -81.55
N ARG IB 128 -22.71 58.95 -80.44
CA ARG IB 128 -23.65 58.53 -79.42
C ARG IB 128 -24.24 59.74 -78.70
N LYS IB 129 -23.40 60.73 -78.40
CA LYS IB 129 -23.90 61.92 -77.73
C LYS IB 129 -24.69 62.81 -78.67
N LEU IB 130 -24.32 62.84 -79.95
CA LEU IB 130 -25.10 63.60 -80.93
C LEU IB 130 -26.47 62.98 -81.14
N ASN IB 131 -26.54 61.65 -81.08
CA ASN IB 131 -27.84 60.99 -81.13
C ASN IB 131 -28.66 61.28 -79.89
N VAL IB 132 -28.00 61.43 -78.75
CA VAL IB 132 -28.73 61.67 -77.50
C VAL IB 132 -29.31 63.08 -77.48
N GLU IB 133 -28.54 64.05 -77.98
CA GLU IB 133 -29.03 65.43 -78.06
C GLU IB 133 -30.22 65.55 -78.99
N LEU IB 134 -30.21 64.79 -80.08
CA LEU IB 134 -31.37 64.78 -80.96
C LEU IB 134 -32.54 64.05 -80.32
N ASN IB 135 -32.28 62.90 -79.70
CA ASN IB 135 -33.38 62.10 -79.15
C ASN IB 135 -33.98 62.75 -77.92
N ASN IB 136 -33.15 63.27 -77.03
CA ASN IB 136 -33.69 64.04 -75.92
C ASN IB 136 -34.27 65.36 -76.38
N GLY IB 137 -33.80 65.88 -77.51
CA GLY IB 137 -34.43 67.05 -78.08
C GLY IB 137 -35.78 66.74 -78.70
N ARG IB 138 -35.90 65.58 -79.33
CA ARG IB 138 -37.17 65.18 -79.91
C ARG IB 138 -38.19 64.85 -78.82
N ALA IB 139 -37.74 64.20 -77.75
CA ALA IB 139 -38.65 63.85 -76.66
C ALA IB 139 -39.08 65.06 -75.87
N ALA IB 140 -38.27 66.11 -75.86
CA ALA IB 140 -38.66 67.34 -75.19
C ALA IB 140 -39.56 68.21 -76.03
N MET IB 141 -39.54 68.06 -77.35
CA MET IB 141 -40.49 68.76 -78.21
C MET IB 141 -41.89 68.20 -77.99
N MET IB 142 -42.02 66.87 -77.98
CA MET IB 142 -43.28 66.25 -77.62
C MET IB 142 -43.61 66.40 -76.15
N GLY IB 143 -42.63 66.74 -75.33
CA GLY IB 143 -42.87 66.94 -73.92
C GLY IB 143 -43.37 68.33 -73.61
N ILE IB 144 -42.83 69.33 -74.32
CA ILE IB 144 -43.27 70.69 -74.09
C ILE IB 144 -44.60 70.97 -74.78
N MET IB 145 -44.99 70.18 -75.79
CA MET IB 145 -46.37 70.36 -76.28
C MET IB 145 -47.35 69.68 -75.38
N GLY IB 146 -47.03 68.49 -74.92
CA GLY IB 146 -47.91 67.81 -73.99
C GLY IB 146 -48.04 68.47 -72.65
N ASN IB 147 -47.13 69.40 -72.31
CA ASN IB 147 -47.34 70.18 -71.11
C ASN IB 147 -48.28 71.34 -71.37
N MET IB 148 -48.12 72.01 -72.51
CA MET IB 148 -48.88 73.21 -72.78
C MET IB 148 -50.31 72.90 -73.23
N VAL IB 149 -50.49 71.78 -73.94
CA VAL IB 149 -51.82 71.34 -74.31
C VAL IB 149 -52.60 70.87 -73.10
N ALA IB 150 -51.98 70.06 -72.24
CA ALA IB 150 -52.71 69.54 -71.08
C ALA IB 150 -52.91 70.61 -70.00
N GLU IB 151 -52.18 71.72 -70.07
CA GLU IB 151 -52.47 72.82 -69.15
C GLU IB 151 -53.76 73.53 -69.54
N VAL IB 152 -53.87 73.90 -70.82
CA VAL IB 152 -55.03 74.67 -71.25
C VAL IB 152 -56.28 73.82 -71.38
N LEU IB 153 -56.15 72.50 -71.42
CA LEU IB 153 -57.36 71.68 -71.43
C LEU IB 153 -57.83 71.35 -70.03
N THR IB 154 -57.10 71.76 -69.01
CA THR IB 154 -57.56 71.72 -67.63
C THR IB 154 -57.55 73.08 -66.95
N GLY IB 155 -56.88 74.08 -67.51
CA GLY IB 155 -56.85 75.41 -66.92
C GLY IB 155 -55.89 75.58 -65.77
N GLN IB 156 -55.45 74.50 -65.15
CA GLN IB 156 -54.52 74.52 -64.04
C GLN IB 156 -53.09 74.41 -64.57
N THR IB 157 -52.12 74.91 -63.80
CA THR IB 157 -50.74 74.64 -64.20
C THR IB 157 -50.36 73.24 -63.74
N MET IB 158 -49.11 72.88 -63.94
CA MET IB 158 -48.66 71.54 -63.57
C MET IB 158 -48.60 71.35 -62.06
N TYR IB 159 -48.30 72.41 -61.30
CA TYR IB 159 -48.32 72.30 -59.85
C TYR IB 159 -49.73 72.12 -59.32
N GLU IB 160 -50.68 72.84 -59.92
CA GLU IB 160 -52.08 72.85 -59.51
C GLU IB 160 -52.74 71.52 -59.86
N GLN IB 161 -52.37 70.95 -61.02
CA GLN IB 161 -53.00 69.73 -61.51
C GLN IB 161 -52.56 68.52 -60.72
N TYR IB 162 -51.27 68.46 -60.38
CA TYR IB 162 -50.75 67.35 -59.60
C TYR IB 162 -51.23 67.40 -58.16
N ALA IB 163 -51.45 68.61 -57.63
CA ALA IB 163 -51.95 68.75 -56.28
C ALA IB 163 -53.41 68.31 -56.18
N SER IB 164 -54.19 68.51 -57.23
CA SER IB 164 -55.58 68.11 -57.24
C SER IB 164 -55.79 66.65 -57.59
N GLY IB 165 -54.73 65.92 -57.94
CA GLY IB 165 -54.89 64.55 -58.36
C GLY IB 165 -55.54 64.41 -59.72
N HIS IB 166 -55.26 65.34 -60.63
CA HIS IB 166 -55.90 65.39 -61.95
C HIS IB 166 -55.05 64.72 -63.01
N ILE IB 167 -54.39 63.63 -62.66
CA ILE IB 167 -53.50 62.96 -63.61
C ILE IB 167 -54.29 62.07 -64.56
N SER IB 168 -55.27 61.32 -64.06
CA SER IB 168 -55.96 60.36 -64.90
C SER IB 168 -56.96 61.08 -65.81
N PRO IB 169 -57.07 60.67 -67.09
CA PRO IB 169 -57.96 61.36 -68.04
C PRO IB 169 -59.44 61.06 -67.79
N PHE IB 170 -60.00 61.84 -66.85
CA PHE IB 170 -61.41 61.71 -66.53
C PHE IB 170 -62.27 62.48 -67.52
N GLY IB 171 -62.08 63.79 -67.61
CA GLY IB 171 -62.89 64.64 -68.48
C GLY IB 171 -62.61 64.50 -69.95
N ASP IB 172 -61.51 63.86 -70.32
CA ASP IB 172 -61.15 63.68 -71.73
C ASP IB 172 -61.01 62.21 -72.08
N SER JB 1 -97.56 9.38 -117.08
CA SER JB 1 -98.64 9.73 -117.99
C SER JB 1 -99.89 10.04 -117.18
N GLU JB 2 -100.98 9.33 -117.44
CA GLU JB 2 -102.12 9.55 -116.57
C GLU JB 2 -102.76 8.23 -116.16
N ILE JB 3 -102.65 7.20 -116.99
CA ILE JB 3 -103.26 5.92 -116.62
C ILE JB 3 -102.48 5.23 -115.50
N GLU JB 4 -101.21 5.58 -115.30
CA GLU JB 4 -100.42 5.01 -114.21
C GLU JB 4 -100.46 5.89 -112.97
N LEU JB 5 -101.59 6.55 -112.68
CA LEU JB 5 -101.66 7.47 -111.56
C LEU JB 5 -102.44 6.99 -110.35
N GLY JB 6 -103.24 5.94 -110.46
CA GLY JB 6 -103.95 5.47 -109.28
C GLY JB 6 -103.38 4.16 -108.75
N VAL JB 7 -102.07 4.00 -108.85
CA VAL JB 7 -101.41 2.73 -108.58
C VAL JB 7 -100.27 2.98 -107.60
N THR JB 8 -100.55 2.85 -106.30
CA THR JB 8 -99.49 3.36 -105.43
C THR JB 8 -98.49 2.29 -105.00
N GLU JB 9 -98.70 1.60 -103.88
CA GLU JB 9 -98.21 0.23 -103.80
C GLU JB 9 -99.23 -0.90 -103.64
N PRO JB 10 -100.08 -0.91 -102.55
CA PRO JB 10 -100.49 -2.20 -101.97
C PRO JB 10 -101.46 -2.99 -102.84
N LEU JB 11 -102.46 -2.33 -103.41
CA LEU JB 11 -103.33 -3.11 -104.28
C LEU JB 11 -103.11 -2.80 -105.76
N GLY JB 12 -102.26 -1.82 -106.07
CA GLY JB 12 -101.89 -1.54 -107.44
C GLY JB 12 -103.04 -1.05 -108.28
N VAL JB 13 -103.55 -1.94 -109.13
CA VAL JB 13 -104.47 -1.66 -110.21
C VAL JB 13 -105.83 -2.15 -109.74
N TYR JB 14 -106.14 -1.86 -108.47
CA TYR JB 14 -107.31 -2.42 -107.81
C TYR JB 14 -108.62 -1.99 -108.46
N ASP JB 15 -109.38 -2.98 -108.86
CA ASP JB 15 -110.40 -2.88 -109.90
C ASP JB 15 -111.28 -4.12 -109.84
N PRO JB 16 -112.17 -4.28 -108.84
CA PRO JB 16 -113.12 -5.41 -108.91
C PRO JB 16 -114.40 -5.09 -109.66
N LEU JB 17 -114.31 -4.40 -110.80
CA LEU JB 17 -115.40 -4.48 -111.78
C LEU JB 17 -114.90 -4.65 -113.20
N GLY JB 18 -113.59 -4.57 -113.44
CA GLY JB 18 -113.04 -4.72 -114.76
C GLY JB 18 -113.32 -3.58 -115.70
N TRP JB 19 -113.36 -2.35 -115.19
CA TRP JB 19 -113.91 -1.25 -115.99
C TRP JB 19 -112.85 -0.48 -116.79
N LEU JB 20 -111.58 -0.85 -116.73
CA LEU JB 20 -110.68 -0.27 -117.71
C LEU JB 20 -110.28 -1.26 -118.79
N GLU JB 21 -110.78 -2.50 -118.71
CA GLU JB 21 -110.82 -3.37 -119.89
C GLU JB 21 -112.21 -3.38 -120.52
N SER JB 22 -113.25 -3.10 -119.74
CA SER JB 22 -114.59 -2.92 -120.28
C SER JB 22 -114.70 -1.65 -121.12
N GLU JB 23 -114.40 -0.50 -120.54
CA GLU JB 23 -114.30 0.76 -121.29
C GLU JB 23 -112.91 1.36 -121.07
N PRO JB 24 -111.97 1.17 -122.00
CA PRO JB 24 -110.66 1.84 -121.87
C PRO JB 24 -110.68 3.30 -122.26
N GLU JB 25 -111.63 3.68 -123.10
CA GLU JB 25 -111.97 5.02 -123.54
C GLU JB 25 -112.86 5.84 -122.59
N ALA JB 26 -113.61 5.21 -121.69
CA ALA JB 26 -114.29 5.98 -120.65
C ALA JB 26 -113.51 5.99 -119.35
N PHE JB 27 -112.24 6.38 -119.40
CA PHE JB 27 -111.36 6.46 -118.25
C PHE JB 27 -110.93 7.87 -117.91
N GLU JB 28 -110.54 8.64 -118.94
CA GLU JB 28 -110.20 10.06 -118.82
C GLU JB 28 -111.36 10.91 -118.32
N ARG JB 29 -112.59 10.47 -118.55
CA ARG JB 29 -113.74 11.11 -117.93
C ARG JB 29 -113.87 10.68 -116.47
N ARG JB 30 -113.66 9.39 -116.19
CA ARG JB 30 -113.86 8.88 -114.83
C ARG JB 30 -112.73 9.30 -113.90
N ARG JB 31 -111.52 9.45 -114.43
CA ARG JB 31 -110.43 9.95 -113.60
C ARG JB 31 -110.63 11.43 -113.27
N ALA JB 32 -111.21 12.20 -114.19
CA ALA JB 32 -111.51 13.60 -113.92
C ALA JB 32 -112.62 13.74 -112.90
N VAL JB 33 -113.54 12.77 -112.82
CA VAL JB 33 -114.54 12.80 -111.77
C VAL JB 33 -113.92 12.35 -110.44
N GLU JB 34 -113.01 11.38 -110.50
CA GLU JB 34 -112.28 10.94 -109.31
C GLU JB 34 -111.40 12.04 -108.75
N ARG JB 35 -110.80 12.86 -109.62
CA ARG JB 35 -109.96 13.94 -109.12
C ARG JB 35 -110.79 15.08 -108.56
N LYS JB 36 -111.94 15.36 -109.16
CA LYS JB 36 -112.81 16.42 -108.63
C LYS JB 36 -113.61 15.98 -107.42
N HIS JB 37 -113.96 14.70 -107.33
CA HIS JB 37 -114.56 14.23 -106.09
C HIS JB 37 -113.55 14.18 -104.97
N GLY JB 38 -112.27 14.01 -105.31
CA GLY JB 38 -111.22 14.06 -104.29
C GLY JB 38 -110.97 15.48 -103.80
N ARG JB 39 -110.91 16.44 -104.72
CA ARG JB 39 -110.64 17.82 -104.35
C ARG JB 39 -111.81 18.43 -103.56
N VAL JB 40 -113.04 18.01 -103.85
CA VAL JB 40 -114.18 18.48 -103.08
C VAL JB 40 -114.16 17.89 -101.68
N ALA JB 41 -113.93 16.58 -101.58
CA ALA JB 41 -114.00 15.90 -100.29
C ALA JB 41 -112.81 16.22 -99.40
N MET JB 42 -111.66 16.56 -99.99
CA MET JB 42 -110.51 16.94 -99.19
C MET JB 42 -110.74 18.29 -98.51
N ALA JB 43 -111.31 19.25 -99.24
CA ALA JB 43 -111.66 20.53 -98.64
C ALA JB 43 -112.84 20.40 -97.68
N ALA JB 44 -113.65 19.36 -97.84
CA ALA JB 44 -114.77 19.17 -96.93
C ALA JB 44 -114.35 18.53 -95.62
N VAL JB 45 -113.31 17.68 -95.64
CA VAL JB 45 -112.79 17.11 -94.40
C VAL JB 45 -112.17 18.21 -93.53
N VAL JB 46 -111.27 19.00 -94.12
CA VAL JB 46 -110.61 20.11 -93.43
C VAL JB 46 -111.64 21.16 -93.00
N GLY JB 47 -112.73 21.30 -93.75
CA GLY JB 47 -113.82 22.15 -93.31
C GLY JB 47 -114.48 21.65 -92.03
N THR JB 48 -114.70 20.34 -91.94
CA THR JB 48 -115.29 19.79 -90.72
C THR JB 48 -114.31 19.80 -89.56
N ILE JB 49 -113.00 19.77 -89.86
CA ILE JB 49 -111.99 20.01 -88.84
C ILE JB 49 -112.19 21.39 -88.23
N VAL JB 50 -112.21 22.43 -89.08
CA VAL JB 50 -112.16 23.80 -88.59
C VAL JB 50 -113.52 24.28 -88.06
N HIS JB 51 -114.63 23.69 -88.51
CA HIS JB 51 -115.93 24.05 -87.96
C HIS JB 51 -116.09 23.52 -86.55
N ASN JB 52 -115.75 22.25 -86.33
CA ASN JB 52 -115.90 21.61 -85.04
C ASN JB 52 -114.78 21.93 -84.09
N ASN JB 53 -113.84 22.75 -84.52
CA ASN JB 53 -112.77 23.25 -83.69
C ASN JB 53 -113.12 24.64 -83.22
N HIS JB 54 -114.31 25.10 -83.64
CA HIS JB 54 -114.93 26.37 -83.26
C HIS JB 54 -114.09 27.58 -83.67
N ILE JB 55 -113.43 27.48 -84.82
CA ILE JB 55 -112.86 28.68 -85.43
C ILE JB 55 -113.96 29.37 -86.21
N VAL JB 56 -114.31 30.58 -85.78
CA VAL JB 56 -115.45 31.33 -86.26
C VAL JB 56 -114.92 32.60 -86.95
N PHE JB 57 -115.78 33.27 -87.72
CA PHE JB 57 -115.38 34.44 -88.48
C PHE JB 57 -115.58 35.78 -87.76
N ASP JB 58 -116.02 35.78 -86.50
CA ASP JB 58 -116.18 37.00 -85.66
C ASP JB 58 -117.11 38.04 -86.29
N GLY JB 59 -118.34 37.64 -86.59
CA GLY JB 59 -119.23 38.61 -87.19
C GLY JB 59 -120.63 38.10 -87.44
N TYR JB 60 -121.35 38.71 -88.38
CA TYR JB 60 -122.70 38.33 -88.75
C TYR JB 60 -122.68 37.82 -90.19
N LEU JB 61 -123.30 36.66 -90.46
CA LEU JB 61 -123.24 36.20 -91.84
C LEU JB 61 -124.41 36.81 -92.61
N SER JB 62 -125.56 36.96 -91.97
CA SER JB 62 -126.66 37.78 -92.50
C SER JB 62 -127.30 38.57 -91.37
N PRO JB 63 -126.95 39.85 -91.23
CA PRO JB 63 -127.56 40.68 -90.16
C PRO JB 63 -129.02 41.00 -90.41
N SER JB 64 -129.46 40.98 -91.67
CA SER JB 64 -130.88 41.15 -91.97
C SER JB 64 -131.69 39.95 -91.49
N ASN JB 65 -131.10 38.77 -91.56
CA ASN JB 65 -131.75 37.60 -90.99
C ASN JB 65 -131.45 37.41 -89.51
N ASN JB 66 -130.55 38.21 -88.92
CA ASN JB 66 -130.08 38.03 -87.54
C ASN JB 66 -129.63 36.62 -87.20
N LEU JB 67 -128.62 36.18 -87.91
CA LEU JB 67 -127.84 35.04 -87.50
C LEU JB 67 -126.39 35.42 -87.67
N LYS JB 68 -125.58 35.08 -86.71
CA LYS JB 68 -124.19 35.45 -86.77
C LYS JB 68 -123.38 34.17 -86.83
N PHE JB 69 -122.09 34.31 -87.17
CA PHE JB 69 -121.27 33.19 -87.66
C PHE JB 69 -121.14 32.08 -86.64
N SER JB 70 -121.18 32.39 -85.35
CA SER JB 70 -121.18 31.38 -84.28
C SER JB 70 -122.58 31.05 -83.79
N ASP JB 71 -123.55 30.78 -84.65
CA ASP JB 71 -124.74 30.09 -84.18
C ASP JB 71 -125.27 29.10 -85.20
N ILE JB 72 -124.69 29.02 -86.39
CA ILE JB 72 -125.10 27.92 -87.27
C ILE JB 72 -124.26 26.70 -86.92
N PRO JB 73 -124.82 25.50 -87.01
CA PRO JB 73 -124.15 24.33 -86.44
C PRO JB 73 -122.99 23.85 -87.27
N THR JB 74 -122.03 23.23 -86.58
CA THR JB 74 -120.79 22.75 -87.17
C THR JB 74 -120.90 21.33 -87.70
N GLY JB 75 -122.11 20.88 -88.04
CA GLY JB 75 -122.29 19.54 -88.53
C GLY JB 75 -122.92 19.46 -89.90
N VAL JB 76 -123.89 18.55 -90.06
CA VAL JB 76 -124.57 18.38 -91.34
C VAL JB 76 -125.52 19.52 -91.65
N ASP JB 77 -125.96 20.27 -90.65
CA ASP JB 77 -126.99 21.28 -90.83
C ASP JB 77 -126.39 22.66 -91.06
N GLY JB 78 -125.18 22.72 -91.60
CA GLY JB 78 -124.49 23.98 -91.81
C GLY JB 78 -125.01 24.77 -93.00
N ILE JB 79 -125.09 24.13 -94.15
CA ILE JB 79 -125.62 24.82 -95.31
C ILE JB 79 -127.12 24.60 -95.46
N ARG JB 80 -127.77 24.04 -94.44
CA ARG JB 80 -129.21 24.19 -94.29
C ARG JB 80 -129.54 25.46 -93.51
N ALA JB 81 -128.68 25.84 -92.58
CA ALA JB 81 -128.84 27.10 -91.83
C ALA JB 81 -128.09 28.25 -92.49
N ILE JB 82 -128.31 28.42 -93.79
CA ILE JB 82 -127.78 29.56 -94.56
C ILE JB 82 -128.95 30.11 -95.35
N PRO JB 83 -129.19 31.42 -95.35
CA PRO JB 83 -130.29 31.98 -96.15
C PRO JB 83 -130.09 31.78 -97.64
N THR JB 84 -131.22 31.71 -98.36
CA THR JB 84 -131.19 31.34 -99.78
C THR JB 84 -130.59 32.43 -100.66
N ALA JB 85 -130.58 33.68 -100.20
CA ALA JB 85 -129.89 34.72 -100.94
C ALA JB 85 -128.38 34.57 -100.81
N GLY JB 86 -127.92 34.06 -99.67
CA GLY JB 86 -126.51 33.76 -99.54
C GLY JB 86 -126.12 32.49 -100.23
N LEU JB 87 -127.07 31.58 -100.40
CA LEU JB 87 -126.76 30.34 -101.05
C LEU JB 87 -126.76 30.57 -102.56
N ALA JB 88 -127.54 31.56 -103.01
CA ALA JB 88 -127.52 31.97 -104.41
C ALA JB 88 -126.23 32.69 -104.77
N GLN JB 89 -125.57 33.33 -103.80
CA GLN JB 89 -124.28 33.93 -104.07
C GLN JB 89 -123.19 32.88 -104.19
N ILE JB 90 -123.31 31.77 -103.45
CA ILE JB 90 -122.33 30.71 -103.55
C ILE JB 90 -122.47 29.98 -104.88
N LEU JB 91 -123.69 29.64 -105.28
CA LEU JB 91 -123.77 28.83 -106.50
C LEU JB 91 -123.65 29.66 -107.77
N ALA JB 92 -123.71 30.98 -107.67
CA ALA JB 92 -123.47 31.80 -108.86
C ALA JB 92 -122.01 32.16 -109.04
N PHE JB 93 -121.26 32.31 -107.95
CA PHE JB 93 -119.83 32.58 -108.07
C PHE JB 93 -119.07 31.33 -108.50
N PHE JB 94 -119.45 30.17 -107.97
CA PHE JB 94 -118.84 28.91 -108.39
C PHE JB 94 -119.35 28.44 -109.74
N ALA JB 95 -120.45 29.02 -110.22
CA ALA JB 95 -120.79 28.85 -111.63
C ALA JB 95 -119.77 29.53 -112.52
N LEU JB 96 -119.24 30.66 -112.08
CA LEU JB 96 -118.17 31.32 -112.82
C LEU JB 96 -116.88 30.52 -112.73
N VAL JB 97 -116.69 29.78 -111.64
CA VAL JB 97 -115.50 28.96 -111.49
C VAL JB 97 -115.63 27.68 -112.30
N GLU JB 98 -116.77 27.00 -112.22
CA GLU JB 98 -116.89 25.67 -112.80
C GLU JB 98 -117.06 25.66 -114.32
N LEU JB 99 -117.43 26.76 -114.97
CA LEU JB 99 -117.28 26.78 -116.42
C LEU JB 99 -116.47 27.95 -116.96
N ALA JB 100 -116.70 29.19 -116.49
CA ALA JB 100 -116.00 30.33 -117.08
C ALA JB 100 -114.53 30.33 -116.67
N TRP JB 101 -114.25 30.21 -115.38
CA TRP JB 101 -112.90 29.96 -114.87
C TRP JB 101 -112.61 28.47 -114.97
N MET JB 102 -111.67 27.94 -114.15
CA MET JB 102 -111.10 26.59 -114.22
C MET JB 102 -112.19 25.53 -114.32
N PRO JB 103 -112.42 24.97 -115.49
CA PRO JB 103 -113.70 24.26 -115.72
C PRO JB 103 -113.71 22.82 -115.21
N ALA JB 104 -114.84 22.16 -115.41
CA ALA JB 104 -114.96 20.74 -115.15
C ALA JB 104 -114.94 19.92 -116.43
N SER JB 105 -115.16 20.55 -117.57
CA SER JB 105 -115.02 19.88 -118.87
C SER JB 105 -113.56 19.66 -119.24
N LYS JB 106 -112.66 20.45 -118.68
CA LYS JB 106 -111.21 20.32 -118.80
C LYS JB 106 -110.80 19.09 -117.98
N TYR JB 107 -110.79 17.93 -118.63
CA TYR JB 107 -110.55 16.67 -117.94
C TYR JB 107 -109.08 16.42 -117.64
N ASP JB 108 -108.18 17.31 -118.10
CA ASP JB 108 -106.75 17.16 -117.79
C ASP JB 108 -106.50 17.39 -116.31
N GLY JB 109 -107.32 18.23 -115.65
CA GLY JB 109 -107.14 18.66 -114.27
C GLY JB 109 -106.25 19.88 -114.15
N ASP JB 110 -105.62 20.23 -115.25
CA ASP JB 110 -104.37 20.98 -115.36
C ASP JB 110 -104.71 22.40 -115.77
N TYR JB 111 -105.14 23.27 -114.85
CA TYR JB 111 -105.67 24.53 -115.36
C TYR JB 111 -104.57 25.55 -115.67
N GLY JB 112 -103.99 26.15 -114.64
CA GLY JB 112 -102.77 26.90 -114.84
C GLY JB 112 -101.90 26.99 -113.62
N VAL JB 113 -102.36 26.41 -112.52
CA VAL JB 113 -101.81 26.77 -111.22
C VAL JB 113 -100.65 25.87 -110.82
N GLY JB 114 -100.74 24.56 -111.06
CA GLY JB 114 -99.67 23.70 -110.62
C GLY JB 114 -99.69 23.50 -109.11
N TYR JB 115 -98.56 23.06 -108.59
CA TYR JB 115 -98.41 22.75 -107.18
C TYR JB 115 -97.75 23.95 -106.51
N PHE JB 116 -98.57 24.72 -105.78
CA PHE JB 116 -98.17 25.97 -105.13
C PHE JB 116 -97.54 26.94 -106.13
N GLY JB 117 -98.25 27.16 -107.24
CA GLY JB 117 -97.86 28.12 -108.23
C GLY JB 117 -96.91 27.58 -109.30
N THR JB 118 -96.11 26.57 -108.97
CA THR JB 118 -95.01 26.15 -109.82
C THR JB 118 -95.23 24.73 -110.36
N ASP JB 119 -94.55 24.44 -111.46
CA ASP JB 119 -94.51 23.11 -112.06
C ASP JB 119 -93.48 22.28 -111.30
N ILE JB 120 -93.78 21.00 -111.07
CA ILE JB 120 -92.73 20.10 -110.61
C ILE JB 120 -91.90 19.67 -111.82
N LYS JB 121 -90.61 19.99 -111.81
CA LYS JB 121 -89.78 19.74 -112.99
C LYS JB 121 -89.39 18.27 -113.10
N ASP JB 122 -89.23 17.60 -111.97
CA ASP JB 122 -88.93 16.18 -111.99
C ASP JB 122 -90.19 15.37 -112.28
N PRO JB 123 -90.21 14.56 -113.34
CA PRO JB 123 -91.43 13.81 -113.67
C PRO JB 123 -91.74 12.71 -112.66
N GLU JB 124 -90.73 12.11 -112.04
CA GLU JB 124 -90.99 11.10 -111.03
C GLU JB 124 -91.49 11.73 -109.73
N GLU JB 125 -91.03 12.93 -109.41
CA GLU JB 125 -91.59 13.67 -108.29
C GLU JB 125 -92.97 14.21 -108.64
N LYS JB 126 -93.20 14.57 -109.91
CA LYS JB 126 -94.51 15.07 -110.32
C LYS JB 126 -95.54 13.96 -110.30
N ALA JB 127 -95.16 12.77 -110.78
CA ALA JB 127 -96.06 11.63 -110.73
C ALA JB 127 -96.29 11.13 -109.31
N ARG JB 128 -95.37 11.41 -108.40
CA ARG JB 128 -95.57 11.03 -107.00
C ARG JB 128 -96.67 11.87 -106.37
N LYS JB 129 -96.60 13.20 -106.51
CA LYS JB 129 -97.62 14.08 -105.95
C LYS JB 129 -98.97 13.90 -106.62
N LEU JB 130 -98.98 13.44 -107.89
CA LEU JB 130 -100.23 13.14 -108.57
C LEU JB 130 -100.92 11.94 -107.96
N ASN JB 131 -100.14 10.97 -107.49
CA ASN JB 131 -100.76 9.88 -106.74
C ASN JB 131 -101.23 10.37 -105.39
N VAL JB 132 -100.50 11.29 -104.77
CA VAL JB 132 -100.82 11.77 -103.43
C VAL JB 132 -102.16 12.50 -103.41
N GLU JB 133 -102.42 13.34 -104.43
CA GLU JB 133 -103.71 13.99 -104.58
C GLU JB 133 -104.82 12.98 -104.78
N LEU JB 134 -104.54 11.91 -105.51
CA LEU JB 134 -105.56 10.87 -105.71
C LEU JB 134 -105.79 10.08 -104.44
N ASN JB 135 -104.71 9.62 -103.82
CA ASN JB 135 -104.74 8.88 -102.56
C ASN JB 135 -105.42 9.68 -101.44
N ASN JB 136 -104.96 10.91 -101.22
CA ASN JB 136 -105.58 11.74 -100.19
C ASN JB 136 -106.97 12.15 -100.59
N GLY JB 137 -107.21 12.31 -101.89
CA GLY JB 137 -108.57 12.53 -102.35
C GLY JB 137 -109.46 11.33 -102.10
N ARG JB 138 -108.95 10.12 -102.38
CA ARG JB 138 -109.74 8.91 -102.19
C ARG JB 138 -109.97 8.63 -100.71
N ALA JB 139 -108.99 8.92 -99.86
CA ALA JB 139 -109.17 8.73 -98.43
C ALA JB 139 -110.16 9.73 -97.85
N ALA JB 140 -110.21 10.94 -98.40
CA ALA JB 140 -111.13 11.94 -97.89
C ALA JB 140 -112.55 11.73 -98.37
N MET JB 141 -112.76 11.06 -99.51
CA MET JB 141 -114.12 10.70 -99.90
C MET JB 141 -114.70 9.71 -98.93
N MET JB 142 -113.93 8.70 -98.56
CA MET JB 142 -114.28 7.84 -97.44
C MET JB 142 -114.31 8.60 -96.12
N GLY JB 143 -113.43 9.59 -95.98
CA GLY JB 143 -113.38 10.32 -94.73
C GLY JB 143 -114.58 11.22 -94.50
N ILE JB 144 -114.95 11.99 -95.52
CA ILE JB 144 -116.04 12.95 -95.31
C ILE JB 144 -117.41 12.28 -95.32
N MET JB 145 -117.56 11.13 -95.97
CA MET JB 145 -118.83 10.42 -95.82
C MET JB 145 -118.96 9.85 -94.43
N GLY JB 146 -117.93 9.13 -93.97
CA GLY JB 146 -117.90 8.57 -92.63
C GLY JB 146 -117.93 9.58 -91.52
N ASN JB 147 -117.77 10.86 -91.82
CA ASN JB 147 -118.02 11.90 -90.83
C ASN JB 147 -119.48 12.25 -90.74
N MET JB 148 -120.23 12.18 -91.84
CA MET JB 148 -121.62 12.60 -91.80
C MET JB 148 -122.64 11.45 -91.76
N VAL JB 149 -122.28 10.21 -92.11
CA VAL JB 149 -123.02 9.06 -91.57
C VAL JB 149 -122.85 8.95 -90.06
N ALA JB 150 -121.65 9.19 -89.55
CA ALA JB 150 -121.47 9.04 -88.11
C ALA JB 150 -122.15 10.15 -87.31
N GLU JB 151 -122.62 11.22 -87.94
CA GLU JB 151 -123.32 12.18 -87.12
C GLU JB 151 -124.84 12.04 -87.28
N VAL JB 152 -125.32 11.57 -88.43
CA VAL JB 152 -126.77 11.35 -88.59
C VAL JB 152 -127.22 10.05 -87.94
N LEU JB 153 -126.32 9.10 -87.66
CA LEU JB 153 -126.66 7.94 -86.85
C LEU JB 153 -126.47 8.19 -85.36
N THR JB 154 -125.98 9.34 -85.00
CA THR JB 154 -125.71 9.64 -83.60
C THR JB 154 -126.62 10.73 -83.08
N GLY JB 155 -126.85 11.76 -83.88
CA GLY JB 155 -127.55 12.93 -83.42
C GLY JB 155 -126.64 14.02 -82.89
N GLN JB 156 -125.36 13.75 -82.68
CA GLN JB 156 -124.45 14.82 -82.33
C GLN JB 156 -123.42 15.00 -83.45
N THR JB 157 -122.81 16.18 -83.50
CA THR JB 157 -121.78 16.42 -84.51
C THR JB 157 -120.43 15.85 -84.05
N MET JB 158 -119.38 16.16 -84.83
CA MET JB 158 -117.99 15.84 -84.44
C MET JB 158 -117.62 16.39 -83.06
N TYR JB 159 -117.89 17.68 -82.80
CA TYR JB 159 -117.47 18.29 -81.54
C TYR JB 159 -118.19 17.66 -80.35
N GLU JB 160 -119.48 17.38 -80.48
CA GLU JB 160 -120.22 16.83 -79.36
C GLU JB 160 -120.03 15.32 -79.22
N GLN JB 161 -119.61 14.63 -80.28
CA GLN JB 161 -119.28 13.21 -80.13
C GLN JB 161 -118.00 13.01 -79.34
N TYR JB 162 -117.06 13.94 -79.47
CA TYR JB 162 -115.76 13.81 -78.83
C TYR JB 162 -115.81 14.29 -77.38
N ALA JB 163 -116.56 15.37 -77.12
CA ALA JB 163 -116.61 15.94 -75.77
C ALA JB 163 -117.45 15.11 -74.82
N SER JB 164 -118.45 14.41 -75.34
CA SER JB 164 -119.29 13.56 -74.52
C SER JB 164 -118.57 12.32 -74.08
N GLY JB 165 -117.48 11.96 -74.74
CA GLY JB 165 -116.89 10.66 -74.56
C GLY JB 165 -117.58 9.55 -75.33
N HIS JB 166 -118.48 9.87 -76.25
CA HIS JB 166 -119.21 8.88 -77.03
C HIS JB 166 -118.41 8.65 -78.31
N ILE JB 167 -117.36 7.84 -78.19
CA ILE JB 167 -116.50 7.47 -79.31
C ILE JB 167 -116.88 6.10 -79.86
N SER JB 168 -116.76 5.06 -79.02
CA SER JB 168 -116.90 3.70 -79.51
C SER JB 168 -118.36 3.27 -79.47
N PRO JB 169 -118.89 2.69 -80.55
CA PRO JB 169 -120.34 2.44 -80.64
C PRO JB 169 -120.84 1.30 -79.79
N PHE JB 170 -119.96 0.46 -79.27
CA PHE JB 170 -120.37 -0.71 -78.50
C PHE JB 170 -120.74 -0.34 -77.07
N GLU KB 1 -73.92 7.37 -99.03
CA GLU KB 1 -73.10 6.54 -99.90
C GLU KB 1 -71.61 6.91 -99.76
N LEU KB 2 -70.72 5.94 -99.97
CA LEU KB 2 -69.31 6.21 -99.69
C LEU KB 2 -68.65 7.05 -100.77
N GLU KB 3 -69.11 6.91 -102.00
CA GLU KB 3 -68.40 7.46 -103.14
C GLU KB 3 -68.65 8.95 -103.28
N ASP KB 4 -69.87 9.39 -102.96
CA ASP KB 4 -70.18 10.81 -102.85
C ASP KB 4 -69.57 11.44 -101.60
N GLY KB 5 -69.30 10.65 -100.57
CA GLY KB 5 -68.81 11.17 -99.31
C GLY KB 5 -69.88 11.91 -98.55
N ILE KB 6 -70.97 11.22 -98.21
CA ILE KB 6 -72.15 11.88 -97.67
C ILE KB 6 -71.93 12.25 -96.21
N GLY KB 7 -71.50 11.31 -95.39
CA GLY KB 7 -71.28 11.61 -94.00
C GLY KB 7 -70.00 12.38 -93.70
N ALA KB 8 -69.03 12.33 -94.61
CA ALA KB 8 -67.72 12.92 -94.40
C ALA KB 8 -67.80 14.42 -94.65
N VAL KB 9 -67.96 15.19 -93.59
CA VAL KB 9 -67.96 16.64 -93.66
C VAL KB 9 -66.62 17.21 -93.23
N ALA KB 10 -66.42 18.45 -93.61
CA ALA KB 10 -65.15 19.17 -93.64
C ALA KB 10 -64.35 19.39 -92.35
N PRO KB 11 -64.91 19.39 -91.13
CA PRO KB 11 -64.01 19.40 -89.96
C PRO KB 11 -63.17 18.16 -89.84
N LEU KB 12 -63.79 16.99 -89.95
CA LEU KB 12 -63.12 15.75 -89.61
C LEU KB 12 -62.92 14.82 -90.79
N GLY KB 13 -63.60 15.03 -91.91
CA GLY KB 13 -63.44 14.14 -93.05
C GLY KB 13 -64.14 12.82 -92.81
N TYR KB 14 -63.54 11.75 -93.33
CA TYR KB 14 -64.02 10.39 -93.12
C TYR KB 14 -63.72 10.00 -91.68
N PHE KB 15 -64.60 10.40 -90.77
CA PHE KB 15 -64.38 10.17 -89.35
C PHE KB 15 -64.86 8.78 -88.96
N ASP KB 16 -64.03 7.79 -89.27
CA ASP KB 16 -64.19 6.43 -88.78
C ASP KB 16 -62.94 6.08 -87.98
N PRO KB 17 -62.76 6.69 -86.82
CA PRO KB 17 -61.44 6.65 -86.17
C PRO KB 17 -61.08 5.32 -85.53
N LEU KB 18 -62.06 4.49 -85.18
CA LEU KB 18 -61.79 3.19 -84.58
C LEU KB 18 -61.75 2.07 -85.61
N GLY KB 19 -61.93 2.39 -86.89
CA GLY KB 19 -61.84 1.41 -87.95
C GLY KB 19 -63.00 0.43 -87.98
N TYR KB 20 -64.21 0.94 -88.16
CA TYR KB 20 -65.38 0.09 -88.18
C TYR KB 20 -65.85 -0.27 -89.58
N ILE KB 21 -65.46 0.49 -90.60
CA ILE KB 21 -65.83 0.19 -91.97
C ILE KB 21 -64.73 -0.68 -92.55
N LYS KB 22 -64.99 -1.97 -92.62
CA LYS KB 22 -64.04 -2.90 -93.23
C LYS KB 22 -64.52 -3.43 -94.56
N ASP KB 23 -65.76 -3.13 -94.98
CA ASP KB 23 -66.11 -3.12 -96.38
C ASP KB 23 -67.35 -2.26 -96.59
N GLU KB 24 -67.80 -2.27 -97.83
CA GLU KB 24 -68.85 -1.38 -98.34
C GLU KB 24 -70.25 -1.83 -97.93
N GLU KB 25 -70.47 -3.11 -97.66
CA GLU KB 25 -71.83 -3.53 -97.35
C GLU KB 25 -72.22 -3.17 -95.92
N THR KB 26 -71.24 -3.10 -95.01
CA THR KB 26 -71.52 -2.75 -93.62
C THR KB 26 -71.58 -1.25 -93.40
N PHE KB 27 -71.20 -0.47 -94.41
CA PHE KB 27 -71.44 0.97 -94.34
C PHE KB 27 -72.89 1.29 -94.61
N ILE KB 28 -73.52 0.57 -95.54
CA ILE KB 28 -74.90 0.85 -95.91
C ILE KB 28 -75.84 0.45 -94.78
N ARG KB 29 -75.48 -0.59 -94.02
CA ARG KB 29 -76.26 -0.94 -92.83
C ARG KB 29 -76.11 0.12 -91.75
N TYR KB 30 -74.88 0.62 -91.55
CA TYR KB 30 -74.64 1.58 -90.48
C TYR KB 30 -75.22 2.95 -90.80
N ARG KB 31 -75.15 3.36 -92.07
CA ARG KB 31 -75.72 4.65 -92.48
C ARG KB 31 -77.24 4.61 -92.42
N ALA KB 32 -77.84 3.44 -92.68
CA ALA KB 32 -79.28 3.29 -92.53
C ALA KB 32 -79.71 3.44 -91.08
N VAL KB 33 -78.85 3.07 -90.14
CA VAL KB 33 -79.16 3.22 -88.73
C VAL KB 33 -78.86 4.63 -88.24
N GLU KB 34 -77.73 5.20 -88.66
CA GLU KB 34 -77.33 6.54 -88.25
C GLU KB 34 -78.32 7.59 -88.73
N ARG KB 35 -78.78 7.47 -89.98
CA ARG KB 35 -79.79 8.38 -90.49
C ARG KB 35 -81.14 8.17 -89.81
N LYS KB 36 -81.48 6.93 -89.47
CA LYS KB 36 -82.73 6.68 -88.77
C LYS KB 36 -82.67 7.17 -87.34
N HIS KB 37 -81.55 6.93 -86.64
CA HIS KB 37 -81.39 7.43 -85.29
C HIS KB 37 -81.33 8.94 -85.24
N GLY KB 38 -80.73 9.56 -86.26
CA GLY KB 38 -80.68 10.99 -86.31
C GLY KB 38 -82.03 11.64 -86.55
N ARG KB 39 -82.88 10.99 -87.36
CA ARG KB 39 -84.22 11.52 -87.59
C ARG KB 39 -85.10 11.39 -86.36
N VAL KB 40 -84.90 10.33 -85.57
CA VAL KB 40 -85.66 10.16 -84.33
C VAL KB 40 -85.16 11.15 -83.27
N ALA KB 41 -83.84 11.27 -83.13
CA ALA KB 41 -83.29 12.11 -82.07
C ALA KB 41 -83.40 13.59 -82.37
N MET KB 42 -83.65 13.96 -83.63
CA MET KB 42 -83.89 15.37 -83.92
C MET KB 42 -85.28 15.80 -83.44
N MET KB 43 -86.28 14.97 -83.69
CA MET KB 43 -87.61 15.23 -83.13
C MET KB 43 -87.64 15.06 -81.62
N ALA KB 44 -86.70 14.29 -81.07
CA ALA KB 44 -86.59 14.19 -79.62
C ALA KB 44 -85.98 15.47 -79.04
N MET KB 45 -85.06 16.11 -79.75
CA MET KB 45 -84.50 17.36 -79.26
C MET KB 45 -85.46 18.52 -79.41
N LEU KB 46 -86.26 18.54 -80.47
CA LEU KB 46 -87.30 19.56 -80.58
C LEU KB 46 -88.40 19.34 -79.55
N GLY KB 47 -88.58 18.10 -79.10
CA GLY KB 47 -89.51 17.85 -78.02
C GLY KB 47 -89.07 18.51 -76.72
N THR KB 48 -87.83 18.26 -76.31
CA THR KB 48 -87.33 18.83 -75.06
C THR KB 48 -87.18 20.33 -75.11
N PHE KB 49 -86.98 20.90 -76.31
CA PHE KB 49 -87.01 22.35 -76.45
C PHE KB 49 -88.41 22.90 -76.24
N VAL KB 50 -89.42 22.17 -76.69
CA VAL KB 50 -90.80 22.64 -76.57
C VAL KB 50 -91.37 22.31 -75.20
N HIS KB 51 -91.07 21.13 -74.68
CA HIS KB 51 -91.61 20.71 -73.38
C HIS KB 51 -91.05 21.57 -72.25
N ASN KB 52 -89.74 21.76 -72.22
CA ASN KB 52 -89.11 22.53 -71.14
C ASN KB 52 -89.37 24.02 -71.25
N ASN KB 53 -89.85 24.49 -72.40
CA ASN KB 53 -90.30 25.87 -72.51
C ASN KB 53 -91.72 26.08 -72.02
N GLY KB 54 -92.38 25.03 -71.54
CA GLY KB 54 -93.72 25.14 -70.99
C GLY KB 54 -94.81 25.32 -72.01
N TRP KB 55 -94.51 25.23 -73.30
CA TRP KB 55 -95.52 25.37 -74.36
C TRP KB 55 -96.34 24.11 -74.41
N THR KB 56 -97.56 24.15 -73.85
CA THR KB 56 -98.40 22.98 -73.83
C THR KB 56 -99.68 23.28 -74.60
N PHE KB 57 -100.41 22.22 -74.95
CA PHE KB 57 -101.75 22.40 -75.47
C PHE KB 57 -102.70 22.75 -74.33
N ASP KB 58 -103.86 23.29 -74.71
CA ASP KB 58 -104.92 23.59 -73.74
C ASP KB 58 -105.94 22.47 -73.77
N GLY KB 59 -106.35 22.03 -72.58
CA GLY KB 59 -107.35 20.98 -72.46
C GLY KB 59 -106.78 19.75 -71.78
N TYR KB 60 -107.45 18.63 -71.98
CA TYR KB 60 -107.12 17.38 -71.33
C TYR KB 60 -106.53 16.41 -72.36
N LEU KB 61 -105.37 15.83 -72.04
CA LEU KB 61 -104.86 14.73 -72.84
C LEU KB 61 -105.74 13.50 -72.67
N SER KB 62 -106.08 13.19 -71.42
CA SER KB 62 -107.00 12.09 -71.10
C SER KB 62 -108.08 12.63 -70.18
N PRO KB 63 -109.28 12.94 -70.70
CA PRO KB 63 -110.36 13.41 -69.83
C PRO KB 63 -110.95 12.34 -68.93
N SER KB 64 -110.92 11.06 -69.31
CA SER KB 64 -111.45 10.03 -68.41
C SER KB 64 -110.49 9.71 -67.26
N GLN KB 65 -109.20 10.03 -67.41
CA GLN KB 65 -108.29 9.98 -66.28
C GLN KB 65 -108.03 11.36 -65.69
N GLY KB 66 -108.59 12.41 -66.29
CA GLY KB 66 -108.46 13.76 -65.76
C GLY KB 66 -107.06 14.33 -65.86
N LEU KB 67 -106.25 13.83 -66.79
CA LEU KB 67 -104.85 14.23 -66.90
C LEU KB 67 -104.74 15.33 -67.95
N LYS KB 68 -104.46 16.54 -67.49
CA LYS KB 68 -104.29 17.71 -68.35
C LYS KB 68 -102.97 17.60 -69.11
N PHE KB 69 -102.84 18.42 -70.16
CA PHE KB 69 -101.55 18.56 -70.82
C PHE KB 69 -100.56 19.28 -69.94
N SER KB 70 -101.07 20.16 -69.07
CA SER KB 70 -100.22 20.93 -68.18
C SER KB 70 -99.61 20.07 -67.07
N ASP KB 71 -100.24 18.95 -66.69
CA ASP KB 71 -99.59 18.23 -65.61
C ASP KB 71 -98.84 16.98 -66.07
N ILE KB 72 -98.34 17.00 -67.31
CA ILE KB 72 -97.25 16.13 -67.76
C ILE KB 72 -95.93 16.84 -67.54
N ASP KB 73 -95.02 16.19 -66.79
CA ASP KB 73 -93.61 16.57 -66.72
C ASP KB 73 -92.93 16.78 -68.08
N SER KB 74 -92.12 17.83 -68.13
CA SER KB 74 -91.34 18.19 -69.30
C SER KB 74 -90.00 17.46 -69.35
N GLY KB 75 -89.80 16.49 -68.47
CA GLY KB 75 -88.53 15.82 -68.37
C GLY KB 75 -88.55 14.43 -68.97
N ILE KB 76 -87.70 13.54 -68.46
CA ILE KB 76 -87.59 12.20 -69.03
C ILE KB 76 -88.71 11.27 -68.60
N GLY KB 77 -89.53 11.68 -67.64
CA GLY KB 77 -90.67 10.89 -67.20
C GLY KB 77 -91.99 11.30 -67.77
N GLY KB 78 -92.02 12.26 -68.70
CA GLY KB 78 -93.27 12.77 -69.23
C GLY KB 78 -93.95 11.87 -70.24
N LEU KB 79 -93.21 10.99 -70.91
CA LEU KB 79 -93.85 10.07 -71.85
C LEU KB 79 -94.66 9.01 -71.14
N PHE KB 80 -94.26 8.65 -69.93
CA PHE KB 80 -94.87 7.56 -69.17
C PHE KB 80 -95.88 8.07 -68.16
N GLN KB 81 -95.98 9.40 -68.05
CA GLN KB 81 -97.14 10.10 -67.50
C GLN KB 81 -98.41 9.72 -68.27
N VAL KB 82 -98.26 9.56 -69.59
CA VAL KB 82 -99.36 9.36 -70.55
C VAL KB 82 -100.00 7.99 -70.30
N PRO KB 83 -101.33 7.86 -70.36
CA PRO KB 83 -101.96 6.57 -70.15
C PRO KB 83 -101.60 5.58 -71.26
N PRO KB 84 -101.47 4.29 -70.93
CA PRO KB 84 -101.04 3.31 -71.95
C PRO KB 84 -102.08 3.02 -72.99
N ALA KB 85 -103.35 3.34 -72.74
CA ALA KB 85 -104.34 3.31 -73.82
C ALA KB 85 -104.05 4.41 -74.83
N GLY KB 86 -103.47 5.51 -74.39
CA GLY KB 86 -103.16 6.61 -75.26
C GLY KB 86 -101.87 6.45 -76.02
N LEU KB 87 -100.84 5.88 -75.42
CA LEU KB 87 -99.63 5.81 -76.21
C LEU KB 87 -99.52 4.48 -76.94
N ALA KB 88 -100.45 3.54 -76.71
CA ALA KB 88 -100.64 2.46 -77.66
C ALA KB 88 -101.10 3.00 -79.00
N GLN KB 89 -101.83 4.12 -79.00
CA GLN KB 89 -102.14 4.83 -80.23
C GLN KB 89 -100.89 5.41 -80.88
N ILE KB 90 -99.92 5.85 -80.07
CA ILE KB 90 -98.67 6.39 -80.62
C ILE KB 90 -97.83 5.28 -81.23
N ILE KB 91 -97.73 4.15 -80.54
CA ILE KB 91 -96.92 3.03 -81.03
C ILE KB 91 -97.56 2.40 -82.27
N LEU KB 92 -98.89 2.33 -82.32
CA LEU KB 92 -99.57 1.75 -83.47
C LEU KB 92 -99.49 2.63 -84.72
N LEU KB 93 -99.55 3.95 -84.58
CA LEU KB 93 -99.41 4.80 -85.78
C LEU KB 93 -97.96 4.85 -86.23
N CYS KB 94 -97.02 5.02 -85.29
CA CYS KB 94 -95.61 5.04 -85.64
C CYS KB 94 -95.13 3.69 -86.14
N GLY KB 95 -95.69 2.60 -85.61
CA GLY KB 95 -95.38 1.29 -86.14
C GLY KB 95 -95.95 1.06 -87.53
N PHE KB 96 -97.08 1.70 -87.82
CA PHE KB 96 -97.64 1.59 -89.16
C PHE KB 96 -96.82 2.37 -90.18
N VAL KB 97 -96.20 3.47 -89.76
CA VAL KB 97 -95.30 4.19 -90.66
C VAL KB 97 -94.04 3.39 -90.91
N GLU KB 98 -93.51 2.75 -89.86
CA GLU KB 98 -92.26 1.99 -89.94
C GLU KB 98 -92.36 0.75 -90.80
N LEU KB 99 -93.57 0.27 -91.08
CA LEU KB 99 -93.74 -0.94 -91.88
C LEU KB 99 -94.38 -0.70 -93.22
N ALA KB 100 -95.22 0.33 -93.36
CA ALA KB 100 -95.97 0.54 -94.59
C ALA KB 100 -95.56 1.82 -95.31
N TRP KB 101 -95.61 2.97 -94.64
CA TRP KB 101 -95.47 4.23 -95.34
C TRP KB 101 -94.02 4.64 -95.52
N TRP KB 102 -93.25 4.66 -94.43
CA TRP KB 102 -91.80 4.87 -94.48
C TRP KB 102 -91.17 3.58 -93.95
N PRO KB 103 -91.06 2.54 -94.77
CA PRO KB 103 -90.60 1.24 -94.26
C PRO KB 103 -89.13 1.30 -93.89
N ALA KB 104 -88.84 1.10 -92.60
CA ALA KB 104 -87.49 1.25 -92.09
C ALA KB 104 -86.56 0.15 -92.55
N SER KB 105 -87.12 -0.92 -93.10
CA SER KB 105 -86.41 -1.90 -93.93
C SER KB 105 -85.68 -1.30 -95.13
N ASN KB 106 -86.15 -0.18 -95.67
CA ASN KB 106 -85.46 0.52 -96.75
C ASN KB 106 -84.18 1.12 -96.20
N LEU KB 107 -83.02 0.52 -96.54
CA LEU KB 107 -81.76 1.01 -96.02
C LEU KB 107 -81.28 2.28 -96.71
N SER KB 108 -81.92 2.67 -97.83
CA SER KB 108 -81.51 3.88 -98.53
C SER KB 108 -81.93 5.14 -97.79
N GLY KB 109 -83.03 5.08 -97.03
CA GLY KB 109 -83.55 6.25 -96.35
C GLY KB 109 -84.41 7.16 -97.21
N ASP KB 110 -84.30 7.10 -98.54
CA ASP KB 110 -85.30 7.72 -99.42
C ASP KB 110 -86.68 7.16 -99.17
N TYR KB 111 -87.64 8.05 -98.94
CA TYR KB 111 -89.04 7.68 -99.03
C TYR KB 111 -89.80 8.62 -99.94
N GLY KB 112 -89.08 9.26 -100.87
CA GLY KB 112 -89.70 10.11 -101.87
C GLY KB 112 -90.17 11.45 -101.37
N VAL KB 113 -89.77 11.88 -100.18
CA VAL KB 113 -90.32 13.11 -99.64
C VAL KB 113 -89.51 14.25 -100.28
N ARG KB 114 -90.15 14.93 -101.23
CA ARG KB 114 -89.52 16.00 -101.98
C ARG KB 114 -90.39 17.24 -101.86
N LEU KB 115 -89.79 18.33 -101.44
CA LEU KB 115 -90.49 19.59 -101.27
C LEU KB 115 -89.90 20.57 -102.29
N GLY KB 116 -90.49 20.52 -103.49
CA GLY KB 116 -89.84 20.67 -104.77
C GLY KB 116 -88.78 21.71 -104.98
N THR KB 117 -89.14 23.00 -104.99
CA THR KB 117 -88.17 24.04 -105.34
C THR KB 117 -87.19 24.31 -104.21
N LEU KB 118 -87.48 23.84 -102.99
CA LEU KB 118 -86.50 23.93 -101.92
C LEU KB 118 -85.42 22.87 -102.03
N ASN KB 119 -85.60 21.85 -102.89
CA ASN KB 119 -84.51 20.98 -103.32
C ASN KB 119 -84.67 20.64 -104.80
N ASP KB 120 -84.15 21.50 -105.68
CA ASP KB 120 -84.03 21.16 -107.10
C ASP KB 120 -82.63 20.61 -107.33
N TRP KB 121 -82.46 19.35 -106.94
CA TRP KB 121 -81.15 18.71 -106.97
C TRP KB 121 -80.62 18.50 -108.37
N GLU KB 122 -81.50 18.45 -109.37
CA GLU KB 122 -81.04 18.23 -110.73
C GLU KB 122 -80.38 19.45 -111.32
N GLU KB 123 -80.70 20.66 -110.83
CA GLU KB 123 -79.99 21.79 -111.42
C GLU KB 123 -78.95 22.38 -110.47
N GLN KB 124 -79.08 22.12 -109.17
CA GLN KB 124 -78.01 22.43 -108.21
C GLN KB 124 -77.67 21.17 -107.40
N PRO KB 125 -76.68 20.40 -107.85
CA PRO KB 125 -76.26 19.21 -107.09
C PRO KB 125 -75.48 19.55 -105.83
N ALA KB 126 -74.96 20.78 -105.71
CA ALA KB 126 -74.29 21.20 -104.49
C ALA KB 126 -75.29 21.37 -103.36
N LYS KB 127 -76.55 21.69 -103.68
CA LYS KB 127 -77.59 21.74 -102.65
C LYS KB 127 -77.99 20.35 -102.20
N TYR KB 128 -77.80 19.34 -103.07
CA TYR KB 128 -78.04 17.96 -102.66
C TYR KB 128 -77.03 17.54 -101.61
N TYR KB 129 -75.75 17.86 -101.84
CA TYR KB 129 -74.73 17.50 -100.87
C TYR KB 129 -74.82 18.35 -99.61
N ARG KB 130 -75.35 19.56 -99.72
CA ARG KB 130 -75.52 20.38 -98.52
C ARG KB 130 -76.64 19.85 -97.64
N GLN KB 131 -77.77 19.46 -98.25
CA GLN KB 131 -78.89 18.96 -97.48
C GLN KB 131 -78.72 17.50 -97.06
N LYS KB 132 -77.88 16.73 -97.76
CA LYS KB 132 -77.65 15.37 -97.31
C LYS KB 132 -76.70 15.33 -96.12
N ASN KB 133 -75.69 16.19 -96.12
CA ASN KB 133 -74.78 16.24 -94.98
C ASN KB 133 -75.44 16.86 -93.77
N ALA KB 134 -76.31 17.85 -93.99
CA ALA KB 134 -76.96 18.51 -92.86
C ALA KB 134 -78.06 17.68 -92.25
N GLU KB 135 -78.55 16.64 -92.94
CA GLU KB 135 -79.47 15.72 -92.30
C GLU KB 135 -78.73 14.81 -91.35
N LEU KB 136 -77.52 14.40 -91.72
CA LEU KB 136 -76.70 13.58 -90.84
C LEU KB 136 -76.14 14.41 -89.70
N ASN KB 137 -75.58 15.58 -90.02
CA ASN KB 137 -74.88 16.39 -89.02
C ASN KB 137 -75.83 16.92 -87.96
N ASN KB 138 -77.02 17.36 -88.36
CA ASN KB 138 -78.02 17.75 -87.37
C ASN KB 138 -78.57 16.55 -86.64
N GLY KB 139 -78.57 15.38 -87.28
CA GLY KB 139 -78.98 14.18 -86.59
C GLY KB 139 -77.94 13.65 -85.64
N ARG KB 140 -76.66 13.83 -85.97
CA ARG KB 140 -75.59 13.41 -85.08
C ARG KB 140 -75.50 14.33 -83.86
N ALA KB 141 -75.67 15.64 -84.06
CA ALA KB 141 -75.61 16.56 -82.94
C ALA KB 141 -76.82 16.42 -82.04
N ALA KB 142 -77.97 16.08 -82.60
CA ALA KB 142 -79.16 15.85 -81.78
C ALA KB 142 -79.16 14.47 -81.14
N MET KB 143 -78.39 13.52 -81.68
CA MET KB 143 -78.23 12.23 -81.02
C MET KB 143 -77.44 12.38 -79.74
N MET KB 144 -76.42 13.24 -79.75
CA MET KB 144 -75.64 13.51 -78.56
C MET KB 144 -76.35 14.48 -77.64
N GLY KB 145 -77.18 15.35 -78.18
CA GLY KB 145 -77.98 16.23 -77.35
C GLY KB 145 -79.04 15.51 -76.55
N ILE KB 146 -79.68 14.50 -77.15
CA ILE KB 146 -80.69 13.75 -76.41
C ILE KB 146 -80.04 12.77 -75.46
N LEU KB 147 -78.80 12.35 -75.72
CA LEU KB 147 -78.04 11.64 -74.69
C LEU KB 147 -77.57 12.62 -73.63
N GLY KB 148 -77.38 13.88 -73.99
CA GLY KB 148 -77.12 14.89 -72.98
C GLY KB 148 -78.34 15.16 -72.12
N THR KB 149 -79.50 15.32 -72.76
CA THR KB 149 -80.72 15.71 -72.06
C THR KB 149 -81.16 14.60 -71.11
N PHE KB 150 -80.96 13.34 -71.53
CA PHE KB 150 -81.36 12.20 -70.72
C PHE KB 150 -80.50 12.06 -69.47
N THR KB 151 -79.17 12.07 -69.63
CA THR KB 151 -78.30 11.83 -68.49
C THR KB 151 -78.17 13.02 -67.55
N HIS KB 152 -78.39 14.24 -68.04
CA HIS KB 152 -78.40 15.39 -67.14
C HIS KB 152 -79.59 15.36 -66.18
N GLU KB 153 -80.69 14.74 -66.59
CA GLU KB 153 -81.80 14.58 -65.68
C GLU KB 153 -81.57 13.43 -64.71
N VAL KB 154 -80.86 12.39 -65.15
CA VAL KB 154 -80.59 11.24 -64.30
C VAL KB 154 -79.65 11.61 -63.16
N ILE KB 155 -78.53 12.25 -63.48
CA ILE KB 155 -77.51 12.54 -62.47
C ILE KB 155 -77.88 13.71 -61.57
N THR KB 156 -78.86 14.53 -61.93
CA THR KB 156 -79.24 15.66 -61.10
C THR KB 156 -80.62 15.52 -60.48
N GLY KB 157 -81.49 14.69 -61.04
CA GLY KB 157 -82.85 14.58 -60.57
C GLY KB 157 -83.79 15.64 -61.07
N GLN KB 158 -83.27 16.77 -61.56
CA GLN KB 158 -84.07 17.84 -62.12
C GLN KB 158 -84.10 17.71 -63.64
N ASN KB 159 -85.19 18.15 -64.23
CA ASN KB 159 -85.28 18.21 -65.68
C ASN KB 159 -84.55 19.46 -66.18
N PHE KB 160 -84.63 19.73 -67.48
CA PHE KB 160 -83.84 20.82 -68.03
C PHE KB 160 -84.40 22.18 -67.65
N ALA KB 161 -85.70 22.29 -67.44
CA ALA KB 161 -86.26 23.56 -66.97
C ALA KB 161 -85.90 23.80 -65.51
N GLU KB 162 -85.79 22.74 -64.71
CA GLU KB 162 -85.54 22.92 -63.29
C GLU KB 162 -84.06 23.10 -63.00
N GLN KB 163 -83.18 22.42 -63.73
CA GLN KB 163 -81.76 22.62 -63.48
C GLN KB 163 -81.22 23.89 -64.11
N ALA KB 164 -81.96 24.50 -65.04
CA ALA KB 164 -81.56 25.79 -65.57
C ALA KB 164 -82.11 26.94 -64.75
N ALA KB 165 -83.23 26.71 -64.05
CA ALA KB 165 -83.71 27.71 -63.09
C ALA KB 165 -82.79 27.81 -61.89
N ALA KB 166 -82.21 26.69 -61.46
CA ALA KB 166 -81.29 26.69 -60.34
C ALA KB 166 -79.87 27.04 -60.74
N GLY KB 167 -79.59 27.17 -62.03
CA GLY KB 167 -78.23 27.41 -62.49
C GLY KB 167 -77.30 26.25 -62.30
N HIS KB 168 -77.84 25.05 -62.13
CA HIS KB 168 -77.06 23.87 -61.79
C HIS KB 168 -76.43 23.31 -63.06
N PHE KB 169 -75.26 23.87 -63.41
CA PHE KB 169 -74.55 23.48 -64.62
C PHE KB 169 -73.10 23.14 -64.32
N SER KB 170 -72.84 22.64 -63.11
CA SER KB 170 -71.49 22.26 -62.76
C SER KB 170 -71.57 21.09 -61.79
N PRO KB 171 -70.85 20.01 -62.06
CA PRO KB 171 -70.86 18.87 -61.13
C PRO KB 171 -69.81 18.98 -60.04
N PHE KB 172 -69.62 20.17 -59.49
CA PHE KB 172 -68.59 20.39 -58.49
C PHE KB 172 -69.18 21.25 -57.38
N GLY KB 173 -69.02 20.80 -56.15
CA GLY KB 173 -69.56 21.52 -55.02
C GLY KB 173 -71.00 21.20 -54.70
N ASP KB 174 -71.73 20.57 -55.60
CA ASP KB 174 -73.09 20.14 -55.32
C ASP KB 174 -73.09 18.90 -54.45
N GLY KB 175 -74.25 18.56 -53.93
CA GLY KB 175 -74.35 17.37 -53.12
C GLY KB 175 -74.53 16.08 -53.89
N GLN KB 176 -74.33 16.09 -55.20
CA GLN KB 176 -74.56 14.93 -56.05
C GLN KB 176 -73.25 14.43 -56.62
N GLY KB 177 -73.13 13.12 -56.71
CA GLY KB 177 -71.89 12.50 -57.17
C GLY KB 177 -70.80 12.59 -56.12
N PHE KB 178 -69.67 11.97 -56.43
CA PHE KB 178 -68.48 12.18 -55.61
C PHE KB 178 -67.57 13.25 -56.21
N PHE KB 179 -68.15 14.39 -56.55
CA PHE KB 179 -67.39 15.51 -57.08
C PHE KB 179 -68.09 16.81 -56.71
N SER LB 1 -67.28 38.34 -112.76
CA SER LB 1 -66.32 38.12 -111.69
C SER LB 1 -66.66 39.07 -110.57
N GLU LB 2 -65.70 39.41 -109.72
CA GLU LB 2 -66.03 40.20 -108.55
C GLU LB 2 -65.69 41.67 -108.70
N ILE LB 3 -64.75 42.01 -109.59
CA ILE LB 3 -64.31 43.41 -109.69
C ILE LB 3 -65.33 44.33 -110.34
N GLU LB 4 -66.32 43.82 -111.08
CA GLU LB 4 -67.34 44.72 -111.62
C GLU LB 4 -68.62 44.77 -110.80
N LEU LB 5 -68.78 43.93 -109.78
CA LEU LB 5 -69.94 44.07 -108.91
C LEU LB 5 -69.61 44.91 -107.69
N GLY LB 6 -70.62 45.57 -107.14
CA GLY LB 6 -70.45 46.73 -106.30
C GLY LB 6 -70.50 48.04 -107.05
N ALA LB 7 -70.64 47.98 -108.37
CA ALA LB 7 -70.66 49.16 -109.23
C ALA LB 7 -72.02 49.23 -109.91
N THR LB 8 -72.90 50.06 -109.38
CA THR LB 8 -74.24 50.20 -109.92
C THR LB 8 -74.38 51.54 -110.64
N GLU LB 9 -75.62 51.85 -111.02
CA GLU LB 9 -75.90 52.87 -112.03
C GLU LB 9 -75.44 54.29 -111.65
N PRO LB 10 -75.83 54.90 -110.50
CA PRO LB 10 -75.61 56.36 -110.38
C PRO LB 10 -74.17 56.78 -110.20
N LEU LB 11 -73.26 55.89 -109.83
CA LEU LB 11 -71.87 56.26 -109.68
C LEU LB 11 -70.90 55.49 -110.55
N GLY LB 12 -71.30 54.36 -111.13
CA GLY LB 12 -70.35 53.55 -111.87
C GLY LB 12 -69.37 52.88 -110.93
N VAL LB 13 -68.13 52.72 -111.39
CA VAL LB 13 -67.10 52.13 -110.56
C VAL LB 13 -66.58 53.35 -109.80
N PHE LB 14 -66.85 53.42 -108.50
CA PHE LB 14 -66.65 54.66 -107.75
C PHE LB 14 -65.49 54.47 -106.78
N ASP LB 15 -64.34 55.04 -107.11
CA ASP LB 15 -63.14 54.94 -106.29
C ASP LB 15 -62.37 56.25 -106.34
N PRO LB 16 -62.77 57.23 -105.52
CA PRO LB 16 -62.09 58.53 -105.53
C PRO LB 16 -60.67 58.49 -104.98
N LEU LB 17 -60.28 57.44 -104.24
CA LEU LB 17 -58.87 57.40 -103.90
C LEU LB 17 -58.05 56.68 -104.96
N GLY LB 18 -58.69 56.01 -105.91
CA GLY LB 18 -57.99 55.42 -107.03
C GLY LB 18 -57.22 54.16 -106.71
N TRP LB 19 -57.60 53.44 -105.65
CA TRP LB 19 -56.88 52.25 -105.24
C TRP LB 19 -57.18 51.02 -106.09
N LEU LB 20 -58.08 51.12 -107.07
CA LEU LB 20 -58.26 50.01 -108.00
C LEU LB 20 -57.13 49.99 -109.02
N GLU LB 21 -56.78 51.15 -109.56
CA GLU LB 21 -55.67 51.24 -110.50
C GLU LB 21 -54.33 51.18 -109.80
N THR LB 22 -54.29 51.56 -108.52
CA THR LB 22 -53.03 51.67 -107.80
C THR LB 22 -52.67 50.36 -107.09
N GLU LB 23 -53.61 49.79 -106.35
CA GLU LB 23 -53.42 48.53 -105.63
C GLU LB 23 -54.49 47.52 -105.97
N PRO LB 24 -54.34 46.83 -107.11
CA PRO LB 24 -55.28 45.75 -107.46
C PRO LB 24 -55.04 44.46 -106.69
N GLU LB 25 -53.91 44.31 -106.00
CA GLU LB 25 -53.65 43.08 -105.26
C GLU LB 25 -54.49 43.04 -103.97
N ALA LB 26 -54.81 44.21 -103.43
CA ALA LB 26 -55.55 44.29 -102.16
C ALA LB 26 -57.05 44.37 -102.35
N PHE LB 27 -57.56 44.20 -103.57
CA PHE LB 27 -58.98 44.45 -103.81
C PHE LB 27 -59.86 43.33 -103.28
N GLU LB 28 -59.46 42.07 -103.45
CA GLU LB 28 -60.41 41.02 -103.11
C GLU LB 28 -60.49 40.80 -101.60
N ARG LB 29 -59.42 41.14 -100.88
CA ARG LB 29 -59.64 41.24 -99.44
C ARG LB 29 -60.48 42.46 -99.08
N ARG LB 30 -60.28 43.59 -99.76
CA ARG LB 30 -61.04 44.80 -99.44
C ARG LB 30 -62.50 44.66 -99.85
N ARG LB 31 -62.78 43.82 -100.85
CA ARG LB 31 -64.16 43.47 -101.13
C ARG LB 31 -64.73 42.59 -100.03
N ALA LB 32 -63.92 41.64 -99.53
CA ALA LB 32 -64.35 40.77 -98.44
C ALA LB 32 -64.59 41.54 -97.16
N VAL LB 33 -63.81 42.60 -96.91
CA VAL LB 33 -64.05 43.42 -95.74
C VAL LB 33 -65.32 44.23 -95.93
N GLU LB 34 -65.53 44.75 -97.15
CA GLU LB 34 -66.73 45.52 -97.47
C GLU LB 34 -68.00 44.67 -97.36
N ARG LB 35 -67.93 43.43 -97.84
CA ARG LB 35 -69.08 42.54 -97.75
C ARG LB 35 -69.34 42.13 -96.30
N LYS LB 36 -68.28 41.91 -95.52
CA LYS LB 36 -68.47 41.52 -94.12
C LYS LB 36 -68.95 42.68 -93.28
N HIS LB 37 -68.35 43.87 -93.45
CA HIS LB 37 -68.84 45.07 -92.79
C HIS LB 37 -70.27 45.38 -93.18
N GLY LB 38 -70.64 45.08 -94.43
CA GLY LB 38 -72.02 45.23 -94.83
C GLY LB 38 -72.95 44.30 -94.09
N ARG LB 39 -72.63 43.00 -94.10
CA ARG LB 39 -73.49 41.99 -93.49
C ARG LB 39 -73.58 42.15 -91.97
N VAL LB 40 -72.51 42.63 -91.33
CA VAL LB 40 -72.57 42.93 -89.91
C VAL LB 40 -73.49 44.13 -89.66
N ALA LB 41 -73.38 45.17 -90.48
CA ALA LB 41 -74.17 46.37 -90.26
C ALA LB 41 -75.64 46.16 -90.59
N MET LB 42 -75.95 45.23 -91.49
CA MET LB 42 -77.33 44.97 -91.82
C MET LB 42 -78.07 44.31 -90.66
N ALA LB 43 -77.43 43.36 -89.99
CA ALA LB 43 -78.01 42.79 -88.79
C ALA LB 43 -77.98 43.79 -87.65
N ALA LB 44 -77.05 44.74 -87.68
CA ALA LB 44 -76.98 45.76 -86.63
C ALA LB 44 -78.08 46.79 -86.78
N VAL LB 45 -78.38 47.20 -88.02
CA VAL LB 45 -79.47 48.16 -88.25
C VAL LB 45 -80.81 47.52 -87.91
N VAL LB 46 -81.05 46.29 -88.38
CA VAL LB 46 -82.26 45.54 -88.07
C VAL LB 46 -82.40 45.32 -86.57
N GLY LB 47 -81.28 45.12 -85.87
CA GLY LB 47 -81.32 44.97 -84.43
C GLY LB 47 -81.79 46.22 -83.71
N THR LB 48 -81.37 47.40 -84.19
CA THR LB 48 -81.78 48.65 -83.55
C THR LB 48 -83.26 48.93 -83.74
N ILE LB 49 -83.85 48.48 -84.86
CA ILE LB 49 -85.29 48.62 -85.01
C ILE LB 49 -86.02 47.70 -84.03
N VAL LB 50 -85.52 46.47 -83.86
CA VAL LB 50 -86.19 45.51 -82.99
C VAL LB 50 -86.04 45.87 -81.53
N HIS LB 51 -84.85 46.38 -81.13
CA HIS LB 51 -84.65 46.79 -79.75
C HIS LB 51 -85.54 47.97 -79.37
N ASN LB 52 -85.57 48.99 -80.22
CA ASN LB 52 -86.28 50.23 -79.93
C ASN LB 52 -87.78 50.11 -80.12
N ASN LB 53 -88.25 49.03 -80.75
CA ASN LB 53 -89.67 48.70 -80.77
C ASN LB 53 -90.11 47.93 -79.54
N HIS LB 54 -89.21 47.77 -78.56
CA HIS LB 54 -89.46 47.10 -77.29
C HIS LB 54 -89.91 45.66 -77.48
N ILE LB 55 -89.34 45.01 -78.50
CA ILE LB 55 -89.49 43.57 -78.68
C ILE LB 55 -88.41 42.91 -77.85
N VAL LB 56 -88.78 42.42 -76.67
CA VAL LB 56 -87.87 41.70 -75.78
C VAL LB 56 -88.39 40.28 -75.64
N PHE LB 57 -87.55 39.41 -75.08
CA PHE LB 57 -87.98 38.02 -75.05
C PHE LB 57 -88.96 37.75 -73.92
N ASP LB 58 -88.43 37.60 -72.70
CA ASP LB 58 -89.06 37.50 -71.38
C ASP LB 58 -87.97 37.19 -70.36
N GLY LB 59 -88.29 37.41 -69.09
CA GLY LB 59 -87.47 36.90 -68.01
C GLY LB 59 -86.12 37.59 -67.90
N TYR LB 60 -85.18 36.85 -67.32
CA TYR LB 60 -83.87 37.38 -66.94
C TYR LB 60 -82.81 36.85 -67.88
N ILE LB 61 -82.00 37.76 -68.42
CA ILE LB 61 -80.80 37.31 -69.12
C ILE LB 61 -79.76 36.81 -68.11
N SER LB 62 -79.79 37.32 -66.88
CA SER LB 62 -78.85 36.90 -65.85
C SER LB 62 -79.58 36.92 -64.52
N PRO LB 63 -80.14 35.78 -64.09
CA PRO LB 63 -80.87 35.75 -62.81
C PRO LB 63 -79.98 35.89 -61.59
N SER LB 64 -78.68 35.60 -61.68
CA SER LB 64 -77.79 35.88 -60.56
C SER LB 64 -77.62 37.38 -60.36
N ASN LB 65 -77.49 38.10 -61.46
CA ASN LB 65 -77.36 39.55 -61.50
C ASN LB 65 -78.68 40.26 -61.31
N ASN LB 66 -79.80 39.52 -61.32
CA ASN LB 66 -81.17 40.04 -61.30
C ASN LB 66 -81.36 41.09 -62.38
N LEU LB 67 -81.23 40.64 -63.62
CA LEU LB 67 -81.17 41.55 -64.76
C LEU LB 67 -82.05 40.98 -65.86
N LYS LB 68 -83.20 41.62 -66.07
CA LYS LB 68 -84.14 41.16 -67.09
C LYS LB 68 -83.65 41.54 -68.48
N PHE LB 69 -84.35 41.00 -69.49
CA PHE LB 69 -84.08 41.39 -70.87
C PHE LB 69 -84.58 42.80 -71.15
N SER LB 70 -85.68 43.20 -70.51
CA SER LB 70 -86.19 44.56 -70.65
C SER LB 70 -85.36 45.58 -69.88
N ASP LB 71 -84.57 45.15 -68.90
CA ASP LB 71 -83.63 45.98 -68.18
C ASP LB 71 -82.44 46.39 -69.04
N ILE LB 72 -82.19 45.71 -70.16
CA ILE LB 72 -81.18 46.11 -71.13
C ILE LB 72 -81.61 47.41 -71.79
N PRO LB 73 -80.76 48.42 -71.86
CA PRO LB 73 -81.09 49.61 -72.66
C PRO LB 73 -81.05 49.29 -74.15
N THR LB 74 -81.82 50.08 -74.90
CA THR LB 74 -82.00 49.87 -76.33
C THR LB 74 -81.09 50.76 -77.17
N GLY LB 75 -79.95 51.17 -76.63
CA GLY LB 75 -79.08 52.10 -77.31
C GLY LB 75 -77.67 51.57 -77.43
N ILE LB 76 -76.70 52.46 -77.21
CA ILE LB 76 -75.30 52.08 -77.33
C ILE LB 76 -74.91 51.20 -76.16
N ASP LB 77 -75.60 51.38 -75.04
CA ASP LB 77 -75.15 50.92 -73.75
C ASP LB 77 -75.72 49.53 -73.48
N GLY LB 78 -76.39 48.94 -74.46
CA GLY LB 78 -77.13 47.70 -74.33
C GLY LB 78 -76.26 46.47 -74.33
N ILE LB 79 -75.33 46.39 -75.28
CA ILE LB 79 -74.41 45.26 -75.34
C ILE LB 79 -73.39 45.32 -74.22
N PHE LB 80 -73.18 46.49 -73.62
CA PHE LB 80 -72.26 46.63 -72.50
C PHE LB 80 -72.95 46.54 -71.15
N SER LB 81 -74.28 46.56 -71.13
CA SER LB 81 -74.99 46.26 -69.90
C SER LB 81 -75.18 44.76 -69.67
N VAL LB 82 -74.70 43.92 -70.59
CA VAL LB 82 -74.90 42.48 -70.49
C VAL LB 82 -73.72 42.09 -69.61
N PRO LB 83 -73.85 41.14 -68.68
CA PRO LB 83 -72.72 40.81 -67.80
C PRO LB 83 -71.54 40.21 -68.55
N THR LB 84 -70.38 40.39 -67.93
CA THR LB 84 -69.07 40.00 -68.48
C THR LB 84 -68.98 38.51 -68.82
N ALA LB 85 -69.64 37.66 -68.05
CA ALA LB 85 -69.67 36.23 -68.38
C ALA LB 85 -70.66 35.94 -69.49
N GLY LB 86 -71.64 36.81 -69.69
CA GLY LB 86 -72.56 36.66 -70.79
C GLY LB 86 -71.98 37.17 -72.09
N LEU LB 87 -71.24 38.28 -72.02
CA LEU LB 87 -70.56 38.82 -73.19
C LEU LB 87 -69.47 37.89 -73.69
N ALA LB 88 -68.85 37.13 -72.79
CA ALA LB 88 -67.83 36.18 -73.20
C ALA LB 88 -68.44 34.97 -73.90
N GLN LB 89 -69.72 34.68 -73.62
CA GLN LB 89 -70.39 33.59 -74.31
C GLN LB 89 -70.79 33.96 -75.73
N ILE LB 90 -71.09 35.24 -75.97
CA ILE LB 90 -71.42 35.70 -77.31
C ILE LB 90 -70.19 35.66 -78.20
N ILE LB 91 -69.08 36.20 -77.68
CA ILE LB 91 -67.88 36.36 -78.48
C ILE LB 91 -67.22 35.01 -78.74
N ALA LB 92 -67.37 34.07 -77.81
CA ALA LB 92 -66.85 32.71 -78.03
C ALA LB 92 -67.65 31.98 -79.10
N PHE LB 93 -68.97 32.19 -79.14
CA PHE LB 93 -69.76 31.56 -80.18
C PHE LB 93 -69.60 32.27 -81.52
N LEU LB 94 -69.52 33.61 -81.51
CA LEU LB 94 -69.32 34.35 -82.75
C LEU LB 94 -67.94 34.11 -83.33
N GLY LB 95 -66.96 33.79 -82.48
CA GLY LB 95 -65.67 33.36 -83.00
C GLY LB 95 -65.69 31.95 -83.52
N PHE LB 96 -66.61 31.13 -83.03
CA PHE LB 96 -66.81 29.81 -83.60
C PHE LB 96 -67.49 29.91 -84.96
N VAL LB 97 -68.39 30.88 -85.12
CA VAL LB 97 -69.05 31.05 -86.40
C VAL LB 97 -68.09 31.69 -87.41
N GLU LB 98 -67.28 32.65 -86.98
CA GLU LB 98 -66.42 33.39 -87.90
C GLU LB 98 -65.08 32.72 -88.15
N LEU LB 99 -64.87 31.50 -87.65
CA LEU LB 99 -63.61 30.80 -87.93
C LEU LB 99 -63.86 29.39 -88.44
N ALA LB 100 -64.95 28.77 -88.04
CA ALA LB 100 -65.23 27.39 -88.38
C ALA LB 100 -66.42 27.25 -89.33
N TRP LB 101 -67.59 27.78 -88.95
CA TRP LB 101 -68.79 27.60 -89.76
C TRP LB 101 -68.78 28.51 -90.98
N LEU LB 102 -68.65 29.81 -90.77
CA LEU LB 102 -68.48 30.79 -91.83
C LEU LB 102 -67.12 31.44 -91.66
N PRO LB 103 -66.05 30.78 -92.13
CA PRO LB 103 -64.70 31.30 -91.90
C PRO LB 103 -64.43 32.57 -92.70
N ALA LB 104 -64.18 33.66 -91.99
CA ALA LB 104 -64.01 34.95 -92.64
C ALA LB 104 -62.66 35.13 -93.32
N SER LB 105 -61.78 34.14 -93.28
CA SER LB 105 -60.61 34.19 -94.15
C SER LB 105 -60.93 33.76 -95.57
N GLN LB 106 -62.11 33.20 -95.80
CA GLN LB 106 -62.62 32.90 -97.13
C GLN LB 106 -63.16 34.20 -97.71
N TYR LB 107 -62.49 34.74 -98.73
CA TYR LB 107 -62.69 36.12 -99.15
C TYR LB 107 -63.76 36.31 -100.21
N ASP LB 108 -64.23 35.25 -100.86
CA ASP LB 108 -65.36 35.45 -101.76
C ASP LB 108 -66.70 35.44 -101.04
N GLY LB 109 -66.69 35.26 -99.72
CA GLY LB 109 -67.91 35.32 -98.94
C GLY LB 109 -68.88 34.18 -99.16
N ASP LB 110 -68.45 33.08 -99.77
CA ASP LB 110 -69.38 32.08 -100.25
C ASP LB 110 -69.10 30.87 -99.35
N TYR LB 111 -70.14 30.44 -98.63
CA TYR LB 111 -70.01 29.50 -97.51
C TYR LB 111 -70.94 28.30 -97.67
N GLY LB 112 -71.26 27.93 -98.91
CA GLY LB 112 -72.08 26.77 -99.16
C GLY LB 112 -73.57 27.04 -99.19
N VAL LB 113 -74.06 27.92 -98.35
CA VAL LB 113 -75.45 28.32 -98.43
C VAL LB 113 -75.56 29.42 -99.48
N GLY LB 114 -76.62 29.40 -100.26
CA GLY LB 114 -76.79 30.36 -101.34
C GLY LB 114 -77.59 31.56 -100.90
N TYR LB 115 -78.42 32.07 -101.81
CA TYR LB 115 -79.42 33.06 -101.44
C TYR LB 115 -80.70 32.32 -101.14
N PHE LB 116 -81.02 32.23 -99.85
CA PHE LB 116 -82.05 31.34 -99.31
C PHE LB 116 -81.80 29.90 -99.76
N GLY LB 117 -80.53 29.49 -99.68
CA GLY LB 117 -80.12 28.14 -99.99
C GLY LB 117 -79.81 27.88 -101.45
N ASN LB 118 -80.46 28.60 -102.36
CA ASN LB 118 -80.34 28.32 -103.78
C ASN LB 118 -79.16 29.06 -104.38
N ASP LB 119 -78.52 28.42 -105.35
CA ASP LB 119 -77.56 29.08 -106.21
C ASP LB 119 -78.33 29.83 -107.28
N ILE LB 120 -77.96 31.09 -107.53
CA ILE LB 120 -78.64 31.89 -108.55
C ILE LB 120 -78.12 31.37 -109.88
N LEU LB 121 -78.98 30.65 -110.61
CA LEU LB 121 -78.67 29.99 -111.88
C LEU LB 121 -78.16 31.00 -112.90
N ASP LB 122 -78.92 32.05 -113.10
CA ASP LB 122 -78.66 33.09 -114.08
C ASP LB 122 -77.49 33.98 -113.63
N PRO LB 123 -76.49 34.21 -114.48
CA PRO LB 123 -75.28 34.91 -114.01
C PRO LB 123 -75.45 36.39 -113.78
N GLU LB 124 -76.44 37.04 -114.38
CA GLU LB 124 -76.61 38.45 -114.05
C GLU LB 124 -77.76 38.68 -113.08
N GLU LB 125 -78.71 37.73 -112.97
CA GLU LB 125 -79.57 37.74 -111.79
C GLU LB 125 -78.74 37.47 -110.53
N LYS LB 126 -77.67 36.69 -110.65
CA LYS LB 126 -76.71 36.53 -109.57
C LYS LB 126 -75.98 37.83 -109.29
N ALA LB 127 -75.56 38.53 -110.35
CA ALA LB 127 -74.85 39.78 -110.17
C ALA LB 127 -75.77 40.90 -109.67
N ARG LB 128 -77.07 40.79 -109.91
CA ARG LB 128 -77.99 41.79 -109.40
C ARG LB 128 -78.18 41.65 -107.90
N LYS LB 129 -78.32 40.42 -107.41
CA LYS LB 129 -78.44 40.20 -105.98
C LYS LB 129 -77.09 40.31 -105.26
N LEU LB 130 -75.98 40.09 -105.97
CA LEU LB 130 -74.68 40.39 -105.40
C LEU LB 130 -74.47 41.89 -105.24
N ASN LB 131 -75.04 42.69 -106.13
CA ASN LB 131 -74.99 44.13 -105.96
C ASN LB 131 -75.99 44.61 -104.92
N ALA LB 132 -77.13 43.93 -104.80
CA ALA LB 132 -78.13 44.32 -103.80
C ALA LB 132 -77.66 44.00 -102.39
N GLU LB 133 -76.84 42.96 -102.22
CA GLU LB 133 -76.24 42.71 -100.91
C GLU LB 133 -75.22 43.79 -100.57
N LEU LB 134 -74.41 44.19 -101.54
CA LEU LB 134 -73.40 45.20 -101.30
C LEU LB 134 -74.03 46.57 -101.07
N ASN LB 135 -75.05 46.92 -101.85
CA ASN LB 135 -75.64 48.24 -101.73
C ASN LB 135 -76.46 48.39 -100.45
N ASN LB 136 -77.23 47.36 -100.09
CA ASN LB 136 -77.89 47.38 -98.79
C ASN LB 136 -76.88 47.28 -97.66
N GLY LB 137 -75.76 46.61 -97.90
CA GLY LB 137 -74.72 46.55 -96.88
C GLY LB 137 -74.00 47.86 -96.71
N ARG LB 138 -73.78 48.57 -97.82
CA ARG LB 138 -73.13 49.88 -97.72
C ARG LB 138 -74.08 50.91 -97.13
N ALA LB 139 -75.37 50.80 -97.45
CA ALA LB 139 -76.36 51.70 -96.86
C ALA LB 139 -76.56 51.44 -95.38
N ALA LB 140 -76.38 50.20 -94.93
CA ALA LB 140 -76.52 49.90 -93.52
C ALA LB 140 -75.30 50.26 -92.71
N MET LB 141 -74.13 50.36 -93.35
CA MET LB 141 -72.95 50.87 -92.67
C MET LB 141 -73.15 52.33 -92.26
N MET LB 142 -73.72 53.13 -93.15
CA MET LB 142 -74.04 54.51 -92.80
C MET LB 142 -75.26 54.58 -91.89
N GLY LB 143 -76.13 53.58 -91.95
CA GLY LB 143 -77.29 53.56 -91.09
C GLY LB 143 -76.97 53.24 -89.63
N ILE LB 144 -76.04 52.31 -89.40
CA ILE LB 144 -75.69 51.99 -88.02
C ILE LB 144 -74.74 53.04 -87.45
N MET LB 145 -73.90 53.65 -88.29
CA MET LB 145 -73.05 54.72 -87.81
C MET LB 145 -73.84 56.00 -87.61
N GLY LB 146 -74.84 56.22 -88.46
CA GLY LB 146 -75.73 57.34 -88.25
C GLY LB 146 -76.68 57.16 -87.10
N ASN LB 147 -76.82 55.94 -86.60
CA ASN LB 147 -77.63 55.72 -85.41
C ASN LB 147 -76.81 55.75 -84.14
N MET LB 148 -75.50 55.58 -84.24
CA MET LB 148 -74.63 55.52 -83.08
C MET LB 148 -74.13 56.90 -82.70
N VAL LB 149 -73.81 57.74 -83.68
CA VAL LB 149 -73.37 59.09 -83.36
C VAL LB 149 -74.54 59.97 -83.01
N ALA LB 150 -75.73 59.67 -83.55
CA ALA LB 150 -76.88 60.51 -83.27
C ALA LB 150 -77.54 60.15 -81.95
N GLU LB 151 -77.15 59.02 -81.36
CA GLU LB 151 -77.55 58.77 -79.99
C GLU LB 151 -76.62 59.49 -79.02
N LYS LB 152 -75.31 59.40 -79.24
CA LYS LB 152 -74.34 59.98 -78.32
C LYS LB 152 -74.23 61.50 -78.45
N ILE LB 153 -74.78 62.10 -79.50
CA ILE LB 153 -74.84 63.55 -79.61
C ILE LB 153 -76.11 64.10 -78.99
N THR LB 154 -77.26 63.51 -79.30
CA THR LB 154 -78.50 63.97 -78.70
C THR LB 154 -78.73 63.42 -77.30
N GLY LB 155 -77.91 62.47 -76.85
CA GLY LB 155 -78.02 61.93 -75.51
C GLY LB 155 -79.14 60.94 -75.29
N GLN LB 156 -80.01 60.72 -76.27
CA GLN LB 156 -81.17 59.86 -76.12
C GLN LB 156 -81.07 58.70 -77.09
N THR LB 157 -81.73 57.59 -76.74
CA THR LB 157 -81.80 56.48 -77.67
C THR LB 157 -82.86 56.75 -78.72
N MET LB 158 -83.06 55.79 -79.62
CA MET LB 158 -83.94 56.01 -80.75
C MET LB 158 -85.41 55.97 -80.39
N TYR LB 159 -85.73 55.34 -79.28
CA TYR LB 159 -87.11 55.41 -78.85
C TYR LB 159 -87.35 56.73 -78.12
N GLU LB 160 -86.46 57.02 -77.17
CA GLU LB 160 -86.41 58.27 -76.40
C GLU LB 160 -86.47 59.51 -77.29
N GLN LB 161 -85.65 59.54 -78.34
CA GLN LB 161 -85.62 60.69 -79.25
C GLN LB 161 -86.91 60.78 -80.05
N TYR LB 162 -87.48 59.65 -80.45
CA TYR LB 162 -88.63 59.68 -81.33
C TYR LB 162 -89.92 59.96 -80.55
N ALA LB 163 -90.07 59.37 -79.35
CA ALA LB 163 -91.02 59.81 -78.32
C ALA LB 163 -91.03 61.32 -78.12
N ALA LB 164 -89.86 61.91 -77.94
CA ALA LB 164 -89.76 63.35 -77.67
C ALA LB 164 -90.00 64.21 -78.90
N GLY LB 165 -90.00 63.63 -80.10
CA GLY LB 165 -90.10 64.43 -81.29
C GLY LB 165 -88.86 65.24 -81.59
N HIS LB 166 -87.71 64.81 -81.09
CA HIS LB 166 -86.45 65.54 -81.29
C HIS LB 166 -85.86 65.16 -82.65
N PHE LB 167 -86.52 65.63 -83.69
CA PHE LB 167 -86.12 65.34 -85.06
C PHE LB 167 -85.43 66.50 -85.76
N ASN LB 168 -85.84 67.74 -85.46
CA ASN LB 168 -85.24 68.88 -86.12
C ASN LB 168 -84.01 69.31 -85.34
N PRO LB 169 -82.81 69.27 -85.91
CA PRO LB 169 -81.62 69.72 -85.20
C PRO LB 169 -81.34 71.21 -85.26
N PHE LB 170 -82.27 72.02 -85.79
CA PHE LB 170 -82.05 73.44 -85.97
C PHE LB 170 -82.80 74.32 -84.97
N ASN LB 171 -83.85 73.81 -84.34
CA ASN LB 171 -84.63 74.60 -83.39
C ASN LB 171 -84.61 74.04 -81.97
N ASP LB 172 -83.72 73.11 -81.67
CA ASP LB 172 -83.56 72.58 -80.33
C ASP LB 172 -82.36 73.26 -79.67
N GLY LB 173 -81.91 72.74 -78.54
CA GLY LB 173 -80.67 73.18 -77.97
C GLY LB 173 -79.52 72.26 -78.29
N GLU LB 174 -78.73 72.61 -79.31
CA GLU LB 174 -77.54 71.87 -79.69
C GLU LB 174 -76.50 72.87 -80.17
N GLY LB 175 -75.38 72.36 -80.68
CA GLY LB 175 -74.46 73.20 -81.42
C GLY LB 175 -75.06 73.59 -82.75
N PHE LB 176 -75.03 74.90 -83.05
CA PHE LB 176 -75.60 75.52 -84.25
C PHE LB 176 -77.09 75.22 -84.41
N SER MB 1 -93.31 37.60 -126.17
CA SER MB 1 -93.32 39.03 -126.49
C SER MB 1 -94.39 39.75 -125.69
N GLU MB 2 -94.53 41.03 -125.96
CA GLU MB 2 -95.44 41.87 -125.20
C GLU MB 2 -96.83 41.92 -125.81
N ILE MB 3 -96.98 41.36 -127.00
CA ILE MB 3 -98.20 41.53 -127.79
C ILE MB 3 -99.26 40.52 -127.35
N GLU MB 4 -98.85 39.27 -127.08
CA GLU MB 4 -99.77 38.24 -126.62
C GLU MB 4 -100.17 38.39 -125.16
N LEU MB 5 -99.46 39.24 -124.41
CA LEU MB 5 -99.47 39.09 -122.96
C LEU MB 5 -100.75 39.53 -122.29
N GLY MB 6 -101.69 40.14 -123.00
CA GLY MB 6 -102.90 40.59 -122.35
C GLY MB 6 -104.16 39.96 -122.87
N VAL MB 7 -104.05 39.00 -123.78
CA VAL MB 7 -105.22 38.39 -124.38
C VAL MB 7 -105.57 37.10 -123.63
N THR MB 8 -106.84 36.96 -123.28
CA THR MB 8 -107.36 35.77 -122.63
C THR MB 8 -108.51 35.25 -123.50
N GLU MB 9 -109.20 34.21 -123.06
CA GLU MB 9 -110.22 33.65 -123.96
C GLU MB 9 -111.57 34.39 -124.08
N PRO MB 10 -112.20 34.98 -123.06
CA PRO MB 10 -113.58 35.48 -123.29
C PRO MB 10 -113.65 36.83 -123.98
N LEU MB 11 -112.55 37.53 -124.25
CA LEU MB 11 -112.62 38.64 -125.20
C LEU MB 11 -111.54 38.63 -126.27
N GLY MB 12 -110.43 37.91 -126.07
CA GLY MB 12 -109.41 37.87 -127.10
C GLY MB 12 -108.63 39.15 -127.16
N VAL MB 13 -108.54 39.75 -128.34
CA VAL MB 13 -107.75 40.97 -128.51
C VAL MB 13 -108.58 42.20 -128.16
N TYR MB 14 -109.84 42.25 -128.62
CA TYR MB 14 -110.90 43.16 -128.17
C TYR MB 14 -110.48 44.64 -128.28
N ASP MB 15 -110.31 45.10 -129.52
CA ASP MB 15 -109.98 46.50 -129.77
C ASP MB 15 -111.13 47.18 -130.47
N PRO MB 16 -112.06 47.79 -129.73
CA PRO MB 16 -113.08 48.62 -130.39
C PRO MB 16 -112.51 49.87 -131.01
N LEU MB 17 -111.34 50.33 -130.57
CA LEU MB 17 -110.68 51.45 -131.22
C LEU MB 17 -109.76 50.99 -132.35
N GLY MB 18 -109.34 49.72 -132.35
CA GLY MB 18 -108.47 49.21 -133.39
C GLY MB 18 -107.08 49.81 -133.35
N TRP MB 19 -106.55 50.06 -132.16
CA TRP MB 19 -105.28 50.76 -132.02
C TRP MB 19 -104.09 49.81 -132.00
N LEU MB 20 -104.20 48.63 -132.62
CA LEU MB 20 -103.02 47.81 -132.80
C LEU MB 20 -102.36 47.87 -134.17
N GLU MB 21 -103.04 48.26 -135.25
CA GLU MB 21 -102.24 48.66 -136.40
C GLU MB 21 -102.51 50.10 -136.81
N SER MB 22 -103.52 50.72 -136.23
CA SER MB 22 -103.52 52.17 -136.09
C SER MB 22 -102.60 52.52 -134.94
N GLU MB 23 -101.61 53.38 -135.20
CA GLU MB 23 -100.41 53.62 -134.38
C GLU MB 23 -99.84 52.38 -133.65
N PRO MB 24 -99.26 51.42 -134.35
CA PRO MB 24 -98.71 50.24 -133.65
C PRO MB 24 -97.43 50.49 -132.88
N GLU MB 25 -96.68 51.57 -133.14
CA GLU MB 25 -95.45 51.78 -132.38
C GLU MB 25 -95.72 52.41 -131.01
N ALA MB 26 -96.97 52.81 -130.75
CA ALA MB 26 -97.34 53.35 -129.45
C ALA MB 26 -97.89 52.29 -128.50
N PHE MB 27 -97.97 51.02 -128.93
CA PHE MB 27 -98.22 49.90 -128.01
C PHE MB 27 -97.27 49.95 -126.84
N GLU MB 28 -95.97 49.94 -127.13
CA GLU MB 28 -94.88 49.63 -126.20
C GLU MB 28 -94.86 50.55 -124.99
N ARG MB 29 -95.46 51.72 -125.11
CA ARG MB 29 -95.73 52.57 -123.96
C ARG MB 29 -97.11 52.33 -123.38
N ARG MB 30 -98.15 52.13 -124.19
CA ARG MB 30 -99.46 52.05 -123.57
C ARG MB 30 -99.79 50.64 -123.07
N ARG MB 31 -98.91 49.66 -123.33
CA ARG MB 31 -98.88 48.51 -122.43
C ARG MB 31 -98.25 48.89 -121.09
N ALA MB 32 -97.12 49.60 -121.13
CA ALA MB 32 -96.44 50.01 -119.90
C ALA MB 32 -97.26 50.94 -119.03
N VAL MB 33 -98.24 51.62 -119.62
CA VAL MB 33 -99.17 52.42 -118.83
C VAL MB 33 -100.24 51.54 -118.21
N GLU MB 34 -100.77 50.59 -119.00
CA GLU MB 34 -101.78 49.65 -118.50
C GLU MB 34 -101.20 48.75 -117.41
N ARG MB 35 -99.92 48.39 -117.54
CA ARG MB 35 -99.27 47.65 -116.46
C ARG MB 35 -99.03 48.53 -115.23
N LYS MB 36 -98.68 49.81 -115.42
CA LYS MB 36 -98.59 50.75 -114.29
C LYS MB 36 -99.94 51.01 -113.66
N HIS MB 37 -100.91 51.44 -114.46
CA HIS MB 37 -102.26 51.64 -113.96
C HIS MB 37 -102.87 50.38 -113.38
N GLY MB 38 -102.49 49.22 -113.90
CA GLY MB 38 -102.83 47.98 -113.23
C GLY MB 38 -102.25 47.91 -111.83
N ARG MB 39 -100.92 48.04 -111.71
CA ARG MB 39 -100.22 47.76 -110.46
C ARG MB 39 -100.54 48.78 -109.37
N VAL MB 40 -100.83 50.02 -109.75
CA VAL MB 40 -101.26 51.02 -108.77
C VAL MB 40 -102.67 50.71 -108.27
N ALA MB 41 -103.56 50.32 -109.20
CA ALA MB 41 -104.97 50.14 -108.84
C ALA MB 41 -105.20 48.90 -107.96
N MET MB 42 -104.42 47.85 -108.16
CA MET MB 42 -104.59 46.68 -107.30
C MET MB 42 -103.93 46.88 -105.94
N ALA MB 43 -102.86 47.67 -105.87
CA ALA MB 43 -102.34 48.08 -104.58
C ALA MB 43 -103.23 49.10 -103.90
N ALA MB 44 -104.12 49.75 -104.63
CA ALA MB 44 -105.01 50.71 -104.01
C ALA MB 44 -106.36 50.11 -103.62
N VAL MB 45 -106.72 48.95 -104.19
CA VAL MB 45 -108.00 48.33 -103.87
C VAL MB 45 -107.87 47.28 -102.75
N VAL MB 46 -106.71 46.63 -102.63
CA VAL MB 46 -106.36 45.91 -101.42
C VAL MB 46 -106.05 46.85 -100.26
N GLY MB 47 -105.71 48.11 -100.55
CA GLY MB 47 -105.64 49.10 -99.50
C GLY MB 47 -106.99 49.58 -99.01
N THR MB 48 -107.98 49.68 -99.90
CA THR MB 48 -109.31 50.10 -99.47
C THR MB 48 -110.03 48.97 -98.75
N ILE MB 49 -109.62 47.73 -98.96
CA ILE MB 49 -110.14 46.65 -98.14
C ILE MB 49 -109.61 46.78 -96.72
N VAL MB 50 -108.31 46.95 -96.58
CA VAL MB 50 -107.72 46.98 -95.25
C VAL MB 50 -108.00 48.28 -94.51
N HIS MB 51 -108.30 49.37 -95.22
CA HIS MB 51 -108.61 50.63 -94.53
C HIS MB 51 -109.94 50.55 -93.79
N ASN MB 52 -111.00 50.12 -94.45
CA ASN MB 52 -112.23 50.08 -93.67
C ASN MB 52 -112.59 48.69 -93.13
N ASN MB 53 -111.60 47.80 -93.00
CA ASN MB 53 -111.62 46.74 -91.98
C ASN MB 53 -110.95 47.13 -90.67
N HIS MB 54 -110.46 48.37 -90.54
CA HIS MB 54 -109.95 48.97 -89.30
C HIS MB 54 -108.78 48.19 -88.70
N ILE MB 55 -107.65 48.26 -89.41
CA ILE MB 55 -106.47 47.47 -89.09
C ILE MB 55 -105.36 48.39 -88.60
N VAL MB 56 -105.74 49.59 -88.14
CA VAL MB 56 -104.87 50.77 -88.09
C VAL MB 56 -103.63 50.56 -87.21
N PHE MB 57 -102.68 51.48 -87.33
CA PHE MB 57 -101.31 51.29 -86.87
C PHE MB 57 -101.02 51.66 -85.40
N ASP MB 58 -101.95 51.48 -84.46
CA ASP MB 58 -101.65 51.46 -83.00
C ASP MB 58 -101.25 52.83 -82.42
N GLY MB 59 -100.98 53.85 -83.24
CA GLY MB 59 -100.26 55.00 -82.74
C GLY MB 59 -100.73 56.32 -83.31
N TYR MB 60 -99.76 57.22 -83.50
CA TYR MB 60 -99.99 58.58 -83.98
C TYR MB 60 -99.28 58.76 -85.32
N LEU MB 61 -100.02 59.25 -86.32
CA LEU MB 61 -99.38 59.59 -87.58
C LEU MB 61 -98.54 60.85 -87.43
N SER MB 62 -99.12 61.87 -86.82
CA SER MB 62 -98.37 63.07 -86.45
C SER MB 62 -98.79 63.46 -85.04
N PRO MB 63 -97.91 63.26 -84.04
CA PRO MB 63 -98.19 63.82 -82.72
C PRO MB 63 -98.10 65.32 -82.66
N SER MB 64 -97.36 65.96 -83.59
CA SER MB 64 -97.29 67.40 -83.62
C SER MB 64 -98.60 68.02 -84.12
N ASN MB 65 -99.33 67.30 -84.96
CA ASN MB 65 -100.64 67.76 -85.39
C ASN MB 65 -101.76 66.98 -84.71
N ASN MB 66 -101.41 66.11 -83.75
CA ASN MB 66 -102.34 65.26 -82.99
C ASN MB 66 -103.21 64.42 -83.92
N LEU MB 67 -102.55 63.63 -84.75
CA LEU MB 67 -103.22 62.77 -85.72
C LEU MB 67 -102.93 61.31 -85.38
N LYS MB 68 -103.93 60.64 -84.81
CA LYS MB 68 -103.83 59.21 -84.64
C LYS MB 68 -104.00 58.51 -85.99
N PHE MB 69 -103.65 57.22 -86.03
CA PHE MB 69 -103.87 56.48 -87.26
C PHE MB 69 -105.34 56.11 -87.41
N SER MB 70 -106.02 55.91 -86.27
CA SER MB 70 -107.46 55.78 -86.19
C SER MB 70 -108.20 57.05 -86.59
N ASP MB 71 -107.57 58.23 -86.40
CA ASP MB 71 -108.12 59.54 -86.72
C ASP MB 71 -108.48 59.70 -88.19
N ILE MB 72 -107.68 59.13 -89.08
CA ILE MB 72 -107.80 59.34 -90.53
C ILE MB 72 -109.06 58.63 -91.04
N PRO MB 73 -109.87 59.26 -91.91
CA PRO MB 73 -111.01 58.55 -92.49
C PRO MB 73 -110.55 57.41 -93.38
N THR MB 74 -111.37 56.36 -93.40
CA THR MB 74 -111.09 55.15 -94.15
C THR MB 74 -111.68 55.19 -95.56
N GLY MB 75 -111.90 56.39 -96.10
CA GLY MB 75 -112.57 56.53 -97.38
C GLY MB 75 -111.87 57.37 -98.44
N VAL MB 76 -112.56 58.27 -99.16
CA VAL MB 76 -111.80 58.92 -100.24
C VAL MB 76 -111.07 60.12 -99.66
N ASP MB 77 -111.53 60.69 -98.54
CA ASP MB 77 -110.82 61.84 -98.00
C ASP MB 77 -109.73 61.42 -97.02
N GLY MB 78 -109.39 60.14 -96.94
CA GLY MB 78 -108.32 59.73 -96.05
C GLY MB 78 -106.96 60.17 -96.54
N ILE MB 79 -106.80 60.36 -97.84
CA ILE MB 79 -105.55 60.88 -98.40
C ILE MB 79 -105.40 62.37 -98.11
N ARG MB 80 -106.49 63.06 -97.77
CA ARG MB 80 -106.42 64.48 -97.47
C ARG MB 80 -106.14 64.76 -96.01
N ALA MB 81 -106.30 63.75 -95.15
CA ALA MB 81 -105.97 63.90 -93.74
C ALA MB 81 -104.47 63.85 -93.48
N ILE MB 82 -103.67 63.50 -94.48
CA ILE MB 82 -102.22 63.55 -94.35
C ILE MB 82 -101.77 64.99 -94.16
N PRO MB 83 -100.86 65.28 -93.25
CA PRO MB 83 -100.34 66.64 -93.17
C PRO MB 83 -99.36 66.98 -94.28
N THR MB 84 -98.79 68.18 -94.23
CA THR MB 84 -98.04 68.72 -95.37
C THR MB 84 -96.64 68.13 -95.44
N ALA MB 85 -96.02 67.87 -94.28
CA ALA MB 85 -94.78 67.09 -94.28
C ALA MB 85 -95.06 65.61 -94.50
N GLY MB 86 -96.30 65.17 -94.29
CA GLY MB 86 -96.65 63.79 -94.56
C GLY MB 86 -96.57 63.46 -96.04
N LEU MB 87 -97.34 64.16 -96.87
CA LEU MB 87 -97.18 63.88 -98.28
C LEU MB 87 -96.08 64.65 -98.98
N ALA MB 88 -95.26 65.41 -98.27
CA ALA MB 88 -93.95 65.74 -98.82
C ALA MB 88 -93.01 64.54 -98.73
N GLN MB 89 -93.14 63.72 -97.70
CA GLN MB 89 -92.32 62.52 -97.57
C GLN MB 89 -92.72 61.44 -98.57
N ILE MB 90 -93.96 61.50 -99.07
CA ILE MB 90 -94.43 60.50 -100.02
C ILE MB 90 -93.76 60.70 -101.37
N LEU MB 91 -93.86 61.90 -101.94
CA LEU MB 91 -93.30 62.12 -103.26
C LEU MB 91 -91.81 62.42 -103.21
N ALA MB 92 -91.22 62.59 -102.02
CA ALA MB 92 -89.76 62.60 -101.97
C ALA MB 92 -89.21 61.18 -102.09
N PHE MB 93 -89.86 60.23 -101.43
CA PHE MB 93 -89.41 58.85 -101.48
C PHE MB 93 -89.77 58.19 -102.81
N PHE MB 94 -90.99 58.41 -103.30
CA PHE MB 94 -91.39 57.80 -104.55
C PHE MB 94 -90.87 58.54 -105.78
N ALA MB 95 -90.20 59.68 -105.60
CA ALA MB 95 -89.37 60.18 -106.70
C ALA MB 95 -88.10 59.37 -106.83
N LEU MB 96 -87.64 58.79 -105.74
CA LEU MB 96 -86.50 57.89 -105.76
C LEU MB 96 -86.88 56.48 -106.21
N VAL MB 97 -88.17 56.19 -106.24
CA VAL MB 97 -88.66 54.93 -106.81
C VAL MB 97 -88.96 55.09 -108.29
N GLU MB 98 -89.71 56.13 -108.65
CA GLU MB 98 -90.22 56.28 -110.02
C GLU MB 98 -89.18 56.79 -111.00
N LEU MB 99 -88.05 57.30 -110.52
CA LEU MB 99 -87.00 57.79 -111.40
C LEU MB 99 -85.69 57.05 -111.26
N ALA MB 100 -85.42 56.44 -110.12
CA ALA MB 100 -84.11 55.86 -109.83
C ALA MB 100 -84.14 54.35 -109.70
N TRP MB 101 -84.95 53.82 -108.79
CA TRP MB 101 -84.89 52.41 -108.45
C TRP MB 101 -85.72 51.59 -109.42
N MET MB 102 -86.96 51.99 -109.57
CA MET MB 102 -87.99 51.35 -110.37
C MET MB 102 -88.41 52.34 -111.44
N PRO MB 103 -87.54 52.67 -112.41
CA PRO MB 103 -87.80 53.84 -113.27
C PRO MB 103 -89.00 53.58 -114.15
N ALA MB 104 -90.05 54.37 -113.93
CA ALA MB 104 -91.33 54.19 -114.61
C ALA MB 104 -91.25 54.55 -116.09
N SER MB 105 -90.15 55.18 -116.50
CA SER MB 105 -89.70 55.31 -117.88
C SER MB 105 -89.39 53.97 -118.54
N LYS MB 106 -88.92 52.98 -117.78
CA LYS MB 106 -88.61 51.66 -118.34
C LYS MB 106 -89.90 50.96 -118.71
N TYR MB 107 -90.15 50.80 -120.01
CA TYR MB 107 -91.43 50.30 -120.48
C TYR MB 107 -91.54 48.78 -120.45
N ASP MB 108 -90.50 48.10 -119.96
CA ASP MB 108 -90.52 46.65 -119.83
C ASP MB 108 -91.43 46.21 -118.70
N GLY MB 109 -91.59 47.06 -117.68
CA GLY MB 109 -92.21 46.65 -116.44
C GLY MB 109 -91.38 45.70 -115.63
N ASP MB 110 -90.10 45.54 -115.97
CA ASP MB 110 -89.23 44.50 -115.44
C ASP MB 110 -88.04 45.14 -114.75
N TYR MB 111 -88.08 45.16 -113.42
CA TYR MB 111 -87.07 45.81 -112.61
C TYR MB 111 -86.26 44.79 -111.80
N GLY MB 112 -86.16 43.56 -112.30
CA GLY MB 112 -85.27 42.57 -111.71
C GLY MB 112 -85.72 41.97 -110.40
N VAL MB 113 -86.99 42.12 -110.02
CA VAL MB 113 -87.46 41.56 -108.76
C VAL MB 113 -88.22 40.24 -108.96
N GLY MB 114 -88.66 39.94 -110.17
CA GLY MB 114 -89.37 38.71 -110.48
C GLY MB 114 -90.72 38.60 -109.78
N TYR MB 115 -91.23 37.38 -109.78
CA TYR MB 115 -92.48 37.06 -109.10
C TYR MB 115 -92.12 36.34 -107.81
N PHE MB 116 -92.17 37.08 -106.69
CA PHE MB 116 -91.69 36.64 -105.38
C PHE MB 116 -90.23 36.19 -105.46
N GLY MB 117 -89.42 36.95 -106.18
CA GLY MB 117 -87.99 36.77 -106.17
C GLY MB 117 -87.42 35.84 -107.22
N THR MB 118 -88.23 34.99 -107.84
CA THR MB 118 -87.72 34.01 -108.78
C THR MB 118 -88.03 34.44 -110.20
N ASP MB 119 -87.21 33.98 -111.15
CA ASP MB 119 -87.49 34.33 -112.53
C ASP MB 119 -88.11 33.06 -113.08
N ILE MB 120 -89.30 33.21 -113.63
CA ILE MB 120 -90.14 32.09 -114.00
C ILE MB 120 -89.60 31.52 -115.30
N LYS MB 121 -88.87 30.40 -115.21
CA LYS MB 121 -88.09 29.85 -116.32
C LYS MB 121 -88.95 29.29 -117.44
N ASP MB 122 -90.08 28.69 -117.10
CA ASP MB 122 -90.98 28.07 -118.06
C ASP MB 122 -91.72 29.15 -118.84
N PRO MB 123 -91.58 29.22 -120.17
CA PRO MB 123 -92.12 30.38 -120.92
C PRO MB 123 -93.64 30.45 -120.99
N GLU MB 124 -94.37 29.38 -120.72
CA GLU MB 124 -95.81 29.53 -120.64
C GLU MB 124 -96.35 29.51 -119.21
N GLU MB 125 -95.52 29.17 -118.23
CA GLU MB 125 -95.76 29.61 -116.85
C GLU MB 125 -95.72 31.13 -116.74
N LYS MB 126 -94.66 31.79 -117.23
CA LYS MB 126 -94.56 33.24 -117.03
C LYS MB 126 -95.49 34.01 -117.95
N ALA MB 127 -95.81 33.48 -119.13
CA ALA MB 127 -96.83 34.11 -119.96
C ALA MB 127 -98.21 33.97 -119.35
N ARG MB 128 -98.43 32.95 -118.52
CA ARG MB 128 -99.70 32.85 -117.82
C ARG MB 128 -99.85 33.94 -116.76
N LYS MB 129 -98.79 34.16 -115.98
CA LYS MB 129 -98.96 35.02 -114.83
C LYS MB 129 -98.66 36.48 -115.13
N LEU MB 130 -98.16 36.79 -116.34
CA LEU MB 130 -98.24 38.16 -116.82
C LEU MB 130 -99.57 38.44 -117.49
N ASN MB 131 -100.30 37.40 -117.86
CA ASN MB 131 -101.71 37.59 -118.17
C ASN MB 131 -102.52 37.83 -116.90
N VAL MB 132 -102.03 37.32 -115.76
CA VAL MB 132 -102.74 37.51 -114.49
C VAL MB 132 -102.47 38.89 -113.91
N GLU MB 133 -101.21 39.36 -114.01
CA GLU MB 133 -100.87 40.72 -113.57
C GLU MB 133 -101.59 41.78 -114.38
N LEU MB 134 -101.92 41.48 -115.65
CA LEU MB 134 -102.73 42.39 -116.45
C LEU MB 134 -104.22 42.27 -116.15
N ASN MB 135 -104.74 41.04 -116.09
CA ASN MB 135 -106.17 40.82 -115.85
C ASN MB 135 -106.59 41.23 -114.45
N ASN MB 136 -105.79 40.92 -113.44
CA ASN MB 136 -106.12 41.39 -112.09
C ASN MB 136 -105.87 42.89 -111.94
N GLY MB 137 -105.04 43.47 -112.81
CA GLY MB 137 -104.89 44.91 -112.86
C GLY MB 137 -106.04 45.60 -113.56
N ARG MB 138 -106.56 44.95 -114.62
CA ARG MB 138 -107.71 45.49 -115.34
C ARG MB 138 -108.96 45.47 -114.48
N ALA MB 139 -109.21 44.36 -113.79
CA ALA MB 139 -110.37 44.26 -112.92
C ALA MB 139 -110.24 45.09 -111.65
N ALA MB 140 -109.02 45.43 -111.25
CA ALA MB 140 -108.85 46.35 -110.14
C ALA MB 140 -108.96 47.80 -110.57
N MET MB 141 -108.64 48.10 -111.83
CA MET MB 141 -108.79 49.47 -112.33
C MET MB 141 -110.25 49.88 -112.36
N MET MB 142 -111.12 49.02 -112.86
CA MET MB 142 -112.55 49.24 -112.68
C MET MB 142 -113.03 48.84 -111.30
N GLY MB 143 -112.14 48.29 -110.47
CA GLY MB 143 -112.43 48.00 -109.08
C GLY MB 143 -112.58 49.24 -108.20
N ILE MB 144 -111.55 50.04 -107.99
CA ILE MB 144 -111.84 51.23 -107.19
C ILE MB 144 -112.16 52.48 -108.02
N MET MB 145 -112.22 52.40 -109.34
CA MET MB 145 -112.93 53.47 -110.01
C MET MB 145 -114.43 53.35 -109.81
N GLY MB 146 -114.90 52.15 -109.47
CA GLY MB 146 -116.24 51.91 -109.00
C GLY MB 146 -116.40 51.94 -107.50
N ASN MB 147 -115.32 52.19 -106.74
CA ASN MB 147 -115.42 52.38 -105.30
C ASN MB 147 -115.48 53.85 -104.92
N MET MB 148 -114.84 54.69 -105.70
CA MET MB 148 -114.73 56.10 -105.39
C MET MB 148 -115.92 56.87 -105.92
N VAL MB 149 -116.51 56.40 -107.03
CA VAL MB 149 -117.84 56.85 -107.41
C VAL MB 149 -118.91 56.21 -106.54
N ALA MB 150 -118.55 55.18 -105.78
CA ALA MB 150 -119.47 54.60 -104.81
C ALA MB 150 -119.42 55.27 -103.46
N GLU MB 151 -118.42 56.13 -103.17
CA GLU MB 151 -118.77 56.88 -101.99
C GLU MB 151 -118.99 58.37 -102.21
N VAL MB 152 -118.49 58.96 -103.31
CA VAL MB 152 -118.82 60.36 -103.56
C VAL MB 152 -120.28 60.57 -103.97
N LEU MB 153 -120.99 59.50 -104.34
CA LEU MB 153 -122.40 59.62 -104.72
C LEU MB 153 -123.37 59.30 -103.60
N THR MB 154 -122.92 58.66 -102.51
CA THR MB 154 -123.79 58.49 -101.36
C THR MB 154 -123.18 58.98 -100.06
N GLY MB 155 -121.95 59.47 -100.08
CA GLY MB 155 -121.40 60.16 -98.94
C GLY MB 155 -120.68 59.28 -97.94
N GLN MB 156 -121.22 58.11 -97.65
CA GLN MB 156 -120.63 57.21 -96.66
C GLN MB 156 -119.45 56.47 -97.23
N THR MB 157 -118.40 56.31 -96.43
CA THR MB 157 -117.39 55.36 -96.86
C THR MB 157 -117.83 53.93 -96.54
N MET MB 158 -117.15 52.98 -97.18
CA MET MB 158 -117.78 51.70 -97.49
C MET MB 158 -117.76 50.74 -96.29
N TYR MB 159 -117.10 51.12 -95.19
CA TYR MB 159 -117.42 50.43 -93.93
C TYR MB 159 -118.82 50.77 -93.48
N GLU MB 160 -119.28 51.98 -93.72
CA GLU MB 160 -120.63 52.28 -93.29
C GLU MB 160 -121.64 52.02 -94.42
N GLN MB 161 -121.18 51.98 -95.69
CA GLN MB 161 -122.07 51.50 -96.76
C GLN MB 161 -122.47 50.04 -96.54
N TYR MB 162 -121.57 49.24 -95.98
CA TYR MB 162 -121.89 47.85 -95.66
C TYR MB 162 -122.60 47.70 -94.33
N ALA MB 163 -122.32 48.57 -93.37
CA ALA MB 163 -123.07 48.57 -92.12
C ALA MB 163 -124.24 49.55 -92.18
N SER MB 164 -125.00 49.49 -93.28
CA SER MB 164 -126.24 50.24 -93.45
C SER MB 164 -127.35 49.45 -94.11
N GLY MB 165 -127.06 48.30 -94.70
CA GLY MB 165 -127.98 47.69 -95.64
C GLY MB 165 -128.06 48.40 -96.96
N HIS MB 166 -127.11 49.26 -97.28
CA HIS MB 166 -127.15 50.12 -98.45
C HIS MB 166 -126.43 49.52 -99.66
N ILE MB 167 -126.33 48.19 -99.72
CA ILE MB 167 -125.69 47.54 -100.86
C ILE MB 167 -126.63 47.54 -102.07
N SER MB 168 -127.78 46.89 -101.93
CA SER MB 168 -128.76 46.84 -103.01
C SER MB 168 -129.54 48.15 -103.10
N GLY NB 1 -63.34 0.43 -100.34
CA GLY NB 1 -63.96 -0.63 -99.57
C GLY NB 1 -63.84 -0.42 -98.08
N ALA NB 2 -62.60 -0.47 -97.59
CA ALA NB 2 -62.34 -0.26 -96.17
C ALA NB 2 -62.10 1.21 -95.88
N SER NB 3 -62.16 1.54 -94.60
CA SER NB 3 -61.90 2.89 -94.14
C SER NB 3 -60.42 3.24 -94.31
N PRO NB 4 -60.08 4.51 -94.52
CA PRO NB 4 -58.67 4.92 -94.48
C PRO NB 4 -58.04 4.78 -93.11
N SER NB 5 -58.85 4.75 -92.05
CA SER NB 5 -58.38 4.58 -90.69
C SER NB 5 -58.47 3.13 -90.22
N ALA NB 6 -59.29 2.29 -90.87
CA ALA NB 6 -59.26 0.88 -90.58
C ALA NB 6 -57.99 0.21 -91.07
N ASP NB 7 -57.32 0.82 -92.06
CA ASP NB 7 -56.03 0.28 -92.47
C ASP NB 7 -54.89 0.79 -91.60
N ALA NB 8 -55.10 1.88 -90.84
CA ALA NB 8 -54.11 2.32 -89.87
C ALA NB 8 -54.18 1.50 -88.58
N TRP NB 9 -55.33 0.92 -88.29
CA TRP NB 9 -55.45 -0.04 -87.20
C TRP NB 9 -55.12 -1.46 -87.63
N ALA NB 10 -54.91 -1.67 -88.93
CA ALA NB 10 -54.48 -2.98 -89.41
C ALA NB 10 -52.98 -3.16 -89.26
N ASN NB 11 -52.19 -2.09 -89.43
CA ASN NB 11 -50.76 -2.20 -89.21
C ASN NB 11 -50.44 -2.17 -87.71
N SER NB 12 -50.80 -1.07 -87.04
CA SER NB 12 -51.03 -1.00 -85.59
C SER NB 12 -49.79 -1.38 -84.77
N ILE NB 13 -48.79 -0.48 -84.82
CA ILE NB 13 -47.50 -0.71 -84.17
C ILE NB 13 -47.63 -0.74 -82.65
N GLU NB 14 -46.54 -1.17 -82.02
CA GLU NB 14 -46.44 -1.25 -80.57
C GLU NB 14 -46.40 0.14 -79.95
N SER NB 15 -47.07 0.30 -78.82
CA SER NB 15 -47.17 1.59 -78.16
C SER NB 15 -46.28 1.66 -76.93
N LYS NB 16 -46.15 2.87 -76.40
CA LYS NB 16 -45.37 3.10 -75.20
C LYS NB 16 -46.21 3.64 -74.06
N ALA NB 17 -47.09 4.60 -74.32
CA ALA NB 17 -47.96 5.12 -73.28
C ALA NB 17 -49.01 4.11 -72.87
N LEU NB 18 -49.57 3.40 -73.85
CA LEU NB 18 -50.51 2.31 -73.63
C LEU NB 18 -49.88 1.04 -74.19
N PRO NB 19 -48.96 0.41 -73.45
CA PRO NB 19 -48.16 -0.68 -74.03
C PRO NB 19 -48.93 -1.98 -74.22
N PHE NB 20 -50.21 -2.00 -73.90
CA PHE NB 20 -51.09 -3.14 -74.08
C PHE NB 20 -52.08 -2.93 -75.22
N ALA NB 21 -51.98 -1.84 -75.97
CA ALA NB 21 -53.10 -1.38 -76.77
C ALA NB 21 -52.82 -1.20 -78.26
N ARG NB 22 -51.57 -1.27 -78.71
CA ARG NB 22 -51.18 -1.32 -80.13
C ARG NB 22 -51.65 -0.08 -80.90
N ALA NB 23 -50.99 1.04 -80.61
CA ALA NB 23 -51.13 2.35 -81.28
C ALA NB 23 -51.19 2.25 -82.81
N PRO NB 24 -51.98 3.09 -83.48
CA PRO NB 24 -52.17 2.92 -84.93
C PRO NB 24 -50.95 3.39 -85.71
N ALA NB 25 -50.99 3.10 -87.02
CA ALA NB 25 -49.84 3.29 -87.89
C ALA NB 25 -49.56 4.75 -88.20
N THR NB 26 -50.50 5.65 -87.96
CA THR NB 26 -50.31 7.06 -88.26
C THR NB 26 -49.39 7.76 -87.27
N LEU NB 27 -49.07 7.13 -86.15
CA LEU NB 27 -48.03 7.67 -85.27
C LEU NB 27 -46.70 7.08 -85.72
N ASP NB 28 -46.03 7.77 -86.64
CA ASP NB 28 -44.88 7.23 -87.34
C ASP NB 28 -43.61 7.22 -86.52
N GLY NB 29 -43.57 7.88 -85.37
CA GLY NB 29 -42.32 8.03 -84.67
C GLY NB 29 -41.56 9.29 -84.99
N THR NB 30 -41.85 9.93 -86.11
CA THR NB 30 -41.09 11.08 -86.59
C THR NB 30 -41.54 12.40 -85.97
N MET NB 31 -42.58 12.41 -85.16
CA MET NB 31 -43.06 13.63 -84.51
C MET NB 31 -42.46 13.74 -83.11
N LEU NB 32 -42.29 14.97 -82.66
CA LEU NB 32 -41.88 15.24 -81.29
C LEU NB 32 -42.96 14.81 -80.32
N GLY NB 33 -42.54 14.12 -79.27
CA GLY NB 33 -43.45 13.72 -78.23
C GLY NB 33 -44.38 12.59 -78.59
N ASP NB 34 -44.13 11.84 -79.66
CA ASP NB 34 -45.10 10.79 -79.86
C ASP NB 34 -44.63 9.56 -79.10
N PHE NB 35 -45.50 9.14 -78.20
CA PHE NB 35 -45.29 8.03 -77.29
C PHE NB 35 -46.29 6.92 -77.55
N GLY NB 36 -46.91 6.92 -78.74
CA GLY NB 36 -47.87 5.90 -79.08
C GLY NB 36 -49.18 6.00 -78.33
N PHE NB 37 -49.64 7.21 -78.04
CA PHE NB 37 -50.87 7.39 -77.29
C PHE NB 37 -51.91 7.97 -78.24
N ASP NB 38 -52.73 7.08 -78.80
CA ASP NB 38 -53.92 7.49 -79.55
C ASP NB 38 -54.92 6.34 -79.51
N PRO NB 39 -55.55 6.09 -78.35
CA PRO NB 39 -56.48 4.97 -78.27
C PRO NB 39 -57.76 5.19 -79.03
N LEU NB 40 -58.16 6.44 -79.25
CA LEU NB 40 -59.36 6.72 -80.01
C LEU NB 40 -59.10 6.97 -81.48
N GLY NB 41 -57.83 6.99 -81.89
CA GLY NB 41 -57.51 7.03 -83.30
C GLY NB 41 -57.73 8.37 -83.98
N PHE NB 42 -57.39 9.47 -83.31
CA PHE NB 42 -57.57 10.78 -83.92
C PHE NB 42 -56.49 11.07 -84.96
N SER NB 43 -55.30 10.50 -84.80
CA SER NB 43 -54.24 10.73 -85.78
C SER NB 43 -54.52 10.04 -87.10
N THR NB 44 -55.39 9.03 -87.10
CA THR NB 44 -55.79 8.37 -88.32
C THR NB 44 -56.76 9.21 -89.14
N VAL NB 45 -57.35 10.23 -88.55
CA VAL NB 45 -58.28 11.13 -89.22
C VAL NB 45 -57.79 12.58 -89.12
N PRO NB 46 -56.69 12.93 -89.79
CA PRO NB 46 -56.03 14.20 -89.52
C PRO NB 46 -56.79 15.41 -90.03
N VAL NB 47 -56.67 16.51 -89.30
CA VAL NB 47 -57.38 17.74 -89.56
C VAL NB 47 -56.47 18.69 -90.32
N GLY NB 48 -57.09 19.60 -91.07
CA GLY NB 48 -56.37 20.65 -91.76
C GLY NB 48 -56.67 22.00 -91.16
N PRO NB 49 -56.01 23.04 -91.66
CA PRO NB 49 -56.23 24.40 -91.13
C PRO NB 49 -57.55 24.98 -91.64
N TRP NB 50 -58.64 24.63 -90.95
CA TRP NB 50 -59.98 24.99 -91.38
C TRP NB 50 -60.24 26.49 -91.31
N PHE NB 51 -59.49 27.20 -90.48
CA PHE NB 51 -59.71 28.63 -90.26
C PHE NB 51 -59.28 29.47 -91.45
N THR NB 52 -58.48 28.92 -92.35
CA THR NB 52 -58.04 29.66 -93.53
C THR NB 52 -59.09 29.73 -94.63
N GLY NB 53 -60.19 29.01 -94.50
CA GLY NB 53 -61.25 29.01 -95.47
C GLY NB 53 -61.66 27.60 -95.83
N ILE NB 54 -62.46 27.48 -96.89
CA ILE NB 54 -63.00 26.20 -97.28
C ILE NB 54 -61.95 25.34 -97.99
N GLU NB 55 -61.01 25.98 -98.70
CA GLU NB 55 -59.96 25.20 -99.35
C GLU NB 55 -58.96 24.63 -98.35
N GLY NB 56 -58.89 25.19 -97.13
CA GLY NB 56 -58.08 24.64 -96.07
C GLY NB 56 -58.82 23.72 -95.12
N ARG NB 57 -60.09 23.42 -95.38
CA ARG NB 57 -60.88 22.63 -94.44
C ARG NB 57 -60.46 21.17 -94.45
N ASN NB 58 -60.07 20.65 -95.61
CA ASN NB 58 -59.58 19.28 -95.72
C ASN NB 58 -58.23 19.16 -95.01
N GLY NB 59 -57.97 17.97 -94.48
CA GLY NB 59 -56.67 17.67 -93.93
C GLY NB 59 -55.90 16.73 -94.84
N GLN NB 60 -54.61 16.99 -94.99
CA GLN NB 60 -53.82 16.09 -95.81
C GLN NB 60 -53.54 14.81 -95.04
N ILE NB 61 -53.26 13.75 -95.79
CA ILE NB 61 -53.02 12.43 -95.20
C ILE NB 61 -51.69 12.40 -94.48
N GLY NB 62 -51.71 11.82 -93.28
CA GLY NB 62 -50.49 11.61 -92.51
C GLY NB 62 -49.85 12.86 -91.95
N ASN NB 63 -50.59 13.94 -91.83
CA ASN NB 63 -50.02 15.21 -91.37
C ASN NB 63 -50.81 15.71 -90.17
N LEU NB 64 -50.17 15.67 -89.01
CA LEU NB 64 -50.75 16.02 -87.72
C LEU NB 64 -50.26 17.37 -87.23
N ASN NB 65 -49.86 18.25 -88.15
CA ASN NB 65 -49.30 19.54 -87.75
C ASN NB 65 -50.35 20.47 -87.17
N TRP NB 66 -51.63 20.23 -87.47
CA TRP NB 66 -52.70 21.06 -86.94
C TRP NB 66 -53.30 20.50 -85.66
N TYR NB 67 -53.20 19.20 -85.47
CA TYR NB 67 -53.44 18.64 -84.15
C TYR NB 67 -52.36 19.09 -83.18
N ARG NB 68 -51.11 19.12 -83.63
CA ARG NB 68 -50.01 19.59 -82.80
C ARG NB 68 -50.08 21.10 -82.60
N GLU NB 69 -50.62 21.82 -83.57
CA GLU NB 69 -50.83 23.26 -83.40
C GLU NB 69 -51.86 23.54 -82.32
N ALA NB 70 -52.94 22.76 -82.29
CA ALA NB 70 -53.95 22.93 -81.25
C ALA NB 70 -53.48 22.38 -79.92
N GLU NB 71 -52.60 21.38 -79.93
CA GLU NB 71 -52.05 20.86 -78.69
C GLU NB 71 -51.11 21.87 -78.04
N LEU NB 72 -50.31 22.56 -78.85
CA LEU NB 72 -49.30 23.46 -78.32
C LEU NB 72 -49.91 24.70 -77.71
N ILE NB 73 -50.99 25.24 -78.26
CA ILE NB 73 -51.36 26.47 -77.58
C ILE NB 73 -52.54 26.23 -76.65
N HIS NB 74 -53.16 25.06 -76.67
CA HIS NB 74 -53.90 24.64 -75.48
C HIS NB 74 -52.97 24.53 -74.29
N GLY NB 75 -51.77 23.98 -74.49
CA GLY NB 75 -50.84 23.82 -73.41
C GLY NB 75 -50.07 25.07 -73.05
N ARG NB 76 -49.83 25.95 -74.03
CA ARG NB 76 -49.16 27.23 -73.72
C ARG NB 76 -50.07 28.15 -72.92
N ILE NB 77 -51.38 28.13 -73.22
CA ILE NB 77 -52.34 28.91 -72.44
C ILE NB 77 -52.52 28.28 -71.07
N ALA NB 78 -52.60 26.94 -71.04
CA ALA NB 78 -52.79 26.24 -69.78
C ALA NB 78 -51.64 26.47 -68.82
N GLN NB 79 -50.41 26.54 -69.33
CA GLN NB 79 -49.24 26.77 -68.49
C GLN NB 79 -49.29 28.12 -67.82
N VAL NB 80 -49.65 29.16 -68.57
CA VAL NB 80 -49.70 30.49 -67.99
C VAL NB 80 -50.98 30.67 -67.16
N ALA NB 81 -51.91 29.72 -67.24
CA ALA NB 81 -53.13 29.76 -66.43
C ALA NB 81 -53.06 28.92 -65.16
N VAL NB 82 -52.10 27.99 -65.02
CA VAL NB 82 -51.70 27.56 -63.66
C VAL NB 82 -51.32 28.75 -62.81
N VAL NB 83 -50.44 29.61 -63.31
CA VAL NB 83 -49.98 30.74 -62.52
C VAL NB 83 -51.11 31.73 -62.31
N GLY NB 84 -51.98 31.88 -63.30
CA GLY NB 84 -53.14 32.74 -63.12
C GLY NB 84 -54.15 32.21 -62.12
N PHE NB 85 -54.22 30.89 -61.96
CA PHE NB 85 -55.04 30.32 -60.92
C PHE NB 85 -54.41 30.38 -59.55
N ILE NB 86 -53.12 30.70 -59.44
CA ILE NB 86 -52.38 30.57 -58.20
C ILE NB 86 -51.90 31.94 -57.70
N ALA NB 87 -51.28 32.72 -58.57
CA ALA NB 87 -50.55 33.92 -58.14
C ALA NB 87 -51.39 35.04 -57.51
N PRO NB 88 -52.68 35.25 -57.82
CA PRO NB 88 -53.46 36.16 -56.96
C PRO NB 88 -53.62 35.66 -55.54
N GLY NB 89 -53.71 34.34 -55.35
CA GLY NB 89 -53.80 33.80 -54.01
C GLY NB 89 -52.48 33.76 -53.28
N LEU NB 90 -51.36 33.79 -53.99
CA LEU NB 90 -50.06 33.76 -53.36
C LEU NB 90 -49.50 35.17 -53.16
N PHE NB 91 -49.36 35.93 -54.24
CA PHE NB 91 -48.68 37.21 -54.21
C PHE NB 91 -49.65 38.38 -54.08
N GLY NB 92 -50.81 38.15 -53.49
CA GLY NB 92 -51.76 39.21 -53.29
C GLY NB 92 -52.47 39.61 -54.57
N THR NB 93 -53.28 40.66 -54.46
CA THR NB 93 -54.06 41.16 -55.58
C THR NB 93 -53.69 42.60 -55.89
N LEU NB 94 -54.46 43.22 -56.76
CA LEU NB 94 -54.33 44.58 -57.23
C LEU NB 94 -55.41 45.48 -56.61
N PRO NB 95 -55.11 46.76 -56.40
CA PRO NB 95 -56.11 47.66 -55.83
C PRO NB 95 -56.97 48.33 -56.89
N GLY NB 96 -58.15 48.78 -56.44
CA GLY NB 96 -59.09 49.42 -57.34
C GLY NB 96 -59.46 50.85 -56.96
N ASN NB 97 -60.01 51.58 -57.93
CA ASN NB 97 -60.44 52.96 -57.75
C ASN NB 97 -61.84 53.01 -57.17
N GLU NB 98 -62.48 54.19 -57.25
CA GLU NB 98 -63.92 54.19 -57.07
C GLU NB 98 -64.58 53.91 -58.42
N TRP NB 99 -63.84 54.14 -59.51
CA TRP NB 99 -64.34 53.95 -60.86
C TRP NB 99 -64.55 52.48 -61.16
N THR NB 100 -63.48 51.69 -61.05
CA THR NB 100 -63.62 50.24 -61.14
C THR NB 100 -64.31 49.66 -59.93
N GLY NB 101 -64.32 50.39 -58.81
CA GLY NB 101 -64.85 49.86 -57.58
C GLY NB 101 -63.76 49.24 -56.77
N VAL NB 102 -63.73 49.53 -55.47
CA VAL NB 102 -62.75 48.88 -54.60
C VAL NB 102 -63.21 47.44 -54.38
N ASP NB 103 -62.23 46.55 -54.13
CA ASP NB 103 -62.39 45.09 -54.05
C ASP NB 103 -62.86 44.49 -55.38
N ALA NB 104 -62.60 45.16 -56.50
CA ALA NB 104 -62.93 44.56 -57.78
C ALA NB 104 -61.90 43.52 -58.19
N TYR NB 105 -60.63 43.80 -57.95
CA TYR NB 105 -59.55 42.89 -58.29
C TYR NB 105 -59.18 41.98 -57.13
N SER NB 106 -60.01 41.88 -56.10
CA SER NB 106 -59.61 41.24 -54.86
C SER NB 106 -60.31 39.92 -54.60
N ASN NB 107 -61.03 39.38 -55.58
CA ASN NB 107 -61.78 38.13 -55.36
C ASN NB 107 -60.83 36.96 -55.50
N LEU NB 108 -60.53 36.34 -54.39
CA LEU NB 108 -59.53 35.29 -54.31
C LEU NB 108 -60.04 33.96 -54.85
N ASN NB 109 -61.34 33.82 -55.02
CA ASN NB 109 -61.89 32.76 -55.86
C ASN NB 109 -61.69 33.15 -57.32
N PRO NB 110 -60.89 32.41 -58.08
CA PRO NB 110 -60.48 32.89 -59.41
C PRO NB 110 -61.59 32.85 -60.44
N LEU NB 111 -62.66 32.10 -60.20
CA LEU NB 111 -63.70 31.96 -61.22
C LEU NB 111 -64.70 33.10 -61.15
N GLU NB 112 -65.09 33.52 -59.95
CA GLU NB 112 -65.93 34.70 -59.83
C GLU NB 112 -65.13 35.99 -59.82
N ALA NB 113 -63.79 35.92 -59.86
CA ALA NB 113 -62.99 37.09 -60.16
C ALA NB 113 -63.10 37.50 -61.62
N PHE NB 114 -63.55 36.58 -62.49
CA PHE NB 114 -63.91 36.94 -63.85
C PHE NB 114 -65.12 37.87 -63.84
N SER NB 115 -66.09 37.57 -62.99
CA SER NB 115 -67.35 38.31 -62.89
C SER NB 115 -67.29 39.45 -61.88
N GLN NB 116 -66.11 39.79 -61.39
CA GLN NB 116 -65.97 40.88 -60.43
C GLN NB 116 -65.15 42.04 -60.97
N VAL NB 117 -64.11 41.76 -61.74
CA VAL NB 117 -63.27 42.79 -62.33
C VAL NB 117 -64.07 43.51 -63.42
N PRO NB 118 -63.74 44.75 -63.77
CA PRO NB 118 -64.50 45.45 -64.82
C PRO NB 118 -64.37 44.80 -66.19
N GLY NB 119 -65.33 45.13 -67.05
CA GLY NB 119 -65.34 44.56 -68.39
C GLY NB 119 -64.20 45.06 -69.26
N LEU NB 120 -63.74 46.28 -69.02
CA LEU NB 120 -62.58 46.80 -69.75
C LEU NB 120 -61.29 46.08 -69.38
N ALA NB 121 -61.23 45.45 -68.22
CA ALA NB 121 -60.08 44.61 -67.89
C ALA NB 121 -60.04 43.37 -68.75
N ILE NB 122 -61.19 42.72 -68.94
CA ILE NB 122 -61.27 41.50 -69.73
C ILE NB 122 -61.17 41.80 -71.21
N LEU NB 123 -61.75 42.93 -71.65
CA LEU NB 123 -61.74 43.30 -73.05
C LEU NB 123 -60.33 43.58 -73.54
N GLN NB 124 -59.51 44.21 -72.70
CA GLN NB 124 -58.15 44.51 -73.11
C GLN NB 124 -57.25 43.29 -73.03
N ILE NB 125 -57.56 42.34 -72.14
CA ILE NB 125 -56.85 41.07 -72.14
C ILE NB 125 -57.21 40.27 -73.38
N PHE NB 126 -58.51 40.25 -73.73
CA PHE NB 126 -58.98 39.52 -74.89
C PHE NB 126 -58.43 40.11 -76.19
N LEU NB 127 -58.32 41.44 -76.26
CA LEU NB 127 -57.77 42.07 -77.45
C LEU NB 127 -56.27 41.85 -77.57
N PHE NB 128 -55.57 41.67 -76.45
CA PHE NB 128 -54.15 41.34 -76.54
C PHE NB 128 -53.95 39.88 -76.91
N MET NB 129 -54.81 39.00 -76.39
CA MET NB 129 -54.85 37.63 -76.88
C MET NB 129 -55.26 37.60 -78.35
N SER NB 130 -56.10 38.54 -78.76
CA SER NB 130 -56.49 38.64 -80.17
C SER NB 130 -55.32 39.03 -81.05
N TYR NB 131 -54.48 39.95 -80.57
CA TYR NB 131 -53.43 40.54 -81.40
C TYR NB 131 -52.36 39.51 -81.77
N LEU NB 132 -52.00 38.63 -80.84
CA LEU NB 132 -51.03 37.59 -81.17
C LEU NB 132 -51.64 36.48 -82.00
N GLU NB 133 -52.96 36.34 -82.00
CA GLU NB 133 -53.61 35.40 -82.90
C GLU NB 133 -53.78 35.97 -84.29
N VAL NB 134 -53.84 37.30 -84.41
CA VAL NB 134 -53.68 37.93 -85.72
C VAL NB 134 -52.26 37.71 -86.22
N ARG NB 135 -51.29 37.79 -85.31
CA ARG NB 135 -49.91 37.50 -85.68
C ARG NB 135 -49.71 36.04 -86.05
N ARG NB 136 -50.49 35.15 -85.44
CA ARG NB 136 -50.37 33.74 -85.79
C ARG NB 136 -50.86 33.49 -87.21
N ILE NB 137 -52.08 33.96 -87.53
CA ILE NB 137 -52.70 33.73 -88.84
C ILE NB 137 -51.86 34.31 -89.96
N ASN NB 138 -51.31 35.51 -89.75
CA ASN NB 138 -50.40 36.10 -90.70
C ASN NB 138 -49.11 35.31 -90.86
N ILE NB 139 -48.70 34.54 -89.86
CA ILE NB 139 -47.59 33.63 -90.07
C ILE NB 139 -48.04 32.41 -90.87
N ILE NB 140 -49.22 31.85 -90.55
CA ILE NB 140 -49.69 30.73 -91.36
C ILE NB 140 -50.20 31.13 -92.74
N LYS NB 141 -50.41 32.41 -93.03
CA LYS NB 141 -50.68 32.76 -94.42
C LYS NB 141 -49.40 32.91 -95.22
N GLU NB 142 -48.31 33.35 -94.57
CA GLU NB 142 -47.02 33.43 -95.27
C GLU NB 142 -46.40 32.05 -95.46
N GLU NB 143 -46.26 31.29 -94.36
CA GLU NB 143 -45.49 30.06 -94.42
C GLU NB 143 -46.26 28.95 -95.14
N GLY NB 144 -47.54 28.80 -94.82
CA GLY NB 144 -48.38 27.82 -95.49
C GLY NB 144 -48.01 26.39 -95.17
N GLU NB 145 -47.42 25.71 -96.15
CA GLU NB 145 -47.04 24.31 -95.98
C GLU NB 145 -45.72 24.15 -95.25
N ASN NB 146 -44.85 25.16 -95.28
CA ASN NB 146 -43.64 25.12 -94.48
C ASN NB 146 -43.80 25.77 -93.12
N TYR NB 147 -45.02 25.77 -92.58
CA TYR NB 147 -45.27 26.30 -91.25
C TYR NB 147 -45.06 25.22 -90.21
N MET NB 148 -44.16 25.49 -89.31
CA MET NB 148 -43.85 24.69 -88.15
C MET NB 148 -44.89 24.95 -87.06
N PRO NB 149 -45.41 23.90 -86.40
CA PRO NB 149 -46.46 24.14 -85.38
C PRO NB 149 -45.91 24.81 -84.13
N GLY NB 150 -46.70 25.74 -83.59
CA GLY NB 150 -46.30 26.50 -82.43
C GLY NB 150 -45.39 27.67 -82.72
N ASP NB 151 -45.12 27.96 -83.99
CA ASP NB 151 -44.22 29.03 -84.37
C ASP NB 151 -44.99 30.35 -84.37
N LEU NB 152 -44.64 31.24 -83.44
CA LEU NB 152 -45.06 32.64 -83.50
C LEU NB 152 -43.89 33.56 -83.83
N ARG NB 153 -42.80 32.99 -84.35
CA ARG NB 153 -41.55 33.67 -84.67
C ARG NB 153 -40.99 34.39 -83.43
N ILE NB 154 -40.76 33.59 -82.39
CA ILE NB 154 -40.23 34.07 -81.13
C ILE NB 154 -39.00 33.22 -80.83
N GLY NB 155 -37.81 33.75 -81.10
CA GLY NB 155 -36.63 33.07 -80.61
C GLY NB 155 -35.47 32.86 -81.56
N GLN NB 156 -34.98 31.62 -81.60
CA GLN NB 156 -33.57 31.35 -81.86
C GLN NB 156 -33.19 31.49 -83.33
N GLY NB 157 -34.04 31.06 -84.26
CA GLY NB 157 -33.54 30.66 -85.56
C GLY NB 157 -33.48 31.74 -86.62
N GLU NB 158 -34.43 31.72 -87.55
CA GLU NB 158 -34.50 32.68 -88.66
C GLU NB 158 -35.04 34.02 -88.18
N GLY NB 159 -35.55 34.85 -89.08
CA GLY NB 159 -35.97 36.20 -88.71
C GLY NB 159 -37.16 36.24 -87.77
N ARG NB 160 -36.90 35.80 -86.54
CA ARG NB 160 -37.81 35.77 -85.41
C ARG NB 160 -37.40 36.83 -84.41
N TRP NB 161 -38.30 37.10 -83.48
CA TRP NB 161 -38.02 38.08 -82.43
C TRP NB 161 -37.21 37.43 -81.33
N ASN NB 162 -35.98 37.91 -81.12
CA ASN NB 162 -35.10 37.38 -80.09
C ASN NB 162 -34.42 38.49 -79.32
N PRO NB 163 -35.11 39.10 -78.35
CA PRO NB 163 -34.46 40.12 -77.52
C PRO NB 163 -33.57 39.55 -76.42
N PHE NB 164 -33.47 38.23 -76.29
CA PHE NB 164 -32.67 37.62 -75.24
C PHE NB 164 -31.50 36.81 -75.76
N GLY NB 165 -31.24 36.81 -77.06
CA GLY NB 165 -30.18 36.01 -77.63
C GLY NB 165 -30.63 34.59 -77.86
N LEU NB 166 -30.69 33.80 -76.78
CA LEU NB 166 -31.33 32.47 -76.75
C LEU NB 166 -30.78 31.51 -77.78
N ASP NB 167 -29.47 31.49 -77.96
CA ASP NB 167 -28.93 30.88 -79.17
C ASP NB 167 -28.53 29.46 -78.78
N TYR NB 168 -29.52 28.59 -78.68
CA TYR NB 168 -29.30 27.21 -78.25
C TYR NB 168 -28.54 26.43 -79.31
N SER NB 169 -27.98 25.30 -78.90
CA SER NB 169 -27.38 24.39 -79.86
C SER NB 169 -28.50 23.64 -80.57
N PRO NB 170 -28.26 23.16 -81.81
CA PRO NB 170 -29.35 22.58 -82.61
C PRO NB 170 -29.93 21.27 -82.10
N GLU NB 171 -29.44 20.68 -81.01
CA GLU NB 171 -30.17 19.57 -80.42
C GLU NB 171 -30.42 19.74 -78.93
N ALA NB 172 -29.85 20.76 -78.29
CA ALA NB 172 -30.45 21.27 -77.07
C ALA NB 172 -31.71 22.06 -77.35
N TYR NB 173 -31.94 22.45 -78.61
CA TYR NB 173 -33.19 23.09 -78.99
C TYR NB 173 -34.34 22.11 -79.06
N GLU NB 174 -34.09 20.87 -79.46
CA GLU NB 174 -35.15 19.87 -79.47
C GLU NB 174 -35.45 19.33 -78.09
N GLU NB 175 -34.53 19.47 -77.14
CA GLU NB 175 -34.86 19.18 -75.75
C GLU NB 175 -35.75 20.26 -75.17
N LYS NB 176 -35.55 21.53 -75.55
CA LYS NB 176 -36.44 22.60 -75.14
C LYS NB 176 -37.82 22.44 -75.75
N ARG NB 177 -37.90 21.88 -76.97
CA ARG NB 177 -39.20 21.59 -77.58
C ARG NB 177 -39.91 20.47 -76.84
N LEU NB 178 -39.17 19.50 -76.36
CA LEU NB 178 -39.75 18.41 -75.58
C LEU NB 178 -40.10 18.83 -74.17
N GLN NB 179 -39.29 19.72 -73.58
CA GLN NB 179 -39.64 20.27 -72.28
C GLN NB 179 -40.89 21.13 -72.36
N GLU NB 180 -41.08 21.83 -73.47
CA GLU NB 180 -42.28 22.63 -73.65
C GLU NB 180 -43.51 21.73 -73.81
N LEU NB 181 -43.38 20.67 -74.60
CA LEU NB 181 -44.52 19.82 -74.89
C LEU NB 181 -44.93 19.00 -73.68
N LYS NB 182 -43.96 18.53 -72.89
CA LYS NB 182 -44.29 17.78 -71.70
C LYS NB 182 -44.89 18.67 -70.62
N HIS NB 183 -44.47 19.94 -70.57
CA HIS NB 183 -45.13 20.88 -69.69
C HIS NB 183 -46.47 21.33 -70.23
N CYS NB 184 -46.64 21.32 -71.55
CA CYS NB 184 -47.94 21.62 -72.15
C CYS NB 184 -48.98 20.59 -71.75
N ARG NB 185 -48.62 19.30 -71.86
CA ARG NB 185 -49.55 18.24 -71.53
C ARG NB 185 -49.78 18.13 -70.04
N LEU NB 186 -48.79 18.50 -69.23
CA LEU NB 186 -48.96 18.41 -67.78
C LEU NB 186 -49.82 19.54 -67.25
N ALA NB 187 -49.60 20.77 -67.71
CA ALA NB 187 -50.36 21.90 -67.21
C ALA NB 187 -51.78 21.94 -67.75
N MET NB 188 -52.06 21.24 -68.83
CA MET NB 188 -53.44 21.07 -69.27
C MET NB 188 -54.23 20.27 -68.26
N ILE NB 189 -53.62 19.20 -67.73
CA ILE NB 189 -54.24 18.45 -66.64
C ILE NB 189 -54.26 19.28 -65.36
N GLY NB 190 -53.24 20.11 -65.16
CA GLY NB 190 -53.16 20.88 -63.93
C GLY NB 190 -54.17 22.00 -63.86
N VAL NB 191 -54.38 22.71 -64.98
CA VAL NB 191 -55.34 23.79 -64.99
C VAL NB 191 -56.77 23.27 -65.02
N PHE NB 192 -56.97 22.00 -65.41
CA PHE NB 192 -58.28 21.42 -65.27
C PHE NB 192 -58.60 21.17 -63.81
N GLY NB 193 -57.62 20.68 -63.06
CA GLY NB 193 -57.84 20.44 -61.65
C GLY NB 193 -58.01 21.71 -60.85
N LEU NB 194 -57.31 22.78 -61.25
CA LEU NB 194 -57.49 24.07 -60.60
C LEU NB 194 -58.88 24.62 -60.85
N TRP NB 195 -59.35 24.51 -62.09
CA TRP NB 195 -60.69 24.97 -62.43
C TRP NB 195 -61.76 24.14 -61.74
N ALA NB 196 -61.50 22.84 -61.57
CA ALA NB 196 -62.49 21.98 -60.94
C ALA NB 196 -62.47 22.08 -59.43
N GLN NB 197 -61.31 22.37 -58.83
CA GLN NB 197 -61.28 22.54 -57.39
C GLN NB 197 -61.80 23.90 -56.96
N ALA NB 198 -61.63 24.92 -57.80
CA ALA NB 198 -62.14 26.25 -57.47
C ALA NB 198 -63.67 26.27 -57.47
N GLN NB 199 -64.28 25.48 -58.34
CA GLN NB 199 -65.73 25.26 -58.28
C GLN NB 199 -66.12 24.42 -57.07
N ALA NB 200 -65.36 23.37 -56.79
CA ALA NB 200 -65.76 22.43 -55.74
C ALA NB 200 -65.54 22.98 -54.34
N SER NB 201 -64.51 23.80 -54.16
CA SER NB 201 -64.26 24.40 -52.84
C SER NB 201 -64.88 25.76 -52.69
N GLY NB 202 -64.92 26.56 -53.75
CA GLY NB 202 -65.39 27.93 -53.67
C GLY NB 202 -64.31 28.94 -53.39
N VAL NB 203 -63.10 28.51 -53.05
CA VAL NB 203 -62.00 29.42 -52.77
C VAL NB 203 -60.85 29.17 -53.72
N GLY NB 204 -59.79 29.95 -53.60
CA GLY NB 204 -58.59 29.72 -54.37
C GLY NB 204 -57.83 28.50 -53.88
N VAL NB 205 -56.77 28.17 -54.61
CA VAL NB 205 -56.04 26.95 -54.29
C VAL NB 205 -55.06 27.15 -53.13
N THR NB 206 -54.59 28.38 -52.88
CA THR NB 206 -53.71 28.60 -51.73
C THR NB 206 -54.47 28.60 -50.43
N GLU NB 207 -55.79 28.52 -50.53
CA GLU NB 207 -56.77 28.90 -49.56
C GLU NB 207 -57.49 27.65 -49.15
N GLN NB 208 -57.27 26.62 -49.95
CA GLN NB 208 -57.66 25.22 -49.83
C GLN NB 208 -56.47 24.34 -49.48
N ILE NB 209 -55.30 24.57 -50.09
CA ILE NB 209 -54.09 23.87 -49.67
C ILE NB 209 -53.61 24.40 -48.33
N GLY NB 210 -53.61 25.72 -48.17
CA GLY NB 210 -53.16 26.33 -46.93
C GLY NB 210 -54.05 26.01 -45.74
N ALA NB 211 -55.33 25.73 -46.00
CA ALA NB 211 -56.22 25.28 -44.95
C ALA NB 211 -56.06 23.80 -44.65
N ALA NB 212 -55.57 23.02 -45.60
CA ALA NB 212 -55.33 21.59 -45.37
C ALA NB 212 -53.92 21.30 -44.88
N LEU NB 213 -52.96 22.18 -45.17
CA LEU NB 213 -51.60 22.04 -44.66
C LEU NB 213 -51.40 22.74 -43.33
N THR NB 214 -52.48 23.19 -42.71
CA THR NB 214 -52.51 23.72 -41.36
C THR NB 214 -53.26 22.82 -40.40
N THR NB 215 -52.85 22.87 -39.17
CA THR NB 215 -53.53 22.14 -38.12
C THR NB 215 -54.86 22.82 -37.77
N PRO NB 216 -55.89 22.03 -37.46
CA PRO NB 216 -57.17 22.62 -37.06
C PRO NB 216 -57.07 23.32 -35.71
N ASP NB 217 -57.98 24.26 -35.52
CA ASP NB 217 -57.96 25.14 -34.36
C ASP NB 217 -58.38 24.41 -33.09
N TYR NB 218 -59.16 23.33 -33.22
CA TYR NB 218 -59.46 22.49 -32.08
C TYR NB 218 -58.39 21.44 -31.83
N TYR NB 219 -57.50 21.21 -32.80
CA TYR NB 219 -56.44 20.24 -32.65
C TYR NB 219 -55.12 20.88 -32.23
N ALA NB 220 -55.00 22.19 -32.43
CA ALA NB 220 -53.78 22.91 -32.10
C ALA NB 220 -53.49 22.82 -30.61
N LYS NB 221 -52.31 22.32 -30.29
CA LYS NB 221 -51.83 22.30 -28.91
C LYS NB 221 -51.74 23.72 -28.39
N ALA NB 222 -52.07 23.89 -27.10
CA ALA NB 222 -51.92 25.19 -26.47
C ALA NB 222 -50.47 25.63 -26.48
N GLY NB 223 -49.58 24.76 -26.02
CA GLY NB 223 -48.18 24.84 -26.35
C GLY NB 223 -47.35 25.80 -25.53
N TYR NB 224 -46.23 25.28 -25.03
CA TYR NB 224 -45.08 26.06 -24.55
C TYR NB 224 -45.45 27.00 -23.40
N PHE NB 225 -45.98 26.40 -22.34
CA PHE NB 225 -46.28 27.10 -21.11
C PHE NB 225 -45.32 26.72 -20.00
N LEU NB 226 -44.20 26.09 -20.35
CA LEU NB 226 -43.21 25.65 -19.37
C LEU NB 226 -42.20 26.76 -19.13
N PRO NB 227 -42.12 27.32 -17.91
CA PRO NB 227 -41.17 28.39 -17.60
C PRO NB 227 -39.72 27.92 -17.56
N GLU OB 1 -74.39 -27.68 -83.78
CA GLU OB 1 -75.37 -27.13 -84.68
C GLU OB 1 -76.76 -27.34 -84.10
N PRO OB 2 -77.36 -26.26 -83.62
CA PRO OB 2 -78.61 -26.37 -82.85
C PRO OB 2 -79.89 -26.25 -83.65
N LEU OB 3 -79.84 -26.31 -84.98
CA LEU OB 3 -81.03 -26.17 -85.81
C LEU OB 3 -81.48 -27.48 -86.45
N GLY OB 4 -80.94 -28.62 -86.00
CA GLY OB 4 -81.31 -29.89 -86.58
C GLY OB 4 -82.69 -30.36 -86.16
N LEU OB 5 -83.23 -31.28 -86.96
CA LEU OB 5 -84.54 -31.88 -86.75
C LEU OB 5 -84.50 -33.11 -85.85
N TYR OB 6 -83.37 -33.35 -85.18
CA TYR OB 6 -83.16 -34.59 -84.46
C TYR OB 6 -83.17 -34.42 -82.95
N ASP OB 7 -83.44 -33.23 -82.44
CA ASP OB 7 -83.40 -33.05 -80.98
C ASP OB 7 -84.58 -33.71 -80.27
N PRO OB 8 -85.86 -33.28 -80.49
CA PRO OB 8 -86.87 -33.48 -79.44
C PRO OB 8 -87.62 -34.80 -79.49
N LEU OB 9 -87.03 -35.82 -80.12
CA LEU OB 9 -87.35 -37.24 -79.99
C LEU OB 9 -88.56 -37.63 -80.85
N GLY OB 10 -89.31 -36.64 -81.38
CA GLY OB 10 -90.46 -36.84 -82.25
C GLY OB 10 -91.68 -37.53 -81.66
N TRP OB 11 -92.88 -37.37 -82.24
CA TRP OB 11 -93.22 -36.43 -83.32
C TRP OB 11 -94.61 -35.89 -83.02
N LEU OB 12 -95.04 -34.80 -83.68
CA LEU OB 12 -96.40 -34.31 -83.47
C LEU OB 12 -97.06 -33.91 -84.78
N ASP OB 13 -98.31 -33.48 -84.66
CA ASP OB 13 -99.36 -33.64 -85.67
C ASP OB 13 -99.22 -32.81 -86.95
N PRO OB 14 -99.39 -31.46 -86.91
CA PRO OB 14 -100.00 -30.80 -88.08
C PRO OB 14 -99.11 -30.62 -89.31
N GLU OB 15 -97.87 -30.13 -89.10
CA GLU OB 15 -96.85 -29.65 -90.05
C GLU OB 15 -97.26 -28.31 -90.69
N LYS OB 16 -98.53 -27.93 -90.47
CA LYS OB 16 -99.16 -26.62 -90.71
C LYS OB 16 -98.85 -26.02 -92.09
N ASP OB 17 -99.40 -26.67 -93.10
CA ASP OB 17 -99.60 -26.12 -94.44
C ASP OB 17 -100.41 -24.81 -94.51
N PRO OB 18 -101.25 -24.45 -93.54
CA PRO OB 18 -101.71 -23.03 -93.47
C PRO OB 18 -100.59 -21.98 -93.37
N ALA OB 19 -99.38 -22.35 -92.94
CA ALA OB 19 -98.32 -21.36 -92.80
C ALA OB 19 -97.77 -20.90 -94.14
N SER OB 20 -97.74 -21.79 -95.14
CA SER OB 20 -97.18 -21.47 -96.45
C SER OB 20 -98.24 -20.97 -97.42
N LYS OB 21 -99.34 -20.45 -96.90
CA LYS OB 21 -100.50 -20.14 -97.73
C LYS OB 21 -100.38 -18.74 -98.33
N PHE OB 22 -100.26 -17.71 -97.49
CA PHE OB 22 -99.92 -16.37 -97.98
C PHE OB 22 -98.94 -15.66 -97.05
N ALA OB 23 -98.46 -16.32 -96.01
CA ALA OB 23 -97.52 -15.74 -95.06
C ALA OB 23 -96.25 -16.55 -95.03
N THR OB 24 -95.66 -16.82 -96.21
CA THR OB 24 -94.67 -17.87 -96.42
C THR OB 24 -93.36 -17.66 -95.66
N PHE OB 25 -93.13 -16.47 -95.09
CA PHE OB 25 -91.96 -16.27 -94.25
C PHE OB 25 -92.04 -17.08 -92.97
N HIS OB 26 -93.23 -17.14 -92.37
CA HIS OB 26 -93.43 -17.86 -91.12
C HIS OB 26 -93.51 -19.36 -91.31
N ALA OB 27 -93.49 -19.86 -92.56
CA ALA OB 27 -93.54 -21.28 -92.83
C ALA OB 27 -92.18 -21.96 -92.78
N ASN OB 28 -91.11 -21.18 -92.62
CA ASN OB 28 -89.77 -21.75 -92.51
C ASN OB 28 -89.63 -22.51 -91.20
N PHE OB 29 -89.00 -23.69 -91.28
CA PHE OB 29 -88.82 -24.51 -90.09
C PHE OB 29 -87.81 -23.88 -89.12
N GLU OB 30 -86.74 -23.29 -89.66
CA GLU OB 30 -85.65 -22.76 -88.83
C GLU OB 30 -86.14 -21.66 -87.90
N ARG OB 31 -87.14 -20.89 -88.35
CA ARG OB 31 -87.70 -19.89 -87.47
C ARG OB 31 -88.62 -20.51 -86.43
N ARG OB 32 -89.36 -21.56 -86.80
CA ARG OB 32 -90.25 -22.20 -85.83
C ARG OB 32 -89.47 -22.91 -84.73
N ARG OB 33 -88.28 -23.44 -85.05
CA ARG OB 33 -87.39 -23.93 -84.01
C ARG OB 33 -86.82 -22.78 -83.19
N ALA OB 34 -86.48 -21.66 -83.86
CA ALA OB 34 -86.00 -20.49 -83.15
C ALA OB 34 -87.08 -19.85 -82.29
N VAL OB 35 -88.35 -20.00 -82.67
CA VAL OB 35 -89.44 -19.50 -81.84
C VAL OB 35 -89.70 -20.42 -80.66
N GLU OB 36 -89.73 -21.75 -80.92
CA GLU OB 36 -89.98 -22.72 -79.86
C GLU OB 36 -88.87 -22.69 -78.81
N ARG OB 37 -87.62 -22.54 -79.25
CA ARG OB 37 -86.52 -22.41 -78.29
C ARG OB 37 -86.62 -21.10 -77.52
N LYS OB 38 -86.99 -20.01 -78.20
CA LYS OB 38 -87.06 -18.72 -77.52
C LYS OB 38 -88.26 -18.66 -76.59
N HIS OB 39 -89.41 -19.19 -77.02
CA HIS OB 39 -90.55 -19.30 -76.11
C HIS OB 39 -90.25 -20.25 -74.96
N GLY OB 40 -89.36 -21.21 -75.16
CA GLY OB 40 -88.95 -22.07 -74.06
C GLY OB 40 -88.07 -21.36 -73.05
N ARG OB 41 -87.08 -20.61 -73.54
CA ARG OB 41 -86.12 -19.94 -72.66
C ARG OB 41 -86.78 -18.84 -71.84
N ILE OB 42 -87.74 -18.11 -72.44
CA ILE OB 42 -88.49 -17.09 -71.72
C ILE OB 42 -89.41 -17.74 -70.68
N ALA OB 43 -90.01 -18.88 -71.04
CA ALA OB 43 -90.91 -19.57 -70.10
C ALA OB 43 -90.16 -20.14 -68.91
N MET OB 44 -88.92 -20.54 -69.09
CA MET OB 44 -88.18 -21.17 -68.00
C MET OB 44 -87.75 -20.16 -66.96
N VAL OB 45 -87.35 -18.96 -67.40
CA VAL OB 45 -87.05 -17.89 -66.44
C VAL OB 45 -88.30 -17.17 -65.96
N ALA OB 46 -89.48 -17.57 -66.43
CA ALA OB 46 -90.71 -17.03 -65.89
C ALA OB 46 -91.28 -17.88 -64.76
N VAL OB 47 -91.01 -19.19 -64.74
CA VAL OB 47 -91.46 -20.02 -63.64
C VAL OB 47 -90.62 -19.78 -62.39
N VAL OB 48 -89.30 -19.64 -62.56
CA VAL OB 48 -88.46 -19.16 -61.46
C VAL OB 48 -88.85 -17.74 -61.05
N GLY OB 49 -89.36 -16.96 -62.00
CA GLY OB 49 -89.96 -15.67 -61.65
C GLY OB 49 -91.16 -15.81 -60.72
N MET OB 50 -92.06 -16.75 -61.01
CA MET OB 50 -93.21 -16.93 -60.13
C MET OB 50 -92.92 -17.86 -58.96
N LEU OB 51 -91.67 -18.28 -58.81
CA LEU OB 51 -91.22 -18.99 -57.64
C LEU OB 51 -90.52 -18.05 -56.67
N PHE OB 52 -89.83 -17.04 -57.18
CA PHE OB 52 -89.13 -16.06 -56.35
C PHE OB 52 -90.06 -15.01 -55.80
N HIS OB 53 -91.01 -14.54 -56.62
CA HIS OB 53 -91.97 -13.55 -56.13
C HIS OB 53 -92.98 -14.17 -55.19
N ASN OB 54 -93.27 -15.45 -55.33
CA ASN OB 54 -94.33 -16.02 -54.54
C ASN OB 54 -93.82 -16.52 -53.20
N ALA OB 55 -92.52 -16.74 -53.10
CA ALA OB 55 -91.83 -17.04 -51.85
C ALA OB 55 -91.47 -15.79 -51.07
N ASP OB 56 -91.87 -14.62 -51.57
CA ASP OB 56 -91.71 -13.32 -50.92
C ASP OB 56 -90.24 -12.97 -50.67
N ILE OB 57 -89.40 -13.21 -51.68
CA ILE OB 57 -88.08 -12.60 -51.71
C ILE OB 57 -88.33 -11.21 -52.27
N GLU OB 58 -88.62 -10.25 -51.38
CA GLU OB 58 -89.32 -9.05 -51.81
C GLU OB 58 -88.39 -8.05 -52.48
N PHE OB 59 -87.44 -7.46 -51.70
CA PHE OB 59 -86.06 -7.04 -51.97
C PHE OB 59 -85.64 -6.24 -50.74
N PRO OB 60 -84.35 -5.95 -50.55
CA PRO OB 60 -83.98 -4.83 -49.65
C PRO OB 60 -84.03 -3.49 -50.37
N GLY OB 61 -84.96 -2.64 -49.95
CA GLY OB 61 -84.95 -1.24 -50.33
C GLY OB 61 -86.22 -0.81 -51.05
N TYR OB 62 -86.18 0.40 -51.58
CA TYR OB 62 -87.25 0.99 -52.35
C TYR OB 62 -87.06 0.66 -53.83
N LEU OB 63 -88.17 0.56 -54.55
CA LEU OB 63 -88.11 0.46 -55.99
C LEU OB 63 -88.11 1.83 -56.65
N SER OB 64 -89.01 2.70 -56.22
CA SER OB 64 -89.05 4.09 -56.66
C SER OB 64 -89.01 4.98 -55.43
N GLY OB 65 -87.93 5.74 -55.29
CA GLY OB 65 -87.77 6.61 -54.15
C GLY OB 65 -88.70 7.81 -54.14
N GLU OB 66 -89.06 8.33 -55.32
CA GLU OB 66 -89.92 9.50 -55.39
C GLU OB 66 -91.40 9.16 -55.49
N LEU OB 67 -91.76 8.01 -56.06
CA LEU OB 67 -93.13 7.53 -55.91
C LEU OB 67 -93.36 6.87 -54.57
N GLY OB 68 -92.29 6.57 -53.84
CA GLY OB 68 -92.40 5.95 -52.53
C GLY OB 68 -92.82 4.50 -52.58
N ILE OB 69 -92.47 3.79 -53.64
CA ILE OB 69 -92.87 2.40 -53.81
C ILE OB 69 -91.69 1.51 -53.43
N ARG OB 70 -91.83 0.81 -52.31
CA ARG OB 70 -90.86 -0.22 -51.97
C ARG OB 70 -91.12 -1.47 -52.80
N PHE OB 71 -90.20 -2.43 -52.68
CA PHE OB 71 -90.35 -3.69 -53.39
C PHE OB 71 -91.38 -4.60 -52.74
N SER OB 72 -91.70 -4.39 -51.46
CA SER OB 72 -92.73 -5.22 -50.81
C SER OB 72 -94.14 -4.79 -51.21
N ASP OB 73 -94.28 -3.72 -51.98
CA ASP OB 73 -95.57 -3.16 -52.32
C ASP OB 73 -96.15 -3.78 -53.60
N VAL OB 74 -95.29 -4.12 -54.55
CA VAL OB 74 -95.72 -4.74 -55.81
C VAL OB 74 -96.27 -6.14 -55.52
N PRO OB 75 -97.31 -6.58 -56.22
CA PRO OB 75 -97.90 -7.89 -55.92
C PRO OB 75 -97.04 -9.05 -56.38
N ASN OB 76 -97.44 -10.24 -55.96
CA ASN OB 76 -96.77 -11.49 -56.31
C ASN OB 76 -97.48 -12.25 -57.42
N GLY OB 77 -98.71 -11.88 -57.79
CA GLY OB 77 -99.46 -12.54 -58.83
C GLY OB 77 -99.02 -12.15 -60.23
N MET OB 78 -99.92 -12.28 -61.20
CA MET OB 78 -99.47 -11.97 -62.56
C MET OB 78 -99.53 -10.47 -62.85
N ASN OB 79 -100.03 -9.66 -61.93
CA ASN OB 79 -100.09 -8.21 -62.09
C ASN OB 79 -98.88 -7.52 -61.47
N GLY OB 80 -97.72 -8.18 -61.50
CA GLY OB 80 -96.47 -7.63 -61.00
C GLY OB 80 -95.85 -6.58 -61.89
N LEU OB 81 -95.67 -6.89 -63.18
CA LEU OB 81 -95.07 -5.91 -64.09
C LEU OB 81 -96.00 -4.77 -64.45
N PHE OB 82 -97.31 -4.93 -64.27
CA PHE OB 82 -98.25 -3.87 -64.57
C PHE OB 82 -98.62 -3.08 -63.34
N SER OB 83 -97.88 -3.29 -62.25
CA SER OB 83 -97.98 -2.51 -61.04
C SER OB 83 -96.74 -1.70 -60.73
N ILE OB 84 -95.68 -1.80 -61.54
CA ILE OB 84 -94.48 -1.03 -61.24
C ILE OB 84 -94.79 0.24 -62.03
N PRO OB 85 -94.08 1.35 -61.84
CA PRO OB 85 -94.27 2.49 -62.75
C PRO OB 85 -93.86 2.18 -64.18
N LEU OB 86 -94.53 2.84 -65.11
CA LEU OB 86 -94.24 2.64 -66.52
C LEU OB 86 -92.95 3.34 -66.93
N ALA OB 87 -92.41 4.22 -66.09
CA ALA OB 87 -91.06 4.70 -66.29
C ALA OB 87 -90.03 3.64 -65.93
N GLY OB 88 -90.40 2.67 -65.11
CA GLY OB 88 -89.51 1.60 -64.74
C GLY OB 88 -89.65 0.42 -65.66
N LEU OB 89 -90.89 0.12 -66.06
CA LEU OB 89 -91.11 -0.95 -67.00
C LEU OB 89 -90.57 -0.61 -68.39
N THR OB 90 -90.47 0.69 -68.71
CA THR OB 90 -89.83 1.09 -69.96
C THR OB 90 -88.36 0.74 -69.97
N GLN OB 91 -87.67 0.90 -68.84
CA GLN OB 91 -86.25 0.56 -68.77
C GLN OB 91 -86.04 -0.95 -68.88
N ILE OB 92 -87.03 -1.75 -68.51
CA ILE OB 92 -86.89 -3.20 -68.57
C ILE OB 92 -86.88 -3.66 -70.02
N VAL OB 93 -87.88 -3.27 -70.80
CA VAL OB 93 -87.92 -3.79 -72.15
C VAL OB 93 -87.13 -2.90 -73.10
N PHE OB 94 -86.61 -1.76 -72.62
CA PHE OB 94 -85.52 -1.13 -73.36
C PHE OB 94 -84.28 -1.99 -73.30
N ALA OB 95 -83.96 -2.53 -72.11
CA ALA OB 95 -82.78 -3.38 -71.97
C ALA OB 95 -82.98 -4.72 -72.67
N ILE OB 96 -84.21 -5.23 -72.68
CA ILE OB 96 -84.49 -6.40 -73.50
C ILE OB 96 -84.35 -6.06 -74.97
N GLY OB 97 -84.70 -4.83 -75.37
CA GLY OB 97 -84.55 -4.41 -76.75
C GLY OB 97 -83.11 -4.34 -77.21
N VAL OB 98 -82.18 -3.98 -76.33
CA VAL OB 98 -80.77 -4.07 -76.68
C VAL OB 98 -80.34 -5.53 -76.72
N MET OB 99 -80.93 -6.37 -75.85
CA MET OB 99 -80.67 -7.80 -75.92
C MET OB 99 -81.26 -8.40 -77.20
N GLU OB 100 -82.47 -7.99 -77.58
CA GLU OB 100 -83.16 -8.57 -78.73
C GLU OB 100 -82.58 -8.16 -80.06
N LEU OB 101 -81.72 -7.16 -80.11
CA LEU OB 101 -81.17 -6.70 -81.36
C LEU OB 101 -79.66 -6.70 -81.40
N ALA OB 102 -78.99 -6.32 -80.31
CA ALA OB 102 -77.55 -6.14 -80.32
C ALA OB 102 -76.79 -7.29 -79.70
N ILE OB 103 -77.15 -7.70 -78.50
CA ILE OB 103 -76.31 -8.63 -77.75
C ILE OB 103 -76.63 -10.06 -78.15
N TRP OB 104 -77.90 -10.46 -77.97
CA TRP OB 104 -78.39 -11.78 -78.35
C TRP OB 104 -79.46 -11.60 -79.42
N PRO OB 105 -79.07 -11.29 -80.66
CA PRO OB 105 -80.05 -10.87 -81.67
C PRO OB 105 -80.95 -12.02 -82.09
N ALA OB 106 -82.26 -11.80 -82.01
CA ALA OB 106 -83.21 -12.86 -82.32
C ALA OB 106 -83.34 -13.12 -83.81
N SER OB 107 -82.70 -12.31 -84.66
CA SER OB 107 -82.60 -12.66 -86.08
C SER OB 107 -81.66 -13.84 -86.29
N ASN OB 108 -80.71 -14.03 -85.38
CA ASN OB 108 -79.88 -15.24 -85.35
C ASN OB 108 -80.79 -16.39 -84.94
N TYR OB 109 -81.20 -17.19 -85.92
CA TYR OB 109 -82.17 -18.26 -85.65
C TYR OB 109 -81.56 -19.47 -84.99
N SER OB 110 -80.22 -19.56 -84.92
CA SER OB 110 -79.60 -20.70 -84.27
C SER OB 110 -79.81 -20.68 -82.76
N GLY OB 111 -79.88 -19.49 -82.16
CA GLY OB 111 -79.98 -19.35 -80.72
C GLY OB 111 -78.66 -19.42 -80.01
N ASP OB 112 -77.57 -19.70 -80.71
CA ASP OB 112 -76.25 -19.82 -80.10
C ASP OB 112 -75.56 -18.46 -80.18
N TYR OB 113 -75.46 -17.79 -79.05
CA TYR OB 113 -74.79 -16.49 -78.96
C TYR OB 113 -73.40 -16.61 -78.33
N GLY OB 114 -72.82 -17.79 -78.34
CA GLY OB 114 -71.46 -18.00 -77.89
C GLY OB 114 -71.26 -17.87 -76.39
N THR OB 115 -72.15 -18.44 -75.60
CA THR OB 115 -72.09 -18.32 -74.15
C THR OB 115 -71.76 -19.62 -73.43
N GLY OB 116 -71.78 -20.75 -74.12
CA GLY OB 116 -71.62 -22.01 -73.43
C GLY OB 116 -72.90 -22.35 -72.68
N TYR OB 117 -72.76 -23.21 -71.67
CA TYR OB 117 -73.91 -23.65 -70.90
C TYR OB 117 -73.90 -23.14 -69.46
N GLY OB 118 -72.91 -23.48 -68.67
CA GLY OB 118 -73.06 -23.25 -67.24
C GLY OB 118 -72.13 -22.20 -66.68
N ARG OB 119 -71.15 -21.79 -67.49
CA ARG OB 119 -70.09 -20.93 -67.01
C ARG OB 119 -70.23 -19.55 -67.61
N PRO OB 120 -70.45 -18.50 -66.81
CA PRO OB 120 -70.35 -17.15 -67.34
C PRO OB 120 -68.90 -16.70 -67.46
N PHE OB 121 -68.71 -15.66 -68.28
CA PHE OB 121 -67.47 -14.89 -68.55
C PHE OB 121 -66.43 -15.64 -69.36
N VAL OB 122 -66.68 -16.94 -69.57
CA VAL OB 122 -65.88 -17.88 -70.33
C VAL OB 122 -66.79 -19.08 -70.64
N PRO OB 123 -66.99 -19.40 -71.92
CA PRO OB 123 -68.05 -20.34 -72.29
C PRO OB 123 -67.67 -21.78 -72.04
N ASN OB 124 -68.56 -22.53 -71.40
CA ASN OB 124 -68.42 -23.97 -71.29
C ASN OB 124 -68.89 -24.57 -72.60
N VAL OB 125 -67.94 -24.96 -73.43
CA VAL OB 125 -68.21 -25.57 -74.72
C VAL OB 125 -68.48 -27.06 -74.51
N LEU OB 126 -69.66 -27.51 -74.92
CA LEU OB 126 -69.95 -28.93 -74.95
C LEU OB 126 -69.63 -29.48 -76.34
N GLU OB 127 -69.08 -30.70 -76.38
CA GLU OB 127 -68.42 -31.16 -77.59
C GLU OB 127 -69.24 -32.16 -78.40
N GLY OB 128 -69.59 -33.31 -77.82
CA GLY OB 128 -70.06 -34.43 -78.63
C GLY OB 128 -71.52 -34.79 -78.51
N ASP OB 129 -71.78 -36.01 -78.01
CA ASP OB 129 -73.15 -36.49 -77.86
C ASP OB 129 -73.83 -35.76 -76.71
N GLU OB 130 -73.05 -35.34 -75.71
CA GLU OB 130 -73.65 -34.60 -74.60
C GLU OB 130 -74.05 -33.21 -75.03
N LEU OB 131 -73.33 -32.63 -76.00
CA LEU OB 131 -73.77 -31.39 -76.62
C LEU OB 131 -75.10 -31.57 -77.34
N LYS OB 132 -75.17 -32.59 -78.20
CA LYS OB 132 -76.39 -33.13 -78.81
C LYS OB 132 -77.51 -33.38 -77.80
N TYR OB 133 -77.16 -33.88 -76.60
CA TYR OB 133 -78.15 -34.28 -75.60
C TYR OB 133 -78.66 -33.09 -74.78
N LYS OB 134 -77.80 -32.11 -74.49
CA LYS OB 134 -78.25 -30.95 -73.74
C LYS OB 134 -79.13 -30.02 -74.55
N LEU OB 135 -79.04 -30.08 -75.88
CA LEU OB 135 -79.90 -29.24 -76.73
C LEU OB 135 -81.35 -29.68 -76.67
N ASP OB 136 -81.61 -30.99 -76.67
CA ASP OB 136 -82.99 -31.43 -76.59
C ASP OB 136 -83.56 -31.27 -75.19
N MET OB 137 -82.73 -31.39 -74.15
CA MET OB 137 -83.14 -31.05 -72.79
C MET OB 137 -83.53 -29.60 -72.62
N GLU OB 138 -82.85 -28.70 -73.34
CA GLU OB 138 -83.26 -27.30 -73.32
C GLU OB 138 -84.63 -27.13 -73.94
N ILE OB 139 -84.90 -27.84 -75.02
CA ILE OB 139 -86.22 -27.77 -75.66
C ILE OB 139 -87.26 -28.46 -74.79
N ASN OB 140 -86.89 -29.60 -74.19
CA ASN OB 140 -87.86 -30.45 -73.50
C ASN OB 140 -88.25 -29.83 -72.16
N GLN OB 141 -87.29 -29.21 -71.47
CA GLN OB 141 -87.62 -28.40 -70.31
C GLN OB 141 -88.21 -27.05 -70.71
N GLY OB 142 -87.91 -26.57 -71.92
CA GLY OB 142 -88.59 -25.39 -72.42
C GLY OB 142 -90.05 -25.63 -72.73
N ARG OB 143 -90.37 -26.86 -73.12
CA ARG OB 143 -91.76 -27.20 -73.41
C ARG OB 143 -92.57 -27.39 -72.14
N ALA OB 144 -91.95 -27.96 -71.10
CA ALA OB 144 -92.66 -28.16 -69.85
C ALA OB 144 -92.92 -26.84 -69.14
N ALA OB 145 -92.05 -25.86 -69.35
CA ALA OB 145 -92.26 -24.54 -68.77
C ALA OB 145 -93.29 -23.73 -69.56
N MET OB 146 -93.43 -23.99 -70.86
CA MET OB 146 -94.44 -23.32 -71.66
C MET OB 146 -95.84 -23.76 -71.28
N MET OB 147 -96.03 -25.07 -71.09
CA MET OB 147 -97.32 -25.57 -70.63
C MET OB 147 -97.53 -25.36 -69.14
N GLY OB 148 -96.47 -25.12 -68.37
CA GLY OB 148 -96.63 -24.89 -66.94
C GLY OB 148 -97.11 -23.50 -66.61
N ILE OB 149 -96.81 -22.53 -67.48
CA ILE OB 149 -97.22 -21.15 -67.25
C ILE OB 149 -98.73 -21.00 -67.44
N MET OB 150 -99.25 -21.57 -68.53
CA MET OB 150 -100.69 -21.49 -68.77
C MET OB 150 -101.48 -22.37 -67.80
N GLY OB 151 -100.82 -23.28 -67.09
CA GLY OB 151 -101.42 -23.96 -65.95
C GLY OB 151 -101.33 -23.17 -64.66
N ALA OB 152 -100.41 -22.21 -64.58
CA ALA OB 152 -100.23 -21.40 -63.38
C ALA OB 152 -100.73 -19.97 -63.52
N LEU OB 153 -101.25 -19.58 -64.69
CA LEU OB 153 -101.86 -18.26 -64.90
C LEU OB 153 -103.32 -18.23 -65.28
N VAL OB 154 -104.01 -19.38 -65.36
CA VAL OB 154 -105.47 -19.29 -65.40
C VAL OB 154 -106.04 -19.21 -64.00
N GLY OB 155 -105.31 -19.71 -63.01
CA GLY OB 155 -105.76 -19.71 -61.64
C GLY OB 155 -104.64 -20.01 -60.66
N PHE PB 1 -50.44 70.67 -114.57
CA PHE PB 1 -51.61 71.48 -114.25
C PHE PB 1 -51.23 72.93 -114.18
N GLU PB 2 -50.35 73.30 -115.13
CA GLU PB 2 -49.83 74.65 -115.31
C GLU PB 2 -50.82 75.62 -115.93
N ASN PB 3 -51.38 75.31 -117.11
CA ASN PB 3 -52.23 76.26 -117.83
C ASN PB 3 -53.62 75.64 -117.95
N GLU PB 4 -54.48 75.90 -116.97
CA GLU PB 4 -55.91 75.67 -117.15
C GLU PB 4 -56.65 76.71 -116.28
N LEU PB 5 -57.88 76.40 -115.85
CA LEU PB 5 -58.81 77.47 -115.49
C LEU PB 5 -58.38 78.20 -114.22
N GLY PB 6 -57.66 77.53 -113.31
CA GLY PB 6 -57.18 78.21 -112.12
C GLY PB 6 -55.93 79.05 -112.32
N ALA PB 7 -55.22 78.86 -113.42
CA ALA PB 7 -54.03 79.64 -113.73
C ALA PB 7 -54.44 81.06 -114.10
N GLN PB 8 -53.60 82.02 -113.74
CA GLN PB 8 -54.21 83.25 -113.28
C GLN PB 8 -53.19 84.38 -113.32
N PRO PB 9 -53.59 85.57 -113.81
CA PRO PB 9 -52.61 86.66 -113.97
C PRO PB 9 -52.01 87.16 -112.65
N PRO PB 10 -52.76 87.23 -111.49
CA PRO PB 10 -52.02 87.53 -110.27
C PRO PB 10 -51.24 86.35 -109.73
N LEU PB 11 -51.78 85.13 -109.85
CA LEU PB 11 -51.17 84.03 -109.11
C LEU PB 11 -51.37 82.78 -109.96
N GLY PB 12 -50.38 82.45 -110.80
CA GLY PB 12 -50.51 81.33 -111.72
C GLY PB 12 -50.14 80.00 -111.09
N PHE PB 13 -51.15 79.14 -110.90
CA PHE PB 13 -51.03 77.81 -110.31
C PHE PB 13 -50.37 77.88 -108.93
N PHE PB 14 -51.12 78.46 -107.98
CA PHE PB 14 -50.61 78.77 -106.65
C PHE PB 14 -50.13 77.52 -105.92
N ASP PB 15 -51.08 76.61 -105.57
CA ASP PB 15 -50.89 75.27 -105.02
C ASP PB 15 -49.86 75.20 -103.89
N PRO PB 16 -50.14 75.72 -102.70
CA PRO PB 16 -49.13 75.69 -101.65
C PRO PB 16 -48.97 74.33 -101.00
N LEU PB 17 -50.08 73.62 -100.82
CA LEU PB 17 -50.08 72.35 -100.12
C LEU PB 17 -49.70 71.22 -101.09
N GLY PB 18 -49.62 70.00 -100.57
CA GLY PB 18 -49.25 68.84 -101.37
C GLY PB 18 -50.40 68.15 -102.06
N LEU PB 19 -51.03 68.79 -103.05
CA LEU PB 19 -52.25 68.24 -103.65
C LEU PB 19 -51.99 67.47 -104.94
N VAL PB 20 -51.51 68.14 -105.99
CA VAL PB 20 -51.53 67.58 -107.34
C VAL PB 20 -50.18 67.55 -108.05
N GLU PB 21 -49.06 67.41 -107.33
CA GLU PB 21 -47.73 67.38 -107.97
C GLU PB 21 -47.44 65.99 -108.57
N ASP PB 22 -48.29 65.60 -109.53
CA ASP PB 22 -48.31 64.33 -110.28
C ASP PB 22 -49.15 64.50 -111.54
N GLY PB 23 -49.29 63.43 -112.31
CA GLY PB 23 -50.09 63.53 -113.49
C GLY PB 23 -51.46 62.89 -113.34
N ASN PB 24 -52.03 62.89 -112.15
CA ASN PB 24 -53.28 62.15 -111.94
C ASN PB 24 -54.39 63.11 -112.35
N GLN PB 25 -54.98 62.87 -113.54
CA GLN PB 25 -56.09 63.71 -114.00
C GLN PB 25 -57.33 63.51 -113.15
N ALA PB 26 -57.57 62.27 -112.71
CA ALA PB 26 -58.78 61.94 -111.95
C ALA PB 26 -58.78 62.57 -110.56
N LYS PB 27 -57.60 62.80 -109.97
CA LYS PB 27 -57.53 63.55 -108.72
C LYS PB 27 -57.91 65.02 -108.96
N PHE PB 28 -57.46 65.59 -110.07
CA PHE PB 28 -57.68 67.01 -110.34
C PHE PB 28 -59.14 67.30 -110.69
N ASP PB 29 -59.76 66.47 -111.54
CA ASP PB 29 -61.12 66.73 -111.97
C ASP PB 29 -62.15 66.42 -110.88
N ARG PB 30 -61.77 65.66 -109.85
CA ARG PB 30 -62.60 65.60 -108.67
C ARG PB 30 -62.49 66.89 -107.86
N LEU PB 31 -61.27 67.39 -107.66
CA LEU PB 31 -61.09 68.62 -106.89
C LEU PB 31 -61.58 69.84 -107.66
N ARG PB 32 -61.47 69.83 -108.99
CA ARG PB 32 -62.03 70.92 -109.79
C ARG PB 32 -63.55 70.92 -109.75
N TYR PB 33 -64.15 69.72 -109.66
CA TYR PB 33 -65.59 69.60 -109.56
C TYR PB 33 -66.12 70.24 -108.28
N VAL PB 34 -65.45 70.00 -107.15
CA VAL PB 34 -66.00 70.45 -105.88
C VAL PB 34 -65.75 71.94 -105.70
N GLU PB 35 -64.65 72.46 -106.27
CA GLU PB 35 -64.38 73.87 -106.21
C GLU PB 35 -65.43 74.67 -106.95
N LEU PB 36 -65.93 74.18 -108.10
CA LEU PB 36 -67.06 74.99 -108.53
C LEU PB 36 -68.35 74.55 -107.93
N LYS PB 37 -68.38 73.38 -107.30
CA LYS PB 37 -69.60 73.01 -106.55
C LYS PB 37 -69.75 73.90 -105.33
N HIS PB 38 -68.63 74.18 -104.66
CA HIS PB 38 -68.66 75.10 -103.52
C HIS PB 38 -68.86 76.54 -103.98
N GLY PB 39 -68.36 76.88 -105.17
CA GLY PB 39 -68.47 78.26 -105.63
C GLY PB 39 -69.86 78.61 -106.09
N ARG PB 40 -70.53 77.68 -106.78
CA ARG PB 40 -71.88 77.96 -107.27
C ARG PB 40 -72.90 78.02 -106.14
N ILE PB 41 -72.65 77.33 -105.03
CA ILE PB 41 -73.52 77.49 -103.88
C ILE PB 41 -73.24 78.80 -103.16
N SER PB 42 -71.96 79.13 -103.01
CA SER PB 42 -71.58 80.28 -102.21
C SER PB 42 -71.85 81.59 -102.95
N MET PB 43 -71.88 81.56 -104.28
CA MET PB 43 -72.33 82.73 -105.04
C MET PB 43 -73.77 83.05 -104.72
N LEU PB 44 -74.63 82.03 -104.65
CA LEU PB 44 -76.01 82.34 -104.30
C LEU PB 44 -76.16 82.59 -102.81
N ALA PB 45 -75.17 82.19 -102.01
CA ALA PB 45 -75.23 82.41 -100.57
C ALA PB 45 -74.81 83.81 -100.16
N VAL PB 46 -73.82 84.40 -100.85
CA VAL PB 46 -73.53 85.83 -100.67
C VAL PB 46 -74.76 86.69 -100.98
N VAL PB 47 -75.39 86.45 -102.12
CA VAL PB 47 -76.63 87.17 -102.43
C VAL PB 47 -77.75 86.74 -101.48
N GLY PB 48 -77.78 85.45 -101.13
CA GLY PB 48 -78.80 84.95 -100.21
C GLY PB 48 -78.66 85.43 -98.79
N TYR PB 49 -77.48 85.91 -98.40
CA TYR PB 49 -77.35 86.54 -97.09
C TYR PB 49 -77.74 88.01 -97.15
N LEU PB 50 -77.25 88.73 -98.16
CA LEU PB 50 -77.36 90.19 -98.19
C LEU PB 50 -78.75 90.68 -98.56
N ILE PB 51 -79.67 89.81 -98.96
CA ILE PB 51 -81.05 90.22 -99.13
C ILE PB 51 -81.83 90.07 -97.83
N GLU PB 52 -81.40 89.12 -97.00
CA GLU PB 52 -81.94 88.98 -95.64
C GLU PB 52 -81.40 90.05 -94.69
N LYS PB 53 -80.11 90.42 -94.80
CA LYS PB 53 -79.61 91.55 -94.00
C LYS PB 53 -80.19 92.88 -94.42
N ALA PB 54 -80.51 93.02 -95.70
CA ALA PB 54 -81.18 94.23 -96.12
C ALA PB 54 -82.66 94.21 -95.78
N GLY PB 55 -83.18 93.09 -95.27
CA GLY PB 55 -84.56 93.02 -94.83
C GLY PB 55 -85.57 92.72 -95.90
N ILE PB 56 -85.13 92.47 -97.15
CA ILE PB 56 -86.07 92.11 -98.20
C ILE PB 56 -86.64 90.72 -97.96
N ARG PB 57 -87.96 90.62 -98.09
CA ARG PB 57 -88.69 89.39 -97.86
C ARG PB 57 -89.61 89.11 -99.04
N LEU PB 58 -90.04 87.86 -99.12
CA LEU PB 58 -91.17 87.47 -99.96
C LEU PB 58 -92.44 88.08 -99.38
N PRO PB 59 -93.51 88.28 -100.22
CA PRO PB 59 -94.68 89.08 -99.76
C PRO PB 59 -95.50 88.55 -98.58
N GLY PB 60 -95.14 87.42 -98.00
CA GLY PB 60 -95.67 87.03 -96.71
C GLY PB 60 -96.26 85.64 -96.72
N ASN PB 61 -96.56 85.16 -95.51
CA ASN PB 61 -97.27 83.92 -95.23
C ASN PB 61 -96.54 82.70 -95.80
N ILE PB 62 -95.39 82.38 -95.19
CA ILE PB 62 -94.64 81.18 -95.55
C ILE PB 62 -95.43 79.89 -95.23
N SER PB 63 -96.49 79.99 -94.45
CA SER PB 63 -97.29 78.84 -94.08
C SER PB 63 -98.73 79.29 -93.87
N TYR PB 64 -99.65 78.31 -93.88
CA TYR PB 64 -101.06 78.51 -93.54
C TYR PB 64 -101.30 78.66 -92.06
N ASP PB 65 -100.23 78.72 -91.31
CA ASP PB 65 -100.14 78.46 -89.90
C ASP PB 65 -100.15 79.78 -89.15
N GLY PB 66 -99.89 80.86 -89.88
CA GLY PB 66 -99.91 82.22 -89.38
C GLY PB 66 -98.51 82.77 -89.17
N THR PB 67 -97.57 82.30 -89.96
CA THR PB 67 -96.18 82.76 -89.89
C THR PB 67 -95.83 83.39 -91.23
N SER PB 68 -95.40 84.64 -91.20
CA SER PB 68 -95.07 85.35 -92.42
C SER PB 68 -93.56 85.28 -92.68
N PHE PB 69 -93.16 85.87 -93.82
CA PHE PB 69 -91.73 85.87 -94.16
C PHE PB 69 -90.95 86.88 -93.34
N ALA PB 70 -91.57 88.01 -92.99
CA ALA PB 70 -90.90 89.02 -92.18
C ALA PB 70 -90.69 88.57 -90.74
N ASP PB 71 -91.48 87.60 -90.26
CA ASP PB 71 -91.27 87.07 -88.93
C ASP PB 71 -90.01 86.22 -88.85
N ILE PB 72 -89.53 85.71 -89.96
CA ILE PB 72 -88.37 84.82 -89.94
C ILE PB 72 -87.11 85.67 -89.91
N PRO PB 73 -86.23 85.48 -88.93
CA PRO PB 73 -85.04 86.34 -88.82
C PRO PB 73 -84.03 86.03 -89.91
N ASP PB 74 -82.97 86.83 -89.93
CA ASP PB 74 -81.93 86.72 -90.94
C ASP PB 74 -80.64 86.18 -90.32
N GLY PB 75 -79.86 85.50 -91.16
CA GLY PB 75 -78.65 84.85 -90.68
C GLY PB 75 -78.90 83.42 -90.24
N PHE PB 76 -78.18 82.97 -89.22
CA PHE PB 76 -78.31 81.59 -88.75
C PHE PB 76 -79.62 81.33 -88.04
N ALA PB 77 -80.33 82.38 -87.62
CA ALA PB 77 -81.60 82.21 -86.93
C ALA PB 77 -82.76 81.97 -87.88
N ALA PB 78 -82.55 82.10 -89.19
CA ALA PB 78 -83.59 81.74 -90.17
C ALA PB 78 -83.88 80.25 -90.14
N LEU PB 79 -82.89 79.45 -89.78
CA LEU PB 79 -82.94 78.00 -89.81
C LEU PB 79 -83.82 77.45 -88.70
N SER PB 80 -83.95 78.20 -87.59
CA SER PB 80 -84.67 77.77 -86.41
C SER PB 80 -86.14 78.17 -86.43
N LYS PB 81 -86.53 79.18 -87.21
CA LYS PB 81 -87.91 79.64 -87.27
C LYS PB 81 -88.64 79.28 -88.55
N ILE PB 82 -87.93 78.74 -89.54
CA ILE PB 82 -88.61 78.12 -90.69
C ILE PB 82 -89.40 76.93 -90.18
N PRO PB 83 -90.68 76.78 -90.55
CA PRO PB 83 -91.46 75.62 -90.08
C PRO PB 83 -90.91 74.32 -90.65
N ASP PB 84 -90.88 73.30 -89.77
CA ASP PB 84 -90.18 72.06 -90.04
C ASP PB 84 -90.81 71.25 -91.15
N ALA PB 85 -92.11 71.44 -91.42
CA ALA PB 85 -92.71 70.83 -92.59
C ALA PB 85 -92.12 71.40 -93.88
N GLY PB 86 -91.78 72.68 -93.88
CA GLY PB 86 -91.16 73.31 -95.02
C GLY PB 86 -89.66 73.14 -95.07
N LEU PB 87 -89.05 72.86 -93.91
CA LEU PB 87 -87.61 72.62 -93.94
C LEU PB 87 -87.27 71.21 -94.41
N PHE PB 88 -88.23 70.28 -94.35
CA PHE PB 88 -88.04 69.02 -95.08
C PHE PB 88 -88.07 69.25 -96.59
N GLN PB 89 -88.96 70.15 -97.05
CA GLN PB 89 -89.12 70.39 -98.49
C GLN PB 89 -87.89 71.02 -99.09
N LEU PB 90 -87.17 71.82 -98.30
CA LEU PB 90 -85.94 72.42 -98.79
C LEU PB 90 -84.86 71.36 -98.96
N PHE PB 91 -84.73 70.47 -97.98
CA PHE PB 91 -83.73 69.42 -98.05
C PHE PB 91 -84.11 68.32 -99.05
N ALA PB 92 -85.41 68.07 -99.24
CA ALA PB 92 -85.81 67.02 -100.17
C ALA PB 92 -85.64 67.46 -101.62
N PHE PB 93 -85.95 68.73 -101.92
CA PHE PB 93 -85.85 69.21 -103.28
C PHE PB 93 -84.41 69.49 -103.69
N ILE PB 94 -83.59 70.00 -102.77
CA ILE PB 94 -82.16 70.15 -103.05
C ILE PB 94 -81.51 68.78 -103.19
N GLY PB 95 -81.97 67.82 -102.39
CA GLY PB 95 -81.61 66.43 -102.63
C GLY PB 95 -82.14 65.89 -103.93
N PHE PB 96 -83.33 66.32 -104.34
CA PHE PB 96 -83.86 65.89 -105.64
C PHE PB 96 -83.03 66.47 -106.78
N LEU PB 97 -82.53 67.69 -106.61
CA LEU PB 97 -81.61 68.26 -107.59
C LEU PB 97 -80.28 67.52 -107.58
N GLU PB 98 -79.71 67.29 -106.40
CA GLU PB 98 -78.33 66.81 -106.29
C GLU PB 98 -78.21 65.33 -106.66
N VAL PB 99 -79.26 64.54 -106.43
CA VAL PB 99 -79.33 63.20 -107.02
C VAL PB 99 -79.67 63.24 -108.51
N PHE PB 100 -80.83 63.76 -108.90
CA PHE PB 100 -81.27 63.48 -110.27
C PHE PB 100 -80.80 64.51 -111.28
N VAL PB 101 -81.43 65.68 -111.26
CA VAL PB 101 -81.13 66.71 -112.25
C VAL PB 101 -80.10 67.73 -111.80
N MET PB 102 -78.83 67.27 -111.71
CA MET PB 102 -77.77 68.26 -111.64
C MET PB 102 -76.47 67.84 -112.30
N LYS PB 103 -76.51 67.02 -113.35
CA LYS PB 103 -75.42 66.10 -113.60
C LYS PB 103 -74.79 66.26 -114.98
N ASP PB 104 -73.60 65.64 -115.11
CA ASP PB 104 -73.12 65.08 -116.39
C ASP PB 104 -73.81 63.77 -116.69
N ILE PB 105 -75.10 63.88 -117.08
CA ILE PB 105 -75.91 62.80 -117.63
C ILE PB 105 -75.35 62.39 -118.99
N THR PB 106 -75.35 63.34 -119.92
CA THR PB 106 -75.02 63.05 -121.31
C THR PB 106 -73.54 63.24 -121.63
N GLY PB 107 -72.79 63.88 -120.75
CA GLY PB 107 -71.40 64.18 -121.03
C GLY PB 107 -71.22 65.58 -121.57
N GLY PB 108 -70.76 66.50 -120.72
CA GLY PB 108 -70.37 67.83 -121.15
C GLY PB 108 -68.95 67.82 -121.67
N GLU PB 109 -68.52 68.94 -122.25
CA GLU PB 109 -67.13 68.97 -122.71
C GLU PB 109 -66.14 69.43 -121.66
N PHE PB 110 -66.59 69.75 -120.44
CA PHE PB 110 -65.65 70.04 -119.37
C PHE PB 110 -66.27 69.59 -118.05
N VAL PB 111 -65.63 69.96 -116.94
CA VAL PB 111 -66.09 69.61 -115.61
C VAL PB 111 -67.05 70.68 -115.11
N GLY PB 112 -68.21 70.26 -114.65
CA GLY PB 112 -69.25 71.18 -114.23
C GLY PB 112 -70.24 71.53 -115.30
N ASP PB 113 -70.10 70.99 -116.51
CA ASP PB 113 -70.99 71.38 -117.61
C ASP PB 113 -72.21 70.49 -117.39
N PHE PB 114 -73.30 71.07 -116.90
CA PHE PB 114 -74.46 70.26 -116.62
C PHE PB 114 -75.58 70.47 -117.63
N ARG PB 115 -75.28 71.06 -118.78
CA ARG PB 115 -76.24 71.09 -119.87
C ARG PB 115 -76.35 69.69 -120.46
N ASN PB 116 -77.48 69.02 -120.23
CA ASN PB 116 -77.72 67.69 -120.77
C ASN PB 116 -78.32 67.72 -122.16
N GLY PB 117 -78.17 68.82 -122.89
CA GLY PB 117 -78.96 69.02 -124.09
C GLY PB 117 -80.40 69.36 -123.81
N PHE PB 118 -80.72 69.73 -122.57
CA PHE PB 118 -82.05 70.12 -122.15
C PHE PB 118 -82.21 71.63 -122.10
N ILE PB 119 -81.30 72.32 -121.42
CA ILE PB 119 -81.33 73.77 -121.29
C ILE PB 119 -79.96 74.30 -121.71
N ASP PB 120 -79.97 75.30 -122.58
CA ASP PB 120 -78.73 75.90 -123.09
C ASP PB 120 -79.06 77.34 -123.46
N PHE PB 121 -78.46 78.30 -122.77
CA PHE PB 121 -78.62 79.71 -123.10
C PHE PB 121 -77.46 80.19 -123.96
N GLY PB 122 -77.36 79.61 -125.15
CA GLY PB 122 -76.28 79.94 -126.05
C GLY PB 122 -75.19 78.89 -126.05
N TRP PB 123 -73.98 79.29 -125.64
CA TRP PB 123 -72.73 78.52 -125.59
C TRP PB 123 -72.25 78.05 -126.97
N ASP PB 124 -72.94 78.42 -128.05
CA ASP PB 124 -72.40 78.24 -129.39
C ASP PB 124 -71.84 79.54 -129.93
N SER PB 125 -72.36 80.67 -129.46
CA SER PB 125 -71.96 81.99 -129.94
C SER PB 125 -70.89 82.58 -129.04
N PHE PB 126 -69.72 81.95 -129.10
CA PHE PB 126 -68.52 82.40 -128.41
C PHE PB 126 -67.35 82.06 -129.33
N ASP PB 127 -66.19 82.68 -129.12
CA ASP PB 127 -65.21 82.51 -130.19
C ASP PB 127 -64.08 81.56 -129.73
N GLU PB 128 -64.39 80.61 -128.81
CA GLU PB 128 -63.48 79.60 -128.22
C GLU PB 128 -62.35 80.16 -127.33
N GLU PB 129 -62.12 81.48 -127.43
CA GLU PB 129 -61.41 82.33 -126.49
C GLU PB 129 -62.28 82.73 -125.32
N THR PB 130 -63.54 83.02 -125.57
CA THR PB 130 -64.36 83.66 -124.58
C THR PB 130 -64.99 82.61 -123.67
N LYS PB 131 -65.20 81.38 -124.19
CA LYS PB 131 -65.71 80.26 -123.40
C LYS PB 131 -64.85 79.94 -122.18
N LEU PB 132 -63.53 79.84 -122.34
CA LEU PB 132 -62.73 79.35 -121.23
C LEU PB 132 -62.38 80.43 -120.21
N LYS PB 133 -62.44 81.72 -120.58
CA LYS PB 133 -62.35 82.76 -119.55
C LYS PB 133 -63.70 83.04 -118.91
N LYS PB 134 -64.79 82.87 -119.67
CA LYS PB 134 -66.10 83.03 -119.06
C LYS PB 134 -66.47 81.86 -118.15
N ARG PB 135 -65.81 80.70 -118.28
CA ARG PB 135 -65.84 79.86 -117.09
C ARG PB 135 -64.59 79.95 -116.22
N ALA PB 136 -63.57 80.72 -116.63
CA ALA PB 136 -62.61 81.13 -115.62
C ALA PB 136 -63.11 82.30 -114.79
N ILE PB 137 -64.10 83.05 -115.29
CA ILE PB 137 -64.74 84.07 -114.45
C ILE PB 137 -65.53 83.41 -113.34
N GLU PB 138 -66.38 82.42 -113.68
CA GLU PB 138 -67.25 81.83 -112.66
C GLU PB 138 -66.47 80.92 -111.71
N LEU PB 139 -65.25 80.51 -112.08
CA LEU PB 139 -64.40 79.86 -111.11
C LEU PB 139 -63.89 80.87 -110.08
N ASN PB 140 -63.44 82.04 -110.56
CA ASN PB 140 -62.90 83.04 -109.65
C ASN PB 140 -63.99 83.83 -108.95
N GLN PB 141 -65.15 84.02 -109.60
CA GLN PB 141 -66.31 84.57 -108.91
C GLN PB 141 -66.80 83.60 -107.84
N GLY PB 142 -66.79 82.30 -108.15
CA GLY PB 142 -67.08 81.32 -107.12
C GLY PB 142 -65.97 81.19 -106.11
N ARG PB 143 -64.75 81.59 -106.47
CA ARG PB 143 -63.63 81.56 -105.54
C ARG PB 143 -63.81 82.61 -104.44
N ALA PB 144 -64.08 83.86 -104.84
CA ALA PB 144 -64.23 84.94 -103.88
C ALA PB 144 -65.53 84.85 -103.09
N ALA PB 145 -66.54 84.17 -103.63
CA ALA PB 145 -67.82 84.10 -102.94
C ALA PB 145 -67.78 83.15 -101.75
N MET PB 146 -66.88 82.19 -101.76
CA MET PB 146 -66.87 81.27 -100.64
C MET PB 146 -65.99 81.78 -99.51
N MET PB 147 -64.98 82.59 -99.82
CA MET PB 147 -64.38 83.41 -98.78
C MET PB 147 -65.24 84.60 -98.41
N GLY PB 148 -66.14 85.02 -99.30
CA GLY PB 148 -67.11 86.03 -98.93
C GLY PB 148 -68.13 85.50 -97.94
N ILE PB 149 -68.72 84.34 -98.24
CA ILE PB 149 -69.76 83.81 -97.39
C ILE PB 149 -69.20 83.25 -96.09
N LEU PB 150 -67.93 82.85 -96.06
CA LEU PB 150 -67.35 82.39 -94.81
C LEU PB 150 -67.08 83.56 -93.89
N ALA PB 151 -66.85 84.76 -94.46
CA ALA PB 151 -66.69 85.96 -93.65
C ALA PB 151 -68.01 86.41 -93.04
N LEU PB 152 -69.13 86.22 -93.76
CA LEU PB 152 -70.43 86.65 -93.26
C LEU PB 152 -70.90 85.82 -92.07
N MET PB 153 -70.40 84.60 -91.93
CA MET PB 153 -70.86 83.69 -90.89
C MET PB 153 -69.90 83.61 -89.73
N VAL PB 154 -68.63 83.87 -89.99
CA VAL PB 154 -67.73 83.95 -88.87
C VAL PB 154 -68.00 85.25 -88.10
N HIS PB 155 -68.52 86.27 -88.78
CA HIS PB 155 -68.76 87.55 -88.14
C HIS PB 155 -70.20 87.73 -87.68
N GLU PB 156 -71.12 86.87 -88.11
CA GLU PB 156 -72.44 86.87 -87.49
C GLU PB 156 -72.37 86.30 -86.08
N LYS PB 157 -71.65 85.18 -85.92
CA LYS PB 157 -71.49 84.60 -84.59
C LYS PB 157 -70.55 85.43 -83.73
N LEU PB 158 -69.58 86.12 -84.34
CA LEU PB 158 -68.78 87.08 -83.60
C LEU PB 158 -69.57 88.31 -83.22
N GLY PB 159 -70.46 88.76 -84.11
CA GLY PB 159 -71.21 89.99 -83.90
C GLY PB 159 -70.60 91.22 -84.54
N VAL PB 160 -69.55 91.08 -85.32
CA VAL PB 160 -68.83 92.22 -85.86
C VAL PB 160 -69.55 92.74 -87.10
N SER PB 161 -69.75 94.07 -87.15
CA SER PB 161 -70.38 94.72 -88.28
C SER PB 161 -69.48 94.67 -89.53
N LEU PB 162 -70.09 94.31 -90.65
CA LEU PB 162 -69.40 94.21 -91.94
C LEU PB 162 -70.17 94.97 -93.02
#